data_8CW4
#
_entry.id   8CW4
#
loop_
_entity.id
_entity.type
_entity.pdbx_description
1 polymer 'Conjugal transfer protein TraM'
2 non-polymer '(1R)-2-{[(S)-{[(2S)-2,3-dihydroxypropyl]oxy}(hydroxy)phosphoryl]oxy}-1-[(hexadecanoyloxy)methyl]ethyl (9Z)-octadec-9-enoate'
#
_entity_poly.entity_id   1
_entity_poly.type   'polypeptide(L)'
_entity_poly.pdbx_seq_one_letter_code
;MTTLFKKYGPAVVMGVLSIALPQIALAAGTDTGESTATSIQTWLSTWIPIGCAIAIMVSCFMWMLHVIPASFIPRIVISL
IGIGSASYLVSLTGVGS
;
_entity_poly.pdbx_strand_id   1A,1B,1C,1D,1E,1F,1G,1H,1I,1J,1K,1L,1M,1N,2A,2B,2C,2D,2E,2F,2G,2H,2I,2J,2K,2L,2M,2N,3A,3B,3C,3D,3E,3F,3G,3H,3I,3J,3K,3L,3M,3N,4A,4B,4C,4D,4E,4F,4G,4H,4I,4J,4K,4L,4M,4N,5A,5B,5C,5D,5E,5F,5G,5H,5I,5J,5K,5L,5M,5N
#
loop_
_chem_comp.id
_chem_comp.type
_chem_comp.name
_chem_comp.formula
PGW non-polymer '(1R)-2-{[(S)-{[(2S)-2,3-dihydroxypropyl]oxy}(hydroxy)phosphoryl]oxy}-1-[(hexadecanoyloxy)methyl]ethyl (9Z)-octadec-9-enoate' 'C40 H77 O10 P'
#
# COMPACT_ATOMS: atom_id res chain seq x y z
N ALA A 28 -26.89 -65.82 -15.12
CA ALA A 28 -27.57 -65.09 -14.07
C ALA A 28 -29.07 -65.09 -14.29
N GLY A 29 -29.48 -65.56 -15.47
CA GLY A 29 -30.89 -65.61 -15.81
C GLY A 29 -31.30 -66.94 -16.40
N THR A 30 -32.33 -66.93 -17.24
CA THR A 30 -32.82 -68.13 -17.90
C THR A 30 -32.79 -67.92 -19.41
N ASP A 31 -32.38 -68.95 -20.14
CA ASP A 31 -32.33 -68.91 -21.59
C ASP A 31 -33.72 -69.22 -22.13
N THR A 32 -34.36 -68.22 -22.74
CA THR A 32 -35.69 -68.36 -23.30
C THR A 32 -35.68 -68.22 -24.81
N GLY A 33 -34.61 -68.70 -25.43
CA GLY A 33 -34.51 -68.65 -26.88
C GLY A 33 -35.07 -69.89 -27.55
N GLU A 34 -34.60 -71.07 -27.11
CA GLU A 34 -35.11 -72.31 -27.68
C GLU A 34 -36.54 -72.56 -27.23
N SER A 35 -36.85 -72.31 -25.96
CA SER A 35 -38.19 -72.57 -25.45
C SER A 35 -39.23 -71.68 -26.12
N THR A 36 -38.91 -70.40 -26.31
CA THR A 36 -39.86 -69.49 -26.94
C THR A 36 -40.16 -69.92 -28.38
N ALA A 37 -39.12 -70.32 -29.12
CA ALA A 37 -39.34 -70.77 -30.50
C ALA A 37 -40.17 -72.05 -30.52
N THR A 38 -39.91 -72.97 -29.60
CA THR A 38 -40.70 -74.20 -29.55
C THR A 38 -42.15 -73.92 -29.17
N SER A 39 -42.36 -73.00 -28.23
CA SER A 39 -43.72 -72.68 -27.80
C SER A 39 -44.52 -72.07 -28.95
N ILE A 40 -43.90 -71.21 -29.74
CA ILE A 40 -44.59 -70.60 -30.88
C ILE A 40 -44.94 -71.66 -31.92
N GLN A 41 -44.03 -72.60 -32.15
CA GLN A 41 -44.32 -73.68 -33.10
C GLN A 41 -45.49 -74.54 -32.64
N THR A 42 -45.52 -74.87 -31.35
CA THR A 42 -46.61 -75.70 -30.83
C THR A 42 -47.95 -74.97 -30.92
N TRP A 43 -47.96 -73.66 -30.66
CA TRP A 43 -49.20 -72.91 -30.71
C TRP A 43 -49.78 -72.89 -32.12
N LEU A 44 -48.95 -72.67 -33.13
CA LEU A 44 -49.45 -72.56 -34.49
C LEU A 44 -50.10 -73.87 -34.94
N SER A 45 -49.52 -75.00 -34.56
CA SER A 45 -50.04 -76.29 -35.00
C SER A 45 -51.42 -76.55 -34.42
N THR A 46 -51.85 -75.78 -33.43
CA THR A 46 -53.18 -75.98 -32.86
C THR A 46 -54.28 -75.57 -33.84
N TRP A 47 -54.09 -74.45 -34.56
CA TRP A 47 -55.14 -73.90 -35.39
C TRP A 47 -54.80 -73.80 -36.87
N ILE A 48 -53.54 -73.98 -37.27
CA ILE A 48 -53.22 -74.03 -38.69
C ILE A 48 -53.94 -75.18 -39.37
N PRO A 49 -53.95 -76.40 -38.84
CA PRO A 49 -54.69 -77.49 -39.50
C PRO A 49 -56.16 -77.19 -39.72
N ILE A 50 -56.82 -76.53 -38.76
CA ILE A 50 -58.23 -76.18 -38.96
C ILE A 50 -58.38 -75.16 -40.07
N GLY A 51 -57.47 -74.20 -40.15
CA GLY A 51 -57.50 -73.25 -41.25
C GLY A 51 -57.31 -73.89 -42.60
N CYS A 52 -56.52 -74.97 -42.66
CA CYS A 52 -56.32 -75.68 -43.92
C CYS A 52 -57.62 -76.33 -44.40
N ALA A 53 -58.40 -76.89 -43.48
CA ALA A 53 -59.68 -77.48 -43.85
C ALA A 53 -60.65 -76.43 -44.37
N ILE A 54 -60.61 -75.22 -43.80
CA ILE A 54 -61.48 -74.15 -44.27
C ILE A 54 -61.18 -73.79 -45.71
N ALA A 55 -59.89 -73.70 -46.05
CA ALA A 55 -59.52 -73.33 -47.41
C ALA A 55 -60.00 -74.36 -48.42
N ILE A 56 -59.90 -75.65 -48.10
CA ILE A 56 -60.36 -76.69 -49.01
C ILE A 56 -61.85 -76.54 -49.26
N MET A 57 -62.63 -76.31 -48.20
CA MET A 57 -64.07 -76.15 -48.36
C MET A 57 -64.42 -74.90 -49.16
N VAL A 58 -63.74 -73.79 -48.88
CA VAL A 58 -64.05 -72.55 -49.58
C VAL A 58 -63.58 -72.61 -51.03
N SER A 59 -62.40 -73.17 -51.26
CA SER A 59 -61.87 -73.27 -52.63
C SER A 59 -62.77 -74.13 -53.50
N CYS A 60 -63.28 -75.24 -52.96
CA CYS A 60 -64.18 -76.08 -53.74
C CYS A 60 -65.48 -75.35 -54.05
N PHE A 61 -65.95 -74.51 -53.12
CA PHE A 61 -67.14 -73.72 -53.37
C PHE A 61 -66.92 -72.73 -54.51
N MET A 62 -65.77 -72.04 -54.52
CA MET A 62 -65.49 -71.09 -55.59
C MET A 62 -65.38 -71.80 -56.94
N TRP A 63 -64.80 -72.99 -56.96
CA TRP A 63 -64.72 -73.76 -58.20
C TRP A 63 -66.10 -74.12 -58.73
N MET A 64 -67.03 -74.48 -57.84
CA MET A 64 -68.39 -74.79 -58.26
C MET A 64 -69.06 -73.59 -58.92
N LEU A 65 -68.70 -72.38 -58.49
CA LEU A 65 -69.30 -71.16 -59.00
C LEU A 65 -68.62 -70.64 -60.26
N HIS A 66 -67.59 -71.33 -60.75
CA HIS A 66 -66.89 -70.93 -61.96
C HIS A 66 -66.14 -69.61 -61.76
N VAL A 67 -65.54 -69.46 -60.58
CA VAL A 67 -64.79 -68.25 -60.24
C VAL A 67 -63.29 -68.46 -60.41
N ILE A 68 -62.79 -69.65 -60.12
CA ILE A 68 -61.35 -69.91 -60.22
C ILE A 68 -61.16 -71.20 -61.02
N PRO A 69 -59.98 -71.37 -61.62
CA PRO A 69 -59.71 -72.60 -62.38
C PRO A 69 -59.48 -73.78 -61.44
N ALA A 70 -59.34 -74.95 -62.05
CA ALA A 70 -59.15 -76.19 -61.30
C ALA A 70 -57.70 -76.44 -60.92
N SER A 71 -56.79 -75.56 -61.30
CA SER A 71 -55.39 -75.73 -60.92
C SER A 71 -55.14 -75.51 -59.44
N PHE A 72 -56.18 -75.31 -58.63
CA PHE A 72 -55.98 -75.18 -57.19
C PHE A 72 -55.83 -76.53 -56.50
N ILE A 73 -56.33 -77.60 -57.12
CA ILE A 73 -56.25 -78.92 -56.48
C ILE A 73 -54.81 -79.35 -56.26
N PRO A 74 -53.92 -79.31 -57.26
CA PRO A 74 -52.53 -79.69 -56.98
C PRO A 74 -51.85 -78.80 -55.94
N ARG A 75 -52.24 -77.52 -55.86
CA ARG A 75 -51.64 -76.64 -54.86
C ARG A 75 -51.92 -77.11 -53.44
N ILE A 76 -53.15 -77.56 -53.17
CA ILE A 76 -53.49 -77.98 -51.81
C ILE A 76 -52.67 -79.18 -51.39
N VAL A 77 -52.50 -80.15 -52.28
CA VAL A 77 -51.71 -81.34 -51.93
C VAL A 77 -50.26 -80.95 -51.67
N ILE A 78 -49.68 -80.12 -52.53
CA ILE A 78 -48.28 -79.75 -52.37
C ILE A 78 -48.07 -78.93 -51.10
N SER A 79 -49.00 -78.01 -50.81
CA SER A 79 -48.88 -77.23 -49.57
C SER A 79 -48.98 -78.11 -48.33
N LEU A 80 -49.87 -79.11 -48.35
CA LEU A 80 -49.98 -80.01 -47.21
C LEU A 80 -48.71 -80.83 -47.02
N ILE A 81 -48.05 -81.20 -48.12
CA ILE A 81 -46.77 -81.91 -48.02
C ILE A 81 -45.74 -81.03 -47.33
N GLY A 82 -45.69 -79.75 -47.70
CA GLY A 82 -44.71 -78.84 -47.11
C GLY A 82 -44.95 -78.58 -45.64
N ILE A 83 -46.22 -78.44 -45.25
CA ILE A 83 -46.53 -78.14 -43.85
C ILE A 83 -46.11 -79.29 -42.95
N GLY A 84 -46.39 -80.54 -43.35
CA GLY A 84 -46.06 -81.67 -42.51
C GLY A 84 -44.59 -82.03 -42.52
N SER A 85 -43.85 -81.58 -43.52
CA SER A 85 -42.44 -81.90 -43.68
C SER A 85 -41.52 -80.74 -43.33
N ALA A 86 -42.03 -79.71 -42.64
CA ALA A 86 -41.23 -78.52 -42.38
C ALA A 86 -39.99 -78.85 -41.55
N SER A 87 -40.17 -79.57 -40.45
CA SER A 87 -39.04 -79.89 -39.58
C SER A 87 -38.05 -80.82 -40.27
N TYR A 88 -38.55 -81.82 -40.99
CA TYR A 88 -37.66 -82.75 -41.67
C TYR A 88 -36.85 -82.06 -42.75
N LEU A 89 -37.49 -81.16 -43.50
CA LEU A 89 -36.79 -80.49 -44.60
C LEU A 89 -35.65 -79.62 -44.10
N VAL A 90 -35.84 -78.94 -42.97
CA VAL A 90 -34.80 -78.06 -42.44
C VAL A 90 -33.56 -78.85 -42.09
N SER A 91 -33.72 -79.97 -41.37
CA SER A 91 -32.57 -80.76 -40.97
C SER A 91 -31.97 -81.51 -42.14
N LEU A 92 -32.75 -81.74 -43.19
CA LEU A 92 -32.22 -82.42 -44.38
C LEU A 92 -31.10 -81.62 -45.02
N THR A 93 -31.09 -80.31 -44.85
CA THR A 93 -30.05 -79.44 -45.39
C THR A 93 -28.89 -79.22 -44.43
N GLY A 94 -28.92 -79.85 -43.25
CA GLY A 94 -27.84 -79.73 -42.30
C GLY A 94 -27.97 -78.61 -41.29
N VAL A 95 -28.99 -77.78 -41.41
CA VAL A 95 -29.18 -76.67 -40.48
C VAL A 95 -29.76 -77.21 -39.17
N GLY A 96 -29.21 -76.73 -38.05
CA GLY A 96 -29.72 -77.11 -36.76
C GLY A 96 -29.67 -78.59 -36.46
N SER A 97 -28.46 -79.13 -36.33
CA SER A 97 -28.28 -80.54 -35.99
C SER A 97 -27.15 -80.72 -34.98
N ALA B 28 -3.40 -57.93 -17.93
CA ALA B 28 -3.86 -57.72 -16.56
C ALA B 28 -5.29 -58.23 -16.39
N GLY B 29 -5.93 -58.55 -17.50
CA GLY B 29 -7.29 -59.04 -17.48
C GLY B 29 -7.48 -60.28 -18.34
N THR B 30 -8.69 -60.47 -18.85
CA THR B 30 -9.02 -61.60 -19.71
C THR B 30 -9.55 -61.09 -21.04
N ASP B 31 -9.14 -61.74 -22.13
CA ASP B 31 -9.60 -61.39 -23.46
C ASP B 31 -10.94 -62.05 -23.70
N THR B 32 -12.00 -61.25 -23.80
CA THR B 32 -13.35 -61.75 -24.03
C THR B 32 -13.88 -61.31 -25.38
N GLY B 33 -12.99 -61.23 -26.37
CA GLY B 33 -13.40 -60.86 -27.71
C GLY B 33 -13.77 -62.05 -28.56
N GLU B 34 -12.88 -63.03 -28.63
CA GLU B 34 -13.18 -64.24 -29.41
C GLU B 34 -14.25 -65.08 -28.72
N SER B 35 -14.17 -65.22 -27.39
CA SER B 35 -15.13 -66.04 -26.67
C SER B 35 -16.53 -65.47 -26.77
N THR B 36 -16.67 -64.15 -26.62
CA THR B 36 -18.00 -63.54 -26.70
C THR B 36 -18.63 -63.74 -28.07
N ALA B 37 -17.83 -63.58 -29.13
CA ALA B 37 -18.36 -63.79 -30.48
C ALA B 37 -18.76 -65.25 -30.68
N THR B 38 -17.95 -66.19 -30.19
CA THR B 38 -18.30 -67.60 -30.32
C THR B 38 -19.55 -67.93 -29.52
N SER B 39 -19.69 -67.37 -28.32
CA SER B 39 -20.86 -67.65 -27.50
C SER B 39 -22.13 -67.16 -28.17
N ILE B 40 -22.08 -65.99 -28.80
CA ILE B 40 -23.26 -65.46 -29.48
C ILE B 40 -23.63 -66.33 -30.67
N GLN B 41 -22.62 -66.82 -31.40
CA GLN B 41 -22.89 -67.69 -32.53
C GLN B 41 -23.55 -68.99 -32.07
N THR B 42 -23.06 -69.58 -30.98
CA THR B 42 -23.63 -70.82 -30.49
C THR B 42 -25.06 -70.63 -30.01
N TRP B 43 -25.35 -69.50 -29.37
CA TRP B 43 -26.70 -69.24 -28.88
C TRP B 43 -27.70 -69.15 -30.03
N LEU B 44 -27.35 -68.44 -31.09
CA LEU B 44 -28.28 -68.26 -32.19
C LEU B 44 -28.65 -69.57 -32.85
N SER B 45 -27.67 -70.48 -32.99
CA SER B 45 -27.94 -71.76 -33.65
C SER B 45 -28.92 -72.62 -32.86
N THR B 46 -29.19 -72.26 -31.60
CA THR B 46 -30.14 -73.04 -30.81
C THR B 46 -31.57 -72.85 -31.31
N TRP B 47 -31.95 -71.63 -31.67
CA TRP B 47 -33.34 -71.33 -32.01
C TRP B 47 -33.55 -70.82 -33.43
N ILE B 48 -32.49 -70.45 -34.16
CA ILE B 48 -32.67 -70.09 -35.57
C ILE B 48 -33.22 -71.27 -36.37
N PRO B 49 -32.71 -72.49 -36.24
CA PRO B 49 -33.29 -73.60 -37.00
C PRO B 49 -34.77 -73.82 -36.74
N ILE B 50 -35.24 -73.64 -35.50
CA ILE B 50 -36.67 -73.81 -35.23
C ILE B 50 -37.46 -72.70 -35.91
N GLY B 51 -36.93 -71.48 -35.92
CA GLY B 51 -37.60 -70.40 -36.62
C GLY B 51 -37.70 -70.65 -38.11
N CYS B 52 -36.70 -71.32 -38.69
CA CYS B 52 -36.75 -71.65 -40.12
C CYS B 52 -37.90 -72.60 -40.42
N ALA B 53 -38.14 -73.58 -39.55
CA ALA B 53 -39.24 -74.51 -39.76
C ALA B 53 -40.58 -73.80 -39.68
N ILE B 54 -40.70 -72.80 -38.80
CA ILE B 54 -41.94 -72.04 -38.69
C ILE B 54 -42.25 -71.31 -39.98
N ALA B 55 -41.23 -70.70 -40.59
CA ALA B 55 -41.45 -69.95 -41.82
C ALA B 55 -41.94 -70.86 -42.94
N ILE B 56 -41.38 -72.06 -43.05
CA ILE B 56 -41.80 -72.98 -44.10
C ILE B 56 -43.27 -73.34 -43.92
N MET B 57 -43.68 -73.62 -42.69
CA MET B 57 -45.07 -73.97 -42.42
C MET B 57 -46.00 -72.79 -42.70
N VAL B 58 -45.62 -71.59 -42.26
CA VAL B 58 -46.48 -70.42 -42.46
C VAL B 58 -46.52 -70.02 -43.92
N SER B 59 -45.37 -70.05 -44.60
CA SER B 59 -45.34 -69.67 -46.01
C SER B 59 -46.20 -70.61 -46.86
N CYS B 60 -46.16 -71.90 -46.57
CA CYS B 60 -46.99 -72.84 -47.31
C CYS B 60 -48.47 -72.58 -47.06
N PHE B 61 -48.82 -72.18 -45.84
CA PHE B 61 -50.20 -71.83 -45.53
C PHE B 61 -50.66 -70.63 -46.34
N MET B 62 -49.83 -69.59 -46.42
CA MET B 62 -50.19 -68.39 -47.19
C MET B 62 -50.36 -68.72 -48.67
N TRP B 63 -49.50 -69.60 -49.19
CA TRP B 63 -49.63 -70.02 -50.58
C TRP B 63 -50.95 -70.73 -50.84
N MET B 64 -51.37 -71.58 -49.90
CA MET B 64 -52.65 -72.27 -50.04
C MET B 64 -53.81 -71.28 -50.12
N LEU B 65 -53.69 -70.13 -49.45
CA LEU B 65 -54.75 -69.14 -49.40
C LEU B 65 -54.70 -68.17 -50.56
N HIS B 66 -53.75 -68.32 -51.48
CA HIS B 66 -53.64 -67.45 -52.65
C HIS B 66 -53.26 -66.03 -52.25
N VAL B 67 -52.37 -65.91 -51.27
CA VAL B 67 -51.92 -64.61 -50.77
C VAL B 67 -50.57 -64.23 -51.37
N ILE B 68 -49.68 -65.19 -51.59
CA ILE B 68 -48.35 -64.90 -52.11
C ILE B 68 -48.08 -65.83 -53.28
N PRO B 69 -47.18 -65.45 -54.18
CA PRO B 69 -46.85 -66.30 -55.31
C PRO B 69 -45.99 -67.48 -54.87
N ALA B 70 -45.74 -68.38 -55.82
CA ALA B 70 -44.98 -69.59 -55.55
C ALA B 70 -43.47 -69.37 -55.65
N SER B 71 -43.03 -68.17 -55.95
CA SER B 71 -41.59 -67.90 -56.00
C SER B 71 -40.94 -67.90 -54.63
N PHE B 72 -41.65 -68.26 -53.57
CA PHE B 72 -41.03 -68.36 -52.26
C PHE B 72 -40.28 -69.68 -52.07
N ILE B 73 -40.64 -70.71 -52.84
CA ILE B 73 -39.99 -72.02 -52.67
C ILE B 73 -38.50 -71.93 -52.95
N PRO B 74 -38.03 -71.37 -54.07
CA PRO B 74 -36.58 -71.27 -54.28
C PRO B 74 -35.88 -70.43 -53.24
N ARG B 75 -36.55 -69.43 -52.67
CA ARG B 75 -35.94 -68.61 -51.63
C ARG B 75 -35.58 -69.43 -50.40
N ILE B 76 -36.46 -70.33 -49.98
CA ILE B 76 -36.20 -71.10 -48.77
C ILE B 76 -34.99 -72.00 -48.95
N VAL B 77 -34.85 -72.64 -50.10
CA VAL B 77 -33.70 -73.51 -50.34
C VAL B 77 -32.41 -72.69 -50.34
N ILE B 78 -32.42 -71.54 -51.03
CA ILE B 78 -31.20 -70.73 -51.11
C ILE B 78 -30.82 -70.17 -49.75
N SER B 79 -31.81 -69.73 -48.97
CA SER B 79 -31.51 -69.23 -47.63
C SER B 79 -30.94 -70.32 -46.74
N LEU B 80 -31.46 -71.54 -46.83
CA LEU B 80 -30.93 -72.64 -46.03
C LEU B 80 -29.49 -72.96 -46.42
N ILE B 81 -29.16 -72.83 -47.70
CA ILE B 81 -27.78 -73.04 -48.14
C ILE B 81 -26.86 -72.00 -47.50
N GLY B 82 -27.31 -70.75 -47.46
CA GLY B 82 -26.48 -69.70 -46.89
C GLY B 82 -26.28 -69.84 -45.40
N ILE B 83 -27.34 -70.24 -44.68
CA ILE B 83 -27.23 -70.38 -43.23
C ILE B 83 -26.23 -71.46 -42.84
N GLY B 84 -26.26 -72.61 -43.53
CA GLY B 84 -25.37 -73.70 -43.17
C GLY B 84 -23.95 -73.50 -43.66
N SER B 85 -23.74 -72.60 -44.62
CA SER B 85 -22.43 -72.36 -45.21
C SER B 85 -21.82 -71.04 -44.77
N ALA B 86 -22.33 -70.43 -43.70
CA ALA B 86 -21.86 -69.11 -43.30
C ALA B 86 -20.38 -69.12 -42.95
N SER B 87 -19.97 -70.07 -42.10
CA SER B 87 -18.57 -70.13 -41.68
C SER B 87 -17.65 -70.48 -42.84
N TYR B 88 -18.05 -71.43 -43.68
CA TYR B 88 -17.22 -71.83 -44.81
C TYR B 88 -17.05 -70.68 -45.80
N LEU B 89 -18.13 -69.93 -46.06
CA LEU B 89 -18.06 -68.85 -47.03
C LEU B 89 -17.11 -67.75 -46.59
N VAL B 90 -17.09 -67.44 -45.30
CA VAL B 90 -16.23 -66.36 -44.82
C VAL B 90 -14.77 -66.70 -45.03
N SER B 91 -14.37 -67.93 -44.67
CA SER B 91 -12.97 -68.31 -44.82
C SER B 91 -12.61 -68.55 -46.29
N LEU B 92 -13.60 -68.82 -47.13
CA LEU B 92 -13.34 -69.01 -48.55
C LEU B 92 -12.76 -67.74 -49.18
N THR B 93 -13.07 -66.58 -48.62
CA THR B 93 -12.56 -65.31 -49.11
C THR B 93 -11.25 -64.88 -48.45
N GLY B 94 -10.70 -65.71 -47.56
CA GLY B 94 -9.45 -65.41 -46.91
C GLY B 94 -9.55 -64.64 -45.61
N VAL B 95 -10.74 -64.22 -45.21
CA VAL B 95 -10.90 -63.48 -43.97
C VAL B 95 -10.84 -64.43 -42.79
N GLY B 96 -10.11 -64.03 -41.76
CA GLY B 96 -10.02 -64.82 -40.55
C GLY B 96 -9.46 -66.22 -40.75
N SER B 97 -8.18 -66.29 -41.08
CA SER B 97 -7.51 -67.58 -41.24
C SER B 97 -6.10 -67.54 -40.65
N ALA C 28 14.62 -41.72 -23.96
CA ALA C 28 14.60 -41.97 -22.52
C ALA C 28 13.52 -42.98 -22.17
N GLY C 29 12.66 -43.29 -23.14
CA GLY C 29 11.59 -44.23 -22.92
C GLY C 29 11.47 -45.24 -24.03
N THR C 30 10.26 -45.75 -24.26
CA THR C 30 10.00 -46.72 -25.31
C THR C 30 8.92 -46.18 -26.25
N ASP C 31 9.12 -46.40 -27.55
CA ASP C 31 8.15 -45.97 -28.55
C ASP C 31 7.05 -47.01 -28.65
N THR C 32 5.84 -46.65 -28.22
CA THR C 32 4.70 -47.55 -28.25
C THR C 32 3.64 -47.05 -29.23
N GLY C 33 4.08 -46.46 -30.33
CA GLY C 33 3.16 -46.00 -31.34
C GLY C 33 2.87 -47.05 -32.40
N GLU C 34 3.92 -47.61 -32.99
CA GLU C 34 3.73 -48.65 -34.00
C GLU C 34 3.25 -49.94 -33.36
N SER C 35 3.80 -50.31 -32.19
CA SER C 35 3.42 -51.55 -31.55
C SER C 35 1.95 -51.52 -31.11
N THR C 36 1.51 -50.40 -30.53
CA THR C 36 0.12 -50.31 -30.09
C THR C 36 -0.85 -50.44 -31.26
N ALA C 37 -0.54 -49.78 -32.37
CA ALA C 37 -1.40 -49.90 -33.55
C ALA C 37 -1.43 -51.32 -34.09
N THR C 38 -0.27 -51.98 -34.12
CA THR C 38 -0.23 -53.37 -34.58
C THR C 38 -0.99 -54.30 -33.64
N SER C 39 -0.86 -54.08 -32.33
CA SER C 39 -1.56 -54.92 -31.36
C SER C 39 -3.07 -54.80 -31.51
N ILE C 40 -3.57 -53.59 -31.74
CA ILE C 40 -5.00 -53.39 -31.92
C ILE C 40 -5.49 -54.07 -33.19
N GLN C 41 -4.69 -54.00 -34.26
CA GLN C 41 -5.07 -54.67 -35.49
C GLN C 41 -5.15 -56.18 -35.32
N THR C 42 -4.17 -56.76 -34.61
CA THR C 42 -4.16 -58.20 -34.39
C THR C 42 -5.35 -58.63 -33.54
N TRP C 43 -5.71 -57.84 -32.53
CA TRP C 43 -6.82 -58.20 -31.67
C TRP C 43 -8.14 -58.24 -32.44
N LEU C 44 -8.39 -57.25 -33.30
CA LEU C 44 -9.65 -57.19 -34.02
C LEU C 44 -9.82 -58.40 -34.92
N SER C 45 -8.74 -58.84 -35.57
CA SER C 45 -8.85 -59.96 -36.50
C SER C 45 -9.22 -61.26 -35.79
N THR C 46 -9.13 -61.29 -34.47
CA THR C 46 -9.51 -62.50 -33.74
C THR C 46 -11.00 -62.75 -33.79
N TRP C 47 -11.81 -61.70 -33.65
CA TRP C 47 -13.25 -61.86 -33.53
C TRP C 47 -14.07 -61.18 -34.62
N ILE C 48 -13.48 -60.32 -35.44
CA ILE C 48 -14.22 -59.76 -36.58
C ILE C 48 -14.65 -60.87 -37.53
N PRO C 49 -13.80 -61.82 -37.93
CA PRO C 49 -14.26 -62.90 -38.81
C PRO C 49 -15.45 -63.67 -38.27
N ILE C 50 -15.50 -63.94 -36.97
CA ILE C 50 -16.63 -64.66 -36.41
C ILE C 50 -17.89 -63.80 -36.49
N GLY C 51 -17.76 -62.50 -36.26
CA GLY C 51 -18.90 -61.61 -36.42
C GLY C 51 -19.43 -61.57 -37.83
N CYS C 52 -18.54 -61.71 -38.83
CA CYS C 52 -18.97 -61.73 -40.21
C CYS C 52 -19.84 -62.95 -40.51
N ALA C 53 -19.49 -64.10 -39.94
CA ALA C 53 -20.28 -65.30 -40.15
C ALA C 53 -21.66 -65.15 -39.52
N ILE C 54 -21.75 -64.46 -38.38
CA ILE C 54 -23.04 -64.26 -37.73
C ILE C 54 -23.96 -63.44 -38.62
N ALA C 55 -23.43 -62.39 -39.24
CA ALA C 55 -24.25 -61.53 -40.09
C ALA C 55 -24.81 -62.30 -41.28
N ILE C 56 -24.00 -63.17 -41.89
CA ILE C 56 -24.48 -63.95 -43.02
C ILE C 56 -25.64 -64.85 -42.60
N MET C 57 -25.51 -65.50 -41.45
CA MET C 57 -26.58 -66.37 -40.97
C MET C 57 -27.83 -65.59 -40.63
N VAL C 58 -27.67 -64.44 -39.96
CA VAL C 58 -28.84 -63.65 -39.56
C VAL C 58 -29.49 -63.00 -40.78
N SER C 59 -28.68 -62.48 -41.71
CA SER C 59 -29.23 -61.83 -42.89
C SER C 59 -30.02 -62.82 -43.74
N CYS C 60 -29.53 -64.05 -43.89
CA CYS C 60 -30.26 -65.04 -44.64
C CYS C 60 -31.58 -65.39 -43.97
N PHE C 61 -31.59 -65.41 -42.63
CA PHE C 61 -32.83 -65.65 -41.89
C PHE C 61 -33.85 -64.56 -42.15
N MET C 62 -33.43 -63.30 -42.12
CA MET C 62 -34.35 -62.18 -42.37
C MET C 62 -34.90 -62.24 -43.79
N TRP C 63 -34.07 -62.62 -44.75
CA TRP C 63 -34.53 -62.76 -46.13
C TRP C 63 -35.60 -63.84 -46.25
N MET C 64 -35.42 -64.96 -45.55
CA MET C 64 -36.43 -66.01 -45.56
C MET C 64 -37.78 -65.51 -45.04
N LEU C 65 -37.76 -64.57 -44.10
CA LEU C 65 -38.98 -64.05 -43.49
C LEU C 65 -39.61 -62.92 -44.28
N HIS C 66 -39.01 -62.53 -45.41
CA HIS C 66 -39.55 -61.46 -46.24
C HIS C 66 -39.48 -60.11 -45.53
N VAL C 67 -38.37 -59.88 -44.81
CA VAL C 67 -38.17 -58.64 -44.08
C VAL C 67 -37.26 -57.68 -44.83
N ILE C 68 -36.28 -58.18 -45.56
CA ILE C 68 -35.33 -57.33 -46.29
C ILE C 68 -35.23 -57.84 -47.71
N PRO C 69 -34.83 -56.98 -48.64
CA PRO C 69 -34.67 -57.42 -50.03
C PRO C 69 -33.42 -58.27 -50.20
N ALA C 70 -33.27 -58.80 -51.40
CA ALA C 70 -32.15 -59.69 -51.72
C ALA C 70 -30.89 -58.92 -52.12
N SER C 71 -30.93 -57.60 -52.14
CA SER C 71 -29.74 -56.82 -52.47
C SER C 71 -28.68 -56.87 -51.38
N PHE C 72 -28.87 -57.67 -50.32
CA PHE C 72 -27.84 -57.80 -49.30
C PHE C 72 -26.74 -58.77 -49.72
N ILE C 73 -27.03 -59.69 -50.65
CA ILE C 73 -26.01 -60.66 -51.06
C ILE C 73 -24.79 -59.99 -51.66
N PRO C 74 -24.91 -59.09 -52.65
CA PRO C 74 -23.71 -58.43 -53.17
C PRO C 74 -22.95 -57.63 -52.11
N ARG C 75 -23.65 -57.07 -51.12
CA ARG C 75 -22.97 -56.32 -50.08
C ARG C 75 -22.01 -57.18 -49.28
N ILE C 76 -22.41 -58.41 -48.96
CA ILE C 76 -21.55 -59.26 -48.14
C ILE C 76 -20.27 -59.60 -48.88
N VAL C 77 -20.36 -59.90 -50.18
CA VAL C 77 -19.16 -60.23 -50.94
C VAL C 77 -18.24 -59.02 -51.02
N ILE C 78 -18.78 -57.84 -51.29
CA ILE C 78 -17.96 -56.64 -51.43
C ILE C 78 -17.32 -56.27 -50.10
N SER C 79 -18.06 -56.39 -48.99
CA SER C 79 -17.48 -56.10 -47.69
C SER C 79 -16.36 -57.07 -47.34
N LEU C 80 -16.51 -58.35 -47.68
CA LEU C 80 -15.46 -59.31 -47.40
C LEU C 80 -14.21 -59.01 -48.22
N ILE C 81 -14.38 -58.51 -49.45
CA ILE C 81 -13.23 -58.11 -50.25
C ILE C 81 -12.49 -56.97 -49.58
N GLY C 82 -13.23 -56.00 -49.05
CA GLY C 82 -12.58 -54.86 -48.40
C GLY C 82 -11.87 -55.22 -47.13
N ILE C 83 -12.44 -56.11 -46.33
CA ILE C 83 -11.83 -56.50 -45.07
C ILE C 83 -10.50 -57.19 -45.29
N GLY C 84 -10.43 -58.10 -46.27
CA GLY C 84 -9.20 -58.84 -46.49
C GLY C 84 -8.14 -58.06 -47.23
N SER C 85 -8.53 -56.97 -47.90
CA SER C 85 -7.63 -56.15 -48.69
C SER C 85 -7.30 -54.82 -48.03
N ALA C 86 -7.58 -54.67 -46.74
CA ALA C 86 -7.39 -53.38 -46.09
C ALA C 86 -5.93 -52.93 -46.14
N SER C 87 -5.01 -53.82 -45.75
CA SER C 87 -3.60 -53.46 -45.73
C SER C 87 -3.06 -53.20 -47.13
N TYR C 88 -3.44 -54.04 -48.10
CA TYR C 88 -2.97 -53.87 -49.46
C TYR C 88 -3.47 -52.57 -50.06
N LEU C 89 -4.73 -52.22 -49.80
CA LEU C 89 -5.31 -51.01 -50.39
C LEU C 89 -4.61 -49.75 -49.88
N VAL C 90 -4.26 -49.73 -48.60
CA VAL C 90 -3.62 -48.54 -48.04
C VAL C 90 -2.28 -48.27 -48.71
N SER C 91 -1.45 -49.31 -48.85
CA SER C 91 -0.13 -49.13 -49.47
C SER C 91 -0.24 -48.92 -50.96
N LEU C 92 -1.34 -49.35 -51.58
CA LEU C 92 -1.52 -49.14 -53.01
C LEU C 92 -1.58 -47.65 -53.34
N THR C 93 -1.99 -46.81 -52.40
CA THR C 93 -2.06 -45.38 -52.59
C THR C 93 -0.78 -44.66 -52.17
N GLY C 94 0.24 -45.39 -51.74
CA GLY C 94 1.51 -44.79 -51.37
C GLY C 94 1.63 -44.40 -49.92
N VAL C 95 0.58 -44.52 -49.12
CA VAL C 95 0.64 -44.16 -47.71
C VAL C 95 1.38 -45.25 -46.94
N GLY C 96 2.26 -44.83 -46.05
CA GLY C 96 2.98 -45.76 -45.20
C GLY C 96 3.80 -46.78 -45.94
N SER C 97 4.86 -46.33 -46.60
CA SER C 97 5.77 -47.22 -47.31
C SER C 97 7.23 -46.80 -47.11
N ALA D 28 24.22 -19.25 -29.04
CA ALA D 28 24.76 -19.78 -27.79
C ALA D 28 24.18 -21.16 -27.50
N GLY D 29 23.18 -21.55 -28.27
CA GLY D 29 22.54 -22.84 -28.09
C GLY D 29 22.35 -23.57 -29.40
N THR D 30 21.33 -24.43 -29.46
CA THR D 30 21.01 -25.18 -30.65
C THR D 30 19.58 -24.90 -31.08
N ASP D 31 19.37 -24.77 -32.38
CA ASP D 31 18.05 -24.51 -32.94
C ASP D 31 17.32 -25.84 -33.07
N THR D 32 16.28 -26.03 -32.27
CA THR D 32 15.49 -27.25 -32.28
C THR D 32 14.07 -26.99 -32.77
N GLY D 33 13.93 -26.07 -33.71
CA GLY D 33 12.62 -25.77 -34.27
C GLY D 33 12.31 -26.60 -35.49
N GLU D 34 13.22 -26.62 -36.46
CA GLU D 34 13.00 -27.43 -37.66
C GLU D 34 13.13 -28.92 -37.34
N SER D 35 14.13 -29.28 -36.53
CA SER D 35 14.34 -30.69 -36.22
C SER D 35 13.17 -31.28 -35.44
N THR D 36 12.65 -30.53 -34.46
CA THR D 36 11.53 -31.04 -33.68
C THR D 36 10.30 -31.26 -34.54
N ALA D 37 10.02 -30.33 -35.46
CA ALA D 37 8.88 -30.50 -36.35
C ALA D 37 9.07 -31.70 -37.28
N THR D 38 10.30 -31.88 -37.78
CA THR D 38 10.56 -33.04 -38.65
C THR D 38 10.45 -34.34 -37.88
N SER D 39 10.94 -34.37 -36.64
CA SER D 39 10.88 -35.58 -35.84
C SER D 39 9.43 -35.99 -35.56
N ILE D 40 8.57 -35.01 -35.27
CA ILE D 40 7.17 -35.31 -35.01
C ILE D 40 6.50 -35.85 -36.28
N GLN D 41 6.83 -35.28 -37.44
CA GLN D 41 6.26 -35.77 -38.69
C GLN D 41 6.68 -37.21 -38.95
N THR D 42 7.95 -37.53 -38.73
CA THR D 42 8.43 -38.89 -38.97
C THR D 42 7.78 -39.89 -38.02
N TRP D 43 7.57 -39.50 -36.77
CA TRP D 43 6.96 -40.40 -35.80
C TRP D 43 5.53 -40.76 -36.19
N LEU D 44 4.75 -39.77 -36.62
CA LEU D 44 3.36 -40.02 -36.95
C LEU D 44 3.22 -41.00 -38.12
N SER D 45 4.10 -40.88 -39.11
CA SER D 45 4.01 -41.74 -40.27
C SER D 45 4.28 -43.20 -39.93
N THR D 46 4.82 -43.47 -38.73
CA THR D 46 5.06 -44.85 -38.35
C THR D 46 3.77 -45.62 -38.10
N TRP D 47 2.79 -44.98 -37.45
CA TRP D 47 1.58 -45.67 -37.02
C TRP D 47 0.29 -45.13 -37.62
N ILE D 48 0.30 -43.95 -38.25
CA ILE D 48 -0.89 -43.48 -38.95
C ILE D 48 -1.30 -44.44 -40.06
N PRO D 49 -0.40 -44.92 -40.92
CA PRO D 49 -0.81 -45.89 -41.95
C PRO D 49 -1.48 -47.14 -41.39
N ILE D 50 -1.00 -47.66 -40.26
CA ILE D 50 -1.64 -48.84 -39.68
C ILE D 50 -3.05 -48.50 -39.19
N GLY D 51 -3.21 -47.31 -38.61
CA GLY D 51 -4.54 -46.88 -38.20
C GLY D 51 -5.50 -46.74 -39.36
N CYS D 52 -5.00 -46.35 -40.53
CA CYS D 52 -5.85 -46.24 -41.71
C CYS D 52 -6.38 -47.61 -42.13
N ALA D 53 -5.55 -48.64 -42.05
CA ALA D 53 -6.00 -49.98 -42.41
C ALA D 53 -7.07 -50.47 -41.43
N ILE D 54 -6.96 -50.11 -40.16
CA ILE D 54 -7.96 -50.52 -39.18
C ILE D 54 -9.32 -49.92 -39.51
N ALA D 55 -9.34 -48.64 -39.90
CA ALA D 55 -10.61 -47.99 -40.22
C ALA D 55 -11.29 -48.65 -41.41
N ILE D 56 -10.53 -49.02 -42.43
CA ILE D 56 -11.11 -49.68 -43.59
C ILE D 56 -11.77 -50.99 -43.19
N MET D 57 -11.08 -51.77 -42.37
CA MET D 57 -11.63 -53.05 -41.92
C MET D 57 -12.87 -52.86 -41.05
N VAL D 58 -12.83 -51.89 -40.13
CA VAL D 58 -13.96 -51.68 -39.24
C VAL D 58 -15.14 -51.07 -39.99
N SER D 59 -14.86 -50.12 -40.89
CA SER D 59 -15.94 -49.49 -41.64
C SER D 59 -16.66 -50.49 -42.53
N CYS D 60 -15.92 -51.40 -43.16
CA CYS D 60 -16.55 -52.42 -43.98
C CYS D 60 -17.41 -53.35 -43.13
N PHE D 61 -16.97 -53.64 -41.90
CA PHE D 61 -17.77 -54.46 -40.99
C PHE D 61 -19.09 -53.78 -40.65
N MET D 62 -19.04 -52.48 -40.33
CA MET D 62 -20.27 -51.76 -40.00
C MET D 62 -21.23 -51.72 -41.17
N TRP D 63 -20.69 -51.57 -42.39
CA TRP D 63 -21.53 -51.58 -43.59
C TRP D 63 -22.23 -52.91 -43.75
N MET D 64 -21.52 -54.01 -43.49
CA MET D 64 -22.14 -55.34 -43.57
C MET D 64 -23.32 -55.48 -42.61
N LEU D 65 -23.25 -54.80 -41.47
CA LEU D 65 -24.28 -54.90 -40.44
C LEU D 65 -25.43 -53.92 -40.67
N HIS D 66 -25.38 -53.13 -41.73
CA HIS D 66 -26.45 -52.18 -42.04
C HIS D 66 -26.52 -51.07 -40.99
N VAL D 67 -25.36 -50.60 -40.54
CA VAL D 67 -25.28 -49.55 -39.54
C VAL D 67 -24.98 -48.20 -40.17
N ILE D 68 -24.20 -48.16 -41.23
CA ILE D 68 -23.83 -46.89 -41.86
C ILE D 68 -24.07 -47.03 -43.37
N PRO D 69 -24.27 -45.91 -44.06
CA PRO D 69 -24.47 -45.97 -45.50
C PRO D 69 -23.17 -46.26 -46.23
N ALA D 70 -23.28 -46.44 -47.55
CA ALA D 70 -22.13 -46.77 -48.38
C ALA D 70 -21.35 -45.54 -48.83
N SER D 71 -21.77 -44.35 -48.43
CA SER D 71 -21.02 -43.16 -48.79
C SER D 71 -19.70 -43.04 -48.06
N PHE D 72 -19.28 -44.05 -47.30
CA PHE D 72 -17.97 -44.01 -46.66
C PHE D 72 -16.86 -44.41 -47.61
N ILE D 73 -17.17 -45.16 -48.68
CA ILE D 73 -16.12 -45.59 -49.60
C ILE D 73 -15.41 -44.42 -50.26
N PRO D 74 -16.11 -43.45 -50.84
CA PRO D 74 -15.39 -42.30 -51.43
C PRO D 74 -14.58 -41.51 -50.40
N ARG D 75 -15.03 -41.46 -49.14
CA ARG D 75 -14.28 -40.74 -48.12
C ARG D 75 -12.90 -41.35 -47.89
N ILE D 76 -12.81 -42.67 -47.87
CA ILE D 76 -11.52 -43.31 -47.60
C ILE D 76 -10.52 -43.00 -48.70
N VAL D 77 -10.95 -43.04 -49.96
CA VAL D 77 -10.04 -42.76 -51.06
C VAL D 77 -9.58 -41.30 -51.00
N ILE D 78 -10.50 -40.37 -50.76
CA ILE D 78 -10.13 -38.96 -50.72
C ILE D 78 -9.21 -38.66 -49.54
N SER D 79 -9.48 -39.26 -48.38
CA SER D 79 -8.60 -39.06 -47.23
C SER D 79 -7.20 -39.60 -47.49
N LEU D 80 -7.09 -40.76 -48.15
CA LEU D 80 -5.78 -41.31 -48.45
C LEU D 80 -5.02 -40.42 -49.43
N ILE D 81 -5.73 -39.78 -50.35
CA ILE D 81 -5.08 -38.83 -51.26
C ILE D 81 -4.49 -37.66 -50.48
N GLY D 82 -5.26 -37.15 -49.51
CA GLY D 82 -4.78 -36.02 -48.74
C GLY D 82 -3.61 -36.35 -47.85
N ILE D 83 -3.61 -37.53 -47.24
CA ILE D 83 -2.52 -37.92 -46.35
C ILE D 83 -1.20 -38.03 -47.10
N GLY D 84 -1.22 -38.63 -48.29
CA GLY D 84 0.03 -38.81 -49.03
C GLY D 84 0.50 -37.56 -49.74
N SER D 85 -0.38 -36.59 -49.92
CA SER D 85 -0.06 -35.35 -50.63
C SER D 85 0.08 -34.16 -49.70
N ALA D 86 0.23 -34.38 -48.39
CA ALA D 86 0.26 -33.27 -47.45
C ALA D 86 1.42 -32.33 -47.72
N SER D 87 2.63 -32.88 -47.86
CA SER D 87 3.81 -32.05 -48.08
C SER D 87 3.74 -31.34 -49.43
N TYR D 88 3.30 -32.05 -50.48
CA TYR D 88 3.23 -31.44 -51.80
C TYR D 88 2.21 -30.31 -51.83
N LEU D 89 1.07 -30.50 -51.17
CA LEU D 89 0.02 -29.48 -51.20
C LEU D 89 0.46 -28.20 -50.53
N VAL D 90 1.21 -28.30 -49.42
CA VAL D 90 1.64 -27.11 -48.71
C VAL D 90 2.54 -26.25 -49.57
N SER D 91 3.53 -26.87 -50.23
CA SER D 91 4.45 -26.10 -51.05
C SER D 91 3.79 -25.63 -52.35
N LEU D 92 2.72 -26.31 -52.77
CA LEU D 92 2.00 -25.88 -53.97
C LEU D 92 1.43 -24.49 -53.82
N THR D 93 1.14 -24.06 -52.58
CA THR D 93 0.62 -22.74 -52.31
C THR D 93 1.70 -21.70 -52.03
N GLY D 94 2.97 -22.09 -52.11
CA GLY D 94 4.07 -21.17 -51.90
C GLY D 94 4.57 -21.06 -50.48
N VAL D 95 3.92 -21.72 -49.52
CA VAL D 95 4.35 -21.65 -48.13
C VAL D 95 5.57 -22.54 -47.93
N GLY D 96 6.55 -22.02 -47.20
CA GLY D 96 7.74 -22.79 -46.88
C GLY D 96 8.51 -23.27 -48.09
N SER D 97 9.12 -22.34 -48.83
CA SER D 97 9.95 -22.68 -49.97
C SER D 97 11.21 -21.82 -50.02
N ALA E 28 24.83 5.70 -29.20
CA ALA E 28 25.89 5.15 -28.36
C ALA E 28 25.85 3.63 -28.36
N GLY E 29 24.80 3.07 -28.94
CA GLY E 29 24.65 1.63 -29.01
C GLY E 29 24.24 1.16 -30.39
N THR E 30 23.54 0.03 -30.46
CA THR E 30 23.06 -0.54 -31.71
C THR E 30 21.56 -0.70 -31.65
N ASP E 31 20.90 -0.38 -32.76
CA ASP E 31 19.45 -0.52 -32.87
C ASP E 31 19.12 -1.97 -33.21
N THR E 32 18.50 -2.67 -32.28
CA THR E 32 18.14 -4.07 -32.47
C THR E 32 16.62 -4.24 -32.47
N GLY E 33 15.92 -3.27 -33.02
CA GLY E 33 14.48 -3.35 -33.12
C GLY E 33 14.02 -3.97 -34.42
N GLU E 34 14.51 -3.46 -35.55
CA GLU E 34 14.14 -4.03 -36.83
C GLU E 34 14.78 -5.39 -37.04
N SER E 35 16.05 -5.54 -36.64
CA SER E 35 16.75 -6.81 -36.84
C SER E 35 16.12 -7.92 -36.02
N THR E 36 15.78 -7.64 -34.76
CA THR E 36 15.17 -8.66 -33.91
C THR E 36 13.84 -9.14 -34.47
N ALA E 37 13.01 -8.20 -34.96
CA ALA E 37 11.74 -8.59 -35.55
C ALA E 37 11.94 -9.41 -36.81
N THR E 38 12.91 -9.03 -37.65
CA THR E 38 13.19 -9.80 -38.86
C THR E 38 13.72 -11.19 -38.51
N SER E 39 14.58 -11.29 -37.51
CA SER E 39 15.14 -12.59 -37.13
C SER E 39 14.04 -13.53 -36.64
N ILE E 40 13.09 -13.01 -35.87
CA ILE E 40 12.00 -13.85 -35.37
C ILE E 40 11.13 -14.32 -36.52
N GLN E 41 10.88 -13.45 -37.49
CA GLN E 41 10.08 -13.85 -38.65
C GLN E 41 10.78 -14.95 -39.45
N THR E 42 12.09 -14.82 -39.65
CA THR E 42 12.81 -15.83 -40.41
C THR E 42 12.83 -17.17 -39.68
N TRP E 43 12.95 -17.15 -38.35
CA TRP E 43 12.98 -18.39 -37.59
C TRP E 43 11.67 -19.15 -37.70
N LEU E 44 10.54 -18.45 -37.61
CA LEU E 44 9.25 -19.12 -37.64
C LEU E 44 9.02 -19.81 -38.97
N SER E 45 9.44 -19.18 -40.07
CA SER E 45 9.20 -19.76 -41.38
C SER E 45 9.97 -21.06 -41.58
N THR E 46 10.92 -21.36 -40.69
CA THR E 46 11.67 -22.61 -40.82
C THR E 46 10.80 -23.82 -40.49
N TRP E 47 9.96 -23.72 -39.47
CA TRP E 47 9.22 -24.88 -38.99
C TRP E 47 7.70 -24.72 -39.05
N ILE E 48 7.17 -23.52 -39.28
CA ILE E 48 5.72 -23.39 -39.48
C ILE E 48 5.26 -24.18 -40.69
N PRO E 49 5.92 -24.12 -41.85
CA PRO E 49 5.47 -24.93 -42.99
C PRO E 49 5.41 -26.42 -42.69
N ILE E 50 6.36 -26.96 -41.93
CA ILE E 50 6.31 -28.39 -41.59
C ILE E 50 5.13 -28.68 -40.70
N GLY E 51 4.83 -27.77 -39.76
CA GLY E 51 3.66 -27.95 -38.92
C GLY E 51 2.36 -27.93 -39.70
N CYS E 52 2.31 -27.16 -40.78
CA CYS E 52 1.11 -27.12 -41.62
C CYS E 52 0.88 -28.46 -42.30
N ALA E 53 1.94 -29.12 -42.75
CA ALA E 53 1.80 -30.43 -43.37
C ALA E 53 1.31 -31.47 -42.36
N ILE E 54 1.73 -31.36 -41.10
CA ILE E 54 1.28 -32.29 -40.08
C ILE E 54 -0.23 -32.17 -39.87
N ALA E 55 -0.74 -30.93 -39.83
CA ALA E 55 -2.16 -30.73 -39.60
C ALA E 55 -2.99 -31.34 -40.72
N ILE E 56 -2.55 -31.19 -41.97
CA ILE E 56 -3.29 -31.75 -43.10
C ILE E 56 -3.36 -33.27 -42.97
N MET E 57 -2.24 -33.91 -42.62
CA MET E 57 -2.23 -35.36 -42.46
C MET E 57 -3.11 -35.80 -41.30
N VAL E 58 -3.03 -35.10 -40.16
CA VAL E 58 -3.81 -35.50 -38.99
C VAL E 58 -5.29 -35.21 -39.21
N SER E 59 -5.62 -34.06 -39.81
CA SER E 59 -7.02 -33.73 -40.04
C SER E 59 -7.68 -34.72 -40.98
N CYS E 60 -6.97 -35.15 -42.03
CA CYS E 60 -7.53 -36.15 -42.93
C CYS E 60 -7.75 -37.47 -42.22
N PHE E 61 -6.87 -37.82 -41.29
CA PHE E 61 -7.04 -39.04 -40.51
C PHE E 61 -8.30 -38.97 -39.65
N MET E 62 -8.53 -37.84 -38.98
CA MET E 62 -9.72 -37.69 -38.14
C MET E 62 -10.98 -37.75 -38.98
N TRP E 63 -10.95 -37.18 -40.18
CA TRP E 63 -12.11 -37.25 -41.07
C TRP E 63 -12.42 -38.69 -41.46
N MET E 64 -11.39 -39.49 -41.73
CA MET E 64 -11.60 -40.89 -42.06
C MET E 64 -12.29 -41.64 -40.93
N LEU E 65 -12.04 -41.24 -39.69
CA LEU E 65 -12.59 -41.91 -38.52
C LEU E 65 -13.97 -41.39 -38.14
N HIS E 66 -14.51 -40.43 -38.89
CA HIS E 66 -15.84 -39.89 -38.62
C HIS E 66 -15.86 -39.12 -37.29
N VAL E 67 -14.80 -38.37 -37.04
CA VAL E 67 -14.68 -37.59 -35.80
C VAL E 67 -15.01 -36.13 -36.04
N ILE E 68 -14.67 -35.58 -37.20
CA ILE E 68 -14.91 -34.18 -37.49
C ILE E 68 -15.60 -34.07 -38.85
N PRO E 69 -16.32 -32.99 -39.10
CA PRO E 69 -16.97 -32.82 -40.40
C PRO E 69 -15.96 -32.46 -41.47
N ALA E 70 -16.45 -32.40 -42.71
CA ALA E 70 -15.61 -32.11 -43.86
C ALA E 70 -15.40 -30.63 -44.10
N SER E 71 -15.97 -29.77 -43.26
CA SER E 71 -15.77 -28.34 -43.42
C SER E 71 -14.36 -27.91 -43.04
N PHE E 72 -13.45 -28.83 -42.75
CA PHE E 72 -12.06 -28.45 -42.47
C PHE E 72 -11.27 -28.21 -43.75
N ILE E 73 -11.71 -28.79 -44.88
CA ILE E 73 -10.95 -28.63 -46.12
C ILE E 73 -10.87 -27.17 -46.54
N PRO E 74 -11.96 -26.40 -46.61
CA PRO E 74 -11.83 -24.98 -46.97
C PRO E 74 -10.98 -24.19 -46.00
N ARG E 75 -10.98 -24.56 -44.72
CA ARG E 75 -10.17 -23.85 -43.74
C ARG E 75 -8.68 -23.95 -44.06
N ILE E 76 -8.21 -25.13 -44.47
CA ILE E 76 -6.79 -25.30 -44.72
C ILE E 76 -6.34 -24.43 -45.90
N VAL E 77 -7.15 -24.37 -46.96
CA VAL E 77 -6.77 -23.54 -48.11
C VAL E 77 -6.74 -22.07 -47.72
N ILE E 78 -7.75 -21.61 -46.98
CA ILE E 78 -7.81 -20.19 -46.61
C ILE E 78 -6.66 -19.83 -45.67
N SER E 79 -6.35 -20.72 -44.71
CA SER E 79 -5.23 -20.45 -43.82
C SER E 79 -3.91 -20.39 -44.57
N LEU E 80 -3.71 -21.26 -45.55
CA LEU E 80 -2.47 -21.23 -46.33
C LEU E 80 -2.36 -19.94 -47.14
N ILE E 81 -3.50 -19.43 -47.62
CA ILE E 81 -3.47 -18.14 -48.33
C ILE E 81 -3.02 -17.03 -47.40
N GLY E 82 -3.53 -17.03 -46.16
CA GLY E 82 -3.16 -15.99 -45.22
C GLY E 82 -1.71 -16.05 -44.80
N ILE E 83 -1.18 -17.25 -44.61
CA ILE E 83 0.21 -17.39 -44.17
C ILE E 83 1.17 -16.86 -45.23
N GLY E 84 0.93 -17.18 -46.50
CA GLY E 84 1.84 -16.75 -47.54
C GLY E 84 1.69 -15.29 -47.93
N SER E 85 0.55 -14.68 -47.57
CA SER E 85 0.26 -13.29 -47.93
C SER E 85 0.37 -12.35 -46.75
N ALA E 86 1.00 -12.76 -45.65
CA ALA E 86 1.03 -11.94 -44.45
C ALA E 86 1.73 -10.61 -44.70
N SER E 87 2.92 -10.65 -45.30
CA SER E 87 3.67 -9.41 -45.55
C SER E 87 2.95 -8.51 -46.55
N TYR E 88 2.41 -9.10 -47.62
CA TYR E 88 1.72 -8.31 -48.63
C TYR E 88 0.48 -7.64 -48.06
N LEU E 89 -0.27 -8.36 -47.23
CA LEU E 89 -1.51 -7.81 -46.68
C LEU E 89 -1.25 -6.63 -45.77
N VAL E 90 -0.18 -6.67 -44.98
CA VAL E 90 0.12 -5.58 -44.07
C VAL E 90 0.40 -4.29 -44.82
N SER E 91 1.23 -4.37 -45.87
CA SER E 91 1.57 -3.17 -46.62
C SER E 91 0.41 -2.71 -47.50
N LEU E 92 -0.50 -3.62 -47.83
CA LEU E 92 -1.66 -3.25 -48.62
C LEU E 92 -2.53 -2.22 -47.91
N THR E 93 -2.49 -2.19 -46.58
CA THR E 93 -3.24 -1.24 -45.79
C THR E 93 -2.46 0.04 -45.49
N GLY E 94 -1.23 0.16 -45.99
CA GLY E 94 -0.44 1.36 -45.79
C GLY E 94 0.46 1.34 -44.57
N VAL E 95 0.38 0.32 -43.74
CA VAL E 95 1.21 0.25 -42.54
C VAL E 95 2.63 -0.16 -42.94
N GLY E 96 3.61 0.52 -42.36
CA GLY E 96 5.00 0.18 -42.59
C GLY E 96 5.43 0.28 -44.04
N SER E 97 5.46 1.49 -44.57
CA SER E 97 5.93 1.71 -45.95
C SER E 97 6.79 2.96 -46.03
N ALA F 28 18.33 28.68 -21.96
CA ALA F 28 19.72 28.39 -21.61
C ALA F 28 20.11 26.99 -22.07
N GLY F 29 19.13 26.23 -22.51
CA GLY F 29 19.37 24.88 -22.97
C GLY F 29 18.67 24.58 -24.28
N THR F 30 18.34 23.31 -24.50
CA THR F 30 17.64 22.88 -25.71
C THR F 30 16.36 22.18 -25.34
N ASP F 31 15.30 22.46 -26.10
CA ASP F 31 14.00 21.83 -25.88
C ASP F 31 14.00 20.47 -26.55
N THR F 32 13.96 19.40 -25.75
CA THR F 32 13.96 18.04 -26.26
C THR F 32 12.64 17.34 -25.94
N GLY F 33 11.54 18.09 -25.97
CA GLY F 33 10.24 17.52 -25.72
C GLY F 33 9.57 17.04 -26.99
N GLU F 34 9.48 17.92 -27.99
CA GLU F 34 8.88 17.53 -29.26
C GLU F 34 9.77 16.56 -30.02
N SER F 35 11.08 16.81 -30.03
CA SER F 35 12.00 15.94 -30.76
C SER F 35 12.02 14.54 -30.19
N THR F 36 12.05 14.41 -28.86
CA THR F 36 12.09 13.09 -28.24
C THR F 36 10.83 12.29 -28.57
N ALA F 37 9.67 12.94 -28.53
CA ALA F 37 8.43 12.25 -28.87
C ALA F 37 8.42 11.83 -30.33
N THR F 38 8.91 12.69 -31.22
CA THR F 38 8.96 12.33 -32.64
C THR F 38 9.94 11.20 -32.88
N SER F 39 11.08 11.21 -32.20
CA SER F 39 12.08 10.15 -32.38
C SER F 39 11.52 8.80 -31.95
N ILE F 40 10.78 8.77 -30.84
CA ILE F 40 10.21 7.52 -30.37
C ILE F 40 9.16 7.01 -31.36
N GLN F 41 8.36 7.91 -31.92
CA GLN F 41 7.37 7.49 -32.91
C GLN F 41 8.04 6.91 -34.14
N THR F 42 9.11 7.54 -34.62
CA THR F 42 9.79 7.03 -35.80
C THR F 42 10.42 5.67 -35.55
N TRP F 43 10.98 5.46 -34.35
CA TRP F 43 11.61 4.19 -34.04
C TRP F 43 10.60 3.04 -34.05
N LEU F 44 9.42 3.27 -33.46
CA LEU F 44 8.44 2.19 -33.36
C LEU F 44 7.98 1.75 -34.74
N SER F 45 7.81 2.69 -35.67
CA SER F 45 7.32 2.35 -37.00
C SER F 45 8.31 1.48 -37.76
N THR F 46 9.55 1.38 -37.28
CA THR F 46 10.52 0.54 -37.96
C THR F 46 10.19 -0.94 -37.82
N TRP F 47 9.75 -1.37 -36.63
CA TRP F 47 9.57 -2.78 -36.35
C TRP F 47 8.15 -3.18 -35.99
N ILE F 48 7.26 -2.23 -35.70
CA ILE F 48 5.86 -2.59 -35.48
C ILE F 48 5.26 -3.24 -36.72
N PRO F 49 5.44 -2.70 -37.93
CA PRO F 49 4.88 -3.38 -39.11
C PRO F 49 5.33 -4.81 -39.29
N ILE F 50 6.60 -5.12 -38.99
CA ILE F 50 7.08 -6.50 -39.10
C ILE F 50 6.39 -7.38 -38.06
N GLY F 51 6.19 -6.85 -36.85
CA GLY F 51 5.47 -7.60 -35.84
C GLY F 51 4.03 -7.90 -36.23
N CYS F 52 3.41 -6.99 -36.98
CA CYS F 52 2.04 -7.22 -37.44
C CYS F 52 1.97 -8.38 -38.41
N ALA F 53 2.97 -8.51 -39.29
CA ALA F 53 2.99 -9.63 -40.22
C ALA F 53 3.18 -10.95 -39.49
N ILE F 54 3.95 -10.95 -38.41
CA ILE F 54 4.16 -12.18 -37.64
C ILE F 54 2.84 -12.64 -37.03
N ALA F 55 2.05 -11.72 -36.49
CA ALA F 55 0.78 -12.09 -35.86
C ALA F 55 -0.17 -12.72 -36.87
N ILE F 56 -0.23 -12.17 -38.09
CA ILE F 56 -1.11 -12.72 -39.11
C ILE F 56 -0.72 -14.16 -39.43
N MET F 57 0.58 -14.40 -39.58
CA MET F 57 1.06 -15.76 -39.88
C MET F 57 0.79 -16.72 -38.73
N VAL F 58 1.05 -16.28 -37.50
CA VAL F 58 0.84 -17.16 -36.35
C VAL F 58 -0.63 -17.38 -36.08
N SER F 59 -1.45 -16.33 -36.21
CA SER F 59 -2.88 -16.48 -35.97
C SER F 59 -3.52 -17.43 -36.96
N CYS F 60 -3.11 -17.36 -38.23
CA CYS F 60 -3.64 -18.28 -39.23
C CYS F 60 -3.23 -19.71 -38.93
N PHE F 61 -2.02 -19.91 -38.41
CA PHE F 61 -1.58 -21.25 -38.01
C PHE F 61 -2.44 -21.80 -36.88
N MET F 62 -2.73 -20.99 -35.87
CA MET F 62 -3.55 -21.45 -34.76
C MET F 62 -4.96 -21.80 -35.22
N TRP F 63 -5.50 -21.02 -36.17
CA TRP F 63 -6.82 -21.32 -36.72
C TRP F 63 -6.82 -22.66 -37.43
N MET F 64 -5.76 -22.96 -38.19
CA MET F 64 -5.67 -24.24 -38.86
C MET F 64 -5.70 -25.40 -37.88
N LEU F 65 -5.17 -25.20 -36.67
CA LEU F 65 -5.08 -26.24 -35.67
C LEU F 65 -6.34 -26.35 -34.82
N HIS F 66 -7.35 -25.52 -35.07
CA HIS F 66 -8.61 -25.56 -34.33
C HIS F 66 -8.39 -25.14 -32.88
N VAL F 67 -7.55 -24.13 -32.67
CA VAL F 67 -7.26 -23.63 -31.34
C VAL F 67 -8.04 -22.36 -31.02
N ILE F 68 -8.29 -21.52 -32.01
CA ILE F 68 -8.99 -20.25 -31.79
C ILE F 68 -10.09 -20.14 -32.83
N PRO F 69 -11.13 -19.36 -32.55
CA PRO F 69 -12.21 -19.17 -33.53
C PRO F 69 -11.76 -18.27 -34.67
N ALA F 70 -12.64 -18.14 -35.65
CA ALA F 70 -12.35 -17.33 -36.84
C ALA F 70 -12.66 -15.86 -36.65
N SER F 71 -13.13 -15.45 -35.49
CA SER F 71 -13.40 -14.05 -35.24
C SER F 71 -12.13 -13.22 -35.12
N PHE F 72 -10.95 -13.80 -35.36
CA PHE F 72 -9.72 -13.01 -35.33
C PHE F 72 -9.51 -12.24 -36.63
N ILE F 73 -10.11 -12.69 -37.74
CA ILE F 73 -9.90 -12.02 -39.02
C ILE F 73 -10.38 -10.58 -38.98
N PRO F 74 -11.60 -10.26 -38.54
CA PRO F 74 -12.00 -8.85 -38.48
C PRO F 74 -11.13 -8.01 -37.54
N ARG F 75 -10.60 -8.61 -36.48
CA ARG F 75 -9.73 -7.88 -35.57
C ARG F 75 -8.48 -7.36 -36.27
N ILE F 76 -7.86 -8.18 -37.12
CA ILE F 76 -6.62 -7.77 -37.76
C ILE F 76 -6.86 -6.58 -38.69
N VAL F 77 -7.95 -6.60 -39.44
CA VAL F 77 -8.24 -5.48 -40.34
C VAL F 77 -8.50 -4.20 -39.55
N ILE F 78 -9.29 -4.29 -38.48
CA ILE F 78 -9.61 -3.11 -37.69
C ILE F 78 -8.37 -2.56 -37.00
N SER F 79 -7.51 -3.44 -36.47
CA SER F 79 -6.27 -2.98 -35.84
C SER F 79 -5.36 -2.29 -36.84
N LEU F 80 -5.27 -2.81 -38.06
CA LEU F 80 -4.43 -2.19 -39.08
C LEU F 80 -4.97 -0.81 -39.45
N ILE F 81 -6.29 -0.65 -39.46
CA ILE F 81 -6.87 0.67 -39.73
C ILE F 81 -6.47 1.65 -38.64
N GLY F 82 -6.50 1.21 -37.38
CA GLY F 82 -6.14 2.11 -36.29
C GLY F 82 -4.68 2.49 -36.28
N ILE F 83 -3.80 1.55 -36.60
CA ILE F 83 -2.36 1.83 -36.59
C ILE F 83 -2.01 2.88 -37.64
N GLY F 84 -2.56 2.76 -38.85
CA GLY F 84 -2.21 3.70 -39.90
C GLY F 84 -2.89 5.04 -39.77
N SER F 85 -3.96 5.12 -38.98
CA SER F 85 -4.73 6.35 -38.81
C SER F 85 -4.51 7.01 -37.46
N ALA F 86 -3.45 6.63 -36.75
CA ALA F 86 -3.25 7.15 -35.40
C ALA F 86 -3.08 8.66 -35.39
N SER F 87 -2.21 9.18 -36.26
CA SER F 87 -1.96 10.62 -36.30
C SER F 87 -3.19 11.39 -36.76
N TYR F 88 -3.88 10.88 -37.79
CA TYR F 88 -5.06 11.56 -38.30
C TYR F 88 -6.17 11.60 -37.27
N LEU F 89 -6.35 10.50 -36.53
CA LEU F 89 -7.44 10.44 -35.56
C LEU F 89 -7.23 11.43 -34.42
N VAL F 90 -5.99 11.62 -33.98
CA VAL F 90 -5.73 12.53 -32.87
C VAL F 90 -6.09 13.96 -33.25
N SER F 91 -5.67 14.40 -34.44
CA SER F 91 -5.96 15.77 -34.86
C SER F 91 -7.42 15.94 -35.23
N LEU F 92 -8.10 14.85 -35.58
CA LEU F 92 -9.52 14.94 -35.92
C LEU F 92 -10.35 15.42 -34.73
N THR F 93 -9.86 15.19 -33.50
CA THR F 93 -10.55 15.63 -32.30
C THR F 93 -10.10 17.00 -31.83
N GLY F 94 -9.21 17.66 -32.56
CA GLY F 94 -8.76 18.99 -32.22
C GLY F 94 -7.54 19.06 -31.32
N VAL F 95 -7.03 17.92 -30.84
CA VAL F 95 -5.87 17.91 -29.98
C VAL F 95 -4.61 18.14 -30.82
N GLY F 96 -3.73 18.99 -30.33
CA GLY F 96 -2.46 19.24 -30.99
C GLY F 96 -2.59 19.77 -32.40
N SER F 97 -3.08 21.00 -32.53
CA SER F 97 -3.19 21.64 -33.83
C SER F 97 -2.79 23.11 -33.75
N ALA G 28 8.50 45.73 -6.61
CA ALA G 28 9.95 45.90 -6.72
C ALA G 28 10.53 44.88 -7.67
N GLY G 29 9.71 43.91 -8.07
CA GLY G 29 10.15 42.86 -8.97
C GLY G 29 9.17 42.61 -10.08
N THR G 30 9.15 41.39 -10.60
CA THR G 30 8.25 40.99 -11.67
C THR G 30 7.41 39.81 -11.22
N ASP G 31 6.12 39.83 -11.56
CA ASP G 31 5.21 38.75 -11.23
C ASP G 31 5.36 37.64 -12.27
N THR G 32 5.89 36.50 -11.85
CA THR G 32 6.11 35.36 -12.73
C THR G 32 5.23 34.19 -12.32
N GLY G 33 4.02 34.48 -11.85
CA GLY G 33 3.09 33.44 -11.48
C GLY G 33 2.19 33.03 -12.63
N GLU G 34 1.53 33.99 -13.25
CA GLU G 34 0.67 33.68 -14.39
C GLU G 34 1.49 33.28 -15.61
N SER G 35 2.60 33.98 -15.86
CA SER G 35 3.42 33.68 -17.02
C SER G 35 4.03 32.29 -16.93
N THR G 36 4.54 31.91 -15.77
CA THR G 36 5.14 30.59 -15.61
C THR G 36 4.13 29.49 -15.84
N ALA G 37 2.91 29.65 -15.31
CA ALA G 37 1.88 28.65 -15.53
C ALA G 37 1.50 28.56 -16.99
N THR G 38 1.39 29.70 -17.67
CA THR G 38 1.06 29.69 -19.09
C THR G 38 2.18 29.05 -19.92
N SER G 39 3.43 29.34 -19.57
CA SER G 39 4.56 28.77 -20.31
C SER G 39 4.59 27.26 -20.19
N ILE G 40 4.31 26.74 -19.00
CA ILE G 40 4.30 25.29 -18.80
C ILE G 40 3.17 24.64 -19.60
N GLN G 41 2.01 25.29 -19.65
CA GLN G 41 0.90 24.77 -20.44
C GLN G 41 1.25 24.73 -21.92
N THR G 42 1.88 25.78 -22.43
CA THR G 42 2.23 25.81 -23.84
C THR G 42 3.26 24.75 -24.18
N TRP G 43 4.22 24.52 -23.28
CA TRP G 43 5.26 23.53 -23.55
C TRP G 43 4.67 22.12 -23.65
N LEU G 44 3.75 21.78 -22.75
CA LEU G 44 3.19 20.42 -22.75
C LEU G 44 2.44 20.13 -24.04
N SER G 45 1.71 21.13 -24.55
CA SER G 45 0.92 20.90 -25.76
C SER G 45 1.79 20.63 -26.97
N THR G 46 3.10 20.89 -26.88
CA THR G 46 3.98 20.61 -28.00
C THR G 46 4.14 19.11 -28.24
N TRP G 47 4.28 18.33 -27.17
CA TRP G 47 4.59 16.92 -27.30
C TRP G 47 3.56 15.97 -26.73
N ILE G 48 2.59 16.45 -25.95
CA ILE G 48 1.50 15.58 -25.52
C ILE G 48 0.72 15.02 -26.70
N PRO G 49 0.33 15.82 -27.70
CA PRO G 49 -0.39 15.25 -28.85
C PRO G 49 0.38 14.15 -29.56
N ILE G 50 1.70 14.27 -29.69
CA ILE G 50 2.47 13.20 -30.33
C ILE G 50 2.45 11.94 -29.49
N GLY G 51 2.54 12.10 -28.16
CA GLY G 51 2.44 10.95 -27.28
C GLY G 51 1.10 10.24 -27.38
N CYS G 52 0.02 11.00 -27.62
CA CYS G 52 -1.29 10.39 -27.77
C CYS G 52 -1.35 9.51 -29.02
N ALA G 53 -0.72 9.93 -30.11
CA ALA G 53 -0.70 9.11 -31.31
C ALA G 53 0.09 7.83 -31.09
N ILE G 54 1.15 7.89 -30.29
CA ILE G 54 1.94 6.68 -30.00
C ILE G 54 1.09 5.66 -29.27
N ALA G 55 0.30 6.11 -28.29
CA ALA G 55 -0.52 5.18 -27.51
C ALA G 55 -1.54 4.47 -28.39
N ILE G 56 -2.16 5.20 -29.32
CA ILE G 56 -3.14 4.58 -30.22
C ILE G 56 -2.49 3.49 -31.05
N MET G 57 -1.30 3.77 -31.59
CA MET G 57 -0.60 2.77 -32.39
C MET G 57 -0.19 1.57 -31.56
N VAL G 58 0.34 1.80 -30.36
CA VAL G 58 0.79 0.70 -29.52
C VAL G 58 -0.38 -0.10 -28.98
N SER G 59 -1.46 0.58 -28.57
CA SER G 59 -2.62 -0.12 -28.04
C SER G 59 -3.25 -1.02 -29.09
N CYS G 60 -3.35 -0.54 -30.33
CA CYS G 60 -3.89 -1.36 -31.40
C CYS G 60 -3.02 -2.57 -31.67
N PHE G 61 -1.70 -2.42 -31.54
CA PHE G 61 -0.80 -3.55 -31.70
C PHE G 61 -1.03 -4.60 -30.63
N MET G 62 -1.18 -4.18 -29.37
CA MET G 62 -1.42 -5.13 -28.28
C MET G 62 -2.74 -5.86 -28.48
N TRP G 63 -3.76 -5.16 -28.96
CA TRP G 63 -5.05 -5.78 -29.23
C TRP G 63 -4.92 -6.86 -30.30
N MET G 64 -4.14 -6.59 -31.35
CA MET G 64 -3.93 -7.60 -32.39
C MET G 64 -3.30 -8.86 -31.83
N LEU G 65 -2.46 -8.73 -30.79
CA LEU G 65 -1.75 -9.86 -30.21
C LEU G 65 -2.57 -10.58 -29.14
N HIS G 66 -3.79 -10.13 -28.88
CA HIS G 66 -4.65 -10.79 -27.89
C HIS G 66 -4.09 -10.62 -26.48
N VAL G 67 -3.56 -9.44 -26.19
CA VAL G 67 -2.98 -9.15 -24.89
C VAL G 67 -3.93 -8.35 -24.02
N ILE G 68 -4.73 -7.46 -24.59
CA ILE G 68 -5.65 -6.62 -23.83
C ILE G 68 -7.01 -6.69 -24.48
N PRO G 69 -8.07 -6.41 -23.73
CA PRO G 69 -9.42 -6.44 -24.30
C PRO G 69 -9.65 -5.22 -25.18
N ALA G 70 -10.82 -5.21 -25.83
CA ALA G 70 -11.18 -4.14 -26.74
C ALA G 70 -11.81 -2.95 -26.04
N SER G 71 -11.96 -2.99 -24.73
CA SER G 71 -12.50 -1.85 -24.00
C SER G 71 -11.55 -0.67 -23.95
N PHE G 72 -10.41 -0.71 -24.64
CA PHE G 72 -9.53 0.44 -24.69
C PHE G 72 -9.98 1.48 -25.70
N ILE G 73 -10.78 1.08 -26.69
CA ILE G 73 -11.21 2.04 -27.73
C ILE G 73 -12.02 3.16 -27.13
N PRO G 74 -13.06 2.92 -26.33
CA PRO G 74 -13.79 4.05 -25.74
C PRO G 74 -12.94 4.93 -24.83
N ARG G 75 -11.93 4.35 -24.18
CA ARG G 75 -11.06 5.16 -23.33
C ARG G 75 -10.30 6.22 -24.13
N ILE G 76 -9.81 5.87 -25.31
CA ILE G 76 -9.03 6.83 -26.09
C ILE G 76 -9.88 8.01 -26.51
N VAL G 77 -11.12 7.76 -26.94
CA VAL G 77 -12.00 8.84 -27.35
C VAL G 77 -12.32 9.75 -26.16
N ILE G 78 -12.63 9.17 -25.01
CA ILE G 78 -12.99 9.96 -23.85
C ILE G 78 -11.79 10.77 -23.36
N SER G 79 -10.60 10.17 -23.35
CA SER G 79 -9.41 10.91 -22.94
C SER G 79 -9.12 12.07 -23.87
N LEU G 80 -9.30 11.88 -25.18
CA LEU G 80 -9.06 12.97 -26.13
C LEU G 80 -10.07 14.10 -25.93
N ILE G 81 -11.30 13.77 -25.55
CA ILE G 81 -12.28 14.81 -25.24
C ILE G 81 -11.82 15.63 -24.05
N GLY G 82 -11.31 14.96 -23.01
CA GLY G 82 -10.86 15.67 -21.82
C GLY G 82 -9.67 16.55 -22.07
N ILE G 83 -8.71 16.08 -22.86
CA ILE G 83 -7.51 16.85 -23.13
C ILE G 83 -7.82 18.16 -23.86
N GLY G 84 -8.70 18.09 -24.86
CA GLY G 84 -9.01 19.29 -25.63
C GLY G 84 -9.95 20.24 -24.93
N SER G 85 -10.67 19.75 -23.91
CA SER G 85 -11.64 20.56 -23.19
C SER G 85 -11.17 20.96 -21.80
N ALA G 86 -9.88 20.85 -21.52
CA ALA G 86 -9.38 21.13 -20.18
C ALA G 86 -9.66 22.56 -19.76
N SER G 87 -9.31 23.53 -20.60
CA SER G 87 -9.50 24.93 -20.25
C SER G 87 -10.98 25.28 -20.15
N TYR G 88 -11.80 24.77 -21.07
CA TYR G 88 -13.22 25.08 -21.04
C TYR G 88 -13.89 24.50 -19.80
N LEU G 89 -13.50 23.28 -19.42
CA LEU G 89 -14.13 22.63 -18.27
C LEU G 89 -13.84 23.38 -16.98
N VAL G 90 -12.62 23.90 -16.82
CA VAL G 90 -12.27 24.60 -15.59
C VAL G 90 -13.13 25.85 -15.41
N SER G 91 -13.28 26.65 -16.47
CA SER G 91 -14.06 27.88 -16.36
C SER G 91 -15.55 27.58 -16.29
N LEU G 92 -15.98 26.41 -16.78
CA LEU G 92 -17.38 26.05 -16.70
C LEU G 92 -17.86 25.95 -15.26
N THR G 93 -16.95 25.65 -14.33
CA THR G 93 -17.28 25.56 -12.92
C THR G 93 -17.10 26.88 -12.17
N GLY G 94 -16.73 27.96 -12.86
CA GLY G 94 -16.58 29.25 -12.25
C GLY G 94 -15.20 29.57 -11.71
N VAL G 95 -14.28 28.62 -11.74
CA VAL G 95 -12.93 28.86 -11.25
C VAL G 95 -12.15 29.69 -12.26
N GLY G 96 -11.42 30.69 -11.77
CA GLY G 96 -10.58 31.49 -12.62
C GLY G 96 -11.31 32.23 -13.72
N SER G 97 -12.15 33.20 -13.34
CA SER G 97 -12.87 34.01 -14.31
C SER G 97 -12.90 35.47 -13.89
N ALA H 28 0.01 54.59 15.16
CA ALA H 28 1.22 55.28 14.75
C ALA H 28 1.73 54.75 13.41
N GLY H 29 1.12 53.66 12.96
CA GLY H 29 1.51 53.05 11.69
C GLY H 29 0.32 52.70 10.84
N THR H 30 0.47 51.69 9.99
CA THR H 30 -0.59 51.21 9.12
C THR H 30 -0.86 49.74 9.38
N ASP H 31 -2.13 49.37 9.39
CA ASP H 31 -2.54 47.99 9.60
C ASP H 31 -2.44 47.25 8.26
N THR H 32 -1.50 46.31 8.17
CA THR H 32 -1.29 45.53 6.96
C THR H 32 -1.62 44.06 7.19
N GLY H 33 -2.62 43.80 8.01
CA GLY H 33 -3.04 42.44 8.27
C GLY H 33 -4.12 41.98 7.31
N GLU H 34 -5.19 42.74 7.20
CA GLU H 34 -6.26 42.38 6.28
C GLU H 34 -5.82 42.56 4.83
N SER H 35 -5.11 43.65 4.53
CA SER H 35 -4.68 43.91 3.16
C SER H 35 -3.71 42.86 2.67
N THR H 36 -2.75 42.45 3.51
CA THR H 36 -1.78 41.44 3.09
C THR H 36 -2.46 40.12 2.80
N ALA H 37 -3.42 39.71 3.63
CA ALA H 37 -4.14 38.48 3.38
C ALA H 37 -4.96 38.56 2.10
N THR H 38 -5.60 39.70 1.85
CA THR H 38 -6.37 39.86 0.63
C THR H 38 -5.46 39.84 -0.60
N SER H 39 -4.30 40.49 -0.51
CA SER H 39 -3.39 40.54 -1.64
C SER H 39 -2.89 39.14 -2.00
N ILE H 40 -2.59 38.32 -0.99
CA ILE H 40 -2.13 36.96 -1.25
C ILE H 40 -3.23 36.14 -1.91
N GLN H 41 -4.47 36.31 -1.46
CA GLN H 41 -5.58 35.59 -2.07
C GLN H 41 -5.76 35.98 -3.52
N THR H 42 -5.66 37.27 -3.84
CA THR H 42 -5.83 37.72 -5.21
C THR H 42 -4.70 37.20 -6.10
N TRP H 43 -3.49 37.15 -5.59
CA TRP H 43 -2.36 36.66 -6.39
C TRP H 43 -2.53 35.20 -6.77
N LEU H 44 -2.96 34.37 -5.81
CA LEU H 44 -3.08 32.94 -6.09
C LEU H 44 -4.11 32.67 -7.17
N SER H 45 -5.22 33.42 -7.17
CA SER H 45 -6.27 33.18 -8.14
C SER H 45 -5.82 33.49 -9.56
N THR H 46 -4.68 34.18 -9.72
CA THR H 46 -4.19 34.47 -11.05
C THR H 46 -3.70 33.22 -11.78
N TRP H 47 -3.01 32.34 -11.06
CA TRP H 47 -2.37 31.19 -11.70
C TRP H 47 -2.84 29.83 -11.20
N ILE H 48 -3.59 29.76 -10.10
CA ILE H 48 -4.18 28.48 -9.69
C ILE H 48 -5.12 27.94 -10.76
N PRO H 49 -6.03 28.73 -11.34
CA PRO H 49 -6.89 28.19 -12.38
C PRO H 49 -6.14 27.60 -13.56
N ILE H 50 -5.03 28.22 -13.99
CA ILE H 50 -4.26 27.66 -15.09
C ILE H 50 -3.62 26.33 -14.68
N GLY H 51 -3.16 26.24 -13.44
CA GLY H 51 -2.62 24.98 -12.97
C GLY H 51 -3.66 23.87 -12.92
N CYS H 52 -4.92 24.22 -12.66
CA CYS H 52 -5.99 23.22 -12.67
C CYS H 52 -6.21 22.65 -14.06
N ALA H 53 -6.13 23.48 -15.08
CA ALA H 53 -6.28 23.00 -16.45
C ALA H 53 -5.14 22.07 -16.83
N ILE H 54 -3.93 22.34 -16.35
CA ILE H 54 -2.80 21.47 -16.65
C ILE H 54 -3.02 20.08 -16.07
N ALA H 55 -3.52 20.00 -14.84
CA ALA H 55 -3.74 18.70 -14.20
C ALA H 55 -4.75 17.87 -14.97
N ILE H 56 -5.83 18.50 -15.45
CA ILE H 56 -6.84 17.78 -16.21
C ILE H 56 -6.23 17.18 -17.47
N MET H 57 -5.42 17.98 -18.18
CA MET H 57 -4.78 17.48 -19.40
C MET H 57 -3.79 16.36 -19.11
N VAL H 58 -2.98 16.52 -18.06
CA VAL H 58 -1.97 15.51 -17.74
C VAL H 58 -2.63 14.25 -17.19
N SER H 59 -3.65 14.41 -16.35
CA SER H 59 -4.32 13.24 -15.78
C SER H 59 -4.99 12.41 -16.86
N CYS H 60 -5.62 13.06 -17.83
CA CYS H 60 -6.25 12.34 -18.93
C CYS H 60 -5.21 11.59 -19.76
N PHE H 61 -4.03 12.19 -19.93
CA PHE H 61 -2.94 11.51 -20.65
C PHE H 61 -2.50 10.26 -19.92
N MET H 62 -2.33 10.34 -18.60
CA MET H 62 -1.91 9.16 -17.83
C MET H 62 -2.96 8.05 -17.90
N TRP H 63 -4.24 8.43 -17.88
CA TRP H 63 -5.31 7.45 -17.99
C TRP H 63 -5.26 6.73 -19.35
N MET H 64 -4.98 7.47 -20.42
CA MET H 64 -4.85 6.85 -21.74
C MET H 64 -3.74 5.81 -21.77
N LEU H 65 -2.69 6.02 -20.98
CA LEU H 65 -1.54 5.13 -20.96
C LEU H 65 -1.71 3.96 -20.01
N HIS H 66 -2.85 3.86 -19.31
CA HIS H 66 -3.11 2.77 -18.39
C HIS H 66 -2.18 2.83 -17.19
N VAL H 67 -1.93 4.04 -16.69
CA VAL H 67 -1.05 4.24 -15.55
C VAL H 67 -1.84 4.45 -14.26
N ILE H 68 -3.00 5.09 -14.33
CA ILE H 68 -3.80 5.37 -13.14
C ILE H 68 -5.23 4.95 -13.42
N PRO H 69 -6.01 4.66 -12.38
CA PRO H 69 -7.40 4.28 -12.58
C PRO H 69 -8.25 5.48 -12.95
N ALA H 70 -9.52 5.19 -13.27
CA ALA H 70 -10.46 6.22 -13.69
C ALA H 70 -11.11 6.95 -12.53
N SER H 71 -10.79 6.58 -11.29
CA SER H 71 -11.37 7.27 -10.14
C SER H 71 -10.83 8.68 -9.97
N PHE H 72 -10.02 9.19 -10.90
CA PHE H 72 -9.56 10.57 -10.81
C PHE H 72 -10.60 11.56 -11.32
N ILE H 73 -11.54 11.11 -12.15
CA ILE H 73 -12.54 12.03 -12.70
C ILE H 73 -13.39 12.65 -11.60
N PRO H 74 -13.98 11.88 -10.68
CA PRO H 74 -14.76 12.53 -9.61
C PRO H 74 -13.94 13.45 -8.73
N ARG H 75 -12.64 13.16 -8.55
CA ARG H 75 -11.80 14.04 -7.75
C ARG H 75 -11.69 15.43 -8.33
N ILE H 76 -11.55 15.54 -9.66
CA ILE H 76 -11.37 16.84 -10.27
C ILE H 76 -12.63 17.70 -10.09
N VAL H 77 -13.81 17.11 -10.26
CA VAL H 77 -15.04 17.88 -10.08
C VAL H 77 -15.18 18.34 -8.63
N ILE H 78 -14.91 17.46 -7.68
CA ILE H 78 -15.06 17.82 -6.27
C ILE H 78 -14.05 18.87 -5.87
N SER H 79 -12.81 18.77 -6.35
CA SER H 79 -11.81 19.77 -6.04
C SER H 79 -12.18 21.13 -6.62
N LEU H 80 -12.73 21.16 -7.83
CA LEU H 80 -13.15 22.43 -8.43
C LEU H 80 -14.29 23.05 -7.64
N ILE H 81 -15.18 22.24 -7.09
CA ILE H 81 -16.26 22.76 -6.25
C ILE H 81 -15.67 23.43 -5.01
N GLY H 82 -14.67 22.80 -4.40
CA GLY H 82 -14.08 23.36 -3.19
C GLY H 82 -13.32 24.65 -3.45
N ILE H 83 -12.60 24.72 -4.57
CA ILE H 83 -11.82 25.92 -4.87
C ILE H 83 -12.72 27.12 -5.07
N GLY H 84 -13.83 26.96 -5.79
CA GLY H 84 -14.70 28.10 -6.06
C GLY H 84 -15.59 28.48 -4.89
N SER H 85 -15.75 27.58 -3.93
CA SER H 85 -16.61 27.81 -2.78
C SER H 85 -15.83 28.06 -1.49
N ALA H 86 -14.54 28.37 -1.58
CA ALA H 86 -13.73 28.52 -0.38
C ALA H 86 -14.23 29.64 0.51
N SER H 87 -14.47 30.82 -0.07
CA SER H 87 -14.93 31.95 0.73
C SER H 87 -16.32 31.72 1.31
N TYR H 88 -17.22 31.16 0.50
CA TYR H 88 -18.58 30.91 0.97
C TYR H 88 -18.60 29.89 2.10
N LEU H 89 -17.78 28.84 1.99
CA LEU H 89 -17.77 27.79 3.00
C LEU H 89 -17.29 28.31 4.35
N VAL H 90 -16.29 29.20 4.35
CA VAL H 90 -15.75 29.70 5.60
C VAL H 90 -16.81 30.50 6.37
N SER H 91 -17.53 31.39 5.67
CA SER H 91 -18.54 32.20 6.34
C SER H 91 -19.77 31.37 6.69
N LEU H 92 -19.98 30.27 5.99
CA LEU H 92 -21.13 29.41 6.30
C LEU H 92 -21.04 28.85 7.71
N THR H 93 -19.83 28.72 8.25
CA THR H 93 -19.63 28.23 9.60
C THR H 93 -19.58 29.34 10.65
N GLY H 94 -19.78 30.59 10.25
CA GLY H 94 -19.81 31.70 11.17
C GLY H 94 -18.48 32.37 11.41
N VAL H 95 -17.39 31.85 10.86
CA VAL H 95 -16.08 32.45 11.06
C VAL H 95 -15.95 33.70 10.19
N GLY H 96 -15.41 34.76 10.76
CA GLY H 96 -15.17 35.98 10.02
C GLY H 96 -16.41 36.60 9.42
N SER H 97 -17.30 37.11 10.26
CA SER H 97 -18.50 37.79 9.79
C SER H 97 -18.79 39.02 10.64
N ALA I 28 -2.77 55.14 39.95
CA ALA I 28 -2.02 56.29 39.48
C ALA I 28 -1.87 56.25 37.97
N GLY I 29 -2.25 55.14 37.37
CA GLY I 29 -2.16 54.99 35.93
C GLY I 29 -3.42 54.41 35.32
N THR I 30 -3.27 53.70 34.20
CA THR I 30 -4.39 53.07 33.52
C THR I 30 -4.13 51.59 33.38
N ASP I 31 -5.18 50.79 33.59
CA ASP I 31 -5.08 49.33 33.46
C ASP I 31 -5.23 48.97 32.00
N THR I 32 -4.16 48.48 31.38
CA THR I 32 -4.16 48.10 29.98
C THR I 32 -3.96 46.59 29.83
N GLY I 33 -4.51 45.82 30.75
CA GLY I 33 -4.42 44.38 30.68
C GLY I 33 -5.57 43.76 29.93
N GLU I 34 -6.80 44.10 30.32
CA GLU I 34 -7.97 43.57 29.62
C GLU I 34 -8.12 44.19 28.25
N SER I 35 -7.88 45.50 28.13
CA SER I 35 -8.03 46.17 26.84
C SER I 35 -7.03 45.66 25.82
N THR I 36 -5.77 45.47 26.24
CA THR I 36 -4.75 44.98 25.31
C THR I 36 -5.09 43.58 24.79
N ALA I 37 -5.56 42.71 25.68
CA ALA I 37 -5.94 41.37 25.25
C ALA I 37 -7.13 41.41 24.30
N THR I 38 -8.11 42.26 24.58
CA THR I 38 -9.26 42.38 23.69
C THR I 38 -8.86 42.95 22.33
N SER I 39 -7.97 43.94 22.33
CA SER I 39 -7.53 44.54 21.07
C SER I 39 -6.81 43.52 20.19
N ILE I 40 -5.98 42.68 20.80
CA ILE I 40 -5.26 41.66 20.03
C ILE I 40 -6.25 40.65 19.46
N GLN I 41 -7.26 40.27 20.23
CA GLN I 41 -8.26 39.34 19.73
C GLN I 41 -9.02 39.92 18.54
N THR I 42 -9.40 41.20 18.63
CA THR I 42 -10.14 41.83 17.54
C THR I 42 -9.29 41.94 16.29
N TRP I 43 -8.00 42.23 16.44
CA TRP I 43 -7.13 42.36 15.28
C TRP I 43 -7.00 41.04 14.52
N LEU I 44 -6.82 39.93 15.25
CA LEU I 44 -6.62 38.65 14.59
C LEU I 44 -7.84 38.26 13.77
N SER I 45 -9.04 38.52 14.28
CA SER I 45 -10.25 38.13 13.58
C SER I 45 -10.40 38.87 12.25
N THR I 46 -9.63 39.93 12.03
CA THR I 46 -9.72 40.65 10.77
C THR I 46 -9.17 39.83 9.61
N TRP I 47 -8.06 39.14 9.82
CA TRP I 47 -7.38 38.46 8.73
C TRP I 47 -7.26 36.94 8.89
N ILE I 48 -7.54 36.39 10.07
CA ILE I 48 -7.57 34.93 10.21
C ILE I 48 -8.62 34.32 9.29
N PRO I 49 -9.85 34.82 9.23
CA PRO I 49 -10.84 34.23 8.31
C PRO I 49 -10.39 34.21 6.86
N ILE I 50 -9.71 35.25 6.39
CA ILE I 50 -9.23 35.25 5.01
C ILE I 50 -8.15 34.20 4.81
N GLY I 51 -7.28 34.02 5.81
CA GLY I 51 -6.29 32.96 5.73
C GLY I 51 -6.90 31.58 5.69
N CYS I 52 -8.04 31.39 6.36
CA CYS I 52 -8.72 30.10 6.32
C CYS I 52 -9.22 29.78 4.92
N ALA I 53 -9.73 30.78 4.21
CA ALA I 53 -10.20 30.55 2.84
C ALA I 53 -9.04 30.19 1.92
N ILE I 54 -7.86 30.78 2.15
CA ILE I 54 -6.70 30.46 1.32
C ILE I 54 -6.31 29.00 1.49
N ALA I 55 -6.33 28.50 2.72
CA ALA I 55 -5.95 27.10 2.96
C ALA I 55 -6.89 26.13 2.25
N ILE I 56 -8.19 26.42 2.27
CA ILE I 56 -9.15 25.55 1.60
C ILE I 56 -8.85 25.49 0.11
N MET I 57 -8.60 26.64 -0.50
CA MET I 57 -8.29 26.68 -1.93
C MET I 57 -6.99 25.96 -2.25
N VAL I 58 -5.95 26.18 -1.44
CA VAL I 58 -4.66 25.56 -1.71
C VAL I 58 -4.71 24.06 -1.43
N SER I 59 -5.38 23.66 -0.34
CA SER I 59 -5.46 22.24 -0.01
C SER I 59 -6.20 21.46 -1.09
N CYS I 60 -7.28 22.04 -1.63
CA CYS I 60 -8.01 21.37 -2.70
C CYS I 60 -7.15 21.24 -3.95
N PHE I 61 -6.30 22.24 -4.21
CA PHE I 61 -5.38 22.16 -5.35
C PHE I 61 -4.39 21.03 -5.18
N MET I 62 -3.81 20.89 -3.99
CA MET I 62 -2.85 19.81 -3.74
C MET I 62 -3.50 18.45 -3.87
N TRP I 63 -4.75 18.33 -3.42
CA TRP I 63 -5.48 17.07 -3.57
C TRP I 63 -5.68 16.71 -5.03
N MET I 64 -5.99 17.71 -5.87
CA MET I 64 -6.15 17.45 -7.29
C MET I 64 -4.87 16.92 -7.92
N LEU I 65 -3.72 17.32 -7.40
CA LEU I 65 -2.43 16.93 -7.93
C LEU I 65 -1.93 15.61 -7.37
N HIS I 66 -2.70 14.97 -6.48
CA HIS I 66 -2.31 13.68 -5.90
C HIS I 66 -1.09 13.84 -5.01
N VAL I 67 -1.03 14.92 -4.25
CA VAL I 67 0.08 15.19 -3.35
C VAL I 67 -0.26 14.83 -1.91
N ILE I 68 -1.50 15.01 -1.49
CA ILE I 68 -1.89 14.73 -0.11
C ILE I 68 -3.16 13.89 -0.14
N PRO I 69 -3.42 13.13 0.92
CA PRO I 69 -4.64 12.32 0.97
C PRO I 69 -5.86 13.19 1.20
N ALA I 70 -7.02 12.53 1.15
CA ALA I 70 -8.29 13.22 1.30
C ALA I 70 -8.70 13.40 2.76
N SER I 71 -7.90 12.93 3.70
CA SER I 71 -8.22 13.12 5.11
C SER I 71 -8.08 14.56 5.56
N PHE I 72 -7.81 15.51 4.66
CA PHE I 72 -7.75 16.91 5.04
C PHE I 72 -9.13 17.54 5.15
N ILE I 73 -10.13 16.97 4.47
CA ILE I 73 -11.48 17.55 4.50
C ILE I 73 -12.04 17.58 5.91
N PRO I 74 -12.05 16.48 6.67
CA PRO I 74 -12.57 16.57 8.05
C PRO I 74 -11.79 17.53 8.93
N ARG I 75 -10.48 17.69 8.69
CA ARG I 75 -9.70 18.63 9.48
C ARG I 75 -10.20 20.06 9.34
N ILE I 76 -10.54 20.47 8.12
CA ILE I 76 -10.97 21.85 7.90
C ILE I 76 -12.26 22.15 8.65
N VAL I 77 -13.22 21.21 8.62
CA VAL I 77 -14.48 21.43 9.32
C VAL I 77 -14.25 21.51 10.81
N ILE I 78 -13.43 20.60 11.36
CA ILE I 78 -13.20 20.59 12.81
C ILE I 78 -12.46 21.84 13.24
N SER I 79 -11.47 22.28 12.46
CA SER I 79 -10.75 23.50 12.80
C SER I 79 -11.66 24.72 12.78
N LEU I 80 -12.57 24.80 11.80
CA LEU I 80 -13.50 25.92 11.75
C LEU I 80 -14.44 25.92 12.95
N ILE I 81 -14.83 24.74 13.43
CA ILE I 81 -15.66 24.66 14.63
C ILE I 81 -14.90 25.22 15.82
N GLY I 82 -13.62 24.88 15.94
CA GLY I 82 -12.84 25.37 17.08
C GLY I 82 -12.61 26.87 17.05
N ILE I 83 -12.36 27.42 15.86
CA ILE I 83 -12.10 28.84 15.75
C ILE I 83 -13.31 29.66 16.17
N GLY I 84 -14.51 29.26 15.72
CA GLY I 84 -15.70 30.04 16.04
C GLY I 84 -16.20 29.82 17.46
N SER I 85 -15.77 28.75 18.11
CA SER I 85 -16.22 28.41 19.45
C SER I 85 -15.16 28.66 20.51
N ALA I 86 -14.12 29.44 20.20
CA ALA I 86 -13.02 29.62 21.14
C ALA I 86 -13.50 30.27 22.43
N SER I 87 -14.23 31.38 22.32
CA SER I 87 -14.69 32.08 23.51
C SER I 87 -15.69 31.24 24.32
N TYR I 88 -16.61 30.58 23.63
CA TYR I 88 -17.60 29.76 24.33
C TYR I 88 -16.94 28.59 25.07
N LEU I 89 -15.96 27.97 24.44
CA LEU I 89 -15.31 26.80 25.05
C LEU I 89 -14.58 27.18 26.32
N VAL I 90 -13.93 28.34 26.34
CA VAL I 90 -13.16 28.74 27.52
C VAL I 90 -14.08 28.93 28.72
N SER I 91 -15.21 29.62 28.53
CA SER I 91 -16.11 29.85 29.65
C SER I 91 -16.88 28.59 30.03
N LEU I 92 -16.99 27.64 29.10
CA LEU I 92 -17.67 26.39 29.40
C LEU I 92 -16.96 25.62 30.51
N THR I 93 -15.66 25.84 30.66
CA THR I 93 -14.87 25.18 31.70
C THR I 93 -14.80 25.99 32.99
N GLY I 94 -15.47 27.15 33.05
CA GLY I 94 -15.50 27.96 34.25
C GLY I 94 -14.41 29.00 34.35
N VAL I 95 -13.47 29.03 33.42
CA VAL I 95 -12.39 30.02 33.45
C VAL I 95 -12.91 31.37 32.99
N GLY I 96 -12.54 32.41 33.72
CA GLY I 96 -12.91 33.76 33.34
C GLY I 96 -14.41 34.00 33.29
N SER I 97 -15.06 33.97 34.44
CA SER I 97 -16.49 34.25 34.52
C SER I 97 -16.81 35.09 35.75
N ALA J 28 2.90 49.54 63.62
CA ALA J 28 3.10 50.96 63.36
C ALA J 28 2.74 51.30 61.92
N GLY J 29 2.51 50.27 61.12
CA GLY J 29 2.15 50.46 59.72
C GLY J 29 0.97 49.60 59.31
N THR J 30 0.92 49.24 58.02
CA THR J 30 -0.14 48.41 57.49
C THR J 30 0.47 47.17 56.84
N ASP J 31 -0.17 46.03 57.05
CA ASP J 31 0.27 44.77 56.46
C ASP J 31 -0.26 44.68 55.04
N THR J 32 0.64 44.75 54.06
CA THR J 32 0.27 44.69 52.65
C THR J 32 0.82 43.42 52.00
N GLY J 33 0.85 42.33 52.76
CA GLY J 33 1.32 41.06 52.22
C GLY J 33 0.20 40.24 51.63
N GLU J 34 -0.86 40.03 52.41
CA GLU J 34 -2.00 39.26 51.89
C GLU J 34 -2.77 40.06 50.84
N SER J 35 -2.96 41.36 51.07
CA SER J 35 -3.72 42.18 50.14
C SER J 35 -3.01 42.28 48.79
N THR J 36 -1.69 42.48 48.80
CA THR J 36 -0.96 42.59 47.55
C THR J 36 -1.04 41.31 46.74
N ALA J 37 -0.91 40.16 47.39
CA ALA J 37 -1.03 38.89 46.69
C ALA J 37 -2.42 38.69 46.12
N THR J 38 -3.46 39.06 46.89
CA THR J 38 -4.82 38.93 46.39
C THR J 38 -5.07 39.88 45.22
N SER J 39 -4.54 41.10 45.29
CA SER J 39 -4.75 42.06 44.22
C SER J 39 -4.11 41.57 42.92
N ILE J 40 -2.92 40.98 43.01
CA ILE J 40 -2.26 40.47 41.81
C ILE J 40 -3.05 39.31 41.22
N GLN J 41 -3.59 38.44 42.06
CA GLN J 41 -4.40 37.33 41.57
C GLN J 41 -5.64 37.84 40.85
N THR J 42 -6.31 38.84 41.41
CA THR J 42 -7.53 39.37 40.79
C THR J 42 -7.21 40.03 39.45
N TRP J 43 -6.08 40.73 39.36
CA TRP J 43 -5.72 41.40 38.12
C TRP J 43 -5.49 40.40 36.99
N LEU J 44 -4.78 39.31 37.28
CA LEU J 44 -4.46 38.35 36.23
C LEU J 44 -5.72 37.71 35.66
N SER J 45 -6.70 37.43 36.51
CA SER J 45 -7.92 36.78 36.04
C SER J 45 -8.70 37.66 35.09
N THR J 46 -8.38 38.96 35.02
CA THR J 46 -9.10 39.84 34.10
C THR J 46 -8.76 39.53 32.65
N TRP J 47 -7.49 39.25 32.35
CA TRP J 47 -7.05 39.11 30.97
C TRP J 47 -6.47 37.74 30.63
N ILE J 48 -6.16 36.89 31.62
CA ILE J 48 -5.74 35.52 31.29
C ILE J 48 -6.82 34.77 30.54
N PRO J 49 -8.09 34.80 30.94
CA PRO J 49 -9.12 34.09 30.16
C PRO J 49 -9.20 34.53 28.71
N ILE J 50 -9.04 35.83 28.41
CA ILE J 50 -9.07 36.28 27.03
C ILE J 50 -7.87 35.75 26.26
N GLY J 51 -6.71 35.70 26.91
CA GLY J 51 -5.55 35.11 26.27
C GLY J 51 -5.71 33.64 25.95
N CYS J 52 -6.46 32.92 26.80
CA CYS J 52 -6.72 31.51 26.53
C CYS J 52 -7.56 31.33 25.27
N ALA J 53 -8.54 32.19 25.06
CA ALA J 53 -9.35 32.10 23.84
C ALA J 53 -8.51 32.38 22.60
N ILE J 54 -7.54 33.29 22.70
CA ILE J 54 -6.68 33.59 21.56
C ILE J 54 -5.88 32.36 21.16
N ALA J 55 -5.34 31.65 22.15
CA ALA J 55 -4.52 30.48 21.85
C ALA J 55 -5.33 29.40 21.14
N ILE J 56 -6.58 29.18 21.56
CA ILE J 56 -7.42 28.18 20.91
C ILE J 56 -7.63 28.54 19.45
N MET J 57 -7.93 29.82 19.18
CA MET J 57 -8.15 30.24 17.80
C MET J 57 -6.89 30.13 16.97
N VAL J 58 -5.74 30.54 17.52
CA VAL J 58 -4.49 30.49 16.76
C VAL J 58 -4.03 29.05 16.58
N SER J 59 -4.15 28.22 17.62
CA SER J 59 -3.72 26.83 17.51
C SER J 59 -4.52 26.08 16.47
N CYS J 60 -5.84 26.32 16.41
CA CYS J 60 -6.67 25.67 15.40
C CYS J 60 -6.27 26.12 14.00
N PHE J 61 -5.89 27.39 13.86
CA PHE J 61 -5.42 27.88 12.56
C PHE J 61 -4.14 27.17 12.12
N MET J 62 -3.19 27.01 13.03
CA MET J 62 -1.94 26.33 12.70
C MET J 62 -2.19 24.88 12.32
N TRP J 63 -3.13 24.22 13.01
CA TRP J 63 -3.48 22.85 12.67
C TRP J 63 -4.05 22.76 11.26
N MET J 64 -4.89 23.70 10.88
CA MET J 64 -5.44 23.72 9.52
C MET J 64 -4.35 23.82 8.47
N LEU J 65 -3.25 24.50 8.79
CA LEU J 65 -2.16 24.71 7.85
C LEU J 65 -1.16 23.57 7.84
N HIS J 66 -1.37 22.54 8.65
CA HIS J 66 -0.47 21.38 8.69
C HIS J 66 0.90 21.78 9.26
N VAL J 67 0.89 22.63 10.28
CA VAL J 67 2.13 23.10 10.91
C VAL J 67 2.40 22.36 12.21
N ILE J 68 1.38 21.99 12.96
CA ILE J 68 1.56 21.30 14.24
C ILE J 68 0.65 20.09 14.27
N PRO J 69 0.98 19.09 15.07
CA PRO J 69 0.14 17.90 15.18
C PRO J 69 -1.13 18.20 15.96
N ALA J 70 -2.01 17.20 16.00
CA ALA J 70 -3.30 17.33 16.67
C ALA J 70 -3.22 17.05 18.16
N SER J 71 -2.05 16.72 18.69
CA SER J 71 -1.91 16.49 20.12
C SER J 71 -2.04 17.77 20.94
N PHE J 72 -2.36 18.90 20.33
CA PHE J 72 -2.58 20.12 21.10
C PHE J 72 -3.97 20.17 21.73
N ILE J 73 -4.93 19.43 21.18
CA ILE J 73 -6.29 19.47 21.72
C ILE J 73 -6.33 19.00 23.16
N PRO J 74 -5.78 17.85 23.54
CA PRO J 74 -5.81 17.45 24.96
C PRO J 74 -5.08 18.43 25.86
N ARG J 75 -4.04 19.10 25.36
CA ARG J 75 -3.32 20.07 26.18
C ARG J 75 -4.22 21.22 26.61
N ILE J 76 -5.05 21.73 25.71
CA ILE J 76 -5.90 22.87 26.04
C ILE J 76 -6.89 22.52 27.14
N VAL J 77 -7.50 21.33 27.05
CA VAL J 77 -8.46 20.93 28.08
C VAL J 77 -7.78 20.78 29.43
N ILE J 78 -6.61 20.13 29.45
CA ILE J 78 -5.90 19.91 30.71
C ILE J 78 -5.43 21.23 31.31
N SER J 79 -4.93 22.14 30.48
CA SER J 79 -4.52 23.45 30.99
C SER J 79 -5.69 24.23 31.56
N LEU J 80 -6.86 24.17 30.92
CA LEU J 80 -8.03 24.87 31.44
C LEU J 80 -8.47 24.28 32.77
N ILE J 81 -8.32 22.98 32.95
CA ILE J 81 -8.64 22.36 34.23
C ILE J 81 -7.72 22.90 35.33
N GLY J 82 -6.43 23.03 35.01
CA GLY J 82 -5.49 23.52 36.01
C GLY J 82 -5.70 24.97 36.38
N ILE J 83 -6.04 25.80 35.39
CA ILE J 83 -6.24 27.23 35.67
C ILE J 83 -7.42 27.44 36.60
N GLY J 84 -8.52 26.74 36.37
CA GLY J 84 -9.71 26.95 37.19
C GLY J 84 -9.64 26.29 38.55
N SER J 85 -8.72 25.33 38.71
CA SER J 85 -8.59 24.58 39.96
C SER J 85 -7.34 24.97 40.75
N ALA J 86 -6.73 26.12 40.43
CA ALA J 86 -5.47 26.49 41.08
C ALA J 86 -5.65 26.65 42.58
N SER J 87 -6.66 27.40 43.01
CA SER J 87 -6.88 27.65 44.44
C SER J 87 -7.25 26.36 45.16
N TYR J 88 -8.13 25.55 44.55
CA TYR J 88 -8.56 24.31 45.20
C TYR J 88 -7.39 23.34 45.36
N LEU J 89 -6.54 23.24 44.34
CA LEU J 89 -5.44 22.30 44.38
C LEU J 89 -4.45 22.65 45.49
N VAL J 90 -4.18 23.93 45.70
CA VAL J 90 -3.21 24.33 46.72
C VAL J 90 -3.69 23.92 48.10
N SER J 91 -4.95 24.19 48.42
CA SER J 91 -5.47 23.84 49.74
C SER J 91 -5.68 22.34 49.89
N LEU J 92 -5.82 21.63 48.78
CA LEU J 92 -5.97 20.18 48.84
C LEU J 92 -4.75 19.51 49.46
N THR J 93 -3.59 20.14 49.34
CA THR J 93 -2.34 19.62 49.91
C THR J 93 -2.07 20.12 51.31
N GLY J 94 -2.98 20.91 51.89
CA GLY J 94 -2.83 21.39 53.24
C GLY J 94 -2.11 22.73 53.38
N VAL J 95 -1.58 23.28 52.30
CA VAL J 95 -0.89 24.55 52.36
C VAL J 95 -1.89 25.68 52.49
N GLY J 96 -1.60 26.63 53.38
CA GLY J 96 -2.43 27.80 53.54
C GLY J 96 -3.86 27.49 53.93
N SER J 97 -4.06 26.98 55.14
CA SER J 97 -5.40 26.71 55.65
C SER J 97 -5.51 27.11 57.13
N ALA K 28 17.58 41.68 82.23
CA ALA K 28 17.27 43.10 82.37
C ALA K 28 16.36 43.57 81.24
N GLY K 29 16.17 42.71 80.24
CA GLY K 29 15.33 43.03 79.11
C GLY K 29 14.37 41.92 78.76
N THR K 30 13.99 41.84 77.49
CA THR K 30 13.09 40.80 77.01
C THR K 30 13.76 40.03 75.88
N ASP K 31 13.58 38.72 75.88
CA ASP K 31 14.13 37.85 74.85
C ASP K 31 13.20 37.87 73.64
N THR K 32 13.66 38.46 72.54
CA THR K 32 12.88 38.56 71.31
C THR K 32 13.51 37.73 70.20
N GLY K 33 14.09 36.60 70.55
CA GLY K 33 14.69 35.73 69.56
C GLY K 33 13.72 34.69 69.04
N GLU K 34 13.08 33.96 69.96
CA GLU K 34 12.10 32.96 69.54
C GLU K 34 10.83 33.61 69.00
N SER K 35 10.38 34.69 69.66
CA SER K 35 9.15 35.35 69.24
C SER K 35 9.30 35.97 67.86
N THR K 36 10.43 36.62 67.60
CA THR K 36 10.64 37.25 66.30
C THR K 36 10.65 36.22 65.18
N ALA K 37 11.31 35.08 65.41
CA ALA K 37 11.33 34.03 64.40
C ALA K 37 9.94 33.47 64.17
N THR K 38 9.17 33.27 65.24
CA THR K 38 7.80 32.76 65.07
C THR K 38 6.92 33.77 64.36
N SER K 39 7.07 35.05 64.67
CA SER K 39 6.25 36.08 64.02
C SER K 39 6.52 36.13 62.52
N ILE K 40 7.79 36.00 62.13
CA ILE K 40 8.14 36.02 60.70
C ILE K 40 7.55 34.80 60.00
N GLN K 41 7.59 33.64 60.65
CA GLN K 41 7.00 32.44 60.06
C GLN K 41 5.51 32.60 59.86
N THR K 42 4.81 33.15 60.85
CA THR K 42 3.36 33.33 60.73
C THR K 42 3.01 34.32 59.64
N TRP K 43 3.80 35.38 59.49
CA TRP K 43 3.51 36.37 58.45
C TRP K 43 3.63 35.78 57.07
N LEU K 44 4.67 34.99 56.81
CA LEU K 44 4.87 34.44 55.48
C LEU K 44 3.71 33.52 55.07
N SER K 45 3.20 32.74 56.01
CA SER K 45 2.14 31.80 55.68
C SER K 45 0.86 32.51 55.28
N THR K 46 0.77 33.82 55.52
CA THR K 46 -0.43 34.55 55.13
C THR K 46 -0.54 34.69 53.61
N TRP K 47 0.58 34.96 52.94
CA TRP K 47 0.55 35.26 51.52
C TRP K 47 1.34 34.30 50.64
N ILE K 48 2.18 33.44 51.21
CA ILE K 48 2.84 32.42 50.40
C ILE K 48 1.82 31.50 49.74
N PRO K 49 0.82 30.98 50.43
CA PRO K 49 -0.18 30.13 49.75
C PRO K 49 -0.86 30.79 48.58
N ILE K 50 -1.17 32.09 48.67
CA ILE K 50 -1.79 32.77 47.54
C ILE K 50 -0.83 32.87 46.37
N GLY K 51 0.45 33.12 46.66
CA GLY K 51 1.45 33.13 45.60
C GLY K 51 1.60 31.79 44.91
N CYS K 52 1.41 30.69 45.65
CA CYS K 52 1.48 29.37 45.05
C CYS K 52 0.37 29.16 44.04
N ALA K 53 -0.84 29.65 44.34
CA ALA K 53 -1.95 29.52 43.40
C ALA K 53 -1.70 30.32 42.13
N ILE K 54 -1.04 31.48 42.27
CA ILE K 54 -0.75 32.30 41.10
C ILE K 54 0.19 31.55 40.15
N ALA K 55 1.21 30.90 40.71
CA ALA K 55 2.17 30.18 39.87
C ALA K 55 1.50 29.06 39.09
N ILE K 56 0.59 28.32 39.73
CA ILE K 56 -0.10 27.24 39.04
C ILE K 56 -0.89 27.79 37.86
N MET K 57 -1.61 28.89 38.07
CA MET K 57 -2.38 29.49 36.99
C MET K 57 -1.49 30.01 35.87
N VAL K 58 -0.40 30.68 36.21
CA VAL K 58 0.48 31.24 35.19
C VAL K 58 1.24 30.14 34.47
N SER K 59 1.72 29.13 35.20
CA SER K 59 2.46 28.05 34.57
C SER K 59 1.59 27.28 33.58
N CYS K 60 0.32 27.04 33.93
CA CYS K 60 -0.58 26.35 33.02
C CYS K 60 -0.82 27.20 31.77
N PHE K 61 -0.88 28.51 31.92
CA PHE K 61 -1.04 29.39 30.77
C PHE K 61 0.15 29.30 29.83
N MET K 62 1.37 29.31 30.39
CA MET K 62 2.57 29.21 29.54
C MET K 62 2.62 27.88 28.82
N TRP K 63 2.21 26.81 29.49
CA TRP K 63 2.16 25.49 28.85
C TRP K 63 1.19 25.49 27.66
N MET K 64 0.04 26.14 27.81
CA MET K 64 -0.92 26.22 26.71
C MET K 64 -0.32 26.92 25.50
N LEU K 65 0.59 27.86 25.72
CA LEU K 65 1.19 28.64 24.66
C LEU K 65 2.41 27.97 24.05
N HIS K 66 2.79 26.79 24.53
CA HIS K 66 3.93 26.07 24.00
C HIS K 66 5.24 26.79 24.29
N VAL K 67 5.34 27.36 25.50
CA VAL K 67 6.52 28.10 25.91
C VAL K 67 7.43 27.26 26.81
N ILE K 68 6.85 26.40 27.64
CA ILE K 68 7.65 25.59 28.56
C ILE K 68 7.18 24.15 28.44
N PRO K 69 8.03 23.19 28.80
CA PRO K 69 7.64 21.78 28.74
C PRO K 69 6.68 21.44 29.86
N ALA K 70 6.18 20.20 29.82
CA ALA K 70 5.22 19.73 30.79
C ALA K 70 5.87 19.19 32.06
N SER K 71 7.19 19.21 32.15
CA SER K 71 7.86 18.75 33.36
C SER K 71 7.67 19.70 34.53
N PHE K 72 6.84 20.74 34.41
CA PHE K 72 6.57 21.62 35.54
C PHE K 72 5.53 21.03 36.48
N ILE K 73 4.68 20.13 35.99
CA ILE K 73 3.63 19.56 36.84
C ILE K 73 4.21 18.82 38.03
N PRO K 74 5.15 17.89 37.88
CA PRO K 74 5.72 17.24 39.07
C PRO K 74 6.40 18.20 40.02
N ARG K 75 6.98 19.29 39.51
CA ARG K 75 7.63 20.27 40.38
C ARG K 75 6.65 20.90 41.35
N ILE K 76 5.44 21.24 40.88
CA ILE K 76 4.48 21.92 41.75
C ILE K 76 4.05 21.01 42.89
N VAL K 77 3.81 19.73 42.60
CA VAL K 77 3.42 18.81 43.66
C VAL K 77 4.53 18.64 44.68
N ILE K 78 5.76 18.48 44.22
CA ILE K 78 6.88 18.26 45.14
C ILE K 78 7.13 19.51 45.97
N SER K 79 7.04 20.69 45.37
CA SER K 79 7.23 21.92 46.12
C SER K 79 6.15 22.10 47.18
N LEU K 80 4.90 21.75 46.87
CA LEU K 80 3.83 21.86 47.84
C LEU K 80 4.04 20.90 49.01
N ILE K 81 4.60 19.72 48.73
CA ILE K 81 4.92 18.78 49.81
C ILE K 81 5.97 19.39 50.75
N GLY K 82 6.98 20.04 50.18
CA GLY K 82 8.03 20.62 51.00
C GLY K 82 7.55 21.78 51.84
N ILE K 83 6.68 22.62 51.27
CA ILE K 83 6.20 23.79 52.00
C ILE K 83 5.38 23.37 53.22
N GLY K 84 4.51 22.37 53.08
CA GLY K 84 3.67 21.97 54.18
C GLY K 84 4.38 21.11 55.21
N SER K 85 5.53 20.54 54.84
CA SER K 85 6.28 19.66 55.73
C SER K 85 7.55 20.30 56.26
N ALA K 86 7.67 21.63 56.18
CA ALA K 86 8.92 22.29 56.57
C ALA K 86 9.22 22.06 58.04
N SER K 87 8.24 22.30 58.92
CA SER K 87 8.46 22.15 60.35
C SER K 87 8.72 20.69 60.72
N TYR K 88 7.97 19.76 60.14
CA TYR K 88 8.14 18.36 60.46
C TYR K 88 9.51 17.86 60.01
N LEU K 89 9.97 18.29 58.84
CA LEU K 89 11.24 17.81 58.32
C LEU K 89 12.41 18.26 59.19
N VAL K 90 12.35 19.49 59.71
CA VAL K 90 13.46 19.99 60.53
C VAL K 90 13.61 19.16 61.79
N SER K 91 12.50 18.88 62.48
CA SER K 91 12.59 18.11 63.72
C SER K 91 12.88 16.64 63.45
N LEU K 92 12.56 16.16 62.25
CA LEU K 92 12.85 14.78 61.90
C LEU K 92 14.35 14.49 61.95
N THR K 93 15.18 15.50 61.75
CA THR K 93 16.63 15.36 61.80
C THR K 93 17.21 15.62 63.18
N GLY K 94 16.37 15.90 64.17
CA GLY K 94 16.82 16.12 65.53
C GLY K 94 17.15 17.56 65.89
N VAL K 95 17.09 18.47 64.93
CA VAL K 95 17.39 19.88 65.20
C VAL K 95 16.20 20.52 65.91
N GLY K 96 16.51 21.30 66.95
CA GLY K 96 15.48 22.02 67.66
C GLY K 96 14.41 21.15 68.28
N SER K 97 14.79 20.37 69.29
CA SER K 97 13.84 19.53 70.01
C SER K 97 14.12 19.56 71.52
N ALA L 28 39.21 36.00 93.31
CA ALA L 28 38.58 37.14 93.95
C ALA L 28 37.25 37.48 93.29
N GLY L 29 36.99 36.83 92.16
CA GLY L 29 35.77 37.05 91.42
C GLY L 29 35.10 35.77 91.00
N THR L 30 34.36 35.82 89.90
CA THR L 30 33.67 34.65 89.36
C THR L 30 34.11 34.42 87.92
N ASP L 31 34.32 33.16 87.56
CA ASP L 31 34.72 32.79 86.21
C ASP L 31 33.46 32.72 85.35
N THR L 32 33.33 33.64 84.40
CA THR L 32 32.20 33.70 83.50
C THR L 32 32.62 33.41 82.07
N GLY L 33 33.58 32.51 81.89
CA GLY L 33 34.03 32.14 80.57
C GLY L 33 33.27 30.95 80.01
N GLU L 34 33.21 29.87 80.78
CA GLU L 34 32.47 28.69 80.34
C GLU L 34 30.96 28.94 80.36
N SER L 35 30.47 29.61 81.41
CA SER L 35 29.04 29.86 81.53
C SER L 35 28.54 30.76 80.42
N THR L 36 29.29 31.82 80.10
CA THR L 36 28.86 32.73 79.04
C THR L 36 28.78 32.03 77.69
N ALA L 37 29.78 31.18 77.39
CA ALA L 37 29.74 30.44 76.14
C ALA L 37 28.57 29.47 76.10
N THR L 38 28.30 28.79 77.22
CA THR L 38 27.16 27.88 77.26
C THR L 38 25.84 28.62 77.12
N SER L 39 25.72 29.78 77.77
CA SER L 39 24.48 30.55 77.67
C SER L 39 24.21 31.00 76.25
N ILE L 40 25.24 31.42 75.53
CA ILE L 40 25.06 31.85 74.15
C ILE L 40 24.64 30.68 73.28
N GLN L 41 25.22 29.50 73.51
CA GLN L 41 24.84 28.33 72.74
C GLN L 41 23.38 27.96 72.98
N THR L 42 22.93 28.01 74.24
CA THR L 42 21.55 27.68 74.55
C THR L 42 20.57 28.68 73.93
N TRP L 43 20.94 29.96 73.91
CA TRP L 43 20.06 30.97 73.34
C TRP L 43 19.85 30.75 71.85
N LEU L 44 20.93 30.46 71.12
CA LEU L 44 20.81 30.31 69.67
C LEU L 44 19.90 29.14 69.31
N SER L 45 19.98 28.05 70.06
CA SER L 45 19.17 26.87 69.73
C SER L 45 17.67 27.15 69.90
N THR L 46 17.32 28.26 70.55
CA THR L 46 15.90 28.58 70.71
C THR L 46 15.26 28.97 69.39
N TRP L 47 15.96 29.75 68.57
CA TRP L 47 15.37 30.32 67.36
C TRP L 47 16.05 29.90 66.07
N ILE L 48 17.25 29.30 66.12
CA ILE L 48 17.85 28.77 64.89
C ILE L 48 16.97 27.71 64.26
N PRO L 49 16.44 26.74 64.99
CA PRO L 49 15.56 25.74 64.35
C PRO L 49 14.36 26.34 63.65
N ILE L 50 13.75 27.38 64.20
CA ILE L 50 12.62 28.01 63.53
C ILE L 50 13.06 28.70 62.24
N GLY L 51 14.24 29.32 62.27
CA GLY L 51 14.77 29.92 61.06
C GLY L 51 15.05 28.89 59.97
N CYS L 52 15.44 27.68 60.36
CA CYS L 52 15.68 26.62 59.38
C CYS L 52 14.39 26.23 58.67
N ALA L 53 13.28 26.17 59.40
CA ALA L 53 12.00 25.85 58.78
C ALA L 53 11.57 26.94 57.80
N ILE L 54 11.87 28.19 58.11
CA ILE L 54 11.52 29.29 57.20
C ILE L 54 12.26 29.14 55.88
N ALA L 55 13.54 28.80 55.93
CA ALA L 55 14.33 28.67 54.70
C ALA L 55 13.78 27.56 53.81
N ILE L 56 13.38 26.44 54.40
CA ILE L 56 12.83 25.33 53.60
C ILE L 56 11.56 25.79 52.88
N MET L 57 10.68 26.50 53.59
CA MET L 57 9.45 26.97 52.98
C MET L 57 9.72 28.00 51.88
N VAL L 58 10.64 28.94 52.14
CA VAL L 58 10.93 29.97 51.16
C VAL L 58 11.67 29.40 49.96
N SER L 59 12.63 28.50 50.21
CA SER L 59 13.39 27.91 49.11
C SER L 59 12.50 27.10 48.19
N CYS L 60 11.54 26.35 48.75
CA CYS L 60 10.62 25.60 47.91
C CYS L 60 9.73 26.53 47.09
N PHE L 61 9.36 27.68 47.65
CA PHE L 61 8.59 28.66 46.90
C PHE L 61 9.38 29.19 45.71
N MET L 62 10.64 29.53 45.92
CA MET L 62 11.47 30.04 44.83
C MET L 62 11.66 29.00 43.73
N TRP L 63 11.80 27.73 44.12
CA TRP L 63 11.91 26.65 43.14
C TRP L 63 10.65 26.54 42.30
N MET L 64 9.48 26.69 42.92
CA MET L 64 8.23 26.64 42.17
C MET L 64 8.16 27.74 41.12
N LEU L 65 8.78 28.89 41.39
CA LEU L 65 8.74 30.03 40.50
C LEU L 65 9.82 29.99 39.43
N HIS L 66 10.66 28.95 39.42
CA HIS L 66 11.72 28.80 38.43
C HIS L 66 12.78 29.88 38.59
N VAL L 67 13.11 30.19 39.85
CA VAL L 67 14.11 31.21 40.16
C VAL L 67 15.46 30.59 40.49
N ILE L 68 15.47 29.42 41.15
CA ILE L 68 16.71 28.78 41.54
C ILE L 68 16.67 27.33 41.10
N PRO L 69 17.82 26.70 40.93
CA PRO L 69 17.85 25.28 40.54
C PRO L 69 17.46 24.39 41.71
N ALA L 70 17.34 23.09 41.41
CA ALA L 70 16.94 22.11 42.41
C ALA L 70 18.09 21.60 43.24
N SER L 71 19.31 22.07 43.00
CA SER L 71 20.46 21.65 43.81
C SER L 71 20.40 22.20 45.22
N PHE L 72 19.33 22.89 45.63
CA PHE L 72 19.22 23.35 47.01
C PHE L 72 18.77 22.25 47.95
N ILE L 73 18.10 21.22 47.43
CA ILE L 73 17.60 20.15 48.30
C ILE L 73 18.72 19.44 49.03
N PRO L 74 19.78 18.97 48.37
CA PRO L 74 20.87 18.34 49.13
C PRO L 74 21.54 19.26 50.12
N ARG L 75 21.58 20.57 49.84
CA ARG L 75 22.19 21.51 50.78
C ARG L 75 21.45 21.53 52.11
N ILE L 76 20.11 21.51 52.08
CA ILE L 76 19.36 21.59 53.32
C ILE L 76 19.61 20.38 54.20
N VAL L 77 19.65 19.19 53.60
CA VAL L 77 19.91 17.98 54.40
C VAL L 77 21.30 18.02 55.01
N ILE L 78 22.31 18.42 54.23
CA ILE L 78 23.67 18.44 54.73
C ILE L 78 23.84 19.49 55.81
N SER L 79 23.22 20.67 55.64
CA SER L 79 23.30 21.69 56.67
C SER L 79 22.64 21.25 57.96
N LEU L 80 21.50 20.54 57.87
CA LEU L 80 20.83 20.06 59.08
C LEU L 80 21.69 19.02 59.80
N ILE L 81 22.43 18.21 59.05
CA ILE L 81 23.35 17.25 59.66
C ILE L 81 24.43 17.98 60.44
N GLY L 82 24.97 19.06 59.86
CA GLY L 82 26.03 19.79 60.54
C GLY L 82 25.55 20.50 61.79
N ILE L 83 24.34 21.07 61.74
CA ILE L 83 23.83 21.81 62.89
C ILE L 83 23.62 20.89 64.08
N GLY L 84 23.07 19.69 63.87
CA GLY L 84 22.80 18.80 64.98
C GLY L 84 24.03 18.07 65.47
N SER L 85 25.10 18.03 64.68
CA SER L 85 26.31 17.32 65.03
C SER L 85 27.46 18.25 65.40
N ALA L 86 27.17 19.53 65.69
CA ALA L 86 28.23 20.49 65.95
C ALA L 86 29.06 20.09 67.16
N SER L 87 28.41 19.77 68.28
CA SER L 87 29.14 19.43 69.50
C SER L 87 29.91 18.12 69.33
N TYR L 88 29.29 17.11 68.70
CA TYR L 88 29.95 15.84 68.51
C TYR L 88 31.17 15.96 67.61
N LEU L 89 31.06 16.77 66.55
CA LEU L 89 32.16 16.90 65.61
C LEU L 89 33.38 17.55 66.26
N VAL L 90 33.16 18.54 67.13
CA VAL L 90 34.29 19.23 67.76
C VAL L 90 35.09 18.27 68.63
N SER L 91 34.41 17.47 69.45
CA SER L 91 35.11 16.55 70.33
C SER L 91 35.69 15.38 69.56
N LEU L 92 35.14 15.08 68.39
CA LEU L 92 35.67 13.99 67.57
C LEU L 92 37.11 14.26 67.16
N THR L 93 37.51 15.52 67.08
CA THR L 93 38.86 15.91 66.72
C THR L 93 39.78 16.07 67.93
N GLY L 94 39.28 15.82 69.13
CA GLY L 94 40.09 15.90 70.33
C GLY L 94 40.09 17.25 71.01
N VAL L 95 39.47 18.26 70.43
CA VAL L 95 39.43 19.59 71.03
C VAL L 95 38.43 19.60 72.18
N GLY L 96 38.83 20.20 73.29
CA GLY L 96 37.94 20.35 74.43
C GLY L 96 37.44 19.04 75.00
N SER L 97 38.33 18.26 75.60
CA SER L 97 37.96 17.01 76.24
C SER L 97 38.71 16.82 77.56
N ALA M 28 64.00 36.39 96.36
CA ALA M 28 63.32 37.08 97.46
C ALA M 28 61.82 37.03 97.27
N GLY M 29 61.38 36.58 96.10
CA GLY M 29 59.97 36.50 95.80
C GLY M 29 59.59 35.17 95.18
N THR M 30 58.53 35.17 94.37
CA THR M 30 58.06 33.97 93.69
C THR M 30 58.03 34.22 92.19
N ASP M 31 58.47 33.21 91.43
CA ASP M 31 58.47 33.29 89.97
C ASP M 31 57.07 32.96 89.46
N THR M 32 56.38 33.95 88.91
CA THR M 32 55.03 33.77 88.38
C THR M 32 55.01 33.95 86.87
N GLY M 33 56.07 33.52 86.20
CA GLY M 33 56.13 33.61 84.75
C GLY M 33 55.59 32.38 84.08
N GLU M 34 56.11 31.20 84.47
CA GLU M 34 55.61 29.96 83.88
C GLU M 34 54.21 29.64 84.36
N SER M 35 53.93 29.86 85.65
CA SER M 35 52.61 29.54 86.19
C SER M 35 51.53 30.41 85.57
N THR M 36 51.80 31.70 85.41
CA THR M 36 50.80 32.61 84.83
C THR M 36 50.48 32.21 83.39
N ALA M 37 51.51 31.85 82.60
CA ALA M 37 51.26 31.43 81.24
C ALA M 37 50.47 30.13 81.20
N THR M 38 50.79 29.19 82.09
CA THR M 38 50.04 27.93 82.12
C THR M 38 48.60 28.16 82.55
N SER M 39 48.38 29.05 83.52
CA SER M 39 47.02 29.32 83.99
C SER M 39 46.17 29.92 82.89
N ILE M 40 46.74 30.82 82.10
CA ILE M 40 45.99 31.44 81.00
C ILE M 40 45.65 30.40 79.94
N GLN M 41 46.58 29.49 79.66
CA GLN M 41 46.31 28.43 78.70
C GLN M 41 45.17 27.53 79.17
N THR M 42 45.19 27.16 80.45
CA THR M 42 44.14 26.29 80.98
C THR M 42 42.78 26.97 80.94
N TRP M 43 42.74 28.27 81.23
CA TRP M 43 41.47 28.99 81.24
C TRP M 43 40.84 29.03 79.85
N LEU M 44 41.65 29.29 78.82
CA LEU M 44 41.10 29.42 77.47
C LEU M 44 40.48 28.11 77.01
N SER M 45 41.11 26.98 77.35
CA SER M 45 40.60 25.68 76.89
C SER M 45 39.25 25.36 77.49
N THR M 46 38.83 26.11 78.53
CA THR M 46 37.52 25.85 79.12
C THR M 46 36.39 26.25 78.19
N TRP M 47 36.52 27.39 77.50
CA TRP M 47 35.42 27.93 76.71
C TRP M 47 35.72 28.07 75.22
N ILE M 48 36.97 27.95 74.79
CA ILE M 48 37.26 27.93 73.34
C ILE M 48 36.55 26.78 72.67
N PRO M 49 36.60 25.54 73.17
CA PRO M 49 35.87 24.45 72.50
C PRO M 49 34.38 24.71 72.33
N ILE M 50 33.73 25.33 73.32
CA ILE M 50 32.31 25.63 73.17
C ILE M 50 32.09 26.67 72.08
N GLY M 51 32.98 27.67 72.00
CA GLY M 51 32.89 28.64 70.93
C GLY M 51 33.05 28.03 69.55
N CYS M 52 33.88 26.99 69.44
CA CYS M 52 34.05 26.31 68.16
C CYS M 52 32.76 25.64 67.72
N ALA M 53 32.03 25.03 68.64
CA ALA M 53 30.76 24.41 68.29
C ALA M 53 29.74 25.44 67.83
N ILE M 54 29.76 26.63 68.42
CA ILE M 54 28.83 27.68 68.01
C ILE M 54 29.09 28.10 66.57
N ALA M 55 30.36 28.23 66.19
CA ALA M 55 30.68 28.64 64.83
C ALA M 55 30.21 27.62 63.80
N ILE M 56 30.36 26.34 64.10
CA ILE M 56 29.90 25.30 63.18
C ILE M 56 28.40 25.40 62.97
N MET M 57 27.65 25.59 64.05
CA MET M 57 26.20 25.70 63.94
C MET M 57 25.80 26.96 63.19
N VAL M 58 26.44 28.10 63.47
CA VAL M 58 26.08 29.34 62.81
C VAL M 58 26.50 29.33 61.36
N SER M 59 27.71 28.80 61.07
CA SER M 59 28.18 28.77 59.69
C SER M 59 27.28 27.89 58.81
N CYS M 60 26.83 26.76 59.34
CA CYS M 60 25.93 25.90 58.58
C CYS M 60 24.60 26.61 58.32
N PHE M 61 24.14 27.40 59.28
CA PHE M 61 22.91 28.17 59.08
C PHE M 61 23.07 29.18 57.95
N MET M 62 24.19 29.90 57.93
CA MET M 62 24.42 30.89 56.88
C MET M 62 24.50 30.23 55.51
N TRP M 63 25.12 29.04 55.45
CA TRP M 63 25.19 28.31 54.19
C TRP M 63 23.81 27.93 53.69
N MET M 64 22.92 27.50 54.59
CA MET M 64 21.56 27.17 54.21
C MET M 64 20.84 28.37 53.59
N LEU M 65 21.17 29.57 54.04
CA LEU M 65 20.51 30.79 53.58
C LEU M 65 21.14 31.35 52.31
N HIS M 66 22.17 30.71 51.78
CA HIS M 66 22.82 31.17 50.56
C HIS M 66 23.54 32.49 50.78
N VAL M 67 24.18 32.64 51.94
CA VAL M 67 24.89 33.86 52.28
C VAL M 67 26.39 33.71 52.07
N ILE M 68 26.94 32.53 52.31
CA ILE M 68 28.39 32.30 52.17
C ILE M 68 28.59 31.06 51.34
N PRO M 69 29.75 30.93 50.69
CA PRO M 69 30.04 29.73 49.91
C PRO M 69 30.34 28.53 50.80
N ALA M 70 30.49 27.38 50.16
CA ALA M 70 30.74 26.13 50.88
C ALA M 70 32.21 25.92 51.20
N SER M 71 33.08 26.83 50.82
CA SER M 71 34.50 26.69 51.15
C SER M 71 34.78 26.89 52.63
N PHE M 72 33.76 27.04 53.48
CA PHE M 72 33.99 27.15 54.91
C PHE M 72 34.21 25.79 55.55
N ILE M 73 33.72 24.71 54.93
CA ILE M 73 33.86 23.38 55.53
C ILE M 73 35.32 22.99 55.71
N PRO M 74 36.19 23.08 54.69
CA PRO M 74 37.60 22.75 54.92
C PRO M 74 38.27 23.62 55.95
N ARG M 75 37.85 24.89 56.07
CA ARG M 75 38.44 25.76 57.08
C ARG M 75 38.22 25.25 58.50
N ILE M 76 37.02 24.75 58.79
CA ILE M 76 36.73 24.30 60.15
C ILE M 76 37.59 23.11 60.52
N VAL M 77 37.77 22.16 59.60
CA VAL M 77 38.60 20.99 59.90
C VAL M 77 40.04 21.41 60.13
N ILE M 78 40.57 22.29 59.28
CA ILE M 78 41.96 22.70 59.40
C ILE M 78 42.19 23.50 60.68
N SER M 79 41.25 24.38 61.03
CA SER M 79 41.37 25.13 62.27
C SER M 79 41.34 24.22 63.49
N LEU M 80 40.48 23.19 63.48
CA LEU M 80 40.43 22.26 64.60
C LEU M 80 41.72 21.48 64.73
N ILE M 81 42.37 21.16 63.61
CA ILE M 81 43.67 20.49 63.66
C ILE M 81 44.70 21.39 64.33
N GLY M 82 44.70 22.67 63.99
CA GLY M 82 45.66 23.59 64.57
C GLY M 82 45.46 23.81 66.06
N ILE M 83 44.20 23.90 66.48
CA ILE M 83 43.91 24.15 67.90
C ILE M 83 44.39 23.00 68.76
N GLY M 84 44.15 21.76 68.34
CA GLY M 84 44.53 20.61 69.15
C GLY M 84 46.01 20.29 69.09
N SER M 85 46.71 20.80 68.08
CA SER M 85 48.13 20.53 67.87
C SER M 85 49.02 21.71 68.22
N ALA M 86 48.50 22.70 68.94
CA ALA M 86 49.27 23.91 69.21
C ALA M 86 50.54 23.60 70.00
N SER M 87 50.42 22.85 71.09
CA SER M 87 51.58 22.54 71.91
C SER M 87 52.57 21.67 71.17
N TYR M 88 52.09 20.67 70.44
CA TYR M 88 52.99 19.77 69.72
C TYR M 88 53.74 20.51 68.63
N LEU M 89 53.06 21.42 67.92
CA LEU M 89 53.69 22.14 66.82
C LEU M 89 54.83 23.02 67.31
N VAL M 90 54.64 23.67 68.46
CA VAL M 90 55.68 24.58 68.97
C VAL M 90 56.95 23.82 69.29
N SER M 91 56.84 22.68 69.97
CA SER M 91 58.04 21.91 70.32
C SER M 91 58.62 21.21 69.11
N LEU M 92 57.82 20.97 68.08
CA LEU M 92 58.33 20.35 66.87
C LEU M 92 59.41 21.19 66.21
N THR M 93 59.37 22.50 66.42
CA THR M 93 60.38 23.42 65.87
C THR M 93 61.56 23.64 66.80
N GLY M 94 61.59 22.99 67.95
CA GLY M 94 62.68 23.11 68.89
C GLY M 94 62.55 24.21 69.93
N VAL M 95 61.50 25.02 69.85
CA VAL M 95 61.30 26.09 70.83
C VAL M 95 60.78 25.51 72.13
N GLY M 96 61.35 25.97 73.24
CA GLY M 96 60.89 25.55 74.55
C GLY M 96 60.99 24.06 74.80
N SER M 97 62.21 23.55 74.88
CA SER M 97 62.45 22.14 75.19
C SER M 97 63.61 21.98 76.15
N ALA N 28 87.22 45.01 93.11
CA ALA N 28 86.80 45.17 94.49
C ALA N 28 85.39 44.63 94.68
N GLY N 29 84.72 44.30 93.58
CA GLY N 29 83.37 43.78 93.63
C GLY N 29 83.20 42.56 92.75
N THR N 30 81.97 42.35 92.27
CA THR N 30 81.66 41.23 91.39
C THR N 30 81.07 41.75 90.09
N ASP N 31 81.47 41.14 88.98
CA ASP N 31 80.96 41.51 87.67
C ASP N 31 79.63 40.82 87.44
N THR N 32 78.54 41.58 87.40
CA THR N 32 77.20 41.06 87.20
C THR N 32 76.62 41.51 85.88
N GLY N 33 77.47 41.64 84.87
CA GLY N 33 77.01 42.04 83.55
C GLY N 33 76.65 40.85 82.68
N GLU N 34 77.57 39.90 82.56
CA GLU N 34 77.28 38.71 81.76
C GLU N 34 76.26 37.81 82.45
N SER N 35 76.38 37.65 83.77
CA SER N 35 75.47 36.78 84.50
C SER N 35 74.05 37.31 84.46
N THR N 36 73.87 38.62 84.65
CA THR N 36 72.53 39.20 84.62
C THR N 36 71.88 39.02 83.26
N ALA N 37 72.62 39.23 82.18
CA ALA N 37 72.07 39.03 80.85
C ALA N 37 71.70 37.56 80.62
N THR N 38 72.55 36.64 81.07
CA THR N 38 72.24 35.23 80.91
C THR N 38 71.02 34.82 81.73
N SER N 39 70.90 35.35 82.95
CA SER N 39 69.76 35.02 83.80
C SER N 39 68.46 35.48 83.18
N ILE N 40 68.45 36.68 82.59
CA ILE N 40 67.24 37.19 81.95
C ILE N 40 66.87 36.34 80.75
N GLN N 41 67.87 35.90 79.98
CA GLN N 41 67.58 35.04 78.83
C GLN N 41 66.98 33.72 79.27
N THR N 42 67.52 33.11 80.34
CA THR N 42 67.00 31.84 80.82
C THR N 42 65.58 31.98 81.34
N TRP N 43 65.27 33.10 82.01
CA TRP N 43 63.93 33.29 82.55
C TRP N 43 62.90 33.38 81.44
N LEU N 44 63.20 34.13 80.38
CA LEU N 44 62.23 34.32 79.31
C LEU N 44 61.88 33.00 78.64
N SER N 45 62.87 32.12 78.45
CA SER N 45 62.61 30.86 77.77
C SER N 45 61.69 29.95 78.56
N THR N 46 61.45 30.27 79.84
CA THR N 46 60.55 29.45 80.63
C THR N 46 59.10 29.60 80.17
N TRP N 47 58.68 30.83 79.85
CA TRP N 47 57.28 31.08 79.56
C TRP N 47 57.01 31.62 78.17
N ILE N 48 58.02 32.05 77.42
CA ILE N 48 57.79 32.43 76.02
C ILE N 48 57.25 31.26 75.21
N PRO N 49 57.80 30.06 75.29
CA PRO N 49 57.22 28.94 74.52
C PRO N 49 55.76 28.69 74.82
N ILE N 50 55.33 28.80 76.07
CA ILE N 50 53.92 28.60 76.39
C ILE N 50 53.07 29.69 75.76
N GLY N 51 53.57 30.93 75.76
CA GLY N 51 52.85 32.00 75.11
C GLY N 51 52.71 31.80 73.61
N CYS N 52 53.70 31.16 72.99
CA CYS N 52 53.62 30.87 71.56
C CYS N 52 52.49 29.89 71.26
N ALA N 53 52.31 28.89 72.12
CA ALA N 53 51.22 27.93 71.92
C ALA N 53 49.86 28.60 72.06
N ILE N 54 49.76 29.57 72.95
CA ILE N 54 48.49 30.29 73.13
C ILE N 54 48.13 31.04 71.87
N ALA N 55 49.10 31.70 71.24
CA ALA N 55 48.82 32.48 70.04
C ALA N 55 48.33 31.58 68.91
N ILE N 56 48.93 30.39 68.75
CA ILE N 56 48.49 29.49 67.69
C ILE N 56 47.04 29.09 67.90
N MET N 57 46.68 28.76 69.15
CA MET N 57 45.31 28.37 69.44
C MET N 57 44.34 29.52 69.23
N VAL N 58 44.70 30.73 69.68
CA VAL N 58 43.80 31.86 69.54
C VAL N 58 43.70 32.31 68.08
N SER N 59 44.83 32.31 67.37
CA SER N 59 44.81 32.73 65.97
C SER N 59 43.96 31.81 65.13
N CYS N 60 44.05 30.50 65.37
CA CYS N 60 43.21 29.55 64.64
C CYS N 60 41.73 29.77 64.94
N PHE N 61 41.41 30.13 66.19
CA PHE N 61 40.03 30.42 66.54
C PHE N 61 39.51 31.64 65.78
N MET N 62 40.31 32.70 65.70
CA MET N 62 39.89 33.90 64.97
C MET N 62 39.69 33.61 63.49
N TRP N 63 40.55 32.76 62.92
CA TRP N 63 40.40 32.38 61.52
C TRP N 63 39.09 31.63 61.28
N MET N 64 38.72 30.75 62.21
CA MET N 64 37.45 30.04 62.10
C MET N 64 36.27 30.99 62.08
N LEU N 65 36.37 32.11 62.76
CA LEU N 65 35.29 33.08 62.88
C LEU N 65 35.28 34.08 61.73
N HIS N 66 36.21 33.97 60.79
CA HIS N 66 36.25 34.87 59.64
C HIS N 66 36.60 36.30 60.07
N VAL N 67 37.52 36.41 61.02
CA VAL N 67 37.95 37.71 61.54
C VAL N 67 39.26 38.16 60.91
N ILE N 68 40.17 37.23 60.64
CA ILE N 68 41.48 37.57 60.09
C ILE N 68 41.74 36.68 58.89
N PRO N 69 42.60 37.11 57.97
CA PRO N 69 42.93 36.28 56.80
C PRO N 69 43.82 35.12 57.20
N ALA N 70 44.08 34.26 56.21
CA ALA N 70 44.88 33.07 56.43
C ALA N 70 46.37 33.32 56.30
N SER N 71 46.78 34.55 56.01
CA SER N 71 48.20 34.86 55.92
C SER N 71 48.89 34.84 57.27
N PHE N 72 48.22 34.44 58.35
CA PHE N 72 48.88 34.33 59.64
C PHE N 72 49.68 33.03 59.77
N ILE N 73 49.33 32.00 58.99
CA ILE N 73 50.02 30.72 59.11
C ILE N 73 51.50 30.85 58.77
N PRO N 74 51.91 31.45 57.66
CA PRO N 74 53.36 31.60 57.41
C PRO N 74 54.07 32.44 58.45
N ARG N 75 53.38 33.41 59.07
CA ARG N 75 53.99 34.21 60.11
C ARG N 75 54.42 33.38 61.30
N ILE N 76 53.58 32.44 61.73
CA ILE N 76 53.90 31.64 62.91
C ILE N 76 55.13 30.79 62.67
N VAL N 77 55.24 30.18 61.50
CA VAL N 77 56.41 29.36 61.21
C VAL N 77 57.69 30.20 61.18
N ILE N 78 57.62 31.37 60.53
CA ILE N 78 58.80 32.22 60.43
C ILE N 78 59.21 32.76 61.80
N SER N 79 58.24 33.15 62.62
CA SER N 79 58.56 33.62 63.96
C SER N 79 59.19 32.53 64.81
N LEU N 80 58.70 31.30 64.70
CA LEU N 80 59.28 30.20 65.46
C LEU N 80 60.73 29.93 65.02
N ILE N 81 61.01 30.10 63.72
CA ILE N 81 62.38 29.94 63.25
C ILE N 81 63.28 30.99 63.88
N GLY N 82 62.80 32.23 63.97
CA GLY N 82 63.62 33.29 64.54
C GLY N 82 63.86 33.11 66.02
N ILE N 83 62.86 32.66 66.76
CA ILE N 83 63.00 32.49 68.20
C ILE N 83 64.05 31.44 68.52
N GLY N 84 64.04 30.31 67.82
CA GLY N 84 64.96 29.24 68.12
C GLY N 84 66.37 29.48 67.60
N SER N 85 66.51 30.42 66.65
CA SER N 85 67.79 30.71 66.03
C SER N 85 68.39 32.04 66.49
N ALA N 86 67.88 32.60 67.58
CA ALA N 86 68.33 33.93 68.01
C ALA N 86 69.82 33.95 68.31
N SER N 87 70.28 32.99 69.13
CA SER N 87 71.70 32.96 69.50
C SER N 87 72.59 32.67 68.30
N TYR N 88 72.18 31.73 67.45
CA TYR N 88 72.99 31.39 66.28
C TYR N 88 73.10 32.55 65.32
N LEU N 89 72.01 33.28 65.12
CA LEU N 89 72.00 34.38 64.16
C LEU N 89 72.94 35.50 64.61
N VAL N 90 72.98 35.79 65.92
CA VAL N 90 73.83 36.88 66.40
C VAL N 90 75.30 36.58 66.13
N SER N 91 75.74 35.36 66.44
CA SER N 91 77.15 35.02 66.24
C SER N 91 77.47 34.84 64.76
N LEU N 92 76.46 34.55 63.94
CA LEU N 92 76.69 34.41 62.51
C LEU N 92 77.20 35.70 61.89
N THR N 93 76.89 36.84 62.50
CA THR N 93 77.34 38.14 62.02
C THR N 93 78.65 38.59 62.66
N GLY N 94 79.25 37.75 63.51
CA GLY N 94 80.51 38.07 64.13
C GLY N 94 80.44 38.81 65.45
N VAL N 95 79.24 39.19 65.89
CA VAL N 95 79.10 39.89 67.16
C VAL N 95 79.22 38.91 68.31
N GLY N 96 79.97 39.30 69.34
CA GLY N 96 80.13 38.49 70.52
C GLY N 96 80.72 37.12 70.27
N SER N 97 81.98 37.08 69.89
CA SER N 97 82.69 35.83 69.68
C SER N 97 84.11 35.89 70.22
N ALA O 28 1.72 -54.09 -48.54
CA ALA O 28 1.92 -54.49 -47.15
C ALA O 28 1.01 -55.66 -46.79
N GLY O 29 0.09 -55.98 -47.69
CA GLY O 29 -0.83 -57.07 -47.45
C GLY O 29 -0.96 -57.98 -48.65
N THR O 30 -2.11 -58.62 -48.80
CA THR O 30 -2.39 -59.52 -49.91
C THR O 30 -3.63 -59.04 -50.66
N ASP O 31 -3.58 -59.11 -51.99
CA ASP O 31 -4.70 -58.72 -52.83
C ASP O 31 -5.67 -59.89 -52.91
N THR O 32 -6.86 -59.73 -52.31
CA THR O 32 -7.88 -60.77 -52.31
C THR O 32 -9.09 -60.32 -53.10
N GLY O 33 -8.88 -59.58 -54.19
CA GLY O 33 -9.96 -59.14 -55.03
C GLY O 33 -10.25 -60.12 -56.15
N GLU O 34 -9.22 -60.48 -56.91
CA GLU O 34 -9.40 -61.43 -58.00
C GLU O 34 -9.65 -62.84 -57.46
N SER O 35 -8.91 -63.23 -56.42
CA SER O 35 -9.07 -64.58 -55.86
C SER O 35 -10.45 -64.78 -55.27
N THR O 36 -10.96 -63.79 -54.53
CA THR O 36 -12.28 -63.91 -53.92
C THR O 36 -13.36 -64.06 -54.98
N ALA O 37 -13.27 -63.27 -56.06
CA ALA O 37 -14.26 -63.39 -57.13
C ALA O 37 -14.18 -64.74 -57.81
N THR O 38 -12.95 -65.25 -58.04
CA THR O 38 -12.82 -66.56 -58.65
C THR O 38 -13.34 -67.66 -57.74
N SER O 39 -13.08 -67.56 -56.44
CA SER O 39 -13.54 -68.58 -55.50
C SER O 39 -15.06 -68.64 -55.47
N ILE O 40 -15.72 -67.49 -55.50
CA ILE O 40 -17.18 -67.47 -55.49
C ILE O 40 -17.73 -68.08 -56.77
N GLN O 41 -17.09 -67.80 -57.91
CA GLN O 41 -17.54 -68.41 -59.16
C GLN O 41 -17.40 -69.92 -59.14
N THR O 42 -16.29 -70.42 -58.60
CA THR O 42 -16.08 -71.87 -58.55
C THR O 42 -17.09 -72.54 -57.63
N TRP O 43 -17.42 -71.89 -56.51
CA TRP O 43 -18.37 -72.48 -55.57
C TRP O 43 -19.75 -72.63 -56.19
N LEU O 44 -20.22 -71.59 -56.90
CA LEU O 44 -21.56 -71.63 -57.46
C LEU O 44 -21.70 -72.77 -58.48
N SER O 45 -20.66 -73.00 -59.28
CA SER O 45 -20.75 -74.03 -60.31
C SER O 45 -20.86 -75.43 -59.71
N THR O 46 -20.61 -75.57 -58.40
CA THR O 46 -20.74 -76.88 -57.78
C THR O 46 -22.20 -77.32 -57.69
N TRP O 47 -23.10 -76.41 -57.36
CA TRP O 47 -24.49 -76.77 -57.09
C TRP O 47 -25.50 -76.10 -58.01
N ILE O 48 -25.13 -75.09 -58.79
CA ILE O 48 -26.06 -74.54 -59.77
C ILE O 48 -26.48 -75.60 -60.79
N PRO O 49 -25.57 -76.38 -61.37
CA PRO O 49 -26.01 -77.43 -62.31
C PRO O 49 -27.02 -78.40 -61.73
N ILE O 50 -26.87 -78.79 -60.46
CA ILE O 50 -27.84 -79.70 -59.86
C ILE O 50 -29.19 -79.02 -59.71
N GLY O 51 -29.19 -77.74 -59.36
CA GLY O 51 -30.44 -77.01 -59.29
C GLY O 51 -31.14 -76.89 -60.63
N CYS O 52 -30.37 -76.82 -61.72
CA CYS O 52 -30.97 -76.77 -63.04
C CYS O 52 -31.70 -78.06 -63.37
N ALA O 53 -31.14 -79.20 -62.98
CA ALA O 53 -31.82 -80.47 -63.22
C ALA O 53 -33.11 -80.58 -62.43
N ILE O 54 -33.14 -80.01 -61.21
CA ILE O 54 -34.35 -80.04 -60.41
C ILE O 54 -35.46 -79.26 -61.10
N ALA O 55 -35.15 -78.10 -61.66
CA ALA O 55 -36.17 -77.29 -62.31
C ALA O 55 -36.78 -78.01 -63.51
N ILE O 56 -35.95 -78.70 -64.29
CA ILE O 56 -36.46 -79.43 -65.45
C ILE O 56 -37.44 -80.51 -65.00
N MET O 57 -37.09 -81.24 -63.95
CA MET O 57 -37.99 -82.29 -63.45
C MET O 57 -39.28 -81.71 -62.89
N VAL O 58 -39.18 -80.63 -62.12
CA VAL O 58 -40.37 -80.05 -61.51
C VAL O 58 -41.23 -79.36 -62.57
N SER O 59 -40.62 -78.66 -63.52
CA SER O 59 -41.39 -77.98 -64.55
C SER O 59 -42.16 -78.98 -65.42
N CYS O 60 -41.53 -80.10 -65.75
CA CYS O 60 -42.23 -81.12 -66.53
C CYS O 60 -43.40 -81.71 -65.74
N PHE O 61 -43.24 -81.84 -64.42
CA PHE O 61 -44.35 -82.33 -63.59
C PHE O 61 -45.52 -81.35 -63.61
N MET O 62 -45.25 -80.05 -63.49
CA MET O 62 -46.32 -79.06 -63.51
C MET O 62 -47.03 -79.05 -64.86
N TRP O 63 -46.28 -79.23 -65.95
CA TRP O 63 -46.90 -79.30 -67.27
C TRP O 63 -47.83 -80.49 -67.38
N MET O 64 -47.44 -81.64 -66.83
CA MET O 64 -48.31 -82.81 -66.85
C MET O 64 -49.62 -82.55 -66.13
N LEU O 65 -49.62 -81.70 -65.11
CA LEU O 65 -50.79 -81.41 -64.31
C LEU O 65 -51.64 -80.30 -64.89
N HIS O 66 -51.24 -79.73 -66.03
CA HIS O 66 -52.01 -78.67 -66.69
C HIS O 66 -52.01 -77.40 -65.84
N VAL O 67 -50.87 -77.09 -65.23
CA VAL O 67 -50.72 -75.90 -64.39
C VAL O 67 -50.05 -74.76 -65.14
N ILE O 68 -49.10 -75.07 -66.02
CA ILE O 68 -48.36 -74.03 -66.74
C ILE O 68 -48.38 -74.39 -68.21
N PRO O 69 -48.20 -73.40 -69.09
CA PRO O 69 -48.17 -73.68 -70.53
C PRO O 69 -46.85 -74.34 -70.92
N ALA O 70 -46.78 -74.72 -72.19
CA ALA O 70 -45.62 -75.41 -72.73
C ALA O 70 -44.52 -74.47 -73.17
N SER O 71 -44.72 -73.16 -73.05
CA SER O 71 -43.67 -72.21 -73.41
C SER O 71 -42.51 -72.22 -72.46
N PHE O 72 -42.45 -73.14 -71.48
CA PHE O 72 -41.29 -73.23 -70.61
C PHE O 72 -40.15 -73.99 -71.25
N ILE O 73 -40.43 -74.84 -72.24
CA ILE O 73 -39.37 -75.64 -72.86
C ILE O 73 -38.33 -74.76 -73.52
N PRO O 74 -38.67 -73.79 -74.37
CA PRO O 74 -37.63 -72.93 -74.95
C PRO O 74 -36.86 -72.13 -73.91
N ARG O 75 -37.50 -71.77 -72.80
CA ARG O 75 -36.79 -71.04 -71.75
C ARG O 75 -35.63 -71.84 -71.17
N ILE O 76 -35.84 -73.13 -70.94
CA ILE O 76 -34.79 -73.94 -70.32
C ILE O 76 -33.57 -74.03 -71.23
N VAL O 77 -33.79 -74.22 -72.53
CA VAL O 77 -32.66 -74.31 -73.46
C VAL O 77 -31.90 -72.99 -73.51
N ILE O 78 -32.62 -71.86 -73.59
CA ILE O 78 -31.97 -70.57 -73.68
C ILE O 78 -31.21 -70.24 -72.40
N SER O 79 -31.80 -70.56 -71.24
CA SER O 79 -31.11 -70.32 -69.98
C SER O 79 -29.84 -71.15 -69.87
N LEU O 80 -29.87 -72.41 -70.32
CA LEU O 80 -28.68 -73.25 -70.27
C LEU O 80 -27.59 -72.70 -71.19
N ILE O 81 -27.97 -72.12 -72.32
CA ILE O 81 -26.99 -71.50 -73.21
C ILE O 81 -26.31 -70.33 -72.49
N GLY O 82 -27.09 -69.52 -71.79
CA GLY O 82 -26.52 -68.37 -71.10
C GLY O 82 -25.60 -68.76 -69.96
N ILE O 83 -25.97 -69.79 -69.20
CA ILE O 83 -25.16 -70.20 -68.06
C ILE O 83 -23.79 -70.70 -68.51
N GLY O 84 -23.74 -71.49 -69.58
CA GLY O 84 -22.47 -72.04 -70.01
C GLY O 84 -21.61 -71.05 -70.78
N SER O 85 -22.22 -69.97 -71.28
CA SER O 85 -21.52 -68.97 -72.08
C SER O 85 -21.27 -67.67 -71.31
N ALA O 86 -21.40 -67.68 -69.99
CA ALA O 86 -21.28 -66.44 -69.22
C ALA O 86 -19.91 -65.81 -69.38
N SER O 87 -18.85 -66.59 -69.20
CA SER O 87 -17.49 -66.05 -69.30
C SER O 87 -17.18 -65.59 -70.72
N TYR O 88 -17.58 -66.38 -71.71
CA TYR O 88 -17.29 -66.02 -73.10
C TYR O 88 -18.02 -64.75 -73.50
N LEU O 89 -19.27 -64.60 -73.06
CA LEU O 89 -20.06 -63.43 -73.45
C LEU O 89 -19.46 -62.15 -72.89
N VAL O 90 -18.95 -62.19 -71.65
CA VAL O 90 -18.40 -60.98 -71.05
C VAL O 90 -17.20 -60.48 -71.83
N SER O 91 -16.28 -61.38 -72.18
CA SER O 91 -15.09 -60.97 -72.90
C SER O 91 -15.39 -60.63 -74.35
N LEU O 92 -16.50 -61.15 -74.88
CA LEU O 92 -16.89 -60.83 -76.24
C LEU O 92 -17.16 -59.34 -76.41
N THR O 93 -17.55 -58.66 -75.34
CA THR O 93 -17.81 -57.22 -75.37
C THR O 93 -16.59 -56.39 -75.01
N GLY O 94 -15.45 -57.01 -74.78
CA GLY O 94 -14.22 -56.30 -74.50
C GLY O 94 -13.96 -56.02 -73.02
N VAL O 95 -14.88 -56.36 -72.14
CA VAL O 95 -14.69 -56.13 -70.71
C VAL O 95 -13.75 -57.18 -70.16
N GLY O 96 -12.81 -56.73 -69.32
CA GLY O 96 -11.89 -57.64 -68.66
C GLY O 96 -11.04 -58.46 -69.61
N SER O 97 -10.14 -57.81 -70.33
CA SER O 97 -9.22 -58.51 -71.22
C SER O 97 -7.82 -57.91 -71.13
N ALA P 28 7.79 -30.18 -52.15
CA ALA P 28 8.55 -30.75 -51.04
C ALA P 28 8.18 -32.22 -50.83
N GLY P 29 7.13 -32.66 -51.53
CA GLY P 29 6.68 -34.03 -51.42
C GLY P 29 6.43 -34.67 -52.78
N THR P 30 5.51 -35.63 -52.82
CA THR P 30 5.15 -36.31 -54.04
C THR P 30 3.65 -36.18 -54.28
N ASP P 31 3.28 -35.95 -55.53
CA ASP P 31 1.87 -35.82 -55.91
C ASP P 31 1.30 -37.22 -56.11
N THR P 32 0.39 -37.63 -55.22
CA THR P 32 -0.24 -38.93 -55.28
C THR P 32 -1.73 -38.81 -55.57
N GLY P 33 -2.10 -37.83 -56.39
CA GLY P 33 -3.49 -37.65 -56.76
C GLY P 33 -3.84 -38.42 -58.03
N GLU P 34 -3.08 -38.21 -59.09
CA GLU P 34 -3.34 -38.93 -60.33
C GLU P 34 -2.98 -40.40 -60.20
N SER P 35 -1.86 -40.72 -59.54
CA SER P 35 -1.44 -42.10 -59.42
C SER P 35 -2.42 -42.90 -58.57
N THR P 36 -2.91 -42.34 -57.48
CA THR P 36 -3.85 -43.06 -56.62
C THR P 36 -5.14 -43.36 -57.38
N ALA P 37 -5.65 -42.39 -58.15
CA ALA P 37 -6.86 -42.63 -58.92
C ALA P 37 -6.63 -43.69 -59.99
N THR P 38 -5.47 -43.67 -60.65
CA THR P 38 -5.18 -44.68 -61.65
C THR P 38 -5.04 -46.06 -61.03
N SER P 39 -4.40 -46.14 -59.86
CA SER P 39 -4.21 -47.43 -59.19
C SER P 39 -5.55 -48.04 -58.81
N ILE P 40 -6.48 -47.22 -58.32
CA ILE P 40 -7.80 -47.73 -57.94
C ILE P 40 -8.55 -48.23 -59.17
N GLN P 41 -8.44 -47.51 -60.30
CA GLN P 41 -9.09 -47.95 -61.52
C GLN P 41 -8.53 -49.30 -61.99
N THR P 42 -7.21 -49.46 -61.94
CA THR P 42 -6.60 -50.71 -62.38
C THR P 42 -7.01 -51.87 -61.48
N TRP P 43 -7.11 -51.64 -60.17
CA TRP P 43 -7.49 -52.70 -59.25
C TRP P 43 -8.90 -53.20 -59.52
N LEU P 44 -9.84 -52.29 -59.75
CA LEU P 44 -11.23 -52.70 -59.95
C LEU P 44 -11.38 -53.57 -61.19
N SER P 45 -10.65 -53.24 -62.26
CA SER P 45 -10.78 -54.00 -63.50
C SER P 45 -10.30 -55.43 -63.35
N THR P 46 -9.59 -55.74 -62.26
CA THR P 46 -9.13 -57.12 -62.05
C THR P 46 -10.29 -58.05 -61.74
N TRP P 47 -11.24 -57.61 -60.92
CA TRP P 47 -12.30 -58.50 -60.45
C TRP P 47 -13.71 -58.07 -60.83
N ILE P 48 -13.92 -56.85 -61.34
CA ILE P 48 -15.24 -56.49 -61.85
C ILE P 48 -15.65 -57.38 -63.00
N PRO P 49 -14.81 -57.66 -63.99
CA PRO P 49 -15.23 -58.57 -65.07
C PRO P 49 -15.67 -59.94 -64.59
N ILE P 50 -15.01 -60.50 -63.58
CA ILE P 50 -15.43 -61.80 -63.06
C ILE P 50 -16.78 -61.70 -62.38
N GLY P 51 -17.02 -60.60 -61.67
CA GLY P 51 -18.32 -60.40 -61.07
C GLY P 51 -19.43 -60.27 -62.10
N CYS P 52 -19.13 -59.71 -63.26
CA CYS P 52 -20.13 -59.60 -64.32
C CYS P 52 -20.54 -60.98 -64.83
N ALA P 53 -19.58 -61.89 -64.96
CA ALA P 53 -19.92 -63.24 -65.40
C ALA P 53 -20.78 -63.97 -64.38
N ILE P 54 -20.56 -63.72 -63.10
CA ILE P 54 -21.38 -64.35 -62.06
C ILE P 54 -22.83 -63.90 -62.18
N ALA P 55 -23.05 -62.61 -62.42
CA ALA P 55 -24.42 -62.10 -62.51
C ALA P 55 -25.16 -62.73 -63.69
N ILE P 56 -24.49 -62.89 -64.83
CA ILE P 56 -25.12 -63.51 -65.99
C ILE P 56 -25.57 -64.94 -65.65
N MET P 57 -24.69 -65.70 -65.01
CA MET P 57 -25.03 -67.08 -64.65
C MET P 57 -26.16 -67.13 -63.62
N VAL P 58 -26.12 -66.26 -62.62
CA VAL P 58 -27.16 -66.28 -61.59
C VAL P 58 -28.48 -65.76 -62.14
N SER P 59 -28.44 -64.70 -62.95
CA SER P 59 -29.67 -64.15 -63.51
C SER P 59 -30.36 -65.16 -64.40
N CYS P 60 -29.60 -65.89 -65.22
CA CYS P 60 -30.21 -66.91 -66.07
C CYS P 60 -30.83 -68.02 -65.23
N PHE P 61 -30.21 -68.36 -64.10
CA PHE P 61 -30.79 -69.36 -63.21
C PHE P 61 -32.12 -68.89 -62.64
N MET P 62 -32.20 -67.64 -62.20
CA MET P 62 -33.45 -67.12 -61.65
C MET P 62 -34.54 -67.09 -62.71
N TRP P 63 -34.19 -66.77 -63.95
CA TRP P 63 -35.16 -66.78 -65.04
C TRP P 63 -35.71 -68.18 -65.27
N MET P 64 -34.84 -69.19 -65.21
CA MET P 64 -35.31 -70.56 -65.37
C MET P 64 -36.32 -70.95 -64.31
N LEU P 65 -36.20 -70.38 -63.11
CA LEU P 65 -37.08 -70.71 -61.99
C LEU P 65 -38.36 -69.88 -61.99
N HIS P 66 -38.54 -68.99 -62.96
CA HIS P 66 -39.74 -68.17 -63.04
C HIS P 66 -39.81 -67.18 -61.87
N VAL P 67 -38.67 -66.61 -61.51
CA VAL P 67 -38.60 -65.66 -60.41
C VAL P 67 -38.55 -64.22 -60.91
N ILE P 68 -37.91 -63.97 -62.04
CA ILE P 68 -37.78 -62.62 -62.58
C ILE P 68 -38.19 -62.64 -64.04
N PRO P 69 -38.60 -61.50 -64.58
CA PRO P 69 -38.97 -61.45 -66.00
C PRO P 69 -37.73 -61.49 -66.89
N ALA P 70 -37.99 -61.56 -68.20
CA ALA P 70 -36.92 -61.66 -69.19
C ALA P 70 -36.35 -60.30 -69.58
N SER P 71 -36.86 -59.22 -69.01
CA SER P 71 -36.31 -57.90 -69.32
C SER P 71 -34.93 -57.69 -68.73
N PHE P 72 -34.30 -58.70 -68.13
CA PHE P 72 -32.94 -58.55 -67.64
C PHE P 72 -31.91 -58.70 -68.75
N ILE P 73 -32.26 -59.37 -69.85
CA ILE P 73 -31.29 -59.59 -70.92
C ILE P 73 -30.82 -58.27 -71.52
N PRO P 74 -31.69 -57.34 -71.92
CA PRO P 74 -31.18 -56.07 -72.45
C PRO P 74 -30.36 -55.27 -71.44
N ARG P 75 -30.67 -55.40 -70.14
CA ARG P 75 -29.89 -54.69 -69.13
C ARG P 75 -28.43 -55.13 -69.14
N ILE P 76 -28.17 -56.43 -69.26
CA ILE P 76 -26.79 -56.91 -69.20
C ILE P 76 -25.98 -56.37 -70.37
N VAL P 77 -26.55 -56.35 -71.56
CA VAL P 77 -25.82 -55.83 -72.72
C VAL P 77 -25.53 -54.35 -72.55
N ILE P 78 -26.53 -53.58 -72.11
CA ILE P 78 -26.33 -52.14 -71.96
C ILE P 78 -25.31 -51.83 -70.86
N SER P 79 -25.36 -52.57 -69.76
CA SER P 79 -24.37 -52.36 -68.69
C SER P 79 -22.98 -52.69 -69.16
N LEU P 80 -22.80 -53.75 -69.95
CA LEU P 80 -21.48 -54.09 -70.46
C LEU P 80 -20.96 -53.02 -71.40
N ILE P 81 -21.84 -52.39 -72.17
CA ILE P 81 -21.43 -51.29 -73.03
C ILE P 81 -20.90 -50.13 -72.20
N GLY P 82 -21.59 -49.82 -71.10
CA GLY P 82 -21.18 -48.71 -70.27
C GLY P 82 -19.86 -48.97 -69.56
N ILE P 83 -19.65 -50.19 -69.09
CA ILE P 83 -18.42 -50.51 -68.36
C ILE P 83 -17.20 -50.37 -69.27
N GLY P 84 -17.29 -50.87 -70.51
CA GLY P 84 -16.13 -50.81 -71.39
C GLY P 84 -15.91 -49.44 -72.01
N SER P 85 -16.92 -48.58 -71.98
CA SER P 85 -16.83 -47.25 -72.58
C SER P 85 -16.73 -46.14 -71.55
N ALA P 86 -16.39 -46.47 -70.29
CA ALA P 86 -16.38 -45.45 -69.25
C ALA P 86 -15.37 -44.35 -69.53
N SER P 87 -14.14 -44.72 -69.87
CA SER P 87 -13.11 -43.71 -70.13
C SER P 87 -13.42 -42.90 -71.38
N TYR P 88 -13.90 -43.55 -72.44
CA TYR P 88 -14.21 -42.84 -73.67
C TYR P 88 -15.35 -41.86 -73.47
N LEU P 89 -16.38 -42.26 -72.70
CA LEU P 89 -17.53 -41.40 -72.51
C LEU P 89 -17.17 -40.14 -71.75
N VAL P 90 -16.29 -40.24 -70.75
CA VAL P 90 -15.93 -39.08 -69.97
C VAL P 90 -15.24 -38.03 -70.83
N SER P 91 -14.28 -38.44 -71.65
CA SER P 91 -13.56 -37.49 -72.49
C SER P 91 -14.42 -36.99 -73.64
N LEU P 92 -15.45 -37.75 -74.02
CA LEU P 92 -16.36 -37.32 -75.07
C LEU P 92 -17.07 -36.02 -74.70
N THR P 93 -17.25 -35.77 -73.41
CA THR P 93 -17.89 -34.56 -72.94
C THR P 93 -16.91 -33.42 -72.66
N GLY P 94 -15.63 -33.62 -72.92
CA GLY P 94 -14.63 -32.59 -72.74
C GLY P 94 -13.98 -32.55 -71.38
N VAL P 95 -14.43 -33.37 -70.43
CA VAL P 95 -13.84 -33.38 -69.10
C VAL P 95 -12.51 -34.12 -69.14
N GLY P 96 -11.51 -33.54 -68.46
CA GLY P 96 -10.22 -34.17 -68.36
C GLY P 96 -9.53 -34.43 -69.69
N SER P 97 -9.14 -33.36 -70.38
CA SER P 97 -8.42 -33.49 -71.64
C SER P 97 -7.29 -32.45 -71.73
N ALA Q 28 5.31 -5.43 -49.72
CA ALA Q 28 6.52 -5.90 -49.06
C ALA Q 28 6.68 -7.41 -49.23
N GLY Q 29 5.63 -8.05 -49.74
CA GLY Q 29 5.65 -9.48 -49.95
C GLY Q 29 5.14 -9.87 -51.32
N THR Q 30 4.58 -11.07 -51.43
CA THR Q 30 4.03 -11.58 -52.68
C THR Q 30 2.56 -11.95 -52.47
N ASP Q 31 1.74 -11.61 -53.46
CA ASP Q 31 0.32 -11.94 -53.42
C ASP Q 31 0.13 -13.37 -53.88
N THR Q 32 -0.28 -14.25 -52.96
CA THR Q 32 -0.50 -15.65 -53.26
C THR Q 32 -1.97 -16.02 -53.12
N GLY Q 33 -2.84 -15.10 -53.49
CA GLY Q 33 -4.27 -15.36 -53.43
C GLY Q 33 -4.80 -15.93 -54.73
N GLU Q 34 -4.52 -15.24 -55.84
CA GLU Q 34 -4.97 -15.74 -57.14
C GLU Q 34 -4.20 -16.99 -57.55
N SER Q 35 -2.89 -16.99 -57.32
CA SER Q 35 -2.07 -18.13 -57.73
C SER Q 35 -2.44 -19.39 -56.97
N THR Q 36 -2.67 -19.27 -55.65
CA THR Q 36 -3.04 -20.44 -54.86
C THR Q 36 -4.36 -21.03 -55.32
N ALA Q 37 -5.35 -20.17 -55.61
CA ALA Q 37 -6.63 -20.67 -56.09
C ALA Q 37 -6.48 -21.34 -57.44
N THR Q 38 -5.68 -20.76 -58.34
CA THR Q 38 -5.46 -21.38 -59.65
C THR Q 38 -4.73 -22.70 -59.52
N SER Q 39 -3.74 -22.79 -58.63
CA SER Q 39 -2.99 -24.03 -58.46
C SER Q 39 -3.89 -25.14 -57.96
N ILE Q 40 -4.79 -24.83 -57.02
CA ILE Q 40 -5.71 -25.84 -56.51
C ILE Q 40 -6.66 -26.32 -57.61
N GLN Q 41 -7.13 -25.40 -58.45
CA GLN Q 41 -8.01 -25.79 -59.55
C GLN Q 41 -7.29 -26.71 -60.52
N THR Q 42 -6.04 -26.40 -60.85
CA THR Q 42 -5.29 -27.23 -61.79
C THR Q 42 -5.02 -28.62 -61.22
N TRP Q 43 -4.75 -28.70 -59.92
CA TRP Q 43 -4.47 -30.00 -59.30
C TRP Q 43 -5.69 -30.91 -59.36
N LEU Q 44 -6.86 -30.37 -59.05
CA LEU Q 44 -8.06 -31.20 -59.01
C LEU Q 44 -8.37 -31.79 -60.38
N SER Q 45 -8.17 -31.02 -61.45
CA SER Q 45 -8.49 -31.49 -62.78
C SER Q 45 -7.60 -32.66 -63.19
N THR Q 46 -6.52 -32.91 -62.46
CA THR Q 46 -5.64 -34.03 -62.80
C THR Q 46 -6.32 -35.37 -62.52
N TRP Q 47 -7.03 -35.48 -61.40
CA TRP Q 47 -7.57 -36.76 -60.97
C TRP Q 47 -9.08 -36.81 -60.85
N ILE Q 48 -9.77 -35.67 -60.88
CA ILE Q 48 -11.24 -35.71 -60.91
C ILE Q 48 -11.75 -36.45 -62.14
N PRO Q 49 -11.25 -36.19 -63.35
CA PRO Q 49 -11.74 -36.95 -64.52
C PRO Q 49 -11.58 -38.46 -64.38
N ILE Q 50 -10.48 -38.93 -63.78
CA ILE Q 50 -10.31 -40.37 -63.60
C ILE Q 50 -11.34 -40.90 -62.62
N GLY Q 51 -11.62 -40.13 -61.55
CA GLY Q 51 -12.65 -40.54 -60.62
C GLY Q 51 -14.03 -40.63 -61.25
N CYS Q 52 -14.31 -39.76 -62.23
CA CYS Q 52 -15.59 -39.81 -62.92
C CYS Q 52 -15.75 -41.11 -63.71
N ALA Q 53 -14.67 -41.57 -64.34
CA ALA Q 53 -14.73 -42.82 -65.07
C ALA Q 53 -14.97 -44.00 -64.14
N ILE Q 54 -14.40 -43.95 -62.94
CA ILE Q 54 -14.62 -45.03 -61.97
C ILE Q 54 -16.08 -45.13 -61.59
N ALA Q 55 -16.73 -43.99 -61.36
CA ALA Q 55 -18.13 -44.00 -60.96
C ALA Q 55 -19.01 -44.61 -62.04
N ILE Q 56 -18.75 -44.28 -63.30
CA ILE Q 56 -19.54 -44.84 -64.40
C ILE Q 56 -19.42 -46.36 -64.42
N MET Q 57 -18.20 -46.87 -64.26
CA MET Q 57 -17.99 -48.31 -64.27
C MET Q 57 -18.66 -48.98 -63.07
N VAL Q 58 -18.53 -48.38 -61.89
CA VAL Q 58 -19.11 -48.98 -60.69
C VAL Q 58 -20.63 -48.88 -60.71
N SER Q 59 -21.16 -47.73 -61.15
CA SER Q 59 -22.61 -47.56 -61.18
C SER Q 59 -23.26 -48.55 -62.14
N CYS Q 60 -22.63 -48.77 -63.29
CA CYS Q 60 -23.18 -49.74 -64.24
C CYS Q 60 -23.15 -51.15 -63.65
N PHE Q 61 -22.11 -51.47 -62.88
CA PHE Q 61 -22.05 -52.76 -62.21
C PHE Q 61 -23.19 -52.94 -61.22
N MET Q 62 -23.46 -51.92 -60.40
CA MET Q 62 -24.54 -52.01 -59.44
C MET Q 62 -25.90 -52.16 -60.13
N TRP Q 63 -26.08 -51.48 -61.25
CA TRP Q 63 -27.31 -51.61 -62.02
C TRP Q 63 -27.50 -53.05 -62.53
N MET Q 64 -26.42 -53.67 -62.99
CA MET Q 64 -26.50 -55.05 -63.45
C MET Q 64 -26.95 -55.98 -62.33
N LEU Q 65 -26.60 -55.68 -61.09
CA LEU Q 65 -26.92 -56.52 -59.95
C LEU Q 65 -28.29 -56.22 -59.36
N HIS Q 66 -29.03 -55.27 -59.93
CA HIS Q 66 -30.38 -54.95 -59.46
C HIS Q 66 -30.32 -54.31 -58.08
N VAL Q 67 -29.34 -53.46 -57.85
CA VAL Q 67 -29.16 -52.78 -56.57
C VAL Q 67 -29.70 -51.36 -56.61
N ILE Q 68 -29.57 -50.67 -57.73
CA ILE Q 68 -30.02 -49.29 -57.84
C ILE Q 68 -30.87 -49.15 -59.09
N PRO Q 69 -31.74 -48.16 -59.14
CA PRO Q 69 -32.57 -47.95 -60.33
C PRO Q 69 -31.74 -47.36 -61.47
N ALA Q 70 -32.39 -47.26 -62.63
CA ALA Q 70 -31.74 -46.76 -63.83
C ALA Q 70 -31.74 -45.24 -63.93
N SER Q 71 -32.31 -44.55 -62.95
CA SER Q 71 -32.29 -43.09 -62.96
C SER Q 71 -30.92 -42.51 -62.71
N PHE Q 72 -29.86 -43.33 -62.62
CA PHE Q 72 -28.52 -42.80 -62.45
C PHE Q 72 -27.92 -42.34 -63.77
N ILE Q 73 -28.42 -42.86 -64.90
CA ILE Q 73 -27.85 -42.48 -66.20
C ILE Q 73 -27.99 -41.00 -66.47
N PRO Q 74 -29.18 -40.38 -66.33
CA PRO Q 74 -29.26 -38.92 -66.56
C PRO Q 74 -28.41 -38.12 -65.59
N ARG Q 75 -28.20 -38.61 -64.37
CA ARG Q 75 -27.36 -37.89 -63.42
C ARG Q 75 -25.92 -37.76 -63.91
N ILE Q 76 -25.37 -38.81 -64.50
CA ILE Q 76 -23.98 -38.77 -64.92
C ILE Q 76 -23.79 -37.75 -66.03
N VAL Q 77 -24.72 -37.70 -67.00
CA VAL Q 77 -24.60 -36.73 -68.08
C VAL Q 77 -24.70 -35.31 -67.54
N ILE Q 78 -25.65 -35.05 -66.64
CA ILE Q 78 -25.83 -33.70 -66.12
C ILE Q 78 -24.64 -33.28 -65.28
N SER Q 79 -24.10 -34.19 -64.47
CA SER Q 79 -22.93 -33.87 -63.67
C SER Q 79 -21.72 -33.55 -64.56
N LEU Q 80 -21.54 -34.31 -65.64
CA LEU Q 80 -20.43 -34.03 -66.54
C LEU Q 80 -20.57 -32.67 -67.22
N ILE Q 81 -21.81 -32.27 -67.51
CA ILE Q 81 -22.03 -30.94 -68.08
C ILE Q 81 -21.60 -29.87 -67.09
N GLY Q 82 -21.95 -30.05 -65.81
CA GLY Q 82 -21.60 -29.06 -64.80
C GLY Q 82 -20.11 -28.97 -64.56
N ILE Q 83 -19.41 -30.11 -64.54
CA ILE Q 83 -17.97 -30.10 -64.29
C ILE Q 83 -17.23 -29.34 -65.39
N GLY Q 84 -17.58 -29.57 -66.65
CA GLY Q 84 -16.86 -28.93 -67.73
C GLY Q 84 -17.25 -27.48 -67.94
N SER Q 85 -18.38 -27.06 -67.40
CA SER Q 85 -18.88 -25.70 -67.57
C SER Q 85 -18.75 -24.86 -66.31
N ALA Q 86 -17.94 -25.28 -65.34
CA ALA Q 86 -17.86 -24.58 -64.07
C ALA Q 86 -17.37 -23.15 -64.25
N SER Q 87 -16.27 -22.98 -64.98
CA SER Q 87 -15.70 -21.64 -65.17
C SER Q 87 -16.64 -20.75 -65.99
N TYR Q 88 -17.24 -21.30 -67.04
CA TYR Q 88 -18.13 -20.51 -67.88
C TYR Q 88 -19.37 -20.07 -67.11
N LEU Q 89 -19.92 -20.96 -66.28
CA LEU Q 89 -21.14 -20.64 -65.55
C LEU Q 89 -20.92 -19.51 -64.56
N VAL Q 90 -19.76 -19.49 -63.90
CA VAL Q 90 -19.49 -18.46 -62.90
C VAL Q 90 -19.46 -17.08 -63.54
N SER Q 91 -18.76 -16.95 -64.67
CA SER Q 91 -18.66 -15.65 -65.33
C SER Q 91 -19.97 -15.27 -66.01
N LEU Q 92 -20.80 -16.27 -66.34
CA LEU Q 92 -22.08 -15.97 -66.96
C LEU Q 92 -22.97 -15.13 -66.05
N THR Q 93 -22.77 -15.23 -64.74
CA THR Q 93 -23.53 -14.46 -63.76
C THR Q 93 -22.88 -13.12 -63.41
N GLY Q 94 -21.75 -12.79 -64.03
CA GLY Q 94 -21.09 -11.53 -63.80
C GLY Q 94 -20.06 -11.54 -62.70
N VAL Q 95 -19.90 -12.64 -61.97
CA VAL Q 95 -18.93 -12.71 -60.89
C VAL Q 95 -17.53 -12.88 -61.48
N GLY Q 96 -16.58 -12.13 -60.94
CA GLY Q 96 -15.20 -12.26 -61.36
C GLY Q 96 -14.96 -11.99 -62.83
N SER Q 97 -15.14 -10.72 -63.23
CA SER Q 97 -14.89 -10.31 -64.61
C SER Q 97 -14.19 -8.95 -64.66
N ALA R 28 -3.00 15.67 -39.32
CA ALA R 28 -1.56 15.54 -39.17
C ALA R 28 -1.06 14.26 -39.81
N GLY R 29 -1.99 13.41 -40.22
CA GLY R 29 -1.65 12.16 -40.85
C GLY R 29 -2.45 11.89 -42.10
N THR R 30 -2.66 10.62 -42.43
CA THR R 30 -3.44 10.21 -43.59
C THR R 30 -4.57 9.31 -43.16
N ASP R 31 -5.75 9.51 -43.76
CA ASP R 31 -6.92 8.70 -43.47
C ASP R 31 -6.84 7.42 -44.28
N THR R 32 -6.65 6.29 -43.60
CA THR R 32 -6.54 4.99 -44.25
C THR R 32 -7.72 4.10 -43.86
N GLY R 33 -8.90 4.70 -43.70
CA GLY R 33 -10.08 3.94 -43.37
C GLY R 33 -10.84 3.49 -44.61
N GLU R 34 -11.15 4.44 -45.49
CA GLU R 34 -11.85 4.09 -46.71
C GLU R 34 -10.95 3.33 -47.68
N SER R 35 -9.69 3.74 -47.79
CA SER R 35 -8.77 3.09 -48.72
C SER R 35 -8.50 1.65 -48.31
N THR R 36 -8.30 1.41 -47.01
CA THR R 36 -8.03 0.04 -46.55
C THR R 36 -9.21 -0.87 -46.81
N ALA R 37 -10.43 -0.39 -46.58
CA ALA R 37 -11.61 -1.20 -46.85
C ALA R 37 -11.75 -1.48 -48.34
N THR R 38 -11.48 -0.49 -49.19
CA THR R 38 -11.56 -0.70 -50.63
C THR R 38 -10.48 -1.68 -51.09
N SER R 39 -9.27 -1.57 -50.55
CA SER R 39 -8.20 -2.46 -50.95
C SER R 39 -8.52 -3.91 -50.61
N ILE R 40 -9.10 -4.14 -49.44
CA ILE R 40 -9.47 -5.50 -49.03
C ILE R 40 -10.56 -6.05 -49.96
N GLN R 41 -11.52 -5.22 -50.33
CA GLN R 41 -12.57 -5.66 -51.25
C GLN R 41 -11.99 -6.04 -52.60
N THR R 42 -11.07 -5.24 -53.12
CA THR R 42 -10.48 -5.53 -54.42
C THR R 42 -9.66 -6.81 -54.38
N TRP R 43 -8.95 -7.05 -53.29
CA TRP R 43 -8.13 -8.26 -53.18
C TRP R 43 -8.99 -9.52 -53.20
N LEU R 44 -10.10 -9.52 -52.46
CA LEU R 44 -10.93 -10.71 -52.39
C LEU R 44 -11.50 -11.09 -53.75
N SER R 45 -11.90 -10.08 -54.54
CA SER R 45 -12.50 -10.36 -55.83
C SER R 45 -11.51 -11.02 -56.79
N THR R 46 -10.21 -11.00 -56.46
CA THR R 46 -9.23 -11.64 -57.34
C THR R 46 -9.36 -13.16 -57.32
N TRP R 47 -9.59 -13.75 -56.15
CA TRP R 47 -9.57 -15.20 -56.00
C TRP R 47 -10.89 -15.81 -55.53
N ILE R 48 -11.85 -15.02 -55.04
CA ILE R 48 -13.16 -15.58 -54.71
C ILE R 48 -13.82 -16.18 -55.94
N PRO R 49 -13.85 -15.51 -57.10
CA PRO R 49 -14.47 -16.14 -58.28
C PRO R 49 -13.86 -17.49 -58.65
N ILE R 50 -12.55 -17.65 -58.53
CA ILE R 50 -11.92 -18.94 -58.83
C ILE R 50 -12.36 -19.99 -57.84
N GLY R 51 -12.48 -19.61 -56.56
CA GLY R 51 -12.97 -20.54 -55.57
C GLY R 51 -14.40 -20.98 -55.83
N CYS R 52 -15.22 -20.10 -56.40
CA CYS R 52 -16.60 -20.46 -56.73
C CYS R 52 -16.63 -21.54 -57.81
N ALA R 53 -15.75 -21.44 -58.80
CA ALA R 53 -15.70 -22.46 -59.84
C ALA R 53 -15.27 -23.81 -59.28
N ILE R 54 -14.37 -23.81 -58.30
CA ILE R 54 -13.93 -25.06 -57.69
C ILE R 54 -15.10 -25.75 -57.00
N ALA R 55 -15.92 -25.00 -56.28
CA ALA R 55 -17.04 -25.60 -55.57
C ALA R 55 -18.03 -26.24 -56.53
N ILE R 56 -18.31 -25.59 -57.66
CA ILE R 56 -19.24 -26.16 -58.63
C ILE R 56 -18.71 -27.50 -59.14
N MET R 57 -17.41 -27.55 -59.47
CA MET R 57 -16.82 -28.79 -59.96
C MET R 57 -16.84 -29.88 -58.89
N VAL R 58 -16.48 -29.53 -57.66
CA VAL R 58 -16.44 -30.54 -56.59
C VAL R 58 -17.84 -30.98 -56.20
N SER R 59 -18.77 -30.04 -56.12
CA SER R 59 -20.14 -30.40 -55.74
C SER R 59 -20.77 -31.34 -56.77
N CYS R 60 -20.54 -31.09 -58.04
CA CYS R 60 -21.07 -31.98 -59.07
C CYS R 60 -20.45 -33.36 -58.98
N PHE R 61 -19.17 -33.44 -58.62
CA PHE R 61 -18.52 -34.73 -58.42
C PHE R 61 -19.17 -35.50 -57.26
N MET R 62 -19.43 -34.83 -56.15
CA MET R 62 -20.06 -35.50 -55.01
C MET R 62 -21.46 -35.99 -55.35
N TRP R 63 -22.19 -35.21 -56.14
CA TRP R 63 -23.53 -35.62 -56.58
C TRP R 63 -23.46 -36.88 -57.42
N MET R 64 -22.46 -36.97 -58.32
CA MET R 64 -22.30 -38.16 -59.14
C MET R 64 -22.07 -39.40 -58.28
N LEU R 65 -21.42 -39.24 -57.13
CA LEU R 65 -21.09 -40.35 -56.26
C LEU R 65 -22.21 -40.71 -55.29
N HIS R 66 -23.34 -40.00 -55.35
CA HIS R 66 -24.48 -40.27 -54.48
C HIS R 66 -24.15 -39.97 -53.02
N VAL R 67 -23.41 -38.87 -52.80
CA VAL R 67 -23.02 -38.46 -51.46
C VAL R 67 -23.91 -37.35 -50.92
N ILE R 68 -24.37 -36.45 -51.78
CA ILE R 68 -25.20 -35.32 -51.36
C ILE R 68 -26.42 -35.26 -52.25
N PRO R 69 -27.50 -34.65 -51.77
CA PRO R 69 -28.70 -34.52 -52.60
C PRO R 69 -28.51 -33.46 -53.68
N ALA R 70 -29.51 -33.36 -54.55
CA ALA R 70 -29.48 -32.42 -55.66
C ALA R 70 -29.93 -31.02 -55.28
N SER R 71 -30.31 -30.80 -54.04
CA SER R 71 -30.70 -29.46 -53.61
C SER R 71 -29.54 -28.49 -53.54
N PHE R 72 -28.34 -28.87 -53.97
CA PHE R 72 -27.22 -27.94 -53.99
C PHE R 72 -27.26 -27.03 -55.21
N ILE R 73 -27.94 -27.46 -56.29
CA ILE R 73 -27.96 -26.65 -57.51
C ILE R 73 -28.61 -25.29 -57.27
N PRO R 74 -29.80 -25.17 -56.66
CA PRO R 74 -30.35 -23.84 -56.40
C PRO R 74 -29.48 -23.00 -55.49
N ARG R 75 -28.76 -23.62 -54.55
CA ARG R 75 -27.88 -22.86 -53.67
C ARG R 75 -26.80 -22.12 -54.44
N ILE R 76 -26.19 -22.77 -55.44
CA ILE R 76 -25.10 -22.13 -56.17
C ILE R 76 -25.59 -20.91 -56.92
N VAL R 77 -26.76 -20.99 -57.56
CA VAL R 77 -27.29 -19.85 -58.29
C VAL R 77 -27.59 -18.71 -57.34
N ILE R 78 -28.23 -18.99 -56.20
CA ILE R 78 -28.59 -17.94 -55.26
C ILE R 78 -27.35 -17.30 -54.66
N SER R 79 -26.34 -18.10 -54.32
CA SER R 79 -25.10 -17.54 -53.79
C SER R 79 -24.41 -16.65 -54.80
N LEU R 80 -24.40 -17.04 -56.08
CA LEU R 80 -23.77 -16.21 -57.10
C LEU R 80 -24.52 -14.89 -57.27
N ILE R 81 -25.84 -14.90 -57.10
CA ILE R 81 -26.60 -13.66 -57.16
C ILE R 81 -26.19 -12.73 -56.03
N GLY R 82 -26.02 -13.29 -54.83
CA GLY R 82 -25.64 -12.46 -53.70
C GLY R 82 -24.25 -11.89 -53.81
N ILE R 83 -23.30 -12.67 -54.32
CA ILE R 83 -21.93 -12.20 -54.44
C ILE R 83 -21.82 -11.03 -55.40
N GLY R 84 -22.51 -11.10 -56.54
CA GLY R 84 -22.40 -10.03 -57.52
C GLY R 84 -23.23 -8.81 -57.18
N SER R 85 -24.19 -8.95 -56.27
CA SER R 85 -25.08 -7.86 -55.88
C SER R 85 -24.77 -7.31 -54.50
N ALA R 86 -23.59 -7.59 -53.95
CA ALA R 86 -23.29 -7.18 -52.58
C ALA R 86 -23.31 -5.66 -52.43
N SER R 87 -22.62 -4.96 -53.33
CA SER R 87 -22.55 -3.50 -53.23
C SER R 87 -23.92 -2.87 -53.48
N TYR R 88 -24.65 -3.37 -54.47
CA TYR R 88 -25.96 -2.80 -54.78
C TYR R 88 -26.94 -3.01 -53.63
N LEU R 89 -26.90 -4.18 -53.01
CA LEU R 89 -27.84 -4.48 -51.92
C LEU R 89 -27.63 -3.57 -50.73
N VAL R 90 -26.37 -3.27 -50.40
CA VAL R 90 -26.08 -2.44 -49.24
C VAL R 90 -26.66 -1.04 -49.41
N SER R 91 -26.44 -0.44 -50.59
CA SER R 91 -26.94 0.91 -50.81
C SER R 91 -28.45 0.93 -51.01
N LEU R 92 -29.03 -0.21 -51.41
CA LEU R 92 -30.48 -0.29 -51.57
C LEU R 92 -31.20 -0.02 -50.25
N THR R 93 -30.55 -0.31 -49.12
CA THR R 93 -31.13 -0.08 -47.81
C THR R 93 -30.80 1.30 -47.24
N GLY R 94 -30.09 2.13 -47.99
CA GLY R 94 -29.76 3.47 -47.56
C GLY R 94 -28.47 3.62 -46.80
N VAL R 95 -27.78 2.52 -46.50
CA VAL R 95 -26.51 2.59 -45.78
C VAL R 95 -25.41 3.05 -46.72
N GLY R 96 -24.58 3.97 -46.24
CA GLY R 96 -23.44 4.43 -47.00
C GLY R 96 -23.81 5.08 -48.33
N SER R 97 -24.45 6.24 -48.27
CA SER R 97 -24.79 6.98 -49.48
C SER R 97 -24.57 8.48 -49.29
N ALA S 28 -12.88 29.76 -21.23
CA ALA S 28 -11.49 30.13 -21.48
C ALA S 28 -10.90 29.28 -22.60
N GLY S 29 -11.64 28.25 -23.00
CA GLY S 29 -11.19 27.36 -24.06
C GLY S 29 -12.26 27.10 -25.08
N THR S 30 -12.20 25.93 -25.71
CA THR S 30 -13.17 25.52 -26.72
C THR S 30 -13.79 24.19 -26.30
N ASP S 31 -15.11 24.08 -26.51
CA ASP S 31 -15.84 22.86 -26.19
C ASP S 31 -15.68 21.89 -27.34
N THR S 32 -14.96 20.80 -27.12
CA THR S 32 -14.73 19.78 -28.13
C THR S 32 -15.40 18.47 -27.77
N GLY S 33 -16.57 18.55 -27.14
CA GLY S 33 -17.32 17.36 -26.78
C GLY S 33 -18.29 16.94 -27.85
N GLU S 34 -19.13 17.87 -28.29
CA GLU S 34 -20.08 17.55 -29.37
C GLU S 34 -19.37 17.38 -30.70
N SER S 35 -18.40 18.24 -30.99
CA SER S 35 -17.70 18.16 -32.27
C SER S 35 -16.91 16.86 -32.40
N THR S 36 -16.22 16.45 -31.33
CA THR S 36 -15.45 15.21 -31.39
C THR S 36 -16.35 14.00 -31.62
N ALA S 37 -17.49 13.95 -30.95
CA ALA S 37 -18.42 12.85 -31.16
C ALA S 37 -18.96 12.84 -32.59
N THR S 38 -19.29 14.02 -33.12
CA THR S 38 -19.78 14.09 -34.48
C THR S 38 -18.71 13.69 -35.49
N SER S 39 -17.46 14.12 -35.25
CA SER S 39 -16.38 13.77 -36.17
C SER S 39 -16.15 12.27 -36.22
N ILE S 40 -16.22 11.61 -35.06
CA ILE S 40 -16.03 10.16 -35.02
C ILE S 40 -17.16 9.45 -35.76
N GLN S 41 -18.38 9.94 -35.61
CA GLN S 41 -19.51 9.35 -36.32
C GLN S 41 -19.35 9.49 -37.83
N THR S 42 -18.92 10.67 -38.29
CA THR S 42 -18.74 10.87 -39.72
C THR S 42 -17.63 9.99 -40.28
N TRP S 43 -16.55 9.81 -39.52
CA TRP S 43 -15.45 8.98 -40.01
C TRP S 43 -15.88 7.53 -40.20
N LEU S 44 -16.63 6.98 -39.24
CA LEU S 44 -17.00 5.58 -39.32
C LEU S 44 -17.87 5.31 -40.55
N SER S 45 -18.77 6.24 -40.88
CA SER S 45 -19.68 6.03 -42.00
C SER S 45 -18.93 5.99 -43.32
N THR S 46 -17.66 6.41 -43.34
CA THR S 46 -16.90 6.36 -44.58
C THR S 46 -16.58 4.93 -45.00
N TRP S 47 -16.22 4.07 -44.04
CA TRP S 47 -15.76 2.73 -44.36
C TRP S 47 -16.60 1.60 -43.79
N ILE S 48 -17.52 1.88 -42.85
CA ILE S 48 -18.43 0.82 -42.39
C ILE S 48 -19.27 0.29 -43.54
N PRO S 49 -19.87 1.12 -44.40
CA PRO S 49 -20.66 0.56 -45.52
C PRO S 49 -19.85 -0.36 -46.42
N ILE S 50 -18.58 -0.06 -46.69
CA ILE S 50 -17.77 -0.94 -47.52
C ILE S 50 -17.53 -2.27 -46.81
N GLY S 51 -17.31 -2.22 -45.51
CA GLY S 51 -17.15 -3.45 -44.74
C GLY S 51 -18.40 -4.31 -44.77
N CYS S 52 -19.58 -3.69 -44.81
CA CYS S 52 -20.83 -4.45 -44.89
C CYS S 52 -20.93 -5.22 -46.19
N ALA S 53 -20.49 -4.61 -47.30
CA ALA S 53 -20.51 -5.31 -48.57
C ALA S 53 -19.57 -6.50 -48.59
N ILE S 54 -18.42 -6.37 -47.90
CA ILE S 54 -17.47 -7.47 -47.84
C ILE S 54 -18.09 -8.67 -47.13
N ALA S 55 -18.80 -8.42 -46.03
CA ALA S 55 -19.40 -9.52 -45.27
C ALA S 55 -20.43 -10.27 -46.10
N ILE S 56 -21.24 -9.54 -46.87
CA ILE S 56 -22.24 -10.20 -47.71
C ILE S 56 -21.57 -11.12 -48.73
N MET S 57 -20.50 -10.63 -49.36
CA MET S 57 -19.79 -11.45 -50.34
C MET S 57 -19.13 -12.66 -49.69
N VAL S 58 -18.49 -12.47 -48.54
CA VAL S 58 -17.81 -13.58 -47.88
C VAL S 58 -18.81 -14.57 -47.31
N SER S 59 -19.89 -14.08 -46.71
CA SER S 59 -20.90 -14.97 -46.13
C SER S 59 -21.54 -15.84 -47.20
N CYS S 60 -21.83 -15.27 -48.37
CA CYS S 60 -22.41 -16.06 -49.45
C CYS S 60 -21.43 -17.12 -49.93
N PHE S 61 -20.13 -16.79 -49.94
CA PHE S 61 -19.12 -17.77 -50.32
C PHE S 61 -19.10 -18.95 -49.34
N MET S 62 -19.15 -18.67 -48.04
CA MET S 62 -19.13 -19.74 -47.04
C MET S 62 -20.37 -20.61 -47.17
N TRP S 63 -21.52 -20.01 -47.46
CA TRP S 63 -22.75 -20.77 -47.65
C TRP S 63 -22.62 -21.72 -48.84
N MET S 64 -22.01 -21.26 -49.93
CA MET S 64 -21.80 -22.12 -51.09
C MET S 64 -20.96 -23.33 -50.74
N LEU S 65 -20.03 -23.20 -49.80
CA LEU S 65 -19.12 -24.27 -49.42
C LEU S 65 -19.71 -25.19 -48.35
N HIS S 66 -20.94 -24.93 -47.91
CA HIS S 66 -21.59 -25.77 -46.91
C HIS S 66 -20.88 -25.68 -45.55
N VAL S 67 -20.46 -24.46 -45.21
CA VAL S 67 -19.77 -24.22 -43.95
C VAL S 67 -20.71 -23.64 -42.89
N ILE S 68 -21.67 -22.81 -43.29
CA ILE S 68 -22.57 -22.17 -42.34
C ILE S 68 -23.98 -22.37 -42.85
N PRO S 69 -24.98 -22.32 -41.95
CA PRO S 69 -26.37 -22.45 -42.37
C PRO S 69 -26.86 -21.19 -43.08
N ALA S 70 -28.08 -21.30 -43.60
CA ALA S 70 -28.68 -20.20 -44.35
C ALA S 70 -29.35 -19.17 -43.47
N SER S 71 -29.34 -19.35 -42.15
CA SER S 71 -29.93 -18.37 -41.25
C SER S 71 -29.13 -17.08 -41.18
N PHE S 72 -28.09 -16.91 -41.99
CA PHE S 72 -27.36 -15.65 -42.01
C PHE S 72 -28.05 -14.59 -42.85
N ILE S 73 -28.91 -15.00 -43.79
CA ILE S 73 -29.57 -14.02 -44.65
C ILE S 73 -30.45 -13.06 -43.86
N PRO S 74 -31.33 -13.52 -42.97
CA PRO S 74 -32.12 -12.56 -42.18
C PRO S 74 -31.28 -11.67 -41.30
N ARG S 75 -30.14 -12.16 -40.82
CA ARG S 75 -29.27 -11.33 -39.99
C ARG S 75 -28.76 -10.11 -40.74
N ILE S 76 -28.37 -10.27 -42.01
CA ILE S 76 -27.80 -9.16 -42.76
C ILE S 76 -28.85 -8.07 -42.95
N VAL S 77 -30.09 -8.44 -43.27
CA VAL S 77 -31.14 -7.43 -43.46
C VAL S 77 -31.41 -6.70 -42.16
N ILE S 78 -31.51 -7.42 -41.05
CA ILE S 78 -31.82 -6.78 -39.77
C ILE S 78 -30.68 -5.88 -39.32
N SER S 79 -29.44 -6.32 -39.52
CA SER S 79 -28.30 -5.47 -39.16
C SER S 79 -28.26 -4.20 -40.00
N LEU S 80 -28.58 -4.29 -41.29
CA LEU S 80 -28.60 -3.10 -42.13
C LEU S 80 -29.69 -2.13 -41.69
N ILE S 81 -30.82 -2.65 -41.22
CA ILE S 81 -31.88 -1.79 -40.71
C ILE S 81 -31.38 -1.02 -39.48
N GLY S 82 -30.66 -1.71 -38.59
CA GLY S 82 -30.18 -1.06 -37.39
C GLY S 82 -29.12 -0.01 -37.67
N ILE S 83 -28.22 -0.28 -38.61
CA ILE S 83 -27.16 0.67 -38.92
C ILE S 83 -27.73 1.97 -39.47
N GLY S 84 -28.70 1.89 -40.36
CA GLY S 84 -29.24 3.11 -40.98
C GLY S 84 -30.21 3.85 -40.07
N SER S 85 -30.72 3.19 -39.04
CA SER S 85 -31.70 3.79 -38.14
C SER S 85 -31.12 4.12 -36.77
N ALA S 86 -29.79 4.16 -36.64
CA ALA S 86 -29.17 4.36 -35.34
C ALA S 86 -29.57 5.70 -34.74
N SER S 87 -29.44 6.79 -35.52
CA SER S 87 -29.76 8.11 -35.00
C SER S 87 -31.25 8.24 -34.69
N TYR S 88 -32.10 7.73 -35.57
CA TYR S 88 -33.54 7.84 -35.35
C TYR S 88 -33.98 7.06 -34.11
N LEU S 89 -33.40 5.88 -33.91
CA LEU S 89 -33.79 5.05 -32.78
C LEU S 89 -33.45 5.70 -31.45
N VAL S 90 -32.29 6.36 -31.37
CA VAL S 90 -31.88 6.98 -30.12
C VAL S 90 -32.85 8.09 -29.72
N SER S 91 -33.22 8.95 -30.66
CA SER S 91 -34.13 10.05 -30.33
C SER S 91 -35.55 9.56 -30.13
N LEU S 92 -35.88 8.40 -30.69
CA LEU S 92 -37.21 7.83 -30.51
C LEU S 92 -37.50 7.54 -29.04
N THR S 93 -36.46 7.29 -28.25
CA THR S 93 -36.60 7.02 -26.82
C THR S 93 -36.50 8.27 -25.96
N GLY S 94 -36.35 9.45 -26.57
CA GLY S 94 -36.28 10.69 -25.85
C GLY S 94 -34.89 11.14 -25.43
N VAL S 95 -33.87 10.33 -25.67
CA VAL S 95 -32.51 10.70 -25.30
C VAL S 95 -31.97 11.71 -26.30
N GLY S 96 -31.31 12.74 -25.78
CA GLY S 96 -30.69 13.74 -26.62
C GLY S 96 -31.63 14.46 -27.55
N SER S 97 -32.52 15.26 -26.98
CA SER S 97 -33.45 16.07 -27.78
C SER S 97 -33.60 17.47 -27.19
N ALA T 28 -19.67 35.34 2.12
CA ALA T 28 -18.61 36.23 1.66
C ALA T 28 -18.21 35.90 0.22
N GLY T 29 -18.72 34.78 -0.27
CA GLY T 29 -18.42 34.35 -1.62
C GLY T 29 -19.65 33.92 -2.39
N THR T 30 -19.48 33.02 -3.34
CA THR T 30 -20.57 32.49 -4.15
C THR T 30 -20.63 30.98 -4.01
N ASP T 31 -21.84 30.44 -3.91
CA ASP T 31 -22.06 29.01 -3.81
C ASP T 31 -22.03 28.42 -5.21
N THR T 32 -21.00 27.63 -5.51
CA THR T 32 -20.84 27.00 -6.81
C THR T 32 -20.96 25.49 -6.70
N GLY T 33 -21.82 25.01 -5.81
CA GLY T 33 -22.03 23.59 -5.66
C GLY T 33 -23.15 23.07 -6.53
N GLU T 34 -24.32 23.71 -6.45
CA GLU T 34 -25.44 23.29 -7.29
C GLU T 34 -25.20 23.66 -8.75
N SER T 35 -24.66 24.85 -8.99
CA SER T 35 -24.45 25.29 -10.37
C SER T 35 -23.42 24.42 -11.08
N THR T 36 -22.33 24.08 -10.39
CA THR T 36 -21.30 23.25 -11.01
C THR T 36 -21.84 21.88 -11.38
N ALA T 37 -22.64 21.27 -10.49
CA ALA T 37 -23.22 19.98 -10.79
C ALA T 37 -24.20 20.07 -11.96
N THR T 38 -25.00 21.14 -12.00
CA THR T 38 -25.93 21.30 -13.13
C THR T 38 -25.18 21.53 -14.43
N SER T 39 -24.10 22.31 -14.40
CA SER T 39 -23.34 22.58 -15.61
C SER T 39 -22.73 21.30 -16.17
N ILE T 40 -22.21 20.44 -15.29
CA ILE T 40 -21.62 19.18 -15.74
C ILE T 40 -22.69 18.28 -16.36
N GLN T 41 -23.88 18.25 -15.77
CA GLN T 41 -24.96 17.45 -16.33
C GLN T 41 -25.36 17.94 -17.71
N THR T 42 -25.46 19.26 -17.88
CA THR T 42 -25.84 19.81 -19.18
C THR T 42 -24.78 19.52 -20.24
N TRP T 43 -23.51 19.58 -19.87
CA TRP T 43 -22.45 19.34 -20.84
C TRP T 43 -22.49 17.90 -21.34
N LEU T 44 -22.68 16.93 -20.45
CA LEU T 44 -22.66 15.53 -20.85
C LEU T 44 -23.77 15.23 -21.85
N SER T 45 -24.95 15.81 -21.64
CA SER T 45 -26.08 15.53 -22.51
C SER T 45 -25.85 16.03 -23.93
N THR T 46 -24.83 16.87 -24.13
CA THR T 46 -24.54 17.36 -25.48
C THR T 46 -24.00 16.25 -26.37
N TRP T 47 -23.11 15.40 -25.85
CA TRP T 47 -22.43 14.42 -26.66
C TRP T 47 -22.67 12.97 -26.27
N ILE T 48 -23.26 12.70 -25.10
CA ILE T 48 -23.63 11.32 -24.77
C ILE T 48 -24.63 10.77 -25.78
N PRO T 49 -25.69 11.47 -26.16
CA PRO T 49 -26.61 10.92 -27.17
C PRO T 49 -25.94 10.55 -28.49
N ILE T 50 -24.97 11.34 -28.96
CA ILE T 50 -24.27 11.00 -30.19
C ILE T 50 -23.44 9.74 -30.01
N GLY T 51 -22.81 9.59 -28.83
CA GLY T 51 -22.08 8.37 -28.55
C GLY T 51 -22.97 7.14 -28.53
N CYS T 52 -24.21 7.29 -28.09
CA CYS T 52 -25.15 6.17 -28.08
C CYS T 52 -25.46 5.70 -29.49
N ALA T 53 -25.61 6.64 -30.43
CA ALA T 53 -25.87 6.25 -31.80
C ALA T 53 -24.68 5.51 -32.42
N ILE T 54 -23.45 5.90 -32.04
CA ILE T 54 -22.27 5.23 -32.55
C ILE T 54 -22.25 3.77 -32.10
N ALA T 55 -22.58 3.51 -30.84
CA ALA T 55 -22.56 2.14 -30.33
C ALA T 55 -23.56 1.26 -31.07
N ILE T 56 -24.76 1.79 -31.36
CA ILE T 56 -25.76 1.00 -32.08
C ILE T 56 -25.23 0.61 -33.46
N MET T 57 -24.61 1.57 -34.16
CA MET T 57 -24.08 1.28 -35.48
C MET T 57 -22.94 0.29 -35.42
N VAL T 58 -22.03 0.45 -34.46
CA VAL T 58 -20.88 -0.44 -34.36
C VAL T 58 -21.30 -1.83 -33.89
N SER T 59 -22.22 -1.89 -32.92
CA SER T 59 -22.66 -3.18 -32.41
C SER T 59 -23.36 -3.99 -33.50
N CYS T 60 -24.18 -3.33 -34.31
CA CYS T 60 -24.84 -4.04 -35.41
C CYS T 60 -23.83 -4.56 -36.43
N PHE T 61 -22.76 -3.79 -36.66
CA PHE T 61 -21.69 -4.25 -37.56
C PHE T 61 -21.02 -5.50 -37.02
N MET T 62 -20.70 -5.52 -35.72
CA MET T 62 -20.06 -6.69 -35.13
C MET T 62 -20.96 -7.92 -35.20
N TRP T 63 -22.26 -7.72 -35.01
CA TRP T 63 -23.22 -8.81 -35.11
C TRP T 63 -23.23 -9.40 -36.53
N MET T 64 -23.18 -8.53 -37.54
CA MET T 64 -23.14 -9.01 -38.92
C MET T 64 -21.92 -9.88 -39.19
N LEU T 65 -20.82 -9.61 -38.50
CA LEU T 65 -19.58 -10.34 -38.70
C LEU T 65 -19.48 -11.60 -37.86
N HIS T 66 -20.50 -11.90 -37.07
CA HIS T 66 -20.52 -13.11 -36.25
C HIS T 66 -19.46 -13.04 -35.15
N VAL T 67 -19.31 -11.86 -34.56
CA VAL T 67 -18.33 -11.64 -33.49
C VAL T 67 -18.97 -11.67 -32.11
N ILE T 68 -20.19 -11.17 -32.00
CA ILE T 68 -20.88 -11.12 -30.70
C ILE T 68 -22.27 -11.70 -30.87
N PRO T 69 -22.87 -12.18 -29.79
CA PRO T 69 -24.23 -12.73 -29.87
C PRO T 69 -25.26 -11.62 -30.02
N ALA T 70 -26.50 -12.04 -30.22
CA ALA T 70 -27.60 -11.11 -30.43
C ALA T 70 -28.20 -10.59 -29.12
N SER T 71 -27.69 -11.03 -27.99
CA SER T 71 -28.20 -10.52 -26.71
C SER T 71 -27.81 -9.08 -26.45
N PHE T 72 -27.20 -8.38 -27.41
CA PHE T 72 -26.90 -6.97 -27.21
C PHE T 72 -28.11 -6.08 -27.49
N ILE T 73 -29.08 -6.57 -28.27
CA ILE T 73 -30.24 -5.74 -28.60
C ILE T 73 -31.03 -5.36 -27.36
N PRO T 74 -31.40 -6.27 -26.46
CA PRO T 74 -32.12 -5.84 -25.25
C PRO T 74 -31.31 -4.90 -24.38
N ARG T 75 -29.98 -5.03 -24.37
CA ARG T 75 -29.16 -4.13 -23.57
C ARG T 75 -29.29 -2.69 -24.02
N ILE T 76 -29.32 -2.44 -25.33
CA ILE T 76 -29.38 -1.07 -25.81
C ILE T 76 -30.70 -0.41 -25.40
N VAL T 77 -31.81 -1.14 -25.51
CA VAL T 77 -33.10 -0.56 -25.12
C VAL T 77 -33.12 -0.25 -23.62
N ILE T 78 -32.63 -1.18 -22.80
CA ILE T 78 -32.65 -0.96 -21.35
C ILE T 78 -31.74 0.17 -20.95
N SER T 79 -30.56 0.27 -21.57
CA SER T 79 -29.65 1.37 -21.26
C SER T 79 -30.26 2.72 -21.65
N LEU T 80 -30.95 2.78 -22.80
CA LEU T 80 -31.58 4.04 -23.20
C LEU T 80 -32.69 4.42 -22.24
N ILE T 81 -33.40 3.45 -21.68
CA ILE T 81 -34.42 3.75 -20.67
C ILE T 81 -33.78 4.37 -19.44
N GLY T 82 -32.65 3.82 -19.01
CA GLY T 82 -31.98 4.35 -17.82
C GLY T 82 -31.42 5.74 -18.02
N ILE T 83 -30.86 6.01 -19.20
CA ILE T 83 -30.28 7.32 -19.45
C ILE T 83 -31.34 8.42 -19.42
N GLY T 84 -32.49 8.18 -20.03
CA GLY T 84 -33.52 9.21 -20.08
C GLY T 84 -34.30 9.35 -18.79
N SER T 85 -34.23 8.36 -17.92
CA SER T 85 -34.97 8.36 -16.66
C SER T 85 -34.07 8.59 -15.45
N ALA T 86 -32.85 9.09 -15.65
CA ALA T 86 -31.92 9.23 -14.54
C ALA T 86 -32.44 10.19 -13.48
N SER T 87 -32.89 11.37 -13.90
CA SER T 87 -33.39 12.36 -12.94
C SER T 87 -34.65 11.88 -12.25
N TYR T 88 -35.57 11.28 -13.00
CA TYR T 88 -36.83 10.82 -12.41
C TYR T 88 -36.58 9.70 -11.40
N LEU T 89 -35.66 8.79 -11.72
CA LEU T 89 -35.40 7.66 -10.82
C LEU T 89 -34.82 8.12 -9.49
N VAL T 90 -33.96 9.11 -9.51
CA VAL T 90 -33.33 9.57 -8.27
C VAL T 90 -34.38 10.15 -7.32
N SER T 91 -35.28 10.99 -7.83
CA SER T 91 -36.29 11.60 -6.97
C SER T 91 -37.36 10.59 -6.58
N LEU T 92 -37.52 9.53 -7.37
CA LEU T 92 -38.50 8.50 -7.04
C LEU T 92 -38.18 7.84 -5.71
N THR T 93 -36.91 7.81 -5.31
CA THR T 93 -36.48 7.23 -4.05
C THR T 93 -36.45 8.23 -2.91
N GLY T 94 -36.85 9.48 -3.15
CA GLY T 94 -36.90 10.49 -2.11
C GLY T 94 -35.64 11.30 -1.94
N VAL T 95 -34.57 10.99 -2.66
CA VAL T 95 -33.33 11.74 -2.55
C VAL T 95 -33.46 13.07 -3.29
N GLY T 96 -32.98 14.13 -2.67
CA GLY T 96 -32.98 15.44 -3.29
C GLY T 96 -34.35 15.93 -3.69
N SER T 97 -35.19 16.25 -2.70
CA SER T 97 -36.51 16.80 -2.96
C SER T 97 -36.85 17.90 -1.95
N ALA U 28 -19.41 33.17 27.02
CA ALA U 28 -18.86 34.46 26.60
C ALA U 28 -18.90 34.59 25.09
N GLY U 29 -19.22 33.49 24.41
CA GLY U 29 -19.28 33.49 22.97
C GLY U 29 -20.52 32.80 22.45
N THR U 30 -20.44 32.23 21.25
CA THR U 30 -21.55 31.53 20.63
C THR U 30 -21.13 30.10 20.29
N ASP U 31 -22.04 29.16 20.54
CA ASP U 31 -21.78 27.76 20.24
C ASP U 31 -22.07 27.51 18.76
N THR U 32 -21.02 27.23 17.98
CA THR U 32 -21.15 26.98 16.55
C THR U 32 -20.78 25.54 16.23
N GLY U 33 -21.13 24.62 17.12
CA GLY U 33 -20.86 23.22 16.87
C GLY U 33 -22.02 22.52 16.18
N GLU U 34 -23.23 22.65 16.75
CA GLU U 34 -24.40 22.04 16.14
C GLU U 34 -24.78 22.76 14.85
N SER U 35 -24.73 24.10 14.85
CA SER U 35 -25.11 24.86 13.68
C SER U 35 -24.18 24.58 12.50
N THR U 36 -22.88 24.52 12.74
CA THR U 36 -21.93 24.27 11.67
C THR U 36 -22.15 22.89 11.05
N ALA U 37 -22.40 21.88 11.88
CA ALA U 37 -22.66 20.55 11.35
C ALA U 37 -23.96 20.52 10.55
N THR U 38 -25.00 21.21 11.03
CA THR U 38 -26.25 21.26 10.29
C THR U 38 -26.08 22.00 8.96
N SER U 39 -25.33 23.09 8.96
CA SER U 39 -25.13 23.86 7.74
C SER U 39 -24.41 23.04 6.68
N ILE U 40 -23.40 22.25 7.10
CA ILE U 40 -22.67 21.42 6.15
C ILE U 40 -23.58 20.34 5.58
N GLN U 41 -24.45 19.76 6.41
CA GLN U 41 -25.39 18.76 5.92
C GLN U 41 -26.34 19.34 4.90
N THR U 42 -26.87 20.54 5.17
CA THR U 42 -27.80 21.18 4.25
C THR U 42 -27.13 21.51 2.92
N TRP U 43 -25.88 21.95 2.96
CA TRP U 43 -25.18 22.30 1.73
C TRP U 43 -24.98 21.09 0.83
N LEU U 44 -24.58 19.95 1.41
CA LEU U 44 -24.32 18.77 0.60
C LEU U 44 -25.57 18.29 -0.12
N SER U 45 -26.72 18.36 0.55
CA SER U 45 -27.95 17.87 -0.06
C SER U 45 -28.36 18.70 -1.28
N THR U 46 -27.74 19.88 -1.46
CA THR U 46 -28.08 20.70 -2.61
C THR U 46 -27.59 20.07 -3.91
N TRP U 47 -26.37 19.51 -3.90
CA TRP U 47 -25.76 19.03 -5.13
C TRP U 47 -25.44 17.55 -5.15
N ILE U 48 -25.50 16.84 -4.02
CA ILE U 48 -25.33 15.38 -4.04
C ILE U 48 -26.42 14.73 -4.89
N PRO U 49 -27.69 15.07 -4.76
CA PRO U 49 -28.70 14.44 -5.62
C PRO U 49 -28.44 14.62 -7.11
N ILE U 50 -27.95 15.78 -7.54
CA ILE U 50 -27.64 15.98 -8.96
C ILE U 50 -26.48 15.09 -9.37
N GLY U 51 -25.48 14.94 -8.51
CA GLY U 51 -24.38 14.04 -8.81
C GLY U 51 -24.82 12.60 -8.93
N CYS U 52 -25.84 12.20 -8.17
CA CYS U 52 -26.36 10.83 -8.27
C CYS U 52 -26.99 10.59 -9.63
N ALA U 53 -27.70 11.57 -10.18
CA ALA U 53 -28.30 11.41 -11.50
C ALA U 53 -27.22 11.30 -12.58
N ILE U 54 -26.11 12.01 -12.41
CA ILE U 54 -25.02 11.93 -13.39
C ILE U 54 -24.44 10.52 -13.43
N ALA U 55 -24.25 9.91 -12.27
CA ALA U 55 -23.68 8.57 -12.22
C ALA U 55 -24.58 7.55 -12.92
N ILE U 56 -25.89 7.66 -12.73
CA ILE U 56 -26.81 6.73 -13.38
C ILE U 56 -26.70 6.85 -14.90
N MET U 57 -26.65 8.09 -15.40
CA MET U 57 -26.53 8.29 -16.84
C MET U 57 -25.20 7.78 -17.38
N VAL U 58 -24.11 8.07 -16.67
CA VAL U 58 -22.80 7.65 -17.14
C VAL U 58 -22.63 6.14 -17.02
N SER U 59 -23.10 5.55 -15.93
CA SER U 59 -22.98 4.11 -15.74
C SER U 59 -23.74 3.35 -16.81
N CYS U 60 -24.94 3.81 -17.16
CA CYS U 60 -25.70 3.16 -18.21
C CYS U 60 -25.00 3.27 -19.56
N PHE U 61 -24.32 4.39 -19.80
CA PHE U 61 -23.54 4.55 -21.03
C PHE U 61 -22.40 3.54 -21.09
N MET U 62 -21.67 3.36 -19.99
CA MET U 62 -20.56 2.42 -19.97
C MET U 62 -21.06 1.00 -20.18
N TRP U 63 -22.22 0.66 -19.61
CA TRP U 63 -22.80 -0.66 -19.81
C TRP U 63 -23.13 -0.90 -21.27
N MET U 64 -23.67 0.11 -21.96
CA MET U 64 -23.97 -0.02 -23.38
C MET U 64 -22.72 -0.32 -24.19
N LEU U 65 -21.56 0.18 -23.76
CA LEU U 65 -20.31 0.02 -24.48
C LEU U 65 -19.59 -1.28 -24.12
N HIS U 66 -20.16 -2.08 -23.23
CA HIS U 66 -19.56 -3.35 -22.83
C HIS U 66 -18.26 -3.13 -22.07
N VAL U 67 -18.24 -2.12 -21.20
CA VAL U 67 -17.07 -1.79 -20.41
C VAL U 67 -17.18 -2.33 -18.99
N ILE U 68 -18.38 -2.35 -18.42
CA ILE U 68 -18.57 -2.81 -17.05
C ILE U 68 -19.71 -3.81 -17.04
N PRO U 69 -19.75 -4.69 -16.03
CA PRO U 69 -20.84 -5.66 -15.94
C PRO U 69 -22.13 -4.99 -15.48
N ALA U 70 -23.19 -5.78 -15.49
CA ALA U 70 -24.52 -5.29 -15.10
C ALA U 70 -24.75 -5.31 -13.61
N SER U 71 -23.79 -5.75 -12.82
CA SER U 71 -23.95 -5.73 -11.36
C SER U 71 -23.93 -4.34 -10.79
N PHE U 72 -23.89 -3.28 -11.60
CA PHE U 72 -23.96 -1.93 -11.07
C PHE U 72 -25.39 -1.50 -10.75
N ILE U 73 -26.38 -2.14 -11.37
CA ILE U 73 -27.77 -1.74 -11.13
C ILE U 73 -28.17 -1.92 -9.68
N PRO U 74 -27.95 -3.07 -9.04
CA PRO U 74 -28.30 -3.19 -7.62
C PRO U 74 -27.54 -2.22 -6.73
N ARG U 75 -26.31 -1.86 -7.09
CA ARG U 75 -25.54 -0.91 -6.29
C ARG U 75 -26.23 0.45 -6.22
N ILE U 76 -26.77 0.93 -7.35
CA ILE U 76 -27.37 2.26 -7.36
C ILE U 76 -28.59 2.29 -6.45
N VAL U 77 -29.42 1.26 -6.48
CA VAL U 77 -30.61 1.24 -5.62
C VAL U 77 -30.21 1.20 -4.15
N ILE U 78 -29.24 0.37 -3.81
CA ILE U 78 -28.82 0.25 -2.41
C ILE U 78 -28.18 1.54 -1.92
N SER U 79 -27.36 2.18 -2.76
CA SER U 79 -26.76 3.46 -2.36
C SER U 79 -27.81 4.54 -2.15
N LEU U 80 -28.84 4.58 -3.01
CA LEU U 80 -29.89 5.57 -2.84
C LEU U 80 -30.68 5.33 -1.56
N ILE U 81 -30.85 4.07 -1.16
CA ILE U 81 -31.51 3.77 0.11
C ILE U 81 -30.69 4.31 1.27
N GLY U 82 -29.37 4.14 1.21
CA GLY U 82 -28.53 4.61 2.29
C GLY U 82 -28.48 6.12 2.40
N ILE U 83 -28.45 6.81 1.26
CA ILE U 83 -28.38 8.27 1.28
C ILE U 83 -29.63 8.87 1.91
N GLY U 84 -30.80 8.36 1.57
CA GLY U 84 -32.03 8.94 2.09
C GLY U 84 -32.33 8.53 3.52
N SER U 85 -31.70 7.46 4.00
CA SER U 85 -31.93 6.94 5.34
C SER U 85 -30.79 7.24 6.30
N ALA U 86 -29.90 8.16 5.96
CA ALA U 86 -28.72 8.40 6.79
C ALA U 86 -29.11 8.86 8.19
N SER U 87 -29.99 9.86 8.28
CA SER U 87 -30.38 10.39 9.58
C SER U 87 -31.14 9.36 10.39
N TYR U 88 -32.06 8.63 9.74
CA TYR U 88 -32.85 7.64 10.46
C TYR U 88 -31.98 6.51 10.99
N LEU U 89 -31.00 6.07 10.19
CA LEU U 89 -30.16 4.95 10.59
C LEU U 89 -29.32 5.30 11.81
N VAL U 90 -28.82 6.54 11.89
CA VAL U 90 -27.97 6.91 13.01
C VAL U 90 -28.75 6.86 14.32
N SER U 91 -29.96 7.42 14.33
CA SER U 91 -30.76 7.42 15.56
C SER U 91 -31.30 6.04 15.87
N LEU U 92 -31.42 5.17 14.87
CA LEU U 92 -31.90 3.82 15.10
C LEU U 92 -30.97 3.05 16.04
N THR U 93 -29.70 3.42 16.08
CA THR U 93 -28.71 2.79 16.95
C THR U 93 -28.58 3.47 18.30
N GLY U 94 -29.37 4.51 18.56
CA GLY U 94 -29.34 5.21 19.83
C GLY U 94 -28.39 6.37 19.93
N VAL U 95 -27.57 6.61 18.90
CA VAL U 95 -26.63 7.72 18.93
C VAL U 95 -27.38 9.03 18.68
N GLY U 96 -27.03 10.04 19.47
CA GLY U 96 -27.61 11.36 19.28
C GLY U 96 -29.12 11.40 19.41
N SER U 97 -29.62 11.17 20.63
CA SER U 97 -31.06 11.26 20.90
C SER U 97 -31.32 11.93 22.23
N ALA V 28 -10.22 26.24 49.16
CA ALA V 28 -10.24 27.69 49.04
C ALA V 28 -10.81 28.11 47.69
N GLY V 29 -11.01 27.13 46.81
CA GLY V 29 -11.56 27.39 45.49
C GLY V 29 -12.66 26.44 45.12
N THR V 30 -12.83 26.20 43.82
CA THR V 30 -13.84 25.28 43.32
C THR V 30 -13.17 24.20 42.47
N ASP V 31 -13.63 22.97 42.63
CA ASP V 31 -13.12 21.84 41.86
C ASP V 31 -13.80 21.81 40.51
N THR V 32 -13.04 22.09 39.44
CA THR V 32 -13.57 22.11 38.08
C THR V 32 -12.95 21.00 37.26
N GLY V 33 -12.70 19.86 37.88
CA GLY V 33 -12.15 18.73 37.16
C GLY V 33 -13.22 17.81 36.61
N GLU V 34 -14.15 17.38 37.47
CA GLU V 34 -15.24 16.53 37.00
C GLU V 34 -16.22 17.31 36.14
N SER V 35 -16.54 18.55 36.52
CA SER V 35 -17.50 19.34 35.78
C SER V 35 -16.98 19.67 34.38
N THR V 36 -15.72 20.03 34.26
CA THR V 36 -15.16 20.36 32.96
C THR V 36 -15.17 19.16 32.03
N ALA V 37 -14.83 17.97 32.54
CA ALA V 37 -14.87 16.77 31.72
C ALA V 37 -16.30 16.44 31.30
N THR V 38 -17.26 16.60 32.20
CA THR V 38 -18.65 16.34 31.85
C THR V 38 -19.16 17.34 30.82
N SER V 39 -18.78 18.61 30.96
CA SER V 39 -19.23 19.63 30.02
C SER V 39 -18.71 19.36 28.62
N ILE V 40 -17.45 18.94 28.51
CA ILE V 40 -16.88 18.62 27.20
C ILE V 40 -17.59 17.43 26.58
N GLN V 41 -17.92 16.42 27.38
CA GLN V 41 -18.64 15.26 26.86
C GLN V 41 -20.02 15.67 26.34
N THR V 42 -20.73 16.51 27.08
CA THR V 42 -22.06 16.93 26.66
C THR V 42 -22.00 17.75 25.38
N TRP V 43 -20.98 18.60 25.23
CA TRP V 43 -20.87 19.43 24.04
C TRP V 43 -20.65 18.58 22.80
N LEU V 44 -19.78 17.57 22.88
CA LEU V 44 -19.48 16.75 21.71
C LEU V 44 -20.71 16.02 21.21
N SER V 45 -21.54 15.53 22.12
CA SER V 45 -22.72 14.76 21.73
C SER V 45 -23.72 15.62 20.96
N THR V 46 -23.56 16.95 21.00
CA THR V 46 -24.49 17.81 20.27
C THR V 46 -24.31 17.69 18.77
N TRP V 47 -23.05 17.61 18.30
CA TRP V 47 -22.78 17.64 16.87
C TRP V 47 -22.08 16.41 16.32
N ILE V 48 -21.56 15.52 17.17
CA ILE V 48 -21.01 14.25 16.66
C ILE V 48 -22.08 13.44 15.95
N PRO V 49 -23.28 13.26 16.49
CA PRO V 49 -24.30 12.51 15.75
C PRO V 49 -24.61 13.07 14.38
N ILE V 50 -24.64 14.39 14.21
CA ILE V 50 -24.90 14.96 12.90
C ILE V 50 -23.76 14.66 11.95
N GLY V 51 -22.51 14.71 12.45
CA GLY V 51 -21.38 14.34 11.63
C GLY V 51 -21.41 12.90 11.19
N CYS V 52 -21.96 12.00 12.02
CA CYS V 52 -22.07 10.61 11.63
C CYS V 52 -23.02 10.42 10.46
N ALA V 53 -24.13 11.18 10.45
CA ALA V 53 -25.06 11.10 9.33
C ALA V 53 -24.43 11.59 8.04
N ILE V 54 -23.57 12.62 8.13
CA ILE V 54 -22.90 13.12 6.94
C ILE V 54 -22.00 12.06 6.33
N ALA V 55 -21.26 11.34 7.16
CA ALA V 55 -20.35 10.31 6.65
C ALA V 55 -21.11 9.22 5.92
N ILE V 56 -22.25 8.79 6.45
CA ILE V 56 -23.05 7.76 5.80
C ILE V 56 -23.48 8.21 4.41
N MET V 57 -23.96 9.45 4.32
CA MET V 57 -24.40 9.97 3.03
C MET V 57 -23.24 10.11 2.05
N VAL V 58 -22.10 10.61 2.52
CA VAL V 58 -20.96 10.80 1.63
C VAL V 58 -20.35 9.46 1.23
N SER V 59 -20.24 8.54 2.18
CA SER V 59 -19.65 7.23 1.88
C SER V 59 -20.49 6.48 0.86
N CYS V 60 -21.81 6.54 0.97
CA CYS V 60 -22.68 5.89 -0.01
C CYS V 60 -22.52 6.52 -1.38
N PHE V 61 -22.31 7.83 -1.43
CA PHE V 61 -22.07 8.50 -2.70
C PHE V 61 -20.78 8.01 -3.35
N MET V 62 -19.71 7.89 -2.58
CA MET V 62 -18.44 7.42 -3.12
C MET V 62 -18.55 5.99 -3.63
N TRP V 63 -19.31 5.16 -2.92
CA TRP V 63 -19.53 3.78 -3.36
C TRP V 63 -20.25 3.75 -4.70
N MET V 64 -21.25 4.61 -4.88
CA MET V 64 -21.96 4.67 -6.15
C MET V 64 -21.02 5.01 -7.30
N LEU V 65 -19.98 5.80 -7.04
CA LEU V 65 -19.06 6.24 -8.07
C LEU V 65 -17.93 5.26 -8.31
N HIS V 66 -17.91 4.13 -7.59
CA HIS V 66 -16.87 3.11 -7.76
C HIS V 66 -15.51 3.63 -7.33
N VAL V 67 -15.49 4.38 -6.23
CA VAL V 67 -14.26 4.94 -5.68
C VAL V 67 -13.73 4.13 -4.51
N ILE V 68 -14.61 3.56 -3.70
CA ILE V 68 -14.18 2.80 -2.53
C ILE V 68 -14.93 1.46 -2.54
N PRO V 69 -14.38 0.45 -1.88
CA PRO V 69 -15.06 -0.85 -1.82
C PRO V 69 -16.25 -0.80 -0.87
N ALA V 70 -16.98 -1.91 -0.85
CA ALA V 70 -18.19 -2.00 -0.02
C ALA V 70 -17.90 -2.42 1.41
N SER V 71 -16.64 -2.63 1.77
CA SER V 71 -16.30 -2.97 3.15
C SER V 71 -16.47 -1.80 4.10
N PHE V 72 -17.01 -0.67 3.66
CA PHE V 72 -17.27 0.43 4.58
C PHE V 72 -18.56 0.23 5.36
N ILE V 73 -19.49 -0.57 4.84
CA ILE V 73 -20.77 -0.76 5.53
C ILE V 73 -20.59 -1.37 6.91
N PRO V 74 -19.85 -2.47 7.09
CA PRO V 74 -19.65 -2.99 8.45
C PRO V 74 -18.94 -2.01 9.38
N ARG V 75 -18.07 -1.17 8.84
CA ARG V 75 -17.38 -0.20 9.68
C ARG V 75 -18.35 0.78 10.33
N ILE V 76 -19.34 1.26 9.58
CA ILE V 76 -20.27 2.25 10.12
C ILE V 76 -21.07 1.66 11.27
N VAL V 77 -21.53 0.42 11.13
CA VAL V 77 -22.31 -0.21 12.20
C VAL V 77 -21.44 -0.39 13.45
N ILE V 78 -20.21 -0.87 13.26
CA ILE V 78 -19.34 -1.12 14.42
C ILE V 78 -18.96 0.19 15.10
N SER V 79 -18.68 1.24 14.33
CA SER V 79 -18.37 2.54 14.93
C SER V 79 -19.55 3.10 15.71
N LEU V 80 -20.77 2.94 15.19
CA LEU V 80 -21.94 3.43 15.91
C LEU V 80 -22.14 2.66 17.21
N ILE V 81 -21.82 1.37 17.23
CA ILE V 81 -21.90 0.61 18.47
C ILE V 81 -20.92 1.16 19.50
N GLY V 82 -19.71 1.49 19.06
CA GLY V 82 -18.72 2.00 19.99
C GLY V 82 -19.07 3.37 20.54
N ILE V 83 -19.61 4.24 19.69
CA ILE V 83 -19.95 5.59 20.14
C ILE V 83 -21.03 5.56 21.21
N GLY V 84 -22.07 4.75 21.03
CA GLY V 84 -23.15 4.72 22.00
C GLY V 84 -22.82 3.95 23.26
N SER V 85 -21.79 3.11 23.22
CA SER V 85 -21.40 2.27 24.35
C SER V 85 -20.13 2.76 25.04
N ALA V 86 -19.71 3.99 24.79
CA ALA V 86 -18.45 4.46 25.33
C ALA V 86 -18.45 4.46 26.85
N SER V 87 -19.48 5.04 27.46
CA SER V 87 -19.54 5.11 28.92
C SER V 87 -19.68 3.72 29.54
N TYR V 88 -20.51 2.86 28.95
CA TYR V 88 -20.70 1.53 29.50
C TYR V 88 -19.42 0.71 29.42
N LEU V 89 -18.69 0.82 28.31
CA LEU V 89 -17.49 0.03 28.13
C LEU V 89 -16.42 0.40 29.15
N VAL V 90 -16.29 1.69 29.47
CA VAL V 90 -15.25 2.12 30.41
C VAL V 90 -15.50 1.52 31.79
N SER V 91 -16.74 1.58 32.27
CA SER V 91 -17.04 1.05 33.60
C SER V 91 -17.04 -0.46 33.61
N LEU V 92 -17.24 -1.09 32.45
CA LEU V 92 -17.21 -2.55 32.37
C LEU V 92 -15.85 -3.09 32.77
N THR V 93 -14.79 -2.31 32.60
CA THR V 93 -13.44 -2.71 32.96
C THR V 93 -13.06 -2.31 34.38
N GLY V 94 -13.98 -1.70 35.13
CA GLY V 94 -13.71 -1.33 36.50
C GLY V 94 -13.15 0.06 36.70
N VAL V 95 -12.84 0.78 35.64
CA VAL V 95 -12.29 2.13 35.76
C VAL V 95 -13.40 3.10 36.12
N GLY V 96 -13.12 3.98 37.07
CA GLY V 96 -14.07 5.01 37.44
C GLY V 96 -15.40 4.48 37.96
N SER V 97 -15.37 3.84 39.12
CA SER V 97 -16.60 3.34 39.75
C SER V 97 -16.58 3.59 41.25
N ALA W 28 7.45 18.70 65.10
CA ALA W 28 6.99 20.04 65.43
C ALA W 28 5.91 20.49 64.46
N GLY W 29 5.70 19.70 63.41
CA GLY W 29 4.69 20.02 62.42
C GLY W 29 3.84 18.82 62.06
N THR W 30 3.33 18.81 60.84
CA THR W 30 2.51 17.71 60.34
C THR W 30 3.12 17.15 59.06
N ASP W 31 3.11 15.83 58.95
CA ASP W 31 3.63 15.14 57.78
C ASP W 31 2.56 15.15 56.68
N THR W 32 2.80 15.89 55.62
CA THR W 32 1.87 16.00 54.50
C THR W 32 2.45 15.38 53.24
N GLY W 33 3.21 14.30 53.40
CA GLY W 33 3.78 13.61 52.26
C GLY W 33 2.88 12.51 51.75
N GLU W 34 2.46 11.62 52.63
CA GLU W 34 1.57 10.54 52.22
C GLU W 34 0.18 11.08 51.91
N SER W 35 -0.33 12.00 52.72
CA SER W 35 -1.67 12.54 52.52
C SER W 35 -1.76 13.30 51.20
N THR W 36 -0.76 14.12 50.88
CA THR W 36 -0.79 14.88 49.64
C THR W 36 -0.79 13.97 48.43
N ALA W 37 0.02 12.91 48.46
CA ALA W 37 0.05 11.97 47.35
C ALA W 37 -1.29 11.26 47.21
N THR W 38 -1.89 10.86 48.33
CA THR W 38 -3.18 10.19 48.27
C THR W 38 -4.27 11.13 47.76
N SER W 39 -4.24 12.39 48.19
CA SER W 39 -5.25 13.35 47.75
C SER W 39 -5.17 13.58 46.24
N ILE W 40 -3.95 13.66 45.70
CA ILE W 40 -3.80 13.86 44.26
C ILE W 40 -4.31 12.64 43.50
N GLN W 41 -4.06 11.44 44.01
CA GLN W 41 -4.56 10.24 43.36
C GLN W 41 -6.08 10.21 43.35
N THR W 42 -6.71 10.57 44.46
CA THR W 42 -8.17 10.56 44.53
C THR W 42 -8.77 11.59 43.60
N TRP W 43 -8.14 12.76 43.47
CA TRP W 43 -8.67 13.80 42.59
C TRP W 43 -8.66 13.36 41.13
N LEU W 44 -7.57 12.73 40.69
CA LEU W 44 -7.46 12.34 39.28
C LEU W 44 -8.54 11.33 38.91
N SER W 45 -8.83 10.39 39.81
CA SER W 45 -9.80 9.36 39.50
C SER W 45 -11.21 9.93 39.32
N THR W 46 -11.42 11.18 39.72
CA THR W 46 -12.74 11.79 39.54
C THR W 46 -13.04 12.04 38.07
N TRP W 47 -12.06 12.52 37.31
CA TRP W 47 -12.31 12.95 35.93
C TRP W 47 -11.51 12.19 34.88
N ILE W 48 -10.51 11.40 35.25
CA ILE W 48 -9.83 10.55 34.27
C ILE W 48 -10.81 9.57 33.63
N PRO W 49 -11.65 8.85 34.37
CA PRO W 49 -12.61 7.95 33.71
C PRO W 49 -13.51 8.63 32.71
N ILE W 50 -13.96 9.85 32.97
CA ILE W 50 -14.80 10.55 31.99
C ILE W 50 -14.00 10.89 30.74
N GLY W 51 -12.73 11.27 30.91
CA GLY W 51 -11.89 11.52 29.77
C GLY W 51 -11.67 10.28 28.91
N CYS W 52 -11.62 9.11 29.54
CA CYS W 52 -11.46 7.86 28.80
C CYS W 52 -12.67 7.60 27.90
N ALA W 53 -13.87 7.89 28.39
CA ALA W 53 -15.07 7.70 27.58
C ALA W 53 -15.07 8.66 26.38
N ILE W 54 -14.55 9.87 26.56
CA ILE W 54 -14.50 10.82 25.46
C ILE W 54 -13.60 10.30 24.34
N ALA W 55 -12.44 9.73 24.71
CA ALA W 55 -11.52 9.24 23.71
C ALA W 55 -12.13 8.11 22.88
N ILE W 56 -12.87 7.21 23.54
CA ILE W 56 -13.50 6.12 22.81
C ILE W 56 -14.50 6.65 21.79
N MET W 57 -15.30 7.63 22.20
CA MET W 57 -16.28 8.22 21.28
C MET W 57 -15.60 8.95 20.13
N VAL W 58 -14.56 9.73 20.43
CA VAL W 58 -13.89 10.49 19.38
C VAL W 58 -13.09 9.57 18.47
N SER W 59 -12.42 8.58 19.03
CA SER W 59 -11.63 7.66 18.21
C SER W 59 -12.52 6.88 17.24
N CYS W 60 -13.69 6.44 17.70
CA CYS W 60 -14.61 5.74 16.82
C CYS W 60 -15.10 6.65 15.70
N PHE W 61 -15.30 7.92 16.00
CA PHE W 61 -15.71 8.88 14.97
C PHE W 61 -14.63 9.03 13.91
N MET W 62 -13.37 9.15 14.32
CA MET W 62 -12.28 9.30 13.35
C MET W 62 -12.15 8.05 12.49
N TRP W 63 -12.36 6.87 13.07
CA TRP W 63 -12.32 5.63 12.31
C TRP W 63 -13.41 5.61 11.24
N MET W 64 -14.61 6.08 11.59
CA MET W 64 -15.69 6.14 10.61
C MET W 64 -15.34 7.02 9.43
N LEU W 65 -14.53 8.06 9.64
CA LEU W 65 -14.16 9.01 8.61
C LEU W 65 -12.96 8.56 7.81
N HIS W 66 -12.38 7.40 8.11
CA HIS W 66 -11.23 6.89 7.39
C HIS W 66 -10.00 7.75 7.61
N VAL W 67 -9.83 8.21 8.85
CA VAL W 67 -8.69 9.06 9.21
C VAL W 67 -7.59 8.28 9.90
N ILE W 68 -7.94 7.27 10.69
CA ILE W 68 -6.96 6.48 11.43
C ILE W 68 -7.26 5.01 11.20
N PRO W 69 -6.25 4.15 11.37
CA PRO W 69 -6.47 2.71 11.19
C PRO W 69 -7.24 2.13 12.37
N ALA W 70 -7.59 0.86 12.25
CA ALA W 70 -8.36 0.17 13.27
C ALA W 70 -7.50 -0.39 14.39
N SER W 71 -6.19 -0.20 14.33
CA SER W 71 -5.33 -0.68 15.42
C SER W 71 -5.49 0.11 16.69
N PHE W 72 -6.44 1.06 16.77
CA PHE W 72 -6.67 1.77 18.01
C PHE W 72 -7.52 0.97 18.99
N ILE W 73 -8.30 0.00 18.50
CA ILE W 73 -9.17 -0.77 19.40
C ILE W 73 -8.36 -1.53 20.43
N PRO W 74 -7.33 -2.30 20.08
CA PRO W 74 -6.56 -2.99 21.12
C PRO W 74 -5.87 -2.03 22.09
N ARG W 75 -5.50 -0.84 21.64
CA ARG W 75 -4.88 0.13 22.54
C ARG W 75 -5.80 0.54 23.67
N ILE W 76 -7.08 0.76 23.38
CA ILE W 76 -8.01 1.21 24.41
C ILE W 76 -8.18 0.16 25.49
N VAL W 77 -8.30 -1.11 25.09
CA VAL W 77 -8.45 -2.17 26.09
C VAL W 77 -7.21 -2.29 26.95
N ILE W 78 -6.02 -2.24 26.34
CA ILE W 78 -4.79 -2.38 27.11
C ILE W 78 -4.59 -1.20 28.03
N SER W 79 -4.89 0.02 27.57
CA SER W 79 -4.76 1.18 28.44
C SER W 79 -5.72 1.11 29.62
N LEU W 80 -6.94 0.64 29.40
CA LEU W 80 -7.90 0.50 30.50
C LEU W 80 -7.42 -0.53 31.52
N ILE W 81 -6.77 -1.59 31.06
CA ILE W 81 -6.21 -2.57 31.99
C ILE W 81 -5.13 -1.92 32.86
N GLY W 82 -4.28 -1.10 32.26
CA GLY W 82 -3.21 -0.46 33.02
C GLY W 82 -3.73 0.55 34.03
N ILE W 83 -4.75 1.32 33.65
CA ILE W 83 -5.29 2.33 34.56
C ILE W 83 -5.88 1.70 35.81
N GLY W 84 -6.65 0.62 35.65
CA GLY W 84 -7.29 0.01 36.80
C GLY W 84 -6.36 -0.84 37.64
N SER W 85 -5.21 -1.23 37.09
CA SER W 85 -4.25 -2.08 37.78
C SER W 85 -3.01 -1.33 38.25
N ALA W 86 -3.05 0.01 38.28
CA ALA W 86 -1.86 0.79 38.60
C ALA W 86 -1.35 0.47 40.01
N SER W 87 -2.25 0.49 41.00
CA SER W 87 -1.82 0.24 42.37
C SER W 87 -1.34 -1.19 42.56
N TYR W 88 -2.06 -2.15 41.97
CA TYR W 88 -1.67 -3.56 42.11
C TYR W 88 -0.32 -3.82 41.47
N LEU W 89 -0.07 -3.23 40.30
CA LEU W 89 1.18 -3.47 39.59
C LEU W 89 2.38 -2.97 40.38
N VAL W 90 2.24 -1.81 41.03
CA VAL W 90 3.37 -1.24 41.76
C VAL W 90 3.78 -2.15 42.91
N SER W 91 2.81 -2.65 43.68
CA SER W 91 3.13 -3.50 44.82
C SER W 91 3.56 -4.89 44.36
N LEU W 92 3.17 -5.29 43.15
CA LEU W 92 3.58 -6.59 42.63
C LEU W 92 5.10 -6.68 42.49
N THR W 93 5.76 -5.55 42.31
CA THR W 93 7.21 -5.50 42.18
C THR W 93 7.92 -5.29 43.51
N GLY W 94 7.18 -5.22 44.62
CA GLY W 94 7.77 -5.06 45.92
C GLY W 94 7.96 -3.65 46.39
N VAL W 95 7.68 -2.66 45.56
CA VAL W 95 7.83 -1.25 45.94
C VAL W 95 6.68 -0.85 46.85
N GLY W 96 7.01 -0.14 47.92
CA GLY W 96 5.99 0.38 48.82
C GLY W 96 5.12 -0.68 49.46
N SER W 97 5.72 -1.50 50.33
CA SER W 97 4.97 -2.52 51.05
C SER W 97 5.42 -2.59 52.51
N ALA X 28 30.82 14.93 73.06
CA ALA X 28 30.13 15.91 73.88
C ALA X 28 28.70 16.12 73.41
N GLY X 29 28.39 15.56 72.25
CA GLY X 29 27.06 15.68 71.68
C GLY X 29 26.50 14.36 71.19
N THR X 30 25.63 14.41 70.19
CA THR X 30 25.03 13.23 69.61
C THR X 30 25.32 13.19 68.11
N ASP X 31 25.64 12.01 67.61
CA ASP X 31 25.90 11.81 66.18
C ASP X 31 24.57 11.66 65.46
N THR X 32 24.22 12.64 64.64
CA THR X 32 22.98 12.63 63.88
C THR X 32 23.26 12.53 62.38
N GLY X 33 24.29 11.79 62.01
CA GLY X 33 24.61 11.60 60.61
C GLY X 33 23.94 10.38 60.03
N GLU X 34 24.11 9.24 60.67
CA GLU X 34 23.47 8.02 60.19
C GLU X 34 21.97 8.06 60.40
N SER X 35 21.53 8.57 61.56
CA SER X 35 20.10 8.61 61.86
C SER X 35 19.36 9.53 60.92
N THR X 36 19.93 10.70 60.63
CA THR X 36 19.26 11.65 59.73
C THR X 36 19.12 11.07 58.34
N ALA X 37 20.16 10.39 57.83
CA ALA X 37 20.07 9.77 56.52
C ALA X 37 19.02 8.66 56.50
N THR X 38 18.97 7.86 57.57
CA THR X 38 17.97 6.79 57.63
C THR X 38 16.57 7.36 57.72
N SER X 39 16.38 8.44 58.49
CA SER X 39 15.06 9.03 58.63
C SER X 39 14.56 9.57 57.30
N ILE X 40 15.44 10.20 56.52
CA ILE X 40 15.05 10.73 55.22
C ILE X 40 14.66 9.60 54.27
N GLN X 41 15.41 8.48 54.32
CA GLN X 41 15.08 7.34 53.47
C GLN X 41 13.71 6.77 53.84
N THR X 42 13.42 6.65 55.12
CA THR X 42 12.13 6.10 55.55
C THR X 42 10.98 7.02 55.14
N TRP X 43 11.18 8.33 55.23
CA TRP X 43 10.12 9.26 54.87
C TRP X 43 9.76 9.16 53.40
N LEU X 44 10.77 9.09 52.52
CA LEU X 44 10.50 9.05 51.09
C LEU X 44 9.69 7.82 50.70
N SER X 45 9.99 6.67 51.32
CA SER X 45 9.31 5.45 50.96
C SER X 45 7.82 5.50 51.32
N THR X 46 7.41 6.48 52.12
CA THR X 46 5.99 6.59 52.47
C THR X 46 5.15 7.02 51.27
N TRP X 47 5.65 7.96 50.47
CA TRP X 47 4.85 8.55 49.40
C TRP X 47 5.42 8.35 48.01
N ILE X 48 6.67 7.92 47.86
CA ILE X 48 7.18 7.58 46.52
C ILE X 48 6.37 6.49 45.88
N PRO X 49 6.06 5.38 46.56
CA PRO X 49 5.23 4.34 45.91
C PRO X 49 3.89 4.84 45.41
N ILE X 50 3.23 5.73 46.14
CA ILE X 50 1.95 6.27 45.67
C ILE X 50 2.16 7.12 44.42
N GLY X 51 3.24 7.89 44.38
CA GLY X 51 3.54 8.66 43.19
C GLY X 51 3.81 7.79 41.98
N CYS X 52 4.39 6.60 42.19
CA CYS X 52 4.63 5.68 41.08
C CYS X 52 3.32 5.20 40.48
N ALA X 53 2.33 4.92 41.32
CA ALA X 53 1.03 4.49 40.80
C ALA X 53 0.36 5.59 40.00
N ILE X 54 0.54 6.85 40.41
CA ILE X 54 -0.05 7.97 39.67
C ILE X 54 0.52 8.05 38.26
N ALA X 55 1.85 7.87 38.14
CA ALA X 55 2.48 7.96 36.82
C ALA X 55 1.97 6.88 35.89
N ILE X 56 1.78 5.65 36.39
CA ILE X 56 1.27 4.58 35.55
C ILE X 56 -0.11 4.93 35.03
N MET X 57 -0.98 5.44 35.90
CA MET X 57 -2.33 5.81 35.48
C MET X 57 -2.31 6.96 34.47
N VAL X 58 -1.49 7.98 34.73
CA VAL X 58 -1.45 9.13 33.84
C VAL X 58 -0.80 8.77 32.51
N SER X 59 0.29 7.99 32.55
CA SER X 59 0.97 7.61 31.32
C SER X 59 0.07 6.78 30.42
N CYS X 60 -0.70 5.87 30.99
CA CYS X 60 -1.63 5.07 30.20
C CYS X 60 -2.70 5.94 29.58
N PHE X 61 -3.14 6.98 30.29
CA PHE X 61 -4.12 7.91 29.74
C PHE X 61 -3.55 8.66 28.54
N MET X 62 -2.31 9.14 28.64
CA MET X 62 -1.70 9.85 27.53
C MET X 62 -1.53 8.95 26.32
N TRP X 63 -1.19 7.68 26.55
CA TRP X 63 -1.06 6.73 25.45
C TRP X 63 -2.39 6.53 24.74
N MET X 64 -3.49 6.46 25.50
CA MET X 64 -4.80 6.32 24.89
C MET X 64 -5.14 7.50 23.98
N LEU X 65 -4.63 8.68 24.31
CA LEU X 65 -4.91 9.89 23.55
C LEU X 65 -3.97 10.09 22.37
N HIS X 66 -3.03 9.17 22.16
CA HIS X 66 -2.09 9.27 21.04
C HIS X 66 -1.15 10.45 21.21
N VAL X 67 -0.71 10.68 22.44
CA VAL X 67 0.20 11.79 22.75
C VAL X 67 1.64 11.33 22.87
N ILE X 68 1.86 10.13 23.39
CA ILE X 68 3.22 9.62 23.58
C ILE X 68 3.29 8.22 22.99
N PRO X 69 4.48 7.76 22.63
CA PRO X 69 4.63 6.41 22.09
C PRO X 69 4.51 5.36 23.19
N ALA X 70 4.51 4.10 22.76
CA ALA X 70 4.34 2.98 23.69
C ALA X 70 5.66 2.56 24.34
N SER X 71 6.77 3.21 24.01
CA SER X 71 8.04 2.87 24.64
C SER X 71 8.10 3.27 26.10
N PHE X 72 7.01 3.77 26.70
CA PHE X 72 7.02 4.08 28.11
C PHE X 72 6.81 2.84 28.98
N ILE X 73 6.21 1.79 28.43
CA ILE X 73 5.95 0.59 29.23
C ILE X 73 7.24 -0.04 29.75
N PRO X 74 8.26 -0.29 28.93
CA PRO X 74 9.51 -0.85 29.49
C PRO X 74 10.18 0.07 30.51
N ARG X 75 10.03 1.38 30.35
CA ARG X 75 10.61 2.31 31.32
C ARG X 75 10.04 2.11 32.72
N ILE X 76 8.74 1.91 32.84
CA ILE X 76 8.13 1.78 34.15
C ILE X 76 8.63 0.54 34.87
N VAL X 77 8.75 -0.57 34.14
CA VAL X 77 9.24 -1.81 34.77
C VAL X 77 10.68 -1.63 35.22
N ILE X 78 11.52 -1.05 34.38
CA ILE X 78 12.94 -0.89 34.73
C ILE X 78 13.10 0.08 35.90
N SER X 79 12.32 1.16 35.92
CA SER X 79 12.41 2.09 37.04
C SER X 79 11.96 1.44 38.34
N LEU X 80 10.92 0.61 38.30
CA LEU X 80 10.48 -0.07 39.51
C LEU X 80 11.53 -1.05 40.02
N ILE X 81 12.27 -1.68 39.11
CA ILE X 81 13.36 -2.56 39.51
C ILE X 81 14.43 -1.77 40.25
N GLY X 82 14.77 -0.59 39.74
CA GLY X 82 15.80 0.21 40.37
C GLY X 82 15.39 0.75 41.72
N ILE X 83 14.13 1.15 41.87
CA ILE X 83 13.67 1.70 43.15
C ILE X 83 13.73 0.65 44.25
N GLY X 84 13.30 -0.58 43.97
CA GLY X 84 13.28 -1.60 44.99
C GLY X 84 14.64 -2.21 45.27
N SER X 85 15.59 -2.03 44.37
CA SER X 85 16.93 -2.60 44.50
C SER X 85 17.98 -1.56 44.85
N ALA X 86 17.59 -0.37 45.31
CA ALA X 86 18.55 0.70 45.54
C ALA X 86 19.57 0.31 46.61
N SER X 87 19.09 -0.20 47.75
CA SER X 87 20.00 -0.56 48.83
C SER X 87 20.89 -1.73 48.45
N TYR X 88 20.33 -2.74 47.79
CA TYR X 88 21.12 -3.90 47.39
C TYR X 88 22.19 -3.52 46.38
N LEU X 89 21.85 -2.65 45.43
CA LEU X 89 22.81 -2.28 44.40
C LEU X 89 24.01 -1.55 44.97
N VAL X 90 23.78 -0.68 45.96
CA VAL X 90 24.88 0.09 46.53
C VAL X 90 25.89 -0.83 47.20
N SER X 91 25.42 -1.78 48.01
CA SER X 91 26.33 -2.67 48.70
C SER X 91 26.95 -3.69 47.75
N LEU X 92 26.31 -3.95 46.61
CA LEU X 92 26.86 -4.88 45.63
C LEU X 92 28.20 -4.39 45.10
N THR X 93 28.42 -3.07 45.12
CA THR X 93 29.67 -2.48 44.65
C THR X 93 30.70 -2.31 45.77
N GLY X 94 30.39 -2.74 46.99
CA GLY X 94 31.31 -2.65 48.09
C GLY X 94 31.23 -1.39 48.91
N VAL X 95 30.43 -0.41 48.51
CA VAL X 95 30.31 0.83 49.25
C VAL X 95 29.46 0.60 50.50
N GLY X 96 29.91 1.15 51.62
CA GLY X 96 29.16 1.07 52.86
C GLY X 96 28.89 -0.35 53.33
N SER X 97 29.94 -1.04 53.74
CA SER X 97 29.81 -2.40 54.28
C SER X 97 30.72 -2.59 55.48
N ALA Y 28 55.56 18.35 73.39
CA ALA Y 28 54.94 18.84 74.62
C ALA Y 28 53.44 18.61 74.60
N GLY Y 29 52.93 18.22 73.44
CA GLY Y 29 51.51 17.96 73.29
C GLY Y 29 51.22 16.66 72.57
N THR Y 30 50.08 16.59 71.89
CA THR Y 30 49.68 15.42 71.13
C THR Y 30 49.45 15.80 69.69
N ASP Y 31 49.90 14.94 68.78
CA ASP Y 31 49.71 15.14 67.34
C ASP Y 31 48.31 14.68 66.97
N THR Y 32 47.44 15.61 66.60
CA THR Y 32 46.08 15.31 66.20
C THR Y 32 45.84 15.63 64.73
N GLY Y 33 46.86 15.41 63.91
CA GLY Y 33 46.73 15.63 62.49
C GLY Y 33 46.27 14.41 61.74
N GLU Y 34 46.96 13.28 61.94
CA GLU Y 34 46.56 12.04 61.28
C GLU Y 34 45.27 11.49 61.88
N SER Y 35 45.13 11.56 63.20
CA SER Y 35 43.94 11.01 63.85
C SER Y 35 42.69 11.78 63.44
N THR Y 36 42.78 13.11 63.40
CA THR Y 36 41.61 13.92 63.02
C THR Y 36 41.17 13.62 61.60
N ALA Y 37 42.13 13.48 60.68
CA ALA Y 37 41.77 13.15 59.30
C ALA Y 37 41.14 11.76 59.21
N THR Y 38 41.68 10.80 59.95
CA THR Y 38 41.10 9.46 59.93
C THR Y 38 39.71 9.46 60.54
N SER Y 39 39.50 10.21 61.62
CA SER Y 39 38.19 10.24 62.27
C SER Y 39 37.14 10.83 61.33
N ILE Y 40 37.50 11.88 60.58
CA ILE Y 40 36.55 12.48 59.64
C ILE Y 40 36.21 11.50 58.53
N GLN Y 41 37.21 10.76 58.04
CA GLN Y 41 36.94 9.77 57.00
C GLN Y 41 35.99 8.68 57.50
N THR Y 42 36.21 8.20 58.72
CA THR Y 42 35.35 7.15 59.26
C THR Y 42 33.92 7.64 59.46
N TRP Y 43 33.76 8.89 59.89
CA TRP Y 43 32.42 9.43 60.11
C TRP Y 43 31.63 9.52 58.81
N LEU Y 44 32.27 9.99 57.74
CA LEU Y 44 31.55 10.15 56.48
C LEU Y 44 31.04 8.82 55.95
N SER Y 45 31.84 7.76 56.09
CA SER Y 45 31.45 6.47 55.56
C SER Y 45 30.22 5.90 56.26
N THR Y 46 29.84 6.49 57.42
CA THR Y 46 28.66 6.01 58.12
C THR Y 46 27.38 6.33 57.36
N TRP Y 47 27.29 7.54 56.79
CA TRP Y 47 26.05 8.00 56.19
C TRP Y 47 26.14 8.31 54.70
N ILE Y 48 27.33 8.40 54.11
CA ILE Y 48 27.44 8.55 52.66
C ILE Y 48 26.80 7.38 51.93
N PRO Y 49 27.05 6.12 52.30
CA PRO Y 49 26.39 5.02 51.60
C PRO Y 49 24.87 5.09 51.63
N ILE Y 50 24.27 5.52 52.73
CA ILE Y 50 22.83 5.64 52.78
C ILE Y 50 22.35 6.74 51.84
N GLY Y 51 23.09 7.85 51.77
CA GLY Y 51 22.75 8.89 50.83
C GLY Y 51 22.83 8.44 49.39
N CYS Y 52 23.75 7.54 49.08
CA CYS Y 52 23.84 7.02 47.72
C CYS Y 52 22.61 6.22 47.34
N ALA Y 53 22.06 5.43 48.27
CA ALA Y 53 20.85 4.68 47.99
C ALA Y 53 19.66 5.60 47.76
N ILE Y 54 19.61 6.73 48.47
CA ILE Y 54 18.52 7.68 48.28
C ILE Y 54 18.55 8.26 46.87
N ALA Y 55 19.73 8.60 46.37
CA ALA Y 55 19.84 9.17 45.04
C ALA Y 55 19.36 8.19 43.97
N ILE Y 56 19.71 6.92 44.11
CA ILE Y 56 19.27 5.92 43.14
C ILE Y 56 17.75 5.84 43.10
N MET Y 57 17.12 5.82 44.27
CA MET Y 57 15.66 5.75 44.34
C MET Y 57 15.02 7.00 43.77
N VAL Y 58 15.55 8.18 44.11
CA VAL Y 58 14.97 9.42 43.62
C VAL Y 58 15.21 9.61 42.13
N SER Y 59 16.42 9.27 41.66
CA SER Y 59 16.73 9.43 40.25
C SER Y 59 15.85 8.54 39.39
N CYS Y 60 15.60 7.30 39.83
CA CYS Y 60 14.72 6.42 39.09
C CYS Y 60 13.30 6.94 39.05
N PHE Y 61 12.85 7.58 40.14
CA PHE Y 61 11.53 8.19 40.16
C PHE Y 61 11.42 9.32 39.13
N MET Y 62 12.44 10.18 39.07
CA MET Y 62 12.41 11.28 38.11
C MET Y 62 12.41 10.77 36.68
N TRP Y 63 13.16 9.69 36.42
CA TRP Y 63 13.17 9.10 35.09
C TRP Y 63 11.79 8.58 34.71
N MET Y 64 11.07 7.96 35.65
CA MET Y 64 9.73 7.48 35.38
C MET Y 64 8.80 8.61 34.99
N LEU Y 65 9.02 9.82 35.52
CA LEU Y 65 8.18 10.96 35.27
C LEU Y 65 8.57 11.73 34.01
N HIS Y 66 9.61 11.27 33.30
CA HIS Y 66 10.04 11.93 32.08
C HIS Y 66 10.61 13.32 32.35
N VAL Y 67 11.36 13.44 33.45
CA VAL Y 67 11.96 14.70 33.84
C VAL Y 67 13.43 14.77 33.45
N ILE Y 68 14.15 13.66 33.50
CA ILE Y 68 15.57 13.65 33.18
C ILE Y 68 15.83 12.52 32.20
N PRO Y 69 16.91 12.61 31.42
CA PRO Y 69 17.24 11.54 30.48
C PRO Y 69 17.79 10.32 31.21
N ALA Y 70 18.00 9.25 30.43
CA ALA Y 70 18.48 8.00 30.97
C ALA Y 70 20.00 7.95 31.12
N SER Y 71 20.70 9.00 30.74
CA SER Y 71 22.15 9.03 30.90
C SER Y 71 22.59 9.12 32.35
N PHE Y 72 21.67 9.06 33.32
CA PHE Y 72 22.07 9.06 34.71
C PHE Y 72 22.52 7.68 35.19
N ILE Y 73 22.09 6.62 34.50
CA ILE Y 73 22.47 5.26 34.94
C ILE Y 73 23.97 5.06 34.91
N PRO Y 74 24.69 5.36 33.82
CA PRO Y 74 26.15 5.20 33.85
C PRO Y 74 26.84 6.06 34.90
N ARG Y 75 26.29 7.24 35.20
CA ARG Y 75 26.88 8.08 36.22
C ARG Y 75 26.90 7.42 37.59
N ILE Y 76 25.81 6.74 37.97
CA ILE Y 76 25.74 6.14 39.28
C ILE Y 76 26.79 5.04 39.43
N VAL Y 77 26.97 4.21 38.40
CA VAL Y 77 27.96 3.15 38.47
C VAL Y 77 29.36 3.73 38.59
N ILE Y 78 29.68 4.74 37.79
CA ILE Y 78 31.01 5.33 37.80
C ILE Y 78 31.28 6.02 39.13
N SER Y 79 30.29 6.73 39.67
CA SER Y 79 30.47 7.37 40.97
C SER Y 79 30.70 6.36 42.08
N LEU Y 80 29.98 5.23 42.05
CA LEU Y 80 30.18 4.21 43.06
C LEU Y 80 31.58 3.59 42.96
N ILE Y 81 32.11 3.47 41.74
CA ILE Y 81 33.48 2.97 41.58
C ILE Y 81 34.46 3.93 42.23
N GLY Y 82 34.26 5.23 42.03
CA GLY Y 82 35.17 6.21 42.60
C GLY Y 82 35.12 6.27 44.11
N ILE Y 83 33.93 6.16 44.69
CA ILE Y 83 33.79 6.23 46.14
C ILE Y 83 34.51 5.07 46.82
N GLY Y 84 34.37 3.86 46.29
CA GLY Y 84 34.98 2.71 46.92
C GLY Y 84 36.47 2.59 46.67
N SER Y 85 36.97 3.29 45.65
CA SER Y 85 38.38 3.22 45.27
C SER Y 85 39.16 4.47 45.64
N ALA Y 86 38.61 5.32 46.52
CA ALA Y 86 39.25 6.58 46.82
C ALA Y 86 40.64 6.38 47.43
N SER Y 87 40.74 5.52 48.45
CA SER Y 87 42.03 5.30 49.10
C SER Y 87 43.03 4.63 48.16
N TYR Y 88 42.57 3.64 47.39
CA TYR Y 88 43.48 2.95 46.47
C TYR Y 88 44.00 3.89 45.39
N LEU Y 89 43.13 4.75 44.87
CA LEU Y 89 43.53 5.65 43.79
C LEU Y 89 44.60 6.63 44.25
N VAL Y 90 44.49 7.14 45.47
CA VAL Y 90 45.45 8.12 45.96
C VAL Y 90 46.84 7.52 46.05
N SER Y 91 46.96 6.32 46.62
CA SER Y 91 48.27 5.69 46.75
C SER Y 91 48.79 5.18 45.42
N LEU Y 92 47.89 4.94 44.45
CA LEU Y 92 48.32 4.49 43.13
C LEU Y 92 49.21 5.55 42.46
N THR Y 93 49.05 6.81 42.82
CA THR Y 93 49.84 7.89 42.26
C THR Y 93 51.09 8.20 43.08
N GLY Y 94 51.35 7.45 44.14
CA GLY Y 94 52.53 7.63 44.95
C GLY Y 94 52.38 8.59 46.11
N VAL Y 95 51.25 9.25 46.24
CA VAL Y 95 51.04 10.20 47.34
C VAL Y 95 50.75 9.43 48.62
N GLY Y 96 51.39 9.86 49.70
CA GLY Y 96 51.15 9.26 51.01
C GLY Y 96 51.47 7.78 51.08
N SER Y 97 52.75 7.44 50.98
CA SER Y 97 53.18 6.05 51.10
C SER Y 97 54.47 5.96 51.91
N ALA Z 28 76.94 30.29 68.58
CA ALA Z 28 76.67 30.26 70.01
C ALA Z 28 75.38 29.51 70.30
N GLY Z 29 74.63 29.20 69.24
CA GLY Z 29 73.38 28.50 69.38
C GLY Z 29 73.24 27.36 68.41
N THR Z 30 72.01 27.03 68.03
CA THR Z 30 71.72 25.96 67.08
C THR Z 30 70.91 26.53 65.92
N ASP Z 31 71.25 26.08 64.71
CA ASP Z 31 70.54 26.50 63.51
C ASP Z 31 69.29 25.65 63.37
N THR Z 32 68.13 26.26 63.52
CA THR Z 32 66.85 25.57 63.41
C THR Z 32 66.05 26.08 62.22
N GLY Z 33 66.76 26.41 61.13
CA GLY Z 33 66.09 26.86 59.93
C GLY Z 33 65.77 25.72 58.98
N GLU Z 34 66.77 24.91 58.65
CA GLU Z 34 66.55 23.78 57.77
C GLU Z 34 65.74 22.69 58.48
N SER Z 35 66.05 22.43 59.75
CA SER Z 35 65.34 21.37 60.47
C SER Z 35 63.86 21.71 60.64
N THR Z 36 63.55 22.97 60.98
CA THR Z 36 62.16 23.34 61.18
C THR Z 36 61.36 23.20 59.88
N ALA Z 37 61.95 23.62 58.76
CA ALA Z 37 61.26 23.47 57.48
C ALA Z 37 61.06 22.00 57.13
N THR Z 38 62.06 21.16 57.38
CA THR Z 38 61.91 19.74 57.11
C THR Z 38 60.86 19.10 58.01
N SER Z 39 60.83 19.49 59.29
CA SER Z 39 59.86 18.92 60.22
C SER Z 39 58.43 19.27 59.79
N ILE Z 40 58.21 20.51 59.34
CA ILE Z 40 56.87 20.90 58.89
C ILE Z 40 56.46 20.12 57.66
N GLN Z 41 57.41 19.90 56.73
CA GLN Z 41 57.09 19.12 55.55
C GLN Z 41 56.72 17.68 55.90
N THR Z 42 57.45 17.07 56.83
CA THR Z 42 57.16 15.70 57.22
C THR Z 42 55.81 15.59 57.90
N TRP Z 43 55.45 16.58 58.72
CA TRP Z 43 54.18 16.54 59.43
C TRP Z 43 53.01 16.60 58.45
N LEU Z 44 53.08 17.48 57.45
CA LEU Z 44 51.96 17.63 56.52
C LEU Z 44 51.71 16.34 55.75
N SER Z 45 52.76 15.64 55.36
CA SER Z 45 52.60 14.42 54.57
C SER Z 45 51.89 13.32 55.36
N THR Z 46 51.77 13.49 56.69
CA THR Z 46 51.08 12.47 57.48
C THR Z 46 49.58 12.47 57.21
N TRP Z 47 48.97 13.64 57.07
CA TRP Z 47 47.53 13.74 56.96
C TRP Z 47 47.02 14.36 55.67
N ILE Z 48 47.87 14.99 54.86
CA ILE Z 48 47.43 15.47 53.55
C ILE Z 48 46.94 14.32 52.68
N PRO Z 49 47.65 13.20 52.57
CA PRO Z 49 47.13 12.09 51.76
C PRO Z 49 45.75 11.61 52.18
N ILE Z 50 45.47 11.55 53.48
CA ILE Z 50 44.14 11.13 53.92
C ILE Z 50 43.09 12.15 53.51
N GLY Z 51 43.42 13.44 53.59
CA GLY Z 51 42.50 14.46 53.14
C GLY Z 51 42.22 14.37 51.66
N CYS Z 52 43.20 13.94 50.86
CA CYS Z 52 42.97 13.78 49.43
C CYS Z 52 41.95 12.69 49.15
N ALA Z 53 42.00 11.59 49.91
CA ALA Z 53 41.02 10.53 49.71
C ALA Z 53 39.62 10.99 50.08
N ILE Z 54 39.50 11.85 51.09
CA ILE Z 54 38.18 12.36 51.49
C ILE Z 54 37.58 13.17 50.35
N ALA Z 55 38.38 14.01 49.70
CA ALA Z 55 37.86 14.85 48.62
C ALA Z 55 37.34 14.01 47.47
N ILE Z 56 38.07 12.94 47.11
CA ILE Z 56 37.63 12.07 46.02
C ILE Z 56 36.26 11.46 46.34
N MET Z 57 36.10 10.98 47.57
CA MET Z 57 34.83 10.37 47.97
C MET Z 57 33.71 11.41 47.99
N VAL Z 58 33.98 12.59 48.53
CA VAL Z 58 32.93 13.61 48.61
C VAL Z 58 32.60 14.17 47.23
N SER Z 59 33.62 14.40 46.41
CA SER Z 59 33.37 14.94 45.07
C SER Z 59 32.55 13.98 44.23
N CYS Z 60 32.83 12.68 44.33
CA CYS Z 60 32.04 11.71 43.59
C CYS Z 60 30.59 11.69 44.08
N PHE Z 61 30.38 11.88 45.37
CA PHE Z 61 29.02 11.96 45.91
C PHE Z 61 28.27 13.15 45.34
N MET Z 62 28.92 14.33 45.29
CA MET Z 62 28.26 15.51 44.75
C MET Z 62 27.93 15.33 43.28
N TRP Z 63 28.80 14.67 42.53
CA TRP Z 63 28.53 14.40 41.12
C TRP Z 63 27.31 13.51 40.95
N MET Z 64 27.17 12.50 41.82
CA MET Z 64 25.99 11.64 41.75
C MET Z 64 24.71 12.42 41.96
N LEU Z 65 24.75 13.48 42.76
CA LEU Z 65 23.58 14.27 43.09
C LEU Z 65 23.30 15.36 42.07
N HIS Z 66 24.12 15.47 41.03
CA HIS Z 66 23.92 16.47 39.98
C HIS Z 66 24.13 17.88 40.53
N VAL Z 67 25.14 18.04 41.39
CA VAL Z 67 25.46 19.33 41.98
C VAL Z 67 26.63 20.01 41.28
N ILE Z 68 27.60 19.24 40.80
CA ILE Z 68 28.78 19.80 40.16
C ILE Z 68 29.00 19.07 38.84
N PRO Z 69 29.67 19.71 37.89
CA PRO Z 69 29.96 19.04 36.61
C PRO Z 69 31.04 17.98 36.77
N ALA Z 70 31.26 17.25 35.69
CA ALA Z 70 32.24 16.17 35.67
C ALA Z 70 33.66 16.64 35.41
N SER Z 71 33.87 17.93 35.21
CA SER Z 71 35.22 18.44 35.00
C SER Z 71 36.07 18.39 36.26
N PHE Z 72 35.59 17.80 37.36
CA PHE Z 72 36.42 17.65 38.55
C PHE Z 72 37.37 16.47 38.44
N ILE Z 73 37.06 15.49 37.60
CA ILE Z 73 37.91 14.30 37.49
C ILE Z 73 39.32 14.66 37.02
N PRO Z 74 39.51 15.42 35.94
CA PRO Z 74 40.88 15.79 35.56
C PRO Z 74 41.61 16.61 36.61
N ARG Z 75 40.88 17.41 37.38
CA ARG Z 75 41.52 18.20 38.44
C ARG Z 75 42.19 17.31 39.48
N ILE Z 76 41.53 16.24 39.89
CA ILE Z 76 42.08 15.39 40.93
C ILE Z 76 43.38 14.74 40.48
N VAL Z 77 43.42 14.26 39.24
CA VAL Z 77 44.64 13.63 38.73
C VAL Z 77 45.78 14.65 38.66
N ILE Z 78 45.49 15.85 38.15
CA ILE Z 78 46.54 16.86 38.01
C ILE Z 78 47.04 17.31 39.38
N SER Z 79 46.13 17.49 40.35
CA SER Z 79 46.56 17.88 41.68
C SER Z 79 47.42 16.81 42.34
N LEU Z 80 47.08 15.53 42.14
CA LEU Z 80 47.89 14.46 42.71
C LEU Z 80 49.29 14.43 42.09
N ILE Z 81 49.38 14.75 40.80
CA ILE Z 81 50.69 14.84 40.16
C ILE Z 81 51.53 15.93 40.80
N GLY Z 82 50.92 17.08 41.07
CA GLY Z 82 51.65 18.18 41.66
C GLY Z 82 52.10 17.90 43.08
N ILE Z 83 51.25 17.25 43.87
CA ILE Z 83 51.60 16.97 45.26
C ILE Z 83 52.80 16.04 45.36
N GLY Z 84 52.84 14.99 44.53
CA GLY Z 84 53.92 14.04 44.62
C GLY Z 84 55.21 14.52 43.97
N SER Z 85 55.12 15.54 43.11
CA SER Z 85 56.27 16.06 42.40
C SER Z 85 56.74 17.41 42.93
N ALA Z 86 56.31 17.81 44.13
CA ALA Z 86 56.64 19.13 44.64
C ALA Z 86 58.14 19.33 44.79
N SER Z 87 58.81 18.37 45.43
CA SER Z 87 60.26 18.49 45.65
C SER Z 87 61.03 18.44 44.33
N TYR Z 88 60.64 17.54 43.43
CA TYR Z 88 61.34 17.42 42.15
C TYR Z 88 61.18 18.68 41.32
N LEU Z 89 59.99 19.26 41.32
CA LEU Z 89 59.73 20.45 40.50
C LEU Z 89 60.56 21.63 40.95
N VAL Z 90 60.73 21.80 42.27
CA VAL Z 90 61.48 22.94 42.77
C VAL Z 90 62.94 22.87 42.31
N SER Z 91 63.57 21.70 42.44
CA SER Z 91 64.97 21.58 42.05
C SER Z 91 65.12 21.58 40.54
N LEU Z 92 64.07 21.23 39.80
CA LEU Z 92 64.14 21.26 38.35
C LEU Z 92 64.41 22.66 37.82
N THR Z 93 64.02 23.68 38.57
CA THR Z 93 64.25 25.08 38.19
C THR Z 93 65.56 25.63 38.73
N GLY Z 94 66.36 24.82 39.42
CA GLY Z 94 67.65 25.24 39.93
C GLY Z 94 67.63 25.84 41.33
N VAL Z 95 66.47 26.01 41.93
CA VAL Z 95 66.39 26.56 43.27
C VAL Z 95 66.78 25.50 44.29
N GLY Z 96 67.60 25.90 45.26
CA GLY Z 96 67.99 25.01 46.33
C GLY Z 96 68.71 23.75 45.87
N SER Z 97 69.93 23.93 45.36
CA SER Z 97 70.75 22.80 44.94
C SER Z 97 72.21 23.01 45.33
N ALA AA 28 91.20 49.84 62.47
CA ALA AA 28 91.46 49.42 63.84
C ALA AA 28 90.60 48.22 64.21
N GLY AA 29 89.65 47.89 63.33
CA GLY AA 29 88.78 46.76 63.55
C GLY AA 29 88.64 45.87 62.34
N THR AA 30 87.50 45.20 62.20
CA THR AA 30 87.22 44.33 61.08
C THR AA 30 85.94 44.78 60.39
N ASP AA 31 85.96 44.74 59.05
CA ASP AA 31 84.81 45.12 58.25
C ASP AA 31 83.86 43.92 58.17
N THR AA 32 82.70 44.03 58.79
CA THR AA 32 81.71 42.97 58.80
C THR AA 32 80.45 43.38 58.06
N GLY AA 33 80.62 44.16 56.99
CA GLY AA 33 79.50 44.58 56.18
C GLY AA 33 79.21 43.63 55.04
N GLU AA 34 80.23 43.31 54.25
CA GLU AA 34 80.04 42.38 53.15
C GLU AA 34 79.85 40.95 53.66
N SER AA 35 80.62 40.57 54.67
CA SER AA 35 80.54 39.20 55.19
C SER AA 35 79.17 38.95 55.83
N THR AA 36 78.66 39.90 56.60
CA THR AA 36 77.36 39.72 57.24
C THR AA 36 76.26 39.56 56.20
N ALA AA 37 76.28 40.38 55.15
CA ALA AA 37 75.27 40.25 54.11
C ALA AA 37 75.38 38.92 53.39
N THR AA 38 76.61 38.46 53.11
CA THR AA 38 76.78 37.17 52.46
C THR AA 38 76.31 36.03 53.35
N SER AA 39 76.61 36.10 54.65
CA SER AA 39 76.21 35.06 55.58
C SER AA 39 74.69 34.94 55.65
N ILE AA 40 73.99 36.08 55.67
CA ILE AA 40 72.53 36.06 55.72
C ILE AA 40 71.96 35.45 54.44
N GLN AA 41 72.55 35.77 53.29
CA GLN AA 41 72.09 35.19 52.04
C GLN AA 41 72.28 33.68 52.02
N THR AA 42 73.42 33.20 52.50
CA THR AA 42 73.68 31.76 52.51
C THR AA 42 72.71 31.04 53.45
N TRP AA 43 72.39 31.65 54.59
CA TRP AA 43 71.49 31.00 55.55
C TRP AA 43 70.10 30.83 54.96
N LEU AA 44 69.59 31.87 54.28
CA LEU AA 44 68.23 31.80 53.76
C LEU AA 44 68.09 30.68 52.72
N SER AA 45 69.11 30.50 51.89
CA SER AA 45 69.03 29.50 50.84
C SER AA 45 68.97 28.08 51.41
N THR AA 46 69.26 27.91 52.70
CA THR AA 46 69.19 26.59 53.29
C THR AA 46 67.76 26.09 53.41
N TRP AA 47 66.83 26.98 53.80
CA TRP AA 47 65.47 26.57 54.09
C TRP AA 47 64.40 27.22 53.22
N ILE AA 48 64.72 28.26 52.46
CA ILE AA 48 63.75 28.81 51.51
C ILE AA 48 63.34 27.76 50.48
N PRO AA 49 64.25 27.01 49.86
CA PRO AA 49 63.81 25.98 48.90
C PRO AA 49 62.86 24.97 49.49
N ILE AA 50 63.05 24.55 50.73
CA ILE AA 50 62.12 23.59 51.34
C ILE AA 50 60.76 24.23 51.54
N GLY AA 51 60.73 25.50 51.93
CA GLY AA 51 59.46 26.20 52.05
C GLY AA 51 58.73 26.32 50.73
N CYS AA 52 59.46 26.44 49.63
CA CYS AA 52 58.82 26.51 48.32
C CYS AA 52 58.12 25.20 47.98
N ALA AA 53 58.72 24.06 48.33
CA ALA AA 53 58.08 22.78 48.07
C ALA AA 53 56.81 22.62 48.90
N ILE AA 54 56.81 23.16 50.12
CA ILE AA 54 55.61 23.07 50.96
C ILE AA 54 54.46 23.82 50.33
N ALA AA 55 54.72 25.01 49.79
CA ALA AA 55 53.66 25.81 49.18
C ALA AA 55 53.04 25.09 47.98
N ILE AA 56 53.87 24.45 47.16
CA ILE AA 56 53.34 23.73 46.00
C ILE AA 56 52.41 22.62 46.45
N MET AA 57 52.81 21.86 47.48
CA MET AA 57 51.97 20.78 47.97
C MET AA 57 50.68 21.30 48.58
N VAL AA 58 50.77 22.37 49.37
CA VAL AA 58 49.57 22.91 50.02
C VAL AA 58 48.66 23.58 49.02
N SER AA 59 49.22 24.33 48.06
CA SER AA 59 48.41 25.00 47.07
C SER AA 59 47.64 24.00 46.20
N CYS AA 60 48.29 22.91 45.83
CA CYS AA 60 47.61 21.89 45.04
C CYS AA 60 46.47 21.25 45.85
N PHE AA 61 46.67 21.08 47.15
CA PHE AA 61 45.61 20.56 48.01
C PHE AA 61 44.40 21.49 48.04
N MET AA 62 44.64 22.79 48.19
CA MET AA 62 43.54 23.75 48.22
C MET AA 62 42.79 23.77 46.89
N TRP AA 63 43.51 23.64 45.78
CA TRP AA 63 42.87 23.58 44.47
C TRP AA 63 41.96 22.36 44.36
N MET AA 64 42.41 21.21 44.87
CA MET AA 64 41.57 20.02 44.85
C MET AA 64 40.27 20.22 45.60
N LEU AA 65 40.29 21.04 46.65
CA LEU AA 65 39.12 21.28 47.48
C LEU AA 65 38.22 22.38 46.95
N HIS AA 66 38.56 22.98 45.82
CA HIS AA 66 37.75 24.04 45.22
C HIS AA 66 37.74 25.29 46.09
N VAL AA 67 38.89 25.62 46.67
CA VAL AA 67 39.02 26.78 47.53
C VAL AA 67 39.64 27.96 46.81
N ILE AA 68 40.57 27.71 45.89
CA ILE AA 68 41.25 28.79 45.18
C ILE AA 68 41.21 28.46 43.69
N PRO AA 69 41.33 29.48 42.84
CA PRO AA 69 41.33 29.24 41.39
C PRO AA 69 42.65 28.63 40.95
N ALA AA 70 42.69 28.26 39.66
CA ALA AA 70 43.87 27.63 39.09
C ALA AA 70 44.93 28.62 38.63
N SER AA 71 44.69 29.92 38.79
CA SER AA 71 45.68 30.91 38.42
C SER AA 71 46.90 30.91 39.34
N PHE AA 72 46.99 29.98 40.29
CA PHE AA 72 48.18 29.90 41.14
C PHE AA 72 49.33 29.19 40.44
N ILE AA 73 49.04 28.35 39.44
CA ILE AA 73 50.11 27.61 38.77
C ILE AA 73 51.11 28.53 38.10
N PRO AA 74 50.71 29.52 37.29
CA PRO AA 74 51.71 30.42 36.70
C PRO AA 74 52.49 31.21 37.73
N ARG AA 75 51.87 31.53 38.87
CA ARG AA 75 52.59 32.26 39.92
C ARG AA 75 53.78 31.48 40.45
N ILE AA 76 53.63 30.17 40.65
CA ILE AA 76 54.72 29.39 41.22
C ILE AA 76 55.91 29.35 40.28
N VAL AA 77 55.66 29.19 38.98
CA VAL AA 77 56.76 29.16 38.02
C VAL AA 77 57.47 30.51 37.99
N ILE AA 78 56.71 31.60 37.95
CA ILE AA 78 57.33 32.92 37.87
C ILE AA 78 58.11 33.24 39.14
N SER AA 79 57.57 32.88 40.31
CA SER AA 79 58.29 33.11 41.55
C SER AA 79 59.58 32.32 41.61
N LEU AA 80 59.58 31.07 41.12
CA LEU AA 80 60.79 30.28 41.12
C LEU AA 80 61.84 30.87 40.19
N ILE AA 81 61.41 31.47 39.08
CA ILE AA 81 62.35 32.14 38.18
C ILE AA 81 63.01 33.31 38.91
N GLY AA 82 62.22 34.08 39.66
CA GLY AA 82 62.78 35.23 40.36
C GLY AA 82 63.75 34.84 41.46
N ILE AA 83 63.42 33.78 42.20
CA ILE AA 83 64.29 33.37 43.31
C ILE AA 83 65.65 32.93 42.81
N GLY AA 84 65.70 32.16 41.72
CA GLY AA 84 66.98 31.66 41.24
C GLY AA 84 67.78 32.70 40.47
N SER AA 85 67.13 33.77 40.02
CA SER AA 85 67.77 34.81 39.22
C SER AA 85 68.00 36.09 40.01
N ALA AA 86 67.90 36.05 41.34
CA ALA AA 86 68.00 37.27 42.13
C ALA AA 86 69.36 37.95 41.95
N SER AA 87 70.44 37.20 42.08
CA SER AA 87 71.77 37.78 41.96
C SER AA 87 72.04 38.28 40.54
N TYR AA 88 71.64 37.51 39.54
CA TYR AA 88 71.87 37.91 38.16
C TYR AA 88 71.09 39.18 37.81
N LEU AA 89 69.85 39.27 38.29
CA LEU AA 89 69.02 40.42 37.96
C LEU AA 89 69.59 41.71 38.53
N VAL AA 90 70.14 41.66 39.74
CA VAL AA 90 70.66 42.87 40.37
C VAL AA 90 71.83 43.42 39.56
N SER AA 91 72.77 42.55 39.17
CA SER AA 91 73.94 43.02 38.42
C SER AA 91 73.57 43.38 36.99
N LEU AA 92 72.47 42.85 36.48
CA LEU AA 92 72.03 43.19 35.13
C LEU AA 92 71.70 44.67 35.01
N THR AA 93 71.33 45.31 36.11
CA THR AA 93 71.02 46.74 36.13
C THR AA 93 72.22 47.60 36.46
N GLY AA 94 73.39 47.01 36.64
CA GLY AA 94 74.60 47.76 36.92
C GLY AA 94 74.90 48.01 38.38
N VAL AA 95 74.01 47.62 39.29
CA VAL AA 95 74.24 47.82 40.72
C VAL AA 95 75.23 46.79 41.22
N GLY AA 96 76.17 47.25 42.04
CA GLY AA 96 77.13 46.35 42.64
C GLY AA 96 77.98 45.57 41.66
N SER AA 97 78.84 46.27 40.94
CA SER AA 97 79.76 45.62 40.00
C SER AA 97 81.14 46.26 40.06
N ALA BA 28 96.46 74.09 59.23
CA ALA BA 28 97.26 73.52 60.30
C ALA BA 28 96.95 72.04 60.49
N GLY BA 29 95.90 71.58 59.81
CA GLY BA 29 95.50 70.19 59.89
C GLY BA 29 95.21 69.58 58.54
N THR BA 30 94.34 68.59 58.50
CA THR BA 30 93.96 67.92 57.27
C THR BA 30 92.45 68.01 57.08
N ASP BA 31 92.03 68.26 55.85
CA ASP BA 31 90.61 68.35 55.52
C ASP BA 31 90.07 66.93 55.31
N THR BA 32 89.21 66.49 56.21
CA THR BA 32 88.61 65.15 56.14
C THR BA 32 87.11 65.24 55.89
N GLY BA 33 86.70 66.22 55.11
CA GLY BA 33 85.29 66.36 54.78
C GLY BA 33 84.92 65.61 53.51
N GLU BA 34 85.65 65.87 52.43
CA GLU BA 34 85.37 65.17 51.18
C GLU BA 34 85.78 63.71 51.27
N SER BA 35 86.93 63.42 51.88
CA SER BA 35 87.40 62.04 51.97
C SER BA 35 86.46 61.18 52.81
N THR BA 36 85.99 61.71 53.94
CA THR BA 36 85.10 60.94 54.80
C THR BA 36 83.79 60.62 54.08
N ALA BA 37 83.24 61.58 53.34
CA ALA BA 37 82.01 61.32 52.61
C ALA BA 37 82.24 60.29 51.51
N THR BA 38 83.37 60.37 50.81
CA THR BA 38 83.67 59.39 49.78
C THR BA 38 83.88 58.00 50.37
N SER BA 39 84.56 57.92 51.51
CA SER BA 39 84.79 56.62 52.15
C SER BA 39 83.50 55.96 52.56
N ILE BA 40 82.56 56.74 53.09
CA ILE BA 40 81.27 56.18 53.50
C ILE BA 40 80.50 55.68 52.27
N GLN BA 41 80.55 56.43 51.17
CA GLN BA 41 79.88 55.98 49.96
C GLN BA 41 80.46 54.68 49.43
N THR BA 42 81.79 54.55 49.45
CA THR BA 42 82.42 53.33 48.97
C THR BA 42 82.08 52.14 49.84
N TRP BA 43 82.01 52.35 51.16
CA TRP BA 43 81.70 51.25 52.07
C TRP BA 43 80.29 50.71 51.83
N LEU BA 44 79.31 51.60 51.64
CA LEU BA 44 77.94 51.14 51.48
C LEU BA 44 77.78 50.30 50.22
N SER BA 45 78.46 50.67 49.14
CA SER BA 45 78.32 49.94 47.89
C SER BA 45 78.86 48.52 47.99
N THR BA 46 79.60 48.21 49.05
CA THR BA 46 80.11 46.85 49.22
C THR BA 46 79.00 45.86 49.54
N TRP BA 47 78.05 46.26 50.39
CA TRP BA 47 77.04 45.33 50.87
C TRP BA 47 75.61 45.72 50.54
N ILE BA 48 75.35 46.94 50.08
CA ILE BA 48 73.99 47.27 49.61
C ILE BA 48 73.57 46.39 48.46
N PRO BA 49 74.39 46.15 47.42
CA PRO BA 49 73.96 45.26 46.33
C PRO BA 49 73.59 43.87 46.80
N ILE BA 50 74.30 43.30 47.79
CA ILE BA 50 73.95 41.97 48.28
C ILE BA 50 72.61 42.02 49.00
N GLY BA 51 72.36 43.09 49.74
CA GLY BA 51 71.06 43.24 50.38
C GLY BA 51 69.92 43.35 49.40
N CYS BA 52 70.17 43.95 48.24
CA CYS BA 52 69.14 44.05 47.20
C CYS BA 52 68.76 42.67 46.68
N ALA BA 53 69.73 41.79 46.50
CA ALA BA 53 69.44 40.44 46.04
C ALA BA 53 68.61 39.67 47.07
N ILE BA 54 68.87 39.90 48.36
CA ILE BA 54 68.11 39.23 49.40
C ILE BA 54 66.65 39.63 49.33
N ALA BA 55 66.36 40.91 49.13
CA ALA BA 55 64.99 41.37 49.08
C ALA BA 55 64.23 40.74 47.92
N ILE BA 56 64.87 40.63 46.75
CA ILE BA 56 64.21 40.02 45.60
C ILE BA 56 63.84 38.58 45.91
N MET BA 57 64.75 37.83 46.52
CA MET BA 57 64.47 36.43 46.86
C MET BA 57 63.37 36.33 47.91
N VAL BA 58 63.41 37.17 48.94
CA VAL BA 58 62.41 37.09 49.99
C VAL BA 58 61.06 37.58 49.49
N SER BA 59 61.05 38.66 48.71
CA SER BA 59 59.78 39.19 48.20
C SER BA 59 59.08 38.17 47.29
N CYS BA 60 59.85 37.48 46.45
CA CYS BA 60 59.25 36.46 45.60
C CYS BA 60 58.68 35.31 46.42
N PHE BA 61 59.35 34.96 47.53
CA PHE BA 61 58.82 33.93 48.41
C PHE BA 61 57.50 34.34 49.02
N MET BA 62 57.40 35.58 49.50
CA MET BA 62 56.15 36.05 50.10
C MET BA 62 55.01 36.07 49.07
N TRP BA 63 55.33 36.43 47.83
CA TRP BA 63 54.33 36.41 46.76
C TRP BA 63 53.81 35.00 46.52
N MET BA 64 54.71 34.02 46.54
CA MET BA 64 54.28 32.63 46.35
C MET BA 64 53.32 32.19 47.44
N LEU BA 65 53.45 32.73 48.64
CA LEU BA 65 52.62 32.36 49.77
C LEU BA 65 51.32 33.14 49.84
N HIS BA 66 51.08 34.05 48.90
CA HIS BA 66 49.85 34.84 48.87
C HIS BA 66 49.78 35.79 50.05
N VAL BA 67 50.92 36.39 50.41
CA VAL BA 67 51.00 37.32 51.52
C VAL BA 67 50.97 38.77 51.05
N ILE BA 68 51.57 39.06 49.90
CA ILE BA 68 51.65 40.43 49.40
C ILE BA 68 51.20 40.42 47.94
N PRO BA 69 50.74 41.56 47.44
CA PRO BA 69 50.32 41.64 46.04
C PRO BA 69 51.53 41.65 45.11
N ALA BA 70 51.24 41.60 43.82
CA ALA BA 70 52.27 41.56 42.79
C ALA BA 70 52.79 42.93 42.41
N SER BA 71 52.27 44.00 43.01
CA SER BA 71 52.77 45.33 42.72
C SER BA 71 54.16 45.58 43.27
N PHE BA 72 54.83 44.59 43.83
CA PHE BA 72 56.20 44.76 44.29
C PHE BA 72 57.20 44.67 43.15
N ILE BA 73 56.84 44.01 42.05
CA ILE BA 73 57.79 43.85 40.94
C ILE BA 73 58.20 45.20 40.35
N PRO BA 74 57.29 46.11 40.01
CA PRO BA 74 57.73 47.40 39.49
C PRO BA 74 58.56 48.20 40.49
N ARG BA 75 58.31 48.03 41.79
CA ARG BA 75 59.08 48.75 42.80
C ARG BA 75 60.56 48.36 42.75
N ILE BA 76 60.86 47.07 42.58
CA ILE BA 76 62.25 46.64 42.59
C ILE BA 76 63.01 47.23 41.41
N VAL BA 77 62.40 47.25 40.23
CA VAL BA 77 63.08 47.82 39.07
C VAL BA 77 63.33 49.30 39.26
N ILE BA 78 62.33 50.03 39.75
CA ILE BA 78 62.48 51.48 39.93
C ILE BA 78 63.52 51.79 41.00
N SER BA 79 63.52 51.02 42.09
CA SER BA 79 64.53 51.25 43.13
C SER BA 79 65.94 50.97 42.61
N LEU BA 80 66.11 49.94 41.80
CA LEU BA 80 67.42 49.64 41.24
C LEU BA 80 67.89 50.75 40.31
N ILE BA 81 66.96 51.37 39.58
CA ILE BA 81 67.31 52.50 38.73
C ILE BA 81 67.83 53.66 39.57
N GLY BA 82 67.16 53.93 40.69
CA GLY BA 82 67.57 55.03 41.55
C GLY BA 82 68.91 54.81 42.21
N ILE BA 83 69.16 53.57 42.65
CA ILE BA 83 70.43 53.28 43.32
C ILE BA 83 71.61 53.48 42.39
N GLY BA 84 71.52 53.02 41.15
CA GLY BA 84 72.64 53.12 40.23
C GLY BA 84 72.81 54.51 39.64
N SER BA 85 71.76 55.34 39.71
CA SER BA 85 71.79 56.68 39.14
C SER BA 85 71.89 57.77 40.20
N ALA BA 86 72.28 57.43 41.43
CA ALA BA 86 72.28 58.41 42.50
C ALA BA 86 73.25 59.57 42.21
N SER BA 87 74.48 59.24 41.82
CA SER BA 87 75.48 60.28 41.56
C SER BA 87 75.10 61.11 40.35
N TYR BA 88 74.61 60.47 39.28
CA TYR BA 88 74.24 61.20 38.08
C TYR BA 88 73.07 62.14 38.33
N LEU BA 89 72.09 61.68 39.11
CA LEU BA 89 70.91 62.50 39.36
C LEU BA 89 71.25 63.76 40.14
N VAL BA 90 72.16 63.66 41.10
CA VAL BA 90 72.51 64.83 41.91
C VAL BA 90 73.14 65.92 41.06
N SER BA 91 74.09 65.54 40.19
CA SER BA 91 74.74 66.54 39.36
C SER BA 91 73.84 67.03 38.24
N LEU BA 92 72.83 66.25 37.88
CA LEU BA 92 71.88 66.68 36.86
C LEU BA 92 71.13 67.93 37.28
N THR BA 93 70.98 68.16 38.57
CA THR BA 93 70.31 69.33 39.10
C THR BA 93 71.26 70.50 39.37
N GLY BA 94 72.55 70.35 39.07
CA GLY BA 94 73.52 71.40 39.25
C GLY BA 94 74.20 71.43 40.60
N VAL BA 95 73.82 70.57 41.53
CA VAL BA 95 74.44 70.56 42.85
C VAL BA 95 75.80 69.87 42.75
N GLY BA 96 76.80 70.47 43.41
CA GLY BA 96 78.12 69.88 43.46
C GLY BA 96 78.77 69.67 42.10
N SER BA 97 79.10 70.76 41.43
CA SER BA 97 79.79 70.70 40.14
C SER BA 97 80.87 71.75 40.05
N ALA CA 28 -15.05 -17.03 -69.06
CA ALA CA 28 -13.73 -17.40 -68.60
C ALA CA 28 -13.41 -18.85 -68.94
N GLY CA 29 -14.43 -19.57 -69.41
CA GLY CA 29 -14.27 -20.96 -69.77
C GLY CA 29 -14.88 -21.29 -71.11
N THR CA 30 -15.31 -22.53 -71.28
CA THR CA 30 -15.94 -23.00 -72.50
C THR CA 30 -17.31 -23.58 -72.19
N ASP CA 31 -18.29 -23.27 -73.03
CA ASP CA 31 -19.64 -23.78 -72.87
C ASP CA 31 -19.71 -25.18 -73.46
N THR CA 32 -19.88 -26.18 -72.60
CA THR CA 32 -19.96 -27.57 -73.03
C THR CA 32 -21.35 -28.15 -72.77
N GLY CA 33 -22.38 -27.32 -72.93
CA GLY CA 33 -23.74 -27.78 -72.74
C GLY CA 33 -24.35 -28.28 -74.03
N GLU CA 34 -24.30 -27.48 -75.09
CA GLU CA 34 -24.85 -27.90 -76.37
C GLU CA 34 -23.98 -28.98 -76.99
N SER CA 35 -22.65 -28.83 -76.91
CA SER CA 35 -21.76 -29.81 -77.53
C SER CA 35 -21.89 -31.18 -76.87
N THR CA 36 -21.96 -31.21 -75.54
CA THR CA 36 -22.08 -32.49 -74.85
C THR CA 36 -23.37 -33.20 -75.21
N ALA CA 37 -24.48 -32.47 -75.30
CA ALA CA 37 -25.74 -33.08 -75.68
C ALA CA 37 -25.68 -33.60 -77.11
N THR CA 38 -25.07 -32.84 -78.02
CA THR CA 38 -24.94 -33.30 -79.40
C THR CA 38 -24.05 -34.52 -79.50
N SER CA 39 -22.95 -34.55 -78.74
CA SER CA 39 -22.04 -35.68 -78.79
C SER CA 39 -22.73 -36.96 -78.32
N ILE CA 40 -23.54 -36.86 -77.27
CA ILE CA 40 -24.25 -38.03 -76.76
C ILE CA 40 -25.26 -38.52 -77.79
N GLN CA 41 -25.94 -37.60 -78.47
CA GLN CA 41 -26.89 -38.01 -79.49
C GLN CA 41 -26.20 -38.72 -80.64
N THR CA 42 -25.05 -38.22 -81.07
CA THR CA 42 -24.32 -38.85 -82.17
C THR CA 42 -23.82 -40.22 -81.79
N TRP CA 43 -23.38 -40.40 -80.54
CA TRP CA 43 -22.87 -41.69 -80.11
C TRP CA 43 -23.96 -42.75 -80.12
N LEU CA 44 -25.15 -42.40 -79.63
CA LEU CA 44 -26.23 -43.39 -79.56
C LEU CA 44 -26.63 -43.89 -80.93
N SER CA 45 -26.65 -43.00 -81.92
CA SER CA 45 -27.08 -43.39 -83.26
C SER CA 45 -26.11 -44.38 -83.90
N THR CA 46 -24.92 -44.55 -83.32
CA THR CA 46 -23.96 -45.50 -83.87
C THR CA 46 -24.42 -46.94 -83.67
N TRP CA 47 -24.97 -47.25 -82.49
CA TRP CA 47 -25.29 -48.63 -82.14
C TRP CA 47 -26.76 -48.89 -81.85
N ILE CA 48 -27.59 -47.86 -81.69
CA ILE CA 48 -29.03 -48.10 -81.56
C ILE CA 48 -29.59 -48.78 -82.80
N PRO CA 49 -29.29 -48.34 -84.02
CA PRO CA 49 -29.82 -49.05 -85.20
C PRO CA 49 -29.46 -50.53 -85.24
N ILE CA 50 -28.25 -50.90 -84.83
CA ILE CA 50 -27.89 -52.32 -84.83
C ILE CA 50 -28.70 -53.07 -83.80
N GLY CA 51 -28.95 -52.46 -82.64
CA GLY CA 51 -29.80 -53.08 -81.64
C GLY CA 51 -31.22 -53.28 -82.12
N CYS CA 52 -31.72 -52.38 -82.96
CA CYS CA 52 -33.06 -52.53 -83.51
C CYS CA 52 -33.15 -53.77 -84.41
N ALA CA 53 -32.11 -54.02 -85.21
CA ALA CA 53 -32.11 -55.20 -86.06
C ALA CA 53 -32.09 -56.48 -85.24
N ILE CA 54 -31.39 -56.47 -84.10
CA ILE CA 54 -31.34 -57.65 -83.25
C ILE CA 54 -32.73 -57.98 -82.71
N ALA CA 55 -33.48 -56.96 -82.29
CA ALA CA 55 -34.81 -57.20 -81.74
C ALA CA 55 -35.74 -57.81 -82.78
N ILE CA 56 -35.67 -57.34 -84.02
CA ILE CA 56 -36.52 -57.89 -85.07
C ILE CA 56 -36.22 -59.37 -85.27
N MET CA 57 -34.94 -59.72 -85.31
CA MET CA 57 -34.56 -61.12 -85.49
C MET CA 57 -34.98 -61.97 -84.31
N VAL CA 58 -34.78 -61.49 -83.09
CA VAL CA 58 -35.12 -62.27 -81.90
C VAL CA 58 -36.63 -62.36 -81.75
N SER CA 59 -37.35 -61.27 -81.98
CA SER CA 59 -38.81 -61.29 -81.85
C SER CA 59 -39.44 -62.25 -82.83
N CYS CA 60 -38.95 -62.29 -84.07
CA CYS CA 60 -39.47 -63.24 -85.05
C CYS CA 60 -39.20 -64.68 -84.62
N PHE CA 61 -38.04 -64.92 -84.00
CA PHE CA 61 -37.74 -66.26 -83.49
C PHE CA 61 -38.72 -66.68 -82.41
N MET CA 62 -39.02 -65.78 -81.47
CA MET CA 62 -39.96 -66.11 -80.39
C MET CA 62 -41.35 -66.37 -80.94
N TRP CA 63 -41.76 -65.62 -81.97
CA TRP CA 63 -43.05 -65.85 -82.60
C TRP CA 63 -43.12 -67.23 -83.23
N MET CA 64 -42.03 -67.66 -83.88
CA MET CA 64 -42.00 -69.00 -84.47
C MET CA 64 -42.19 -70.07 -83.42
N LEU CA 65 -41.72 -69.84 -82.19
CA LEU CA 65 -41.80 -70.81 -81.12
C LEU CA 65 -43.12 -70.77 -80.36
N HIS CA 66 -44.03 -69.88 -80.74
CA HIS CA 66 -45.33 -69.78 -80.09
C HIS CA 66 -45.20 -69.28 -78.66
N VAL CA 67 -44.29 -68.32 -78.44
CA VAL CA 67 -44.05 -67.76 -77.13
C VAL CA 67 -44.75 -66.41 -76.95
N ILE CA 68 -44.85 -65.62 -78.01
CA ILE CA 68 -45.48 -64.30 -77.92
C ILE CA 68 -46.48 -64.17 -79.05
N PRO CA 69 -47.47 -63.30 -78.89
CA PRO CA 69 -48.46 -63.09 -79.96
C PRO CA 69 -47.87 -62.30 -81.11
N ALA CA 70 -48.66 -62.18 -82.16
CA ALA CA 70 -48.22 -61.48 -83.37
C ALA CA 70 -48.42 -59.98 -83.30
N SER CA 71 -48.95 -59.46 -82.20
CA SER CA 71 -49.11 -58.01 -82.05
C SER CA 71 -47.79 -57.29 -81.90
N PHE CA 72 -46.65 -57.96 -82.01
CA PHE CA 72 -45.37 -57.27 -81.93
C PHE CA 72 -45.00 -56.61 -83.27
N ILE CA 73 -45.56 -57.09 -84.38
CA ILE CA 73 -45.21 -56.52 -85.68
C ILE CA 73 -45.57 -55.04 -85.77
N PRO CA 74 -46.79 -54.61 -85.44
CA PRO CA 74 -47.07 -53.17 -85.49
C PRO CA 74 -46.22 -52.34 -84.55
N ARG CA 75 -45.81 -52.92 -83.41
CA ARG CA 75 -44.95 -52.18 -82.49
C ARG CA 75 -43.62 -51.81 -83.11
N ILE CA 76 -43.01 -52.73 -83.88
CA ILE CA 76 -41.69 -52.46 -84.44
C ILE CA 76 -41.78 -51.32 -85.45
N VAL CA 77 -42.82 -51.30 -86.29
CA VAL CA 77 -42.95 -50.23 -87.27
C VAL CA 77 -43.15 -48.89 -86.58
N ILE CA 78 -44.02 -48.85 -85.56
CA ILE CA 78 -44.29 -47.60 -84.87
C ILE CA 78 -43.07 -47.09 -84.13
N SER CA 79 -42.33 -48.00 -83.49
CA SER CA 79 -41.10 -47.59 -82.80
C SER CA 79 -40.07 -47.05 -83.77
N LEU CA 80 -39.93 -47.65 -84.95
CA LEU CA 80 -38.98 -47.16 -85.93
C LEU CA 80 -39.37 -45.77 -86.43
N ILE CA 81 -40.67 -45.52 -86.54
CA ILE CA 81 -41.13 -44.18 -86.93
C ILE CA 81 -40.72 -43.15 -85.88
N GLY CA 82 -40.88 -43.50 -84.61
CA GLY CA 82 -40.53 -42.57 -83.54
C GLY CA 82 -39.04 -42.30 -83.46
N ILE CA 83 -38.22 -43.33 -83.64
CA ILE CA 83 -36.77 -43.15 -83.55
C ILE CA 83 -36.26 -42.21 -84.63
N GLY CA 84 -36.74 -42.36 -85.86
CA GLY CA 84 -36.24 -41.52 -86.94
C GLY CA 84 -36.82 -40.13 -86.95
N SER CA 85 -37.94 -39.91 -86.24
CA SER CA 85 -38.62 -38.63 -86.21
C SER CA 85 -38.43 -37.90 -84.88
N ALA CA 86 -37.45 -38.30 -84.06
CA ALA CA 86 -37.31 -37.71 -82.75
C ALA CA 86 -37.02 -36.22 -82.83
N SER CA 87 -36.05 -35.82 -83.64
CA SER CA 87 -35.69 -34.42 -83.75
C SER CA 87 -36.82 -33.58 -84.36
N TYR CA 88 -37.47 -34.11 -85.40
CA TYR CA 88 -38.55 -33.39 -86.04
C TYR CA 88 -39.73 -33.19 -85.09
N LEU CA 89 -40.06 -34.22 -84.32
CA LEU CA 89 -41.20 -34.13 -83.42
C LEU CA 89 -40.99 -33.08 -82.33
N VAL CA 90 -39.77 -32.97 -81.82
CA VAL CA 90 -39.52 -32.00 -80.75
C VAL CA 90 -39.74 -30.58 -81.24
N SER CA 91 -39.20 -30.25 -82.41
CA SER CA 91 -39.35 -28.89 -82.93
C SER CA 91 -40.77 -28.64 -83.43
N LEU CA 92 -41.50 -29.69 -83.77
CA LEU CA 92 -42.89 -29.52 -84.20
C LEU CA 92 -43.75 -28.90 -83.12
N THR CA 93 -43.37 -29.08 -81.85
CA THR CA 93 -44.10 -28.52 -80.72
C THR CA 93 -43.58 -27.15 -80.31
N GLY CA 94 -42.59 -26.61 -81.01
CA GLY CA 94 -42.06 -25.30 -80.72
C GLY CA 94 -40.90 -25.27 -79.73
N VAL CA 95 -40.53 -26.40 -79.15
CA VAL CA 95 -39.42 -26.43 -78.21
C VAL CA 95 -38.10 -26.37 -78.96
N GLY CA 96 -37.18 -25.56 -78.45
CA GLY CA 96 -35.86 -25.45 -79.03
C GLY CA 96 -35.85 -25.01 -80.48
N SER CA 97 -36.23 -23.76 -80.72
CA SER CA 97 -36.19 -23.19 -82.07
C SER CA 97 -35.68 -21.76 -82.04
N ALA DA 28 -24.52 1.66 -55.55
CA ALA DA 28 -23.07 1.71 -55.56
C ALA DA 28 -22.50 0.57 -56.40
N GLY DA 29 -23.36 -0.36 -56.80
CA GLY DA 29 -22.94 -1.48 -57.59
C GLY DA 29 -23.86 -1.74 -58.77
N THR DA 30 -23.95 -2.99 -59.20
CA THR DA 30 -24.81 -3.38 -60.32
C THR DA 30 -25.77 -4.46 -59.85
N ASP DA 31 -27.03 -4.36 -60.29
CA ASP DA 31 -28.04 -5.35 -59.96
C ASP DA 31 -27.91 -6.53 -60.92
N THR DA 32 -27.50 -7.67 -60.40
CA THR DA 32 -27.32 -8.88 -61.19
C THR DA 32 -28.33 -9.95 -60.78
N GLY DA 33 -29.54 -9.54 -60.42
CA GLY DA 33 -30.57 -10.49 -60.05
C GLY DA 33 -31.42 -10.90 -61.23
N GLU DA 34 -31.94 -9.92 -61.97
CA GLU DA 34 -32.76 -10.25 -63.14
C GLU DA 34 -31.88 -10.79 -64.27
N SER DA 35 -30.71 -10.19 -64.48
CA SER DA 35 -29.84 -10.64 -65.56
C SER DA 35 -29.35 -12.07 -65.34
N THR DA 36 -28.95 -12.39 -64.11
CA THR DA 36 -28.47 -13.74 -63.83
C THR DA 36 -29.56 -14.79 -64.07
N ALA DA 37 -30.79 -14.49 -63.65
CA ALA DA 37 -31.88 -15.43 -63.88
C ALA DA 37 -32.17 -15.58 -65.37
N THR DA 38 -32.13 -14.48 -66.12
CA THR DA 38 -32.36 -14.56 -67.56
C THR DA 38 -31.25 -15.34 -68.25
N SER DA 39 -30.00 -15.14 -67.83
CA SER DA 39 -28.87 -15.83 -68.45
C SER DA 39 -28.98 -17.33 -68.23
N ILE DA 40 -29.38 -17.75 -67.03
CA ILE DA 40 -29.52 -19.18 -66.75
C ILE DA 40 -30.64 -19.77 -67.59
N GLN DA 41 -31.74 -19.04 -67.76
CA GLN DA 41 -32.83 -19.53 -68.60
C GLN DA 41 -32.39 -19.71 -70.05
N THR DA 42 -31.64 -18.74 -70.57
CA THR DA 42 -31.18 -18.83 -71.95
C THR DA 42 -30.21 -19.99 -72.15
N TRP DA 43 -29.35 -20.23 -71.17
CA TRP DA 43 -28.39 -21.33 -71.29
C TRP DA 43 -29.08 -22.68 -71.34
N LEU DA 44 -30.08 -22.90 -70.50
CA LEU DA 44 -30.74 -24.19 -70.46
C LEU DA 44 -31.43 -24.51 -71.78
N SER DA 45 -32.04 -23.50 -72.41
CA SER DA 45 -32.75 -23.74 -73.66
C SER DA 45 -31.82 -24.16 -74.79
N THR DA 46 -30.51 -24.00 -74.60
CA THR DA 46 -29.57 -24.41 -75.64
C THR DA 46 -29.52 -25.94 -75.77
N TRP DA 47 -29.53 -26.65 -74.65
CA TRP DA 47 -29.32 -28.09 -74.67
C TRP DA 47 -30.48 -28.92 -74.12
N ILE DA 48 -31.45 -28.32 -73.45
CA ILE DA 48 -32.63 -29.07 -73.04
C ILE DA 48 -33.37 -29.64 -74.25
N PRO DA 49 -33.63 -28.88 -75.32
CA PRO DA 49 -34.30 -29.47 -76.48
C PRO DA 49 -33.59 -30.68 -77.07
N ILE DA 50 -32.25 -30.67 -77.11
CA ILE DA 50 -31.53 -31.83 -77.62
C ILE DA 50 -31.70 -33.03 -76.70
N GLY DA 51 -31.71 -32.78 -75.40
CA GLY DA 51 -31.96 -33.86 -74.45
C GLY DA 51 -33.34 -34.47 -74.60
N CYS DA 52 -34.33 -33.65 -74.97
CA CYS DA 52 -35.68 -34.17 -75.19
C CYS DA 52 -35.72 -35.12 -76.37
N ALA DA 53 -34.98 -34.81 -77.44
CA ALA DA 53 -34.94 -35.72 -78.58
C ALA DA 53 -34.28 -37.04 -78.22
N ILE DA 54 -33.27 -37.02 -77.35
CA ILE DA 54 -32.62 -38.25 -76.93
C ILE DA 54 -33.60 -39.16 -76.21
N ALA DA 55 -34.41 -38.59 -75.31
CA ALA DA 55 -35.36 -39.39 -74.55
C ALA DA 55 -36.37 -40.07 -75.47
N ILE DA 56 -36.86 -39.36 -76.48
CA ILE DA 56 -37.82 -39.95 -77.40
C ILE DA 56 -37.20 -41.16 -78.11
N MET DA 57 -35.96 -41.00 -78.58
CA MET DA 57 -35.29 -42.10 -79.27
C MET DA 57 -35.04 -43.28 -78.33
N VAL DA 58 -34.58 -43.00 -77.11
CA VAL DA 58 -34.28 -44.09 -76.18
C VAL DA 58 -35.55 -44.75 -75.69
N SER DA 59 -36.59 -43.96 -75.39
CA SER DA 59 -37.84 -44.53 -74.91
C SER DA 59 -38.48 -45.43 -75.95
N CYS DA 60 -38.44 -45.04 -77.22
CA CYS DA 60 -38.98 -45.89 -78.28
C CYS DA 60 -38.19 -47.19 -78.40
N PHE DA 61 -36.87 -47.12 -78.18
CA PHE DA 61 -36.06 -48.33 -78.20
C PHE DA 61 -36.46 -49.29 -77.09
N MET DA 62 -36.66 -48.77 -75.87
CA MET DA 62 -37.05 -49.62 -74.75
C MET DA 62 -38.41 -50.25 -75.00
N TRP DA 63 -39.33 -49.51 -75.61
CA TRP DA 63 -40.64 -50.06 -75.94
C TRP DA 63 -40.53 -51.21 -76.92
N MET DA 64 -39.65 -51.07 -77.92
CA MET DA 64 -39.45 -52.15 -78.87
C MET DA 64 -38.96 -53.43 -78.19
N LEU DA 65 -38.21 -53.30 -77.11
CA LEU DA 65 -37.64 -54.43 -76.40
C LEU DA 65 -38.58 -55.02 -75.36
N HIS DA 66 -39.78 -54.46 -75.22
CA HIS DA 66 -40.76 -54.97 -74.26
C HIS DA 66 -40.29 -54.75 -72.82
N VAL DA 67 -39.67 -53.60 -72.57
CA VAL DA 67 -39.18 -53.27 -71.24
C VAL DA 67 -40.12 -52.34 -70.50
N ILE DA 68 -40.79 -51.43 -71.20
CA ILE DA 68 -41.68 -50.47 -70.55
C ILE DA 68 -43.01 -50.49 -71.30
N PRO DA 69 -44.09 -50.09 -70.65
CA PRO DA 69 -45.39 -50.03 -71.31
C PRO DA 69 -45.47 -48.85 -72.28
N ALA DA 70 -46.57 -48.81 -73.02
CA ALA DA 70 -46.77 -47.78 -74.03
C ALA DA 70 -47.35 -46.49 -73.44
N SER DA 71 -47.60 -46.44 -72.15
CA SER DA 71 -48.10 -45.21 -71.54
C SER DA 71 -47.06 -44.10 -71.49
N PHE DA 72 -45.88 -44.28 -72.09
CA PHE DA 72 -44.90 -43.21 -72.13
C PHE DA 72 -45.20 -42.21 -73.24
N ILE DA 73 -45.95 -42.61 -74.27
CA ILE DA 73 -46.23 -41.70 -75.38
C ILE DA 73 -46.99 -40.47 -74.92
N PRO DA 74 -48.10 -40.58 -74.18
CA PRO DA 74 -48.77 -39.36 -73.72
C PRO DA 74 -47.91 -38.50 -72.81
N ARG DA 75 -47.00 -39.10 -72.04
CA ARG DA 75 -46.13 -38.31 -71.19
C ARG DA 75 -45.24 -37.37 -71.99
N ILE DA 76 -44.69 -37.82 -73.11
CA ILE DA 76 -43.78 -36.99 -73.88
C ILE DA 76 -44.51 -35.78 -74.44
N VAL DA 77 -45.73 -35.96 -74.94
CA VAL DA 77 -46.48 -34.84 -75.48
C VAL DA 77 -46.80 -33.83 -74.39
N ILE DA 78 -47.25 -34.31 -73.23
CA ILE DA 78 -47.62 -33.41 -72.14
C ILE DA 78 -46.40 -32.67 -71.61
N SER DA 79 -45.27 -33.36 -71.48
CA SER DA 79 -44.05 -32.69 -71.02
C SER DA 79 -43.59 -31.62 -72.01
N LEU DA 80 -43.70 -31.88 -73.31
CA LEU DA 80 -43.32 -30.89 -74.30
C LEU DA 80 -44.22 -29.67 -74.24
N ILE DA 81 -45.50 -29.87 -73.93
CA ILE DA 81 -46.41 -28.74 -73.77
C ILE DA 81 -45.98 -27.88 -72.60
N GLY DA 82 -45.59 -28.51 -71.49
CA GLY DA 82 -45.18 -27.76 -70.32
C GLY DA 82 -43.89 -27.00 -70.52
N ILE DA 83 -42.93 -27.60 -71.22
CA ILE DA 83 -41.64 -26.94 -71.44
C ILE DA 83 -41.81 -25.67 -72.27
N GLY DA 84 -42.61 -25.72 -73.33
CA GLY DA 84 -42.76 -24.56 -74.19
C GLY DA 84 -43.68 -23.50 -73.63
N SER DA 85 -44.50 -23.86 -72.64
CA SER DA 85 -45.45 -22.93 -72.05
C SER DA 85 -45.05 -22.47 -70.65
N ALA DA 86 -43.79 -22.66 -70.26
CA ALA DA 86 -43.37 -22.35 -68.90
C ALA DA 86 -43.55 -20.87 -68.58
N SER DA 87 -43.07 -19.99 -69.47
CA SER DA 87 -43.17 -18.56 -69.22
C SER DA 87 -44.63 -18.09 -69.25
N TYR DA 88 -45.41 -18.58 -70.20
CA TYR DA 88 -46.80 -18.17 -70.30
C TYR DA 88 -47.60 -18.61 -69.08
N LEU DA 89 -47.34 -19.82 -68.60
CA LEU DA 89 -48.10 -20.34 -67.46
C LEU DA 89 -47.84 -19.53 -66.20
N VAL DA 90 -46.61 -19.10 -65.98
CA VAL DA 90 -46.28 -18.35 -64.78
C VAL DA 90 -47.04 -17.03 -64.73
N SER DA 91 -47.04 -16.29 -65.85
CA SER DA 91 -47.73 -15.01 -65.87
C SER DA 91 -49.24 -15.18 -65.90
N LEU DA 92 -49.73 -16.34 -66.34
CA LEU DA 92 -51.16 -16.59 -66.35
C LEU DA 92 -51.75 -16.56 -64.94
N THR DA 93 -50.93 -16.85 -63.93
CA THR DA 93 -51.36 -16.83 -62.54
C THR DA 93 -51.14 -15.48 -61.87
N GLY DA 94 -50.63 -14.48 -62.59
CA GLY DA 94 -50.42 -13.16 -62.06
C GLY DA 94 -49.06 -12.92 -61.44
N VAL DA 95 -48.22 -13.93 -61.34
CA VAL DA 95 -46.88 -13.77 -60.76
C VAL DA 95 -45.98 -13.08 -61.76
N GLY DA 96 -45.20 -12.11 -61.27
CA GLY DA 96 -44.24 -11.43 -62.11
C GLY DA 96 -44.84 -10.72 -63.30
N SER DA 97 -45.61 -9.67 -63.05
CA SER DA 97 -46.19 -8.86 -64.13
C SER DA 97 -46.13 -7.38 -63.79
N ALA EA 28 -33.78 12.54 -35.08
CA ALA EA 28 -32.49 13.12 -35.44
C ALA EA 28 -31.94 12.46 -36.70
N GLY EA 29 -32.59 11.38 -37.13
CA GLY EA 29 -32.17 10.68 -38.32
C GLY EA 29 -33.32 10.35 -39.24
N THR EA 30 -33.19 9.27 -40.01
CA THR EA 30 -34.22 8.83 -40.93
C THR EA 30 -34.63 7.41 -40.59
N ASP EA 31 -35.93 7.13 -40.66
CA ASP EA 31 -36.46 5.81 -40.41
C ASP EA 31 -36.34 4.98 -41.67
N THR EA 32 -35.46 3.97 -41.64
CA THR EA 32 -35.24 3.10 -42.79
C THR EA 32 -35.69 1.68 -42.49
N GLY EA 33 -36.78 1.55 -41.73
CA GLY EA 33 -37.32 0.24 -41.43
C GLY EA 33 -38.36 -0.20 -42.42
N GLU EA 34 -39.36 0.64 -42.67
CA GLU EA 34 -40.39 0.29 -43.65
C GLU EA 34 -39.84 0.34 -45.06
N SER EA 35 -39.01 1.35 -45.37
CA SER EA 35 -38.47 1.48 -46.72
C SER EA 35 -37.56 0.32 -47.07
N THR EA 36 -36.70 -0.09 -46.14
CA THR EA 36 -35.79 -1.20 -46.42
C THR EA 36 -36.56 -2.49 -46.68
N ALA EA 37 -37.60 -2.75 -45.90
CA ALA EA 37 -38.40 -3.96 -46.13
C ALA EA 37 -39.11 -3.90 -47.47
N THR EA 38 -39.64 -2.73 -47.83
CA THR EA 38 -40.30 -2.59 -49.12
C THR EA 38 -39.32 -2.75 -50.28
N SER EA 39 -38.12 -2.19 -50.13
CA SER EA 39 -37.12 -2.30 -51.20
C SER EA 39 -36.71 -3.74 -51.43
N ILE EA 40 -36.56 -4.52 -50.35
CA ILE EA 40 -36.19 -5.92 -50.49
C ILE EA 40 -37.31 -6.70 -51.17
N GLN EA 41 -38.56 -6.40 -50.83
CA GLN EA 41 -39.68 -7.07 -51.48
C GLN EA 41 -39.73 -6.77 -52.98
N THR EA 42 -39.49 -5.51 -53.35
CA THR EA 42 -39.53 -5.14 -54.76
C THR EA 42 -38.40 -5.81 -55.54
N TRP EA 43 -37.22 -5.92 -54.92
CA TRP EA 43 -36.09 -6.55 -55.61
C TRP EA 43 -36.35 -8.01 -55.90
N LEU EA 44 -36.92 -8.75 -54.94
CA LEU EA 44 -37.13 -10.18 -55.13
C LEU EA 44 -38.10 -10.44 -56.27
N SER EA 45 -39.15 -9.61 -56.40
CA SER EA 45 -40.14 -9.83 -57.43
C SER EA 45 -39.56 -9.65 -58.82
N THR EA 46 -38.36 -9.07 -58.94
CA THR EA 46 -37.76 -8.89 -60.26
C THR EA 46 -37.33 -10.23 -60.86
N TRP EA 47 -36.76 -11.12 -60.04
CA TRP EA 47 -36.17 -12.34 -60.55
C TRP EA 47 -36.79 -13.62 -60.01
N ILE EA 48 -37.62 -13.56 -58.97
CA ILE EA 48 -38.33 -14.76 -58.53
C ILE EA 48 -39.24 -15.30 -59.62
N PRO EA 49 -40.04 -14.48 -60.31
CA PRO EA 49 -40.87 -15.03 -61.40
C PRO EA 49 -40.08 -15.75 -62.48
N ILE EA 50 -38.90 -15.25 -62.85
CA ILE EA 50 -38.09 -15.94 -63.86
C ILE EA 50 -37.61 -17.28 -63.33
N GLY EA 51 -37.23 -17.33 -62.04
CA GLY EA 51 -36.85 -18.59 -61.45
C GLY EA 51 -37.97 -19.61 -61.43
N CYS EA 52 -39.22 -19.14 -61.28
CA CYS EA 52 -40.35 -20.06 -61.30
C CYS EA 52 -40.52 -20.70 -62.66
N ALA EA 53 -40.30 -19.95 -63.74
CA ALA EA 53 -40.39 -20.51 -65.07
C ALA EA 53 -39.31 -21.55 -65.31
N ILE EA 54 -38.13 -21.34 -64.75
CA ILE EA 54 -37.05 -22.32 -64.91
C ILE EA 54 -37.42 -23.64 -64.27
N ALA EA 55 -38.01 -23.60 -63.08
CA ALA EA 55 -38.38 -24.83 -62.39
C ALA EA 55 -39.41 -25.63 -63.18
N ILE EA 56 -40.39 -24.95 -63.77
CA ILE EA 56 -41.40 -25.65 -64.56
C ILE EA 56 -40.75 -26.37 -65.74
N MET EA 57 -39.83 -25.69 -66.43
CA MET EA 57 -39.15 -26.31 -67.57
C MET EA 57 -38.28 -27.48 -67.12
N VAL EA 58 -37.53 -27.32 -66.03
CA VAL EA 58 -36.64 -28.38 -65.58
C VAL EA 58 -37.44 -29.55 -65.01
N SER EA 59 -38.49 -29.26 -64.25
CA SER EA 59 -39.30 -30.33 -63.66
C SER EA 59 -39.96 -31.18 -64.74
N CYS EA 60 -40.47 -30.54 -65.80
CA CYS EA 60 -41.07 -31.28 -66.89
C CYS EA 60 -40.04 -32.16 -67.59
N PHE EA 61 -38.80 -31.67 -67.71
CA PHE EA 61 -37.73 -32.47 -68.29
C PHE EA 61 -37.44 -33.72 -67.47
N MET EA 62 -37.36 -33.57 -66.14
CA MET EA 62 -37.10 -34.71 -65.27
C MET EA 62 -38.23 -35.73 -65.35
N TRP EA 63 -39.47 -35.26 -65.46
CA TRP EA 63 -40.61 -36.16 -65.59
C TRP EA 63 -40.51 -36.96 -66.88
N MET EA 64 -40.10 -36.32 -67.98
CA MET EA 64 -39.93 -37.04 -69.23
C MET EA 64 -38.91 -38.16 -69.12
N LEU EA 65 -37.90 -37.98 -68.27
CA LEU EA 65 -36.83 -38.95 -68.11
C LEU EA 65 -37.16 -40.05 -67.10
N HIS EA 66 -38.35 -40.00 -66.50
CA HIS EA 66 -38.77 -41.01 -65.52
C HIS EA 66 -37.92 -40.94 -64.26
N VAL EA 67 -37.61 -39.72 -63.83
CA VAL EA 67 -36.80 -39.51 -62.63
C VAL EA 67 -37.66 -39.16 -61.43
N ILE EA 68 -38.76 -38.44 -61.62
CA ILE EA 68 -39.61 -38.02 -60.52
C ILE EA 68 -41.05 -38.35 -60.89
N PRO EA 69 -41.91 -38.51 -59.89
CA PRO EA 69 -43.32 -38.79 -60.16
C PRO EA 69 -44.05 -37.56 -60.67
N ALA EA 70 -45.30 -37.76 -61.06
CA ALA EA 70 -46.12 -36.69 -61.62
C ALA EA 70 -46.80 -35.85 -60.55
N SER EA 71 -46.60 -36.15 -59.28
CA SER EA 71 -47.18 -35.34 -58.22
C SER EA 71 -46.55 -33.96 -58.09
N PHE EA 72 -45.64 -33.58 -58.99
CA PHE EA 72 -45.08 -32.24 -58.95
C PHE EA 72 -45.99 -31.21 -59.59
N ILE EA 73 -46.90 -31.64 -60.47
CA ILE EA 73 -47.78 -30.68 -61.15
C ILE EA 73 -48.66 -29.93 -60.16
N PRO EA 74 -49.38 -30.58 -59.24
CA PRO EA 74 -50.17 -29.81 -58.27
C PRO EA 74 -49.34 -28.90 -57.39
N ARG EA 75 -48.10 -29.28 -57.09
CA ARG EA 75 -47.24 -28.43 -56.28
C ARG EA 75 -46.97 -27.08 -56.95
N ILE EA 76 -46.72 -27.08 -58.26
CA ILE EA 76 -46.41 -25.82 -58.94
C ILE EA 76 -47.58 -24.87 -58.90
N VAL EA 77 -48.80 -25.37 -59.12
CA VAL EA 77 -49.97 -24.50 -59.08
C VAL EA 77 -50.18 -23.93 -57.69
N ILE EA 78 -50.05 -24.77 -56.65
CA ILE EA 78 -50.28 -24.30 -55.29
C ILE EA 78 -49.20 -23.30 -54.88
N SER EA 79 -47.95 -23.54 -55.26
CA SER EA 79 -46.90 -22.59 -54.94
C SER EA 79 -47.11 -21.26 -55.62
N LEU EA 80 -47.56 -21.26 -56.87
CA LEU EA 80 -47.84 -20.01 -57.58
C LEU EA 80 -48.98 -19.24 -56.92
N ILE EA 81 -49.96 -19.95 -56.39
CA ILE EA 81 -51.05 -19.29 -55.66
C ILE EA 81 -50.51 -18.58 -54.43
N GLY EA 82 -49.60 -19.25 -53.71
CA GLY EA 82 -49.06 -18.66 -52.49
C GLY EA 82 -48.18 -17.45 -52.77
N ILE EA 83 -47.37 -17.51 -53.84
CA ILE EA 83 -46.48 -16.40 -54.15
C ILE EA 83 -47.27 -15.15 -54.49
N GLY EA 84 -48.33 -15.27 -55.29
CA GLY EA 84 -49.08 -14.09 -55.69
C GLY EA 84 -50.01 -13.57 -54.62
N SER EA 85 -50.32 -14.38 -53.61
CA SER EA 85 -51.24 -14.01 -52.54
C SER EA 85 -50.54 -13.73 -51.22
N ALA EA 86 -49.22 -13.52 -51.23
CA ALA EA 86 -48.48 -13.36 -49.99
C ALA EA 86 -48.95 -12.16 -49.21
N SER EA 87 -49.06 -11.00 -49.87
CA SER EA 87 -49.47 -9.78 -49.18
C SER EA 87 -50.91 -9.87 -48.70
N TYR EA 88 -51.80 -10.41 -49.53
CA TYR EA 88 -53.20 -10.51 -49.15
C TYR EA 88 -53.38 -11.46 -47.96
N LEU EA 89 -52.65 -12.57 -47.96
CA LEU EA 89 -52.80 -13.54 -46.88
C LEU EA 89 -52.37 -12.98 -45.54
N VAL EA 90 -51.30 -12.17 -45.52
CA VAL EA 90 -50.82 -11.63 -44.25
C VAL EA 90 -51.86 -10.71 -43.63
N SER EA 91 -52.45 -9.81 -44.43
CA SER EA 91 -53.43 -8.89 -43.88
C SER EA 91 -54.75 -9.57 -43.59
N LEU EA 92 -55.01 -10.72 -44.23
CA LEU EA 92 -56.23 -11.46 -43.95
C LEU EA 92 -56.30 -11.93 -42.50
N THR EA 93 -55.14 -12.11 -41.87
CA THR EA 93 -55.07 -12.53 -40.48
C THR EA 93 -55.02 -11.36 -39.50
N GLY EA 94 -55.08 -10.12 -40.00
CA GLY EA 94 -55.08 -8.96 -39.15
C GLY EA 94 -53.73 -8.37 -38.84
N VAL EA 95 -52.65 -9.01 -39.28
CA VAL EA 95 -51.31 -8.50 -39.02
C VAL EA 95 -51.02 -7.33 -39.95
N GLY EA 96 -50.43 -6.27 -39.40
CA GLY EA 96 -50.03 -5.13 -40.19
C GLY EA 96 -51.17 -4.46 -40.93
N SER EA 97 -52.08 -3.83 -40.18
CA SER EA 97 -53.18 -3.10 -40.78
C SER EA 97 -53.43 -1.78 -40.04
N ALA FA 28 -38.27 14.94 -10.64
CA ALA FA 28 -37.39 16.00 -11.12
C ALA FA 28 -37.13 15.85 -12.61
N GLY FA 29 -37.57 14.72 -13.17
CA GLY FA 29 -37.39 14.47 -14.59
C GLY FA 29 -38.63 13.95 -15.25
N THR FA 30 -38.47 13.17 -16.31
CA THR FA 30 -39.59 12.58 -17.03
C THR FA 30 -39.44 11.08 -17.07
N ASP FA 31 -40.56 10.37 -16.88
CA ASP FA 31 -40.58 8.92 -16.92
C ASP FA 31 -40.66 8.46 -18.38
N THR FA 32 -39.58 7.86 -18.86
CA THR FA 32 -39.51 7.38 -20.24
C THR FA 32 -39.43 5.86 -20.29
N GLY FA 33 -40.11 5.19 -19.36
CA GLY FA 33 -40.13 3.75 -19.34
C GLY FA 33 -41.27 3.17 -20.14
N GLU FA 34 -42.50 3.63 -19.87
CA GLU FA 34 -43.65 3.15 -20.61
C GLU FA 34 -43.64 3.69 -22.04
N SER FA 35 -43.28 4.96 -22.22
CA SER FA 35 -43.29 5.55 -23.55
C SER FA 35 -42.26 4.89 -24.45
N THR FA 36 -41.06 4.63 -23.93
CA THR FA 36 -40.02 4.01 -24.75
C THR FA 36 -40.44 2.61 -25.20
N ALA FA 37 -41.04 1.84 -24.29
CA ALA FA 37 -41.50 0.50 -24.68
C ALA FA 37 -42.61 0.58 -25.72
N THR FA 38 -43.54 1.52 -25.56
CA THR FA 38 -44.60 1.67 -26.55
C THR FA 38 -44.06 2.11 -27.89
N SER FA 39 -43.09 3.03 -27.89
CA SER FA 39 -42.51 3.50 -29.15
C SER FA 39 -41.82 2.38 -29.90
N ILE FA 40 -41.10 1.52 -29.18
CA ILE FA 40 -40.43 0.39 -29.84
C ILE FA 40 -41.44 -0.58 -30.42
N GLN FA 41 -42.54 -0.82 -29.70
CA GLN FA 41 -43.58 -1.70 -30.23
C GLN FA 41 -44.20 -1.14 -31.50
N THR FA 42 -44.48 0.16 -31.52
CA THR FA 42 -45.08 0.78 -32.69
C THR FA 42 -44.14 0.73 -33.89
N TRP FA 43 -42.84 0.93 -33.65
CA TRP FA 43 -41.88 0.91 -34.75
C TRP FA 43 -41.80 -0.46 -35.41
N LEU FA 44 -41.77 -1.52 -34.61
CA LEU FA 44 -41.63 -2.86 -35.17
C LEU FA 44 -42.82 -3.22 -36.06
N SER FA 45 -44.03 -2.82 -35.65
CA SER FA 45 -45.21 -3.16 -36.43
C SER FA 45 -45.22 -2.50 -37.80
N THR FA 46 -44.34 -1.53 -38.03
CA THR FA 46 -44.27 -0.88 -39.33
C THR FA 46 -43.71 -1.81 -40.40
N TRP FA 47 -42.68 -2.59 -40.06
CA TRP FA 47 -41.98 -3.38 -41.05
C TRP FA 47 -41.99 -4.89 -40.79
N ILE FA 48 -42.40 -5.34 -39.60
CA ILE FA 48 -42.57 -6.79 -39.39
C ILE FA 48 -43.60 -7.36 -40.34
N PRO FA 49 -44.78 -6.78 -40.52
CA PRO FA 49 -45.74 -7.35 -41.47
C PRO FA 49 -45.19 -7.50 -42.88
N ILE FA 50 -44.39 -6.55 -43.37
CA ILE FA 50 -43.81 -6.67 -44.70
C ILE FA 50 -42.82 -7.83 -44.74
N GLY FA 51 -42.04 -8.01 -43.68
CA GLY FA 51 -41.14 -9.14 -43.62
C GLY FA 51 -41.86 -10.47 -43.62
N CYS FA 52 -43.05 -10.52 -43.03
CA CYS FA 52 -43.83 -11.76 -43.05
C CYS FA 52 -44.25 -12.13 -44.46
N ALA FA 53 -44.63 -11.14 -45.26
CA ALA FA 53 -45.01 -11.43 -46.65
C ALA FA 53 -43.82 -11.93 -47.45
N ILE FA 54 -42.62 -11.42 -47.16
CA ILE FA 54 -41.43 -11.88 -47.88
C ILE FA 54 -41.18 -13.36 -47.60
N ALA FA 55 -41.33 -13.78 -46.34
CA ALA FA 55 -41.08 -15.17 -45.98
C ALA FA 55 -42.05 -16.11 -46.70
N ILE FA 56 -43.31 -15.73 -46.80
CA ILE FA 56 -44.29 -16.56 -47.49
C ILE FA 56 -43.90 -16.75 -48.95
N MET FA 57 -43.49 -15.66 -49.61
CA MET FA 57 -43.10 -15.74 -51.01
C MET FA 57 -41.83 -16.59 -51.18
N VAL FA 58 -40.84 -16.39 -50.31
CA VAL FA 58 -39.59 -17.13 -50.44
C VAL FA 58 -39.79 -18.59 -50.07
N SER FA 59 -40.56 -18.87 -49.02
CA SER FA 59 -40.79 -20.25 -48.61
C SER FA 59 -41.51 -21.04 -49.69
N CYS FA 60 -42.49 -20.43 -50.35
CA CYS FA 60 -43.19 -21.09 -51.43
C CYS FA 60 -42.26 -21.38 -52.60
N PHE FA 61 -41.32 -20.46 -52.86
CA PHE FA 61 -40.33 -20.69 -53.91
C PHE FA 61 -39.44 -21.89 -53.60
N MET FA 62 -38.97 -21.99 -52.35
CA MET FA 62 -38.12 -23.11 -51.97
C MET FA 62 -38.88 -24.44 -52.07
N TRP FA 63 -40.16 -24.43 -51.70
CA TRP FA 63 -40.98 -25.63 -51.84
C TRP FA 63 -41.09 -26.07 -53.29
N MET FA 64 -41.27 -25.11 -54.20
CA MET FA 64 -41.35 -25.44 -55.62
C MET FA 64 -40.07 -26.12 -56.11
N LEU FA 65 -38.93 -25.77 -55.52
CA LEU FA 65 -37.64 -26.30 -55.94
C LEU FA 65 -37.29 -27.62 -55.25
N HIS FA 66 -38.17 -28.13 -54.39
CA HIS FA 66 -37.94 -29.40 -53.71
C HIS FA 66 -36.77 -29.29 -52.73
N VAL FA 67 -36.69 -28.16 -52.04
CA VAL FA 67 -35.62 -27.92 -51.08
C VAL FA 67 -36.09 -28.16 -49.64
N ILE FA 68 -37.34 -27.84 -49.33
CA ILE FA 68 -37.85 -28.00 -47.98
C ILE FA 68 -39.17 -28.75 -48.05
N PRO FA 69 -39.57 -29.41 -46.98
CA PRO FA 69 -40.86 -30.11 -46.96
C PRO FA 69 -42.03 -29.15 -46.88
N ALA FA 70 -43.23 -29.71 -46.99
CA ALA FA 70 -44.45 -28.91 -46.97
C ALA FA 70 -44.94 -28.61 -45.57
N SER FA 71 -44.25 -29.07 -44.53
CA SER FA 71 -44.65 -28.77 -43.17
C SER FA 71 -44.42 -27.31 -42.80
N PHE FA 72 -44.01 -26.45 -43.73
CA PHE FA 72 -43.86 -25.03 -43.42
C PHE FA 72 -45.20 -24.30 -43.47
N ILE FA 73 -46.19 -24.84 -44.19
CA ILE FA 73 -47.47 -24.14 -44.30
C ILE FA 73 -48.15 -23.98 -42.94
N PRO FA 74 -48.29 -25.01 -42.12
CA PRO FA 74 -48.90 -24.80 -40.79
C PRO FA 74 -48.11 -23.84 -39.91
N ARG FA 75 -46.79 -23.80 -40.06
CA ARG FA 75 -45.98 -22.87 -39.27
C ARG FA 75 -46.35 -21.43 -39.54
N ILE FA 76 -46.57 -21.07 -40.80
CA ILE FA 76 -46.86 -19.67 -41.13
C ILE FA 76 -48.17 -19.24 -40.51
N VAL FA 77 -49.20 -20.08 -40.57
CA VAL FA 77 -50.48 -19.73 -39.98
C VAL FA 77 -50.36 -19.56 -38.47
N ILE FA 78 -49.67 -20.50 -37.81
CA ILE FA 78 -49.54 -20.43 -36.35
C ILE FA 78 -48.73 -19.21 -35.93
N SER FA 79 -47.66 -18.91 -36.66
CA SER FA 79 -46.86 -17.72 -36.34
C SER FA 79 -47.67 -16.45 -36.51
N LEU FA 80 -48.50 -16.36 -37.55
CA LEU FA 80 -49.31 -15.18 -37.75
C LEU FA 80 -50.34 -15.02 -36.63
N ILE FA 81 -50.85 -16.13 -36.11
CA ILE FA 81 -51.77 -16.07 -34.98
C ILE FA 81 -51.07 -15.48 -33.76
N GLY FA 82 -49.83 -15.91 -33.52
CA GLY FA 82 -49.09 -15.42 -32.37
C GLY FA 82 -48.73 -13.95 -32.47
N ILE FA 83 -48.36 -13.50 -33.67
CA ILE FA 83 -47.97 -12.10 -33.84
C ILE FA 83 -49.14 -11.17 -33.57
N GLY FA 84 -50.33 -11.50 -34.08
CA GLY FA 84 -51.47 -10.62 -33.91
C GLY FA 84 -52.09 -10.69 -32.53
N SER FA 85 -51.80 -11.76 -31.77
CA SER FA 85 -52.37 -11.97 -30.45
C SER FA 85 -51.37 -11.73 -29.33
N ALA FA 86 -50.26 -11.07 -29.61
CA ALA FA 86 -49.22 -10.90 -28.59
C ALA FA 86 -49.72 -10.13 -27.39
N SER FA 87 -50.36 -8.98 -27.62
CA SER FA 87 -50.85 -8.17 -26.51
C SER FA 87 -51.95 -8.86 -25.74
N TYR FA 88 -52.88 -9.51 -26.45
CA TYR FA 88 -53.99 -10.19 -25.78
C TYR FA 88 -53.49 -11.35 -24.93
N LEU FA 89 -52.51 -12.10 -25.44
CA LEU FA 89 -52.01 -13.26 -24.72
C LEU FA 89 -51.34 -12.86 -23.41
N VAL FA 90 -50.60 -11.75 -23.42
CA VAL FA 90 -49.89 -11.33 -22.20
C VAL FA 90 -50.88 -11.00 -21.09
N SER FA 91 -51.92 -10.23 -21.41
CA SER FA 91 -52.89 -9.86 -20.38
C SER FA 91 -53.78 -11.02 -19.99
N LEU FA 92 -53.90 -12.02 -20.86
CA LEU FA 92 -54.70 -13.19 -20.54
C LEU FA 92 -54.14 -13.94 -19.34
N THR FA 93 -52.84 -13.82 -19.09
CA THR FA 93 -52.19 -14.46 -17.96
C THR FA 93 -52.14 -13.58 -16.71
N GLY FA 94 -52.72 -12.38 -16.78
CA GLY FA 94 -52.76 -11.48 -15.64
C GLY FA 94 -51.60 -10.53 -15.52
N VAL FA 95 -50.60 -10.63 -16.38
CA VAL FA 95 -49.45 -9.74 -16.32
C VAL FA 95 -49.82 -8.38 -16.90
N GLY FA 96 -49.41 -7.32 -16.22
CA GLY FA 96 -49.64 -5.97 -16.70
C GLY FA 96 -51.10 -5.62 -16.88
N SER FA 97 -51.84 -5.52 -15.78
CA SER FA 97 -53.24 -5.13 -15.83
C SER FA 97 -53.59 -4.18 -14.69
N ALA GA 28 -34.71 10.52 13.66
CA ALA GA 28 -34.37 11.90 13.33
C ALA GA 28 -34.61 12.17 11.85
N GLY GA 29 -34.86 11.10 11.10
CA GLY GA 29 -35.10 11.22 9.67
C GLY GA 29 -36.32 10.43 9.22
N THR GA 30 -36.32 10.00 7.97
CA THR GA 30 -37.39 9.21 7.40
C THR GA 30 -36.84 7.89 6.87
N ASP GA 31 -37.59 6.82 7.11
CA ASP GA 31 -37.21 5.49 6.63
C ASP GA 31 -37.64 5.35 5.17
N THR GA 32 -36.68 5.28 4.27
CA THR GA 32 -36.95 5.15 2.84
C THR GA 32 -36.46 3.81 2.32
N GLY GA 33 -36.57 2.77 3.13
CA GLY GA 33 -36.17 1.45 2.72
C GLY GA 33 -37.31 0.67 2.10
N GLU GA 34 -38.44 0.59 2.79
CA GLU GA 34 -39.59 -0.11 2.25
C GLU GA 34 -40.22 0.67 1.09
N SER GA 35 -40.32 1.99 1.24
CA SER GA 35 -40.95 2.80 0.19
C SER GA 35 -40.14 2.76 -1.10
N THR GA 36 -38.82 2.86 -1.00
CA THR GA 36 -37.98 2.83 -2.20
C THR GA 36 -38.11 1.50 -2.93
N ALA GA 37 -38.13 0.39 -2.19
CA ALA GA 37 -38.30 -0.92 -2.83
C ALA GA 37 -39.66 -1.03 -3.49
N THR GA 38 -40.72 -0.54 -2.82
CA THR GA 38 -42.04 -0.60 -3.42
C THR GA 38 -42.13 0.29 -4.66
N SER GA 39 -41.52 1.47 -4.62
CA SER GA 39 -41.56 2.37 -5.77
C SER GA 39 -40.88 1.75 -6.98
N ILE GA 40 -39.75 1.07 -6.77
CA ILE GA 40 -39.05 0.43 -7.87
C ILE GA 40 -39.88 -0.70 -8.46
N GLN GA 41 -40.56 -1.47 -7.60
CA GLN GA 41 -41.42 -2.54 -8.09
C GLN GA 41 -42.57 -1.99 -8.93
N THR GA 42 -43.19 -0.90 -8.48
CA THR GA 42 -44.30 -0.32 -9.22
C THR GA 42 -43.85 0.22 -10.57
N TRP GA 43 -42.66 0.83 -10.62
CA TRP GA 43 -42.16 1.38 -11.87
C TRP GA 43 -41.93 0.30 -12.91
N LEU GA 44 -41.34 -0.83 -12.51
CA LEU GA 44 -41.02 -1.88 -13.46
C LEU GA 44 -42.28 -2.45 -14.09
N SER GA 45 -43.35 -2.60 -13.30
CA SER GA 45 -44.57 -3.20 -13.82
C SER GA 45 -45.23 -2.31 -14.88
N THR GA 46 -44.79 -1.06 -15.00
CA THR GA 46 -45.36 -0.18 -16.03
C THR GA 46 -44.95 -0.62 -17.43
N TRP GA 47 -43.69 -1.01 -17.61
CA TRP GA 47 -43.17 -1.28 -18.94
C TRP GA 47 -42.68 -2.71 -19.15
N ILE GA 48 -42.52 -3.51 -18.10
CA ILE GA 48 -42.18 -4.92 -18.30
C ILE GA 48 -43.26 -5.64 -19.10
N PRO GA 49 -44.56 -5.49 -18.79
CA PRO GA 49 -45.58 -6.16 -19.60
C PRO GA 49 -45.53 -5.81 -21.08
N ILE GA 50 -45.23 -4.56 -21.43
CA ILE GA 50 -45.13 -4.19 -22.84
C ILE GA 50 -43.93 -4.88 -23.49
N GLY GA 51 -42.83 -4.97 -22.76
CA GLY GA 51 -41.68 -5.69 -23.26
C GLY GA 51 -41.94 -7.16 -23.50
N CYS GA 52 -42.80 -7.76 -22.68
CA CYS GA 52 -43.16 -9.17 -22.87
C CYS GA 52 -43.91 -9.36 -24.18
N ALA GA 53 -44.80 -8.44 -24.52
CA ALA GA 53 -45.53 -8.55 -25.78
C ALA GA 53 -44.59 -8.43 -26.97
N ILE GA 54 -43.56 -7.58 -26.85
CA ILE GA 54 -42.60 -7.43 -27.94
C ILE GA 54 -41.87 -8.74 -28.20
N ALA GA 55 -41.46 -9.42 -27.14
CA ALA GA 55 -40.72 -10.67 -27.30
C ALA GA 55 -41.57 -11.73 -28.01
N ILE GA 56 -42.85 -11.82 -27.65
CA ILE GA 56 -43.73 -12.79 -28.31
C ILE GA 56 -43.82 -12.52 -29.80
N MET GA 57 -43.98 -11.25 -30.17
CA MET GA 57 -44.07 -10.90 -31.58
C MET GA 57 -42.76 -11.17 -32.31
N VAL GA 58 -41.63 -10.81 -31.71
CA VAL GA 58 -40.35 -11.01 -32.37
C VAL GA 58 -39.99 -12.48 -32.42
N SER GA 59 -40.25 -13.23 -31.34
CA SER GA 59 -39.92 -14.65 -31.34
C SER GA 59 -40.71 -15.40 -32.39
N CYS GA 60 -42.00 -15.07 -32.56
CA CYS GA 60 -42.80 -15.72 -33.59
C CYS GA 60 -42.27 -15.40 -34.98
N PHE GA 61 -41.78 -14.17 -35.18
CA PHE GA 61 -41.18 -13.81 -36.46
C PHE GA 61 -39.95 -14.65 -36.75
N MET GA 62 -39.07 -14.81 -35.76
CA MET GA 62 -37.87 -15.61 -35.97
C MET GA 62 -38.21 -17.07 -36.27
N TRP GA 63 -39.24 -17.59 -35.62
CA TRP GA 63 -39.67 -18.96 -35.90
C TRP GA 63 -40.15 -19.11 -37.34
N MET GA 64 -40.88 -18.11 -37.84
CA MET GA 64 -41.33 -18.16 -39.23
C MET GA 64 -40.17 -18.21 -40.20
N LEU GA 65 -39.05 -17.60 -39.85
CA LEU GA 65 -37.87 -17.53 -40.71
C LEU GA 65 -36.96 -18.74 -40.57
N HIS GA 66 -37.31 -19.70 -39.71
CA HIS GA 66 -36.52 -20.91 -39.53
C HIS GA 66 -35.18 -20.58 -38.89
N VAL GA 67 -35.18 -19.67 -37.93
CA VAL GA 67 -33.97 -19.27 -37.24
C VAL GA 67 -33.83 -19.94 -35.88
N ILE GA 68 -34.93 -20.17 -35.19
CA ILE GA 68 -34.90 -20.77 -33.86
C ILE GA 68 -35.90 -21.92 -33.83
N PRO GA 69 -35.71 -22.88 -32.93
CA PRO GA 69 -36.66 -23.99 -32.82
C PRO GA 69 -37.95 -23.55 -32.16
N ALA GA 70 -38.91 -24.47 -32.13
CA ALA GA 70 -40.22 -24.19 -31.56
C ALA GA 70 -40.28 -24.38 -30.06
N SER GA 71 -39.17 -24.76 -29.42
CA SER GA 71 -39.16 -24.90 -27.97
C SER GA 71 -39.24 -23.58 -27.25
N PHE GA 72 -39.43 -22.46 -27.95
CA PHE GA 72 -39.59 -21.17 -27.26
C PHE GA 72 -41.01 -20.98 -26.74
N ILE GA 73 -41.98 -21.68 -27.32
CA ILE GA 73 -43.38 -21.49 -26.89
C ILE GA 73 -43.56 -21.86 -25.43
N PRO GA 74 -43.13 -23.03 -24.94
CA PRO GA 74 -43.29 -23.32 -23.51
C PRO GA 74 -42.55 -22.35 -22.62
N ARG GA 75 -41.43 -21.80 -23.07
CA ARG GA 75 -40.69 -20.83 -22.26
C ARG GA 75 -41.52 -19.58 -21.97
N ILE GA 76 -42.25 -19.08 -22.97
CA ILE GA 76 -43.00 -17.85 -22.77
C ILE GA 76 -44.10 -18.05 -21.74
N VAL GA 77 -44.81 -19.19 -21.79
CA VAL GA 77 -45.86 -19.45 -20.82
C VAL GA 77 -45.28 -19.56 -19.42
N ILE GA 78 -44.18 -20.29 -19.27
CA ILE GA 78 -43.59 -20.48 -17.94
C ILE GA 78 -43.05 -19.16 -17.39
N SER GA 79 -42.42 -18.35 -18.24
CA SER GA 79 -41.94 -17.06 -17.78
C SER GA 79 -43.08 -16.15 -17.34
N LEU GA 80 -44.20 -16.16 -18.06
CA LEU GA 80 -45.34 -15.33 -17.68
C LEU GA 80 -45.92 -15.79 -16.35
N ILE GA 81 -45.90 -17.10 -16.07
CA ILE GA 81 -46.35 -17.60 -14.79
C ILE GA 81 -45.47 -17.06 -13.67
N GLY GA 82 -44.15 -17.05 -13.89
CA GLY GA 82 -43.24 -16.58 -12.86
C GLY GA 82 -43.38 -15.09 -12.59
N ILE GA 83 -43.56 -14.30 -13.66
CA ILE GA 83 -43.67 -12.85 -13.48
C ILE GA 83 -44.89 -12.48 -12.65
N GLY GA 84 -46.03 -13.11 -12.92
CA GLY GA 84 -47.25 -12.75 -12.21
C GLY GA 84 -47.32 -13.33 -10.81
N SER GA 85 -46.50 -14.35 -10.52
CA SER GA 85 -46.51 -15.01 -9.22
C SER GA 85 -45.30 -14.66 -8.37
N ALA GA 86 -44.58 -13.60 -8.70
CA ALA GA 86 -43.35 -13.28 -7.99
C ALA GA 86 -43.62 -13.00 -6.51
N SER GA 87 -44.59 -12.15 -6.21
CA SER GA 87 -44.88 -11.80 -4.82
C SER GA 87 -45.41 -13.00 -4.05
N TYR GA 88 -46.31 -13.78 -4.67
CA TYR GA 88 -46.88 -14.92 -3.98
C TYR GA 88 -45.82 -15.98 -3.69
N LEU GA 89 -44.90 -16.20 -4.63
CA LEU GA 89 -43.88 -17.23 -4.44
C LEU GA 89 -42.94 -16.89 -3.29
N VAL GA 90 -42.59 -15.61 -3.13
CA VAL GA 90 -41.67 -15.21 -2.08
C VAL GA 90 -42.27 -15.50 -0.71
N SER GA 91 -43.53 -15.11 -0.50
CA SER GA 91 -44.16 -15.32 0.80
C SER GA 91 -44.50 -16.80 1.02
N LEU GA 92 -44.63 -17.58 -0.05
CA LEU GA 92 -44.91 -19.00 0.09
C LEU GA 92 -43.78 -19.71 0.83
N THR GA 93 -42.56 -19.18 0.76
CA THR GA 93 -41.41 -19.76 1.45
C THR GA 93 -41.21 -19.18 2.85
N GLY GA 94 -42.07 -18.29 3.30
CA GLY GA 94 -41.98 -17.73 4.62
C GLY GA 94 -41.17 -16.46 4.74
N VAL GA 95 -40.53 -16.02 3.66
CA VAL GA 95 -39.73 -14.80 3.70
C VAL GA 95 -40.64 -13.59 3.69
N GLY GA 96 -40.34 -12.61 4.54
CA GLY GA 96 -41.09 -11.37 4.57
C GLY GA 96 -42.57 -11.55 4.86
N SER GA 97 -42.88 -11.95 6.09
CA SER GA 97 -44.26 -12.09 6.51
C SER GA 97 -44.45 -11.57 7.94
N ALA HA 28 -22.11 2.75 33.81
CA ALA HA 28 -22.31 4.20 33.85
C ALA HA 28 -23.10 4.66 32.62
N GLY HA 29 -23.29 3.75 31.67
CA GLY HA 29 -24.01 4.08 30.46
C GLY HA 29 -25.03 3.01 30.11
N THR HA 30 -25.32 2.87 28.81
CA THR HA 30 -26.27 1.88 28.32
C THR HA 30 -25.58 0.99 27.30
N ASP HA 31 -25.87 -0.31 27.37
CA ASP HA 31 -25.32 -1.28 26.43
C ASP HA 31 -26.16 -1.26 25.16
N THR HA 32 -25.57 -0.79 24.07
CA THR HA 32 -26.26 -0.71 22.79
C THR HA 32 -25.62 -1.65 21.77
N GLY HA 33 -25.15 -2.80 22.23
CA GLY HA 33 -24.57 -3.78 21.34
C GLY HA 33 -25.58 -4.77 20.82
N GLU HA 34 -26.34 -5.40 21.71
CA GLU HA 34 -27.37 -6.34 21.28
C GLU HA 34 -28.53 -5.62 20.62
N SER HA 35 -28.94 -4.48 21.18
CA SER HA 35 -30.08 -3.75 20.62
C SER HA 35 -29.78 -3.24 19.23
N THR HA 36 -28.58 -2.69 19.02
CA THR HA 36 -28.23 -2.17 17.70
C THR HA 36 -28.23 -3.27 16.65
N ALA HA 37 -27.68 -4.44 16.99
CA ALA HA 37 -27.68 -5.56 16.05
C ALA HA 37 -29.10 -6.03 15.75
N THR HA 38 -29.95 -6.09 16.77
CA THR HA 38 -31.33 -6.50 16.54
C THR HA 38 -32.07 -5.47 15.69
N SER HA 39 -31.85 -4.18 15.93
CA SER HA 39 -32.52 -3.15 15.17
C SER HA 39 -32.14 -3.21 13.69
N ILE HA 40 -30.86 -3.46 13.40
CA ILE HA 40 -30.43 -3.58 12.01
C ILE HA 40 -31.06 -4.78 11.34
N GLN HA 41 -31.16 -5.90 12.06
CA GLN HA 41 -31.80 -7.08 11.50
C GLN HA 41 -33.27 -6.83 11.17
N THR HA 42 -33.98 -6.15 12.08
CA THR HA 42 -35.39 -5.87 11.84
C THR HA 42 -35.59 -4.94 10.66
N TRP HA 43 -34.70 -3.95 10.51
CA TRP HA 43 -34.83 -3.01 9.40
C TRP HA 43 -34.67 -3.70 8.05
N LEU HA 44 -33.69 -4.59 7.94
CA LEU HA 44 -33.43 -5.23 6.66
C LEU HA 44 -34.62 -6.08 6.22
N SER HA 45 -35.27 -6.76 7.16
CA SER HA 45 -36.38 -7.64 6.82
C SER HA 45 -37.57 -6.86 6.27
N THR HA 46 -37.56 -5.53 6.43
CA THR HA 46 -38.66 -4.73 5.90
C THR HA 46 -38.65 -4.69 4.37
N TRP HA 47 -37.47 -4.56 3.77
CA TRP HA 47 -37.37 -4.34 2.33
C TRP HA 47 -36.61 -5.42 1.58
N ILE HA 48 -35.87 -6.31 2.27
CA ILE HA 48 -35.25 -7.43 1.57
C ILE HA 48 -36.29 -8.31 0.89
N PRO HA 49 -37.38 -8.70 1.54
CA PRO HA 49 -38.39 -9.51 0.84
C PRO HA 49 -38.94 -8.87 -0.43
N ILE HA 50 -39.14 -7.55 -0.44
CA ILE HA 50 -39.63 -6.90 -1.65
C ILE HA 50 -38.57 -6.96 -2.75
N GLY HA 51 -37.30 -6.79 -2.38
CA GLY HA 51 -36.23 -6.92 -3.35
C GLY HA 51 -36.15 -8.31 -3.96
N CYS HA 52 -36.47 -9.34 -3.17
CA CYS HA 52 -36.47 -10.71 -3.68
C CYS HA 52 -37.53 -10.89 -4.76
N ALA HA 53 -38.71 -10.30 -4.57
CA ALA HA 53 -39.75 -10.40 -5.58
C ALA HA 53 -39.34 -9.70 -6.88
N ILE HA 54 -38.61 -8.59 -6.77
CA ILE HA 54 -38.16 -7.88 -7.96
C ILE HA 54 -37.22 -8.75 -8.78
N ALA HA 55 -36.31 -9.45 -8.11
CA ALA HA 55 -35.35 -10.29 -8.83
C ALA HA 55 -36.05 -11.41 -9.59
N ILE HA 56 -37.07 -12.02 -8.98
CA ILE HA 56 -37.79 -13.09 -9.65
C ILE HA 56 -38.45 -12.57 -10.92
N MET HA 57 -39.08 -11.40 -10.83
CA MET HA 57 -39.74 -10.82 -12.00
C MET HA 57 -38.73 -10.44 -13.08
N VAL HA 58 -37.61 -9.84 -12.69
CA VAL HA 58 -36.62 -9.41 -13.68
C VAL HA 58 -35.90 -10.62 -14.28
N SER HA 59 -35.56 -11.61 -13.45
CA SER HA 59 -34.86 -12.78 -13.95
C SER HA 59 -35.72 -13.55 -14.95
N CYS HA 60 -37.02 -13.67 -14.68
CA CYS HA 60 -37.90 -14.34 -15.63
C CYS HA 60 -38.00 -13.56 -16.94
N PHE HA 61 -37.96 -12.24 -16.88
CA PHE HA 61 -37.96 -11.43 -18.09
C PHE HA 61 -36.71 -11.67 -18.92
N MET HA 62 -35.53 -11.72 -18.28
CA MET HA 62 -34.30 -11.96 -19.01
C MET HA 62 -34.30 -13.34 -19.65
N TRP HA 63 -34.86 -14.33 -18.96
CA TRP HA 63 -34.96 -15.68 -19.52
C TRP HA 63 -35.83 -15.70 -20.77
N MET HA 64 -36.94 -14.95 -20.75
CA MET HA 64 -37.81 -14.87 -21.92
C MET HA 64 -37.07 -14.29 -23.12
N LEU HA 65 -36.10 -13.41 -22.89
CA LEU HA 65 -35.37 -12.75 -23.95
C LEU HA 65 -34.16 -13.55 -24.42
N HIS HA 66 -33.93 -14.72 -23.84
CA HIS HA 66 -32.80 -15.57 -24.24
C HIS HA 66 -31.47 -14.93 -23.89
N VAL HA 67 -31.41 -14.29 -22.73
CA VAL HA 67 -30.20 -13.62 -22.26
C VAL HA 67 -29.44 -14.47 -21.25
N ILE HA 68 -30.13 -15.22 -20.42
CA ILE HA 68 -29.48 -16.03 -19.39
C ILE HA 68 -30.05 -17.44 -19.46
N PRO HA 69 -29.31 -18.43 -18.98
CA PRO HA 69 -29.81 -19.81 -18.98
C PRO HA 69 -30.87 -20.00 -17.91
N ALA HA 70 -31.46 -21.20 -17.93
CA ALA HA 70 -32.54 -21.53 -17.00
C ALA HA 70 -32.03 -22.03 -15.66
N SER HA 71 -30.71 -22.11 -15.47
CA SER HA 71 -30.17 -22.54 -14.19
C SER HA 71 -30.37 -21.50 -13.09
N PHE HA 72 -31.09 -20.41 -13.35
CA PHE HA 72 -31.37 -19.44 -12.28
C PHE HA 72 -32.52 -19.87 -11.40
N ILE HA 73 -33.40 -20.76 -11.90
CA ILE HA 73 -34.56 -21.17 -11.09
C ILE HA 73 -34.13 -21.87 -9.82
N PRO HA 74 -33.25 -22.89 -9.84
CA PRO HA 74 -32.83 -23.50 -8.58
C PRO HA 74 -32.14 -22.52 -7.63
N ARG HA 75 -31.43 -21.53 -8.16
CA ARG HA 75 -30.77 -20.55 -7.30
C ARG HA 75 -31.77 -19.77 -6.45
N ILE HA 76 -32.90 -19.37 -7.03
CA ILE HA 76 -33.86 -18.57 -6.29
C ILE HA 76 -34.44 -19.36 -5.13
N VAL HA 77 -34.77 -20.63 -5.36
CA VAL HA 77 -35.33 -21.45 -4.28
C VAL HA 77 -34.30 -21.64 -3.17
N ILE HA 78 -33.05 -21.93 -3.52
CA ILE HA 78 -32.03 -22.17 -2.51
C ILE HA 78 -31.72 -20.89 -1.73
N SER HA 79 -31.68 -19.75 -2.41
CA SER HA 79 -31.44 -18.49 -1.71
C SER HA 79 -32.58 -18.15 -0.76
N LEU HA 80 -33.82 -18.42 -1.15
CA LEU HA 80 -34.95 -18.17 -0.26
C LEU HA 80 -34.91 -19.07 0.97
N ILE HA 81 -34.42 -20.30 0.81
CA ILE HA 81 -34.26 -21.19 1.96
C ILE HA 81 -33.24 -20.60 2.93
N GLY HA 82 -32.13 -20.08 2.41
CA GLY HA 82 -31.10 -19.53 3.27
C GLY HA 82 -31.54 -18.28 4.00
N ILE HA 83 -32.30 -17.41 3.32
CA ILE HA 83 -32.74 -16.16 3.94
C ILE HA 83 -33.66 -16.44 5.12
N GLY HA 84 -34.60 -17.37 4.96
CA GLY HA 84 -35.55 -17.63 6.03
C GLY HA 84 -34.99 -18.47 7.16
N SER HA 85 -33.87 -19.16 6.92
CA SER HA 85 -33.26 -20.03 7.90
C SER HA 85 -31.98 -19.46 8.50
N ALA HA 86 -31.73 -18.15 8.34
CA ALA HA 86 -30.48 -17.57 8.78
C ALA HA 86 -30.30 -17.72 10.28
N SER HA 87 -31.32 -17.34 11.06
CA SER HA 87 -31.21 -17.42 12.52
C SER HA 87 -31.10 -18.86 13.00
N TYR HA 88 -31.89 -19.77 12.42
CA TYR HA 88 -31.85 -21.16 12.83
C TYR HA 88 -30.50 -21.80 12.52
N LEU HA 89 -29.93 -21.47 11.36
CA LEU HA 89 -28.66 -22.08 10.96
C LEU HA 89 -27.53 -21.67 11.90
N VAL HA 90 -27.52 -20.41 12.34
CA VAL HA 90 -26.44 -19.94 13.21
C VAL HA 90 -26.44 -20.69 14.52
N SER HA 91 -27.62 -20.84 15.15
CA SER HA 91 -27.68 -21.53 16.43
C SER HA 91 -27.50 -23.03 16.27
N LEU HA 92 -27.77 -23.56 15.08
CA LEU HA 92 -27.56 -24.98 14.84
C LEU HA 92 -26.11 -25.38 15.02
N THR HA 93 -25.18 -24.46 14.82
CA THR HA 93 -23.76 -24.71 14.99
C THR HA 93 -23.26 -24.40 16.40
N GLY HA 94 -24.14 -23.99 17.31
CA GLY HA 94 -23.76 -23.72 18.67
C GLY HA 94 -23.36 -22.29 18.96
N VAL HA 95 -23.26 -21.44 17.95
CA VAL HA 95 -22.87 -20.05 18.16
C VAL HA 95 -24.04 -19.27 18.75
N GLY HA 96 -23.75 -18.45 19.74
CA GLY HA 96 -24.77 -17.60 20.33
C GLY HA 96 -25.95 -18.34 20.93
N SER HA 97 -25.70 -19.08 22.01
CA SER HA 97 -26.77 -19.79 22.70
C SER HA 97 -26.60 -19.69 24.22
N ALA IA 28 -1.85 -3.76 46.80
CA ALA IA 28 -2.42 -2.53 47.32
C ALA IA 28 -3.67 -2.15 46.53
N GLY IA 29 -3.91 -2.84 45.43
CA GLY IA 29 -5.05 -2.58 44.59
C GLY IA 29 -5.79 -3.83 44.20
N THR IA 30 -6.45 -3.81 43.04
CA THR IA 30 -7.18 -4.94 42.52
C THR IA 30 -6.66 -5.30 41.14
N ASP IA 31 -6.53 -6.60 40.88
CA ASP IA 31 -6.08 -7.09 39.59
C ASP IA 31 -7.27 -7.12 38.63
N THR IA 32 -7.25 -6.26 37.62
CA THR IA 32 -8.32 -6.18 36.64
C THR IA 32 -7.82 -6.60 35.26
N GLY IA 33 -6.92 -7.57 35.22
CA GLY IA 33 -6.41 -8.06 33.96
C GLY IA 33 -7.23 -9.23 33.43
N GLU IA 34 -7.43 -10.25 34.26
CA GLU IA 34 -8.23 -11.39 33.83
C GLU IA 34 -9.71 -11.02 33.72
N SER IA 35 -10.21 -10.26 34.69
CA SER IA 35 -11.63 -9.89 34.68
C SER IA 35 -11.98 -9.03 33.48
N THR IA 36 -11.12 -8.05 33.15
CA THR IA 36 -11.39 -7.18 32.01
C THR IA 36 -11.42 -7.97 30.71
N ALA IA 37 -10.50 -8.91 30.54
CA ALA IA 37 -10.50 -9.73 29.33
C ALA IA 37 -11.74 -10.61 29.26
N THR IA 38 -12.14 -11.18 30.40
CA THR IA 38 -13.35 -12.01 30.40
C THR IA 38 -14.59 -11.18 30.13
N SER IA 39 -14.67 -9.96 30.68
CA SER IA 39 -15.83 -9.11 30.46
C SER IA 39 -15.96 -8.74 28.99
N ILE IA 40 -14.85 -8.44 28.32
CA ILE IA 40 -14.89 -8.10 26.91
C ILE IA 40 -15.34 -9.29 26.08
N GLN IA 41 -14.88 -10.49 26.43
CA GLN IA 41 -15.30 -11.69 25.71
C GLN IA 41 -16.81 -11.92 25.86
N THR IA 42 -17.32 -11.75 27.07
CA THR IA 42 -18.76 -11.95 27.30
C THR IA 42 -19.60 -10.93 26.54
N TRP IA 43 -19.13 -9.69 26.48
CA TRP IA 43 -19.88 -8.65 25.79
C TRP IA 43 -20.00 -8.95 24.30
N LEU IA 44 -18.90 -9.38 23.67
CA LEU IA 44 -18.92 -9.61 22.23
C LEU IA 44 -19.90 -10.72 21.86
N SER IA 45 -19.97 -11.78 22.68
CA SER IA 45 -20.84 -12.90 22.38
C SER IA 45 -22.31 -12.51 22.41
N THR IA 46 -22.63 -11.33 22.96
CA THR IA 46 -24.03 -10.89 23.00
C THR IA 46 -24.54 -10.54 21.61
N TRP IA 47 -23.72 -9.87 20.80
CA TRP IA 47 -24.17 -9.34 19.51
C TRP IA 47 -23.44 -9.89 18.30
N ILE IA 48 -22.30 -10.58 18.48
CA ILE IA 48 -21.66 -11.23 17.34
C ILE IA 48 -22.57 -12.26 16.71
N PRO IA 49 -23.23 -13.16 17.46
CA PRO IA 49 -24.14 -14.12 16.81
C PRO IA 49 -25.23 -13.48 15.99
N ILE IA 50 -25.80 -12.35 16.42
CA ILE IA 50 -26.82 -11.68 15.63
C ILE IA 50 -26.24 -11.12 14.35
N GLY IA 51 -25.02 -10.59 14.42
CA GLY IA 51 -24.35 -10.13 13.22
C GLY IA 51 -24.08 -11.24 12.23
N CYS IA 52 -23.81 -12.45 12.71
CA CYS IA 52 -23.60 -13.58 11.82
C CYS IA 52 -24.86 -13.92 11.04
N ALA IA 53 -26.02 -13.84 11.69
CA ALA IA 53 -27.28 -14.11 10.98
C ALA IA 53 -27.55 -13.07 9.91
N ILE IA 54 -27.16 -11.81 10.16
CA ILE IA 54 -27.37 -10.76 9.17
C ILE IA 54 -26.55 -11.05 7.92
N ALA IA 55 -25.30 -11.49 8.08
CA ALA IA 55 -24.44 -11.76 6.93
C ALA IA 55 -25.02 -12.88 6.07
N ILE IA 56 -25.55 -13.93 6.70
CA ILE IA 56 -26.13 -15.03 5.94
C ILE IA 56 -27.30 -14.53 5.09
N MET IA 57 -28.16 -13.71 5.69
CA MET IA 57 -29.31 -13.18 4.95
C MET IA 57 -28.87 -12.26 3.82
N VAL IA 58 -27.91 -11.38 4.09
CA VAL IA 58 -27.47 -10.43 3.06
C VAL IA 58 -26.68 -11.15 1.97
N SER IA 59 -25.82 -12.10 2.34
CA SER IA 59 -25.04 -12.82 1.34
C SER IA 59 -25.93 -13.62 0.41
N CYS IA 60 -26.97 -14.25 0.95
CA CYS IA 60 -27.90 -14.99 0.09
C CYS IA 60 -28.64 -14.06 -0.86
N PHE IA 61 -28.96 -12.84 -0.40
CA PHE IA 61 -29.59 -11.85 -1.26
C PHE IA 61 -28.68 -11.47 -2.42
N MET IA 62 -27.40 -11.22 -2.14
CA MET IA 62 -26.47 -10.84 -3.19
C MET IA 62 -26.30 -11.97 -4.20
N TRP IA 63 -26.29 -13.21 -3.73
CA TRP IA 63 -26.19 -14.36 -4.63
C TRP IA 63 -27.39 -14.42 -5.56
N MET IA 64 -28.59 -14.16 -5.04
CA MET IA 64 -29.78 -14.15 -5.88
C MET IA 64 -29.68 -13.12 -6.99
N LEU IA 65 -28.99 -12.01 -6.74
CA LEU IA 65 -28.88 -10.93 -7.71
C LEU IA 65 -27.73 -11.13 -8.68
N HIS IA 66 -26.99 -12.23 -8.56
CA HIS IA 66 -25.87 -12.52 -9.47
C HIS IA 66 -24.74 -11.52 -9.29
N VAL IA 67 -24.47 -11.16 -8.04
CA VAL IA 67 -23.42 -10.20 -7.71
C VAL IA 67 -22.15 -10.90 -7.23
N ILE IA 68 -22.29 -12.01 -6.52
CA ILE IA 68 -21.12 -12.72 -5.98
C ILE IA 68 -21.26 -14.19 -6.34
N PRO IA 69 -20.15 -14.92 -6.38
CA PRO IA 69 -20.21 -16.35 -6.68
C PRO IA 69 -20.75 -17.13 -5.49
N ALA IA 70 -20.96 -18.43 -5.72
CA ALA IA 70 -21.51 -19.32 -4.69
C ALA IA 70 -20.46 -19.85 -3.74
N SER IA 71 -19.20 -19.49 -3.93
CA SER IA 71 -18.16 -19.95 -3.00
C SER IA 71 -18.26 -19.30 -1.63
N PHE IA 72 -19.29 -18.51 -1.35
CA PHE IA 72 -19.46 -17.95 -0.03
C PHE IA 72 -20.08 -18.95 0.95
N ILE IA 73 -20.79 -19.96 0.45
CA ILE IA 73 -21.44 -20.92 1.34
C ILE IA 73 -20.43 -21.65 2.20
N PRO IA 74 -19.36 -22.25 1.65
CA PRO IA 74 -18.38 -22.92 2.52
C PRO IA 74 -17.71 -21.98 3.51
N ARG IA 75 -17.54 -20.70 3.15
CA ARG IA 75 -16.94 -19.75 4.08
C ARG IA 75 -17.75 -19.58 5.34
N ILE IA 76 -19.09 -19.50 5.21
CA ILE IA 76 -19.92 -19.27 6.38
C ILE IA 76 -19.83 -20.44 7.35
N VAL IA 77 -19.84 -21.68 6.84
CA VAL IA 77 -19.74 -22.83 7.72
C VAL IA 77 -18.39 -22.86 8.43
N ILE IA 78 -17.31 -22.60 7.70
CA ILE IA 78 -15.98 -22.64 8.30
C ILE IA 78 -15.81 -21.53 9.33
N SER IA 79 -16.32 -20.34 9.03
CA SER IA 79 -16.23 -19.25 10.00
C SER IA 79 -17.02 -19.56 11.26
N LEU IA 80 -18.20 -20.17 11.14
CA LEU IA 80 -18.98 -20.53 12.31
C LEU IA 80 -18.27 -21.58 13.16
N ILE IA 81 -17.55 -22.49 12.52
CA ILE IA 81 -16.76 -23.48 13.27
C ILE IA 81 -15.68 -22.78 14.08
N GLY IA 82 -15.01 -21.79 13.48
CA GLY IA 82 -13.95 -21.10 14.19
C GLY IA 82 -14.46 -20.26 15.35
N ILE IA 83 -15.60 -19.60 15.17
CA ILE IA 83 -16.13 -18.75 16.23
C ILE IA 83 -16.50 -19.58 17.46
N GLY IA 84 -17.13 -20.74 17.28
CA GLY IA 84 -17.55 -21.53 18.41
C GLY IA 84 -16.42 -22.31 19.05
N SER IA 85 -15.32 -22.49 18.34
CA SER IA 85 -14.18 -23.26 18.83
C SER IA 85 -12.99 -22.40 19.24
N ALA IA 86 -13.20 -21.10 19.42
CA ALA IA 86 -12.09 -20.20 19.69
C ALA IA 86 -11.37 -20.57 20.99
N SER IA 87 -12.13 -20.77 22.07
CA SER IA 87 -11.52 -21.10 23.35
C SER IA 87 -10.85 -22.46 23.33
N TYR IA 88 -11.51 -23.45 22.71
CA TYR IA 88 -10.93 -24.79 22.66
C TYR IA 88 -9.65 -24.81 21.85
N LEU IA 89 -9.62 -24.08 20.74
CA LEU IA 89 -8.44 -24.10 19.87
C LEU IA 89 -7.23 -23.50 20.57
N VAL IA 90 -7.43 -22.43 21.36
CA VAL IA 90 -6.30 -21.80 22.03
C VAL IA 90 -5.64 -22.75 23.01
N SER IA 91 -6.44 -23.43 23.83
CA SER IA 91 -5.87 -24.35 24.82
C SER IA 91 -5.34 -25.61 24.17
N LEU IA 92 -5.83 -25.95 22.97
CA LEU IA 92 -5.33 -27.13 22.27
C LEU IA 92 -3.84 -27.00 21.96
N THR IA 93 -3.34 -25.78 21.83
CA THR IA 93 -1.94 -25.53 21.55
C THR IA 93 -1.10 -25.35 22.81
N GLY IA 94 -1.70 -25.48 23.99
CA GLY IA 94 -0.99 -25.37 25.24
C GLY IA 94 -0.91 -23.99 25.83
N VAL IA 95 -1.41 -22.97 25.14
CA VAL IA 95 -1.38 -21.61 25.66
C VAL IA 95 -2.46 -21.44 26.72
N GLY IA 96 -2.10 -20.79 27.83
CA GLY IA 96 -3.04 -20.50 28.88
C GLY IA 96 -3.69 -21.73 29.49
N SER IA 97 -2.90 -22.54 30.20
CA SER IA 97 -3.43 -23.71 30.89
C SER IA 97 -2.79 -23.86 32.26
N ALA JA 28 22.63 -5.11 51.68
CA ALA JA 28 21.94 -4.29 52.68
C ALA JA 28 20.45 -4.24 52.39
N GLY JA 29 20.06 -4.73 51.22
CA GLY JA 29 18.67 -4.74 50.82
C GLY JA 29 18.23 -6.07 50.25
N THR JA 30 17.24 -6.04 49.36
CA THR JA 30 16.72 -7.23 48.73
C THR JA 30 16.82 -7.09 47.22
N ASP JA 31 17.22 -8.17 46.55
CA ASP JA 31 17.33 -8.18 45.09
C ASP JA 31 15.95 -8.45 44.50
N THR JA 32 15.39 -7.46 43.84
CA THR JA 32 14.07 -7.56 43.22
C THR JA 32 14.16 -7.48 41.71
N GLY JA 33 15.24 -8.04 41.14
CA GLY JA 33 15.40 -8.04 39.71
C GLY JA 33 14.82 -9.28 39.06
N GLU JA 34 15.20 -10.46 39.57
CA GLU JA 34 14.66 -11.70 39.03
C GLU JA 34 13.20 -11.87 39.41
N SER JA 35 12.85 -11.55 40.66
CA SER JA 35 11.48 -11.73 41.12
C SER JA 35 10.52 -10.82 40.36
N THR JA 36 10.90 -9.57 40.14
CA THR JA 36 10.02 -8.64 39.43
C THR JA 36 9.78 -9.10 38.00
N ALA JA 37 10.82 -9.57 37.33
CA ALA JA 37 10.64 -10.08 35.97
C ALA JA 37 9.75 -11.31 35.95
N THR JA 38 9.93 -12.21 36.91
CA THR JA 38 9.08 -13.40 36.97
C THR JA 38 7.63 -13.04 37.28
N SER JA 39 7.41 -12.08 38.17
CA SER JA 39 6.05 -11.67 38.52
C SER JA 39 5.33 -11.08 37.32
N ILE JA 40 6.03 -10.28 36.52
CA ILE JA 40 5.42 -9.68 35.33
C ILE JA 40 5.06 -10.76 34.32
N GLN JA 41 5.94 -11.76 34.16
CA GLN JA 41 5.65 -12.85 33.25
C GLN JA 41 4.41 -13.63 33.68
N THR JA 42 4.30 -13.92 34.98
CA THR JA 42 3.15 -14.67 35.48
C THR JA 42 1.86 -13.88 35.31
N TRP JA 43 1.91 -12.57 35.52
CA TRP JA 43 0.70 -11.76 35.38
C TRP JA 43 0.18 -11.76 33.94
N LEU JA 44 1.07 -11.62 32.96
CA LEU JA 44 0.64 -11.55 31.58
C LEU JA 44 -0.05 -12.84 31.14
N SER JA 45 0.45 -13.99 31.60
CA SER JA 45 -0.12 -15.26 31.19
C SER JA 45 -1.54 -15.44 31.71
N THR JA 46 -1.97 -14.60 32.65
CA THR JA 46 -3.33 -14.72 33.16
C THR JA 46 -4.36 -14.30 32.12
N TRP JA 47 -4.09 -13.22 31.38
CA TRP JA 47 -5.07 -12.65 30.48
C TRP JA 47 -4.67 -12.63 29.01
N ILE JA 48 -3.39 -12.89 28.68
CA ILE JA 48 -3.02 -13.01 27.27
C ILE JA 48 -3.76 -14.16 26.60
N PRO JA 49 -3.85 -15.35 27.19
CA PRO JA 49 -4.61 -16.42 26.52
C PRO JA 49 -6.06 -16.06 26.23
N ILE JA 50 -6.73 -15.34 27.12
CA ILE JA 50 -8.11 -14.94 26.86
C ILE JA 50 -8.16 -13.96 25.69
N GLY JA 51 -7.20 -13.05 25.62
CA GLY JA 51 -7.13 -12.13 24.48
C GLY JA 51 -6.92 -12.84 23.17
N CYS JA 52 -6.17 -13.96 23.19
CA CYS JA 52 -5.97 -14.72 21.97
C CYS JA 52 -7.27 -15.32 21.46
N ALA JA 53 -8.11 -15.81 22.37
CA ALA JA 53 -9.40 -16.36 21.95
C ALA JA 53 -10.30 -15.29 21.35
N ILE JA 54 -10.22 -14.05 21.87
CA ILE JA 54 -11.03 -12.96 21.33
C ILE JA 54 -10.64 -12.69 19.89
N ALA JA 55 -9.33 -12.66 19.60
CA ALA JA 55 -8.89 -12.37 18.24
C ALA JA 55 -9.37 -13.41 17.25
N ILE JA 56 -9.34 -14.70 17.64
CA ILE JA 56 -9.82 -15.75 16.74
C ILE JA 56 -11.29 -15.54 16.42
N MET JA 57 -12.10 -15.23 17.44
CA MET JA 57 -13.51 -15.01 17.20
C MET JA 57 -13.77 -13.78 16.34
N VAL JA 58 -13.05 -12.69 16.61
CA VAL JA 58 -13.27 -11.46 15.85
C VAL JA 58 -12.73 -11.60 14.43
N SER JA 59 -11.57 -12.23 14.27
CA SER JA 59 -11.00 -12.40 12.93
C SER JA 59 -11.90 -13.25 12.05
N CYS JA 60 -12.48 -14.32 12.61
CA CYS JA 60 -13.39 -15.16 11.84
C CYS JA 60 -14.63 -14.37 11.43
N PHE JA 61 -15.10 -13.48 12.30
CA PHE JA 61 -16.25 -12.64 11.96
C PHE JA 61 -15.92 -11.71 10.79
N MET JA 62 -14.75 -11.08 10.81
CA MET JA 62 -14.37 -10.19 9.73
C MET JA 62 -14.24 -10.94 8.41
N TRP JA 63 -13.72 -12.17 8.47
CA TRP JA 63 -13.62 -12.99 7.26
C TRP JA 63 -15.00 -13.30 6.68
N MET JA 64 -15.97 -13.59 7.54
CA MET JA 64 -17.32 -13.85 7.07
C MET JA 64 -17.91 -12.65 6.34
N LEU JA 65 -17.51 -11.44 6.74
CA LEU JA 65 -18.03 -10.22 6.14
C LEU JA 65 -17.27 -9.78 4.91
N HIS JA 66 -16.25 -10.54 4.49
CA HIS JA 66 -15.48 -10.22 3.29
C HIS JA 66 -14.67 -8.93 3.48
N VAL JA 67 -14.13 -8.76 4.68
CA VAL JA 67 -13.33 -7.58 5.01
C VAL JA 67 -11.84 -7.86 4.91
N ILE JA 68 -11.40 -9.06 5.27
CA ILE JA 68 -9.98 -9.40 5.25
C ILE JA 68 -9.81 -10.72 4.52
N PRO JA 69 -8.63 -10.97 3.97
CA PRO JA 69 -8.38 -12.24 3.28
C PRO JA 69 -8.25 -13.39 4.27
N ALA JA 70 -8.14 -14.59 3.71
CA ALA JA 70 -8.05 -15.80 4.51
C ALA JA 70 -6.63 -16.11 4.97
N SER JA 71 -5.66 -15.29 4.59
CA SER JA 71 -4.29 -15.51 5.04
C SER JA 71 -4.09 -15.24 6.53
N PHE JA 72 -5.16 -14.96 7.28
CA PHE JA 72 -5.02 -14.78 8.72
C PHE JA 72 -4.96 -16.10 9.46
N ILE JA 73 -5.49 -17.18 8.87
CA ILE JA 73 -5.50 -18.47 9.56
C ILE JA 73 -4.10 -18.96 9.86
N PRO JA 74 -3.15 -19.00 8.91
CA PRO JA 74 -1.79 -19.43 9.26
C PRO JA 74 -1.12 -18.54 10.30
N ARG JA 75 -1.44 -17.25 10.31
CA ARG JA 75 -0.86 -16.35 11.30
C ARG JA 75 -1.22 -16.75 12.71
N ILE JA 76 -2.47 -17.13 12.96
CA ILE JA 76 -2.90 -17.46 14.31
C ILE JA 76 -2.15 -18.69 14.82
N VAL JA 77 -2.00 -19.71 13.98
CA VAL JA 77 -1.29 -20.91 14.41
C VAL JA 77 0.17 -20.60 14.72
N ILE JA 78 0.82 -19.82 13.85
CA ILE JA 78 2.24 -19.51 14.06
C ILE JA 78 2.43 -18.64 15.30
N SER JA 79 1.53 -17.68 15.52
CA SER JA 79 1.63 -16.85 16.73
C SER JA 79 1.44 -17.68 18.00
N LEU JA 80 0.51 -18.63 17.98
CA LEU JA 80 0.31 -19.48 19.14
C LEU JA 80 1.52 -20.35 19.42
N ILE JA 81 2.21 -20.79 18.38
CA ILE JA 81 3.44 -21.55 18.56
C ILE JA 81 4.49 -20.69 19.26
N GLY JA 82 4.62 -19.44 18.84
CA GLY JA 82 5.61 -18.57 19.44
C GLY JA 82 5.31 -18.22 20.88
N ILE JA 83 4.04 -18.01 21.21
CA ILE JA 83 3.68 -17.64 22.58
C ILE JA 83 4.00 -18.78 23.55
N GLY JA 84 3.70 -20.02 23.18
CA GLY JA 84 3.93 -21.12 24.08
C GLY JA 84 5.37 -21.57 24.16
N SER JA 85 6.17 -21.18 23.17
CA SER JA 85 7.58 -21.58 23.09
C SER JA 85 8.53 -20.45 23.43
N ALA JA 86 8.05 -19.36 24.05
CA ALA JA 86 8.89 -18.21 24.31
C ALA JA 86 10.08 -18.55 25.20
N SER JA 87 9.82 -19.23 26.33
CA SER JA 87 10.89 -19.56 27.26
C SER JA 87 11.86 -20.56 26.65
N TYR JA 88 11.35 -21.57 25.94
CA TYR JA 88 12.21 -22.58 25.34
C TYR JA 88 13.10 -21.96 24.27
N LEU JA 89 12.55 -21.06 23.46
CA LEU JA 89 13.32 -20.48 22.38
C LEU JA 89 14.48 -19.64 22.89
N VAL JA 90 14.27 -18.91 23.99
CA VAL JA 90 15.33 -18.05 24.51
C VAL JA 90 16.53 -18.88 24.97
N SER JA 91 16.26 -19.96 25.71
CA SER JA 91 17.37 -20.79 26.20
C SER JA 91 17.98 -21.62 25.08
N LEU JA 92 17.24 -21.85 24.00
CA LEU JA 92 17.78 -22.60 22.88
C LEU JA 92 18.97 -21.89 22.26
N THR JA 93 19.03 -20.56 22.38
CA THR JA 93 20.13 -19.78 21.85
C THR JA 93 21.26 -19.57 22.86
N GLY JA 94 21.16 -20.15 24.05
CA GLY JA 94 22.19 -20.05 25.05
C GLY JA 94 22.07 -18.89 26.00
N VAL JA 95 21.10 -17.99 25.80
CA VAL JA 95 20.92 -16.85 26.69
C VAL JA 95 20.26 -17.31 27.99
N GLY JA 96 20.78 -16.81 29.10
CA GLY JA 96 20.20 -17.11 30.40
C GLY JA 96 20.17 -18.58 30.74
N SER JA 97 21.34 -19.17 30.95
CA SER JA 97 21.44 -20.57 31.36
C SER JA 97 22.51 -20.76 32.42
N ALA KA 28 46.58 1.53 49.70
CA ALA KA 28 46.07 1.81 51.04
C ALA KA 28 44.62 1.38 51.16
N GLY KA 29 44.01 1.04 50.02
CA GLY KA 29 42.63 0.63 50.00
C GLY KA 29 42.42 -0.64 49.19
N THR KA 30 41.22 -0.79 48.63
CA THR KA 30 40.88 -1.94 47.81
C THR KA 30 40.43 -1.45 46.43
N ASP KA 31 40.85 -2.16 45.39
CA ASP KA 31 40.47 -1.85 44.02
C ASP KA 31 39.11 -2.46 43.74
N THR KA 32 38.10 -1.62 43.57
CA THR KA 32 36.73 -2.06 43.30
C THR KA 32 36.29 -1.64 41.91
N GLY KA 33 37.22 -1.65 40.96
CA GLY KA 33 36.89 -1.31 39.59
C GLY KA 33 36.50 -2.52 38.77
N GLU KA 34 37.34 -3.54 38.77
CA GLU KA 34 37.02 -4.77 38.04
C GLU KA 34 35.88 -5.53 38.71
N SER KA 35 35.90 -5.61 40.04
CA SER KA 35 34.87 -6.37 40.75
C SER KA 35 33.50 -5.73 40.56
N THR KA 36 33.42 -4.41 40.64
CA THR KA 36 32.13 -3.74 40.49
C THR KA 36 31.55 -3.95 39.10
N ALA KA 37 32.39 -3.88 38.07
CA ALA KA 37 31.92 -4.12 36.72
C ALA KA 37 31.46 -5.56 36.55
N THR KA 38 32.20 -6.51 37.11
CA THR KA 38 31.79 -7.91 37.02
C THR KA 38 30.49 -8.16 37.76
N SER KA 39 30.33 -7.55 38.93
CA SER KA 39 29.11 -7.74 39.72
C SER KA 39 27.89 -7.22 38.97
N ILE KA 40 28.03 -6.07 38.31
CA ILE KA 40 26.90 -5.51 37.55
C ILE KA 40 26.55 -6.42 36.37
N GLN KA 41 27.56 -6.98 35.71
CA GLN KA 41 27.30 -7.89 34.61
C GLN KA 41 26.56 -9.13 35.08
N THR KA 42 26.98 -9.70 36.21
CA THR KA 42 26.32 -10.90 36.73
C THR KA 42 24.88 -10.62 37.13
N TRP KA 43 24.62 -9.44 37.70
CA TRP KA 43 23.27 -9.11 38.13
C TRP KA 43 22.32 -9.01 36.94
N LEU KA 44 22.76 -8.37 35.87
CA LEU KA 44 21.87 -8.18 34.71
C LEU KA 44 21.47 -9.51 34.10
N SER KA 45 22.40 -10.46 34.04
CA SER KA 45 22.10 -11.75 33.41
C SER KA 45 21.05 -12.53 34.19
N THR KA 46 20.75 -12.10 35.43
CA THR KA 46 19.73 -12.81 36.20
C THR KA 46 18.34 -12.58 35.62
N TRP KA 47 18.04 -11.35 35.20
CA TRP KA 47 16.68 -11.01 34.78
C TRP KA 47 16.55 -10.54 33.34
N ILE KA 48 17.65 -10.25 32.65
CA ILE KA 48 17.55 -9.94 31.21
C ILE KA 48 16.98 -11.12 30.44
N PRO KA 49 17.43 -12.36 30.63
CA PRO KA 49 16.83 -13.47 29.89
C PRO KA 49 15.33 -13.60 30.09
N ILE KA 50 14.82 -13.36 31.30
CA ILE KA 50 13.37 -13.44 31.52
C ILE KA 50 12.66 -12.34 30.76
N GLY KA 51 13.25 -11.14 30.73
CA GLY KA 51 12.67 -10.07 29.95
C GLY KA 51 12.62 -10.36 28.46
N CYS KA 52 13.60 -11.11 27.96
CA CYS KA 52 13.60 -11.48 26.55
C CYS KA 52 12.43 -12.40 26.23
N ALA KA 53 12.11 -13.33 27.13
CA ALA KA 53 10.97 -14.21 26.89
C ALA KA 53 9.66 -13.44 26.89
N ILE KA 54 9.56 -12.39 27.73
CA ILE KA 54 8.34 -11.58 27.77
C ILE KA 54 8.12 -10.89 26.43
N ALA KA 55 9.20 -10.34 25.84
CA ALA KA 55 9.07 -9.64 24.57
C ALA KA 55 8.59 -10.56 23.46
N ILE KA 56 9.10 -11.79 23.42
CA ILE KA 56 8.67 -12.74 22.40
C ILE KA 56 7.18 -13.02 22.53
N MET KA 57 6.71 -13.23 23.76
CA MET KA 57 5.30 -13.50 23.96
C MET KA 57 4.43 -12.30 23.60
N VAL KA 58 4.86 -11.10 24.00
CA VAL KA 58 4.06 -9.90 23.73
C VAL KA 58 4.10 -9.55 22.25
N SER KA 59 5.27 -9.68 21.62
CA SER KA 59 5.38 -9.35 20.20
C SER KA 59 4.52 -10.27 19.35
N CYS KA 60 4.49 -11.55 19.68
CA CYS KA 60 3.64 -12.49 18.95
C CYS KA 60 2.17 -12.14 19.12
N PHE KA 61 1.78 -11.68 20.32
CA PHE KA 61 0.42 -11.25 20.54
C PHE KA 61 0.05 -10.06 19.67
N MET KA 62 0.93 -9.06 19.58
CA MET KA 62 0.65 -7.90 18.76
C MET KA 62 0.54 -8.27 17.29
N TRP KA 63 1.37 -9.21 16.84
CA TRP KA 63 1.30 -9.68 15.45
C TRP KA 63 -0.05 -10.33 15.17
N MET KA 64 -0.56 -11.12 16.13
CA MET KA 64 -1.86 -11.75 15.94
C MET KA 64 -2.96 -10.71 15.78
N LEU KA 65 -2.82 -9.55 16.41
CA LEU KA 65 -3.83 -8.51 16.38
C LEU KA 65 -3.69 -7.59 15.18
N HIS KA 66 -2.70 -7.83 14.31
CA HIS KA 66 -2.49 -7.01 13.12
C HIS KA 66 -2.07 -5.59 13.49
N VAL KA 67 -1.22 -5.48 14.50
CA VAL KA 67 -0.73 -4.18 14.96
C VAL KA 67 0.66 -3.87 14.43
N ILE KA 68 1.51 -4.89 14.27
CA ILE KA 68 2.88 -4.67 13.81
C ILE KA 68 3.15 -5.67 12.68
N PRO KA 69 4.11 -5.36 11.81
CA PRO KA 69 4.46 -6.29 10.73
C PRO KA 69 5.23 -7.48 11.25
N ALA KA 70 5.47 -8.43 10.34
CA ALA KA 70 6.17 -9.66 10.69
C ALA KA 70 7.68 -9.51 10.66
N SER KA 71 8.20 -8.35 10.33
CA SER KA 71 9.64 -8.14 10.33
C SER KA 71 10.24 -8.13 11.73
N PHE KA 72 9.47 -8.41 12.77
CA PHE KA 72 10.02 -8.49 14.12
C PHE KA 72 10.69 -9.83 14.38
N ILE KA 73 10.32 -10.88 13.64
CA ILE KA 73 10.91 -12.19 13.88
C ILE KA 73 12.41 -12.19 13.66
N PRO KA 74 12.94 -11.70 12.55
CA PRO KA 74 14.41 -11.67 12.40
C PRO KA 74 15.10 -10.83 13.46
N ARG KA 75 14.45 -9.77 13.95
CA ARG KA 75 15.07 -8.95 14.98
C ARG KA 75 15.33 -9.72 16.25
N ILE KA 76 14.39 -10.57 16.66
CA ILE KA 76 14.56 -11.31 17.92
C ILE KA 76 15.74 -12.27 17.83
N VAL KA 77 15.89 -12.97 16.70
CA VAL KA 77 17.01 -13.88 16.56
C VAL KA 77 18.33 -13.13 16.58
N ILE KA 78 18.41 -12.01 15.85
CA ILE KA 78 19.66 -11.26 15.79
C ILE KA 78 20.01 -10.66 17.15
N SER KA 79 19.01 -10.15 17.86
CA SER KA 79 19.27 -9.62 19.19
C SER KA 79 19.76 -10.69 20.15
N LEU KA 80 19.18 -11.89 20.09
CA LEU KA 80 19.63 -12.97 20.95
C LEU KA 80 21.05 -13.38 20.64
N ILE KA 81 21.46 -13.32 19.37
CA ILE KA 81 22.84 -13.61 19.00
C ILE KA 81 23.77 -12.59 19.64
N GLY KA 82 23.39 -11.32 19.61
CA GLY KA 82 24.24 -10.29 20.18
C GLY KA 82 24.36 -10.38 21.69
N ILE KA 83 23.27 -10.71 22.37
CA ILE KA 83 23.30 -10.78 23.83
C ILE KA 83 24.23 -11.90 24.29
N GLY KA 84 24.18 -13.06 23.66
CA GLY KA 84 25.00 -14.17 24.10
C GLY KA 84 26.45 -14.07 23.67
N SER KA 85 26.74 -13.22 22.68
CA SER KA 85 28.08 -13.06 22.14
C SER KA 85 28.74 -11.75 22.56
N ALA KA 86 28.20 -11.07 23.58
CA ALA KA 86 28.73 -9.77 23.95
C ALA KA 86 30.19 -9.84 24.38
N SER KA 87 30.52 -10.77 25.27
CA SER KA 87 31.89 -10.88 25.76
C SER KA 87 32.84 -11.32 24.65
N TYR KA 88 32.42 -12.28 23.82
CA TYR KA 88 33.28 -12.75 22.76
C TYR KA 88 33.55 -11.66 21.73
N LEU KA 89 32.53 -10.87 21.40
CA LEU KA 89 32.69 -9.84 20.38
C LEU KA 89 33.67 -8.76 20.83
N VAL KA 90 33.65 -8.39 22.11
CA VAL KA 90 34.54 -7.34 22.59
C VAL KA 90 35.99 -7.77 22.46
N SER KA 91 36.32 -8.99 22.88
CA SER KA 91 37.70 -9.44 22.80
C SER KA 91 38.12 -9.75 21.37
N LEU KA 92 37.14 -10.02 20.49
CA LEU KA 92 37.46 -10.27 19.09
C LEU KA 92 38.13 -9.07 18.45
N THR KA 93 37.85 -7.86 18.95
CA THR KA 93 38.44 -6.64 18.43
C THR KA 93 39.74 -6.25 19.13
N GLY KA 94 40.20 -7.06 20.08
CA GLY KA 94 41.45 -6.79 20.77
C GLY KA 94 41.33 -5.98 22.03
N VAL KA 95 40.14 -5.47 22.36
CA VAL KA 95 39.96 -4.68 23.57
C VAL KA 95 39.93 -5.59 24.78
N GLY KA 96 40.63 -5.19 25.84
CA GLY KA 96 40.63 -5.93 27.08
C GLY KA 96 41.13 -7.35 26.96
N SER KA 97 42.42 -7.51 26.68
CA SER KA 97 43.03 -8.83 26.60
C SER KA 97 44.41 -8.84 27.25
N ALA LA 28 65.66 16.61 43.85
CA ALA LA 28 65.57 16.41 45.29
C ALA LA 28 64.42 15.48 45.64
N GLY LA 29 63.60 15.18 44.64
CA GLY LA 29 62.47 14.29 44.83
C GLY LA 29 62.35 13.23 43.76
N THR LA 30 61.13 12.78 43.50
CA THR LA 30 60.86 11.79 42.48
C THR LA 30 59.86 12.33 41.48
N ASP LA 31 60.09 12.06 40.20
CA ASP LA 31 59.20 12.50 39.14
C ASP LA 31 58.05 11.50 39.03
N THR LA 32 56.84 11.93 39.39
CA THR LA 32 55.65 11.09 39.34
C THR LA 32 54.67 11.61 38.30
N GLY LA 33 55.18 12.13 37.19
CA GLY LA 33 54.33 12.60 36.13
C GLY LA 33 54.03 11.53 35.10
N GLU LA 34 55.09 10.89 34.57
CA GLU LA 34 54.89 9.82 33.61
C GLU LA 34 54.30 8.57 34.27
N SER LA 35 54.79 8.23 35.46
CA SER LA 35 54.32 7.04 36.14
C SER LA 35 52.85 7.15 36.52
N THR LA 36 52.43 8.31 37.02
CA THR LA 36 51.03 8.49 37.41
C THR LA 36 50.11 8.36 36.20
N ALA LA 37 50.49 8.95 35.07
CA ALA LA 37 49.68 8.84 33.86
C ALA LA 37 49.61 7.39 33.39
N THR LA 38 50.74 6.67 33.43
CA THR LA 38 50.72 5.28 33.02
C THR LA 38 49.88 4.43 33.95
N SER LA 39 49.96 4.69 35.27
CA SER LA 39 49.18 3.91 36.22
C SER LA 39 47.69 4.10 36.01
N ILE LA 40 47.26 5.33 35.71
CA ILE LA 40 45.84 5.59 35.47
C ILE LA 40 45.38 4.88 34.20
N GLN LA 41 46.22 4.87 33.17
CA GLN LA 41 45.87 4.17 31.94
C GLN LA 41 45.71 2.67 32.17
N THR LA 42 46.63 2.09 32.94
CA THR LA 42 46.55 0.65 33.21
C THR LA 42 45.31 0.30 34.03
N TRP LA 43 44.95 1.15 34.99
CA TRP LA 43 43.78 0.88 35.81
C TRP LA 43 42.50 0.87 34.99
N LEU LA 44 42.35 1.84 34.09
CA LEU LA 44 41.11 1.92 33.31
C LEU LA 44 40.92 0.70 32.43
N SER LA 45 42.00 0.18 31.86
CA SER LA 45 41.89 -0.97 30.96
C SER LA 45 41.42 -2.22 31.70
N THR LA 46 41.44 -2.20 33.04
CA THR LA 46 40.99 -3.36 33.79
C THR LA 46 39.48 -3.55 33.69
N TRP LA 47 38.72 -2.46 33.75
CA TRP LA 47 37.27 -2.54 33.81
C TRP LA 47 36.53 -1.87 32.66
N ILE LA 48 37.20 -1.06 31.83
CA ILE LA 48 36.54 -0.53 30.64
C ILE LA 48 36.09 -1.65 29.71
N PRO LA 49 36.91 -2.65 29.40
CA PRO LA 49 36.43 -3.73 28.53
C PRO LA 49 35.19 -4.43 29.04
N ILE LA 50 35.07 -4.65 30.35
CA ILE LA 50 33.88 -5.28 30.89
C ILE LA 50 32.67 -4.37 30.71
N GLY LA 51 32.85 -3.07 30.90
CA GLY LA 51 31.76 -2.14 30.66
C GLY LA 51 31.30 -2.12 29.22
N CYS LA 52 32.22 -2.34 28.28
CA CYS LA 52 31.85 -2.40 26.87
C CYS LA 52 30.94 -3.59 26.59
N ALA LA 53 31.22 -4.73 27.21
CA ALA LA 53 30.36 -5.91 27.02
C ALA LA 53 28.96 -5.67 27.58
N ILE LA 54 28.87 -4.93 28.69
CA ILE LA 54 27.56 -4.64 29.27
C ILE LA 54 26.72 -3.81 28.31
N ALA LA 55 27.33 -2.81 27.68
CA ALA LA 55 26.59 -1.95 26.76
C ALA LA 55 26.04 -2.74 25.58
N ILE LA 56 26.84 -3.66 25.04
CA ILE LA 56 26.37 -4.47 23.90
C ILE LA 56 25.15 -5.29 24.31
N MET LA 57 25.20 -5.90 25.50
CA MET LA 57 24.07 -6.71 25.96
C MET LA 57 22.84 -5.85 26.21
N VAL LA 58 23.02 -4.68 26.85
CA VAL LA 58 21.88 -3.83 27.16
C VAL LA 58 21.32 -3.19 25.89
N SER LA 59 22.19 -2.75 24.99
CA SER LA 59 21.72 -2.12 23.75
C SER LA 59 20.91 -3.09 22.91
N CYS LA 60 21.36 -4.36 22.83
CA CYS LA 60 20.60 -5.35 22.08
C CYS LA 60 19.25 -5.61 22.71
N PHE LA 61 19.18 -5.57 24.05
CA PHE LA 61 17.91 -5.72 24.73
C PHE LA 61 16.94 -4.59 24.38
N MET LA 62 17.43 -3.35 24.39
CA MET LA 62 16.57 -2.21 24.06
C MET LA 62 16.08 -2.29 22.63
N TRP LA 63 16.94 -2.76 21.71
CA TRP LA 63 16.53 -2.92 20.32
C TRP LA 63 15.40 -3.95 20.20
N MET LA 64 15.49 -5.05 20.95
CA MET LA 64 14.44 -6.05 20.92
C MET LA 64 13.10 -5.48 21.37
N LEU LA 65 13.12 -4.50 22.27
CA LEU LA 65 11.91 -3.91 22.80
C LEU LA 65 11.38 -2.77 21.94
N HIS LA 66 12.03 -2.46 20.84
CA HIS LA 66 11.59 -1.39 19.94
C HIS LA 66 11.70 -0.02 20.60
N VAL LA 67 12.78 0.19 21.35
CA VAL LA 67 13.01 1.44 22.05
C VAL LA 67 13.98 2.34 21.30
N ILE LA 68 14.98 1.75 20.64
CA ILE LA 68 15.99 2.53 19.93
C ILE LA 68 16.13 1.96 18.53
N PRO LA 69 16.61 2.77 17.58
CA PRO LA 69 16.81 2.26 16.22
C PRO LA 69 18.02 1.35 16.14
N ALA LA 70 18.20 0.76 14.96
CA ALA LA 70 19.29 -0.18 14.73
C ALA LA 70 20.60 0.50 14.37
N SER LA 71 20.62 1.82 14.29
CA SER LA 71 21.87 2.53 13.99
C SER LA 71 22.87 2.47 15.13
N PHE LA 72 22.60 1.72 16.20
CA PHE LA 72 23.58 1.57 17.27
C PHE LA 72 24.66 0.55 16.93
N ILE LA 73 24.36 -0.39 16.02
CA ILE LA 73 25.34 -1.43 15.69
C ILE LA 73 26.61 -0.84 15.12
N PRO LA 74 26.58 0.03 14.11
CA PRO LA 74 27.84 0.61 13.62
C PRO LA 74 28.58 1.42 14.67
N ARG LA 75 27.87 2.05 15.60
CA ARG LA 75 28.53 2.81 16.65
C ARG LA 75 29.42 1.92 17.52
N ILE LA 76 28.95 0.73 17.87
CA ILE LA 76 29.74 -0.13 18.76
C ILE LA 76 31.03 -0.56 18.08
N VAL LA 77 30.98 -0.91 16.80
CA VAL LA 77 32.20 -1.31 16.11
C VAL LA 77 33.18 -0.16 16.01
N ILE LA 78 32.70 1.04 15.68
CA ILE LA 78 33.58 2.18 15.54
C ILE LA 78 34.19 2.57 16.88
N SER LA 79 33.39 2.54 17.95
CA SER LA 79 33.92 2.85 19.27
C SER LA 79 34.99 1.85 19.70
N LEU LA 80 34.78 0.56 19.41
CA LEU LA 80 35.78 -0.44 19.76
C LEU LA 80 37.07 -0.23 19.00
N ILE LA 81 36.98 0.23 17.75
CA ILE LA 81 38.18 0.54 16.98
C ILE LA 81 38.95 1.67 17.64
N GLY LA 82 38.24 2.70 18.10
CA GLY LA 82 38.91 3.83 18.72
C GLY LA 82 39.56 3.48 20.04
N ILE LA 83 38.90 2.65 20.86
CA ILE LA 83 39.44 2.29 22.15
C ILE LA 83 40.75 1.53 22.02
N GLY LA 84 40.81 0.57 21.08
CA GLY LA 84 42.01 -0.23 20.94
C GLY LA 84 43.13 0.47 20.21
N SER LA 85 42.82 1.55 19.49
CA SER LA 85 43.80 2.29 18.71
C SER LA 85 44.16 3.63 19.33
N ALA LA 86 43.85 3.85 20.60
CA ALA LA 86 44.07 5.15 21.21
C ALA LA 86 45.55 5.53 21.22
N SER LA 87 46.41 4.61 21.67
CA SER LA 87 47.84 4.91 21.74
C SER LA 87 48.44 5.08 20.35
N TYR LA 88 48.06 4.23 19.41
CA TYR LA 88 48.61 4.32 18.06
C TYR LA 88 48.19 5.63 17.39
N LEU LA 89 46.94 6.04 17.58
CA LEU LA 89 46.45 7.25 16.93
C LEU LA 89 47.18 8.49 17.42
N VAL LA 90 47.48 8.55 18.71
CA VAL LA 90 48.15 9.73 19.26
C VAL LA 90 49.53 9.90 18.64
N SER LA 91 50.31 8.82 18.57
CA SER LA 91 51.65 8.92 18.01
C SER LA 91 51.63 9.08 16.49
N LEU LA 92 50.54 8.67 15.85
CA LEU LA 92 50.42 8.84 14.41
C LEU LA 92 50.45 10.31 14.01
N THR LA 93 50.05 11.20 14.92
CA THR LA 93 50.05 12.64 14.67
C THR LA 93 51.35 13.31 15.10
N GLY LA 94 52.31 12.55 15.61
CA GLY LA 94 53.59 13.10 16.01
C GLY LA 94 53.68 13.54 17.46
N VAL LA 95 52.59 13.50 18.21
CA VAL LA 95 52.61 13.91 19.61
C VAL LA 95 53.25 12.82 20.45
N GLY LA 96 54.12 13.23 21.37
CA GLY LA 96 54.74 12.30 22.29
C GLY LA 96 55.56 11.21 21.61
N SER LA 97 56.66 11.58 20.98
CA SER LA 97 57.55 10.62 20.36
C SER LA 97 59.02 10.98 20.60
N ALA MA 28 76.54 38.38 38.43
CA ALA MA 28 77.01 37.88 39.72
C ALA MA 28 76.35 36.53 40.04
N GLY MA 29 75.36 36.17 39.23
CA GLY MA 29 74.65 34.92 39.42
C GLY MA 29 74.48 34.14 38.14
N THR MA 30 73.42 33.34 38.06
CA THR MA 30 73.12 32.55 36.89
C THR MA 30 71.72 32.88 36.39
N ASP MA 31 71.59 32.98 35.07
CA ASP MA 31 70.31 33.27 34.44
C ASP MA 31 69.52 31.97 34.32
N THR MA 32 68.43 31.86 35.09
CA THR MA 32 67.58 30.68 35.08
C THR MA 32 66.20 30.99 34.52
N GLY MA 33 66.14 31.87 33.54
CA GLY MA 33 64.88 32.21 32.91
C GLY MA 33 64.58 31.34 31.72
N GLU MA 34 65.52 31.26 30.78
CA GLU MA 34 65.32 30.41 29.62
C GLU MA 34 65.37 28.93 29.99
N SER MA 35 66.31 28.55 30.86
CA SER MA 35 66.45 27.15 31.23
C SER MA 35 65.21 26.65 31.98
N THR MA 36 64.68 27.45 32.90
CA THR MA 36 63.50 27.03 33.66
C THR MA 36 62.31 26.84 32.74
N ALA MA 37 62.11 27.73 31.78
CA ALA MA 37 61.00 27.58 30.85
C ALA MA 37 61.18 26.35 29.98
N THR MA 38 62.41 26.09 29.53
CA THR MA 38 62.65 24.89 28.72
C THR MA 38 62.45 23.63 29.53
N SER MA 39 62.89 23.62 30.79
CA SER MA 39 62.73 22.44 31.63
C SER MA 39 61.26 22.11 31.86
N ILE MA 40 60.44 23.14 32.07
CA ILE MA 40 59.00 22.92 32.27
C ILE MA 40 58.37 22.36 31.01
N GLN MA 41 58.77 22.87 29.85
CA GLN MA 41 58.23 22.36 28.59
C GLN MA 41 58.60 20.89 28.40
N THR MA 42 59.84 20.52 28.69
CA THR MA 42 60.27 19.14 28.52
C THR MA 42 59.53 18.20 29.47
N TRP MA 43 59.28 18.65 30.71
CA TRP MA 43 58.59 17.81 31.68
C TRP MA 43 57.16 17.51 31.23
N LEU MA 44 56.45 18.53 30.73
CA LEU MA 44 55.05 18.32 30.35
C LEU MA 44 54.93 17.31 29.22
N SER MA 45 55.86 17.34 28.26
CA SER MA 45 55.77 16.44 27.13
C SER MA 45 55.95 14.98 27.53
N THR MA 46 56.42 14.74 28.76
CA THR MA 46 56.58 13.36 29.22
C THR MA 46 55.24 12.67 29.43
N TRP MA 47 54.27 13.38 30.01
CA TRP MA 47 53.01 12.76 30.40
C TRP MA 47 51.78 13.35 29.73
N ILE MA 48 51.87 14.49 29.05
CA ILE MA 48 50.74 14.98 28.28
C ILE MA 48 50.33 14.01 27.20
N PRO MA 49 51.24 13.44 26.40
CA PRO MA 49 50.83 12.46 25.39
C PRO MA 49 50.08 11.27 25.96
N ILE MA 50 50.48 10.76 27.13
CA ILE MA 50 49.75 9.64 27.72
C ILE MA 50 48.36 10.07 28.14
N GLY MA 51 48.22 11.29 28.66
CA GLY MA 51 46.90 11.79 29.00
C GLY MA 51 46.00 11.93 27.79
N CYS MA 52 46.57 12.26 26.64
CA CYS MA 52 45.77 12.36 25.42
C CYS MA 52 45.19 11.00 25.01
N ALA MA 53 45.97 9.93 25.17
CA ALA MA 53 45.47 8.61 24.85
C ALA MA 53 44.34 8.21 25.78
N ILE MA 54 44.41 8.60 27.05
CA ILE MA 54 43.36 8.28 28.00
C ILE MA 54 42.05 8.94 27.58
N ALA MA 55 42.09 10.20 27.14
CA ALA MA 55 40.88 10.89 26.75
C ALA MA 55 40.21 10.22 25.56
N ILE MA 56 41.00 9.78 24.58
CA ILE MA 56 40.44 9.10 23.42
C ILE MA 56 39.70 7.83 23.84
N MET MA 57 40.31 7.05 24.72
CA MET MA 57 39.68 5.82 25.19
C MET MA 57 38.42 6.11 25.99
N VAL MA 58 38.47 7.10 26.88
CA VAL MA 58 37.31 7.40 27.71
C VAL MA 58 36.20 8.04 26.89
N SER MA 59 36.56 8.94 25.97
CA SER MA 59 35.54 9.59 25.14
C SER MA 59 34.81 8.59 24.27
N CYS MA 60 35.53 7.62 23.70
CA CYS MA 60 34.89 6.60 22.89
C CYS MA 60 33.95 5.75 23.73
N PHE MA 61 34.32 5.49 24.99
CA PHE MA 61 33.45 4.75 25.89
C PHE MA 61 32.15 5.49 26.16
N MET MA 62 32.24 6.80 26.41
CA MET MA 62 31.05 7.60 26.67
C MET MA 62 30.14 7.64 25.45
N TRP MA 63 30.73 7.71 24.26
CA TRP MA 63 29.95 7.69 23.02
C TRP MA 63 29.19 6.39 22.88
N MET MA 64 29.83 5.25 23.22
CA MET MA 64 29.15 3.97 23.15
C MET MA 64 27.94 3.93 24.06
N LEU MA 65 27.98 4.64 25.18
CA LEU MA 65 26.91 4.63 26.16
C LEU MA 65 25.82 5.65 25.85
N HIS MA 66 25.96 6.40 24.76
CA HIS MA 66 24.94 7.39 24.37
C HIS MA 66 24.89 8.53 25.37
N VAL MA 67 26.05 8.96 25.86
CA VAL MA 67 26.14 10.05 26.83
C VAL MA 67 26.52 11.36 26.17
N ILE MA 68 27.35 11.33 25.13
CA ILE MA 68 27.80 12.54 24.47
C ILE MA 68 27.63 12.36 22.97
N PRO MA 69 27.51 13.46 22.22
CA PRO MA 69 27.37 13.36 20.77
C PRO MA 69 28.69 12.97 20.12
N ALA MA 70 28.62 12.75 18.80
CA ALA MA 70 29.78 12.33 18.04
C ALA MA 70 30.65 13.50 17.58
N SER MA 71 30.28 14.73 17.91
CA SER MA 71 31.09 15.87 17.54
C SER MA 71 32.39 15.95 18.32
N PHE MA 72 32.72 14.95 19.15
CA PHE MA 72 34.00 14.96 19.85
C PHE MA 72 35.14 14.48 18.96
N ILE MA 73 34.84 13.71 17.91
CA ILE MA 73 35.90 13.18 17.05
C ILE MA 73 36.69 14.29 16.38
N PRO MA 74 36.08 15.28 15.72
CA PRO MA 74 36.87 16.36 15.14
C PRO MA 74 37.67 17.15 16.16
N ARG MA 75 37.17 17.27 17.39
CA ARG MA 75 37.90 17.99 18.42
C ARG MA 75 39.24 17.33 18.73
N ILE MA 76 39.27 16.00 18.81
CA ILE MA 76 40.51 15.32 19.17
C ILE MA 76 41.58 15.53 18.10
N VAL MA 77 41.19 15.46 16.82
CA VAL MA 77 42.17 15.68 15.76
C VAL MA 77 42.70 17.10 15.79
N ILE MA 78 41.81 18.08 15.96
CA ILE MA 78 42.25 19.48 15.96
C ILE MA 78 43.14 19.77 17.16
N SER MA 79 42.78 19.23 18.33
CA SER MA 79 43.62 19.44 19.50
C SER MA 79 45.00 18.82 19.34
N LEU MA 80 45.08 17.64 18.73
CA LEU MA 80 46.38 17.01 18.50
C LEU MA 80 47.22 17.83 17.53
N ILE MA 81 46.59 18.47 16.55
CA ILE MA 81 47.33 19.34 15.64
C ILE MA 81 47.93 20.51 16.40
N GLY MA 82 47.15 21.10 17.32
CA GLY MA 82 47.64 22.24 18.07
C GLY MA 82 48.76 21.89 19.01
N ILE MA 83 48.67 20.73 19.67
CA ILE MA 83 49.70 20.34 20.62
C ILE MA 83 51.04 20.13 19.93
N GLY MA 84 51.06 19.48 18.77
CA GLY MA 84 52.31 19.21 18.09
C GLY MA 84 52.88 20.41 17.36
N SER MA 85 52.05 21.42 17.11
CA SER MA 85 52.47 22.60 16.37
C SER MA 85 52.63 23.83 17.25
N ALA MA 86 52.71 23.65 18.58
CA ALA MA 86 52.75 24.79 19.48
C ALA MA 86 53.96 25.67 19.23
N SER MA 87 55.15 25.06 19.16
CA SER MA 87 56.37 25.82 18.96
C SER MA 87 56.40 26.48 17.58
N TYR MA 88 55.98 25.76 16.55
CA TYR MA 88 55.99 26.31 15.21
C TYR MA 88 55.03 27.49 15.08
N LEU MA 89 53.85 27.38 15.70
CA LEU MA 89 52.85 28.44 15.58
C LEU MA 89 53.33 29.72 16.24
N VAL MA 90 54.03 29.63 17.37
CA VAL MA 90 54.47 30.83 18.06
C VAL MA 90 55.46 31.61 17.21
N SER MA 91 56.44 30.92 16.61
CA SER MA 91 57.43 31.61 15.80
C SER MA 91 56.86 32.06 14.47
N LEU MA 92 55.77 31.42 14.02
CA LEU MA 92 55.13 31.83 12.77
C LEU MA 92 54.62 33.25 12.85
N THR MA 93 54.30 33.74 14.05
CA THR MA 93 53.83 35.10 14.25
C THR MA 93 54.95 36.09 14.55
N GLY MA 94 56.20 35.65 14.54
CA GLY MA 94 57.33 36.52 14.76
C GLY MA 94 57.77 36.66 16.20
N VAL MA 95 57.05 36.08 17.15
CA VAL MA 95 57.42 36.18 18.55
C VAL MA 95 58.59 35.24 18.84
N GLY MA 96 59.56 35.74 19.59
CA GLY MA 96 60.70 34.93 19.99
C GLY MA 96 61.50 34.37 18.83
N SER MA 97 62.18 35.24 18.10
CA SER MA 97 63.05 34.81 17.01
C SER MA 97 64.34 35.61 16.99
N ALA NA 28 78.39 63.27 37.32
CA ALA NA 28 79.37 62.72 38.23
C ALA NA 28 79.27 61.19 38.28
N GLY NA 29 78.21 60.66 37.67
CA GLY NA 29 77.99 59.23 37.65
C GLY NA 29 77.63 58.72 36.27
N THR NA 30 76.87 57.63 36.22
CA THR NA 30 76.44 57.03 34.97
C THR NA 30 74.91 56.94 34.96
N ASP NA 31 74.32 57.25 33.82
CA ASP NA 31 72.87 57.18 33.65
C ASP NA 31 72.49 55.73 33.34
N THR NA 32 71.80 55.08 34.28
CA THR NA 32 71.37 53.71 34.13
C THR NA 32 69.86 53.61 34.06
N GLY NA 33 69.22 54.59 33.43
CA GLY NA 33 67.79 54.58 33.28
C GLY NA 33 67.35 53.92 31.99
N GLU NA 34 67.91 54.36 30.87
CA GLU NA 34 67.57 53.76 29.58
C GLU NA 34 68.16 52.36 29.47
N SER NA 35 69.40 52.17 29.91
CA SER NA 35 70.05 50.87 29.80
C SER NA 35 69.33 49.82 30.64
N THR NA 36 68.95 50.17 31.86
CA THR NA 36 68.26 49.21 32.72
C THR NA 36 66.93 48.77 32.12
N ALA NA 37 66.17 49.73 31.56
CA ALA NA 37 64.90 49.38 30.93
C ALA NA 37 65.12 48.49 29.72
N THR NA 38 66.15 48.79 28.91
CA THR NA 38 66.43 47.96 27.74
C THR NA 38 66.87 46.56 28.16
N SER NA 39 67.69 46.47 29.21
CA SER NA 39 68.17 45.16 29.66
C SER NA 39 67.02 44.29 30.13
N ILE NA 40 66.06 44.87 30.85
CA ILE NA 40 64.90 44.12 31.32
C ILE NA 40 64.06 43.64 30.15
N GLN NA 41 63.89 44.48 29.14
CA GLN NA 41 63.13 44.08 27.96
C GLN NA 41 63.80 42.91 27.24
N THR NA 42 65.12 42.97 27.09
CA THR NA 42 65.84 41.90 26.40
C THR NA 42 65.76 40.59 27.18
N TRP NA 43 65.81 40.66 28.51
CA TRP NA 43 65.76 39.44 29.32
C TRP NA 43 64.41 38.75 29.18
N LEU NA 44 63.32 39.51 29.20
CA LEU NA 44 61.99 38.90 29.14
C LEU NA 44 61.79 38.16 27.82
N SER NA 45 62.28 38.72 26.73
CA SER NA 45 62.08 38.10 25.42
C SER NA 45 62.79 36.76 25.31
N THR NA 46 63.69 36.46 26.24
CA THR NA 46 64.39 35.17 26.20
C THR NA 46 63.45 34.02 26.52
N TRP NA 47 62.56 34.19 27.52
CA TRP NA 47 61.75 33.10 28.00
C TRP NA 47 60.24 33.32 27.87
N ILE NA 48 59.77 34.53 27.57
CA ILE NA 48 58.35 34.73 27.30
C ILE NA 48 57.90 33.90 26.10
N PRO NA 49 58.61 33.89 24.97
CA PRO NA 49 58.17 33.05 23.85
C PRO NA 49 58.03 31.58 24.19
N ILE NA 50 58.92 31.02 25.01
CA ILE NA 50 58.79 29.63 25.40
C ILE NA 50 57.55 29.42 26.26
N GLY NA 51 57.26 30.37 27.14
CA GLY NA 51 56.05 30.29 27.94
C GLY NA 51 54.79 30.34 27.10
N CYS NA 52 54.82 31.08 25.99
CA CYS NA 52 53.67 31.13 25.10
C CYS NA 52 53.40 29.78 24.46
N ALA NA 53 54.46 29.05 24.08
CA ALA NA 53 54.26 27.72 23.50
C ALA NA 53 53.67 26.75 24.53
N ILE NA 54 54.06 26.90 25.80
CA ILE NA 54 53.52 26.02 26.84
C ILE NA 54 52.01 26.22 26.97
N ALA NA 55 51.55 27.48 26.95
CA ALA NA 55 50.13 27.75 27.10
C ALA NA 55 49.32 27.14 25.96
N ILE NA 56 49.83 27.22 24.73
CA ILE NA 56 49.11 26.65 23.60
C ILE NA 56 48.96 25.14 23.79
N MET NA 57 50.03 24.47 24.21
CA MET NA 57 49.96 23.02 24.42
C MET NA 57 49.02 22.67 25.56
N VAL NA 58 49.09 23.41 26.67
CA VAL NA 58 48.24 23.10 27.81
C VAL NA 58 46.78 23.45 27.52
N SER NA 59 46.53 24.58 26.86
CA SER NA 59 45.17 24.97 26.56
C SER NA 59 44.49 23.97 25.63
N CYS NA 60 45.23 23.47 24.64
CA CYS NA 60 44.66 22.47 23.74
C CYS NA 60 44.35 21.18 24.49
N PHE NA 61 45.17 20.83 25.48
CA PHE NA 61 44.90 19.64 26.29
C PHE NA 61 43.61 19.82 27.09
N MET NA 62 43.41 20.98 27.70
CA MET NA 62 42.20 21.22 28.48
C MET NA 62 40.96 21.18 27.59
N TRP NA 63 41.08 21.71 26.37
CA TRP NA 63 39.96 21.65 25.43
C TRP NA 63 39.59 20.22 25.08
N MET NA 64 40.60 19.36 24.89
CA MET NA 64 40.33 17.96 24.61
C MET NA 64 39.57 17.29 25.73
N LEU NA 65 39.78 17.73 26.97
CA LEU NA 65 39.14 17.13 28.14
C LEU NA 65 37.78 17.73 28.44
N HIS NA 66 37.31 18.68 27.63
CA HIS NA 66 36.00 19.30 27.81
C HIS NA 66 35.96 20.12 29.11
N VAL NA 67 37.05 20.82 29.39
CA VAL NA 67 37.15 21.64 30.59
C VAL NA 67 36.90 23.12 30.28
N ILE NA 68 37.31 23.59 29.12
CA ILE NA 68 37.15 25.01 28.76
C ILE NA 68 36.54 25.07 27.37
N PRO NA 69 35.88 26.19 27.05
CA PRO NA 69 35.29 26.33 25.72
C PRO NA 69 36.36 26.60 24.68
N ALA NA 70 35.92 26.63 23.42
CA ALA NA 70 36.82 26.83 22.29
C ALA NA 70 37.12 28.30 22.02
N SER NA 71 36.55 29.21 22.79
CA SER NA 71 36.84 30.63 22.59
C SER NA 71 38.25 31.01 23.02
N PHE NA 72 39.11 30.05 23.38
CA PHE NA 72 40.48 30.38 23.70
C PHE NA 72 41.34 30.53 22.45
N ILE NA 73 40.93 29.93 21.33
CA ILE NA 73 41.75 30.01 20.11
C ILE NA 73 41.91 31.45 19.64
N PRO NA 74 40.87 32.25 19.50
CA PRO NA 74 41.09 33.65 19.09
C PRO NA 74 41.92 34.45 20.08
N ARG NA 75 41.85 34.12 21.36
CA ARG NA 75 42.66 34.83 22.35
C ARG NA 75 44.14 34.65 22.10
N ILE NA 76 44.58 33.44 21.76
CA ILE NA 76 46.00 33.19 21.56
C ILE NA 76 46.54 34.00 20.39
N VAL NA 77 45.79 34.04 19.29
CA VAL NA 77 46.25 34.81 18.12
C VAL NA 77 46.33 36.29 18.46
N ILE NA 78 45.31 36.83 19.14
CA ILE NA 78 45.31 38.26 19.45
C ILE NA 78 46.42 38.60 20.43
N SER NA 79 46.66 37.75 21.42
CA SER NA 79 47.75 38.00 22.36
C SER NA 79 49.11 37.97 21.67
N LEU NA 80 49.31 37.04 20.74
CA LEU NA 80 50.57 36.99 20.01
C LEU NA 80 50.77 38.23 19.16
N ILE NA 81 49.70 38.79 18.61
CA ILE NA 81 49.81 40.03 17.85
C ILE NA 81 50.27 41.16 18.77
N GLY NA 82 49.71 41.23 19.98
CA GLY NA 82 50.09 42.29 20.89
C GLY NA 82 51.52 42.18 21.38
N ILE NA 83 51.99 40.96 21.64
CA ILE NA 83 53.34 40.77 22.14
C ILE NA 83 54.37 41.22 21.11
N GLY NA 84 54.18 40.87 19.84
CA GLY NA 84 55.15 41.22 18.83
C GLY NA 84 55.07 42.65 18.38
N SER NA 85 53.96 43.33 18.65
CA SER NA 85 53.75 44.71 18.24
C SER NA 85 53.85 45.71 19.39
N ALA NA 86 54.42 45.31 20.52
CA ALA NA 86 54.44 46.17 21.69
C ALA NA 86 55.21 47.46 21.42
N SER NA 87 56.42 47.34 20.88
CA SER NA 87 57.24 48.52 20.62
C SER NA 87 56.61 49.42 19.55
N TYR NA 88 56.08 48.81 18.48
CA TYR NA 88 55.49 49.60 17.41
C TYR NA 88 54.25 50.34 17.90
N LEU NA 89 53.44 49.69 18.73
CA LEU NA 89 52.19 50.31 19.19
C LEU NA 89 52.48 51.53 20.07
N VAL NA 90 53.51 51.46 20.91
CA VAL NA 90 53.82 52.58 21.80
C VAL NA 90 54.19 53.82 21.00
N SER NA 91 55.07 53.67 20.00
CA SER NA 91 55.49 54.82 19.22
C SER NA 91 54.39 55.29 18.27
N LEU NA 92 53.45 54.41 17.94
CA LEU NA 92 52.35 54.80 17.08
C LEU NA 92 51.51 55.90 17.71
N THR NA 93 51.49 55.98 19.04
CA THR NA 93 50.74 57.00 19.76
C THR NA 93 51.58 58.25 20.05
N GLY NA 94 52.83 58.30 19.59
CA GLY NA 94 53.67 59.46 19.78
C GLY NA 94 54.51 59.45 21.04
N VAL NA 95 54.35 58.46 21.91
CA VAL NA 95 55.12 58.40 23.14
C VAL NA 95 56.54 57.91 22.83
N GLY NA 96 57.52 58.56 23.43
CA GLY NA 96 58.90 58.16 23.26
C GLY NA 96 59.40 58.18 21.84
N SER NA 97 59.52 59.37 21.25
CA SER NA 97 60.04 59.51 19.90
C SER NA 97 60.97 60.72 19.81
N ALA OA 28 72.70 86.83 43.43
CA ALA OA 28 74.05 86.49 43.85
C ALA OA 28 74.41 85.07 43.46
N GLY OA 29 73.40 84.33 43.01
CA GLY OA 29 73.59 82.95 42.60
C GLY OA 29 72.95 82.63 41.27
N THR OA 30 72.56 81.37 41.08
CA THR OA 30 71.91 80.93 39.87
C THR OA 30 70.57 80.30 40.21
N ASP OA 31 69.55 80.60 39.39
CA ASP OA 31 68.22 80.04 39.58
C ASP OA 31 68.18 78.65 38.96
N THR OA 32 68.05 77.62 39.79
CA THR OA 32 68.01 76.24 39.33
C THR OA 32 66.65 75.63 39.63
N GLY OA 33 65.60 76.41 39.51
CA GLY OA 33 64.26 75.92 39.72
C GLY OA 33 63.62 75.42 38.44
N GLU OA 34 63.62 76.26 37.40
CA GLU OA 34 63.05 75.85 36.13
C GLU OA 34 63.93 74.80 35.44
N SER OA 35 65.25 74.99 35.49
CA SER OA 35 66.16 74.06 34.82
C SER OA 35 66.10 72.68 35.46
N THR OA 36 66.06 72.61 36.79
CA THR OA 36 66.00 71.31 37.45
C THR OA 36 64.72 70.56 37.10
N ALA OA 37 63.59 71.27 37.07
CA ALA OA 37 62.34 70.62 36.69
C ALA OA 37 62.37 70.14 35.25
N THR OA 38 62.93 70.95 34.35
CA THR OA 38 63.03 70.53 32.96
C THR OA 38 63.96 69.33 32.80
N SER OA 39 65.08 69.33 33.53
CA SER OA 39 66.02 68.22 33.43
C SER OA 39 65.39 66.91 33.89
N ILE OA 40 64.61 66.96 34.97
CA ILE OA 40 63.95 65.75 35.46
C ILE OA 40 62.93 65.25 34.44
N GLN OA 41 62.19 66.16 33.81
CA GLN OA 41 61.23 65.76 32.79
C GLN OA 41 61.91 65.09 31.61
N THR OA 42 63.04 65.65 31.16
CA THR OA 42 63.75 65.07 30.03
C THR OA 42 64.30 63.69 30.37
N TRP OA 43 64.80 63.51 31.59
CA TRP OA 43 65.35 62.22 31.98
C TRP OA 43 64.29 61.13 31.98
N LEU OA 44 63.10 61.42 32.50
CA LEU OA 44 62.06 60.40 32.58
C LEU OA 44 61.64 59.92 31.21
N SER OA 45 61.55 60.83 30.24
CA SER OA 45 61.11 60.46 28.91
C SER OA 45 62.09 59.52 28.22
N THR OA 46 63.30 59.38 28.76
CA THR OA 46 64.26 58.46 28.15
C THR OA 46 63.85 57.01 28.33
N TRP OA 47 63.35 56.65 29.52
CA TRP OA 47 63.08 55.26 29.84
C TRP OA 47 61.63 54.94 30.16
N ILE OA 48 60.77 55.94 30.37
CA ILE OA 48 59.34 55.66 30.53
C ILE OA 48 58.77 54.99 29.30
N PRO OA 49 59.02 55.47 28.08
CA PRO OA 49 58.48 54.78 26.89
C PRO OA 49 58.89 53.31 26.81
N ILE OA 50 60.12 52.96 27.17
CA ILE OA 50 60.52 51.56 27.12
C ILE OA 50 59.76 50.75 28.17
N GLY OA 51 59.53 51.33 29.35
CA GLY OA 51 58.73 50.66 30.35
C GLY OA 51 57.31 50.42 29.90
N CYS OA 52 56.75 51.33 29.10
CA CYS OA 52 55.40 51.15 28.59
C CYS OA 52 55.32 49.95 27.66
N ALA OA 53 56.35 49.74 26.83
CA ALA OA 53 56.35 48.57 25.94
C ALA OA 53 56.44 47.28 26.73
N ILE OA 54 57.18 47.28 27.84
CA ILE OA 54 57.28 46.09 28.67
C ILE OA 54 55.92 45.70 29.23
N ALA OA 55 55.16 46.68 29.70
CA ALA OA 55 53.85 46.40 30.28
C ALA OA 55 52.90 45.77 29.26
N ILE OA 56 52.92 46.28 28.03
CA ILE OA 56 52.06 45.73 26.99
C ILE OA 56 52.41 44.26 26.73
N MET OA 57 53.70 43.95 26.65
CA MET OA 57 54.11 42.56 26.42
C MET OA 57 53.75 41.67 27.59
N VAL OA 58 53.97 42.14 28.82
CA VAL OA 58 53.68 41.32 30.00
C VAL OA 58 52.19 41.17 30.20
N SER OA 59 51.43 42.25 30.00
CA SER OA 59 49.97 42.17 30.18
C SER OA 59 49.34 41.21 29.19
N CYS OA 60 49.81 41.22 27.93
CA CYS OA 60 49.28 40.29 26.95
C CYS OA 60 49.61 38.85 27.33
N PHE OA 61 50.78 38.62 27.91
CA PHE OA 61 51.15 37.28 28.38
C PHE OA 61 50.21 36.81 29.48
N MET OA 62 49.92 37.68 30.45
CA MET OA 62 49.02 37.30 31.54
C MET OA 62 47.62 37.00 31.03
N TRP OA 63 47.16 37.76 30.04
CA TRP OA 63 45.85 37.51 29.43
C TRP OA 63 45.81 36.14 28.77
N MET OA 64 46.89 35.76 28.08
CA MET OA 64 46.95 34.44 27.45
C MET OA 64 46.83 33.33 28.48
N LEU OA 65 47.31 33.55 29.70
CA LEU OA 65 47.30 32.54 30.75
C LEU OA 65 46.01 32.53 31.54
N HIS OA 66 45.05 33.40 31.21
CA HIS OA 66 43.77 33.44 31.90
C HIS OA 66 43.93 33.91 33.34
N VAL OA 67 44.81 34.89 33.55
CA VAL OA 67 45.07 35.43 34.87
C VAL OA 67 44.33 36.75 35.11
N ILE OA 68 44.17 37.57 34.08
CA ILE OA 68 43.51 38.86 34.22
C ILE OA 68 42.48 38.99 33.12
N PRO OA 69 41.46 39.82 33.32
CA PRO OA 69 40.44 40.03 32.29
C PRO OA 69 40.98 40.86 31.14
N ALA OA 70 40.15 40.99 30.11
CA ALA OA 70 40.52 41.72 28.91
C ALA OA 70 40.29 43.22 29.03
N SER OA 71 39.78 43.69 30.16
CA SER OA 71 39.57 45.13 30.34
C SER OA 71 40.87 45.89 30.48
N PHE OA 72 42.03 45.26 30.32
CA PHE OA 72 43.29 45.99 30.37
C PHE OA 72 43.60 46.69 29.06
N ILE OA 73 43.02 46.23 27.95
CA ILE OA 73 43.33 46.83 26.65
C ILE OA 73 42.92 48.30 26.61
N PRO OA 74 41.69 48.68 26.98
CA PRO OA 74 41.36 50.12 26.97
C PRO OA 74 42.23 50.94 27.91
N ARG OA 75 42.68 50.37 29.02
CA ARG OA 75 43.54 51.10 29.94
C ARG OA 75 44.84 51.53 29.29
N ILE OA 76 45.46 50.65 28.49
CA ILE OA 76 46.75 50.98 27.88
C ILE OA 76 46.60 52.14 26.91
N VAL OA 77 45.54 52.14 26.10
CA VAL OA 77 45.35 53.23 25.16
C VAL OA 77 45.12 54.55 25.89
N ILE OA 78 44.28 54.53 26.93
CA ILE OA 78 43.99 55.76 27.66
C ILE OA 78 45.22 56.28 28.38
N SER OA 79 46.00 55.39 28.97
CA SER OA 79 47.24 55.81 29.64
C SER OA 79 48.23 56.41 28.66
N LEU OA 80 48.35 55.84 27.47
CA LEU OA 80 49.25 56.39 26.47
C LEU OA 80 48.80 57.78 26.01
N ILE OA 81 47.49 58.00 25.94
CA ILE OA 81 46.98 59.33 25.60
C ILE OA 81 47.39 60.34 26.66
N GLY OA 82 47.28 59.95 27.94
CA GLY OA 82 47.62 60.86 29.01
C GLY OA 82 49.11 61.19 29.06
N ILE OA 83 49.96 60.19 28.83
CA ILE OA 83 51.40 60.41 28.89
C ILE OA 83 51.85 61.40 27.82
N GLY OA 84 51.34 61.26 26.59
CA GLY OA 84 51.79 62.13 25.52
C GLY OA 84 51.16 63.51 25.56
N SER OA 85 50.06 63.67 26.30
CA SER OA 85 49.35 64.93 26.39
C SER OA 85 49.55 65.63 27.73
N ALA OA 86 50.55 65.25 28.51
CA ALA OA 86 50.72 65.80 29.84
C ALA OA 86 50.96 67.31 29.79
N SER OA 87 51.89 67.75 28.96
CA SER OA 87 52.21 69.18 28.87
C SER OA 87 51.04 69.98 28.32
N TYR OA 88 50.37 69.45 27.29
CA TYR OA 88 49.25 70.17 26.69
C TYR OA 88 48.10 70.31 27.68
N LEU OA 89 47.82 69.25 28.45
CA LEU OA 89 46.70 69.27 29.37
C LEU OA 89 46.91 70.31 30.47
N VAL OA 90 48.14 70.45 30.97
CA VAL OA 90 48.39 71.38 32.05
C VAL OA 90 48.12 72.82 31.60
N SER OA 91 48.60 73.19 30.42
CA SER OA 91 48.40 74.56 29.94
C SER OA 91 46.96 74.78 29.48
N LEU OA 92 46.25 73.71 29.14
CA LEU OA 92 44.85 73.85 28.74
C LEU OA 92 44.00 74.41 29.88
N THR OA 93 44.42 74.21 31.13
CA THR OA 93 43.71 74.73 32.29
C THR OA 93 44.20 76.09 32.72
N GLY OA 94 45.15 76.69 32.01
CA GLY OA 94 45.65 78.00 32.32
C GLY OA 94 46.83 78.05 33.27
N VAL OA 95 47.26 76.92 33.81
CA VAL OA 95 48.39 76.89 34.73
C VAL OA 95 49.69 77.02 33.94
N GLY OA 96 50.59 77.85 34.44
CA GLY OA 96 51.89 78.01 33.83
C GLY OA 96 51.85 78.49 32.39
N SER OA 97 51.43 79.74 32.20
CA SER OA 97 51.41 80.33 30.86
C SER OA 97 51.87 81.78 30.90
N ALA PA 28 62.98 104.94 57.64
CA ALA PA 28 64.43 105.04 57.59
C ALA PA 28 65.02 103.94 56.71
N GLY PA 29 64.18 102.99 56.31
CA GLY PA 29 64.60 101.90 55.48
C GLY PA 29 63.66 101.64 54.32
N THR PA 30 63.60 100.40 53.85
CA THR PA 30 62.73 100.01 52.76
C THR PA 30 61.82 98.87 53.22
N ASP PA 31 60.56 98.95 52.82
CA ASP PA 31 59.57 97.92 53.15
C ASP PA 31 59.72 96.77 52.16
N THR PA 32 60.18 95.62 52.65
CA THR PA 32 60.37 94.44 51.82
C THR PA 32 59.42 93.32 52.24
N GLY PA 33 58.21 93.70 52.64
CA GLY PA 33 57.21 92.71 53.01
C GLY PA 33 56.35 92.29 51.83
N GLU PA 34 55.76 93.27 51.14
CA GLU PA 34 54.94 92.94 49.98
C GLU PA 34 55.80 92.45 48.81
N SER PA 35 56.95 93.09 48.58
CA SER PA 35 57.80 92.71 47.47
C SER PA 35 58.34 91.29 47.64
N THR PA 36 58.77 90.95 48.86
CA THR PA 36 59.31 89.61 49.10
C THR PA 36 58.25 88.54 48.86
N ALA PA 37 57.03 88.78 49.32
CA ALA PA 37 55.96 87.81 49.09
C ALA PA 37 55.64 87.68 47.61
N THR PA 38 55.62 88.80 46.88
CA THR PA 38 55.36 88.74 45.45
C THR PA 38 56.48 88.02 44.72
N SER PA 39 57.73 88.27 45.10
CA SER PA 39 58.85 87.62 44.44
C SER PA 39 58.81 86.11 44.63
N ILE PA 40 58.45 85.65 45.83
CA ILE PA 40 58.36 84.21 46.07
C ILE PA 40 57.24 83.60 45.24
N GLN PA 41 56.12 84.30 45.12
CA GLN PA 41 55.02 83.79 44.31
C GLN PA 41 55.43 83.66 42.84
N THR PA 42 56.13 84.67 42.32
CA THR PA 42 56.55 84.63 40.93
C THR PA 42 57.55 83.50 40.67
N TRP PA 43 58.46 83.26 41.64
CA TRP PA 43 59.45 82.21 41.46
C TRP PA 43 58.80 80.84 41.38
N LEU PA 44 57.82 80.56 42.25
CA LEU PA 44 57.21 79.24 42.28
C LEU PA 44 56.50 78.95 40.96
N SER PA 45 55.84 79.94 40.37
CA SER PA 45 55.10 79.71 39.14
C SER PA 45 56.01 79.34 37.99
N THR PA 46 57.32 79.54 38.13
CA THR PA 46 58.24 79.18 37.06
C THR PA 46 58.34 77.67 36.90
N TRP PA 47 58.39 76.92 38.00
CA TRP PA 47 58.65 75.49 37.93
C TRP PA 47 57.53 74.61 38.49
N ILE PA 48 56.55 75.18 39.21
CA ILE PA 48 55.40 74.36 39.63
C ILE PA 48 54.67 73.81 38.43
N PRO PA 49 54.35 74.58 37.38
CA PRO PA 49 53.66 73.99 36.22
C PRO PA 49 54.41 72.83 35.59
N ILE PA 50 55.73 72.88 35.51
CA ILE PA 50 56.48 71.75 34.96
C ILE PA 50 56.37 70.53 35.86
N GLY PA 51 56.40 70.74 37.17
CA GLY PA 51 56.21 69.63 38.08
C GLY PA 51 54.84 68.99 37.97
N CYS PA 52 53.81 69.79 37.63
CA CYS PA 52 52.48 69.23 37.44
C CYS PA 52 52.44 68.29 36.24
N ALA PA 53 53.13 68.65 35.16
CA ALA PA 53 53.18 67.78 33.99
C ALA PA 53 53.88 66.46 34.30
N ILE PA 54 54.91 66.51 35.15
CA ILE PA 54 55.62 65.29 35.51
C ILE PA 54 54.69 64.33 36.26
N ALA PA 55 53.89 64.85 37.17
CA ALA PA 55 52.99 64.00 37.95
C ALA PA 55 51.97 63.31 37.05
N ILE PA 56 51.43 64.03 36.05
CA ILE PA 56 50.47 63.42 35.14
C ILE PA 56 51.10 62.26 34.39
N MET PA 57 52.33 62.46 33.90
CA MET PA 57 53.01 61.41 33.16
C MET PA 57 53.33 60.21 34.06
N VAL PA 58 53.80 60.47 35.28
CA VAL PA 58 54.17 59.38 36.19
C VAL PA 58 52.93 58.67 36.69
N SER PA 59 51.88 59.41 37.02
CA SER PA 59 50.66 58.79 37.52
C SER PA 59 50.03 57.88 36.48
N CYS PA 60 50.01 58.31 35.22
CA CYS PA 60 49.48 57.47 34.16
C CYS PA 60 50.30 56.21 33.99
N PHE PA 61 51.63 56.31 34.17
CA PHE PA 61 52.48 55.13 34.10
C PHE PA 61 52.14 54.13 35.20
N MET PA 62 51.96 54.61 36.43
CA MET PA 62 51.62 53.72 37.54
C MET PA 62 50.28 53.05 37.32
N TRP PA 63 49.31 53.79 36.75
CA TRP PA 63 48.01 53.21 36.45
C TRP PA 63 48.14 52.08 35.43
N MET PA 64 48.98 52.26 34.41
CA MET PA 64 49.20 51.21 33.42
C MET PA 64 49.74 49.94 34.05
N LEU PA 65 50.52 50.08 35.13
CA LEU PA 65 51.15 48.94 35.79
C LEU PA 65 50.25 48.30 36.84
N HIS PA 66 49.04 48.82 37.03
CA HIS PA 66 48.10 48.25 38.00
C HIS PA 66 48.61 48.45 39.42
N VAL PA 67 49.18 49.61 39.70
CA VAL PA 67 49.72 49.93 41.01
C VAL PA 67 48.76 50.81 41.81
N ILE PA 68 48.04 51.71 41.15
CA ILE PA 68 47.13 52.62 41.84
C ILE PA 68 45.79 52.58 41.12
N PRO PA 69 44.72 52.94 41.82
CA PRO PA 69 43.39 52.96 41.19
C PRO PA 69 43.26 54.15 40.25
N ALA PA 70 42.13 54.17 39.54
CA ALA PA 70 41.87 55.23 38.57
C ALA PA 70 41.26 56.48 39.19
N SER PA 71 41.05 56.50 40.50
CA SER PA 71 40.52 57.69 41.15
C SER PA 71 41.53 58.83 41.20
N PHE PA 72 42.69 58.71 40.57
CA PHE PA 72 43.64 59.81 40.52
C PHE PA 72 43.28 60.83 39.45
N ILE PA 73 42.52 60.43 38.43
CA ILE PA 73 42.18 61.36 37.34
C ILE PA 73 41.39 62.55 37.86
N PRO PA 74 40.31 62.38 38.61
CA PRO PA 74 39.60 63.57 39.13
C PRO PA 74 40.45 64.44 40.03
N ARG PA 75 41.41 63.85 40.76
CA ARG PA 75 42.28 64.65 41.62
C ARG PA 75 43.12 65.64 40.82
N ILE PA 76 43.64 65.22 39.67
CA ILE PA 76 44.51 66.10 38.89
C ILE PA 76 43.73 67.30 38.39
N VAL PA 77 42.50 67.08 37.90
CA VAL PA 77 41.70 68.20 37.41
C VAL PA 77 41.37 69.17 38.54
N ILE PA 78 40.98 68.65 39.70
CA ILE PA 78 40.60 69.52 40.82
C ILE PA 78 41.81 70.28 41.33
N SER PA 79 42.97 69.63 41.42
CA SER PA 79 44.18 70.32 41.86
C SER PA 79 44.57 71.43 40.89
N LEU PA 80 44.44 71.19 39.58
CA LEU PA 80 44.77 72.23 38.61
C LEU PA 80 43.82 73.42 38.72
N ILE PA 81 42.56 73.17 39.05
CA ILE PA 81 41.61 74.25 39.27
C ILE PA 81 42.05 75.10 40.45
N GLY PA 82 42.49 74.45 41.53
CA GLY PA 82 42.90 75.19 42.72
C GLY PA 82 44.16 76.01 42.50
N ILE PA 83 45.13 75.45 41.75
CA ILE PA 83 46.38 76.16 41.52
C ILE PA 83 46.15 77.44 40.73
N GLY PA 84 45.32 77.38 39.68
CA GLY PA 84 45.11 78.56 38.85
C GLY PA 84 44.18 79.57 39.47
N SER PA 85 43.39 79.18 40.47
CA SER PA 85 42.43 80.05 41.11
C SER PA 85 42.85 80.49 42.51
N ALA PA 86 44.13 80.33 42.86
CA ALA PA 86 44.57 80.64 44.21
C ALA PA 86 44.35 82.10 44.56
N SER PA 87 44.79 83.02 43.69
CA SER PA 87 44.64 84.43 43.97
C SER PA 87 43.18 84.85 43.99
N TYR PA 88 42.38 84.36 43.05
CA TYR PA 88 40.97 84.73 43.00
C TYR PA 88 40.22 84.23 44.24
N LEU PA 89 40.53 83.01 44.68
CA LEU PA 89 39.82 82.45 45.83
C LEU PA 89 40.08 83.23 47.10
N VAL PA 90 41.32 83.71 47.29
CA VAL PA 90 41.65 84.44 48.51
C VAL PA 90 40.85 85.72 48.60
N SER PA 91 40.79 86.49 47.50
CA SER PA 91 40.05 87.75 47.53
C SER PA 91 38.55 87.53 47.53
N LEU PA 92 38.09 86.36 47.07
CA LEU PA 92 36.67 86.06 47.10
C LEU PA 92 36.12 86.05 48.52
N THR PA 93 36.98 85.76 49.50
CA THR PA 93 36.57 85.74 50.91
C THR PA 93 36.77 87.07 51.60
N GLY PA 94 37.23 88.10 50.89
CA GLY PA 94 37.41 89.42 51.45
C GLY PA 94 38.78 89.69 52.05
N VAL PA 95 39.66 88.70 52.09
CA VAL PA 95 41.00 88.89 52.64
C VAL PA 95 41.86 89.65 51.63
N GLY PA 96 42.61 90.62 52.13
CA GLY PA 96 43.53 91.36 51.29
C GLY PA 96 42.87 92.07 50.13
N SER PA 97 42.08 93.09 50.42
CA SER PA 97 41.45 93.90 49.38
C SER PA 97 41.47 95.38 49.76
N ALA QA 28 -54.01 -5.89 -48.29
CA ALA QA 28 -52.85 -5.11 -48.73
C ALA QA 28 -52.38 -5.57 -50.11
N GLY QA 29 -52.96 -6.68 -50.57
CA GLY QA 29 -52.59 -7.21 -51.87
C GLY QA 29 -53.80 -7.59 -52.70
N THR QA 30 -53.64 -8.57 -53.58
CA THR QA 30 -54.71 -9.07 -54.43
C THR QA 30 -54.89 -10.56 -54.21
N ASP QA 31 -56.15 -10.99 -54.16
CA ASP QA 31 -56.48 -12.40 -54.00
C ASP QA 31 -56.40 -13.08 -55.35
N THR QA 32 -55.42 -13.96 -55.53
CA THR QA 32 -55.23 -14.69 -56.78
C THR QA 32 -55.48 -16.18 -56.59
N GLY QA 33 -56.43 -16.52 -55.73
CA GLY QA 33 -56.76 -17.91 -55.51
C GLY QA 33 -57.85 -18.40 -56.44
N GLU QA 34 -58.97 -17.68 -56.48
CA GLU QA 34 -60.06 -18.06 -57.37
C GLU QA 34 -59.70 -17.81 -58.83
N SER QA 35 -59.05 -16.67 -59.11
CA SER QA 35 -58.70 -16.34 -60.49
C SER QA 35 -57.70 -17.34 -61.06
N THR QA 36 -56.69 -17.71 -60.28
CA THR QA 36 -55.69 -18.65 -60.77
C THR QA 36 -56.31 -20.00 -61.09
N ALA QA 37 -57.21 -20.48 -60.23
CA ALA QA 37 -57.88 -21.75 -60.50
C ALA QA 37 -58.76 -21.66 -61.74
N THR QA 38 -59.46 -20.55 -61.91
CA THR QA 38 -60.29 -20.38 -63.10
C THR QA 38 -59.45 -20.30 -64.36
N SER QA 39 -58.31 -19.60 -64.30
CA SER QA 39 -57.45 -19.47 -65.47
C SER QA 39 -56.90 -20.82 -65.89
N ILE QA 40 -56.51 -21.66 -64.93
CA ILE QA 40 -56.00 -22.99 -65.27
C ILE QA 40 -57.09 -23.84 -65.91
N GLN QA 41 -58.32 -23.74 -65.40
CA GLN QA 41 -59.42 -24.50 -65.98
C GLN QA 41 -59.68 -24.07 -67.42
N THR QA 42 -59.65 -22.76 -67.68
CA THR QA 42 -59.91 -22.27 -69.03
C THR QA 42 -58.80 -22.70 -70.00
N TRP QA 43 -57.55 -22.71 -69.53
CA TRP QA 43 -56.45 -23.10 -70.40
C TRP QA 43 -56.57 -24.56 -70.82
N LEU QA 44 -56.91 -25.44 -69.89
CA LEU QA 44 -56.96 -26.87 -70.21
C LEU QA 44 -58.03 -27.15 -71.27
N SER QA 45 -59.17 -26.46 -71.18
CA SER QA 45 -60.26 -26.72 -72.12
C SER QA 45 -59.88 -26.34 -73.55
N THR QA 46 -58.79 -25.59 -73.71
CA THR QA 46 -58.37 -25.21 -75.07
C THR QA 46 -57.86 -26.41 -75.85
N TRP QA 47 -57.08 -27.29 -75.20
CA TRP QA 47 -56.42 -28.37 -75.91
C TRP QA 47 -56.80 -29.77 -75.44
N ILE QA 48 -57.49 -29.92 -74.32
CA ILE QA 48 -58.00 -31.24 -73.93
C ILE QA 48 -58.96 -31.78 -74.98
N PRO QA 49 -59.94 -31.03 -75.48
CA PRO QA 49 -60.82 -31.57 -76.53
C PRO QA 49 -60.09 -32.08 -77.76
N ILE QA 50 -59.02 -31.39 -78.19
CA ILE QA 50 -58.28 -31.87 -79.36
C ILE QA 50 -57.56 -33.17 -79.03
N GLY QA 51 -57.04 -33.29 -77.82
CA GLY QA 51 -56.42 -34.55 -77.41
C GLY QA 51 -57.40 -35.70 -77.37
N CYS QA 52 -58.67 -35.42 -77.03
CA CYS QA 52 -59.67 -36.47 -77.03
C CYS QA 52 -59.92 -37.01 -78.43
N ALA QA 53 -59.94 -36.13 -79.44
CA ALA QA 53 -60.13 -36.58 -80.81
C ALA QA 53 -58.97 -37.44 -81.27
N ILE QA 54 -57.75 -37.12 -80.82
CA ILE QA 54 -56.58 -37.91 -81.21
C ILE QA 54 -56.71 -39.34 -80.67
N ALA QA 55 -57.16 -39.49 -79.43
CA ALA QA 55 -57.28 -40.82 -78.84
C ALA QA 55 -58.29 -41.67 -79.60
N ILE QA 56 -59.41 -41.08 -80.00
CA ILE QA 56 -60.42 -41.82 -80.75
C ILE QA 56 -59.83 -42.34 -82.06
N MET QA 57 -59.09 -41.48 -82.77
CA MET QA 57 -58.49 -41.90 -84.03
C MET QA 57 -57.44 -42.97 -83.83
N VAL QA 58 -56.59 -42.82 -82.81
CA VAL QA 58 -55.52 -43.78 -82.57
C VAL QA 58 -56.09 -45.10 -82.05
N SER QA 59 -57.07 -45.03 -81.15
CA SER QA 59 -57.65 -46.24 -80.60
C SER QA 59 -58.34 -47.07 -81.68
N CYS QA 60 -59.04 -46.41 -82.60
CA CYS QA 60 -59.68 -47.13 -83.70
C CYS QA 60 -58.64 -47.78 -84.60
N PHE QA 61 -57.49 -47.12 -84.80
CA PHE QA 61 -56.42 -47.71 -85.58
C PHE QA 61 -55.88 -48.98 -84.93
N MET QA 62 -55.66 -48.94 -83.61
CA MET QA 62 -55.15 -50.12 -82.91
C MET QA 62 -56.15 -51.26 -82.97
N TRP QA 63 -57.44 -50.96 -82.89
CA TRP QA 63 -58.47 -51.99 -83.00
C TRP QA 63 -58.43 -52.65 -84.37
N MET QA 64 -58.24 -51.86 -85.43
CA MET QA 64 -58.14 -52.42 -86.77
C MET QA 64 -56.99 -53.40 -86.89
N LEU QA 65 -55.91 -53.17 -86.14
CA LEU QA 65 -54.72 -54.01 -86.21
C LEU QA 65 -54.78 -55.21 -85.29
N HIS QA 66 -55.88 -55.39 -84.56
CA HIS QA 66 -56.05 -56.54 -83.67
C HIS QA 66 -55.07 -56.47 -82.50
N VAL QA 67 -54.86 -55.27 -81.97
CA VAL QA 67 -53.94 -55.06 -80.86
C VAL QA 67 -54.69 -54.95 -79.53
N ILE QA 68 -55.87 -54.35 -79.53
CA ILE QA 68 -56.63 -54.16 -78.30
C ILE QA 68 -58.06 -54.66 -78.54
N PRO QA 69 -58.76 -55.02 -77.47
CA PRO QA 69 -60.15 -55.46 -77.62
C PRO QA 69 -61.07 -54.29 -77.92
N ALA QA 70 -62.34 -54.63 -78.18
CA ALA QA 70 -63.33 -53.63 -78.53
C ALA QA 70 -63.99 -53.00 -77.31
N SER QA 71 -63.59 -53.38 -76.10
CA SER QA 71 -64.15 -52.76 -74.91
C SER QA 71 -63.68 -51.34 -74.70
N PHE QA 72 -62.93 -50.75 -75.64
CA PHE QA 72 -62.53 -49.35 -75.52
C PHE QA 72 -63.65 -48.41 -75.94
N ILE QA 73 -64.60 -48.87 -76.76
CA ILE QA 73 -65.67 -47.98 -77.22
C ILE QA 73 -66.50 -47.45 -76.07
N PRO QA 74 -67.01 -48.27 -75.15
CA PRO QA 74 -67.77 -47.71 -74.03
C PRO QA 74 -66.95 -46.78 -73.15
N ARG QA 75 -65.64 -47.02 -73.03
CA ARG QA 75 -64.81 -46.13 -72.23
C ARG QA 75 -64.79 -44.71 -72.78
N ILE QA 76 -64.71 -44.54 -74.09
CA ILE QA 76 -64.63 -43.21 -74.66
C ILE QA 76 -65.91 -42.43 -74.39
N VAL QA 77 -67.07 -43.07 -74.53
CA VAL QA 77 -68.33 -42.38 -74.28
C VAL QA 77 -68.43 -41.97 -72.81
N ILE QA 78 -68.08 -42.88 -71.90
CA ILE QA 78 -68.19 -42.58 -70.47
C ILE QA 78 -67.21 -41.47 -70.07
N SER QA 79 -65.98 -41.51 -70.60
CA SER QA 79 -65.02 -40.46 -70.30
C SER QA 79 -65.49 -39.10 -70.81
N LEU QA 80 -66.09 -39.06 -72.00
CA LEU QA 80 -66.59 -37.80 -72.53
C LEU QA 80 -67.73 -37.25 -71.68
N ILE QA 81 -68.56 -38.14 -71.12
CA ILE QA 81 -69.62 -37.69 -70.21
C ILE QA 81 -69.02 -37.05 -68.97
N GLY QA 82 -67.96 -37.64 -68.43
CA GLY QA 82 -67.35 -37.10 -67.23
C GLY QA 82 -66.66 -35.76 -67.47
N ILE QA 83 -66.00 -35.62 -68.61
CA ILE QA 83 -65.29 -34.37 -68.90
C ILE QA 83 -66.26 -33.21 -69.01
N GLY QA 84 -67.39 -33.40 -69.69
CA GLY QA 84 -68.32 -32.30 -69.88
C GLY QA 84 -69.18 -32.01 -68.66
N SER QA 85 -69.25 -32.95 -67.72
CA SER QA 85 -70.07 -32.81 -66.53
C SER QA 85 -69.24 -32.57 -65.28
N ALA QA 86 -67.98 -32.18 -65.41
CA ALA QA 86 -67.11 -32.04 -64.24
C ALA QA 86 -67.64 -30.98 -63.28
N SER QA 87 -67.96 -29.79 -63.80
CA SER QA 87 -68.44 -28.71 -62.94
C SER QA 87 -69.78 -29.04 -62.32
N TYR QA 88 -70.70 -29.62 -63.10
CA TYR QA 88 -72.02 -29.95 -62.58
C TYR QA 88 -71.94 -31.01 -61.49
N LEU QA 89 -71.07 -32.01 -61.68
CA LEU QA 89 -70.97 -33.09 -60.71
C LEU QA 89 -70.46 -32.60 -59.37
N VAL QA 90 -69.50 -31.67 -59.38
CA VAL QA 90 -68.94 -31.17 -58.12
C VAL QA 90 -70.00 -30.48 -57.29
N SER QA 91 -70.78 -29.59 -57.92
CA SER QA 91 -71.80 -28.86 -57.18
C SER QA 91 -72.98 -29.75 -56.81
N LEU QA 92 -73.17 -30.85 -57.54
CA LEU QA 92 -74.25 -31.77 -57.22
C LEU QA 92 -74.07 -32.38 -55.84
N THR QA 93 -72.84 -32.46 -55.35
CA THR QA 93 -72.54 -32.99 -54.02
C THR QA 93 -72.51 -31.93 -52.95
N GLY QA 94 -72.80 -30.67 -53.29
CA GLY QA 94 -72.84 -29.60 -52.32
C GLY QA 94 -71.53 -28.87 -52.11
N VAL QA 95 -70.45 -29.31 -52.72
CA VAL QA 95 -69.16 -28.66 -52.56
C VAL QA 95 -69.13 -27.37 -53.39
N GLY QA 96 -68.61 -26.30 -52.80
CA GLY QA 96 -68.46 -25.05 -53.50
C GLY QA 96 -69.76 -24.46 -54.02
N SER QA 97 -70.63 -24.04 -53.12
CA SER QA 97 -71.89 -23.40 -53.51
C SER QA 97 -72.20 -22.22 -52.61
N ALA RA 28 -55.70 -6.46 -23.43
CA ALA RA 28 -55.02 -5.25 -23.89
C ALA RA 28 -54.94 -5.22 -25.41
N GLY RA 29 -55.30 -6.33 -26.04
CA GLY RA 29 -55.26 -6.43 -27.47
C GLY RA 29 -56.51 -7.04 -28.05
N THR RA 30 -56.38 -7.70 -29.20
CA THR RA 30 -57.51 -8.35 -29.86
C THR RA 30 -57.17 -9.83 -30.07
N ASP RA 31 -58.17 -10.68 -29.84
CA ASP RA 31 -58.01 -12.12 -30.04
C ASP RA 31 -58.21 -12.43 -31.51
N THR RA 32 -57.15 -12.85 -32.18
CA THR RA 32 -57.19 -13.19 -33.60
C THR RA 32 -56.92 -14.67 -33.82
N GLY RA 33 -57.40 -15.50 -32.90
CA GLY RA 33 -57.24 -16.93 -33.03
C GLY RA 33 -58.39 -17.58 -33.76
N GLU RA 34 -59.62 -17.32 -33.30
CA GLU RA 34 -60.79 -17.87 -33.96
C GLU RA 34 -61.02 -17.22 -35.32
N SER RA 35 -60.85 -15.89 -35.39
CA SER RA 35 -61.09 -15.18 -36.65
C SER RA 35 -60.11 -15.61 -37.73
N THR RA 36 -58.83 -15.76 -37.37
CA THR RA 36 -57.83 -16.16 -38.36
C THR RA 36 -58.12 -17.55 -38.91
N ALA RA 37 -58.51 -18.48 -38.04
CA ALA RA 37 -58.84 -19.82 -38.50
C ALA RA 37 -60.08 -19.79 -39.40
N THR RA 38 -61.09 -19.00 -39.04
CA THR RA 38 -62.28 -18.92 -39.88
C THR RA 38 -61.96 -18.28 -41.23
N SER RA 39 -61.12 -17.24 -41.24
CA SER RA 39 -60.76 -16.57 -42.48
C SER RA 39 -60.05 -17.52 -43.43
N ILE RA 40 -59.13 -18.35 -42.90
CA ILE RA 40 -58.42 -19.30 -43.73
C ILE RA 40 -59.38 -20.34 -44.30
N GLN RA 41 -60.34 -20.80 -43.50
CA GLN RA 41 -61.31 -21.76 -44.00
C GLN RA 41 -62.15 -21.17 -45.13
N THR RA 42 -62.59 -19.91 -44.97
CA THR RA 42 -63.40 -19.28 -46.00
C THR RA 42 -62.61 -19.09 -47.29
N TRP RA 43 -61.33 -18.74 -47.18
CA TRP RA 43 -60.52 -18.52 -48.38
C TRP RA 43 -60.35 -19.81 -49.18
N LEU RA 44 -60.10 -20.92 -48.50
CA LEU RA 44 -59.87 -22.18 -49.22
C LEU RA 44 -61.10 -22.61 -50.00
N SER RA 45 -62.28 -22.41 -49.44
CA SER RA 45 -63.51 -22.84 -50.10
C SER RA 45 -63.76 -22.06 -51.39
N THR RA 46 -63.04 -20.96 -51.60
CA THR RA 46 -63.23 -20.19 -52.83
C THR RA 46 -62.70 -20.94 -54.04
N TRP RA 47 -61.53 -21.58 -53.90
CA TRP RA 47 -60.87 -22.20 -55.05
C TRP RA 47 -60.67 -23.70 -54.96
N ILE RA 48 -60.87 -24.32 -53.79
CA ILE RA 48 -60.83 -25.78 -53.72
C ILE RA 48 -61.89 -26.40 -54.59
N PRO RA 49 -63.15 -25.96 -54.59
CA PRO RA 49 -64.14 -26.56 -55.49
C PRO RA 49 -63.75 -26.51 -56.95
N ILE RA 50 -63.14 -25.42 -57.41
CA ILE RA 50 -62.72 -25.35 -58.82
C ILE RA 50 -61.61 -26.34 -59.09
N GLY RA 51 -60.69 -26.51 -58.14
CA GLY RA 51 -59.65 -27.52 -58.30
C GLY RA 51 -60.20 -28.93 -58.37
N CYS RA 52 -61.30 -29.19 -57.66
CA CYS RA 52 -61.91 -30.51 -57.72
C CYS RA 52 -62.46 -30.81 -59.11
N ALA RA 53 -63.05 -29.81 -59.76
CA ALA RA 53 -63.56 -30.01 -61.12
C ALA RA 53 -62.43 -30.28 -62.10
N ILE RA 54 -61.27 -29.64 -61.89
CA ILE RA 54 -60.13 -29.87 -62.77
C ILE RA 54 -59.67 -31.32 -62.69
N ALA RA 55 -59.61 -31.86 -61.48
CA ALA RA 55 -59.15 -33.24 -61.30
C ALA RA 55 -60.07 -34.23 -62.01
N ILE RA 56 -61.39 -34.01 -61.92
CA ILE RA 56 -62.33 -34.90 -62.59
C ILE RA 56 -62.10 -34.89 -64.09
N MET RA 57 -61.92 -33.71 -64.67
CA MET RA 57 -61.69 -33.60 -66.11
C MET RA 57 -60.36 -34.25 -66.50
N VAL RA 58 -59.30 -34.00 -65.73
CA VAL RA 58 -58.00 -34.55 -66.08
C VAL RA 58 -57.96 -36.06 -65.86
N SER RA 59 -58.56 -36.53 -64.76
CA SER RA 59 -58.57 -37.97 -64.48
C SER RA 59 -59.32 -38.74 -65.55
N CYS RA 60 -60.45 -38.20 -66.03
CA CYS RA 60 -61.18 -38.86 -67.09
C CYS RA 60 -60.37 -38.91 -68.38
N PHE RA 61 -59.59 -37.85 -68.65
CA PHE RA 61 -58.72 -37.84 -69.81
C PHE RA 61 -57.66 -38.94 -69.73
N MET RA 62 -57.02 -39.09 -68.57
CA MET RA 62 -56.01 -40.12 -68.41
C MET RA 62 -56.60 -41.52 -68.56
N TRP RA 63 -57.82 -41.71 -68.06
CA TRP RA 63 -58.50 -43.00 -68.22
C TRP RA 63 -58.74 -43.32 -69.70
N MET RA 64 -59.14 -42.30 -70.48
CA MET RA 64 -59.35 -42.51 -71.91
C MET RA 64 -58.08 -42.96 -72.61
N LEU RA 65 -56.92 -42.53 -72.12
CA LEU RA 65 -55.64 -42.83 -72.73
C LEU RA 65 -55.05 -44.15 -72.23
N HIS RA 66 -55.74 -44.85 -71.33
CA HIS RA 66 -55.27 -46.13 -70.82
C HIS RA 66 -54.02 -45.96 -69.98
N VAL RA 67 -53.98 -44.90 -69.18
CA VAL RA 67 -52.85 -44.61 -68.32
C VAL RA 67 -53.10 -45.03 -66.88
N ILE RA 68 -54.34 -44.92 -66.41
CA ILE RA 68 -54.65 -45.27 -65.02
C ILE RA 68 -55.88 -46.19 -65.03
N PRO RA 69 -56.05 -46.99 -63.99
CA PRO RA 69 -57.23 -47.86 -63.92
C PRO RA 69 -58.49 -47.07 -63.60
N ALA RA 70 -59.61 -47.77 -63.63
CA ALA RA 70 -60.91 -47.16 -63.39
C ALA RA 70 -61.26 -47.05 -61.92
N SER RA 71 -60.39 -47.51 -61.03
CA SER RA 71 -60.66 -47.39 -59.60
C SER RA 71 -60.56 -45.96 -59.10
N PHE RA 72 -60.38 -44.97 -59.98
CA PHE RA 72 -60.38 -43.58 -59.54
C PHE RA 72 -61.78 -43.03 -59.35
N ILE RA 73 -62.78 -43.63 -60.01
CA ILE RA 73 -64.15 -43.10 -59.90
C ILE RA 73 -64.66 -43.16 -58.47
N PRO RA 74 -64.58 -44.28 -57.75
CA PRO RA 74 -65.04 -44.28 -56.35
C PRO RA 74 -64.27 -43.31 -55.46
N ARG RA 75 -62.99 -43.07 -55.76
CA ARG RA 75 -62.22 -42.13 -54.96
C ARG RA 75 -62.78 -40.72 -55.04
N ILE RA 76 -63.20 -40.28 -56.22
CA ILE RA 76 -63.69 -38.91 -56.35
C ILE RA 76 -64.97 -38.72 -55.55
N VAL RA 77 -65.88 -39.69 -55.59
CA VAL RA 77 -67.11 -39.56 -54.82
C VAL RA 77 -66.82 -39.52 -53.33
N ILE RA 78 -65.95 -40.41 -52.85
CA ILE RA 78 -65.65 -40.46 -51.43
C ILE RA 78 -64.94 -39.19 -50.96
N SER RA 79 -64.02 -38.67 -51.78
CA SER RA 79 -63.34 -37.44 -51.42
C SER RA 79 -64.32 -36.26 -51.35
N LEU RA 80 -65.26 -36.19 -52.28
CA LEU RA 80 -66.25 -35.12 -52.26
C LEU RA 80 -67.13 -35.21 -51.02
N ILE RA 81 -67.45 -36.42 -50.57
CA ILE RA 81 -68.22 -36.58 -49.35
C ILE RA 81 -67.44 -36.03 -48.16
N GLY RA 82 -66.14 -36.31 -48.11
CA GLY RA 82 -65.33 -35.83 -46.99
C GLY RA 82 -65.17 -34.32 -46.97
N ILE RA 83 -65.00 -33.71 -48.15
CA ILE RA 83 -64.81 -32.27 -48.21
C ILE RA 83 -66.05 -31.53 -47.72
N GLY RA 84 -67.23 -31.97 -48.12
CA GLY RA 84 -68.45 -31.27 -47.72
C GLY RA 84 -68.88 -31.55 -46.30
N SER RA 85 -68.37 -32.64 -45.70
CA SER RA 85 -68.74 -33.05 -44.36
C SER RA 85 -67.66 -32.78 -43.33
N ALA RA 86 -66.67 -31.95 -43.66
CA ALA RA 86 -65.54 -31.75 -42.77
C ALA RA 86 -65.98 -31.16 -41.43
N SER RA 87 -66.78 -30.09 -41.46
CA SER RA 87 -67.22 -29.46 -40.23
C SER RA 87 -68.13 -30.36 -39.42
N TYR RA 88 -69.05 -31.06 -40.08
CA TYR RA 88 -69.97 -31.94 -39.37
C TYR RA 88 -69.22 -33.09 -38.72
N LEU RA 89 -68.24 -33.65 -39.41
CA LEU RA 89 -67.52 -34.81 -38.87
C LEU RA 89 -66.74 -34.45 -37.61
N VAL RA 90 -66.14 -33.25 -37.58
CA VAL RA 90 -65.35 -32.86 -36.42
C VAL RA 90 -66.23 -32.77 -35.18
N SER RA 91 -67.39 -32.12 -35.29
CA SER RA 91 -68.26 -31.97 -34.13
C SER RA 91 -68.95 -33.28 -33.77
N LEU RA 92 -69.06 -34.20 -34.73
CA LEU RA 92 -69.67 -35.50 -34.45
C LEU RA 92 -68.87 -36.26 -33.39
N THR RA 93 -67.56 -36.00 -33.29
CA THR RA 93 -66.71 -36.65 -32.31
C THR RA 93 -66.62 -35.87 -30.99
N GLY RA 94 -67.34 -34.77 -30.86
CA GLY RA 94 -67.35 -34.00 -29.63
C GLY RA 94 -66.31 -32.91 -29.54
N VAL RA 95 -65.41 -32.80 -30.51
CA VAL RA 95 -64.39 -31.76 -30.48
C VAL RA 95 -64.99 -30.42 -30.86
N GLY RA 96 -64.63 -29.39 -30.12
CA GLY RA 96 -65.09 -28.04 -30.42
C GLY RA 96 -66.59 -27.88 -30.41
N SER RA 97 -67.19 -27.99 -29.23
CA SER RA 97 -68.64 -27.78 -29.08
C SER RA 97 -68.94 -27.00 -27.81
N ALA SA 28 -48.68 -12.64 -0.28
CA ALA SA 28 -48.56 -11.20 -0.49
C ALA SA 28 -49.01 -10.83 -1.90
N GLY SA 29 -49.23 -11.84 -2.74
CA GLY SA 29 -49.65 -11.63 -4.10
C GLY SA 29 -50.80 -12.52 -4.50
N THR SA 30 -50.90 -12.83 -5.78
CA THR SA 30 -51.93 -13.70 -6.31
C THR SA 30 -51.30 -14.88 -7.04
N ASP SA 31 -51.88 -16.06 -6.84
CA ASP SA 31 -51.40 -17.27 -7.49
C ASP SA 31 -51.99 -17.33 -8.90
N THR SA 32 -51.14 -17.19 -9.91
CA THR SA 32 -51.56 -17.22 -11.30
C THR SA 32 -50.98 -18.43 -12.02
N GLY SA 33 -50.87 -19.54 -11.31
CA GLY SA 33 -50.36 -20.76 -11.92
C GLY SA 33 -51.47 -21.62 -12.50
N GLU SA 34 -52.48 -21.92 -11.68
CA GLU SA 34 -53.61 -22.71 -12.17
C GLU SA 34 -54.46 -21.92 -13.15
N SER SA 35 -54.70 -20.63 -12.86
CA SER SA 35 -55.54 -19.82 -13.74
C SER SA 35 -54.90 -19.64 -15.10
N THR SA 36 -53.60 -19.38 -15.14
CA THR SA 36 -52.92 -19.17 -16.42
C THR SA 36 -52.98 -20.44 -17.28
N ALA SA 37 -52.76 -21.60 -16.67
CA ALA SA 37 -52.85 -22.85 -17.42
C ALA SA 37 -54.26 -23.09 -17.93
N THR SA 38 -55.27 -22.80 -17.11
CA THR SA 38 -56.65 -22.98 -17.55
C THR SA 38 -57.00 -22.01 -18.67
N SER SA 39 -56.54 -20.76 -18.58
CA SER SA 39 -56.83 -19.78 -19.61
C SER SA 39 -56.24 -20.18 -20.95
N ILE SA 40 -55.01 -20.72 -20.93
CA ILE SA 40 -54.37 -21.14 -22.18
C ILE SA 40 -55.13 -22.32 -22.78
N GLN SA 41 -55.60 -23.25 -21.95
CA GLN SA 41 -56.38 -24.37 -22.45
C GLN SA 41 -57.67 -23.91 -23.09
N THR SA 42 -58.37 -22.96 -22.46
CA THR SA 42 -59.63 -22.47 -23.02
C THR SA 42 -59.41 -21.75 -24.33
N TRP SA 43 -58.31 -20.99 -24.44
CA TRP SA 43 -58.05 -20.25 -25.68
C TRP SA 43 -57.81 -21.20 -26.85
N LEU SA 44 -57.04 -22.26 -26.64
CA LEU SA 44 -56.72 -23.17 -27.73
C LEU SA 44 -57.97 -23.85 -28.28
N SER SA 45 -58.91 -24.21 -27.39
CA SER SA 45 -60.11 -24.90 -27.84
C SER SA 45 -60.98 -24.02 -28.72
N THR SA 46 -60.73 -22.71 -28.75
CA THR SA 46 -61.51 -21.83 -29.60
C THR SA 46 -61.23 -22.07 -31.08
N TRP SA 47 -59.97 -22.27 -31.44
CA TRP SA 47 -59.59 -22.36 -32.85
C TRP SA 47 -58.96 -23.67 -33.26
N ILE SA 48 -58.57 -24.54 -32.32
CA ILE SA 48 -58.09 -25.87 -32.72
C ILE SA 48 -59.17 -26.65 -33.46
N PRO SA 49 -60.42 -26.70 -33.00
CA PRO SA 49 -61.44 -27.43 -33.76
C PRO SA 49 -61.61 -26.93 -35.20
N ILE SA 50 -61.53 -25.62 -35.44
CA ILE SA 50 -61.64 -25.12 -36.81
C ILE SA 50 -60.45 -25.57 -37.64
N GLY SA 51 -59.26 -25.59 -37.05
CA GLY SA 51 -58.10 -26.09 -37.76
C GLY SA 51 -58.22 -27.56 -38.12
N CYS SA 52 -58.89 -28.34 -37.28
CA CYS SA 52 -59.09 -29.75 -37.58
C CYS SA 52 -59.98 -29.93 -38.81
N ALA SA 53 -61.01 -29.11 -38.96
CA ALA SA 53 -61.87 -29.20 -40.13
C ALA SA 53 -61.10 -28.83 -41.40
N ILE SA 54 -60.18 -27.88 -41.31
CA ILE SA 54 -59.39 -27.49 -42.47
C ILE SA 54 -58.54 -28.66 -42.95
N ALA SA 55 -57.92 -29.39 -42.02
CA ALA SA 55 -57.06 -30.50 -42.40
C ALA SA 55 -57.85 -31.60 -43.12
N ILE SA 56 -59.07 -31.89 -42.64
CA ILE SA 56 -59.88 -32.91 -43.29
C ILE SA 56 -60.19 -32.51 -44.73
N MET SA 57 -60.56 -31.24 -44.94
CA MET SA 57 -60.86 -30.77 -46.28
C MET SA 57 -59.62 -30.80 -47.18
N VAL SA 58 -58.48 -30.35 -46.67
CA VAL SA 58 -57.27 -30.31 -47.47
C VAL SA 58 -56.74 -31.71 -47.74
N SER SA 59 -56.78 -32.59 -46.72
CA SER SA 59 -56.28 -33.94 -46.91
C SER SA 59 -57.11 -34.70 -47.94
N CYS SA 60 -58.42 -34.52 -47.93
CA CYS SA 60 -59.26 -35.17 -48.93
C CYS SA 60 -58.96 -34.65 -50.33
N PHE SA 61 -58.64 -33.36 -50.44
CA PHE SA 61 -58.26 -32.80 -51.73
C PHE SA 61 -56.97 -33.43 -52.25
N MET SA 62 -55.96 -33.57 -51.39
CA MET SA 62 -54.71 -34.18 -51.81
C MET SA 62 -54.90 -35.63 -52.23
N TRP SA 63 -55.77 -36.35 -51.52
CA TRP SA 63 -56.07 -37.73 -51.90
C TRP SA 63 -56.70 -37.81 -53.29
N MET SA 64 -57.61 -36.87 -53.60
CA MET SA 64 -58.22 -36.85 -54.93
C MET SA 64 -57.18 -36.65 -56.02
N LEU SA 65 -56.10 -35.94 -55.72
CA LEU SA 65 -55.06 -35.63 -56.70
C LEU SA 65 -54.01 -36.72 -56.80
N HIS SA 66 -54.13 -37.78 -56.01
CA HIS SA 66 -53.18 -38.89 -56.05
C HIS SA 66 -51.81 -38.46 -55.53
N VAL SA 67 -51.81 -37.64 -54.48
CA VAL SA 67 -50.58 -37.14 -53.89
C VAL SA 67 -50.20 -37.92 -52.64
N ILE SA 68 -51.17 -38.36 -51.85
CA ILE SA 68 -50.90 -39.07 -50.61
C ILE SA 68 -51.74 -40.34 -50.60
N PRO SA 69 -51.33 -41.35 -49.85
CA PRO SA 69 -52.11 -42.59 -49.74
C PRO SA 69 -53.36 -42.38 -48.90
N ALA SA 70 -54.18 -43.42 -48.86
CA ALA SA 70 -55.45 -43.37 -48.13
C ALA SA 70 -55.29 -43.70 -46.66
N SER SA 71 -54.09 -44.00 -46.19
CA SER SA 71 -53.87 -44.28 -44.78
C SER SA 71 -54.02 -43.04 -43.91
N PHE SA 72 -54.43 -41.90 -44.45
CA PHE SA 72 -54.66 -40.72 -43.63
C PHE SA 72 -56.02 -40.76 -42.94
N ILE SA 73 -56.98 -41.53 -43.48
CA ILE SA 73 -58.31 -41.57 -42.88
C ILE SA 73 -58.27 -42.09 -41.45
N PRO SA 74 -57.64 -43.23 -41.15
CA PRO SA 74 -57.59 -43.68 -39.74
C PRO SA 74 -56.86 -42.70 -38.83
N ARG SA 75 -55.88 -41.96 -39.35
CA ARG SA 75 -55.17 -40.99 -38.52
C ARG SA 75 -56.11 -39.90 -38.01
N ILE SA 76 -57.00 -39.41 -38.86
CA ILE SA 76 -57.88 -38.32 -38.45
C ILE SA 76 -58.81 -38.76 -37.33
N VAL SA 77 -59.37 -39.97 -37.43
CA VAL SA 77 -60.26 -40.46 -36.38
C VAL SA 77 -59.51 -40.62 -35.07
N ILE SA 78 -58.30 -41.20 -35.12
CA ILE SA 78 -57.54 -41.44 -33.90
C ILE SA 78 -57.11 -40.13 -33.27
N SER SA 79 -56.69 -39.15 -34.08
CA SER SA 79 -56.31 -37.86 -33.55
C SER SA 79 -57.50 -37.15 -32.89
N LEU SA 80 -58.68 -37.25 -33.49
CA LEU SA 80 -59.86 -36.62 -32.89
C LEU SA 80 -60.21 -37.28 -31.56
N ILE SA 81 -60.00 -38.58 -31.44
CA ILE SA 81 -60.23 -39.27 -30.16
C ILE SA 81 -59.28 -38.72 -29.10
N GLY SA 82 -58.02 -38.52 -29.46
CA GLY SA 82 -57.05 -38.02 -28.49
C GLY SA 82 -57.33 -36.59 -28.06
N ILE SA 83 -57.74 -35.74 -28.99
CA ILE SA 83 -58.00 -34.34 -28.66
C ILE SA 83 -59.15 -34.21 -27.66
N GLY SA 84 -60.23 -34.96 -27.87
CA GLY SA 84 -61.38 -34.84 -26.99
C GLY SA 84 -61.21 -35.56 -25.66
N SER SA 85 -60.24 -36.47 -25.58
CA SER SA 85 -60.02 -37.25 -24.37
C SER SA 85 -58.76 -36.83 -23.62
N ALA SA 86 -58.22 -35.65 -23.92
CA ALA SA 86 -56.95 -35.24 -23.30
C ALA SA 86 -57.07 -35.15 -21.79
N SER SA 87 -58.10 -34.45 -21.29
CA SER SA 87 -58.25 -34.28 -19.85
C SER SA 87 -58.54 -35.61 -19.16
N TYR SA 88 -59.40 -36.44 -19.77
CA TYR SA 88 -59.74 -37.71 -19.15
C TYR SA 88 -58.53 -38.63 -19.08
N LEU SA 89 -57.72 -38.64 -20.14
CA LEU SA 89 -56.56 -39.54 -20.17
C LEU SA 89 -55.54 -39.19 -19.10
N VAL SA 90 -55.34 -37.89 -18.86
CA VAL SA 90 -54.34 -37.49 -17.87
C VAL SA 90 -54.73 -37.97 -16.48
N SER SA 91 -56.00 -37.78 -16.10
CA SER SA 91 -56.43 -38.20 -14.76
C SER SA 91 -56.56 -39.72 -14.66
N LEU SA 92 -56.72 -40.39 -15.80
CA LEU SA 92 -56.80 -41.85 -15.79
C LEU SA 92 -55.52 -42.47 -15.25
N THR SA 93 -54.39 -41.78 -15.40
CA THR SA 93 -53.11 -42.26 -14.90
C THR SA 93 -52.79 -41.80 -13.49
N GLY SA 94 -53.71 -41.08 -12.84
CA GLY SA 94 -53.52 -40.63 -11.48
C GLY SA 94 -52.86 -39.29 -11.32
N VAL SA 95 -52.42 -38.66 -12.40
CA VAL SA 95 -51.77 -37.35 -12.32
C VAL SA 95 -52.83 -36.28 -12.10
N GLY SA 96 -52.54 -35.36 -11.19
CA GLY SA 96 -53.42 -34.24 -10.95
C GLY SA 96 -54.82 -34.63 -10.51
N SER SA 97 -54.93 -35.19 -9.31
CA SER SA 97 -56.22 -35.55 -8.75
C SER SA 97 -56.29 -35.21 -7.26
N ALA TA 28 -32.84 -20.48 17.38
CA ALA TA 28 -33.21 -19.08 17.59
C ALA TA 28 -34.19 -18.62 16.53
N GLY TA 29 -34.38 -19.46 15.51
CA GLY TA 29 -35.28 -19.12 14.43
C GLY TA 29 -36.20 -20.28 14.07
N THR TA 30 -36.63 -20.32 12.81
CA THR TA 30 -37.51 -21.38 12.32
C THR TA 30 -36.84 -22.08 11.14
N ASP TA 31 -36.97 -23.41 11.10
CA ASP TA 31 -36.42 -24.20 10.01
C ASP TA 31 -37.40 -24.17 8.85
N THR TA 32 -37.02 -23.53 7.75
CA THR TA 32 -37.85 -23.42 6.57
C THR TA 32 -37.24 -24.17 5.39
N GLY TA 33 -36.58 -25.29 5.68
CA GLY TA 33 -36.00 -26.10 4.63
C GLY TA 33 -36.93 -27.15 4.11
N GLU TA 34 -37.50 -27.96 5.01
CA GLU TA 34 -38.45 -28.99 4.60
C GLU TA 34 -39.76 -28.37 4.15
N SER TA 35 -40.25 -27.35 4.87
CA SER TA 35 -41.52 -26.73 4.52
C SER TA 35 -41.46 -26.05 3.16
N THR TA 36 -40.37 -25.33 2.88
CA THR TA 36 -40.25 -24.65 1.60
C THR TA 36 -40.24 -25.64 0.44
N ALA TA 37 -39.52 -26.75 0.59
CA ALA TA 37 -39.49 -27.76 -0.46
C ALA TA 37 -40.87 -28.39 -0.65
N THR TA 38 -41.58 -28.66 0.45
CA THR TA 38 -42.92 -29.22 0.33
C THR TA 38 -43.88 -28.23 -0.32
N SER TA 39 -43.78 -26.96 0.04
CA SER TA 39 -44.67 -25.95 -0.54
C SER TA 39 -44.47 -25.83 -2.05
N ILE TA 40 -43.21 -25.87 -2.50
CA ILE TA 40 -42.94 -25.79 -3.92
C ILE TA 40 -43.49 -27.01 -4.66
N GLN TA 41 -43.38 -28.19 -4.05
CA GLN TA 41 -43.93 -29.39 -4.67
C GLN TA 41 -45.44 -29.30 -4.79
N THR TA 42 -46.11 -28.82 -3.75
CA THR TA 42 -47.57 -28.71 -3.80
C THR TA 42 -48.02 -27.70 -4.85
N TRP TA 43 -47.29 -26.60 -4.99
CA TRP TA 43 -47.67 -25.58 -5.96
C TRP TA 43 -47.59 -26.11 -7.39
N LEU TA 44 -46.52 -26.85 -7.71
CA LEU TA 44 -46.35 -27.34 -9.07
C LEU TA 44 -47.47 -28.29 -9.47
N SER TA 45 -47.91 -29.14 -8.54
CA SER TA 45 -48.95 -30.11 -8.85
C SER TA 45 -50.28 -29.45 -9.18
N THR TA 46 -50.41 -28.16 -8.87
CA THR TA 46 -51.66 -27.46 -9.19
C THR TA 46 -51.84 -27.28 -10.69
N TRP TA 47 -50.77 -26.93 -11.40
CA TRP TA 47 -50.87 -26.58 -12.81
C TRP TA 47 -50.08 -27.47 -13.76
N ILE TA 48 -49.17 -28.31 -13.26
CA ILE TA 48 -48.50 -29.27 -14.14
C ILE TA 48 -49.50 -30.21 -14.79
N PRO TA 49 -50.45 -30.80 -14.07
CA PRO TA 49 -51.43 -31.67 -14.74
C PRO TA 49 -52.20 -30.99 -15.87
N ILE TA 50 -52.57 -29.73 -15.71
CA ILE TA 50 -53.27 -29.03 -16.78
C ILE TA 50 -52.36 -28.84 -17.99
N GLY TA 51 -51.08 -28.54 -17.74
CA GLY TA 51 -50.14 -28.44 -18.83
C GLY TA 51 -49.95 -29.74 -19.59
N CYS TA 52 -50.05 -30.88 -18.89
CA CYS TA 52 -49.95 -32.17 -19.55
C CYS TA 52 -51.10 -32.40 -20.51
N ALA TA 53 -52.31 -31.98 -20.14
CA ALA TA 53 -53.45 -32.14 -21.03
C ALA TA 53 -53.29 -31.26 -22.27
N ILE TA 54 -52.69 -30.08 -22.13
CA ILE TA 54 -52.48 -29.22 -23.28
C ILE TA 54 -51.55 -29.87 -24.28
N ALA TA 55 -50.48 -30.50 -23.80
CA ALA TA 55 -49.52 -31.13 -24.71
C ALA TA 55 -50.17 -32.26 -25.50
N ILE TA 56 -51.02 -33.05 -24.86
CA ILE TA 56 -51.69 -34.15 -25.56
C ILE TA 56 -52.56 -33.60 -26.68
N MET TA 57 -53.31 -32.54 -26.40
CA MET TA 57 -54.18 -31.94 -27.42
C MET TA 57 -53.35 -31.35 -28.55
N VAL TA 58 -52.27 -30.63 -28.23
CA VAL TA 58 -51.47 -29.99 -29.27
C VAL TA 58 -50.70 -31.02 -30.06
N SER TA 59 -50.14 -32.04 -29.39
CA SER TA 59 -49.38 -33.06 -30.10
C SER TA 59 -50.25 -33.82 -31.08
N CYS TA 60 -51.47 -34.14 -30.68
CA CYS TA 60 -52.39 -34.84 -31.58
C CYS TA 60 -52.73 -33.97 -32.79
N PHE TA 61 -52.85 -32.66 -32.58
CA PHE TA 61 -53.09 -31.73 -33.70
C PHE TA 61 -51.94 -31.74 -34.68
N MET TA 62 -50.69 -31.69 -34.18
CA MET TA 62 -49.53 -31.70 -35.07
C MET TA 62 -49.45 -33.00 -35.85
N TRP TA 63 -49.80 -34.12 -35.20
CA TRP TA 63 -49.80 -35.42 -35.89
C TRP TA 63 -50.82 -35.42 -37.04
N MET TA 64 -51.99 -34.83 -36.81
CA MET TA 64 -53.00 -34.75 -37.87
C MET TA 64 -52.49 -33.98 -39.08
N LEU TA 65 -51.62 -33.01 -38.85
CA LEU TA 65 -51.10 -32.15 -39.92
C LEU TA 65 -49.88 -32.74 -40.59
N HIS TA 66 -49.43 -33.92 -40.17
CA HIS TA 66 -48.27 -34.58 -40.78
C HIS TA 66 -46.98 -33.79 -40.51
N VAL TA 67 -46.86 -33.27 -39.30
CA VAL TA 67 -45.70 -32.49 -38.91
C VAL TA 67 -44.72 -33.31 -38.09
N ILE TA 68 -45.21 -34.23 -37.26
CA ILE TA 68 -44.34 -35.03 -36.41
C ILE TA 68 -44.75 -36.50 -36.57
N PRO TA 69 -43.83 -37.42 -36.28
CA PRO TA 69 -44.16 -38.84 -36.37
C PRO TA 69 -45.05 -39.28 -35.23
N ALA TA 70 -45.50 -40.53 -35.30
CA ALA TA 70 -46.39 -41.09 -34.31
C ALA TA 70 -45.67 -41.64 -33.09
N SER TA 71 -44.34 -41.56 -33.05
CA SER TA 71 -43.60 -42.03 -31.89
C SER TA 71 -43.79 -41.14 -30.67
N PHE TA 72 -44.66 -40.13 -30.73
CA PHE TA 72 -44.92 -39.31 -29.55
C PHE TA 72 -45.90 -39.98 -28.60
N ILE TA 73 -46.72 -40.92 -29.08
CA ILE TA 73 -47.71 -41.56 -28.22
C ILE TA 73 -47.05 -42.31 -27.07
N PRO TA 74 -46.06 -43.19 -27.30
CA PRO TA 74 -45.42 -43.86 -26.16
C PRO TA 74 -44.73 -42.90 -25.20
N ARG TA 75 -44.23 -41.76 -25.69
CA ARG TA 75 -43.59 -40.79 -24.81
C ARG TA 75 -44.57 -40.24 -23.78
N ILE TA 76 -45.79 -39.94 -24.18
CA ILE TA 76 -46.75 -39.34 -23.26
C ILE TA 76 -47.08 -40.31 -22.13
N VAL TA 77 -47.28 -41.59 -22.45
CA VAL TA 77 -47.59 -42.57 -21.42
C VAL TA 77 -46.42 -42.72 -20.45
N ILE TA 78 -45.20 -42.81 -20.97
CA ILE TA 78 -44.04 -43.00 -20.11
C ILE TA 78 -43.81 -41.77 -19.24
N SER TA 79 -43.98 -40.57 -19.80
CA SER TA 79 -43.81 -39.36 -19.00
C SER TA 79 -44.85 -39.28 -17.88
N LEU TA 80 -46.10 -39.68 -18.17
CA LEU TA 80 -47.13 -39.65 -17.14
C LEU TA 80 -46.82 -40.65 -16.03
N ILE TA 81 -46.22 -41.78 -16.37
CA ILE TA 81 -45.81 -42.75 -15.35
C ILE TA 81 -44.75 -42.14 -14.43
N GLY TA 82 -43.79 -41.41 -15.02
CA GLY TA 82 -42.74 -40.82 -14.22
C GLY TA 82 -43.24 -39.71 -13.32
N ILE TA 83 -44.16 -38.89 -13.81
CA ILE TA 83 -44.68 -37.78 -13.01
C ILE TA 83 -45.41 -38.28 -11.78
N GLY TA 84 -46.24 -39.30 -11.93
CA GLY TA 84 -47.02 -39.80 -10.80
C GLY TA 84 -46.22 -40.65 -9.84
N SER TA 85 -45.07 -41.16 -10.27
CA SER TA 85 -44.24 -42.03 -9.46
C SER TA 85 -42.98 -41.34 -8.95
N ALA TA 86 -42.91 -40.01 -9.00
CA ALA TA 86 -41.69 -39.31 -8.63
C ALA TA 86 -41.31 -39.58 -7.17
N SER TA 87 -42.26 -39.41 -6.26
CA SER TA 87 -41.97 -39.61 -4.84
C SER TA 87 -41.63 -41.07 -4.53
N TYR TA 88 -42.37 -42.01 -5.12
CA TYR TA 88 -42.11 -43.42 -4.87
C TYR TA 88 -40.74 -43.84 -5.39
N LEU TA 89 -40.36 -43.34 -6.56
CA LEU TA 89 -39.09 -43.73 -7.16
C LEU TA 89 -37.91 -43.26 -6.31
N VAL TA 90 -37.99 -42.06 -5.74
CA VAL TA 90 -36.88 -41.53 -4.95
C VAL TA 90 -36.63 -42.40 -3.74
N SER TA 91 -37.69 -42.76 -3.01
CA SER TA 91 -37.52 -43.56 -1.81
C SER TA 91 -37.17 -45.01 -2.15
N LEU TA 92 -37.51 -45.46 -3.35
CA LEU TA 92 -37.18 -46.81 -3.76
C LEU TA 92 -35.67 -47.03 -3.79
N THR TA 93 -34.90 -45.97 -3.98
CA THR TA 93 -33.45 -46.04 -4.00
C THR TA 93 -32.82 -45.80 -2.63
N GLY TA 94 -33.63 -45.60 -1.59
CA GLY TA 94 -33.12 -45.41 -0.26
C GLY TA 94 -32.85 -43.97 0.14
N VAL TA 95 -32.99 -43.03 -0.78
CA VAL TA 95 -32.74 -41.63 -0.46
C VAL TA 95 -33.93 -41.07 0.33
N GLY TA 96 -33.61 -40.31 1.37
CA GLY TA 96 -34.65 -39.66 2.16
C GLY TA 96 -35.64 -40.61 2.79
N SER TA 97 -35.18 -41.41 3.75
CA SER TA 97 -36.06 -42.31 4.48
C SER TA 97 -35.72 -42.33 5.97
N ALA UA 28 -10.47 -25.45 27.28
CA ALA UA 28 -11.14 -24.36 27.99
C ALA UA 28 -12.51 -24.07 27.39
N GLY UA 29 -12.78 -24.68 26.25
CA GLY UA 29 -14.05 -24.49 25.58
C GLY UA 29 -14.67 -25.80 25.13
N THR UA 30 -15.47 -25.75 24.07
CA THR UA 30 -16.11 -26.93 23.51
C THR UA 30 -15.73 -27.08 22.05
N ASP UA 31 -15.48 -28.32 21.63
CA ASP UA 31 -15.13 -28.62 20.25
C ASP UA 31 -16.41 -28.72 19.45
N THR UA 32 -16.62 -27.77 18.54
CA THR UA 32 -17.80 -27.74 17.69
C THR UA 32 -17.43 -27.95 16.23
N GLY UA 33 -16.43 -28.80 15.98
CA GLY UA 33 -16.03 -29.10 14.62
C GLY UA 33 -16.76 -30.30 14.06
N GLU UA 34 -16.72 -31.42 14.80
CA GLU UA 34 -17.43 -32.61 14.34
C GLU UA 34 -18.94 -32.44 14.44
N SER UA 35 -19.41 -31.83 15.53
CA SER UA 35 -20.85 -31.66 15.71
C SER UA 35 -21.44 -30.74 14.65
N THR UA 36 -20.76 -29.63 14.35
CA THR UA 36 -21.28 -28.71 13.35
C THR UA 36 -21.38 -29.37 11.98
N ALA UA 37 -20.37 -30.15 11.60
CA ALA UA 37 -20.41 -30.85 10.31
C ALA UA 37 -21.54 -31.87 10.29
N THR UA 38 -21.74 -32.60 11.40
CA THR UA 38 -22.81 -33.58 11.45
C THR UA 38 -24.18 -32.89 11.39
N SER UA 39 -24.32 -31.77 12.09
CA SER UA 39 -25.60 -31.06 12.08
C SER UA 39 -25.96 -30.57 10.69
N ILE UA 40 -24.98 -30.07 9.94
CA ILE UA 40 -25.24 -29.60 8.59
C ILE UA 40 -25.63 -30.75 7.68
N GLN UA 41 -24.99 -31.91 7.85
CA GLN UA 41 -25.36 -33.08 7.06
C GLN UA 41 -26.79 -33.52 7.34
N THR UA 42 -27.18 -33.54 8.62
CA THR UA 42 -28.53 -33.95 8.98
C THR UA 42 -29.57 -32.98 8.43
N TRP UA 43 -29.27 -31.68 8.45
CA TRP UA 43 -30.23 -30.70 7.96
C TRP UA 43 -30.49 -30.87 6.47
N LEU UA 44 -29.43 -31.09 5.68
CA LEU UA 44 -29.59 -31.19 4.24
C LEU UA 44 -30.47 -32.37 3.87
N SER UA 45 -30.32 -33.50 4.57
CA SER UA 45 -31.07 -34.70 4.24
C SER UA 45 -32.57 -34.51 4.48
N THR UA 46 -32.95 -33.44 5.18
CA THR UA 46 -34.37 -33.20 5.41
C THR UA 46 -35.10 -32.79 4.13
N TRP UA 47 -34.47 -31.94 3.32
CA TRP UA 47 -35.14 -31.37 2.17
C TRP UA 47 -34.49 -31.70 0.83
N ILE UA 48 -33.27 -32.24 0.80
CA ILE UA 48 -32.70 -32.69 -0.47
C ILE UA 48 -33.55 -33.77 -1.11
N PRO UA 49 -33.99 -34.81 -0.39
CA PRO UA 49 -34.86 -35.82 -1.02
C PRO UA 49 -36.12 -35.25 -1.66
N ILE UA 50 -36.75 -34.26 -1.04
CA ILE UA 50 -37.94 -33.66 -1.63
C ILE UA 50 -37.58 -32.92 -2.91
N GLY UA 51 -36.44 -32.24 -2.91
CA GLY UA 51 -35.99 -31.58 -4.13
C GLY UA 51 -35.70 -32.54 -5.26
N CYS UA 52 -35.24 -33.75 -4.94
CA CYS UA 52 -35.00 -34.75 -5.97
C CYS UA 52 -36.30 -35.18 -6.63
N ALA UA 53 -37.38 -35.31 -5.86
CA ALA UA 53 -38.66 -35.69 -6.44
C ALA UA 53 -39.19 -34.59 -7.36
N ILE UA 54 -38.93 -33.33 -7.02
CA ILE UA 54 -39.37 -32.22 -7.87
C ILE UA 54 -38.69 -32.28 -9.22
N ALA UA 55 -37.39 -32.57 -9.24
CA ALA UA 55 -36.66 -32.61 -10.50
C ALA UA 55 -37.19 -33.71 -11.41
N ILE UA 56 -37.51 -34.88 -10.85
CA ILE UA 56 -38.04 -35.97 -11.66
C ILE UA 56 -39.35 -35.55 -12.30
N MET UA 57 -40.23 -34.91 -11.54
CA MET UA 57 -41.52 -34.48 -12.08
C MET UA 57 -41.33 -33.40 -13.14
N VAL UA 58 -40.46 -32.43 -12.89
CA VAL UA 58 -40.26 -31.34 -13.85
C VAL UA 58 -39.54 -31.84 -15.09
N SER UA 59 -38.53 -32.70 -14.92
CA SER UA 59 -37.79 -33.21 -16.07
C SER UA 59 -38.70 -34.03 -16.99
N CYS UA 60 -39.58 -34.84 -16.41
CA CYS UA 60 -40.51 -35.61 -17.23
C CYS UA 60 -41.46 -34.70 -17.98
N PHE UA 61 -41.87 -33.59 -17.37
CA PHE UA 61 -42.72 -32.62 -18.05
C PHE UA 61 -42.01 -32.00 -19.25
N MET UA 62 -40.75 -31.62 -19.08
CA MET UA 62 -40.00 -31.02 -20.19
C MET UA 62 -39.82 -32.02 -21.33
N TRP UA 63 -39.60 -33.29 -20.99
CA TRP UA 63 -39.47 -34.32 -22.02
C TRP UA 63 -40.77 -34.46 -22.81
N MET UA 64 -41.91 -34.40 -22.14
CA MET UA 64 -43.20 -34.48 -22.83
C MET UA 64 -43.36 -33.35 -23.83
N LEU UA 65 -42.78 -32.18 -23.55
CA LEU UA 65 -42.91 -31.01 -24.40
C LEU UA 65 -41.87 -30.96 -25.51
N HIS UA 66 -41.00 -31.96 -25.59
CA HIS UA 66 -39.98 -32.01 -26.63
C HIS UA 66 -38.96 -30.89 -26.47
N VAL UA 67 -38.58 -30.61 -25.22
CA VAL UA 67 -37.62 -29.56 -24.92
C VAL UA 67 -36.24 -30.12 -24.66
N ILE UA 68 -36.14 -31.31 -24.06
CA ILE UA 68 -34.84 -31.90 -23.73
C ILE UA 68 -34.85 -33.34 -24.22
N PRO UA 69 -33.67 -33.91 -24.47
CA PRO UA 69 -33.60 -35.30 -24.91
C PRO UA 69 -33.89 -36.26 -23.76
N ALA UA 70 -33.96 -37.54 -24.10
CA ALA UA 70 -34.27 -38.58 -23.14
C ALA UA 70 -33.05 -39.06 -22.37
N SER UA 71 -31.88 -38.53 -22.64
CA SER UA 71 -30.69 -38.91 -21.90
C SER UA 71 -30.69 -38.42 -20.46
N PHE UA 72 -31.78 -37.81 -19.98
CA PHE UA 72 -31.85 -37.40 -18.59
C PHE UA 72 -32.21 -38.56 -17.67
N ILE UA 73 -32.85 -39.60 -18.20
CA ILE UA 73 -33.27 -40.72 -17.35
C ILE UA 73 -32.08 -41.40 -16.69
N PRO UA 74 -31.03 -41.79 -17.42
CA PRO UA 74 -29.87 -42.40 -16.73
C PRO UA 74 -29.20 -41.48 -15.73
N ARG UA 75 -29.23 -40.16 -15.96
CA ARG UA 75 -28.63 -39.23 -15.02
C ARG UA 75 -29.32 -39.28 -13.66
N ILE UA 76 -30.64 -39.37 -13.64
CA ILE UA 76 -31.35 -39.36 -12.36
C ILE UA 76 -31.01 -40.60 -11.53
N VAL UA 77 -30.93 -41.77 -12.18
CA VAL UA 77 -30.59 -42.98 -11.45
C VAL UA 77 -29.17 -42.89 -10.89
N ILE UA 78 -28.22 -42.43 -11.71
CA ILE UA 78 -26.83 -42.36 -11.26
C ILE UA 78 -26.67 -41.33 -10.13
N SER UA 79 -27.35 -40.19 -10.24
CA SER UA 79 -27.28 -39.20 -9.18
C SER UA 79 -27.87 -39.72 -7.88
N LEU UA 80 -28.97 -40.47 -7.95
CA LEU UA 80 -29.55 -41.04 -6.74
C LEU UA 80 -28.62 -42.06 -6.09
N ILE UA 81 -27.88 -42.81 -6.91
CA ILE UA 81 -26.89 -43.74 -6.37
C ILE UA 81 -25.81 -42.98 -5.59
N GLY UA 82 -25.34 -41.86 -6.16
CA GLY UA 82 -24.30 -41.10 -5.50
C GLY UA 82 -24.75 -40.45 -4.20
N ILE UA 83 -25.98 -39.94 -4.18
CA ILE UA 83 -26.48 -39.27 -2.98
C ILE UA 83 -26.59 -40.25 -1.82
N GLY UA 84 -27.09 -41.46 -2.06
CA GLY UA 84 -27.28 -42.41 -0.98
C GLY UA 84 -25.99 -43.10 -0.55
N SER UA 85 -24.96 -43.05 -1.40
CA SER UA 85 -23.69 -43.72 -1.12
C SER UA 85 -22.58 -42.74 -0.76
N ALA UA 86 -22.91 -41.50 -0.41
CA ALA UA 86 -21.89 -40.49 -0.17
C ALA UA 86 -20.99 -40.89 0.99
N SER UA 87 -21.58 -41.27 2.12
CA SER UA 87 -20.78 -41.64 3.29
C SER UA 87 -19.96 -42.89 3.05
N TYR UA 88 -20.55 -43.89 2.40
CA TYR UA 88 -19.84 -45.14 2.14
C TYR UA 88 -18.67 -44.92 1.20
N LEU UA 89 -18.87 -44.09 0.17
CA LEU UA 89 -17.82 -43.86 -0.81
C LEU UA 89 -16.60 -43.18 -0.19
N VAL UA 90 -16.83 -42.24 0.72
CA VAL UA 90 -15.71 -41.52 1.33
C VAL UA 90 -14.82 -42.46 2.13
N SER UA 91 -15.43 -43.31 2.95
CA SER UA 91 -14.65 -44.24 3.77
C SER UA 91 -14.05 -45.35 2.93
N LEU UA 92 -14.63 -45.64 1.77
CA LEU UA 92 -14.09 -46.67 0.89
C LEU UA 92 -12.68 -46.32 0.43
N THR UA 93 -12.35 -45.04 0.38
CA THR UA 93 -11.03 -44.57 -0.02
C THR UA 93 -10.07 -44.40 1.15
N GLY UA 94 -10.50 -44.73 2.37
CA GLY UA 94 -9.66 -44.64 3.53
C GLY UA 94 -9.68 -43.31 4.27
N VAL UA 95 -10.38 -42.32 3.75
CA VAL UA 95 -10.45 -41.02 4.41
C VAL UA 95 -11.40 -41.09 5.59
N GLY UA 96 -10.98 -40.51 6.71
CA GLY UA 96 -11.83 -40.45 7.88
C GLY UA 96 -12.24 -41.80 8.43
N SER UA 97 -11.28 -42.56 8.95
CA SER UA 97 -11.57 -43.86 9.56
C SER UA 97 -10.76 -44.05 10.84
N ALA VA 28 14.35 -23.99 29.31
CA ALA VA 28 13.69 -23.38 30.45
C ALA VA 28 12.18 -23.49 30.34
N GLY VA 29 11.72 -23.92 29.16
CA GLY VA 29 10.30 -24.07 28.92
C GLY VA 29 9.96 -25.39 28.26
N THR VA 30 8.86 -25.41 27.50
CA THR VA 30 8.43 -26.60 26.80
C THR VA 30 8.32 -26.30 25.31
N ASP VA 31 8.76 -27.26 24.50
CA ASP VA 31 8.70 -27.13 23.04
C ASP VA 31 7.29 -27.51 22.58
N THR VA 32 6.54 -26.53 22.08
CA THR VA 32 5.18 -26.76 21.61
C THR VA 32 5.08 -26.52 20.11
N GLY VA 33 6.13 -26.88 19.38
CA GLY VA 33 6.13 -26.73 17.94
C GLY VA 33 5.62 -27.97 17.24
N GLU VA 34 6.20 -29.12 17.56
CA GLU VA 34 5.75 -30.37 16.95
C GLU VA 34 4.38 -30.78 17.47
N SER VA 35 4.15 -30.62 18.78
CA SER VA 35 2.87 -31.02 19.36
C SER VA 35 1.72 -30.18 18.82
N THR VA 36 1.92 -28.87 18.70
CA THR VA 36 0.86 -28.01 18.19
C THR VA 36 0.50 -28.37 16.76
N ALA VA 37 1.50 -28.63 15.91
CA ALA VA 37 1.22 -29.02 14.55
C ALA VA 37 0.49 -30.35 14.49
N THR VA 38 0.89 -31.31 15.32
CA THR VA 38 0.21 -32.60 15.34
C THR VA 38 -1.22 -32.46 15.84
N SER VA 39 -1.44 -31.63 16.86
CA SER VA 39 -2.79 -31.44 17.40
C SER VA 39 -3.72 -30.85 16.35
N ILE VA 40 -3.23 -29.88 15.58
CA ILE VA 40 -4.05 -29.27 14.53
C ILE VA 40 -4.39 -30.29 13.45
N GLN VA 41 -3.43 -31.14 13.09
CA GLN VA 41 -3.69 -32.17 12.09
C GLN VA 41 -4.76 -33.13 12.58
N THR VA 42 -4.68 -33.55 13.84
CA THR VA 42 -5.66 -34.50 14.37
C THR VA 42 -7.05 -33.88 14.43
N TRP VA 43 -7.13 -32.60 14.77
CA TRP VA 43 -8.43 -31.95 14.86
C TRP VA 43 -9.13 -31.88 13.50
N LEU VA 44 -8.38 -31.54 12.45
CA LEU VA 44 -8.99 -31.40 11.13
C LEU VA 44 -9.56 -32.72 10.64
N SER VA 45 -8.86 -33.83 10.91
CA SER VA 45 -9.33 -35.13 10.43
C SER VA 45 -10.65 -35.54 11.08
N THR VA 46 -11.05 -34.86 12.15
CA THR VA 46 -12.31 -35.19 12.79
C THR VA 46 -13.51 -34.82 11.93
N TRP VA 47 -13.46 -33.65 11.27
CA TRP VA 47 -14.61 -33.14 10.55
C TRP VA 47 -14.38 -32.93 9.06
N ILE VA 48 -13.16 -32.98 8.57
CA ILE VA 48 -12.94 -32.92 7.12
C ILE VA 48 -13.62 -34.09 6.41
N PRO VA 49 -13.49 -35.33 6.87
CA PRO VA 49 -14.18 -36.43 6.19
C PRO VA 49 -15.69 -36.24 6.10
N ILE VA 50 -16.33 -35.69 7.13
CA ILE VA 50 -17.77 -35.46 7.06
C ILE VA 50 -18.08 -34.38 6.02
N GLY VA 51 -17.25 -33.35 5.94
CA GLY VA 51 -17.44 -32.34 4.92
C GLY VA 51 -17.30 -32.88 3.51
N CYS VA 52 -16.43 -33.88 3.32
CA CYS VA 52 -16.28 -34.50 2.01
C CYS VA 52 -17.56 -35.22 1.60
N ALA VA 53 -18.22 -35.90 2.52
CA ALA VA 53 -19.46 -36.57 2.19
C ALA VA 53 -20.55 -35.57 1.82
N ILE VA 54 -20.56 -34.41 2.45
CA ILE VA 54 -21.56 -33.38 2.13
C ILE VA 54 -21.38 -32.91 0.69
N ALA VA 55 -20.14 -32.70 0.27
CA ALA VA 55 -19.89 -32.22 -1.09
C ALA VA 55 -20.38 -33.22 -2.13
N ILE VA 56 -20.14 -34.52 -1.89
CA ILE VA 56 -20.59 -35.54 -2.83
C ILE VA 56 -22.10 -35.50 -2.97
N MET VA 57 -22.81 -35.39 -1.86
CA MET VA 57 -24.27 -35.35 -1.90
C MET VA 57 -24.77 -34.08 -2.59
N VAL VA 58 -24.17 -32.93 -2.29
CA VAL VA 58 -24.62 -31.68 -2.88
C VAL VA 58 -24.25 -31.62 -4.36
N SER VA 59 -23.04 -32.07 -4.71
CA SER VA 59 -22.63 -32.03 -6.11
C SER VA 59 -23.51 -32.92 -6.98
N CYS VA 60 -23.89 -34.09 -6.48
CA CYS VA 60 -24.78 -34.96 -7.24
C CYS VA 60 -26.15 -34.32 -7.41
N PHE VA 61 -26.62 -33.59 -6.40
CA PHE VA 61 -27.88 -32.87 -6.52
C PHE VA 61 -27.83 -31.81 -7.61
N MET VA 62 -26.74 -31.03 -7.65
CA MET VA 62 -26.60 -30.00 -8.67
C MET VA 62 -26.55 -30.61 -10.07
N TRP VA 63 -25.88 -31.75 -10.20
CA TRP VA 63 -25.82 -32.44 -11.49
C TRP VA 63 -27.21 -32.86 -11.95
N MET VA 64 -28.03 -33.37 -11.02
CA MET VA 64 -29.40 -33.75 -11.36
C MET VA 64 -30.20 -32.57 -11.89
N LEU VA 65 -29.91 -31.37 -11.42
CA LEU VA 65 -30.65 -30.18 -11.81
C LEU VA 65 -30.10 -29.53 -13.08
N HIS VA 66 -29.05 -30.10 -13.68
CA HIS VA 66 -28.48 -29.57 -14.90
C HIS VA 66 -27.83 -28.21 -14.67
N VAL VA 67 -27.15 -28.08 -13.53
CA VAL VA 67 -26.47 -26.84 -13.17
C VAL VA 67 -24.97 -26.91 -13.44
N ILE VA 68 -24.36 -28.07 -13.28
CA ILE VA 68 -22.92 -28.21 -13.49
C ILE VA 68 -22.69 -29.42 -14.37
N PRO VA 69 -21.55 -29.47 -15.07
CA PRO VA 69 -21.24 -30.63 -15.92
C PRO VA 69 -20.85 -31.83 -15.08
N ALA VA 70 -20.68 -32.95 -15.77
CA ALA VA 70 -20.33 -34.20 -15.12
C ALA VA 70 -18.84 -34.36 -14.87
N SER VA 71 -18.03 -33.39 -15.24
CA SER VA 71 -16.60 -33.47 -14.98
C SER VA 71 -16.26 -33.32 -13.51
N PHE VA 72 -17.25 -33.25 -12.61
CA PHE VA 72 -16.95 -33.18 -11.19
C PHE VA 72 -16.65 -34.55 -10.59
N ILE VA 73 -17.11 -35.64 -11.25
CA ILE VA 73 -16.87 -36.97 -10.70
C ILE VA 73 -15.40 -37.30 -10.61
N PRO VA 74 -14.59 -37.12 -11.66
CA PRO VA 74 -13.14 -37.40 -11.50
C PRO VA 74 -12.47 -36.53 -10.46
N ARG VA 75 -12.94 -35.29 -10.27
CA ARG VA 75 -12.35 -34.43 -9.26
C ARG VA 75 -12.49 -35.00 -7.86
N ILE VA 76 -13.65 -35.56 -7.53
CA ILE VA 76 -13.87 -36.08 -6.18
C ILE VA 76 -12.92 -37.24 -5.89
N VAL VA 77 -12.74 -38.15 -6.85
CA VAL VA 77 -11.85 -39.28 -6.64
C VAL VA 77 -10.41 -38.80 -6.46
N ILE VA 78 -9.96 -37.86 -7.30
CA ILE VA 78 -8.59 -37.38 -7.20
C ILE VA 78 -8.35 -36.63 -5.91
N SER VA 79 -9.32 -35.81 -5.49
CA SER VA 79 -9.17 -35.10 -4.23
C SER VA 79 -9.11 -36.06 -3.04
N LEU VA 80 -9.92 -37.12 -3.06
CA LEU VA 80 -9.87 -38.10 -1.97
C LEU VA 80 -8.53 -38.81 -1.93
N ILE VA 81 -7.93 -39.06 -3.09
CA ILE VA 81 -6.60 -39.67 -3.12
C ILE VA 81 -5.59 -38.75 -2.46
N GLY VA 82 -5.67 -37.45 -2.74
CA GLY VA 82 -4.71 -36.51 -2.16
C GLY VA 82 -4.88 -36.35 -0.67
N ILE VA 83 -6.12 -36.33 -0.18
CA ILE VA 83 -6.35 -36.16 1.25
C ILE VA 83 -5.78 -37.33 2.05
N GLY VA 84 -5.98 -38.55 1.59
CA GLY VA 84 -5.50 -39.70 2.33
C GLY VA 84 -4.01 -39.95 2.20
N SER VA 85 -3.39 -39.36 1.18
CA SER VA 85 -1.97 -39.56 0.91
C SER VA 85 -1.12 -38.35 1.26
N ALA VA 86 -1.65 -37.42 2.04
CA ALA VA 86 -0.94 -36.18 2.32
C ALA VA 86 0.38 -36.45 3.04
N SER VA 87 0.34 -37.25 4.11
CA SER VA 87 1.55 -37.53 4.88
C SER VA 87 2.56 -38.32 4.06
N TYR VA 88 2.09 -39.33 3.32
CA TYR VA 88 2.99 -40.14 2.52
C TYR VA 88 3.66 -39.32 1.43
N LEU VA 89 2.91 -38.43 0.79
CA LEU VA 89 3.46 -37.65 -0.31
C LEU VA 89 4.57 -36.72 0.17
N VAL VA 90 4.41 -36.12 1.35
CA VAL VA 90 5.42 -35.18 1.85
C VAL VA 90 6.74 -35.90 2.08
N SER VA 91 6.71 -37.06 2.72
CA SER VA 91 7.96 -37.79 2.99
C SER VA 91 8.53 -38.41 1.73
N LEU VA 92 7.69 -38.65 0.73
CA LEU VA 92 8.17 -39.20 -0.53
C LEU VA 92 9.19 -38.28 -1.19
N THR VA 93 9.10 -36.97 -0.93
CA THR VA 93 10.03 -36.00 -1.49
C THR VA 93 11.23 -35.74 -0.60
N GLY VA 94 11.35 -36.44 0.53
CA GLY VA 94 12.48 -36.29 1.41
C GLY VA 94 12.33 -35.25 2.49
N VAL VA 95 11.25 -34.49 2.50
CA VAL VA 95 11.04 -33.46 3.52
C VAL VA 95 10.61 -34.12 4.83
N GLY VA 96 11.19 -33.67 5.92
CA GLY VA 96 10.82 -34.16 7.24
C GLY VA 96 11.00 -35.65 7.42
N SER VA 97 12.26 -36.10 7.44
CA SER VA 97 12.56 -37.50 7.68
C SER VA 97 13.78 -37.65 8.59
N ALA WA 28 36.94 -14.06 25.39
CA ALA WA 28 36.57 -13.97 26.80
C ALA WA 28 35.20 -14.59 27.03
N GLY WA 29 34.51 -14.91 25.94
CA GLY WA 29 33.20 -15.51 26.03
C GLY WA 29 33.03 -16.70 25.11
N THR WA 30 31.81 -16.96 24.67
CA THR WA 30 31.51 -18.05 23.78
C THR WA 30 30.83 -17.52 22.53
N ASP WA 31 31.21 -18.07 21.37
CA ASP WA 31 30.63 -17.67 20.09
C ASP WA 31 29.33 -18.43 19.90
N THR WA 32 28.21 -17.72 19.94
CA THR WA 32 26.89 -18.32 19.78
C THR WA 32 26.23 -17.83 18.49
N GLY WA 33 27.03 -17.63 17.45
CA GLY WA 33 26.49 -17.21 16.17
C GLY WA 33 26.15 -18.37 15.28
N GLU WA 34 27.10 -19.28 15.07
CA GLU WA 34 26.85 -20.45 14.24
C GLU WA 34 25.90 -21.42 14.95
N SER WA 35 26.10 -21.62 16.25
CA SER WA 35 25.25 -22.57 16.98
C SER WA 35 23.81 -22.11 17.02
N THR WA 36 23.58 -20.82 17.26
CA THR WA 36 22.21 -20.31 17.32
C THR WA 36 21.49 -20.48 15.99
N ALA WA 37 22.19 -20.20 14.89
CA ALA WA 37 21.58 -20.37 13.57
C ALA WA 37 21.28 -21.84 13.30
N THR WA 38 22.20 -22.74 13.68
CA THR WA 38 21.95 -24.16 13.47
C THR WA 38 20.79 -24.65 14.34
N SER WA 39 20.70 -24.17 15.57
CA SER WA 39 19.62 -24.60 16.46
C SER WA 39 18.26 -24.18 15.91
N ILE WA 40 18.17 -22.97 15.37
CA ILE WA 40 16.92 -22.49 14.80
C ILE WA 40 16.53 -23.32 13.59
N GLN WA 41 17.52 -23.68 12.75
CA GLN WA 41 17.22 -24.51 11.59
C GLN WA 41 16.71 -25.88 12.00
N THR WA 42 17.33 -26.48 13.02
CA THR WA 42 16.89 -27.80 13.47
C THR WA 42 15.48 -27.75 14.05
N TRP WA 43 15.16 -26.68 14.78
CA TRP WA 43 13.84 -26.58 15.39
C TRP WA 43 12.74 -26.50 14.33
N LEU WA 44 12.96 -25.71 13.28
CA LEU WA 44 11.93 -25.52 12.27
C LEU WA 44 11.62 -26.83 11.56
N SER WA 45 12.65 -27.64 11.30
CA SER WA 45 12.43 -28.90 10.57
C SER WA 45 11.59 -29.88 11.37
N THR WA 46 11.38 -29.62 12.66
CA THR WA 46 10.56 -30.52 13.46
C THR WA 46 9.10 -30.43 13.08
N TRP WA 47 8.59 -29.22 12.83
CA TRP WA 47 7.17 -29.02 12.60
C TRP WA 47 6.81 -28.44 11.24
N ILE WA 48 7.77 -27.94 10.46
CA ILE WA 48 7.46 -27.52 9.10
C ILE WA 48 6.94 -28.68 8.26
N PRO WA 49 7.56 -29.86 8.27
CA PRO WA 49 7.01 -30.98 7.48
C PRO WA 49 5.57 -31.32 7.84
N ILE WA 50 5.19 -31.27 9.11
CA ILE WA 50 3.81 -31.56 9.48
C ILE WA 50 2.87 -30.49 8.92
N GLY WA 51 3.31 -29.23 8.97
CA GLY WA 51 2.50 -28.17 8.37
C GLY WA 51 2.31 -28.34 6.88
N CYS WA 52 3.31 -28.89 6.19
CA CYS WA 52 3.17 -29.13 4.76
C CYS WA 52 2.09 -30.16 4.47
N ALA WA 53 2.00 -31.20 5.29
CA ALA WA 53 0.96 -32.20 5.09
C ALA WA 53 -0.42 -31.61 5.32
N ILE WA 54 -0.54 -30.68 6.27
CA ILE WA 54 -1.84 -30.04 6.52
C ILE WA 54 -2.30 -29.26 5.30
N ALA WA 55 -1.38 -28.53 4.66
CA ALA WA 55 -1.76 -27.73 3.50
C ALA WA 55 -2.25 -28.59 2.36
N ILE WA 56 -1.61 -29.75 2.13
CA ILE WA 56 -2.04 -30.64 1.06
C ILE WA 56 -3.45 -31.12 1.32
N MET WA 57 -3.75 -31.51 2.57
CA MET WA 57 -5.09 -31.98 2.90
C MET WA 57 -6.12 -30.87 2.77
N VAL WA 58 -5.80 -29.68 3.25
CA VAL WA 58 -6.76 -28.58 3.19
C VAL WA 58 -6.94 -28.08 1.77
N SER WA 59 -5.85 -27.99 1.01
CA SER WA 59 -5.95 -27.53 -0.37
C SER WA 59 -6.80 -28.47 -1.22
N CYS WA 60 -6.64 -29.78 -1.02
CA CYS WA 60 -7.45 -30.74 -1.76
C CYS WA 60 -8.92 -30.61 -1.38
N PHE WA 61 -9.21 -30.32 -0.12
CA PHE WA 61 -10.59 -30.10 0.30
C PHE WA 61 -11.20 -28.89 -0.39
N MET WA 62 -10.46 -27.78 -0.46
CA MET WA 62 -10.98 -26.59 -1.12
C MET WA 62 -11.22 -26.83 -2.60
N TRP WA 63 -10.34 -27.60 -3.24
CA TRP WA 63 -10.54 -27.95 -4.64
C TRP WA 63 -11.81 -28.75 -4.85
N MET WA 64 -12.10 -29.68 -3.94
CA MET WA 64 -13.34 -30.46 -4.04
C MET WA 64 -14.56 -29.58 -3.97
N LEU WA 65 -14.48 -28.47 -3.23
CA LEU WA 65 -15.60 -27.57 -3.05
C LEU WA 65 -15.72 -26.53 -4.15
N HIS WA 66 -14.83 -26.55 -5.14
CA HIS WA 66 -14.88 -25.61 -6.25
C HIS WA 66 -14.59 -24.19 -5.78
N VAL WA 67 -13.63 -24.05 -4.86
CA VAL WA 67 -13.25 -22.76 -4.31
C VAL WA 67 -11.98 -22.22 -4.97
N ILE WA 68 -11.05 -23.08 -5.33
CA ILE WA 68 -9.79 -22.66 -5.92
C ILE WA 68 -9.53 -23.49 -7.16
N PRO WA 69 -8.74 -22.98 -8.09
CA PRO WA 69 -8.42 -23.74 -9.31
C PRO WA 69 -7.45 -24.87 -9.00
N ALA WA 70 -7.21 -25.68 -10.02
CA ALA WA 70 -6.32 -26.83 -9.89
C ALA WA 70 -4.86 -26.49 -10.08
N SER WA 71 -4.52 -25.23 -10.33
CA SER WA 71 -3.13 -24.85 -10.47
C SER WA 71 -2.37 -24.89 -9.15
N PHE WA 72 -2.98 -25.37 -8.06
CA PHE WA 72 -2.24 -25.49 -6.81
C PHE WA 72 -1.39 -26.75 -6.76
N ILE WA 73 -1.72 -27.76 -7.57
CA ILE WA 73 -0.96 -29.01 -7.54
C ILE WA 73 0.49 -28.79 -7.91
N PRO WA 74 0.83 -28.12 -9.03
CA PRO WA 74 2.25 -27.89 -9.33
C PRO WA 74 2.96 -27.06 -8.28
N ARG WA 75 2.26 -26.15 -7.61
CA ARG WA 75 2.88 -25.35 -6.57
C ARG WA 75 3.40 -26.21 -5.42
N ILE WA 76 2.62 -27.21 -4.99
CA ILE WA 76 3.03 -28.02 -3.86
C ILE WA 76 4.30 -28.80 -4.17
N VAL WA 77 4.39 -29.37 -5.38
CA VAL WA 77 5.59 -30.11 -5.76
C VAL WA 77 6.80 -29.20 -5.80
N ILE WA 78 6.66 -28.02 -6.40
CA ILE WA 78 7.79 -27.10 -6.52
C ILE WA 78 8.23 -26.60 -5.15
N SER WA 79 7.26 -26.28 -4.28
CA SER WA 79 7.63 -25.84 -2.93
C SER WA 79 8.36 -26.93 -2.15
N LEU WA 80 7.92 -28.18 -2.29
CA LEU WA 80 8.60 -29.28 -1.60
C LEU WA 80 10.02 -29.45 -2.11
N ILE WA 81 10.24 -29.22 -3.41
CA ILE WA 81 11.59 -29.29 -3.95
C ILE WA 81 12.47 -28.22 -3.31
N GLY WA 82 11.94 -27.01 -3.16
CA GLY WA 82 12.72 -25.94 -2.58
C GLY WA 82 13.04 -26.15 -1.12
N ILE WA 83 12.09 -26.68 -0.35
CA ILE WA 83 12.31 -26.90 1.07
C ILE WA 83 13.42 -27.90 1.31
N GLY WA 84 13.43 -29.00 0.55
CA GLY WA 84 14.43 -30.04 0.78
C GLY WA 84 15.79 -29.70 0.21
N SER WA 85 15.85 -28.73 -0.71
CA SER WA 85 17.09 -28.34 -1.37
C SER WA 85 17.63 -27.01 -0.89
N ALA WA 86 17.15 -26.51 0.25
CA ALA WA 86 17.54 -25.18 0.70
C ALA WA 86 19.05 -25.10 0.95
N SER WA 87 19.59 -26.05 1.70
CA SER WA 87 21.02 -26.03 2.03
C SER WA 87 21.87 -26.22 0.77
N TYR WA 88 21.47 -27.15 -0.11
CA TYR WA 88 22.25 -27.41 -1.31
C TYR WA 88 22.25 -26.20 -2.23
N LEU WA 89 21.11 -25.52 -2.35
CA LEU WA 89 21.02 -24.39 -3.27
C LEU WA 89 21.91 -23.23 -2.82
N VAL WA 90 21.99 -23.00 -1.52
CA VAL WA 90 22.80 -21.89 -1.02
C VAL WA 90 24.28 -22.09 -1.36
N SER WA 91 24.79 -23.29 -1.11
CA SER WA 91 26.20 -23.56 -1.39
C SER WA 91 26.47 -23.67 -2.89
N LEU WA 92 25.44 -23.98 -3.67
CA LEU WA 92 25.61 -24.05 -5.12
C LEU WA 92 26.04 -22.72 -5.70
N THR WA 93 25.68 -21.61 -5.05
CA THR WA 93 26.05 -20.28 -5.49
C THR WA 93 27.36 -19.79 -4.89
N GLY WA 94 28.04 -20.61 -4.10
CA GLY WA 94 29.32 -20.26 -3.52
C GLY WA 94 29.26 -19.58 -2.17
N VAL WA 95 28.07 -19.28 -1.67
CA VAL WA 95 27.94 -18.63 -0.36
C VAL WA 95 28.18 -19.65 0.74
N GLY WA 96 28.94 -19.25 1.75
CA GLY WA 96 29.19 -20.10 2.89
C GLY WA 96 29.83 -21.42 2.57
N SER WA 97 31.10 -21.39 2.13
CA SER WA 97 31.85 -22.60 1.84
C SER WA 97 33.28 -22.48 2.33
N ALA XA 28 53.14 3.91 19.23
CA ALA XA 28 53.26 3.57 20.64
C ALA XA 28 52.28 2.46 21.00
N GLY XA 29 51.39 2.14 20.07
CA GLY XA 29 50.40 1.10 20.30
C GLY XA 29 50.28 0.15 19.13
N THR XA 30 49.10 -0.44 18.95
CA THR XA 30 48.84 -1.36 17.86
C THR XA 30 47.65 -0.86 17.04
N ASP XA 31 47.77 -0.98 15.73
CA ASP XA 31 46.70 -0.57 14.82
C ASP XA 31 45.67 -1.69 14.73
N THR XA 32 44.48 -1.46 15.26
CA THR XA 32 43.41 -2.44 15.26
C THR XA 32 42.24 -1.98 14.39
N GLY XA 33 42.55 -1.29 13.30
CA GLY XA 33 41.53 -0.83 12.39
C GLY XA 33 41.24 -1.84 11.29
N GLU XA 34 42.29 -2.28 10.59
CA GLU XA 34 42.11 -3.27 9.54
C GLU XA 34 41.76 -4.63 10.12
N SER XA 35 42.43 -5.02 11.21
CA SER XA 35 42.20 -6.33 11.81
C SER XA 35 40.78 -6.45 12.34
N THR XA 36 40.29 -5.41 13.01
CA THR XA 36 38.94 -5.45 13.56
C THR XA 36 37.90 -5.58 12.46
N ALA XA 37 38.06 -4.85 11.37
CA ALA XA 37 37.13 -4.95 10.26
C ALA XA 37 37.18 -6.34 9.63
N THR XA 38 38.38 -6.91 9.48
CA THR XA 38 38.48 -8.25 8.91
C THR XA 38 37.87 -9.29 9.84
N SER XA 39 38.07 -9.15 11.15
CA SER XA 39 37.52 -10.10 12.10
C SER XA 39 36.00 -10.10 12.07
N ILE XA 40 35.40 -8.91 11.97
CA ILE XA 40 33.94 -8.82 11.90
C ILE XA 40 33.42 -9.46 10.62
N GLN XA 41 34.12 -9.26 9.50
CA GLN XA 41 33.70 -9.89 8.26
C GLN XA 41 33.77 -11.41 8.35
N THR XA 42 34.83 -11.94 8.94
CA THR XA 42 34.96 -13.39 9.06
C THR XA 42 33.88 -13.97 9.96
N TRP XA 43 33.53 -13.27 11.04
CA TRP XA 43 32.52 -13.78 11.95
C TRP XA 43 31.16 -13.88 11.28
N LEU XA 44 30.78 -12.86 10.51
CA LEU XA 44 29.46 -12.87 9.88
C LEU XA 44 29.31 -14.02 8.91
N SER XA 45 30.37 -14.34 8.16
CA SER XA 45 30.29 -15.40 7.17
C SER XA 45 30.07 -16.77 7.81
N THR XA 46 30.26 -16.87 9.13
CA THR XA 46 30.04 -18.14 9.80
C THR XA 46 28.56 -18.51 9.84
N TRP XA 47 27.68 -17.54 10.10
CA TRP XA 47 26.27 -17.83 10.31
C TRP XA 47 25.33 -17.15 9.32
N ILE XA 48 25.79 -16.20 8.52
CA ILE XA 48 24.93 -15.64 7.47
C ILE XA 48 24.51 -16.71 6.49
N PRO XA 49 25.40 -17.57 5.98
CA PRO XA 49 24.95 -18.62 5.06
C PRO XA 49 23.88 -19.53 5.63
N ILE XA 50 23.95 -19.87 6.91
CA ILE XA 50 22.91 -20.72 7.50
C ILE XA 50 21.59 -19.97 7.56
N GLY XA 51 21.64 -18.67 7.86
CA GLY XA 51 20.42 -17.88 7.85
C GLY XA 51 19.79 -17.78 6.48
N CYS XA 52 20.61 -17.79 5.42
CA CYS XA 52 20.07 -17.76 4.06
C CYS XA 52 19.29 -19.02 3.75
N ALA XA 53 19.77 -20.18 4.21
CA ALA XA 53 19.05 -21.43 3.99
C ALA XA 53 17.72 -21.43 4.72
N ILE XA 54 17.67 -20.83 5.90
CA ILE XA 54 16.42 -20.77 6.65
C ILE XA 54 15.37 -19.97 5.89
N ALA XA 55 15.77 -18.84 5.30
CA ALA XA 55 14.82 -18.01 4.57
C ALA XA 55 14.23 -18.75 3.38
N ILE XA 56 15.06 -19.50 2.65
CA ILE XA 56 14.57 -20.26 1.50
C ILE XA 56 13.51 -21.27 1.94
N MET XA 57 13.78 -21.98 3.04
CA MET XA 57 12.83 -22.96 3.53
C MET XA 57 11.54 -22.30 4.02
N VAL XA 58 11.65 -21.19 4.75
CA VAL XA 58 10.46 -20.53 5.27
C VAL XA 58 9.68 -19.85 4.15
N SER XA 59 10.38 -19.22 3.21
CA SER XA 59 9.68 -18.55 2.11
C SER XA 59 8.91 -19.53 1.25
N CYS XA 60 9.49 -20.70 1.00
CA CYS XA 60 8.78 -21.72 0.23
C CYS XA 60 7.54 -22.22 0.98
N PHE XA 61 7.64 -22.31 2.30
CA PHE XA 61 6.48 -22.70 3.11
C PHE XA 61 5.35 -21.68 2.99
N MET XA 62 5.68 -20.39 3.07
CA MET XA 62 4.66 -19.35 2.97
C MET XA 62 4.01 -19.36 1.59
N TRP XA 63 4.80 -19.62 0.55
CA TRP XA 63 4.25 -19.71 -0.81
C TRP XA 63 3.26 -20.86 -0.92
N MET XA 64 3.57 -22.01 -0.30
CA MET XA 64 2.64 -23.13 -0.31
C MET XA 64 1.32 -22.78 0.33
N LEU XA 65 1.32 -21.89 1.31
CA LEU XA 65 0.13 -21.52 2.05
C LEU XA 65 -0.65 -20.39 1.38
N HIS XA 66 -0.17 -19.89 0.25
CA HIS XA 66 -0.85 -18.82 -0.47
C HIS XA 66 -0.83 -17.51 0.31
N VAL XA 67 0.30 -17.23 0.96
CA VAL XA 67 0.46 -16.03 1.76
C VAL XA 67 1.23 -14.95 1.01
N ILE XA 68 2.19 -15.33 0.19
CA ILE XA 68 3.02 -14.36 -0.53
C ILE XA 68 3.05 -14.78 -2.00
N PRO XA 69 3.31 -13.83 -2.90
CA PRO XA 69 3.40 -14.17 -4.33
C PRO XA 69 4.69 -14.90 -4.64
N ALA XA 70 4.80 -15.35 -5.88
CA ALA XA 70 5.96 -16.10 -6.33
C ALA XA 70 7.12 -15.23 -6.76
N SER XA 71 6.98 -13.91 -6.70
CA SER XA 71 8.07 -13.03 -7.05
C SER XA 71 9.21 -13.06 -6.04
N PHE XA 72 9.17 -13.93 -5.04
CA PHE XA 72 10.28 -14.04 -4.10
C PHE XA 72 11.42 -14.88 -4.66
N ILE XA 73 11.13 -15.76 -5.62
CA ILE XA 73 12.18 -16.63 -6.16
C ILE XA 73 13.30 -15.82 -6.82
N PRO XA 74 13.03 -14.87 -7.71
CA PRO XA 74 14.14 -14.08 -8.27
C PRO XA 74 14.91 -13.29 -7.23
N ARG XA 75 14.24 -12.85 -6.16
CA ARG XA 75 14.93 -12.11 -5.11
C ARG XA 75 16.02 -12.94 -4.45
N ILE XA 76 15.75 -14.22 -4.18
CA ILE XA 76 16.73 -15.05 -3.48
C ILE XA 76 17.97 -15.23 -4.33
N VAL XA 77 17.81 -15.46 -5.63
CA VAL XA 77 18.98 -15.64 -6.50
C VAL XA 77 19.80 -14.35 -6.56
N ILE XA 78 19.13 -13.21 -6.72
CA ILE XA 78 19.85 -11.94 -6.83
C ILE XA 78 20.56 -11.61 -5.52
N SER XA 79 19.91 -11.85 -4.39
CA SER XA 79 20.56 -11.59 -3.10
C SER XA 79 21.77 -12.48 -2.90
N LEU XA 80 21.70 -13.75 -3.31
CA LEU XA 80 22.85 -14.64 -3.17
C LEU XA 80 24.00 -14.18 -4.06
N ILE XA 81 23.70 -13.62 -5.23
CA ILE XA 81 24.76 -13.09 -6.08
C ILE XA 81 25.46 -11.93 -5.39
N GLY XA 82 24.68 -11.05 -4.75
CA GLY XA 82 25.28 -9.91 -4.08
C GLY XA 82 26.12 -10.29 -2.88
N ILE XA 83 25.67 -11.27 -2.11
CA ILE XA 83 26.41 -11.68 -0.91
C ILE XA 83 27.77 -12.25 -1.29
N GLY XA 84 27.83 -13.09 -2.31
CA GLY XA 84 29.10 -13.72 -2.67
C GLY XA 84 30.03 -12.80 -3.44
N SER XA 85 29.50 -11.71 -4.00
CA SER XA 85 30.29 -10.78 -4.80
C SER XA 85 30.56 -9.47 -4.08
N ALA XA 86 30.38 -9.41 -2.76
CA ALA XA 86 30.52 -8.15 -2.04
C ALA XA 86 31.92 -7.59 -2.15
N SER XA 87 32.93 -8.41 -1.90
CA SER XA 87 34.31 -7.94 -1.95
C SER XA 87 34.72 -7.56 -3.36
N TYR XA 88 34.32 -8.36 -4.35
CA TYR XA 88 34.69 -8.07 -5.74
C TYR XA 88 34.04 -6.78 -6.22
N LEU XA 89 32.79 -6.56 -5.85
CA LEU XA 89 32.07 -5.36 -6.31
C LEU XA 89 32.70 -4.09 -5.77
N VAL XA 90 33.15 -4.11 -4.51
CA VAL XA 90 33.73 -2.91 -3.92
C VAL XA 90 35.00 -2.49 -4.66
N SER XA 91 35.90 -3.45 -4.94
CA SER XA 91 37.14 -3.13 -5.62
C SER XA 91 36.91 -2.83 -7.09
N LEU XA 92 35.80 -3.32 -7.65
CA LEU XA 92 35.49 -3.03 -9.05
C LEU XA 92 35.30 -1.54 -9.28
N THR XA 93 34.89 -0.80 -8.26
CA THR XA 93 34.69 0.64 -8.35
C THR XA 93 35.94 1.44 -7.98
N GLY XA 94 37.05 0.77 -7.67
CA GLY XA 94 38.29 1.44 -7.34
C GLY XA 94 38.50 1.75 -5.88
N VAL XA 95 37.52 1.50 -5.03
CA VAL XA 95 37.66 1.77 -3.61
C VAL XA 95 38.52 0.71 -2.96
N GLY XA 96 39.45 1.14 -2.11
CA GLY XA 96 40.29 0.22 -1.37
C GLY XA 96 41.14 -0.69 -2.24
N SER XA 97 42.10 -0.10 -2.94
CA SER XA 97 43.03 -0.88 -3.76
C SER XA 97 44.45 -0.35 -3.63
N ALA YA 28 60.58 27.38 15.00
CA ALA YA 28 61.25 26.82 16.17
C ALA YA 28 60.81 25.38 16.41
N GLY YA 29 59.78 24.96 15.68
CA GLY YA 29 59.26 23.61 15.81
C GLY YA 29 59.03 22.94 14.48
N THR YA 30 58.07 22.02 14.44
CA THR YA 30 57.73 21.31 13.22
C THR YA 30 56.25 21.50 12.92
N ASP YA 31 55.94 21.70 11.64
CA ASP YA 31 54.56 21.87 11.20
C ASP YA 31 53.93 20.50 11.02
N THR YA 32 52.97 20.17 11.88
CA THR YA 32 52.27 18.89 11.85
C THR YA 32 50.81 19.07 11.47
N GLY YA 33 50.52 20.03 10.61
CA GLY YA 33 49.17 20.25 10.16
C GLY YA 33 48.82 19.47 8.92
N GLU YA 34 49.65 19.59 7.89
CA GLU YA 34 49.41 18.85 6.66
C GLU YA 34 49.69 17.35 6.86
N SER YA 35 50.76 17.02 7.58
CA SER YA 35 51.11 15.62 7.78
C SER YA 35 50.05 14.90 8.59
N THR YA 36 49.55 15.53 9.65
CA THR YA 36 48.53 14.89 10.49
C THR YA 36 47.26 14.62 9.69
N ALA YA 37 46.84 15.57 8.86
CA ALA YA 37 45.66 15.37 8.04
C ALA YA 37 45.87 14.24 7.03
N THR YA 38 47.06 14.20 6.43
CA THR YA 38 47.35 13.12 5.47
C THR YA 38 47.40 11.77 6.16
N SER YA 39 47.98 11.71 7.35
CA SER YA 39 48.08 10.44 8.07
C SER YA 39 46.69 9.91 8.42
N ILE YA 40 45.79 10.79 8.83
CA ILE YA 40 44.43 10.35 9.17
C ILE YA 40 43.71 9.85 7.92
N GLN YA 41 43.91 10.51 6.78
CA GLN YA 41 43.29 10.04 5.55
C GLN YA 41 43.79 8.67 5.15
N THR YA 42 45.10 8.44 5.27
CA THR YA 42 45.68 7.14 4.90
C THR YA 42 45.17 6.04 5.83
N TRP YA 43 45.02 6.33 7.12
CA TRP YA 43 44.56 5.33 8.06
C TRP YA 43 43.14 4.88 7.75
N LEU YA 44 42.26 5.83 7.44
CA LEU YA 44 40.86 5.47 7.19
C LEU YA 44 40.72 4.57 5.98
N SER YA 45 41.50 4.82 4.94
CA SER YA 45 41.40 4.02 3.72
C SER YA 45 41.80 2.57 3.95
N THR YA 46 42.44 2.27 5.08
CA THR YA 46 42.82 0.89 5.36
C THR YA 46 41.62 0.02 5.65
N TRP YA 47 40.65 0.53 6.41
CA TRP YA 47 39.54 -0.29 6.86
C TRP YA 47 38.16 0.19 6.41
N ILE YA 48 38.03 1.40 5.85
CA ILE YA 48 36.76 1.81 5.26
C ILE YA 48 36.35 0.88 4.13
N PRO YA 49 37.21 0.53 3.18
CA PRO YA 49 36.80 -0.40 2.11
C PRO YA 49 36.28 -1.73 2.64
N ILE YA 50 36.87 -2.28 3.69
CA ILE YA 50 36.37 -3.55 4.24
C ILE YA 50 34.99 -3.35 4.84
N GLY YA 51 34.77 -2.21 5.51
CA GLY YA 51 33.46 -1.93 6.05
C GLY YA 51 32.40 -1.80 4.96
N CYS YA 52 32.78 -1.29 3.79
CA CYS YA 52 31.83 -1.18 2.68
C CYS YA 52 31.38 -2.55 2.20
N ALA YA 53 32.30 -3.53 2.16
CA ALA YA 53 31.93 -4.87 1.75
C ALA YA 53 30.98 -5.51 2.76
N ILE YA 54 31.16 -5.22 4.05
CA ILE YA 54 30.27 -5.76 5.06
C ILE YA 54 28.84 -5.27 4.86
N ALA YA 55 28.69 -3.97 4.57
CA ALA YA 55 27.36 -3.40 4.39
C ALA YA 55 26.63 -4.05 3.21
N ILE YA 56 27.35 -4.29 2.11
CA ILE YA 56 26.73 -4.92 0.95
C ILE YA 56 26.21 -6.30 1.30
N MET YA 57 27.02 -7.08 2.03
CA MET YA 57 26.61 -8.42 2.42
C MET YA 57 25.43 -8.38 3.39
N VAL YA 58 25.46 -7.48 4.37
CA VAL YA 58 24.39 -7.41 5.35
C VAL YA 58 23.12 -6.86 4.72
N SER YA 59 23.25 -5.83 3.87
CA SER YA 59 22.06 -5.25 3.24
C SER YA 59 21.36 -6.26 2.35
N CYS YA 60 22.12 -7.06 1.60
CA CYS YA 60 21.51 -8.08 0.76
C CYS YA 60 20.79 -9.13 1.61
N PHE YA 61 21.35 -9.45 2.78
CA PHE YA 61 20.68 -10.39 3.68
C PHE YA 61 19.34 -9.83 4.17
N MET YA 62 19.31 -8.56 4.56
CA MET YA 62 18.07 -7.96 5.03
C MET YA 62 17.01 -7.93 3.92
N TRP YA 63 17.45 -7.66 2.69
CA TRP YA 63 16.53 -7.67 1.56
C TRP YA 63 15.92 -9.05 1.36
N MET YA 64 16.72 -10.11 1.50
CA MET YA 64 16.21 -11.46 1.37
C MET YA 64 15.13 -11.76 2.39
N LEU YA 65 15.22 -11.15 3.58
CA LEU YA 65 14.28 -11.39 4.65
C LEU YA 65 13.05 -10.51 4.58
N HIS YA 66 12.95 -9.64 3.57
CA HIS YA 66 11.80 -8.76 3.40
C HIS YA 66 11.73 -7.74 4.52
N VAL YA 67 12.87 -7.21 4.92
CA VAL YA 67 12.95 -6.22 5.99
C VAL YA 67 13.08 -4.80 5.43
N ILE YA 68 13.78 -4.63 4.33
CA ILE YA 68 14.00 -3.31 3.75
C ILE YA 68 13.66 -3.37 2.26
N PRO YA 69 13.32 -2.23 1.67
CA PRO YA 69 13.02 -2.22 0.23
C PRO YA 69 14.29 -2.36 -0.60
N ALA YA 70 14.09 -2.47 -1.91
CA ALA YA 70 15.18 -2.65 -2.85
C ALA YA 70 15.84 -1.34 -3.26
N SER YA 71 15.36 -0.21 -2.77
CA SER YA 71 15.98 1.07 -3.10
C SER YA 71 17.35 1.24 -2.46
N PHE YA 72 17.90 0.22 -1.79
CA PHE YA 72 19.24 0.34 -1.24
C PHE YA 72 20.31 0.10 -2.30
N ILE YA 73 19.97 -0.61 -3.38
CA ILE YA 73 20.98 -0.90 -4.40
C ILE YA 73 21.54 0.36 -5.03
N PRO YA 74 20.73 1.31 -5.51
CA PRO YA 74 21.32 2.55 -6.05
C PRO YA 74 22.13 3.33 -5.04
N ARG YA 75 21.78 3.27 -3.76
CA ARG YA 75 22.54 3.98 -2.74
C ARG YA 75 23.97 3.48 -2.65
N ILE YA 76 24.18 2.16 -2.73
CA ILE YA 76 25.53 1.63 -2.58
C ILE YA 76 26.41 2.08 -3.73
N VAL YA 77 25.89 2.08 -4.96
CA VAL YA 77 26.70 2.52 -6.10
C VAL YA 77 27.05 3.99 -5.96
N ILE YA 78 26.07 4.83 -5.59
CA ILE YA 78 26.33 6.26 -5.49
C ILE YA 78 27.32 6.56 -4.37
N SER YA 79 27.19 5.86 -3.23
CA SER YA 79 28.12 6.07 -2.14
C SER YA 79 29.53 5.66 -2.52
N LEU YA 80 29.69 4.57 -3.27
CA LEU YA 80 31.01 4.14 -3.70
C LEU YA 80 31.63 5.15 -4.66
N ILE YA 81 30.81 5.79 -5.49
CA ILE YA 81 31.32 6.83 -6.38
C ILE YA 81 31.86 8.00 -5.56
N GLY YA 82 31.13 8.39 -4.51
CA GLY YA 82 31.57 9.51 -3.70
C GLY YA 82 32.84 9.22 -2.92
N ILE YA 83 32.97 8.00 -2.39
CA ILE YA 83 34.15 7.66 -1.61
C ILE YA 83 35.41 7.71 -2.46
N GLY YA 84 35.35 7.18 -3.68
CA GLY YA 84 36.55 7.14 -4.51
C GLY YA 84 36.86 8.46 -5.17
N SER YA 85 35.90 9.38 -5.22
CA SER YA 85 36.07 10.67 -5.87
C SER YA 85 36.19 11.82 -4.88
N ALA YA 86 36.45 11.53 -3.59
CA ALA YA 86 36.47 12.57 -2.58
C ALA YA 86 37.54 13.62 -2.87
N SER YA 87 38.76 13.18 -3.14
CA SER YA 87 39.85 14.12 -3.39
C SER YA 87 39.63 14.91 -4.67
N TYR YA 88 39.17 14.23 -5.73
CA TYR YA 88 38.95 14.92 -7.00
C TYR YA 88 37.85 15.95 -6.89
N LEU YA 89 36.78 15.62 -6.16
CA LEU YA 89 35.65 16.54 -6.05
C LEU YA 89 36.04 17.82 -5.32
N VAL YA 90 36.87 17.71 -4.29
CA VAL YA 90 37.26 18.90 -3.52
C VAL YA 90 38.03 19.88 -4.39
N SER YA 91 39.00 19.38 -5.16
CA SER YA 91 39.80 20.27 -5.99
C SER YA 91 39.01 20.77 -7.20
N LEU YA 92 37.97 20.03 -7.59
CA LEU YA 92 37.14 20.47 -8.71
C LEU YA 92 36.47 21.80 -8.42
N THR YA 93 36.24 22.12 -7.15
CA THR YA 93 35.63 23.38 -6.75
C THR YA 93 36.65 24.47 -6.47
N GLY YA 94 37.94 24.21 -6.67
CA GLY YA 94 38.97 25.20 -6.48
C GLY YA 94 39.56 25.26 -5.08
N VAL YA 95 39.04 24.50 -4.14
CA VAL YA 95 39.57 24.51 -2.77
C VAL YA 95 40.87 23.72 -2.72
N GLY YA 96 41.86 24.27 -2.03
CA GLY YA 96 43.13 23.59 -1.85
C GLY YA 96 43.84 23.25 -3.13
N SER YA 97 44.32 24.27 -3.84
CA SER YA 97 45.08 24.06 -5.06
C SER YA 97 46.27 25.03 -5.14
N ALA ZA 28 59.23 52.27 16.41
CA ALA ZA 28 60.39 51.76 17.14
C ALA ZA 28 60.48 50.24 17.03
N GLY ZA 29 59.42 49.64 16.49
CA GLY ZA 29 59.38 48.19 16.34
C GLY ZA 29 58.91 47.77 14.97
N THR ZA 30 58.30 46.60 14.88
CA THR ZA 30 57.78 46.07 13.63
C THR ZA 30 56.29 45.78 13.78
N ASP ZA 31 55.53 46.11 12.74
CA ASP ZA 31 54.09 45.86 12.73
C ASP ZA 31 53.86 44.41 12.31
N THR ZA 32 53.37 43.59 13.24
CA THR ZA 32 53.09 42.19 12.98
C THR ZA 32 51.60 41.90 13.07
N GLY ZA 33 50.78 42.84 12.63
CA GLY ZA 33 49.35 42.65 12.63
C GLY ZA 33 48.85 42.06 11.33
N GLU ZA 34 49.21 42.68 10.22
CA GLU ZA 34 48.79 42.16 8.91
C GLU ZA 34 49.52 40.87 8.58
N SER ZA 35 50.82 40.81 8.87
CA SER ZA 35 51.61 39.62 8.55
C SER ZA 35 51.13 38.41 9.34
N THR ZA 36 50.85 38.59 10.63
CA THR ZA 36 50.40 37.47 11.45
C THR ZA 36 49.07 36.92 10.95
N ALA ZA 37 48.14 37.81 10.58
CA ALA ZA 37 46.86 37.36 10.07
C ALA ZA 37 47.03 36.63 8.74
N THR ZA 38 47.91 37.13 7.87
CA THR ZA 38 48.14 36.46 6.60
C THR ZA 38 48.80 35.10 6.80
N SER ZA 39 49.74 35.01 7.73
CA SER ZA 39 50.43 33.74 7.99
C SER ZA 39 49.46 32.69 8.50
N ILE ZA 40 48.53 33.08 9.37
CA ILE ZA 40 47.55 32.13 9.88
C ILE ZA 40 46.63 31.66 8.76
N GLN ZA 41 46.24 32.56 7.87
CA GLN ZA 41 45.39 32.17 6.74
C GLN ZA 41 46.10 31.18 5.84
N THR ZA 42 47.38 31.43 5.55
CA THR ZA 42 48.13 30.53 4.68
C THR ZA 42 48.30 29.15 5.32
N TRP ZA 43 48.52 29.11 6.63
CA TRP ZA 43 48.71 27.83 7.30
C TRP ZA 43 47.45 26.97 7.23
N LEU ZA 44 46.28 27.57 7.45
CA LEU ZA 44 45.04 26.80 7.48
C LEU ZA 44 44.78 26.17 6.11
N SER ZA 45 45.06 26.89 5.03
CA SER ZA 45 44.77 26.38 3.70
C SER ZA 45 45.62 25.16 3.37
N THR ZA 46 46.66 24.88 4.16
CA THR ZA 46 47.49 23.72 3.90
C THR ZA 46 46.75 22.42 4.20
N TRP ZA 47 45.99 22.39 5.29
CA TRP ZA 47 45.36 21.15 5.74
C TRP ZA 47 43.85 21.18 5.80
N ILE ZA 48 43.20 22.34 5.69
CA ILE ZA 48 41.74 22.37 5.60
C ILE ZA 48 41.25 21.61 4.38
N PRO ZA 49 41.81 21.80 3.18
CA PRO ZA 49 41.34 21.02 2.02
C PRO ZA 49 41.43 19.51 2.23
N ILE ZA 50 42.47 19.01 2.88
CA ILE ZA 50 42.56 17.57 3.13
C ILE ZA 50 41.47 17.13 4.09
N GLY ZA 51 41.18 17.94 5.10
CA GLY ZA 51 40.09 17.62 6.01
C GLY ZA 51 38.75 17.58 5.32
N CYS ZA 52 38.54 18.42 4.30
CA CYS ZA 52 37.30 18.40 3.54
C CYS ZA 52 37.11 17.09 2.80
N ALA ZA 53 38.19 16.55 2.24
CA ALA ZA 53 38.10 15.26 1.55
C ALA ZA 53 37.76 14.14 2.51
N ILE ZA 54 38.27 14.21 3.74
CA ILE ZA 54 37.97 13.17 4.73
C ILE ZA 54 36.49 13.17 5.05
N ALA ZA 55 35.88 14.35 5.21
CA ALA ZA 55 34.47 14.42 5.54
C ALA ZA 55 33.60 13.81 4.45
N ILE ZA 56 33.94 14.07 3.19
CA ILE ZA 56 33.17 13.51 2.08
C ILE ZA 56 33.22 11.99 2.12
N MET ZA 57 34.40 11.43 2.35
CA MET ZA 57 34.54 9.98 2.40
C MET ZA 57 33.79 9.39 3.59
N VAL ZA 58 33.91 10.02 4.76
CA VAL ZA 58 33.24 9.49 5.96
C VAL ZA 58 31.73 9.67 5.87
N SER ZA 59 31.28 10.82 5.37
CA SER ZA 59 29.84 11.06 5.25
C SER ZA 59 29.19 10.07 4.30
N CYS ZA 60 29.85 9.76 3.18
CA CYS ZA 60 29.30 8.78 2.25
C CYS ZA 60 29.24 7.40 2.88
N PHE ZA 61 30.22 7.07 3.73
CA PHE ZA 61 30.20 5.79 4.44
C PHE ZA 61 29.00 5.71 5.39
N MET ZA 62 28.74 6.78 6.15
CA MET ZA 62 27.62 6.77 7.07
C MET ZA 62 26.29 6.66 6.32
N TRP ZA 63 26.18 7.31 5.16
CA TRP ZA 63 24.98 7.20 4.35
C TRP ZA 63 24.75 5.77 3.89
N MET ZA 64 25.82 5.06 3.49
CA MET ZA 64 25.70 3.67 3.09
C MET ZA 64 25.16 2.80 4.22
N LEU ZA 65 25.47 3.15 5.46
CA LEU ZA 65 25.05 2.38 6.62
C LEU ZA 65 23.67 2.75 7.12
N HIS ZA 66 23.00 3.70 6.49
CA HIS ZA 66 21.66 4.11 6.89
C HIS ZA 66 21.67 4.80 8.25
N VAL ZA 67 22.70 5.62 8.48
CA VAL ZA 67 22.84 6.32 9.75
C VAL ZA 67 22.38 7.77 9.64
N ILE ZA 68 22.59 8.41 8.50
CA ILE ZA 68 22.22 9.82 8.31
C ILE ZA 68 21.43 9.93 7.02
N PRO ZA 69 20.60 10.97 6.89
CA PRO ZA 69 19.84 11.16 5.65
C PRO ZA 69 20.74 11.67 4.53
N ALA ZA 70 20.15 11.75 3.35
CA ALA ZA 70 20.88 12.18 2.16
C ALA ZA 70 20.95 13.69 2.01
N SER ZA 71 20.39 14.45 2.93
CA SER ZA 71 20.46 15.90 2.86
C SER ZA 71 21.86 16.42 3.16
N PHE ZA 72 22.87 15.56 3.33
CA PHE ZA 72 24.23 16.04 3.53
C PHE ZA 72 24.90 16.42 2.22
N ILE ZA 73 24.44 15.87 1.10
CA ILE ZA 73 25.07 16.18 -0.19
C ILE ZA 73 25.01 17.66 -0.52
N PRO ZA 74 23.86 18.33 -0.46
CA PRO ZA 74 23.85 19.78 -0.73
C PRO ZA 74 24.71 20.58 0.23
N ARG ZA 75 24.83 20.13 1.48
CA ARG ZA 75 25.66 20.85 2.44
C ARG ZA 75 27.12 20.89 2.01
N ILE ZA 76 27.65 19.79 1.49
CA ILE ZA 76 29.06 19.75 1.13
C ILE ZA 76 29.34 20.72 -0.01
N VAL ZA 77 28.46 20.78 -1.01
CA VAL ZA 77 28.68 21.69 -2.12
C VAL ZA 77 28.63 23.14 -1.65
N ILE ZA 78 27.65 23.47 -0.80
CA ILE ZA 78 27.51 24.85 -0.34
C ILE ZA 78 28.69 25.24 0.54
N SER ZA 79 29.14 24.34 1.40
CA SER ZA 79 30.29 24.64 2.24
C SER ZA 79 31.55 24.86 1.40
N LEU ZA 80 31.75 24.07 0.36
CA LEU ZA 80 32.91 24.25 -0.50
C LEU ZA 80 32.85 25.59 -1.24
N ILE ZA 81 31.65 26.03 -1.60
CA ILE ZA 81 31.51 27.35 -2.22
C ILE ZA 81 31.95 28.44 -1.26
N GLY ZA 82 31.55 28.32 0.01
CA GLY ZA 82 31.90 29.33 1.00
C GLY ZA 82 33.38 29.37 1.31
N ILE ZA 83 34.02 28.20 1.39
CA ILE ZA 83 35.44 28.16 1.71
C ILE ZA 83 36.27 28.83 0.63
N GLY ZA 84 35.97 28.57 -0.64
CA GLY ZA 84 36.76 29.14 -1.72
C GLY ZA 84 36.46 30.59 -1.99
N SER ZA 85 35.32 31.08 -1.52
CA SER ZA 85 34.89 32.46 -1.76
C SER ZA 85 35.01 33.35 -0.53
N ALA ZA 86 35.75 32.91 0.48
CA ALA ZA 86 35.81 33.67 1.74
C ALA ZA 86 36.38 35.07 1.52
N SER ZA 87 37.52 35.16 0.84
CA SER ZA 87 38.15 36.46 0.62
C SER ZA 87 37.29 37.36 -0.27
N TYR ZA 88 36.72 36.79 -1.33
CA TYR ZA 88 35.90 37.59 -2.24
C TYR ZA 88 34.65 38.11 -1.54
N LEU ZA 89 34.02 37.28 -0.71
CA LEU ZA 89 32.79 37.69 -0.04
C LEU ZA 89 33.03 38.84 0.92
N VAL ZA 90 34.16 38.83 1.63
CA VAL ZA 90 34.43 39.90 2.60
C VAL ZA 90 34.55 41.24 1.91
N SER ZA 91 35.31 41.30 0.81
CA SER ZA 91 35.49 42.57 0.11
C SER ZA 91 34.25 42.97 -0.65
N LEU ZA 92 33.37 42.02 -0.98
CA LEU ZA 92 32.13 42.33 -1.67
C LEU ZA 92 31.25 43.25 -0.83
N THR ZA 93 31.39 43.20 0.50
CA THR ZA 93 30.63 44.04 1.41
C THR ZA 93 31.32 45.35 1.73
N GLY ZA 94 32.49 45.61 1.15
CA GLY ZA 94 33.20 46.85 1.38
C GLY ZA 94 34.19 46.84 2.52
N VAL ZA 95 34.25 45.77 3.30
CA VAL ZA 95 35.18 45.68 4.42
C VAL ZA 95 36.59 45.43 3.90
N GLY ZA 96 37.55 46.15 4.45
CA GLY ZA 96 38.95 45.94 4.10
C GLY ZA 96 39.25 46.16 2.64
N SER ZA 97 39.16 47.40 2.18
CA SER ZA 97 39.49 47.74 0.80
C SER ZA 97 40.25 49.06 0.73
N ALA AB 28 51.54 74.13 25.66
CA ALA AB 28 52.96 73.94 25.90
C ALA AB 28 53.43 72.61 25.31
N GLY AB 29 52.48 71.78 24.89
CA GLY AB 29 52.78 70.49 24.32
C GLY AB 29 52.03 70.22 23.04
N THR AB 30 51.77 68.96 22.76
CA THR AB 30 51.03 68.54 21.58
C THR AB 30 49.83 67.70 22.00
N ASP AB 31 48.70 67.94 21.33
CA ASP AB 31 47.47 67.20 21.60
C ASP AB 31 47.52 65.88 20.84
N THR AB 32 47.63 64.77 21.56
CA THR AB 32 47.70 63.45 20.96
C THR AB 32 46.47 62.63 21.33
N GLY AB 33 45.31 63.28 21.42
CA GLY AB 33 44.08 62.60 21.72
C GLY AB 33 43.36 62.14 20.47
N GLU AB 34 43.13 63.06 19.54
CA GLU AB 34 42.46 62.70 18.29
C GLU AB 34 43.37 61.86 17.41
N SER AB 35 44.65 62.21 17.33
CA SER AB 35 45.57 61.48 16.48
C SER AB 35 45.76 60.05 16.95
N THR AB 36 45.89 59.84 18.26
CA THR AB 36 46.08 58.50 18.79
C THR AB 36 44.87 57.62 18.49
N ALA AB 37 43.65 58.17 18.66
CA ALA AB 37 42.46 57.40 18.36
C ALA AB 37 42.38 57.07 16.88
N THR AB 38 42.72 58.02 16.02
CA THR AB 38 42.70 57.76 14.58
C THR AB 38 43.74 56.71 14.19
N SER AB 39 44.93 56.78 14.79
CA SER AB 39 45.98 55.82 14.46
C SER AB 39 45.57 54.41 14.84
N ILE AB 40 44.93 54.25 16.00
CA ILE AB 40 44.48 52.93 16.43
C ILE AB 40 43.41 52.40 15.49
N GLN AB 41 42.50 53.27 15.04
CA GLN AB 41 41.47 52.83 14.09
C GLN AB 41 42.09 52.37 12.78
N THR AB 42 43.07 53.12 12.27
CA THR AB 42 43.70 52.75 11.02
C THR AB 42 44.45 51.43 11.14
N TRP AB 43 45.11 51.19 12.28
CA TRP AB 43 45.86 49.95 12.45
C TRP AB 43 44.95 48.74 12.44
N LEU AB 44 43.81 48.82 13.12
CA LEU AB 44 42.91 47.68 13.21
C LEU AB 44 42.38 47.27 11.83
N SER AB 45 42.08 48.26 10.99
CA SER AB 45 41.52 47.96 9.68
C SER AB 45 42.52 47.22 8.79
N THR AB 46 43.79 47.19 9.18
CA THR AB 46 44.77 46.48 8.37
C THR AB 46 44.57 44.96 8.44
N TRP AB 47 44.26 44.44 9.62
CA TRP AB 47 44.20 43.00 9.82
C TRP AB 47 42.85 42.46 10.25
N ILE AB 48 41.91 43.32 10.67
CA ILE AB 48 40.55 42.83 10.96
C ILE AB 48 39.92 42.21 9.73
N PRO AB 49 39.97 42.83 8.54
CA PRO AB 49 39.38 42.18 7.36
C PRO AB 49 39.94 40.80 7.06
N ILE AB 50 41.24 40.59 7.26
CA ILE AB 50 41.80 39.27 7.02
C ILE AB 50 41.27 38.27 8.04
N GLY AB 51 41.12 38.70 9.29
CA GLY AB 51 40.53 37.83 10.29
C GLY AB 51 39.10 37.45 9.98
N CYS AB 52 38.36 38.35 9.35
CA CYS AB 52 36.98 38.04 8.97
C CYS AB 52 36.94 36.93 7.93
N ALA AB 53 37.86 36.94 6.97
CA ALA AB 53 37.90 35.88 5.97
C ALA AB 53 38.24 34.53 6.60
N ILE AB 54 39.10 34.54 7.62
CA ILE AB 54 39.45 33.29 8.30
C ILE AB 54 38.23 32.67 8.95
N ALA AB 55 37.41 33.50 9.61
CA ALA AB 55 36.23 32.98 10.29
C ALA AB 55 35.25 32.34 9.31
N ILE AB 56 35.05 32.96 8.15
CA ILE AB 56 34.15 32.39 7.15
C ILE AB 56 34.63 31.03 6.72
N MET AB 57 35.94 30.89 6.45
CA MET AB 57 36.49 29.62 6.03
C MET AB 57 36.38 28.57 7.13
N VAL AB 58 36.69 28.94 8.37
CA VAL AB 58 36.65 27.98 9.47
C VAL AB 58 35.20 27.62 9.82
N SER AB 59 34.30 28.60 9.82
CA SER AB 59 32.91 28.32 10.15
C SER AB 59 32.29 27.38 9.13
N CYS AB 60 32.59 27.57 7.85
CA CYS AB 60 32.06 26.67 6.83
C CYS AB 60 32.60 25.26 7.02
N PHE AB 61 33.86 25.14 7.44
CA PHE AB 61 34.43 23.82 7.71
C PHE AB 61 33.70 23.12 8.85
N MET AB 62 33.42 23.85 9.93
CA MET AB 62 32.73 23.25 11.06
C MET AB 62 31.31 22.82 10.68
N TRP AB 63 30.64 23.61 9.83
CA TRP AB 63 29.33 23.24 9.35
C TRP AB 63 29.37 21.94 8.55
N MET AB 64 30.39 21.77 7.71
CA MET AB 64 30.53 20.55 6.94
C MET AB 64 30.66 19.33 7.85
N LEU AB 65 31.26 19.50 9.02
CA LEU AB 65 31.51 18.40 9.95
C LEU AB 65 30.33 18.15 10.87
N HIS AB 66 29.25 18.91 10.74
CA HIS AB 66 28.05 18.72 11.57
C HIS AB 66 28.34 19.07 13.02
N VAL AB 67 29.11 20.13 13.25
CA VAL AB 67 29.47 20.58 14.58
C VAL AB 67 28.60 21.74 15.04
N ILE AB 68 28.23 22.63 14.13
CA ILE AB 68 27.44 23.80 14.48
C ILE AB 68 26.26 23.90 13.53
N PRO AB 69 25.19 24.57 13.93
CA PRO AB 69 24.03 24.73 13.05
C PRO AB 69 24.32 25.74 11.94
N ALA AB 70 23.37 25.86 11.02
CA ALA AB 70 23.50 26.74 9.88
C ALA AB 70 23.10 28.18 10.19
N SER AB 71 22.68 28.47 11.40
CA SER AB 71 22.33 29.83 11.77
C SER AB 71 23.53 30.75 11.86
N PHE AB 72 24.73 30.29 11.50
CA PHE AB 72 25.89 31.18 11.49
C PHE AB 72 25.95 32.03 10.24
N ILE AB 73 25.30 31.60 9.15
CA ILE AB 73 25.37 32.38 7.90
C ILE AB 73 24.78 33.76 8.06
N PRO AB 74 23.57 33.95 8.61
CA PRO AB 74 23.07 35.32 8.80
C PRO AB 74 23.94 36.16 9.72
N ARG AB 75 24.59 35.54 10.71
CA ARG AB 75 25.47 36.30 11.59
C ARG AB 75 26.62 36.95 10.85
N ILE AB 76 27.24 36.23 9.91
CA ILE AB 76 28.39 36.79 9.20
C ILE AB 76 27.99 38.00 8.38
N VAL AB 77 26.84 37.95 7.70
CA VAL AB 77 26.40 39.09 6.91
C VAL AB 77 26.11 40.29 7.80
N ILE AB 78 25.42 40.07 8.91
CA ILE AB 78 25.06 41.17 9.81
C ILE AB 78 26.31 41.77 10.44
N SER AB 79 27.26 40.94 10.85
CA SER AB 79 28.50 41.46 11.41
C SER AB 79 29.28 42.28 10.40
N LEU AB 80 29.33 41.85 9.15
CA LEU AB 80 30.03 42.61 8.13
C LEU AB 80 29.36 43.95 7.87
N ILE AB 81 28.04 44.01 7.98
CA ILE AB 81 27.33 45.28 7.84
C ILE AB 81 27.75 46.23 8.95
N GLY AB 82 27.84 45.71 10.19
CA GLY AB 82 28.20 46.56 11.31
C GLY AB 82 29.63 47.07 11.23
N ILE AB 83 30.56 46.21 10.79
CA ILE AB 83 31.96 46.62 10.72
C ILE AB 83 32.15 47.75 9.72
N GLY AB 84 31.52 47.67 8.55
CA GLY AB 84 31.72 48.69 7.55
C GLY AB 84 30.94 49.96 7.81
N SER AB 85 29.94 49.90 8.67
CA SER AB 85 29.08 51.05 8.98
C SER AB 85 29.36 51.64 10.35
N ALA AB 86 30.50 51.31 10.97
CA ALA AB 86 30.76 51.76 12.33
C ALA AB 86 30.81 53.29 12.42
N SER AB 87 31.57 53.92 11.53
CA SER AB 87 31.70 55.38 11.58
C SER AB 87 30.38 56.06 11.25
N TYR AB 88 29.67 55.56 10.24
CA TYR AB 88 28.40 56.17 9.86
C TYR AB 88 27.37 56.07 10.97
N LEU AB 89 27.32 54.91 11.64
CA LEU AB 89 26.32 54.70 12.69
C LEU AB 89 26.54 55.64 13.86
N VAL AB 90 27.79 55.90 14.23
CA VAL AB 90 28.06 56.76 15.38
C VAL AB 90 27.56 58.17 15.11
N SER AB 91 27.86 58.72 13.94
CA SER AB 91 27.43 60.08 13.64
C SER AB 91 25.93 60.15 13.37
N LEU AB 92 25.32 59.04 12.99
CA LEU AB 92 23.87 59.02 12.77
C LEU AB 92 23.11 59.36 14.04
N THR AB 93 23.70 59.10 15.21
CA THR AB 93 23.08 59.40 16.49
C THR AB 93 23.44 60.78 17.02
N GLY AB 94 24.23 61.56 16.28
CA GLY AB 94 24.60 62.90 16.68
C GLY AB 94 25.87 63.01 17.49
N VAL AB 95 26.50 61.89 17.85
CA VAL AB 95 27.72 61.93 18.63
C VAL AB 95 28.89 62.30 17.73
N GLY AB 96 29.74 63.20 18.21
CA GLY AB 96 30.93 63.58 17.48
C GLY AB 96 30.66 64.19 16.12
N SER AB 97 30.06 65.37 16.11
CA SER AB 97 29.81 66.09 14.86
C SER AB 97 30.09 67.58 15.01
N ALA BB 28 41.55 89.38 42.72
CA ALA BB 28 42.96 89.68 42.52
C ALA BB 28 43.57 88.76 41.47
N GLY BB 29 42.80 87.75 41.07
CA GLY BB 29 43.25 86.80 40.07
C GLY BB 29 42.21 86.54 39.00
N THR BB 30 42.24 85.35 38.42
CA THR BB 30 41.30 84.95 37.39
C THR BB 30 40.59 83.67 37.82
N ASP BB 31 39.29 83.61 37.56
CA ASP BB 31 38.49 82.43 37.89
C ASP BB 31 38.65 81.42 36.78
N THR BB 32 39.30 80.30 37.08
CA THR BB 32 39.53 79.23 36.11
C THR BB 32 38.77 77.96 36.50
N GLY BB 33 37.58 78.13 37.07
CA GLY BB 33 36.77 76.99 37.44
C GLY BB 33 35.83 76.57 36.34
N GLU BB 34 35.05 77.52 35.82
CA GLU BB 34 34.14 77.21 34.73
C GLU BB 34 34.89 76.95 33.43
N SER BB 35 35.91 77.75 33.15
CA SER BB 35 36.67 77.59 31.91
C SER BB 35 37.38 76.25 31.87
N THR BB 36 38.01 75.85 32.97
CA THR BB 36 38.73 74.58 33.00
C THR BB 36 37.80 73.41 32.77
N ALA BB 37 36.61 73.44 33.39
CA ALA BB 37 35.65 72.37 33.18
C ALA BB 37 35.16 72.34 31.74
N THR BB 38 34.91 73.51 31.15
CA THR BB 38 34.48 73.55 29.76
C THR BB 38 35.58 73.06 28.82
N SER BB 39 36.83 73.42 29.09
CA SER BB 39 37.94 73.00 28.24
C SER BB 39 38.10 71.49 28.26
N ILE BB 40 37.95 70.88 29.44
CA ILE BB 40 38.07 69.43 29.53
C ILE BB 40 36.94 68.75 28.78
N GLN BB 41 35.72 69.29 28.85
CA GLN BB 41 34.61 68.72 28.11
C GLN BB 41 34.85 68.79 26.61
N THR BB 42 35.35 69.93 26.12
CA THR BB 42 35.60 70.08 24.69
C THR BB 42 36.69 69.13 24.21
N TRP BB 43 37.72 68.92 25.03
CA TRP BB 43 38.80 68.02 24.63
C TRP BB 43 38.33 66.59 24.48
N LEU BB 44 37.50 66.11 25.41
CA LEU BB 44 37.06 64.73 25.36
C LEU BB 44 36.23 64.46 24.11
N SER BB 45 35.39 65.41 23.71
CA SER BB 45 34.53 65.20 22.56
C SER BB 45 35.33 65.08 21.27
N THR BB 46 36.62 65.43 21.29
CA THR BB 46 37.44 65.29 20.09
C THR BB 46 37.71 63.84 19.74
N TRP BB 47 37.97 63.00 20.75
CA TRP BB 47 38.38 61.63 20.50
C TRP BB 47 37.47 60.57 21.08
N ILE BB 48 36.53 60.92 21.95
CA ILE BB 48 35.54 59.93 22.41
C ILE BB 48 34.72 59.39 21.25
N PRO BB 49 34.20 60.21 20.33
CA PRO BB 49 33.44 59.65 19.20
C PRO BB 49 34.24 58.65 18.36
N ILE BB 50 35.54 58.89 18.15
CA ILE BB 50 36.33 57.94 17.38
C ILE BB 50 36.49 56.63 18.15
N GLY BB 51 36.65 56.72 19.47
CA GLY BB 51 36.71 55.52 20.27
C GLY BB 51 35.42 54.71 20.24
N CYS BB 52 34.27 55.38 20.11
CA CYS BB 52 33.00 54.68 20.01
C CYS BB 52 32.93 53.87 18.72
N ALA BB 53 33.43 54.41 17.62
CA ALA BB 53 33.43 53.67 16.36
C ALA BB 53 34.34 52.44 16.44
N ILE BB 54 35.44 52.53 17.17
CA ILE BB 54 36.34 51.39 17.32
C ILE BB 54 35.63 50.26 18.05
N ALA BB 55 34.88 50.58 19.10
CA ALA BB 55 34.20 49.54 19.87
C ALA BB 55 33.18 48.81 19.01
N ILE BB 56 32.44 49.53 18.18
CA ILE BB 56 31.44 48.90 17.33
C ILE BB 56 32.11 47.91 16.38
N MET BB 57 33.23 48.31 15.78
CA MET BB 57 33.94 47.43 14.86
C MET BB 57 34.51 46.22 15.59
N VAL BB 58 35.10 46.42 16.76
CA VAL BB 58 35.70 45.31 17.48
C VAL BB 58 34.64 44.39 18.06
N SER BB 59 33.55 44.96 18.59
CA SER BB 59 32.49 44.14 19.15
C SER BB 59 31.84 43.25 18.08
N CYS BB 60 31.63 43.80 16.89
CA CYS BB 60 31.07 42.99 15.81
C CYS BB 60 32.02 41.87 15.40
N PHE BB 61 33.32 42.12 15.45
CA PHE BB 61 34.29 41.09 15.15
C PHE BB 61 34.22 39.96 16.17
N MET BB 62 34.13 40.29 17.46
CA MET BB 62 34.05 39.26 18.49
C MET BB 62 32.77 38.44 18.35
N TRP BB 63 31.68 39.09 17.98
CA TRP BB 63 30.42 38.38 17.76
C TRP BB 63 30.55 37.37 16.61
N MET BB 64 31.24 37.76 15.53
CA MET BB 64 31.46 36.85 14.42
C MET BB 64 32.23 35.61 14.85
N LEU BB 65 33.11 35.74 15.83
CA LEU BB 65 33.94 34.64 16.28
C LEU BB 65 33.28 33.79 17.35
N HIS BB 66 32.04 34.12 17.74
CA HIS BB 66 31.30 33.34 18.73
C HIS BB 66 31.96 33.47 20.11
N VAL BB 67 32.42 34.67 20.44
CA VAL BB 67 33.07 34.93 21.72
C VAL BB 67 32.11 35.59 22.71
N ILE BB 68 31.22 36.46 22.24
CA ILE BB 68 30.31 37.16 23.12
C ILE BB 68 28.89 37.02 22.56
N PRO BB 69 27.88 37.15 23.41
CA PRO BB 69 26.50 37.07 22.93
C PRO BB 69 26.10 38.31 22.15
N ALA BB 70 24.90 38.25 21.58
CA ALA BB 70 24.39 39.35 20.76
C ALA BB 70 23.72 40.44 21.59
N SER BB 71 23.68 40.31 22.90
CA SER BB 71 23.09 41.35 23.74
C SER BB 71 23.95 42.60 23.79
N PHE BB 72 25.04 42.69 23.02
CA PHE BB 72 25.83 43.92 23.00
C PHE BB 72 25.22 44.98 22.09
N ILE BB 73 24.38 44.57 21.12
CA ILE BB 73 23.81 45.55 20.20
C ILE BB 73 22.95 46.57 20.92
N PRO BB 74 22.00 46.19 21.77
CA PRO BB 74 21.22 47.21 22.49
C PRO BB 74 22.07 48.10 23.38
N ARG BB 75 23.17 47.59 23.93
CA ARG BB 75 24.04 48.40 24.77
C ARG BB 75 24.65 49.56 23.99
N ILE BB 76 25.08 49.33 22.75
CA ILE BB 76 25.71 50.39 21.99
C ILE BB 76 24.74 51.53 21.71
N VAL BB 77 23.50 51.20 21.35
CA VAL BB 77 22.52 52.23 21.07
C VAL BB 77 22.22 53.04 22.33
N ILE BB 78 22.03 52.36 23.46
CA ILE BB 78 21.70 53.06 24.70
C ILE BB 78 22.87 53.93 25.16
N SER BB 79 24.09 53.42 25.04
CA SER BB 79 25.25 54.24 25.42
C SER BB 79 25.39 55.47 24.54
N LEU BB 80 25.12 55.34 23.24
CA LEU BB 80 25.20 56.50 22.35
C LEU BB 80 24.13 57.53 22.70
N ILE BB 81 22.96 57.08 23.15
CA ILE BB 81 21.92 58.02 23.59
C ILE BB 81 22.40 58.80 24.80
N GLY BB 82 23.05 58.12 25.74
CA GLY BB 82 23.51 58.79 26.94
C GLY BB 82 24.62 59.78 26.68
N ILE BB 83 25.55 59.43 25.77
CA ILE BB 83 26.68 60.32 25.48
C ILE BB 83 26.20 61.62 24.86
N GLY BB 84 25.26 61.56 23.92
CA GLY BB 84 24.80 62.77 23.26
C GLY BB 84 23.83 63.59 24.08
N SER BB 85 23.24 62.99 25.11
CA SER BB 85 22.25 63.66 25.95
C SER BB 85 22.80 64.02 27.33
N ALA BB 86 24.12 64.01 27.51
CA ALA BB 86 24.69 64.23 28.84
C ALA BB 86 24.33 65.61 29.37
N SER BB 87 24.54 66.66 28.57
CA SER BB 87 24.27 68.02 29.01
C SER BB 87 22.77 68.23 29.25
N TYR BB 88 21.93 67.72 28.35
CA TYR BB 88 20.50 67.91 28.50
C TYR BB 88 19.97 67.19 29.74
N LEU BB 89 20.48 66.00 30.02
CA LEU BB 89 19.99 65.23 31.16
C LEU BB 89 20.32 65.92 32.47
N VAL BB 90 21.50 66.53 32.58
CA VAL BB 90 21.89 67.18 33.83
C VAL BB 90 20.95 68.34 34.15
N SER BB 91 20.66 69.19 33.16
CA SER BB 91 19.79 70.33 33.40
C SER BB 91 18.34 69.92 33.55
N LEU BB 92 17.98 68.76 33.02
CA LEU BB 92 16.61 68.27 33.17
C LEU BB 92 16.25 68.04 34.64
N THR BB 93 17.24 67.77 35.47
CA THR BB 93 17.03 67.56 36.90
C THR BB 93 17.16 68.84 37.72
N GLY BB 94 17.39 69.99 37.07
CA GLY BB 94 17.49 71.25 37.76
C GLY BB 94 18.87 71.65 38.21
N VAL BB 95 19.86 70.78 38.06
CA VAL BB 95 21.22 71.10 38.48
C VAL BB 95 21.86 72.05 37.46
N GLY BB 96 22.54 73.07 37.97
CA GLY BB 96 23.25 74.00 37.12
C GLY BB 96 22.37 74.73 36.13
N SER BB 97 21.51 75.60 36.62
CA SER BB 97 20.65 76.41 35.76
C SER BB 97 20.54 77.84 36.28
N ALA CB 28 34.05 96.18 65.56
CA ALA CB 28 35.17 97.00 65.12
C ALA CB 28 35.61 96.59 63.72
N GLY CB 29 35.06 95.47 63.23
CA GLY CB 29 35.41 94.98 61.92
C GLY CB 29 34.19 94.58 61.11
N THR CB 30 34.36 93.63 60.20
CA THR CB 30 33.27 93.13 59.37
C THR CB 30 33.15 91.63 59.55
N ASP CB 31 31.90 91.15 59.63
CA ASP CB 31 31.62 89.73 59.76
C ASP CB 31 31.68 89.08 58.38
N THR CB 32 32.69 88.24 58.16
CA THR CB 32 32.86 87.55 56.89
C THR CB 32 32.67 86.05 57.05
N GLY CB 33 31.75 85.65 57.92
CA GLY CB 33 31.46 84.25 58.11
C GLY CB 33 30.37 83.76 57.21
N GLU CB 34 29.21 84.44 57.22
CA GLU CB 34 28.11 84.04 56.35
C GLU CB 34 28.43 84.35 54.89
N SER CB 35 29.04 85.51 54.62
CA SER CB 35 29.34 85.88 53.24
C SER CB 35 30.35 84.93 52.61
N THR CB 36 31.40 84.57 53.35
CA THR CB 36 32.40 83.67 52.81
C THR CB 36 31.81 82.31 52.48
N ALA CB 37 30.95 81.78 53.35
CA ALA CB 37 30.32 80.50 53.07
C ALA CB 37 29.40 80.59 51.85
N THR CB 38 28.65 81.69 51.73
CA THR CB 38 27.79 81.86 50.56
C THR CB 38 28.60 82.00 49.29
N SER CB 39 29.72 82.73 49.34
CA SER CB 39 30.55 82.92 48.15
C SER CB 39 31.12 81.59 47.67
N ILE CB 40 31.55 80.74 48.59
CA ILE CB 40 32.10 79.44 48.22
C ILE CB 40 31.02 78.57 47.60
N GLN CB 41 29.80 78.62 48.14
CA GLN CB 41 28.71 77.84 47.56
C GLN CB 41 28.40 78.31 46.14
N THR CB 42 28.36 79.62 45.91
CA THR CB 42 28.07 80.14 44.58
C THR CB 42 29.16 79.76 43.58
N TRP CB 43 30.41 79.77 44.01
CA TRP CB 43 31.50 79.44 43.11
C TRP CB 43 31.42 77.99 42.64
N LEU CB 44 31.14 77.07 43.56
CA LEU CB 44 31.10 75.65 43.20
C LEU CB 44 30.02 75.37 42.17
N SER CB 45 28.87 76.01 42.31
CA SER CB 45 27.77 75.74 41.40
C SER CB 45 28.09 76.18 39.97
N THR CB 46 29.15 76.96 39.79
CA THR CB 46 29.52 77.39 38.44
C THR CB 46 30.05 76.22 37.61
N TRP CB 47 30.86 75.35 38.21
CA TRP CB 47 31.55 74.30 37.46
C TRP CB 47 31.22 72.89 37.90
N ILE CB 48 30.56 72.69 39.04
CA ILE CB 48 30.11 71.34 39.41
C ILE CB 48 29.14 70.80 38.37
N PRO CB 49 28.13 71.54 37.91
CA PRO CB 49 27.23 70.99 36.89
C PRO CB 49 27.94 70.54 35.62
N ILE CB 50 28.96 71.26 35.17
CA ILE CB 50 29.69 70.84 33.98
C ILE CB 50 30.45 69.56 34.25
N GLY CB 51 31.01 69.42 35.45
CA GLY CB 51 31.68 68.18 35.81
C GLY CB 51 30.73 66.99 35.84
N CYS CB 52 29.48 67.22 36.22
CA CYS CB 52 28.49 66.14 36.22
C CYS CB 52 28.22 65.63 34.82
N ALA CB 53 28.16 66.54 33.84
CA ALA CB 53 27.94 66.11 32.47
C ALA CB 53 29.12 65.31 31.94
N ILE CB 54 30.34 65.64 32.36
CA ILE CB 54 31.52 64.90 31.93
C ILE CB 54 31.44 63.46 32.42
N ALA CB 55 31.04 63.27 33.68
CA ALA CB 55 30.97 61.92 34.24
C ALA CB 55 29.97 61.06 33.48
N ILE CB 56 28.82 61.62 33.13
CA ILE CB 56 27.81 60.86 32.39
C ILE CB 56 28.38 60.40 31.06
N MET CB 57 29.07 61.29 30.34
CA MET CB 57 29.65 60.93 29.06
C MET CB 57 30.74 59.88 29.21
N VAL CB 58 31.62 60.04 30.21
CA VAL CB 58 32.71 59.10 30.39
C VAL CB 58 32.20 57.76 30.89
N SER CB 59 31.24 57.78 31.82
CA SER CB 59 30.71 56.53 32.35
C SER CB 59 30.02 55.71 31.27
N CYS CB 60 29.27 56.37 30.39
CA CYS CB 60 28.62 55.66 29.29
C CYS CB 60 29.66 55.06 28.34
N PHE CB 61 30.78 55.76 28.13
CA PHE CB 61 31.85 55.22 27.30
C PHE CB 61 32.44 53.95 27.91
N MET CB 62 32.70 53.97 29.22
CA MET CB 62 33.26 52.78 29.88
C MET CB 62 32.30 51.61 29.82
N TRP CB 63 31.00 51.88 29.94
CA TRP CB 63 30.01 50.82 29.83
C TRP CB 63 30.03 50.19 28.44
N MET CB 64 30.17 51.01 27.41
CA MET CB 64 30.24 50.48 26.04
C MET CB 64 31.43 49.55 25.87
N LEU CB 65 32.52 49.79 26.59
CA LEU CB 65 33.73 49.00 26.48
C LEU CB 65 33.72 47.77 27.36
N HIS CB 66 32.65 47.54 28.12
CA HIS CB 66 32.54 46.37 28.99
C HIS CB 66 33.55 46.44 30.13
N VAL CB 67 33.74 47.62 30.68
CA VAL CB 67 34.68 47.84 31.78
C VAL CB 67 33.97 47.90 33.12
N ILE CB 68 32.76 48.45 33.17
CA ILE CB 68 32.03 48.59 34.43
C ILE CB 68 30.63 48.06 34.22
N PRO CB 69 29.95 47.65 35.29
CA PRO CB 69 28.58 47.16 35.17
C PRO CB 69 27.61 48.31 34.93
N ALA CB 70 26.35 47.94 34.69
CA ALA CB 70 25.31 48.91 34.40
C ALA CB 70 24.69 49.51 35.65
N SER CB 71 25.12 49.10 36.83
CA SER CB 71 24.58 49.67 38.06
C SER CB 71 25.02 51.11 38.28
N PHE CB 72 25.72 51.74 37.33
CA PHE CB 72 26.08 53.14 37.48
C PHE CB 72 24.92 54.06 37.12
N ILE CB 73 23.96 53.60 36.32
CA ILE CB 73 22.85 54.46 35.91
C ILE CB 73 22.04 54.94 37.09
N PRO CB 74 21.58 54.08 38.01
CA PRO CB 74 20.83 54.59 39.17
C PRO CB 74 21.64 55.52 40.04
N ARG CB 75 22.97 55.33 40.11
CA ARG CB 75 23.80 56.22 40.92
C ARG CB 75 23.75 57.65 40.41
N ILE CB 76 23.80 57.85 39.09
CA ILE CB 76 23.82 59.20 38.55
C ILE CB 76 22.52 59.93 38.88
N VAL CB 77 21.38 59.26 38.76
CA VAL CB 77 20.11 59.91 39.06
C VAL CB 77 20.04 60.28 40.54
N ILE CB 78 20.44 59.37 41.42
CA ILE CB 78 20.36 59.62 42.86
C ILE CB 78 21.32 60.74 43.26
N SER CB 79 22.53 60.76 42.69
CA SER CB 79 23.47 61.83 42.99
C SER CB 79 22.94 63.19 42.53
N LEU CB 80 22.30 63.24 41.36
CA LEU CB 80 21.75 64.50 40.88
C LEU CB 80 20.62 64.98 41.78
N ILE CB 81 19.85 64.06 42.34
CA ILE CB 81 18.79 64.44 43.28
C ILE CB 81 19.41 65.09 44.52
N GLY CB 82 20.50 64.50 45.02
CA GLY CB 82 21.13 65.04 46.22
C GLY CB 82 21.76 66.40 46.00
N ILE CB 83 22.39 66.59 44.83
CA ILE CB 83 23.06 67.87 44.55
C ILE CB 83 22.05 69.01 44.50
N GLY CB 84 20.91 68.80 43.85
CA GLY CB 84 19.94 69.87 43.71
C GLY CB 84 19.12 70.11 44.96
N SER CB 85 19.10 69.14 45.88
CA SER CB 85 18.31 69.23 47.10
C SER CB 85 19.15 69.47 48.34
N ALA CB 86 20.40 69.89 48.17
CA ALA CB 86 21.30 70.03 49.32
C ALA CB 86 20.77 71.05 50.32
N SER CB 87 20.39 72.24 49.84
CA SER CB 87 19.91 73.28 50.74
C SER CB 87 18.59 72.89 51.39
N TYR CB 88 17.68 72.31 50.62
CA TYR CB 88 16.38 71.93 51.17
C TYR CB 88 16.53 70.85 52.23
N LEU CB 89 17.41 69.88 51.99
CA LEU CB 89 17.57 68.78 52.93
C LEU CB 89 18.11 69.25 54.27
N VAL CB 90 19.04 70.21 54.25
CA VAL CB 90 19.62 70.69 55.51
C VAL CB 90 18.56 71.33 56.39
N SER CB 91 17.73 72.21 55.80
CA SER CB 91 16.71 72.89 56.59
C SER CB 91 15.58 71.95 56.97
N LEU CB 92 15.40 70.87 56.21
CA LEU CB 92 14.36 69.91 56.54
C LEU CB 92 14.59 69.27 57.91
N THR CB 93 15.84 69.21 58.35
CA THR CB 93 16.19 68.66 59.65
C THR CB 93 16.22 69.70 60.76
N GLY CB 94 15.89 70.96 60.45
CA GLY CB 94 15.85 72.00 61.45
C GLY CB 94 17.13 72.77 61.64
N VAL CB 95 18.21 72.37 60.99
CA VAL CB 95 19.49 73.06 61.13
C VAL CB 95 19.45 74.36 60.34
N GLY CB 96 19.95 75.44 60.95
CA GLY CB 96 20.04 76.71 60.27
C GLY CB 96 18.71 77.26 59.80
N SER CB 97 17.85 77.64 60.73
CA SER CB 97 16.57 78.25 60.40
C SER CB 97 16.25 79.40 61.34
N ALA DB 28 33.07 94.98 90.50
CA ALA DB 28 33.69 96.22 90.06
C ALA DB 28 33.73 96.29 88.54
N GLY DB 29 33.39 95.17 87.89
CA GLY DB 29 33.39 95.12 86.45
C GLY DB 29 32.14 94.48 85.89
N THR DB 30 32.26 93.86 84.72
CA THR DB 30 31.14 93.19 84.07
C THR DB 30 31.51 91.73 83.82
N ASP DB 31 30.55 90.84 84.04
CA ASP DB 31 30.74 89.42 83.81
C ASP DB 31 30.52 89.13 82.33
N THR DB 32 31.58 88.77 81.62
CA THR DB 32 31.51 88.47 80.19
C THR DB 32 31.82 87.01 79.93
N GLY DB 33 31.38 86.13 80.84
CA GLY DB 33 31.59 84.71 80.66
C GLY DB 33 30.44 84.04 79.95
N GLU DB 34 29.22 84.26 80.45
CA GLU DB 34 28.04 83.68 79.80
C GLU DB 34 27.75 84.36 78.47
N SER DB 35 27.87 85.69 78.43
CA SER DB 35 27.58 86.42 77.21
C SER DB 35 28.55 86.06 76.09
N THR DB 36 29.84 85.94 76.40
CA THR DB 36 30.82 85.61 75.37
C THR DB 36 30.55 84.22 74.79
N ALA DB 37 30.22 83.26 75.66
CA ALA DB 37 29.92 81.92 75.16
C ALA DB 37 28.67 81.92 74.30
N THR DB 38 27.64 82.67 74.71
CA THR DB 38 26.43 82.75 73.90
C THR DB 38 26.69 83.43 72.56
N SER DB 39 27.50 84.49 72.56
CA SER DB 39 27.78 85.20 71.32
C SER DB 39 28.52 84.30 70.33
N ILE DB 40 29.46 83.50 70.82
CA ILE DB 40 30.19 82.58 69.94
C ILE DB 40 29.24 81.53 69.36
N GLN DB 41 28.33 81.02 70.18
CA GLN DB 41 27.36 80.05 69.69
C GLN DB 41 26.48 80.64 68.60
N THR DB 42 26.01 81.86 68.80
CA THR DB 42 25.14 82.50 67.80
C THR DB 42 25.89 82.75 66.50
N TRP DB 43 27.17 83.14 66.59
CA TRP DB 43 27.93 83.42 65.38
C TRP DB 43 28.11 82.15 64.54
N LEU DB 44 28.42 81.03 65.17
CA LEU DB 44 28.68 79.80 64.42
C LEU DB 44 27.44 79.36 63.66
N SER DB 45 26.26 79.50 64.26
CA SER DB 45 25.03 79.05 63.62
C SER DB 45 24.73 79.85 62.36
N THR DB 46 25.40 80.99 62.16
CA THR DB 46 25.16 81.77 60.95
C THR DB 46 25.68 81.08 59.71
N TRP DB 47 26.86 80.46 59.80
CA TRP DB 47 27.51 79.91 58.62
C TRP DB 47 27.76 78.41 58.67
N ILE DB 48 27.62 77.76 59.83
CA ILE DB 48 27.70 76.29 59.85
C ILE DB 48 26.64 75.66 58.99
N PRO DB 49 25.37 76.05 59.04
CA PRO DB 49 24.37 75.44 58.15
C PRO DB 49 24.71 75.56 56.67
N ILE DB 50 25.28 76.67 56.23
CA ILE DB 50 25.65 76.80 54.82
C ILE DB 50 26.78 75.83 54.49
N GLY DB 51 27.74 75.68 55.41
CA GLY DB 51 28.81 74.72 55.19
C GLY DB 51 28.30 73.29 55.11
N CYS DB 52 27.23 72.96 55.83
CA CYS DB 52 26.65 71.63 55.75
C CYS DB 52 26.08 71.35 54.37
N ALA DB 53 25.43 72.36 53.76
CA ALA DB 53 24.90 72.17 52.42
C ALA DB 53 26.01 71.97 51.40
N ILE DB 54 27.14 72.63 51.59
CA ILE DB 54 28.27 72.46 50.68
C ILE DB 54 28.78 71.02 50.71
N ALA DB 55 28.89 70.45 51.91
CA ALA DB 55 29.40 69.09 52.02
C ALA DB 55 28.49 68.09 51.32
N ILE DB 56 27.17 68.27 51.45
CA ILE DB 56 26.24 67.36 50.78
C ILE DB 56 26.43 67.41 49.28
N MET DB 57 26.55 68.63 48.73
CA MET DB 57 26.74 68.76 47.29
C MET DB 57 28.07 68.18 46.83
N VAL DB 58 29.15 68.43 47.58
CA VAL DB 58 30.46 67.94 47.18
C VAL DB 58 30.55 66.43 47.37
N SER DB 59 29.99 65.91 48.47
CA SER DB 59 30.04 64.47 48.71
C SER DB 59 29.29 63.70 47.63
N CYS DB 60 28.13 64.21 47.21
CA CYS DB 60 27.38 63.56 46.15
C CYS DB 60 28.16 63.58 44.84
N PHE DB 61 28.90 64.65 44.58
CA PHE DB 61 29.74 64.73 43.39
C PHE DB 61 30.82 63.67 43.42
N MET DB 62 31.50 63.50 44.55
CA MET DB 62 32.55 62.50 44.66
C MET DB 62 32.00 61.10 44.48
N TRP DB 63 30.80 60.84 45.01
CA TRP DB 63 30.17 59.54 44.83
C TRP DB 63 29.89 59.26 43.36
N MET DB 64 29.43 60.27 42.61
CA MET DB 64 29.20 60.10 41.19
C MET DB 64 30.46 59.70 40.45
N LEU DB 65 31.61 60.17 40.91
CA LEU DB 65 32.89 59.91 40.26
C LEU DB 65 33.53 58.60 40.71
N HIS DB 66 32.89 57.86 41.60
CA HIS DB 66 33.41 56.57 42.06
C HIS DB 66 34.69 56.77 42.88
N VAL DB 67 34.71 57.81 43.71
CA VAL DB 67 35.85 58.12 44.53
C VAL DB 67 35.66 57.64 45.97
N ILE DB 68 34.44 57.69 46.49
CA ILE DB 68 34.16 57.31 47.87
C ILE DB 68 32.98 56.36 47.86
N PRO DB 69 32.85 55.52 48.89
CA PRO DB 69 31.71 54.61 48.98
C PRO DB 69 30.43 55.35 49.34
N ALA DB 70 29.32 54.61 49.32
CA ALA DB 70 28.02 55.18 49.61
C ALA DB 70 27.72 55.24 51.10
N SER DB 71 28.61 54.78 51.95
CA SER DB 71 28.39 54.86 53.39
C SER DB 71 28.45 56.27 53.92
N PHE DB 72 28.58 57.30 53.07
CA PHE DB 72 28.55 58.67 53.55
C PHE DB 72 27.14 59.17 53.79
N ILE DB 73 26.14 58.57 53.14
CA ILE DB 73 24.76 59.03 53.29
C ILE DB 73 24.29 58.93 54.73
N PRO DB 74 24.42 57.79 55.43
CA PRO DB 74 24.00 57.75 56.84
C PRO DB 74 24.77 58.71 57.73
N ARG DB 75 26.03 59.00 57.40
CA ARG DB 75 26.80 59.94 58.21
C ARG DB 75 26.18 61.34 58.19
N ILE DB 76 25.72 61.80 57.03
CA ILE DB 76 25.18 63.15 56.94
C ILE DB 76 23.92 63.28 57.79
N VAL DB 77 23.04 62.28 57.75
CA VAL DB 77 21.82 62.36 58.54
C VAL DB 77 22.15 62.36 60.04
N ILE DB 78 23.07 61.50 60.47
CA ILE DB 78 23.41 61.41 61.88
C ILE DB 78 24.08 62.69 62.36
N SER DB 79 24.98 63.26 61.54
CA SER DB 79 25.62 64.51 61.91
C SER DB 79 24.61 65.65 62.03
N LEU DB 80 23.63 65.71 61.12
CA LEU DB 80 22.63 66.75 61.21
C LEU DB 80 21.77 66.60 62.46
N ILE DB 81 21.52 65.36 62.88
CA ILE DB 81 20.79 65.14 64.13
C ILE DB 81 21.58 65.69 65.31
N GLY DB 82 22.88 65.46 65.32
CA GLY DB 82 23.70 65.93 66.43
C GLY DB 82 23.82 67.44 66.48
N ILE DB 83 23.94 68.09 65.32
CA ILE DB 83 24.08 69.54 65.29
C ILE DB 83 22.84 70.23 65.84
N GLY DB 84 21.65 69.75 65.45
CA GLY DB 84 20.43 70.41 65.90
C GLY DB 84 20.04 70.06 67.33
N SER DB 85 20.60 68.99 67.87
CA SER DB 85 20.28 68.54 69.22
C SER DB 85 21.39 68.81 70.23
N ALA DB 86 22.34 69.68 69.90
CA ALA DB 86 23.49 69.89 70.77
C ALA DB 86 23.06 70.43 72.13
N SER DB 87 22.23 71.48 72.15
CA SER DB 87 21.81 72.07 73.40
C SER DB 87 20.96 71.11 74.22
N TYR DB 88 20.03 70.39 73.56
CA TYR DB 88 19.16 69.47 74.26
C TYR DB 88 19.96 68.32 74.87
N LEU DB 89 20.94 67.82 74.14
CA LEU DB 89 21.71 66.67 74.63
C LEU DB 89 22.52 67.03 75.87
N VAL DB 90 23.07 68.23 75.92
CA VAL DB 90 23.89 68.62 77.06
C VAL DB 90 23.05 68.66 78.34
N SER DB 91 21.86 69.27 78.27
CA SER DB 91 21.01 69.36 79.46
C SER DB 91 20.38 68.02 79.80
N LEU DB 92 20.27 67.12 78.82
CA LEU DB 92 19.72 65.80 79.09
C LEU DB 92 20.56 65.03 80.09
N THR DB 93 21.85 65.33 80.18
CA THR DB 93 22.76 64.69 81.12
C THR DB 93 22.86 65.42 82.45
N GLY DB 94 22.11 66.51 82.63
CA GLY DB 94 22.12 67.24 83.87
C GLY DB 94 23.13 68.36 83.97
N VAL DB 95 24.00 68.53 82.98
CA VAL DB 95 24.98 69.59 83.01
C VAL DB 95 24.32 70.92 82.68
N GLY DB 96 24.68 71.95 83.44
CA GLY DB 96 24.17 73.29 83.19
C GLY DB 96 22.66 73.41 83.24
N SER DB 97 22.09 73.24 84.44
CA SER DB 97 20.66 73.41 84.63
C SER DB 97 20.36 74.14 85.93
N ALA EB 28 -61.33 -36.03 -14.96
CA ALA EB 28 -61.42 -34.58 -15.03
C ALA EB 28 -62.08 -34.14 -16.33
N GLY EB 29 -62.27 -35.09 -17.24
CA GLY EB 29 -62.89 -34.80 -18.52
C GLY EB 29 -63.96 -35.80 -18.89
N THR EB 30 -64.18 -36.00 -20.18
CA THR EB 30 -65.16 -36.95 -20.68
C THR EB 30 -64.47 -37.95 -21.60
N ASP EB 31 -64.87 -39.22 -21.47
CA ASP EB 31 -64.33 -40.28 -22.30
C ASP EB 31 -65.08 -40.29 -23.64
N THR EB 32 -64.39 -39.93 -24.71
CA THR EB 32 -64.96 -39.89 -26.05
C THR EB 32 -64.33 -40.94 -26.95
N GLY EB 33 -64.00 -42.09 -26.38
CA GLY EB 33 -63.43 -43.16 -27.17
C GLY EB 33 -64.48 -44.11 -27.71
N GLU EB 34 -65.35 -44.61 -26.84
CA GLU EB 34 -66.41 -45.50 -27.29
C GLU EB 34 -67.47 -44.73 -28.07
N SER EB 35 -67.82 -43.53 -27.62
CA SER EB 35 -68.86 -42.76 -28.30
C SER EB 35 -68.43 -42.36 -29.70
N THR EB 36 -67.17 -41.92 -29.85
CA THR EB 36 -66.69 -41.52 -31.17
C THR EB 36 -66.70 -42.68 -32.15
N ALA EB 37 -66.27 -43.87 -31.69
CA ALA EB 37 -66.30 -45.03 -32.57
C ALA EB 37 -67.72 -45.41 -32.94
N THR EB 38 -68.65 -45.35 -31.99
CA THR EB 38 -70.04 -45.67 -32.29
C THR EB 38 -70.64 -44.65 -33.26
N SER EB 39 -70.32 -43.36 -33.07
CA SER EB 39 -70.85 -42.33 -33.96
C SER EB 39 -70.38 -42.53 -35.39
N ILE EB 40 -69.11 -42.89 -35.57
CA ILE EB 40 -68.58 -43.11 -36.91
C ILE EB 40 -69.26 -44.31 -37.55
N GLN EB 41 -69.51 -45.37 -36.78
CA GLN EB 41 -70.20 -46.54 -37.31
C GLN EB 41 -71.61 -46.19 -37.76
N THR EB 42 -72.33 -45.41 -36.96
CA THR EB 42 -73.69 -45.04 -37.31
C THR EB 42 -73.74 -44.17 -38.56
N TRP EB 43 -72.77 -43.27 -38.70
CA TRP EB 43 -72.74 -42.39 -39.87
C TRP EB 43 -72.54 -43.18 -41.16
N LEU EB 44 -71.62 -44.15 -41.15
CA LEU EB 44 -71.33 -44.90 -42.36
C LEU EB 44 -72.54 -45.68 -42.84
N SER EB 45 -73.31 -46.25 -41.91
CA SER EB 45 -74.47 -47.04 -42.29
C SER EB 45 -75.55 -46.22 -42.97
N THR EB 46 -75.45 -44.89 -42.89
CA THR EB 46 -76.44 -44.04 -43.54
C THR EB 46 -76.32 -44.10 -45.06
N TRP EB 47 -75.09 -44.10 -45.58
CA TRP EB 47 -74.88 -43.99 -47.01
C TRP EB 47 -74.15 -45.16 -47.64
N ILE EB 48 -73.54 -46.06 -46.86
CA ILE EB 48 -72.96 -47.27 -47.44
C ILE EB 48 -74.01 -48.11 -48.14
N PRO EB 49 -75.19 -48.37 -47.55
CA PRO EB 49 -76.20 -49.15 -48.28
C PRO EB 49 -76.60 -48.56 -49.62
N ILE EB 50 -76.70 -47.23 -49.72
CA ILE EB 50 -77.05 -46.62 -51.00
C ILE EB 50 -75.92 -46.83 -52.00
N GLY EB 51 -74.67 -46.73 -51.56
CA GLY EB 51 -73.56 -47.01 -52.45
C GLY EB 51 -73.54 -48.43 -52.95
N CYS EB 52 -74.00 -49.38 -52.13
CA CYS EB 52 -74.07 -50.77 -52.56
C CYS EB 52 -75.06 -50.95 -53.70
N ALA EB 53 -76.20 -50.26 -53.64
CA ALA EB 53 -77.18 -50.35 -54.72
C ALA EB 53 -76.63 -49.76 -56.02
N ILE EB 54 -75.81 -48.71 -55.91
CA ILE EB 54 -75.23 -48.12 -57.11
C ILE EB 54 -74.30 -49.10 -57.80
N ALA EB 55 -73.49 -49.83 -57.03
CA ALA EB 55 -72.56 -50.78 -57.63
C ALA EB 55 -73.30 -51.89 -58.37
N ILE EB 56 -74.39 -52.39 -57.80
CA ILE EB 56 -75.15 -53.44 -58.46
C ILE EB 56 -75.69 -52.95 -59.80
N MET EB 57 -76.22 -51.73 -59.83
CA MET EB 57 -76.75 -51.18 -61.08
C MET EB 57 -75.64 -50.96 -62.10
N VAL EB 58 -74.50 -50.41 -61.67
CA VAL EB 58 -73.41 -50.13 -62.59
C VAL EB 58 -72.75 -51.42 -63.07
N SER EB 59 -72.55 -52.37 -62.16
CA SER EB 59 -71.92 -53.64 -62.54
C SER EB 59 -72.76 -54.39 -63.56
N CYS EB 60 -74.08 -54.40 -63.38
CA CYS EB 60 -74.96 -55.06 -64.35
C CYS EB 60 -74.89 -54.37 -65.71
N PHE EB 61 -74.75 -53.04 -65.71
CA PHE EB 61 -74.60 -52.31 -66.96
C PHE EB 61 -73.32 -52.71 -67.69
N MET EB 62 -72.21 -52.81 -66.96
CA MET EB 62 -70.94 -53.19 -67.59
C MET EB 62 -71.01 -54.61 -68.14
N TRP EB 63 -71.69 -55.51 -67.43
CA TRP EB 63 -71.87 -56.87 -67.92
C TRP EB 63 -72.65 -56.89 -69.23
N MET EB 64 -73.69 -56.08 -69.34
CA MET EB 64 -74.46 -56.00 -70.57
C MET EB 64 -73.59 -55.57 -71.74
N LEU EB 65 -72.58 -54.73 -71.49
CA LEU EB 65 -71.72 -54.20 -72.54
C LEU EB 65 -70.55 -55.13 -72.86
N HIS EB 66 -70.45 -56.27 -72.20
CA HIS EB 66 -69.38 -57.23 -72.46
C HIS EB 66 -68.02 -56.67 -72.05
N VAL EB 67 -67.99 -55.96 -70.92
CA VAL EB 67 -66.77 -55.36 -70.42
C VAL EB 67 -66.14 -56.19 -69.30
N ILE EB 68 -66.96 -56.83 -68.47
CA ILE EB 68 -66.45 -57.63 -67.35
C ILE EB 68 -67.12 -58.98 -67.39
N PRO EB 69 -66.49 -59.99 -66.80
CA PRO EB 69 -67.11 -61.32 -66.75
C PRO EB 69 -68.26 -61.38 -65.76
N ALA EB 70 -68.94 -62.52 -65.75
CA ALA EB 70 -70.10 -62.70 -64.88
C ALA EB 70 -69.72 -63.16 -63.48
N SER EB 71 -68.44 -63.32 -63.18
CA SER EB 71 -68.02 -63.71 -61.84
C SER EB 71 -68.22 -62.59 -60.83
N PHE EB 72 -68.82 -61.46 -61.20
CA PHE EB 72 -69.09 -60.41 -60.23
C PHE EB 72 -70.34 -60.70 -59.40
N ILE EB 73 -71.25 -61.54 -59.91
CA ILE EB 73 -72.49 -61.81 -59.18
C ILE EB 73 -72.21 -62.46 -57.83
N PRO EB 74 -71.42 -63.54 -57.73
CA PRO EB 74 -71.13 -64.10 -56.40
C PRO EB 74 -70.43 -63.13 -55.47
N ARG EB 75 -69.61 -62.22 -56.00
CA ARG EB 75 -68.94 -61.23 -55.16
C ARG EB 75 -69.93 -60.33 -54.43
N ILE EB 76 -70.98 -59.89 -55.12
CA ILE EB 76 -71.93 -58.97 -54.50
C ILE EB 76 -72.65 -59.64 -53.33
N VAL EB 77 -73.06 -60.89 -53.51
CA VAL EB 77 -73.75 -61.60 -52.43
C VAL EB 77 -72.82 -61.78 -51.24
N ILE EB 78 -71.58 -62.20 -51.48
CA ILE EB 78 -70.65 -62.44 -50.38
C ILE EB 78 -70.31 -61.14 -49.66
N SER EB 79 -70.11 -60.05 -50.40
CA SER EB 79 -69.84 -58.77 -49.76
C SER EB 79 -71.00 -58.29 -48.91
N LEU EB 80 -72.24 -58.49 -49.38
CA LEU EB 80 -73.40 -58.10 -48.60
C LEU EB 80 -73.51 -58.91 -47.32
N ILE EB 81 -73.12 -60.19 -47.37
CA ILE EB 81 -73.11 -61.01 -46.16
C ILE EB 81 -72.12 -60.44 -45.15
N GLY EB 82 -70.93 -60.04 -45.62
CA GLY EB 82 -69.93 -59.51 -44.71
C GLY EB 82 -70.32 -58.18 -44.09
N ILE EB 83 -70.94 -57.30 -44.88
CA ILE EB 83 -71.33 -55.99 -44.36
C ILE EB 83 -72.36 -56.11 -43.25
N GLY EB 84 -73.35 -56.99 -43.42
CA GLY EB 84 -74.39 -57.10 -42.41
C GLY EB 84 -73.98 -57.91 -41.20
N SER EB 85 -72.91 -58.69 -41.32
CA SER EB 85 -72.44 -59.55 -40.23
C SER EB 85 -71.16 -59.03 -39.59
N ALA EB 86 -70.81 -57.76 -39.80
CA ALA EB 86 -69.54 -57.25 -39.30
C ALA EB 86 -69.48 -57.31 -37.77
N SER EB 87 -70.51 -56.82 -37.10
CA SER EB 87 -70.51 -56.80 -35.64
C SER EB 87 -70.55 -58.22 -35.07
N TYR EB 88 -71.37 -59.09 -35.67
CA TYR EB 88 -71.47 -60.46 -35.15
C TYR EB 88 -70.15 -61.20 -35.33
N LEU EB 89 -69.49 -61.01 -36.46
CA LEU EB 89 -68.24 -61.74 -36.72
C LEU EB 89 -67.15 -61.36 -35.73
N VAL EB 90 -67.07 -60.07 -35.37
CA VAL EB 90 -66.02 -59.63 -34.45
C VAL EB 90 -66.18 -60.29 -33.09
N SER EB 91 -67.40 -60.31 -32.55
CA SER EB 91 -67.61 -60.91 -31.24
C SER EB 91 -67.54 -62.43 -31.29
N LEU EB 92 -67.76 -63.01 -32.47
CA LEU EB 92 -67.66 -64.46 -32.61
C LEU EB 92 -66.25 -64.95 -32.29
N THR EB 93 -65.25 -64.11 -32.48
CA THR EB 93 -63.86 -64.46 -32.19
C THR EB 93 -63.43 -64.09 -30.77
N GLY EB 94 -64.34 -63.56 -29.96
CA GLY EB 94 -64.04 -63.23 -28.58
C GLY EB 94 -63.54 -61.82 -28.35
N VAL EB 95 -63.31 -61.05 -29.40
CA VAL EB 95 -62.83 -59.68 -29.24
C VAL EB 95 -63.97 -58.78 -28.79
N GLY EB 96 -63.69 -57.92 -27.83
CA GLY EB 96 -64.67 -56.96 -27.37
C GLY EB 96 -65.94 -57.58 -26.82
N SER EB 97 -65.83 -58.26 -25.69
CA SER EB 97 -67.00 -58.84 -25.03
C SER EB 97 -66.93 -58.65 -23.52
N ALA FB 28 -42.63 -43.31 -0.15
CA ALA FB 28 -43.14 -42.00 0.25
C ALA FB 28 -44.29 -41.57 -0.65
N GLY FB 29 -44.49 -42.33 -1.72
CA GLY FB 29 -45.56 -42.02 -2.66
C GLY FB 29 -46.37 -43.24 -3.03
N THR FB 30 -46.94 -43.24 -4.23
CA THR FB 30 -47.73 -44.35 -4.74
C THR FB 30 -47.14 -44.83 -6.06
N ASP FB 31 -47.10 -46.16 -6.23
CA ASP FB 31 -46.60 -46.77 -7.45
C ASP FB 31 -47.71 -46.77 -8.48
N THR FB 32 -47.55 -45.97 -9.54
CA THR FB 32 -48.53 -45.87 -10.61
C THR FB 32 -47.98 -46.42 -11.92
N GLY FB 33 -47.17 -47.46 -11.83
CA GLY FB 33 -46.61 -48.07 -13.02
C GLY FB 33 -47.47 -49.20 -13.54
N GLU FB 34 -47.82 -50.15 -12.67
CA GLU FB 34 -48.67 -51.25 -13.09
C GLU FB 34 -50.11 -50.78 -13.33
N SER FB 35 -50.61 -49.90 -12.46
CA SER FB 35 -51.99 -49.43 -12.59
C SER FB 35 -52.18 -48.63 -13.87
N THR FB 36 -51.23 -47.75 -14.18
CA THR FB 36 -51.35 -46.94 -15.40
C THR FB 36 -51.35 -47.81 -16.64
N ALA FB 37 -50.49 -48.82 -16.69
CA ALA FB 37 -50.48 -49.71 -17.84
C ALA FB 37 -51.77 -50.49 -17.95
N THR FB 38 -52.31 -50.96 -16.82
CA THR FB 38 -53.58 -51.69 -16.85
C THR FB 38 -54.72 -50.78 -17.28
N SER FB 39 -54.73 -49.54 -16.80
CA SER FB 39 -55.80 -48.60 -17.16
C SER FB 39 -55.80 -48.32 -18.66
N ILE FB 40 -54.61 -48.16 -19.25
CA ILE FB 40 -54.53 -47.91 -20.69
C ILE FB 40 -55.02 -49.11 -21.48
N GLN FB 41 -54.69 -50.32 -21.02
CA GLN FB 41 -55.16 -51.52 -21.70
C GLN FB 41 -56.67 -51.62 -21.64
N THR FB 42 -57.26 -51.33 -20.49
CA THR FB 42 -58.72 -51.42 -20.36
C THR FB 42 -59.42 -50.38 -21.24
N TRP FB 43 -58.85 -49.19 -21.34
CA TRP FB 43 -59.46 -48.14 -22.15
C TRP FB 43 -59.49 -48.53 -23.62
N LEU FB 44 -58.39 -49.08 -24.14
CA LEU FB 44 -58.33 -49.41 -25.56
C LEU FB 44 -59.37 -50.46 -25.93
N SER FB 45 -59.58 -51.45 -25.05
CA SER FB 45 -60.52 -52.52 -25.37
C SER FB 45 -61.96 -52.00 -25.47
N THR FB 46 -62.21 -50.78 -25.02
CA THR FB 46 -63.56 -50.23 -25.11
C THR FB 46 -63.94 -49.93 -26.55
N TRP FB 47 -63.02 -49.37 -27.34
CA TRP FB 47 -63.34 -48.91 -28.68
C TRP FB 47 -62.56 -49.59 -29.80
N ILE FB 48 -61.50 -50.35 -29.49
CA ILE FB 48 -60.84 -51.13 -30.55
C ILE FB 48 -61.78 -52.12 -31.18
N PRO FB 49 -62.56 -52.90 -30.43
CA PRO FB 49 -63.51 -53.83 -31.08
C PRO FB 49 -64.47 -53.16 -32.03
N ILE FB 50 -64.97 -51.98 -31.70
CA ILE FB 50 -65.89 -51.28 -32.61
C ILE FB 50 -65.16 -50.86 -33.87
N GLY FB 51 -63.91 -50.42 -33.74
CA GLY FB 51 -63.13 -50.09 -34.92
C GLY FB 51 -62.88 -51.28 -35.81
N CYS FB 52 -62.75 -52.48 -35.23
CA CYS FB 52 -62.57 -53.68 -36.04
C CYS FB 52 -63.79 -53.96 -36.90
N ALA FB 53 -64.99 -53.75 -36.35
CA ALA FB 53 -66.20 -53.97 -37.12
C ALA FB 53 -66.31 -52.98 -38.27
N ILE FB 54 -65.84 -51.74 -38.07
CA ILE FB 54 -65.88 -50.75 -39.13
C ILE FB 54 -65.01 -51.18 -40.31
N ALA FB 55 -63.81 -51.71 -40.01
CA ALA FB 55 -62.91 -52.11 -41.07
C ALA FB 55 -63.51 -53.24 -41.91
N ILE FB 56 -64.16 -54.20 -41.26
CA ILE FB 56 -64.77 -55.30 -42.00
C ILE FB 56 -65.83 -54.78 -42.96
N MET FB 57 -66.67 -53.85 -42.48
CA MET FB 57 -67.72 -53.28 -43.33
C MET FB 57 -67.12 -52.47 -44.48
N VAL FB 58 -66.11 -51.65 -44.20
CA VAL FB 58 -65.52 -50.82 -45.24
C VAL FB 58 -64.72 -51.66 -46.23
N SER FB 59 -63.98 -52.65 -45.73
CA SER FB 59 -63.18 -53.49 -46.62
C SER FB 59 -64.08 -54.28 -47.58
N CYS FB 60 -65.19 -54.79 -47.09
CA CYS FB 60 -66.12 -55.51 -47.96
C CYS FB 60 -66.71 -54.59 -49.02
N PHE FB 61 -66.96 -53.32 -48.66
CA PHE FB 61 -67.44 -52.35 -49.63
C PHE FB 61 -66.43 -52.11 -50.73
N MET FB 62 -65.15 -51.93 -50.37
CA MET FB 62 -64.12 -51.71 -51.37
C MET FB 62 -63.97 -52.91 -52.29
N TRP FB 63 -64.09 -54.12 -51.74
CA TRP FB 63 -64.02 -55.32 -52.56
C TRP FB 63 -65.16 -55.36 -53.58
N MET FB 64 -66.37 -54.96 -53.17
CA MET FB 64 -67.49 -54.92 -54.09
C MET FB 64 -67.23 -53.97 -55.25
N LEU FB 65 -66.47 -52.91 -55.03
CA LEU FB 65 -66.19 -51.91 -56.04
C LEU FB 65 -65.00 -52.26 -56.91
N HIS FB 66 -64.36 -53.41 -56.67
CA HIS FB 66 -63.21 -53.84 -57.47
C HIS FB 66 -62.02 -52.92 -57.26
N VAL FB 67 -61.81 -52.50 -56.01
CA VAL FB 67 -60.71 -51.61 -55.67
C VAL FB 67 -59.54 -52.37 -55.05
N ILE FB 68 -59.81 -53.42 -54.29
CA ILE FB 68 -58.75 -54.18 -53.62
C ILE FB 68 -59.00 -55.65 -53.90
N PRO FB 69 -57.94 -56.47 -53.82
CA PRO FB 69 -58.11 -57.92 -54.03
C PRO FB 69 -58.80 -58.57 -52.84
N ALA FB 70 -59.09 -59.85 -53.00
CA ALA FB 70 -59.78 -60.63 -51.98
C ALA FB 70 -58.85 -61.18 -50.92
N SER FB 71 -57.55 -60.93 -51.01
CA SER FB 71 -56.62 -61.40 -50.00
C SER FB 71 -56.77 -60.66 -48.68
N PHE FB 72 -57.75 -59.78 -48.53
CA PHE FB 72 -57.96 -59.11 -47.25
C PHE FB 72 -58.73 -60.00 -46.27
N ILE FB 73 -59.48 -60.98 -46.77
CA ILE FB 73 -60.27 -61.83 -45.87
C ILE FB 73 -59.39 -62.59 -44.89
N PRO FB 74 -58.34 -63.29 -45.32
CA PRO FB 74 -57.48 -63.99 -44.34
C PRO FB 74 -56.81 -63.03 -43.36
N ARG FB 75 -56.51 -61.81 -43.78
CA ARG FB 75 -55.90 -60.84 -42.88
C ARG FB 75 -56.80 -60.52 -41.69
N ILE FB 76 -58.09 -60.35 -41.92
CA ILE FB 76 -58.99 -59.98 -40.83
C ILE FB 76 -59.07 -61.09 -39.80
N VAL FB 77 -59.15 -62.35 -40.23
CA VAL FB 77 -59.21 -63.44 -39.27
C VAL FB 77 -57.92 -63.53 -38.46
N ILE FB 78 -56.77 -63.40 -39.13
CA ILE FB 78 -55.49 -63.52 -38.42
C ILE FB 78 -55.31 -62.36 -37.44
N SER FB 79 -55.69 -61.15 -37.85
CA SER FB 79 -55.59 -60.01 -36.95
C SER FB 79 -56.48 -60.17 -35.73
N LEU FB 80 -57.69 -60.70 -35.91
CA LEU FB 80 -58.59 -60.91 -34.78
C LEU FB 80 -58.02 -61.95 -33.82
N ILE FB 81 -57.33 -62.96 -34.36
CA ILE FB 81 -56.69 -63.95 -33.49
C ILE FB 81 -55.62 -63.29 -32.64
N GLY FB 82 -54.83 -62.40 -33.25
CA GLY FB 82 -53.76 -61.74 -32.50
C GLY FB 82 -54.27 -60.80 -31.43
N ILE FB 83 -55.35 -60.07 -31.73
CA ILE FB 83 -55.89 -59.12 -30.77
C ILE FB 83 -56.41 -59.83 -29.52
N GLY FB 84 -57.12 -60.93 -29.69
CA GLY FB 84 -57.68 -61.62 -28.54
C GLY FB 84 -56.67 -62.45 -27.77
N SER FB 85 -55.53 -62.76 -28.39
CA SER FB 85 -54.51 -63.58 -27.76
C SER FB 85 -53.28 -62.79 -27.32
N ALA FB 86 -53.39 -61.47 -27.24
CA ALA FB 86 -52.23 -60.64 -26.93
C ALA FB 86 -51.64 -60.99 -25.56
N SER FB 87 -52.49 -61.04 -24.54
CA SER FB 87 -52.00 -61.33 -23.19
C SER FB 87 -51.45 -62.74 -23.08
N TYR FB 88 -52.13 -63.72 -23.68
CA TYR FB 88 -51.68 -65.10 -23.61
C TYR FB 88 -50.35 -65.28 -24.32
N LEU FB 89 -50.17 -64.63 -25.46
CA LEU FB 89 -48.94 -64.79 -26.24
C LEU FB 89 -47.73 -64.25 -25.49
N VAL FB 90 -47.91 -63.12 -24.78
CA VAL FB 90 -46.77 -62.53 -24.07
C VAL FB 90 -46.27 -63.46 -22.98
N SER FB 91 -47.18 -64.03 -22.18
CA SER FB 91 -46.77 -64.91 -21.11
C SER FB 91 -46.30 -66.26 -21.63
N LEU FB 92 -46.72 -66.64 -22.84
CA LEU FB 92 -46.27 -67.89 -23.43
C LEU FB 92 -44.76 -67.90 -23.64
N THR FB 93 -44.16 -66.73 -23.80
CA THR FB 93 -42.72 -66.60 -23.99
C THR FB 93 -41.96 -66.41 -22.68
N GLY FB 94 -42.65 -66.42 -21.54
CA GLY FB 94 -42.01 -66.29 -20.25
C GLY FB 94 -41.88 -64.88 -19.73
N VAL FB 95 -42.24 -63.87 -20.52
CA VAL FB 95 -42.13 -62.48 -20.09
C VAL FB 95 -43.27 -62.17 -19.12
N GLY FB 96 -42.92 -61.48 -18.04
CA GLY FB 96 -43.93 -61.05 -17.08
C GLY FB 96 -44.71 -62.18 -16.44
N SER FB 97 -44.05 -62.99 -15.63
CA SER FB 97 -44.72 -64.07 -14.91
C SER FB 97 -44.19 -64.19 -13.49
N ALA GB 28 -18.75 -46.20 6.62
CA ALA GB 28 -19.44 -45.27 7.50
C ALA GB 28 -20.90 -45.11 7.10
N GLY GB 29 -21.24 -45.65 5.93
CA GLY GB 29 -22.60 -45.57 5.43
C GLY GB 29 -23.10 -46.90 4.91
N THR GB 30 -24.03 -46.86 3.96
CA THR GB 30 -24.59 -48.05 3.35
C THR GB 30 -24.37 -48.01 1.84
N ASP GB 31 -24.02 -49.16 1.28
CA ASP GB 31 -23.80 -49.29 -0.16
C ASP GB 31 -25.16 -49.48 -0.84
N THR GB 32 -25.59 -48.49 -1.60
CA THR GB 32 -26.87 -48.53 -2.31
C THR GB 32 -26.66 -48.56 -3.82
N GLY GB 33 -25.60 -49.23 -4.26
CA GLY GB 33 -25.33 -49.35 -5.68
C GLY GB 33 -25.97 -50.57 -6.29
N GLU GB 34 -25.72 -51.74 -5.69
CA GLU GB 34 -26.32 -52.97 -6.20
C GLU GB 34 -27.81 -53.00 -5.91
N SER GB 35 -28.22 -52.58 -4.71
CA SER GB 35 -29.64 -52.62 -4.35
C SER GB 35 -30.46 -51.69 -5.23
N THR GB 36 -29.96 -50.48 -5.49
CA THR GB 36 -30.71 -49.54 -6.33
C THR GB 36 -30.89 -50.07 -7.74
N ALA GB 37 -29.84 -50.67 -8.31
CA ALA GB 37 -29.96 -51.25 -9.64
C ALA GB 37 -30.95 -52.41 -9.66
N THR GB 38 -30.92 -53.25 -8.62
CA THR GB 38 -31.86 -54.36 -8.56
C THR GB 38 -33.29 -53.87 -8.39
N SER GB 39 -33.50 -52.84 -7.57
CA SER GB 39 -34.83 -52.31 -7.35
C SER GB 39 -35.42 -51.74 -8.64
N ILE GB 40 -34.60 -51.04 -9.43
CA ILE GB 40 -35.08 -50.49 -10.69
C ILE GB 40 -35.44 -51.60 -11.66
N GLN GB 41 -34.65 -52.67 -11.69
CA GLN GB 41 -34.96 -53.80 -12.57
C GLN GB 41 -36.29 -54.45 -12.17
N THR GB 42 -36.51 -54.64 -10.88
CA THR GB 42 -37.75 -55.26 -10.42
C THR GB 42 -38.96 -54.40 -10.74
N TRP GB 43 -38.82 -53.08 -10.61
CA TRP GB 43 -39.94 -52.19 -10.88
C TRP GB 43 -40.36 -52.25 -12.35
N LEU GB 44 -39.39 -52.24 -13.26
CA LEU GB 44 -39.72 -52.22 -14.68
C LEU GB 44 -40.47 -53.49 -15.08
N SER GB 45 -40.10 -54.64 -14.53
CA SER GB 45 -40.75 -55.88 -14.90
C SER GB 45 -42.21 -55.91 -14.48
N THR GB 46 -42.63 -54.99 -13.63
CA THR GB 46 -44.03 -54.97 -13.21
C THR GB 46 -44.95 -54.53 -14.35
N TRP GB 47 -44.54 -53.54 -15.14
CA TRP GB 47 -45.40 -52.95 -16.15
C TRP GB 47 -44.89 -53.07 -17.57
N ILE GB 48 -43.63 -53.43 -17.79
CA ILE GB 48 -43.16 -53.68 -19.16
C ILE GB 48 -43.95 -54.80 -19.82
N PRO GB 49 -44.18 -55.95 -19.16
CA PRO GB 49 -44.98 -57.00 -19.81
C PRO GB 49 -46.37 -56.55 -20.24
N ILE GB 50 -47.04 -55.72 -19.45
CA ILE GB 50 -48.35 -55.23 -19.84
C ILE GB 50 -48.25 -54.33 -21.06
N GLY GB 51 -47.20 -53.49 -21.11
CA GLY GB 51 -46.99 -52.67 -22.29
C GLY GB 51 -46.74 -53.48 -23.54
N CYS GB 52 -46.09 -54.64 -23.41
CA CYS GB 52 -45.86 -55.50 -24.56
C CYS GB 52 -47.17 -56.04 -25.13
N ALA GB 53 -48.11 -56.39 -24.26
CA ALA GB 53 -49.41 -56.87 -24.74
C ALA GB 53 -50.17 -55.76 -25.46
N ILE GB 54 -50.03 -54.52 -25.01
CA ILE GB 54 -50.70 -53.40 -25.68
C ILE GB 54 -50.19 -53.24 -27.10
N ALA GB 55 -48.87 -53.35 -27.29
CA ALA GB 55 -48.30 -53.18 -28.62
C ALA GB 55 -48.81 -54.25 -29.58
N ILE GB 56 -48.91 -55.49 -29.12
CA ILE GB 56 -49.40 -56.57 -29.98
C ILE GB 56 -50.83 -56.27 -30.44
N MET GB 57 -51.67 -55.83 -29.51
CA MET GB 57 -53.06 -55.52 -29.86
C MET GB 57 -53.14 -54.33 -30.81
N VAL GB 58 -52.36 -53.27 -30.55
CA VAL GB 58 -52.42 -52.10 -31.40
C VAL GB 58 -51.80 -52.37 -32.77
N SER GB 59 -50.68 -53.11 -32.80
CA SER GB 59 -50.03 -53.40 -34.08
C SER GB 59 -50.93 -54.24 -34.97
N CYS GB 60 -51.63 -55.21 -34.39
CA CYS GB 60 -52.55 -56.02 -35.18
C CYS GB 60 -53.70 -55.17 -35.72
N PHE GB 61 -54.16 -54.19 -34.95
CA PHE GB 61 -55.20 -53.29 -35.42
C PHE GB 61 -54.73 -52.47 -36.62
N MET GB 62 -53.50 -51.93 -36.54
CA MET GB 62 -52.98 -51.15 -37.66
C MET GB 62 -52.82 -52.00 -38.91
N TRP GB 63 -52.40 -53.25 -38.74
CA TRP GB 63 -52.28 -54.15 -39.88
C TRP GB 63 -53.64 -54.39 -40.55
N MET GB 64 -54.69 -54.55 -39.74
CA MET GB 64 -56.03 -54.73 -40.30
C MET GB 64 -56.45 -53.54 -41.15
N LEU GB 65 -55.99 -52.35 -40.80
CA LEU GB 65 -56.36 -51.13 -41.49
C LEU GB 65 -55.48 -50.84 -42.70
N HIS GB 66 -54.51 -51.69 -42.99
CA HIS GB 66 -53.63 -51.51 -44.14
C HIS GB 66 -52.74 -50.29 -43.96
N VAL GB 67 -52.25 -50.08 -42.75
CA VAL GB 67 -51.39 -48.94 -42.43
C VAL GB 67 -49.92 -49.33 -42.39
N ILE GB 68 -49.62 -50.55 -41.93
CA ILE GB 68 -48.23 -51.00 -41.82
C ILE GB 68 -48.12 -52.37 -42.46
N PRO GB 69 -46.92 -52.75 -42.90
CA PRO GB 69 -46.74 -54.07 -43.49
C PRO GB 69 -46.76 -55.17 -42.43
N ALA GB 70 -46.72 -56.40 -42.90
CA ALA GB 70 -46.78 -57.57 -42.02
C ALA GB 70 -45.43 -57.95 -41.45
N SER GB 71 -44.37 -57.23 -41.80
CA SER GB 71 -43.05 -57.53 -41.23
C SER GB 71 -42.94 -57.18 -39.76
N PHE GB 72 -44.03 -56.77 -39.10
CA PHE GB 72 -43.98 -56.50 -37.67
C PHE GB 72 -44.09 -57.78 -36.84
N ILE GB 73 -44.66 -58.84 -37.41
CA ILE GB 73 -44.83 -60.08 -36.65
C ILE GB 73 -43.49 -60.66 -36.21
N PRO GB 74 -42.49 -60.84 -37.07
CA PRO GB 74 -41.20 -61.35 -36.60
C PRO GB 74 -40.53 -60.45 -35.58
N ARG GB 75 -40.75 -59.13 -35.67
CA ARG GB 75 -40.16 -58.22 -34.69
C ARG GB 75 -40.65 -58.50 -33.28
N ILE GB 76 -41.95 -58.76 -33.12
CA ILE GB 76 -42.49 -58.97 -31.78
C ILE GB 76 -41.90 -60.22 -31.14
N VAL GB 77 -41.76 -61.30 -31.91
CA VAL GB 77 -41.18 -62.52 -31.35
C VAL GB 77 -39.73 -62.29 -30.95
N ILE GB 78 -38.96 -61.63 -31.81
CA ILE GB 78 -37.54 -61.42 -31.51
C ILE GB 78 -37.37 -60.49 -30.31
N SER GB 79 -38.19 -59.45 -30.22
CA SER GB 79 -38.11 -58.56 -29.07
C SER GB 79 -38.47 -59.28 -27.77
N LEU GB 80 -39.46 -60.15 -27.80
CA LEU GB 80 -39.82 -60.91 -26.60
C LEU GB 80 -38.70 -61.85 -26.18
N ILE GB 81 -37.98 -62.42 -27.15
CA ILE GB 81 -36.82 -63.26 -26.83
C ILE GB 81 -35.76 -62.44 -26.10
N GLY GB 82 -35.51 -61.21 -26.58
CA GLY GB 82 -34.48 -60.39 -25.97
C GLY GB 82 -34.85 -59.93 -24.57
N ILE GB 83 -36.13 -59.60 -24.35
CA ILE GB 83 -36.55 -59.12 -23.03
C ILE GB 83 -36.40 -60.20 -21.98
N GLY GB 84 -36.79 -61.44 -22.30
CA GLY GB 84 -36.71 -62.50 -21.31
C GLY GB 84 -35.31 -63.04 -21.11
N SER GB 85 -34.41 -62.79 -22.05
CA SER GB 85 -33.04 -63.30 -21.99
C SER GB 85 -32.02 -62.22 -21.65
N ALA GB 86 -32.46 -61.07 -21.14
CA ALA GB 86 -31.54 -59.97 -20.89
C ALA GB 86 -30.46 -60.35 -19.89
N SER GB 87 -30.85 -60.91 -18.75
CA SER GB 87 -29.89 -61.28 -17.72
C SER GB 87 -28.95 -62.38 -18.19
N TYR GB 88 -29.50 -63.39 -18.87
CA TYR GB 88 -28.68 -64.50 -19.34
C TYR GB 88 -27.66 -64.04 -20.38
N LEU GB 89 -28.08 -63.14 -21.28
CA LEU GB 89 -27.20 -62.70 -22.34
C LEU GB 89 -26.00 -61.91 -21.79
N VAL GB 90 -26.23 -61.10 -20.75
CA VAL GB 90 -25.14 -60.30 -20.20
C VAL GB 90 -24.06 -61.19 -19.62
N SER GB 91 -24.45 -62.20 -18.83
CA SER GB 91 -23.46 -63.08 -18.21
C SER GB 91 -22.84 -64.02 -19.23
N LEU GB 92 -23.53 -64.26 -20.34
CA LEU GB 92 -22.97 -65.13 -21.38
C LEU GB 92 -21.69 -64.55 -21.95
N THR GB 93 -21.52 -63.23 -21.89
CA THR GB 93 -20.32 -62.56 -22.38
C THR GB 93 -19.25 -62.38 -21.31
N GLY GB 94 -19.49 -62.87 -20.09
CA GLY GB 94 -18.52 -62.78 -19.03
C GLY GB 94 -18.63 -61.55 -18.16
N VAL GB 95 -19.50 -60.61 -18.48
CA VAL GB 95 -19.64 -59.40 -17.68
C VAL GB 95 -20.43 -59.72 -16.42
N GLY GB 96 -19.94 -59.19 -15.30
CA GLY GB 96 -20.65 -59.36 -14.03
C GLY GB 96 -20.82 -60.79 -13.60
N SER GB 97 -19.72 -61.46 -13.27
CA SER GB 97 -19.78 -62.83 -12.77
C SER GB 97 -18.79 -63.03 -11.63
N ALA HB 28 5.78 -41.60 6.01
CA ALA HB 28 5.20 -41.20 7.29
C ALA HB 28 3.71 -41.50 7.32
N GLY HB 29 3.16 -41.87 6.18
CA GLY HB 29 1.75 -42.18 6.08
C GLY HB 29 1.49 -43.47 5.32
N THR HB 30 0.33 -43.56 4.69
CA THR HB 30 -0.05 -44.73 3.91
C THR HB 30 -0.37 -44.31 2.48
N ASP HB 31 0.07 -45.12 1.52
CA ASP HB 31 -0.18 -44.86 0.11
C ASP HB 31 -1.57 -45.38 -0.24
N THR HB 32 -2.50 -44.48 -0.53
CA THR HB 32 -3.87 -44.83 -0.88
C THR HB 32 -4.18 -44.47 -2.32
N GLY HB 33 -3.19 -44.61 -3.20
CA GLY HB 33 -3.39 -44.33 -4.61
C GLY HB 33 -3.83 -45.56 -5.37
N GLU HB 34 -3.07 -46.65 -5.24
CA GLU HB 34 -3.45 -47.88 -5.94
C GLU HB 34 -4.68 -48.52 -5.31
N SER HB 35 -4.76 -48.51 -3.97
CA SER HB 35 -5.90 -49.13 -3.31
C SER HB 35 -7.20 -48.41 -3.62
N THR HB 36 -7.17 -47.07 -3.62
CA THR HB 36 -8.39 -46.31 -3.92
C THR HB 36 -8.88 -46.58 -5.33
N ALA HB 37 -7.97 -46.63 -6.30
CA ALA HB 37 -8.36 -46.92 -7.67
C ALA HB 37 -8.92 -48.34 -7.78
N THR HB 38 -8.31 -49.31 -7.10
CA THR HB 38 -8.83 -50.67 -7.15
C THR HB 38 -10.20 -50.77 -6.48
N SER HB 39 -10.39 -50.07 -5.36
CA SER HB 39 -11.67 -50.11 -4.67
C SER HB 39 -12.79 -49.55 -5.54
N ILE HB 40 -12.51 -48.45 -6.26
CA ILE HB 40 -13.52 -47.86 -7.12
C ILE HB 40 -13.87 -48.81 -8.26
N GLN HB 41 -12.87 -49.49 -8.82
CA GLN HB 41 -13.13 -50.45 -9.89
C GLN HB 41 -13.99 -51.60 -9.40
N THR HB 42 -13.71 -52.12 -8.20
CA THR HB 42 -14.50 -53.23 -7.67
C THR HB 42 -15.94 -52.81 -7.39
N TRP HB 43 -16.13 -51.58 -6.90
CA TRP HB 43 -17.49 -51.12 -6.61
C TRP HB 43 -18.33 -51.02 -7.86
N LEU HB 44 -17.77 -50.49 -8.95
CA LEU HB 44 -18.55 -50.31 -10.17
C LEU HB 44 -19.01 -51.64 -10.73
N SER HB 45 -18.17 -52.67 -10.66
CA SER HB 45 -18.52 -53.96 -11.23
C SER HB 45 -19.68 -54.60 -10.49
N THR HB 46 -20.04 -54.09 -9.31
CA THR HB 46 -21.17 -54.65 -8.58
C THR HB 46 -22.50 -54.36 -9.26
N TRP HB 47 -22.66 -53.13 -9.78
CA TRP HB 47 -23.95 -52.71 -10.32
C TRP HB 47 -23.94 -52.34 -11.78
N ILE HB 48 -22.77 -52.17 -12.42
CA ILE HB 48 -22.75 -51.95 -13.86
C ILE HB 48 -23.36 -53.13 -14.61
N PRO HB 49 -23.03 -54.39 -14.31
CA PRO HB 49 -23.67 -55.50 -15.03
C PRO HB 49 -25.19 -55.50 -14.93
N ILE HB 50 -25.76 -55.14 -13.78
CA ILE HB 50 -27.22 -55.10 -13.66
C ILE HB 50 -27.78 -53.98 -14.53
N GLY HB 51 -27.09 -52.84 -14.59
CA GLY HB 51 -27.53 -51.78 -15.48
C GLY HB 51 -27.49 -52.17 -16.95
N CYS HB 52 -26.54 -53.02 -17.33
CA CYS HB 52 -26.48 -53.49 -18.71
C CYS HB 52 -27.70 -54.32 -19.07
N ALA HB 53 -28.16 -55.17 -18.14
CA ALA HB 53 -29.35 -55.96 -18.40
C ALA HB 53 -30.59 -55.09 -18.54
N ILE HB 54 -30.66 -54.00 -17.79
CA ILE HB 54 -31.80 -53.09 -17.90
C ILE HB 54 -31.86 -52.47 -19.28
N ALA HB 55 -30.72 -52.05 -19.81
CA ALA HB 55 -30.70 -51.42 -21.13
C ALA HB 55 -31.18 -52.38 -22.22
N ILE HB 56 -30.77 -53.64 -22.14
CA ILE HB 56 -31.19 -54.62 -23.14
C ILE HB 56 -32.71 -54.78 -23.11
N MET HB 57 -33.29 -54.87 -21.91
CA MET HB 57 -34.73 -55.01 -21.79
C MET HB 57 -35.46 -53.77 -22.28
N VAL HB 58 -34.97 -52.59 -21.92
CA VAL HB 58 -35.64 -51.36 -22.32
C VAL HB 58 -35.46 -51.10 -23.82
N SER HB 59 -34.27 -51.36 -24.35
CA SER HB 59 -34.03 -51.13 -25.78
C SER HB 59 -34.90 -52.04 -26.63
N CYS HB 60 -35.07 -53.30 -26.21
CA CYS HB 60 -35.94 -54.20 -26.96
C CYS HB 60 -37.38 -53.73 -26.91
N PHE HB 61 -37.81 -53.16 -25.79
CA PHE HB 61 -39.16 -52.62 -25.69
C PHE HB 61 -39.36 -51.45 -26.66
N MET HB 62 -38.39 -50.54 -26.74
CA MET HB 62 -38.51 -49.41 -27.64
C MET HB 62 -38.55 -49.88 -29.10
N TRP HB 63 -37.77 -50.90 -29.43
CA TRP HB 63 -37.79 -51.45 -30.78
C TRP HB 63 -39.17 -52.02 -31.13
N MET HB 64 -39.80 -52.70 -30.18
CA MET HB 64 -41.14 -53.24 -30.41
C MET HB 64 -42.14 -52.13 -30.71
N LEU HB 65 -41.94 -50.95 -30.14
CA LEU HB 65 -42.85 -49.83 -30.32
C LEU HB 65 -42.55 -49.00 -31.56
N HIS HB 66 -41.53 -49.38 -32.33
CA HIS HB 66 -41.18 -48.66 -33.56
C HIS HB 66 -40.66 -47.25 -33.24
N VAL HB 67 -39.87 -47.14 -32.18
CA VAL HB 67 -39.31 -45.86 -31.75
C VAL HB 67 -37.87 -45.71 -32.21
N ILE HB 68 -37.10 -46.79 -32.23
CA ILE HB 68 -35.69 -46.72 -32.61
C ILE HB 68 -35.42 -47.79 -33.65
N PRO HB 69 -34.39 -47.63 -34.46
CA PRO HB 69 -34.04 -48.64 -35.45
C PRO HB 69 -33.41 -49.86 -34.81
N ALA HB 70 -33.18 -50.88 -35.63
CA ALA HB 70 -32.61 -52.14 -35.16
C ALA HB 70 -31.10 -52.12 -35.09
N SER HB 71 -30.46 -51.01 -35.44
CA SER HB 71 -29.01 -50.93 -35.35
C SER HB 71 -28.52 -50.87 -33.92
N PHE HB 72 -29.38 -51.01 -32.92
CA PHE HB 72 -28.92 -51.04 -31.53
C PHE HB 72 -28.39 -52.41 -31.15
N ILE HB 73 -28.80 -53.48 -31.84
CA ILE HB 73 -28.34 -54.81 -31.47
C ILE HB 73 -26.83 -54.95 -31.58
N PRO HB 74 -26.17 -54.58 -32.68
CA PRO HB 74 -24.71 -54.68 -32.72
C PRO HB 74 -24.02 -53.82 -31.67
N ARG HB 75 -24.61 -52.68 -31.30
CA ARG HB 75 -24.00 -51.84 -30.27
C ARG HB 75 -23.90 -52.55 -28.93
N ILE HB 76 -24.93 -53.30 -28.55
CA ILE HB 76 -24.91 -53.96 -27.25
C ILE HB 76 -23.81 -55.01 -27.18
N VAL HB 77 -23.65 -55.79 -28.25
CA VAL HB 77 -22.60 -56.80 -28.26
C VAL HB 77 -21.22 -56.16 -28.19
N ILE HB 78 -21.00 -55.10 -28.97
CA ILE HB 78 -19.69 -54.46 -28.98
C ILE HB 78 -19.39 -53.80 -27.64
N SER HB 79 -20.39 -53.16 -27.03
CA SER HB 79 -20.18 -52.55 -25.72
C SER HB 79 -19.85 -53.60 -24.66
N LEU HB 80 -20.52 -54.76 -24.70
CA LEU HB 80 -20.23 -55.81 -23.74
C LEU HB 80 -18.81 -56.36 -23.93
N ILE HB 81 -18.33 -56.40 -25.16
CA ILE HB 81 -16.95 -56.82 -25.40
C ILE HB 81 -15.98 -55.84 -24.76
N GLY HB 82 -16.26 -54.54 -24.90
CA GLY HB 82 -15.36 -53.55 -24.33
C GLY HB 82 -15.35 -53.56 -22.81
N ILE HB 83 -16.51 -53.75 -22.20
CA ILE HB 83 -16.59 -53.73 -20.74
C ILE HB 83 -15.79 -54.88 -20.13
N GLY HB 84 -15.90 -56.08 -20.70
CA GLY HB 84 -15.20 -57.22 -20.14
C GLY HB 84 -13.72 -57.26 -20.47
N SER HB 85 -13.30 -56.50 -21.48
CA SER HB 85 -11.91 -56.49 -21.92
C SER HB 85 -11.18 -55.21 -21.54
N ALA HB 86 -11.72 -54.43 -20.60
CA ALA HB 86 -11.12 -53.14 -20.27
C ALA HB 86 -9.71 -53.30 -19.74
N SER HB 87 -9.51 -54.19 -18.76
CA SER HB 87 -8.19 -54.38 -18.17
C SER HB 87 -7.21 -54.95 -19.17
N TYR HB 88 -7.64 -55.94 -19.97
CA TYR HB 88 -6.75 -56.55 -20.94
C TYR HB 88 -6.33 -55.55 -22.01
N LEU HB 89 -7.25 -54.70 -22.46
CA LEU HB 89 -6.94 -53.76 -23.52
C LEU HB 89 -5.90 -52.74 -23.07
N VAL HB 90 -5.98 -52.28 -21.82
CA VAL HB 90 -5.05 -51.27 -21.33
C VAL HB 90 -3.62 -51.82 -21.34
N SER HB 91 -3.43 -53.04 -20.82
CA SER HB 91 -2.09 -53.61 -20.76
C SER HB 91 -1.61 -54.03 -22.14
N LEU HB 92 -2.53 -54.28 -23.06
CA LEU HB 92 -2.14 -54.65 -24.42
C LEU HB 92 -1.34 -53.54 -25.10
N THR HB 93 -1.55 -52.30 -24.69
CA THR HB 93 -0.82 -51.16 -25.23
C THR HB 93 0.45 -50.83 -24.45
N GLY HB 94 0.79 -51.61 -23.43
CA GLY HB 94 1.99 -51.39 -22.67
C GLY HB 94 1.85 -50.49 -21.46
N VAL HB 95 0.69 -49.88 -21.26
CA VAL HB 95 0.49 -48.99 -20.12
C VAL HB 95 0.31 -49.82 -18.86
N GLY HB 96 0.96 -49.39 -17.78
CA GLY HB 96 0.81 -50.06 -16.50
C GLY HB 96 1.20 -51.51 -16.50
N SER HB 97 2.49 -51.80 -16.67
CA SER HB 97 2.99 -53.16 -16.62
C SER HB 97 4.31 -53.23 -15.87
N ALA IB 28 26.32 -28.44 0.79
CA ALA IB 28 26.11 -28.54 2.24
C ALA IB 28 24.87 -29.36 2.54
N GLY IB 29 24.09 -29.66 1.51
CA GLY IB 29 22.88 -30.44 1.67
C GLY IB 29 22.76 -31.55 0.65
N THR IB 30 21.52 -31.92 0.32
CA THR IB 30 21.25 -32.96 -0.65
C THR IB 30 20.36 -32.40 -1.76
N ASP IB 31 20.67 -32.78 -2.99
CA ASP IB 31 19.89 -32.35 -4.15
C ASP IB 31 18.67 -33.26 -4.28
N THR IB 32 17.49 -32.71 -4.05
CA THR IB 32 16.24 -33.46 -4.13
C THR IB 32 15.37 -32.95 -5.27
N GLY IB 33 16.01 -32.54 -6.37
CA GLY IB 33 15.28 -32.07 -7.52
C GLY IB 33 14.97 -33.18 -8.50
N GLU IB 34 15.99 -33.93 -8.90
CA GLU IB 34 15.78 -35.04 -9.82
C GLU IB 34 15.06 -36.20 -9.13
N SER IB 35 15.42 -36.49 -7.88
CA SER IB 35 14.81 -37.61 -7.18
C SER IB 35 13.33 -37.35 -6.92
N THR IB 36 12.97 -36.13 -6.52
CA THR IB 36 11.57 -35.82 -6.25
C THR IB 36 10.73 -35.94 -7.51
N ALA IB 37 11.24 -35.48 -8.65
CA ALA IB 37 10.50 -35.61 -9.90
C ALA IB 37 10.35 -37.07 -10.30
N THR IB 38 11.41 -37.87 -10.13
CA THR IB 38 11.31 -39.28 -10.45
C THR IB 38 10.34 -39.99 -9.53
N SER IB 39 10.34 -39.66 -8.24
CA SER IB 39 9.44 -40.30 -7.30
C SER IB 39 7.99 -40.02 -7.64
N ILE IB 40 7.68 -38.78 -8.04
CA ILE IB 40 6.31 -38.44 -8.40
C ILE IB 40 5.89 -39.18 -9.66
N GLN IB 41 6.80 -39.33 -10.63
CA GLN IB 41 6.47 -40.08 -11.83
C GLN IB 41 6.17 -41.54 -11.52
N THR IB 42 6.98 -42.15 -10.65
CA THR IB 42 6.77 -43.55 -10.30
C THR IB 42 5.45 -43.74 -9.56
N TRP IB 43 5.09 -42.80 -8.69
CA TRP IB 43 3.84 -42.93 -7.93
C TRP IB 43 2.63 -42.89 -8.85
N LEU IB 44 2.62 -41.99 -9.83
CA LEU IB 44 1.46 -41.84 -10.70
C LEU IB 44 1.23 -43.12 -11.51
N SER IB 45 2.31 -43.75 -11.97
CA SER IB 45 2.16 -44.95 -12.80
C SER IB 45 1.54 -46.10 -12.02
N THR IB 46 1.47 -46.00 -10.70
CA THR IB 46 0.87 -47.08 -9.91
C THR IB 46 -0.65 -47.14 -10.12
N TRP IB 47 -1.31 -45.99 -10.19
CA TRP IB 47 -2.77 -45.96 -10.23
C TRP IB 47 -3.35 -45.31 -11.47
N ILE IB 48 -2.56 -44.62 -12.29
CA ILE IB 48 -3.09 -44.11 -13.56
C ILE IB 48 -3.56 -45.25 -14.45
N PRO IB 49 -2.81 -46.33 -14.64
CA PRO IB 49 -3.31 -47.43 -15.48
C PRO IB 49 -4.65 -48.00 -15.02
N ILE IB 50 -4.87 -48.11 -13.70
CA ILE IB 50 -6.15 -48.62 -13.22
C ILE IB 50 -7.27 -47.63 -13.55
N GLY IB 51 -6.99 -46.34 -13.43
CA GLY IB 51 -7.98 -45.35 -13.80
C GLY IB 51 -8.33 -45.39 -15.28
N CYS IB 52 -7.37 -45.75 -16.13
CA CYS IB 52 -7.64 -45.86 -17.56
C CYS IB 52 -8.62 -47.00 -17.83
N ALA IB 53 -8.48 -48.11 -17.13
CA ALA IB 53 -9.42 -49.22 -17.32
C ALA IB 53 -10.83 -48.84 -16.87
N ILE IB 54 -10.95 -48.02 -15.82
CA ILE IB 54 -12.26 -47.59 -15.36
C ILE IB 54 -12.95 -46.77 -16.44
N ALA IB 55 -12.22 -45.86 -17.08
CA ALA IB 55 -12.83 -45.01 -18.10
C ALA IB 55 -13.35 -45.83 -19.27
N ILE IB 56 -12.60 -46.85 -19.69
CA ILE IB 56 -13.04 -47.69 -20.80
C ILE IB 56 -14.35 -48.39 -20.44
N MET IB 57 -14.44 -48.93 -19.22
CA MET IB 57 -15.66 -49.60 -18.80
C MET IB 57 -16.83 -48.63 -18.69
N VAL IB 58 -16.61 -47.46 -18.12
CA VAL IB 58 -17.69 -46.49 -17.96
C VAL IB 58 -18.10 -45.90 -19.29
N SER IB 59 -17.13 -45.58 -20.15
CA SER IB 59 -17.46 -45.01 -21.45
C SER IB 59 -18.28 -45.97 -22.30
N CYS IB 60 -17.93 -47.26 -22.27
CA CYS IB 60 -18.71 -48.25 -23.01
C CYS IB 60 -20.13 -48.35 -22.46
N PHE IB 61 -20.29 -48.22 -21.15
CA PHE IB 61 -21.63 -48.23 -20.56
C PHE IB 61 -22.47 -47.05 -21.05
N MET IB 62 -21.87 -45.85 -21.07
CA MET IB 62 -22.61 -44.69 -21.54
C MET IB 62 -23.01 -44.81 -23.00
N TRP IB 63 -22.12 -45.40 -23.81
CA TRP IB 63 -22.44 -45.63 -25.22
C TRP IB 63 -23.63 -46.58 -25.37
N MET IB 64 -23.69 -47.62 -24.55
CA MET IB 64 -24.82 -48.55 -24.59
C MET IB 64 -26.14 -47.83 -24.29
N LEU IB 65 -26.10 -46.81 -23.46
CA LEU IB 65 -27.29 -46.08 -23.05
C LEU IB 65 -27.67 -44.97 -24.01
N HIS IB 66 -26.91 -44.77 -25.08
CA HIS IB 66 -27.21 -43.75 -26.07
C HIS IB 66 -27.02 -42.35 -25.49
N VAL IB 67 -25.99 -42.18 -24.67
CA VAL IB 67 -25.71 -40.90 -24.04
C VAL IB 67 -24.61 -40.14 -24.76
N ILE IB 68 -23.62 -40.84 -25.30
CA ILE IB 68 -22.50 -40.19 -25.98
C ILE IB 68 -22.31 -40.86 -27.33
N PRO IB 69 -21.70 -40.16 -28.28
CA PRO IB 69 -21.44 -40.77 -29.59
C PRO IB 69 -20.30 -41.78 -29.52
N ALA IB 70 -20.09 -42.45 -30.64
CA ALA IB 70 -19.07 -43.48 -30.74
C ALA IB 70 -17.69 -42.94 -31.05
N SER IB 71 -17.54 -41.62 -31.20
CA SER IB 71 -16.24 -41.05 -31.44
C SER IB 71 -15.33 -41.10 -30.23
N PHE IB 72 -15.73 -41.76 -29.14
CA PHE IB 72 -14.84 -41.90 -27.99
C PHE IB 72 -13.85 -43.04 -28.18
N ILE IB 73 -14.14 -44.00 -29.05
CA ILE IB 73 -13.23 -45.13 -29.23
C ILE IB 73 -11.87 -44.69 -29.75
N PRO IB 74 -11.76 -43.88 -30.80
CA PRO IB 74 -10.43 -43.43 -31.23
C PRO IB 74 -9.70 -42.62 -30.19
N ARG IB 75 -10.42 -41.88 -29.35
CA ARG IB 75 -9.77 -41.11 -28.29
C ARG IB 75 -9.03 -41.99 -27.31
N ILE IB 76 -9.62 -43.12 -26.92
CA ILE IB 76 -8.97 -43.98 -25.93
C ILE IB 76 -7.67 -44.55 -26.47
N VAL IB 77 -7.66 -44.98 -27.74
CA VAL IB 77 -6.43 -45.52 -28.31
C VAL IB 77 -5.36 -44.45 -28.38
N ILE IB 78 -5.72 -43.25 -28.83
CA ILE IB 78 -4.72 -42.18 -28.98
C ILE IB 78 -4.19 -41.75 -27.61
N SER IB 79 -5.06 -41.66 -26.61
CA SER IB 79 -4.60 -41.31 -25.28
C SER IB 79 -3.66 -42.35 -24.71
N LEU IB 80 -3.94 -43.63 -24.93
CA LEU IB 80 -3.07 -44.68 -24.45
C LEU IB 80 -1.70 -44.63 -25.13
N ILE IB 81 -1.67 -44.25 -26.40
CA ILE IB 81 -0.39 -44.08 -27.09
C ILE IB 81 0.42 -42.97 -26.44
N GLY IB 82 -0.24 -41.86 -26.10
CA GLY IB 82 0.47 -40.75 -25.50
C GLY IB 82 1.00 -41.05 -24.11
N ILE IB 83 0.21 -41.78 -23.31
CA ILE IB 83 0.63 -42.09 -21.95
C ILE IB 83 1.87 -42.97 -21.95
N GLY IB 84 1.93 -43.98 -22.81
CA GLY IB 84 3.07 -44.89 -22.81
C GLY IB 84 4.29 -44.32 -23.50
N SER IB 85 4.12 -43.27 -24.30
CA SER IB 85 5.21 -42.67 -25.05
C SER IB 85 5.64 -41.32 -24.48
N ALA IB 86 5.25 -40.99 -23.24
CA ALA IB 86 5.54 -39.68 -22.70
C ALA IB 86 7.04 -39.42 -22.61
N SER IB 87 7.78 -40.36 -22.04
CA SER IB 87 9.22 -40.18 -21.87
C SER IB 87 9.93 -40.13 -23.21
N TYR IB 88 9.55 -41.02 -24.13
CA TYR IB 88 10.20 -41.06 -25.44
C TYR IB 88 9.94 -39.78 -26.22
N LEU IB 89 8.72 -39.25 -26.15
CA LEU IB 89 8.38 -38.05 -26.92
C LEU IB 89 9.17 -36.84 -26.44
N VAL IB 90 9.39 -36.73 -25.14
CA VAL IB 90 10.11 -35.56 -24.62
C VAL IB 90 11.54 -35.54 -25.13
N SER IB 91 12.23 -36.68 -25.08
CA SER IB 91 13.61 -36.73 -25.54
C SER IB 91 13.71 -36.66 -27.06
N LEU IB 92 12.64 -37.03 -27.75
CA LEU IB 92 12.64 -36.94 -29.21
C LEU IB 92 12.82 -35.52 -29.69
N THR IB 93 12.42 -34.54 -28.88
CA THR IB 93 12.57 -33.13 -29.21
C THR IB 93 13.87 -32.53 -28.71
N GLY IB 94 14.74 -33.32 -28.08
CA GLY IB 94 16.03 -32.85 -27.62
C GLY IB 94 16.05 -32.32 -26.21
N VAL IB 95 14.91 -32.23 -25.54
CA VAL IB 95 14.86 -31.73 -24.18
C VAL IB 95 15.34 -32.81 -23.22
N GLY IB 96 16.18 -32.40 -22.26
CA GLY IB 96 16.65 -33.32 -21.25
C GLY IB 96 17.42 -34.51 -21.79
N SER IB 97 18.60 -34.27 -22.35
CA SER IB 97 19.45 -35.33 -22.85
C SER IB 97 20.92 -35.07 -22.51
N ALA JB 28 39.38 -8.01 -5.17
CA ALA JB 28 39.71 -8.46 -3.83
C ALA JB 28 38.92 -9.73 -3.48
N GLY JB 29 37.96 -10.07 -4.33
CA GLY JB 29 37.15 -11.24 -4.11
C GLY JB 29 37.00 -12.09 -5.36
N THR JB 30 35.88 -12.80 -5.46
CA THR JB 30 35.60 -13.65 -6.61
C THR JB 30 34.28 -13.23 -7.23
N ASP JB 31 34.23 -13.21 -8.57
CA ASP JB 31 33.03 -12.87 -9.30
C ASP JB 31 32.15 -14.10 -9.39
N THR JB 32 31.00 -14.08 -8.71
CA THR JB 32 30.07 -15.19 -8.71
C THR JB 32 28.76 -14.81 -9.38
N GLY JB 33 28.84 -13.98 -10.43
CA GLY JB 33 27.66 -13.58 -11.16
C GLY JB 33 27.37 -14.51 -12.33
N GLU JB 34 28.37 -14.73 -13.18
CA GLU JB 34 28.18 -15.64 -14.31
C GLU JB 34 28.08 -17.09 -13.84
N SER JB 35 28.91 -17.48 -12.88
CA SER JB 35 28.91 -18.86 -12.41
C SER JB 35 27.59 -19.21 -11.74
N THR JB 36 27.07 -18.32 -10.90
CA THR JB 36 25.81 -18.59 -10.22
C THR JB 36 24.67 -18.75 -11.20
N ALA JB 37 24.61 -17.90 -12.23
CA ALA JB 37 23.57 -18.03 -13.23
C ALA JB 37 23.71 -19.33 -14.01
N THR JB 38 24.93 -19.71 -14.35
CA THR JB 38 25.13 -20.97 -15.07
C THR JB 38 24.77 -22.17 -14.19
N SER JB 39 25.11 -22.12 -12.91
CA SER JB 39 24.80 -23.22 -12.01
C SER JB 39 23.29 -23.42 -11.87
N ILE JB 40 22.54 -22.32 -11.79
CA ILE JB 40 21.09 -22.41 -11.67
C ILE JB 40 20.50 -23.00 -12.95
N GLN JB 41 21.02 -22.61 -14.11
CA GLN JB 41 20.53 -23.16 -15.37
C GLN JB 41 20.79 -24.66 -15.45
N THR JB 42 21.97 -25.10 -15.03
CA THR JB 42 22.30 -26.53 -15.09
C THR JB 42 21.41 -27.33 -14.14
N TRP JB 43 21.12 -26.78 -12.97
CA TRP JB 43 20.29 -27.50 -12.00
C TRP JB 43 18.87 -27.72 -12.53
N LEU JB 44 18.29 -26.69 -13.15
CA LEU JB 44 16.91 -26.80 -13.61
C LEU JB 44 16.79 -27.88 -14.68
N SER JB 45 17.77 -27.97 -15.58
CA SER JB 45 17.70 -28.94 -16.66
C SER JB 45 17.72 -30.38 -16.15
N THR JB 46 18.08 -30.58 -14.87
CA THR JB 46 18.10 -31.93 -14.33
C THR JB 46 16.69 -32.50 -14.17
N TRP JB 47 15.74 -31.67 -13.71
CA TRP JB 47 14.42 -32.17 -13.38
C TRP JB 47 13.28 -31.54 -14.18
N ILE JB 48 13.52 -30.45 -14.91
CA ILE JB 48 12.49 -29.92 -15.80
C ILE JB 48 12.08 -30.94 -16.84
N PRO JB 49 12.99 -31.61 -17.53
CA PRO JB 49 12.57 -32.62 -18.52
C PRO JB 49 11.68 -33.72 -17.93
N ILE JB 50 11.95 -34.18 -16.71
CA ILE JB 50 11.11 -35.20 -16.09
C ILE JB 50 9.72 -34.63 -15.82
N GLY JB 51 9.65 -33.38 -15.38
CA GLY JB 51 8.36 -32.75 -15.17
C GLY JB 51 7.56 -32.61 -16.45
N CYS JB 52 8.23 -32.42 -17.59
CA CYS JB 52 7.54 -32.33 -18.86
C CYS JB 52 6.87 -33.66 -19.22
N ALA JB 53 7.55 -34.77 -18.95
CA ALA JB 53 6.96 -36.07 -19.22
C ALA JB 53 5.74 -36.33 -18.35
N ILE JB 54 5.75 -35.85 -17.11
CA ILE JB 54 4.61 -36.02 -16.23
C ILE JB 54 3.39 -35.30 -16.78
N ALA JB 55 3.58 -34.07 -17.28
CA ALA JB 55 2.45 -33.31 -17.82
C ALA JB 55 1.82 -34.01 -19.00
N ILE JB 56 2.63 -34.58 -19.90
CA ILE JB 56 2.09 -35.29 -21.05
C ILE JB 56 1.23 -36.45 -20.61
N MET JB 57 1.72 -37.23 -19.64
CA MET JB 57 0.95 -38.37 -19.15
C MET JB 57 -0.33 -37.93 -18.46
N VAL JB 58 -0.26 -36.89 -17.63
CA VAL JB 58 -1.45 -36.44 -16.90
C VAL JB 58 -2.44 -35.77 -17.86
N SER JB 59 -1.95 -34.96 -18.80
CA SER JB 59 -2.85 -34.29 -19.73
C SER JB 59 -3.60 -35.29 -20.60
N CYS JB 60 -2.92 -36.34 -21.05
CA CYS JB 60 -3.59 -37.37 -21.84
C CYS JB 60 -4.66 -38.09 -21.02
N PHE JB 61 -4.39 -38.29 -19.72
CA PHE JB 61 -5.38 -38.90 -18.85
C PHE JB 61 -6.63 -38.03 -18.73
N MET JB 62 -6.46 -36.73 -18.54
CA MET JB 62 -7.59 -35.83 -18.43
C MET JB 62 -8.40 -35.79 -19.71
N TRP JB 63 -7.72 -35.85 -20.86
CA TRP JB 63 -8.42 -35.88 -22.14
C TRP JB 63 -9.28 -37.14 -22.26
N MET JB 64 -8.75 -38.28 -21.81
CA MET JB 64 -9.53 -39.52 -21.86
C MET JB 64 -10.81 -39.41 -21.03
N LEU JB 65 -10.78 -38.63 -19.96
CA LEU JB 65 -11.92 -38.48 -19.07
C LEU JB 65 -12.90 -37.40 -19.51
N HIS JB 66 -12.63 -36.73 -20.63
CA HIS JB 66 -13.51 -35.70 -21.15
C HIS JB 66 -13.55 -34.49 -20.24
N VAL JB 67 -12.39 -34.13 -19.69
CA VAL JB 67 -12.28 -32.99 -18.78
C VAL JB 67 -11.75 -31.75 -19.50
N ILE JB 68 -10.85 -31.92 -20.46
CA ILE JB 68 -10.25 -30.79 -21.16
C ILE JB 68 -10.34 -31.06 -22.65
N PRO JB 69 -10.31 -30.01 -23.47
CA PRO JB 69 -10.35 -30.19 -24.93
C PRO JB 69 -9.03 -30.71 -25.45
N ALA JB 70 -9.03 -31.02 -26.74
CA ALA JB 70 -7.85 -31.59 -27.40
C ALA JB 70 -6.86 -30.52 -27.86
N SER JB 71 -7.16 -29.25 -27.63
CA SER JB 71 -6.21 -28.20 -28.01
C SER JB 71 -4.97 -28.17 -27.14
N PHE JB 72 -4.78 -29.13 -26.24
CA PHE JB 72 -3.56 -29.18 -25.45
C PHE JB 72 -2.40 -29.81 -26.22
N ILE JB 73 -2.70 -30.62 -27.23
CA ILE JB 73 -1.63 -31.29 -27.98
C ILE JB 73 -0.71 -30.29 -28.65
N PRO JB 74 -1.20 -29.30 -29.41
CA PRO JB 74 -0.26 -28.32 -29.99
C PRO JB 74 0.52 -27.54 -28.97
N ARG JB 75 -0.06 -27.30 -27.79
CA ARG JB 75 0.67 -26.57 -26.75
C ARG JB 75 1.92 -27.31 -26.30
N ILE JB 76 1.84 -28.63 -26.14
CA ILE JB 76 2.99 -29.39 -25.66
C ILE JB 76 4.13 -29.32 -26.64
N VAL JB 77 3.84 -29.45 -27.94
CA VAL JB 77 4.90 -29.39 -28.94
C VAL JB 77 5.54 -28.01 -28.96
N ILE JB 78 4.74 -26.95 -28.92
CA ILE JB 78 5.28 -25.60 -28.97
C ILE JB 78 6.10 -25.29 -27.72
N SER JB 79 5.63 -25.73 -26.56
CA SER JB 79 6.40 -25.51 -25.33
C SER JB 79 7.72 -26.24 -25.36
N LEU JB 80 7.75 -27.46 -25.89
CA LEU JB 80 9.00 -28.21 -25.98
C LEU JB 80 9.98 -27.52 -26.93
N ILE JB 81 9.47 -26.90 -27.99
CA ILE JB 81 10.34 -26.16 -28.90
C ILE JB 81 10.98 -24.98 -28.16
N GLY JB 82 10.19 -24.27 -27.35
CA GLY JB 82 10.72 -23.13 -26.64
C GLY JB 82 11.75 -23.51 -25.58
N ILE JB 83 11.51 -24.62 -24.87
CA ILE JB 83 12.45 -25.03 -23.82
C ILE JB 83 13.81 -25.38 -24.39
N GLY JB 84 13.84 -26.11 -25.51
CA GLY JB 84 15.11 -26.52 -26.07
C GLY JB 84 15.83 -25.42 -26.82
N SER JB 85 15.11 -24.35 -27.21
CA SER JB 85 15.67 -23.26 -27.98
C SER JB 85 15.87 -22.00 -27.15
N ALA JB 86 15.85 -22.10 -25.83
CA ALA JB 86 15.92 -20.90 -24.99
C ALA JB 86 17.22 -20.15 -25.21
N SER JB 87 18.35 -20.86 -25.16
CA SER JB 87 19.65 -20.20 -25.31
C SER JB 87 19.82 -19.63 -26.71
N TYR JB 88 19.41 -20.40 -27.72
CA TYR JB 88 19.56 -19.93 -29.10
C TYR JB 88 18.72 -18.69 -29.37
N LEU JB 89 17.49 -18.67 -28.83
CA LEU JB 89 16.60 -17.56 -29.08
C LEU JB 89 17.13 -16.26 -28.49
N VAL JB 90 17.73 -16.33 -27.29
CA VAL JB 90 18.23 -15.12 -26.64
C VAL JB 90 19.34 -14.49 -27.47
N SER JB 91 20.30 -15.29 -27.94
CA SER JB 91 21.40 -14.73 -28.73
C SER JB 91 20.95 -14.33 -30.12
N LEU JB 92 19.86 -14.91 -30.61
CA LEU JB 92 19.34 -14.53 -31.92
C LEU JB 92 18.95 -13.06 -31.97
N THR JB 93 18.59 -12.49 -30.82
CA THR JB 93 18.21 -11.08 -30.74
C THR JB 93 19.39 -10.17 -30.42
N GLY JB 94 20.60 -10.71 -30.31
CA GLY JB 94 21.78 -9.91 -30.05
C GLY JB 94 22.13 -9.72 -28.60
N VAL JB 95 21.29 -10.17 -27.67
CA VAL JB 95 21.57 -10.01 -26.25
C VAL JB 95 22.64 -11.02 -25.82
N GLY JB 96 23.60 -10.55 -25.03
CA GLY JB 96 24.63 -11.42 -24.50
C GLY JB 96 25.46 -12.11 -25.56
N SER JB 97 26.26 -11.35 -26.29
CA SER JB 97 27.16 -11.92 -27.29
C SER JB 97 28.52 -11.22 -27.26
N ALA KB 28 43.33 16.52 -7.58
CA ALA KB 28 44.21 15.95 -6.57
C ALA KB 28 43.97 14.45 -6.44
N GLY KB 29 42.92 13.97 -7.10
CA GLY KB 29 42.59 12.57 -7.05
C GLY KB 29 42.28 11.99 -8.41
N THR KB 30 41.44 10.96 -8.45
CA THR KB 30 41.04 10.32 -9.70
C THR KB 30 39.52 10.35 -9.81
N ASP KB 31 39.03 10.63 -11.02
CA ASP KB 31 37.60 10.65 -11.29
C ASP KB 31 37.13 9.23 -11.53
N THR KB 32 36.32 8.70 -10.62
CA THR KB 32 35.80 7.35 -10.72
C THR KB 32 34.28 7.36 -10.89
N GLY KB 33 33.78 8.36 -11.62
CA GLY KB 33 32.36 8.44 -11.88
C GLY KB 33 31.97 7.74 -13.17
N GLU KB 34 32.64 8.06 -14.27
CA GLU KB 34 32.34 7.40 -15.53
C GLU KB 34 32.82 5.96 -15.53
N SER KB 35 34.01 5.70 -14.96
CA SER KB 35 34.54 4.35 -14.96
C SER KB 35 33.69 3.41 -14.12
N THR KB 36 33.24 3.87 -12.95
CA THR KB 36 32.42 3.03 -12.09
C THR KB 36 31.11 2.66 -12.76
N ALA KB 37 30.48 3.63 -13.43
CA ALA KB 37 29.23 3.34 -14.14
C ALA KB 37 29.46 2.36 -15.28
N THR KB 38 30.56 2.53 -16.02
CA THR KB 38 30.85 1.60 -17.10
C THR KB 38 31.14 0.21 -16.58
N SER KB 39 31.88 0.11 -15.47
CA SER KB 39 32.22 -1.19 -14.91
C SER KB 39 30.96 -1.94 -14.47
N ILE KB 40 30.01 -1.23 -13.86
CA ILE KB 40 28.77 -1.86 -13.43
C ILE KB 40 27.97 -2.34 -14.63
N GLN KB 41 27.94 -1.56 -15.70
CA GLN KB 41 27.24 -1.98 -16.91
C GLN KB 41 27.86 -3.24 -17.50
N THR KB 42 29.19 -3.30 -17.56
CA THR KB 42 29.85 -4.47 -18.13
C THR KB 42 29.61 -5.71 -17.29
N TRP KB 43 29.58 -5.56 -15.96
CA TRP KB 43 29.37 -6.71 -15.08
C TRP KB 43 27.98 -7.31 -15.29
N LEU KB 44 26.96 -6.46 -15.39
CA LEU KB 44 25.59 -6.97 -15.52
C LEU KB 44 25.42 -7.77 -16.80
N SER KB 45 26.04 -7.32 -17.89
CA SER KB 45 25.88 -8.01 -19.17
C SER KB 45 26.48 -9.41 -19.15
N THR KB 46 27.29 -9.72 -18.12
CA THR KB 46 27.87 -11.05 -18.04
C THR KB 46 26.82 -12.10 -17.73
N TRP KB 47 25.89 -11.80 -16.81
CA TRP KB 47 24.95 -12.80 -16.33
C TRP KB 47 23.49 -12.47 -16.59
N ILE KB 48 23.15 -11.25 -16.99
CA ILE KB 48 21.76 -10.95 -17.38
C ILE KB 48 21.33 -11.82 -18.56
N PRO KB 49 22.11 -11.96 -19.63
CA PRO KB 49 21.69 -12.83 -20.73
C PRO KB 49 21.40 -14.27 -20.30
N ILE KB 50 22.18 -14.83 -19.38
CA ILE KB 50 21.91 -16.19 -18.93
C ILE KB 50 20.60 -16.24 -18.16
N GLY KB 51 20.33 -15.21 -17.35
CA GLY KB 51 19.06 -15.15 -16.64
C GLY KB 51 17.87 -15.06 -17.58
N CYS KB 52 18.04 -14.40 -18.73
CA CYS KB 52 16.96 -14.31 -19.71
C CYS KB 52 16.63 -15.67 -20.28
N ALA KB 53 17.64 -16.51 -20.54
CA ALA KB 53 17.38 -17.85 -21.04
C ALA KB 53 16.65 -18.70 -20.02
N ILE KB 54 16.94 -18.51 -18.73
CA ILE KB 54 16.27 -19.27 -17.68
C ILE KB 54 14.78 -18.93 -17.67
N ALA KB 55 14.43 -17.66 -17.81
CA ALA KB 55 13.03 -17.26 -17.78
C ALA KB 55 12.25 -17.88 -18.93
N ILE KB 56 12.85 -17.92 -20.13
CA ILE KB 56 12.17 -18.52 -21.27
C ILE KB 56 11.87 -19.99 -21.01
N MET KB 57 12.85 -20.71 -20.47
CA MET KB 57 12.65 -22.13 -20.18
C MET KB 57 11.61 -22.34 -19.10
N VAL KB 58 11.65 -21.53 -18.03
CA VAL KB 58 10.70 -21.70 -16.94
C VAL KB 58 9.31 -21.26 -17.35
N SER KB 59 9.20 -20.16 -18.10
CA SER KB 59 7.90 -19.68 -18.53
C SER KB 59 7.22 -20.68 -19.45
N CYS KB 60 7.96 -21.30 -20.35
CA CYS KB 60 7.38 -22.32 -21.22
C CYS KB 60 6.91 -23.52 -20.42
N PHE KB 61 7.64 -23.87 -19.36
CA PHE KB 61 7.22 -24.97 -18.50
C PHE KB 61 5.89 -24.65 -17.81
N MET KB 62 5.75 -23.43 -17.29
CA MET KB 62 4.50 -23.05 -16.62
C MET KB 62 3.33 -23.05 -17.59
N TRP KB 63 3.57 -22.62 -18.83
CA TRP KB 63 2.53 -22.65 -19.85
C TRP KB 63 2.07 -24.07 -20.13
N MET KB 64 3.01 -25.02 -20.20
CA MET KB 64 2.65 -26.40 -20.42
C MET KB 64 1.75 -26.94 -19.31
N LEU KB 65 1.91 -26.44 -18.09
CA LEU KB 65 1.15 -26.90 -16.94
C LEU KB 65 -0.18 -26.19 -16.79
N HIS KB 66 -0.50 -25.25 -17.68
CA HIS KB 66 -1.77 -24.52 -17.62
C HIS KB 66 -1.84 -23.63 -16.40
N VAL KB 67 -0.71 -22.98 -16.07
CA VAL KB 67 -0.63 -22.10 -14.92
C VAL KB 67 -0.74 -20.63 -15.32
N ILE KB 68 -0.20 -20.27 -16.49
CA ILE KB 68 -0.22 -18.88 -16.93
C ILE KB 68 -0.73 -18.85 -18.37
N PRO KB 69 -1.27 -17.72 -18.80
CA PRO KB 69 -1.75 -17.60 -20.18
C PRO KB 69 -0.59 -17.49 -21.15
N ALA KB 70 -0.94 -17.51 -22.45
CA ALA KB 70 0.05 -17.45 -23.50
C ALA KB 70 0.49 -16.04 -23.84
N SER KB 71 -0.06 -15.03 -23.18
CA SER KB 71 0.36 -13.66 -23.43
C SER KB 71 1.77 -13.36 -22.94
N PHE KB 72 2.51 -14.35 -22.45
CA PHE KB 72 3.89 -14.12 -22.04
C PHE KB 72 4.84 -14.11 -23.23
N ILE KB 73 4.47 -14.75 -24.34
CA ILE KB 73 5.37 -14.82 -25.50
C ILE KB 73 5.69 -13.43 -26.03
N PRO KB 74 4.72 -12.56 -26.31
CA PRO KB 74 5.08 -11.20 -26.78
C PRO KB 74 5.91 -10.42 -25.78
N ARG KB 75 5.72 -10.65 -24.49
CA ARG KB 75 6.52 -9.94 -23.48
C ARG KB 75 8.00 -10.25 -23.61
N ILE KB 76 8.35 -11.52 -23.84
CA ILE KB 76 9.76 -11.89 -23.92
C ILE KB 76 10.44 -11.21 -25.10
N VAL KB 77 9.77 -11.17 -26.25
CA VAL KB 77 10.37 -10.52 -27.42
C VAL KB 77 10.56 -9.03 -27.17
N ILE KB 78 9.55 -8.37 -26.61
CA ILE KB 78 9.64 -6.93 -26.37
C ILE KB 78 10.72 -6.61 -25.34
N SER KB 79 10.80 -7.42 -24.27
CA SER KB 79 11.83 -7.19 -23.28
C SER KB 79 13.23 -7.38 -23.86
N LEU KB 80 13.42 -8.37 -24.73
CA LEU KB 80 14.72 -8.57 -25.35
C LEU KB 80 15.09 -7.40 -26.25
N ILE KB 81 14.10 -6.81 -26.92
CA ILE KB 81 14.36 -5.63 -27.73
C ILE KB 81 14.86 -4.47 -26.86
N GLY KB 82 14.23 -4.29 -25.70
CA GLY KB 82 14.62 -3.20 -24.82
C GLY KB 82 16.00 -3.39 -24.22
N ILE KB 83 16.35 -4.62 -23.85
CA ILE KB 83 17.65 -4.88 -23.24
C ILE KB 83 18.78 -4.59 -24.21
N GLY KB 84 18.64 -5.00 -25.48
CA GLY KB 84 19.70 -4.80 -26.43
C GLY KB 84 19.78 -3.39 -26.97
N SER KB 85 18.71 -2.61 -26.82
CA SER KB 85 18.65 -1.25 -27.34
C SER KB 85 18.75 -0.20 -26.24
N ALA KB 86 19.20 -0.57 -25.04
CA ALA KB 86 19.21 0.37 -23.92
C ALA KB 86 20.10 1.57 -24.21
N SER KB 87 21.33 1.32 -24.66
CA SER KB 87 22.26 2.42 -24.92
C SER KB 87 21.78 3.29 -26.09
N TYR KB 88 21.29 2.67 -27.15
CA TYR KB 88 20.83 3.42 -28.31
C TYR KB 88 19.63 4.29 -27.96
N LEU KB 89 18.70 3.76 -27.16
CA LEU KB 89 17.50 4.51 -26.83
C LEU KB 89 17.82 5.75 -26.00
N VAL KB 90 18.78 5.66 -25.09
CA VAL KB 90 19.11 6.80 -24.25
C VAL KB 90 19.64 7.96 -25.08
N SER KB 91 20.57 7.67 -26.00
CA SER KB 91 21.15 8.73 -26.83
C SER KB 91 20.16 9.22 -27.87
N LEU KB 92 19.17 8.40 -28.23
CA LEU KB 92 18.16 8.82 -29.19
C LEU KB 92 17.38 10.02 -28.69
N THR KB 93 17.28 10.19 -27.36
CA THR KB 93 16.57 11.31 -26.76
C THR KB 93 17.48 12.51 -26.49
N GLY KB 94 18.76 12.43 -26.85
CA GLY KB 94 19.68 13.52 -26.66
C GLY KB 94 20.43 13.54 -25.35
N VAL KB 95 20.12 12.63 -24.44
CA VAL KB 95 20.80 12.58 -23.15
C VAL KB 95 22.18 11.97 -23.34
N GLY KB 96 23.18 12.58 -22.70
CA GLY KB 96 24.53 12.05 -22.73
C GLY KB 96 25.12 11.93 -24.12
N SER KB 97 25.37 13.07 -24.76
CA SER KB 97 26.01 13.09 -26.07
C SER KB 97 27.04 14.21 -26.17
N ALA LB 28 39.18 40.78 -3.35
CA ALA LB 28 40.46 40.37 -2.80
C ALA LB 28 40.72 38.89 -3.08
N GLY LB 29 39.69 38.21 -3.57
CA GLY LB 29 39.80 36.79 -3.88
C GLY LB 29 39.22 36.45 -5.22
N THR LB 30 38.76 35.22 -5.37
CA THR LB 30 38.14 34.74 -6.60
C THR LB 30 36.74 34.24 -6.32
N ASP LB 31 35.82 34.56 -7.23
CA ASP LB 31 34.43 34.13 -7.12
C ASP LB 31 34.31 32.71 -7.66
N THR LB 32 34.05 31.75 -6.78
CA THR LB 32 33.92 30.35 -7.15
C THR LB 32 32.50 29.86 -6.93
N GLY LB 33 31.52 30.73 -7.17
CA GLY LB 33 30.14 30.35 -7.03
C GLY LB 33 29.55 29.82 -8.32
N GLU LB 34 29.69 30.58 -9.41
CA GLU LB 34 29.18 30.14 -10.70
C GLU LB 34 30.02 28.99 -11.25
N SER LB 35 31.35 29.08 -11.11
CA SER LB 35 32.22 28.04 -11.65
C SER LB 35 31.99 26.71 -10.95
N THR LB 36 31.85 26.72 -9.62
CA THR LB 36 31.65 25.48 -8.88
C THR LB 36 30.34 24.82 -9.29
N ALA LB 37 29.28 25.60 -9.44
CA ALA LB 37 28.01 25.03 -9.88
C ALA LB 37 28.10 24.46 -11.28
N THR LB 38 28.79 25.16 -12.18
CA THR LB 38 28.95 24.65 -13.54
C THR LB 38 29.78 23.38 -13.56
N SER LB 39 30.84 23.32 -12.75
CA SER LB 39 31.70 22.14 -12.71
C SER LB 39 30.93 20.92 -12.23
N ILE LB 40 30.08 21.10 -11.21
CA ILE LB 40 29.29 19.98 -10.70
C ILE LB 40 28.30 19.49 -11.76
N GLN LB 41 27.69 20.43 -12.49
CA GLN LB 41 26.77 20.04 -13.55
C GLN LB 41 27.48 19.24 -14.64
N THR LB 42 28.67 19.67 -15.04
CA THR LB 42 29.41 18.97 -16.09
C THR LB 42 29.83 17.58 -15.62
N TRP LB 43 30.21 17.44 -14.35
CA TRP LB 43 30.63 16.13 -13.85
C TRP LB 43 29.49 15.12 -13.87
N LEU LB 44 28.29 15.55 -13.45
CA LEU LB 44 27.17 14.62 -13.39
C LEU LB 44 26.81 14.09 -14.77
N SER LB 45 26.86 14.94 -15.79
CA SER LB 45 26.48 14.53 -17.13
C SER LB 45 27.43 13.46 -17.69
N THR LB 46 28.58 13.26 -17.04
CA THR LB 46 29.51 12.24 -17.52
C THR LB 46 28.97 10.83 -17.28
N TRP LB 47 28.36 10.60 -16.13
CA TRP LB 47 27.95 9.24 -15.75
C TRP LB 47 26.45 9.07 -15.52
N ILE LB 48 25.67 10.14 -15.43
CA ILE LB 48 24.21 9.99 -15.36
C ILE LB 48 23.68 9.30 -16.59
N PRO LB 49 24.06 9.66 -17.82
CA PRO LB 49 23.55 8.94 -18.99
C PRO LB 49 23.83 7.44 -18.96
N ILE LB 50 25.00 7.03 -18.49
CA ILE LB 50 25.30 5.59 -18.42
C ILE LB 50 24.40 4.92 -17.40
N GLY LB 51 24.13 5.59 -16.27
CA GLY LB 51 23.21 5.05 -15.30
C GLY LB 51 21.80 4.90 -15.83
N CYS LB 52 21.39 5.80 -16.73
CA CYS LB 52 20.06 5.68 -17.32
C CYS LB 52 19.95 4.43 -18.19
N ALA LB 53 21.00 4.09 -18.93
CA ALA LB 53 20.98 2.88 -19.74
C ALA LB 53 20.91 1.63 -18.87
N ILE LB 54 21.55 1.66 -17.71
CA ILE LB 54 21.51 0.50 -16.81
C ILE LB 54 20.08 0.27 -16.32
N ALA LB 55 19.36 1.33 -15.98
CA ALA LB 55 18.00 1.18 -15.48
C ALA LB 55 17.09 0.57 -16.53
N ILE LB 56 17.24 1.00 -17.79
CA ILE LB 56 16.41 0.45 -18.86
C ILE LB 56 16.64 -1.05 -18.99
N MET LB 57 17.91 -1.47 -18.96
CA MET LB 57 18.23 -2.89 -19.08
C MET LB 57 17.70 -3.68 -17.88
N VAL LB 58 17.88 -3.15 -16.67
CA VAL LB 58 17.44 -3.87 -15.48
C VAL LB 58 15.92 -3.89 -15.38
N SER LB 59 15.27 -2.76 -15.70
CA SER LB 59 13.81 -2.72 -15.63
C SER LB 59 13.17 -3.69 -16.60
N CYS LB 60 13.72 -3.80 -17.82
CA CYS LB 60 13.19 -4.75 -18.77
C CYS LB 60 13.37 -6.18 -18.29
N PHE LB 61 14.49 -6.46 -17.61
CA PHE LB 61 14.70 -7.78 -17.04
C PHE LB 61 13.65 -8.12 -15.98
N MET LB 62 13.36 -7.17 -15.09
CA MET LB 62 12.36 -7.41 -14.05
C MET LB 62 10.98 -7.63 -14.65
N TRP LB 63 10.65 -6.89 -15.72
CA TRP LB 63 9.38 -7.09 -16.41
C TRP LB 63 9.28 -8.49 -16.99
N MET LB 64 10.36 -9.00 -17.57
CA MET LB 64 10.35 -10.35 -18.11
C MET LB 64 10.07 -11.38 -17.03
N LEU LB 65 10.48 -11.12 -15.79
CA LEU LB 65 10.31 -12.06 -14.70
C LEU LB 65 8.97 -11.91 -14.00
N HIS LB 66 8.12 -11.00 -14.45
CA HIS LB 66 6.79 -10.80 -13.86
C HIS LB 66 6.90 -10.26 -12.45
N VAL LB 67 7.84 -9.34 -12.24
CA VAL LB 67 8.05 -8.74 -10.92
C VAL LB 67 7.41 -7.36 -10.82
N ILE LB 68 7.39 -6.60 -11.91
CA ILE LB 68 6.84 -5.24 -11.89
C ILE LB 68 5.89 -5.11 -13.08
N PRO LB 69 4.93 -4.19 -13.00
CA PRO LB 69 4.01 -3.97 -14.11
C PRO LB 69 4.69 -3.26 -15.27
N ALA LB 70 3.95 -3.13 -16.36
CA ALA LB 70 4.47 -2.50 -17.57
C ALA LB 70 4.35 -0.99 -17.57
N SER LB 71 3.81 -0.41 -16.50
CA SER LB 71 3.70 1.05 -16.42
C SER LB 71 5.05 1.72 -16.22
N PHE LB 72 6.17 0.98 -16.26
CA PHE LB 72 7.48 1.61 -16.16
C PHE LB 72 7.93 2.20 -17.48
N ILE LB 73 7.40 1.71 -18.61
CA ILE LB 73 7.84 2.21 -19.92
C ILE LB 73 7.55 3.69 -20.07
N PRO LB 74 6.35 4.20 -19.82
CA PRO LB 74 6.13 5.65 -19.93
C PRO LB 74 6.99 6.47 -18.97
N ARG LB 75 7.32 5.93 -17.80
CA ARG LB 75 8.17 6.65 -16.87
C ARG LB 75 9.55 6.93 -17.46
N ILE LB 76 10.15 5.96 -18.14
CA ILE LB 76 11.49 6.14 -18.67
C ILE LB 76 11.51 7.25 -19.71
N VAL LB 77 10.52 7.28 -20.60
CA VAL LB 77 10.47 8.32 -21.62
C VAL LB 77 10.31 9.69 -20.99
N ILE LB 78 9.41 9.82 -20.01
CA ILE LB 78 9.16 11.10 -19.38
C ILE LB 78 10.38 11.58 -18.61
N SER LB 79 11.05 10.66 -17.89
CA SER LB 79 12.25 11.03 -17.16
C SER LB 79 13.36 11.50 -18.10
N LEU LB 80 13.52 10.83 -19.25
CA LEU LB 80 14.54 11.25 -20.21
C LEU LB 80 14.24 12.63 -20.77
N ILE LB 81 12.95 12.95 -20.96
CA ILE LB 81 12.58 14.28 -21.41
C ILE LB 81 13.00 15.33 -20.38
N GLY LB 82 12.77 15.03 -19.10
CA GLY LB 82 13.12 15.99 -18.06
C GLY LB 82 14.61 16.20 -17.91
N ILE LB 83 15.39 15.12 -18.03
CA ILE LB 83 16.83 15.23 -17.87
C ILE LB 83 17.44 16.10 -18.96
N GLY LB 84 17.01 15.93 -20.21
CA GLY LB 84 17.59 16.70 -21.30
C GLY LB 84 17.08 18.12 -21.38
N SER LB 85 15.96 18.41 -20.73
CA SER LB 85 15.35 19.73 -20.77
C SER LB 85 15.50 20.50 -19.47
N ALA LB 86 16.41 20.08 -18.60
CA ALA LB 86 16.54 20.71 -17.28
C ALA LB 86 16.90 22.18 -17.41
N SER LB 87 17.93 22.50 -18.20
CA SER LB 87 18.36 23.89 -18.34
C SER LB 87 17.31 24.74 -19.02
N TYR LB 88 16.68 24.21 -20.07
CA TYR LB 88 15.66 24.97 -20.79
C TYR LB 88 14.46 25.26 -19.91
N LEU LB 89 14.05 24.27 -19.11
CA LEU LB 89 12.86 24.45 -18.27
C LEU LB 89 13.07 25.53 -17.22
N VAL LB 90 14.27 25.61 -16.64
CA VAL LB 90 14.53 26.59 -15.60
C VAL LB 90 14.40 28.00 -16.15
N SER LB 91 15.00 28.27 -17.31
CA SER LB 91 14.95 29.61 -17.88
C SER LB 91 13.58 29.91 -18.45
N LEU LB 92 12.80 28.88 -18.78
CA LEU LB 92 11.45 29.10 -19.28
C LEU LB 92 10.58 29.81 -18.27
N THR LB 93 10.88 29.65 -16.98
CA THR LB 93 10.14 30.29 -15.91
C THR LB 93 10.71 31.65 -15.52
N GLY LB 94 11.75 32.12 -16.19
CA GLY LB 94 12.34 33.41 -15.91
C GLY LB 94 13.45 33.41 -14.89
N VAL LB 95 13.74 32.29 -14.25
CA VAL LB 95 14.80 32.24 -13.26
C VAL LB 95 16.15 32.21 -13.95
N GLY LB 96 17.09 33.00 -13.43
CA GLY LB 96 18.44 33.02 -13.95
C GLY LB 96 18.53 33.41 -15.41
N SER LB 97 18.23 34.66 -15.71
CA SER LB 97 18.35 35.17 -17.07
C SER LB 97 18.93 36.58 -17.08
N ALA MB 28 30.03 60.50 9.00
CA ALA MB 28 31.49 60.48 9.04
C ALA MB 28 32.04 59.29 8.27
N GLY MB 29 31.14 58.39 7.88
CA GLY MB 29 31.54 57.20 7.14
C GLY MB 29 30.67 56.95 5.93
N THR MB 30 30.53 55.69 5.53
CA THR MB 30 29.71 55.30 4.41
C THR MB 30 28.68 54.28 4.86
N ASP MB 31 27.45 54.42 4.36
CA ASP MB 31 26.37 53.50 4.67
C ASP MB 31 26.49 52.28 3.78
N THR MB 32 26.82 51.13 4.36
CA THR MB 32 26.97 49.88 3.62
C THR MB 32 25.90 48.88 4.02
N GLY MB 33 24.70 49.36 4.31
CA GLY MB 33 23.60 48.49 4.66
C GLY MB 33 22.79 48.06 3.46
N GLU MB 34 22.34 49.03 2.67
CA GLU MB 34 21.57 48.70 1.48
C GLU MB 34 22.47 48.07 0.40
N SER MB 35 23.68 48.60 0.23
CA SER MB 35 24.57 48.08 -0.81
C SER MB 35 24.98 46.65 -0.51
N THR MB 36 25.30 46.35 0.75
CA THR MB 36 25.71 44.99 1.10
C THR MB 36 24.58 43.99 0.85
N ALA MB 37 23.35 44.35 1.21
CA ALA MB 37 22.22 43.46 0.96
C ALA MB 37 21.99 43.26 -0.53
N THR MB 38 22.12 44.34 -1.32
CA THR MB 38 21.95 44.20 -2.76
C THR MB 38 23.06 43.36 -3.37
N SER MB 39 24.29 43.52 -2.91
CA SER MB 39 25.41 42.75 -3.44
C SER MB 39 25.22 41.26 -3.18
N ILE MB 40 24.75 40.91 -1.98
CA ILE MB 40 24.52 39.50 -1.66
C ILE MB 40 23.41 38.92 -2.53
N GLN MB 41 22.36 39.70 -2.77
CA GLN MB 41 21.28 39.23 -3.64
C GLN MB 41 21.78 38.97 -5.06
N THR MB 42 22.60 39.89 -5.59
CA THR MB 42 23.12 39.73 -6.95
C THR MB 42 24.03 38.51 -7.05
N TRP MB 43 24.84 38.26 -6.02
CA TRP MB 43 25.75 37.13 -6.06
C TRP MB 43 25.00 35.80 -6.10
N LEU MB 44 23.95 35.68 -5.30
CA LEU MB 44 23.22 34.41 -5.24
C LEU MB 44 22.59 34.07 -6.58
N SER MB 45 22.05 35.09 -7.27
CA SER MB 45 21.38 34.83 -8.54
C SER MB 45 22.34 34.32 -9.61
N THR MB 46 23.65 34.43 -9.36
CA THR MB 46 24.60 33.93 -10.34
C THR MB 46 24.60 32.40 -10.42
N TRP MB 47 24.50 31.73 -9.27
CA TRP MB 47 24.64 30.29 -9.24
C TRP MB 47 23.43 29.53 -8.71
N ILE MB 48 22.44 30.21 -8.10
CA ILE MB 48 21.21 29.53 -7.73
C ILE MB 48 20.50 28.95 -8.95
N PRO MB 49 20.33 29.68 -10.05
CA PRO MB 49 19.68 29.07 -11.22
C PRO MB 49 20.37 27.82 -11.73
N ILE MB 50 21.70 27.76 -11.71
CA ILE MB 50 22.39 26.55 -12.15
C ILE MB 50 22.11 25.40 -11.19
N GLY MB 51 22.07 25.68 -9.89
CA GLY MB 51 21.72 24.66 -8.92
C GLY MB 51 20.31 24.12 -9.12
N CYS MB 52 19.39 24.96 -9.57
CA CYS MB 52 18.03 24.50 -9.82
C CYS MB 52 17.99 23.51 -10.97
N ALA MB 53 18.79 23.73 -12.01
CA ALA MB 53 18.83 22.79 -13.12
C ALA MB 53 19.40 21.45 -12.68
N ILE MB 54 20.37 21.46 -11.76
CA ILE MB 54 20.95 20.22 -11.28
C ILE MB 54 19.91 19.39 -10.55
N ALA MB 55 19.08 20.03 -9.73
CA ALA MB 55 18.06 19.29 -8.97
C ALA MB 55 17.06 18.63 -9.91
N ILE MB 56 16.65 19.32 -10.96
CA ILE MB 56 15.70 18.74 -11.91
C ILE MB 56 16.29 17.49 -12.55
N MET MB 57 17.56 17.56 -12.97
CA MET MB 57 18.20 16.40 -13.58
C MET MB 57 18.36 15.25 -12.59
N VAL MB 58 18.77 15.55 -11.36
CA VAL MB 58 18.98 14.50 -10.38
C VAL MB 58 17.65 13.91 -9.92
N SER MB 59 16.65 14.77 -9.71
CA SER MB 59 15.35 14.27 -9.26
C SER MB 59 14.71 13.35 -10.29
N CYS MB 60 14.83 13.70 -11.58
CA CYS MB 60 14.30 12.83 -12.63
C CYS MB 60 15.03 11.50 -12.66
N PHE MB 61 16.33 11.51 -12.39
CA PHE MB 61 17.09 10.26 -12.34
C PHE MB 61 16.60 9.37 -11.19
N MET MB 62 16.37 9.95 -10.02
CA MET MB 62 15.89 9.15 -8.88
C MET MB 62 14.51 8.58 -9.16
N TRP MB 63 13.65 9.35 -9.84
CA TRP MB 63 12.33 8.85 -10.21
C TRP MB 63 12.43 7.65 -11.15
N MET MB 64 13.35 7.71 -12.11
CA MET MB 64 13.55 6.58 -13.01
C MET MB 64 13.94 5.32 -12.26
N LEU MB 65 14.66 5.46 -11.15
CA LEU MB 65 15.14 4.31 -10.39
C LEU MB 65 14.13 3.82 -9.37
N HIS MB 66 12.95 4.44 -9.29
CA HIS MB 66 11.90 4.01 -8.37
C HIS MB 66 12.32 4.26 -6.92
N VAL MB 67 12.97 5.39 -6.68
CA VAL MB 67 13.44 5.75 -5.35
C VAL MB 67 12.50 6.75 -4.68
N ILE MB 68 11.92 7.66 -5.43
CA ILE MB 68 11.04 8.68 -4.87
C ILE MB 68 9.75 8.70 -5.67
N PRO MB 69 8.66 9.18 -5.08
CA PRO MB 69 7.39 9.28 -5.81
C PRO MB 69 7.42 10.41 -6.82
N ALA MB 70 6.34 10.47 -7.61
CA ALA MB 70 6.23 11.48 -8.66
C ALA MB 70 5.70 12.81 -8.16
N SER MB 71 5.40 12.93 -6.88
CA SER MB 71 4.94 14.20 -6.33
C SER MB 71 6.02 15.26 -6.28
N PHE MB 72 7.21 15.00 -6.81
CA PHE MB 72 8.25 16.02 -6.86
C PHE MB 72 8.04 17.00 -8.01
N ILE MB 73 7.32 16.59 -9.06
CA ILE MB 73 7.14 17.47 -10.22
C ILE MB 73 6.41 18.74 -9.83
N PRO MB 74 5.28 18.72 -9.14
CA PRO MB 74 4.63 19.99 -8.75
C PRO MB 74 5.50 20.84 -7.84
N ARG MB 75 6.34 20.23 -7.02
CA ARG MB 75 7.22 21.00 -6.15
C ARG MB 75 8.18 21.88 -6.94
N ILE MB 76 8.76 21.35 -8.01
CA ILE MB 76 9.74 22.10 -8.78
C ILE MB 76 9.10 23.34 -9.41
N VAL MB 77 7.90 23.18 -9.96
CA VAL MB 77 7.22 24.33 -10.59
C VAL MB 77 6.91 25.38 -9.54
N ILE MB 78 6.39 24.97 -8.37
CA ILE MB 78 6.01 25.93 -7.35
C ILE MB 78 7.24 26.64 -6.79
N SER MB 79 8.34 25.90 -6.58
CA SER MB 79 9.56 26.53 -6.09
C SER MB 79 10.11 27.54 -7.09
N LEU MB 80 10.05 27.22 -8.39
CA LEU MB 80 10.53 28.17 -9.40
C LEU MB 80 9.67 29.43 -9.42
N ILE MB 81 8.38 29.29 -9.17
CA ILE MB 81 7.51 30.47 -9.09
C ILE MB 81 7.93 31.36 -7.93
N GLY MB 82 8.24 30.75 -6.79
CA GLY MB 82 8.64 31.53 -5.61
C GLY MB 82 9.97 32.22 -5.79
N ILE MB 83 10.93 31.55 -6.42
CA ILE MB 83 12.25 32.14 -6.61
C ILE MB 83 12.19 33.38 -7.49
N GLY MB 84 11.43 33.32 -8.59
CA GLY MB 84 11.37 34.45 -9.49
C GLY MB 84 10.49 35.58 -9.01
N SER MB 85 9.61 35.31 -8.04
CA SER MB 85 8.67 36.29 -7.53
C SER MB 85 9.04 36.79 -6.14
N ALA MB 86 10.27 36.56 -5.69
CA ALA MB 86 10.65 36.90 -4.31
C ALA MB 86 10.52 38.40 -4.07
N SER MB 87 11.09 39.22 -4.96
CA SER MB 87 11.05 40.67 -4.77
C SER MB 87 9.62 41.20 -4.88
N TYR MB 88 8.84 40.70 -5.85
CA TYR MB 88 7.48 41.18 -6.02
C TYR MB 88 6.62 40.82 -4.82
N LEU MB 89 6.79 39.62 -4.28
CA LEU MB 89 5.96 39.17 -3.17
C LEU MB 89 6.20 40.03 -1.92
N VAL MB 90 7.45 40.41 -1.67
CA VAL MB 90 7.75 41.19 -0.47
C VAL MB 90 7.06 42.54 -0.52
N SER MB 91 7.13 43.23 -1.65
CA SER MB 91 6.52 44.54 -1.76
C SER MB 91 5.00 44.44 -1.85
N LEU MB 92 4.49 43.29 -2.28
CA LEU MB 92 3.04 43.11 -2.34
C LEU MB 92 2.40 43.22 -0.96
N THR MB 93 3.15 42.93 0.10
CA THR MB 93 2.66 43.03 1.46
C THR MB 93 2.93 44.39 2.09
N GLY MB 94 3.50 45.33 1.36
CA GLY MB 94 3.76 46.66 1.86
C GLY MB 94 5.11 46.86 2.53
N VAL MB 95 5.89 45.81 2.70
CA VAL MB 95 7.19 45.94 3.33
C VAL MB 95 8.18 46.55 2.35
N GLY MB 96 8.98 47.50 2.84
CA GLY MB 96 10.02 48.11 2.03
C GLY MB 96 9.50 48.79 0.78
N SER MB 97 8.77 49.89 0.95
CA SER MB 97 8.28 50.68 -0.17
C SER MB 97 8.40 52.16 0.11
N ALA NB 28 20.46 72.60 28.62
CA ALA NB 28 21.79 73.11 28.30
C ALA NB 28 22.36 72.37 27.09
N GLY NB 29 21.68 71.31 26.67
CA GLY NB 29 22.11 70.53 25.54
C GLY NB 29 20.99 70.23 24.57
N THR NB 30 21.10 69.12 23.85
CA THR NB 30 20.09 68.70 22.89
C THR NB 30 19.60 67.31 23.26
N ASP NB 31 18.29 67.09 23.15
CA ASP NB 31 17.69 65.80 23.43
C ASP NB 31 17.82 64.92 22.19
N THR NB 32 18.64 63.87 22.30
CA THR NB 32 18.88 62.94 21.21
C THR NB 32 18.34 61.56 21.54
N GLY NB 33 17.21 61.51 22.24
CA GLY NB 33 16.60 60.25 22.58
C GLY NB 33 15.58 59.81 21.54
N GLU NB 34 14.64 60.69 21.22
CA GLU NB 34 13.64 60.36 20.20
C GLU NB 34 14.26 60.33 18.82
N SER NB 35 15.14 61.29 18.51
CA SER NB 35 15.75 61.34 17.19
C SER NB 35 16.62 60.12 16.92
N THR NB 36 17.41 59.71 17.90
CA THR NB 36 18.27 58.55 17.71
C THR NB 36 17.46 57.29 17.45
N ALA NB 37 16.38 57.10 18.20
CA ALA NB 37 15.53 55.93 17.98
C ALA NB 37 14.88 55.97 16.61
N THR NB 38 14.42 57.15 16.17
CA THR NB 38 13.83 57.26 14.85
C THR NB 38 14.85 57.02 13.75
N SER NB 39 16.08 57.52 13.93
CA SER NB 39 17.11 57.33 12.92
C SER NB 39 17.45 55.85 12.76
N ILE NB 40 17.52 55.12 13.86
CA ILE NB 40 17.83 53.69 13.79
C ILE NB 40 16.70 52.94 13.09
N GLN NB 41 15.45 53.32 13.36
CA GLN NB 41 14.33 52.68 12.69
C GLN NB 41 14.37 52.92 11.18
N THR NB 42 14.67 54.15 10.77
CA THR NB 42 14.72 54.47 9.35
C THR NB 42 15.85 53.71 8.65
N TRP NB 43 16.99 53.57 9.32
CA TRP NB 43 18.12 52.88 8.71
C TRP NB 43 17.80 51.41 8.46
N LEU NB 44 17.17 50.74 9.43
CA LEU NB 44 16.89 49.31 9.27
C LEU NB 44 15.95 49.06 8.09
N SER NB 45 14.96 49.93 7.90
CA SER NB 45 14.00 49.71 6.82
C SER NB 45 14.64 49.82 5.45
N THR NB 46 15.88 50.34 5.37
CA THR NB 46 16.54 50.43 4.08
C THR NB 46 16.94 49.06 3.55
N TRP NB 47 17.43 48.17 4.42
CA TRP NB 47 17.98 46.90 3.98
C TRP NB 47 17.28 45.67 4.54
N ILE NB 48 16.41 45.81 5.54
CA ILE NB 48 15.61 44.67 5.99
C ILE NB 48 14.73 44.13 4.87
N PRO NB 49 14.00 44.96 4.11
CA PRO NB 49 13.19 44.41 3.02
C PRO NB 49 13.99 43.61 2.00
N ILE NB 50 15.21 44.04 1.67
CA ILE NB 50 16.02 43.28 0.73
C ILE NB 50 16.42 41.94 1.32
N GLY NB 51 16.73 41.92 2.62
CA GLY NB 51 17.04 40.65 3.28
C GLY NB 51 15.87 39.71 3.28
N CYS NB 52 14.64 40.22 3.36
CA CYS NB 52 13.46 39.37 3.33
C CYS NB 52 13.32 38.68 1.97
N ALA NB 53 13.62 39.38 0.88
CA ALA NB 53 13.56 38.77 -0.43
C ALA NB 53 14.60 37.67 -0.58
N ILE NB 54 15.77 37.84 0.02
CA ILE NB 54 16.81 36.82 -0.06
C ILE NB 54 16.34 35.54 0.62
N ALA NB 55 15.69 35.66 1.78
CA ALA NB 55 15.25 34.47 2.50
C ALA NB 55 14.22 33.69 1.69
N ILE NB 56 13.29 34.39 1.02
CA ILE NB 56 12.29 33.71 0.22
C ILE NB 56 12.96 32.91 -0.90
N MET NB 57 13.93 33.52 -1.57
CA MET NB 57 14.62 32.83 -2.65
C MET NB 57 15.42 31.64 -2.13
N VAL NB 58 16.13 31.81 -1.02
CA VAL NB 58 16.95 30.72 -0.48
C VAL NB 58 16.07 29.62 0.09
N SER NB 59 15.00 29.98 0.79
CA SER NB 59 14.12 28.97 1.38
C SER NB 59 13.46 28.12 0.31
N CYS NB 60 13.03 28.74 -0.80
CA CYS NB 60 12.45 27.98 -1.89
C CYS NB 60 13.46 27.03 -2.51
N PHE NB 61 14.73 27.46 -2.59
CA PHE NB 61 15.78 26.59 -3.10
C PHE NB 61 15.97 25.36 -2.21
N MET NB 62 16.00 25.56 -0.89
CA MET NB 62 16.17 24.44 0.03
C MET NB 62 15.00 23.48 -0.06
N TRP NB 63 13.78 24.00 -0.23
CA TRP NB 63 12.61 23.15 -0.39
C TRP NB 63 12.72 22.29 -1.65
N MET NB 64 13.21 22.87 -2.75
CA MET NB 64 13.40 22.10 -3.98
C MET NB 64 14.36 20.94 -3.77
N LEU NB 65 15.34 21.09 -2.88
CA LEU NB 65 16.35 20.08 -2.63
C LEU NB 65 15.92 19.05 -1.61
N HIS NB 66 14.71 19.18 -1.06
CA HIS NB 66 14.21 18.22 -0.08
C HIS NB 66 15.00 18.30 1.23
N VAL NB 67 15.35 19.51 1.63
CA VAL NB 67 16.11 19.73 2.85
C VAL NB 67 15.21 20.17 4.01
N ILE NB 68 14.18 20.93 3.73
CA ILE NB 68 13.29 21.44 4.78
C ILE NB 68 11.85 21.16 4.36
N PRO NB 69 10.94 21.08 5.33
CA PRO NB 69 9.53 20.85 5.00
C PRO NB 69 8.89 22.10 4.41
N ALA NB 70 7.65 21.94 3.97
CA ALA NB 70 6.92 23.02 3.35
C ALA NB 70 6.22 23.94 4.34
N SER NB 71 6.36 23.68 5.64
CA SER NB 71 5.76 24.55 6.64
C SER NB 71 6.46 25.90 6.74
N PHE NB 72 7.42 26.20 5.87
CA PHE NB 72 8.05 27.52 5.89
C PHE NB 72 7.21 28.57 5.18
N ILE NB 73 6.33 28.15 4.27
CA ILE NB 73 5.52 29.12 3.52
C ILE NB 73 4.64 29.95 4.44
N PRO NB 74 3.85 29.36 5.35
CA PRO NB 74 3.05 30.21 6.26
C PRO NB 74 3.89 31.12 7.14
N ARG NB 75 5.10 30.69 7.50
CA ARG NB 75 5.97 31.54 8.32
C ARG NB 75 6.33 32.84 7.62
N ILE NB 76 6.63 32.78 6.32
CA ILE NB 76 7.04 33.99 5.61
C ILE NB 76 5.90 35.00 5.56
N VAL NB 77 4.67 34.54 5.30
CA VAL NB 77 3.55 35.47 5.26
C VAL NB 77 3.31 36.10 6.62
N ILE NB 78 3.35 35.30 7.68
CA ILE NB 78 3.09 35.83 9.02
C ILE NB 78 4.18 36.79 9.44
N SER NB 79 5.44 36.48 9.14
CA SER NB 79 6.53 37.38 9.47
C SER NB 79 6.41 38.71 8.72
N LEU NB 80 6.01 38.67 7.46
CA LEU NB 80 5.84 39.91 6.70
C LEU NB 80 4.71 40.75 7.27
N ILE NB 81 3.65 40.11 7.78
CA ILE NB 81 2.58 40.85 8.42
C ILE NB 81 3.10 41.58 9.66
N GLY NB 82 3.93 40.89 10.45
CA GLY NB 82 4.46 41.51 11.66
C GLY NB 82 5.40 42.66 11.39
N ILE NB 83 6.24 42.53 10.35
CA ILE NB 83 7.20 43.58 10.05
C ILE NB 83 6.50 44.86 9.62
N GLY NB 84 5.47 44.76 8.79
CA GLY NB 84 4.80 45.95 8.31
C GLY NB 84 3.84 46.56 9.32
N SER NB 85 3.45 45.79 10.34
CA SER NB 85 2.51 46.25 11.35
C SER NB 85 3.17 46.55 12.69
N ALA NB 86 4.49 46.69 12.72
CA ALA NB 86 5.19 46.86 14.00
C ALA NB 86 4.73 48.13 14.72
N SER NB 87 4.72 49.26 14.01
CA SER NB 87 4.34 50.52 14.63
C SER NB 87 2.87 50.51 15.05
N TYR NB 88 1.99 49.98 14.20
CA TYR NB 88 0.58 49.96 14.52
C TYR NB 88 0.29 49.07 15.73
N LEU NB 89 0.98 47.93 15.82
CA LEU NB 89 0.73 47.00 16.92
C LEU NB 89 1.12 47.60 18.25
N VAL NB 90 2.22 48.35 18.30
CA VAL NB 90 2.68 48.93 19.55
C VAL NB 90 1.66 49.92 20.10
N SER NB 91 1.15 50.81 19.25
CA SER NB 91 0.19 51.80 19.71
C SER NB 91 -1.18 51.18 19.97
N LEU NB 92 -1.46 50.03 19.35
CA LEU NB 92 -2.72 49.35 19.60
C LEU NB 92 -2.88 48.94 21.06
N THR NB 93 -1.76 48.74 21.76
CA THR NB 93 -1.77 48.37 23.17
C THR NB 93 -1.70 49.57 24.09
N GLY NB 94 -1.69 50.79 23.56
CA GLY NB 94 -1.67 51.99 24.37
C GLY NB 94 -0.29 52.52 24.71
N VAL NB 95 0.77 51.82 24.35
CA VAL NB 95 2.12 52.27 24.65
C VAL NB 95 2.51 53.38 23.69
N GLY NB 96 3.12 54.43 24.23
CA GLY NB 96 3.60 55.53 23.41
C GLY NB 96 2.53 56.22 22.60
N SER NB 97 1.62 56.92 23.28
CA SER NB 97 0.59 57.69 22.60
C SER NB 97 0.37 59.04 23.29
N ALA OB 28 15.08 76.16 52.73
CA ALA OB 28 16.03 77.16 52.26
C ALA OB 28 16.34 76.95 50.77
N GLY OB 29 15.88 75.82 50.24
CA GLY OB 29 16.11 75.51 48.85
C GLY OB 29 14.86 75.03 48.15
N THR OB 30 15.03 74.20 47.12
CA THR OB 30 13.92 73.64 46.37
C THR OB 30 14.00 72.12 46.40
N ASP OB 31 12.84 71.48 46.56
CA ASP OB 31 12.75 70.03 46.57
C ASP OB 31 12.72 69.52 45.13
N THR OB 32 13.78 68.85 44.71
CA THR OB 32 13.88 68.32 43.36
C THR OB 32 13.90 66.79 43.37
N GLY OB 33 13.14 66.20 44.29
CA GLY OB 33 13.05 64.76 44.36
C GLY OB 33 11.92 64.20 43.53
N GLU OB 34 10.71 64.73 43.74
CA GLU OB 34 9.57 64.27 42.96
C GLU OB 34 9.66 64.75 41.52
N SER OB 35 10.08 66.00 41.32
CA SER OB 35 10.16 66.54 39.96
C SER OB 35 11.19 65.81 39.12
N THR OB 36 12.36 65.51 39.70
CA THR OB 36 13.40 64.81 38.96
C THR OB 36 12.94 63.42 38.54
N ALA OB 37 12.26 62.70 39.44
CA ALA OB 37 11.75 61.38 39.09
C ALA OB 37 10.69 61.47 38.00
N THR OB 38 9.80 62.46 38.08
CA THR OB 38 8.79 62.61 37.05
C THR OB 38 9.41 62.98 35.71
N SER OB 39 10.43 63.86 35.72
CA SER OB 39 11.07 64.26 34.48
C SER OB 39 11.74 63.07 33.79
N ILE OB 40 12.38 62.20 34.57
CA ILE OB 40 13.03 61.03 33.99
C ILE OB 40 12.00 60.08 33.40
N GLN OB 41 10.86 59.92 34.07
CA GLN OB 41 9.81 59.07 33.54
C GLN OB 41 9.26 59.61 32.22
N THR OB 42 9.05 60.92 32.14
CA THR OB 42 8.53 61.52 30.92
C THR OB 42 9.52 61.38 29.76
N TRP OB 43 10.81 61.53 30.05
CA TRP OB 43 11.81 61.43 29.00
C TRP OB 43 11.85 60.03 28.39
N LEU OB 44 11.80 59.00 29.24
CA LEU OB 44 11.90 57.63 28.73
C LEU OB 44 10.74 57.30 27.80
N SER OB 45 9.53 57.78 28.13
CA SER OB 45 8.36 57.45 27.32
C SER OB 45 8.45 58.05 25.93
N THR OB 46 9.39 58.98 25.72
CA THR OB 46 9.53 59.58 24.39
C THR OB 46 10.09 58.58 23.38
N TRP OB 47 11.07 57.77 23.79
CA TRP OB 47 11.77 56.91 22.86
C TRP OB 47 11.68 55.41 23.17
N ILE OB 48 11.19 55.02 24.36
CA ILE OB 48 10.96 53.60 24.62
C ILE OB 48 9.93 53.03 23.64
N PRO OB 49 8.79 53.67 23.39
CA PRO OB 49 7.85 53.11 22.41
C PRO OB 49 8.45 52.88 21.03
N ILE OB 50 9.32 53.77 20.55
CA ILE OB 50 9.94 53.57 19.26
C ILE OB 50 10.87 52.36 19.30
N GLY OB 51 11.60 52.19 20.40
CA GLY OB 51 12.44 51.03 20.54
C GLY OB 51 11.67 49.73 20.56
N CYS OB 52 10.44 49.76 21.09
CA CYS OB 52 9.60 48.56 21.09
C CYS OB 52 9.23 48.16 19.67
N ALA OB 53 8.93 49.13 18.81
CA ALA OB 53 8.59 48.81 17.43
C ALA OB 53 9.79 48.22 16.70
N ILE OB 54 10.99 48.67 17.01
CA ILE OB 54 12.19 48.13 16.37
C ILE OB 54 12.36 46.66 16.72
N ALA OB 55 12.13 46.30 17.98
CA ALA OB 55 12.31 44.91 18.39
C ALA OB 55 11.33 43.99 17.66
N ILE OB 56 10.08 44.43 17.50
CA ILE OB 56 9.10 43.61 16.80
C ILE OB 56 9.54 43.37 15.37
N MET OB 57 10.02 44.40 14.69
CA MET OB 57 10.49 44.24 13.32
C MET OB 57 11.71 43.35 13.22
N VAL OB 58 12.67 43.52 14.13
CA VAL OB 58 13.89 42.72 14.08
C VAL OB 58 13.60 41.28 14.49
N SER OB 59 12.77 41.08 15.52
CA SER OB 59 12.47 39.73 15.96
C SER OB 59 11.75 38.93 14.88
N CYS OB 60 10.83 39.57 14.17
CA CYS OB 60 10.14 38.89 13.08
C CYS OB 60 11.12 38.52 11.96
N PHE OB 61 12.10 39.38 11.71
CA PHE OB 61 13.12 39.07 10.71
C PHE OB 61 13.93 37.84 11.10
N MET OB 62 14.35 37.77 12.38
CA MET OB 62 15.13 36.62 12.83
C MET OB 62 14.32 35.33 12.74
N TRP OB 63 13.02 35.41 13.04
CA TRP OB 63 12.15 34.25 12.93
C TRP OB 63 12.07 33.76 11.49
N MET OB 64 11.99 34.69 10.54
CA MET OB 64 11.95 34.30 9.13
C MET OB 64 13.21 33.55 8.72
N LEU OB 65 14.34 33.86 9.34
CA LEU OB 65 15.62 33.26 9.00
C LEU OB 65 15.87 31.96 9.74
N HIS OB 66 14.94 31.52 10.59
CA HIS OB 66 15.08 30.27 11.33
C HIS OB 66 16.20 30.36 12.35
N VAL OB 67 16.32 31.51 13.01
CA VAL OB 67 17.35 31.74 14.00
C VAL OB 67 16.82 31.58 15.42
N ILE OB 68 15.57 31.96 15.66
CA ILE OB 68 14.99 31.87 17.00
C ILE OB 68 13.64 31.19 16.89
N PRO OB 69 13.17 30.59 17.98
CA PRO OB 69 11.85 29.95 17.96
C PRO OB 69 10.73 30.97 17.95
N ALA OB 70 9.50 30.47 17.82
CA ALA OB 70 8.32 31.31 17.75
C ALA OB 70 7.79 31.69 19.13
N SER OB 71 8.42 31.24 20.19
CA SER OB 71 7.98 31.62 21.53
C SER OB 71 8.26 33.08 21.86
N PHE OB 72 8.74 33.88 20.91
CA PHE OB 72 8.95 35.29 21.18
C PHE OB 72 7.65 36.09 21.05
N ILE OB 73 6.67 35.57 20.31
CA ILE OB 73 5.42 36.32 20.11
C ILE OB 73 4.71 36.56 21.45
N PRO OB 74 4.47 35.56 22.30
CA PRO OB 74 3.82 35.86 23.58
C PRO OB 74 4.62 36.81 24.46
N ARG OB 75 5.95 36.79 24.36
CA ARG OB 75 6.76 37.70 25.15
C ARG OB 75 6.48 39.16 24.83
N ILE OB 76 6.33 39.48 23.54
CA ILE OB 76 6.12 40.87 23.15
C ILE OB 76 4.80 41.39 23.70
N VAL OB 77 3.74 40.59 23.63
CA VAL OB 77 2.45 41.02 24.14
C VAL OB 77 2.52 41.24 25.65
N ILE OB 78 3.14 40.30 26.38
CA ILE OB 78 3.21 40.42 27.83
C ILE OB 78 4.06 41.62 28.24
N SER OB 79 5.18 41.84 27.55
CA SER OB 79 6.01 43.00 27.86
C SER OB 79 5.27 44.31 27.62
N LEU OB 80 4.50 44.38 26.52
CA LEU OB 80 3.74 45.60 26.25
C LEU OB 80 2.68 45.85 27.32
N ILE OB 81 2.09 44.78 27.86
CA ILE OB 81 1.14 44.93 28.95
C ILE OB 81 1.81 45.53 30.17
N GLY OB 82 3.02 45.05 30.48
CA GLY OB 82 3.72 45.55 31.65
C GLY OB 82 4.16 46.99 31.51
N ILE OB 83 4.61 47.39 30.32
CA ILE OB 83 5.07 48.75 30.11
C ILE OB 83 3.93 49.75 30.28
N GLY OB 84 2.76 49.45 29.75
CA GLY OB 84 1.65 50.40 29.84
C GLY OB 84 0.97 50.40 31.20
N SER OB 85 1.18 49.35 31.99
CA SER OB 85 0.54 49.22 33.30
C SER OB 85 1.50 49.45 34.45
N ALA OB 86 2.67 50.05 34.20
CA ALA OB 86 3.67 50.20 35.25
C ALA OB 86 3.15 51.05 36.41
N SER OB 87 2.57 52.21 36.10
CA SER OB 87 2.08 53.10 37.16
C SER OB 87 0.91 52.48 37.90
N TYR OB 88 -0.01 51.85 37.18
CA TYR OB 88 -1.17 51.25 37.82
C TYR OB 88 -0.76 50.10 38.74
N LEU OB 89 0.19 49.28 38.30
CA LEU OB 89 0.60 48.12 39.08
C LEU OB 89 1.24 48.54 40.40
N VAL OB 90 2.04 49.61 40.39
CA VAL OB 90 2.71 50.04 41.62
C VAL OB 90 1.69 50.46 42.67
N SER OB 91 0.70 51.26 42.29
CA SER OB 91 -0.29 51.73 43.25
C SER OB 91 -1.25 50.62 43.64
N LEU OB 92 -1.38 49.59 42.80
CA LEU OB 92 -2.25 48.47 43.13
C LEU OB 92 -1.78 47.75 44.38
N THR OB 93 -0.49 47.82 44.68
CA THR OB 93 0.08 47.19 45.87
C THR OB 93 0.12 48.12 47.08
N GLY OB 94 -0.39 49.34 46.95
CA GLY OB 94 -0.44 50.27 48.05
C GLY OB 94 0.76 51.19 48.18
N VAL OB 95 1.80 51.00 47.37
CA VAL OB 95 2.98 51.85 47.46
C VAL OB 95 2.69 53.19 46.81
N GLY OB 96 3.13 54.26 47.48
CA GLY OB 96 2.98 55.60 46.94
C GLY OB 96 1.55 56.01 46.67
N SER OB 97 0.77 56.18 47.74
CA SER OB 97 -0.61 56.64 47.62
C SER OB 97 -0.94 57.65 48.71
N ALA PB 28 17.34 72.51 77.34
CA ALA PB 28 17.76 73.86 76.98
C ALA PB 28 17.60 74.09 75.48
N GLY PB 29 17.32 73.01 74.75
CA GLY PB 29 17.15 73.08 73.32
C GLY PB 29 15.92 72.34 72.84
N THR PB 30 15.96 71.86 71.60
CA THR PB 30 14.88 71.10 71.02
C THR PB 30 15.37 69.74 70.56
N ASP PB 31 14.57 68.70 70.80
CA ASP PB 31 14.90 67.35 70.39
C ASP PB 31 14.53 67.17 68.93
N THR PB 32 15.53 67.03 68.06
CA THR PB 32 15.32 66.85 66.63
C THR PB 32 15.76 65.48 66.17
N GLY PB 33 15.56 64.47 67.03
CA GLY PB 33 15.91 63.12 66.67
C GLY PB 33 14.77 62.37 66.03
N GLU PB 34 13.61 62.37 66.68
CA GLU PB 34 12.45 61.71 66.11
C GLU PB 34 11.91 62.46 64.90
N SER PB 35 11.87 63.80 64.98
CA SER PB 35 11.33 64.59 63.89
C SER PB 35 12.18 64.47 62.63
N THR PB 36 13.51 64.50 62.79
CA THR PB 36 14.39 64.40 61.63
C THR PB 36 14.23 63.05 60.94
N ALA PB 37 14.12 61.97 61.71
CA ALA PB 37 13.92 60.66 61.12
C ALA PB 37 12.58 60.57 60.41
N THR PB 38 11.54 61.14 61.01
CA THR PB 38 10.23 61.12 60.36
C THR PB 38 10.23 61.96 59.08
N SER PB 39 10.90 63.11 59.10
CA SER PB 39 10.94 63.97 57.92
C SER PB 39 11.65 63.27 56.77
N ILE PB 40 12.74 62.55 57.05
CA ILE PB 40 13.45 61.84 56.00
C ILE PB 40 12.60 60.73 55.42
N GLN PB 41 11.84 60.03 56.29
CA GLN PB 41 10.95 58.98 55.79
C GLN PB 41 9.87 59.55 54.88
N THR PB 42 9.29 60.68 55.27
CA THR PB 42 8.23 61.29 54.45
C THR PB 42 8.78 61.75 53.11
N TRP PB 43 9.99 62.30 53.09
CA TRP PB 43 10.57 62.78 51.84
C TRP PB 43 10.79 61.65 50.85
N LEU PB 44 11.32 60.52 51.32
CA LEU PB 44 11.62 59.41 50.42
C LEU PB 44 10.36 58.88 49.75
N SER PB 45 9.26 58.80 50.51
CA SER PB 45 8.02 58.25 49.95
C SER PB 45 7.46 59.13 48.83
N THR PB 46 7.97 60.36 48.68
CA THR PB 46 7.49 61.21 47.60
C THR PB 46 7.93 60.72 46.24
N TRP PB 47 9.18 60.25 46.12
CA TRP PB 47 9.74 59.91 44.83
C TRP PB 47 10.17 58.45 44.69
N ILE PB 48 10.24 57.68 45.78
CA ILE PB 48 10.52 56.25 45.64
C ILE PB 48 9.44 55.55 44.82
N PRO PB 49 8.14 55.78 45.07
CA PRO PB 49 7.12 55.12 44.23
C PRO PB 49 7.27 55.42 42.75
N ILE PB 50 7.63 56.63 42.37
CA ILE PB 50 7.81 56.95 40.95
C ILE PB 50 9.00 56.18 40.39
N GLY PB 51 10.07 56.06 41.17
CA GLY PB 51 11.21 55.28 40.73
C GLY PB 51 10.88 53.81 40.55
N CYS PB 52 9.96 53.28 41.35
CA CYS PB 52 9.54 51.89 41.20
C CYS PB 52 8.84 51.67 39.87
N ALA PB 53 8.00 52.62 39.44
CA ALA PB 53 7.33 52.50 38.16
C ALA PB 53 8.32 52.54 37.00
N ILE PB 54 9.39 53.34 37.13
CA ILE PB 54 10.40 53.40 36.08
C ILE PB 54 11.08 52.05 35.90
N ALA PB 55 11.41 51.39 37.01
CA ALA PB 55 12.08 50.09 36.93
C ALA PB 55 11.22 49.06 36.22
N ILE PB 56 9.92 49.04 36.51
CA ILE PB 56 9.03 48.09 35.86
C ILE PB 56 9.02 48.31 34.36
N MET PB 57 8.93 49.57 33.94
CA MET PB 57 8.92 49.87 32.51
C MET PB 57 10.24 49.51 31.85
N VAL PB 58 11.37 49.84 32.50
CA VAL PB 58 12.67 49.56 31.91
C VAL PB 58 12.96 48.06 31.92
N SER PB 59 12.62 47.38 33.00
CA SER PB 59 12.87 45.94 33.07
C SER PB 59 12.08 45.17 32.01
N CYS PB 60 10.84 45.57 31.78
CA CYS PB 60 10.04 44.92 30.74
C CYS PB 60 10.64 45.17 29.36
N PHE PB 61 11.20 46.36 29.15
CA PHE PB 61 11.88 46.65 27.88
C PHE PB 61 13.08 45.74 27.67
N MET PB 62 13.90 45.56 28.71
CA MET PB 62 15.08 44.71 28.58
C MET PB 62 14.68 43.26 28.32
N TRP PB 63 13.60 42.81 28.94
CA TRP PB 63 13.11 41.46 28.69
C TRP PB 63 12.69 41.28 27.24
N MET PB 64 12.03 42.28 26.66
CA MET PB 64 11.63 42.21 25.27
C MET PB 64 12.83 42.06 24.35
N LEU PB 65 13.97 42.64 24.73
CA LEU PB 65 15.18 42.61 23.92
C LEU PB 65 16.02 41.37 24.14
N HIS PB 66 15.58 40.46 25.02
CA HIS PB 66 16.31 39.22 25.27
C HIS PB 66 17.64 39.50 25.96
N VAL PB 67 17.64 40.45 26.89
CA VAL PB 67 18.84 40.84 27.62
C VAL PB 67 18.88 40.20 29.00
N ILE PB 68 17.74 40.05 29.66
CA ILE PB 68 17.69 39.49 31.00
C ILE PB 68 16.63 38.40 31.02
N PRO PB 69 16.74 37.46 31.97
CA PRO PB 69 15.73 36.40 32.08
C PRO PB 69 14.43 36.93 32.67
N ALA PB 70 13.43 36.06 32.68
CA ALA PB 70 12.11 36.41 33.18
C ALA PB 70 11.98 36.30 34.69
N SER PB 71 13.03 35.88 35.38
CA SER PB 71 12.98 35.79 36.83
C SER PB 71 12.94 37.15 37.52
N PHE PB 72 12.83 38.25 36.77
CA PHE PB 72 12.71 39.56 37.39
C PHE PB 72 11.27 39.85 37.83
N ILE PB 73 10.28 39.17 37.24
CA ILE PB 73 8.89 39.44 37.60
C ILE PB 73 8.62 39.14 39.06
N PRO PB 74 8.98 37.97 39.61
CA PRO PB 74 8.74 37.74 41.05
C PRO PB 74 9.48 38.71 41.94
N ARG PB 75 10.66 39.19 41.51
CA ARG PB 75 11.40 40.15 42.32
C ARG PB 75 10.63 41.44 42.52
N ILE PB 76 9.97 41.95 41.49
CA ILE PB 76 9.26 43.21 41.60
C ILE PB 76 8.11 43.10 42.60
N VAL PB 77 7.36 42.01 42.55
CA VAL PB 77 6.25 41.83 43.48
C VAL PB 77 6.76 41.74 44.92
N ILE PB 78 7.82 40.97 45.14
CA ILE PB 78 8.34 40.80 46.50
C ILE PB 78 8.91 42.11 47.03
N SER PB 79 9.62 42.86 46.18
CA SER PB 79 10.15 44.16 46.61
C SER PB 79 9.03 45.13 46.97
N LEU PB 80 7.95 45.14 46.19
CA LEU PB 80 6.84 46.03 46.50
C LEU PB 80 6.17 45.65 47.81
N ILE PB 81 6.13 44.36 48.13
CA ILE PB 81 5.58 43.93 49.41
C ILE PB 81 6.44 44.46 50.56
N GLY PB 82 7.77 44.40 50.40
CA GLY PB 82 8.65 44.87 51.45
C GLY PB 82 8.59 46.37 51.65
N ILE PB 83 8.48 47.14 50.55
CA ILE PB 83 8.44 48.59 50.67
C ILE PB 83 7.21 49.05 51.42
N GLY PB 84 6.04 48.47 51.13
CA GLY PB 84 4.81 48.90 51.77
C GLY PB 84 4.66 48.38 53.19
N SER PB 85 5.41 47.35 53.55
CA SER PB 85 5.31 46.73 54.87
C SER PB 85 6.50 47.05 55.77
N ALA PB 86 7.29 48.07 55.42
CA ALA PB 86 8.50 48.35 56.19
C ALA PB 86 8.18 48.70 57.64
N SER PB 87 7.24 49.62 57.85
CA SER PB 87 6.91 50.02 59.22
C SER PB 87 6.28 48.88 60.01
N TYR PB 88 5.38 48.13 59.38
CA TYR PB 88 4.72 47.02 60.08
C TYR PB 88 5.72 45.94 60.46
N LEU PB 89 6.66 45.64 59.57
CA LEU PB 89 7.62 44.57 59.84
C LEU PB 89 8.52 44.91 61.02
N VAL PB 90 8.92 46.18 61.14
CA VAL PB 90 9.82 46.56 62.22
C VAL PB 90 9.15 46.35 63.58
N SER PB 91 7.90 46.81 63.71
CA SER PB 91 7.21 46.68 64.99
C SER PB 91 6.79 45.24 65.25
N LEU PB 92 6.67 44.42 64.20
CA LEU PB 92 6.31 43.02 64.38
C LEU PB 92 7.36 42.29 65.19
N THR PB 93 8.61 42.75 65.16
CA THR PB 93 9.70 42.14 65.92
C THR PB 93 9.87 42.76 67.31
N GLY PB 94 9.03 43.72 67.68
CA GLY PB 94 9.10 44.32 68.99
C GLY PB 94 9.97 45.55 69.10
N VAL PB 95 10.67 45.93 68.05
CA VAL PB 95 11.53 47.10 68.08
C VAL PB 95 10.68 48.36 67.97
N GLY PB 96 10.99 49.35 68.80
CA GLY PB 96 10.30 50.62 68.75
C GLY PB 96 8.80 50.53 68.98
N SER PB 97 8.42 50.19 70.21
CA SER PB 97 7.01 50.13 70.58
C SER PB 97 6.78 50.70 71.97
N ALA QB 28 28.68 65.02 98.27
CA ALA QB 28 28.56 66.47 98.24
C ALA QB 28 27.84 66.92 96.96
N GLY QB 29 27.66 65.98 96.04
CA GLY QB 29 26.99 66.28 94.79
C GLY QB 29 25.94 65.27 94.43
N THR QB 30 25.71 65.09 93.13
CA THR QB 30 24.73 64.13 92.63
C THR QB 30 25.41 63.17 91.68
N ASP QB 31 25.06 61.89 91.78
CA ASP QB 31 25.60 60.86 90.90
C ASP QB 31 24.82 60.86 89.59
N THR QB 32 25.47 61.26 88.52
CA THR QB 32 24.85 61.33 87.20
C THR QB 32 25.49 60.32 86.25
N GLY QB 33 25.87 59.16 86.78
CA GLY QB 33 26.45 58.12 85.95
C GLY QB 33 25.41 57.16 85.41
N GLU QB 34 24.59 56.61 86.30
CA GLU QB 34 23.54 55.70 85.86
C GLU QB 34 22.43 56.45 85.12
N SER QB 35 22.05 57.63 85.62
CA SER QB 35 20.98 58.39 84.98
C SER QB 35 21.36 58.83 83.58
N THR QB 36 22.60 59.31 83.40
CA THR QB 36 23.03 59.76 82.09
C THR QB 36 23.03 58.63 81.08
N ALA QB 37 23.49 57.45 81.49
CA ALA QB 37 23.48 56.30 80.59
C ALA QB 37 22.06 55.88 80.24
N THR QB 38 21.16 55.90 81.22
CA THR QB 38 19.76 55.55 80.95
C THR QB 38 19.12 56.57 80.03
N SER QB 39 19.40 57.86 80.24
CA SER QB 39 18.81 58.90 79.40
C SER QB 39 19.24 58.75 77.95
N ILE QB 40 20.52 58.43 77.73
CA ILE QB 40 21.02 58.25 76.36
C ILE QB 40 20.35 57.05 75.71
N GLN QB 41 20.16 55.97 76.47
CA GLN QB 41 19.49 54.80 75.91
C GLN QB 41 18.06 55.11 75.52
N THR QB 42 17.34 55.84 76.37
CA THR QB 42 15.95 56.18 76.06
C THR QB 42 15.86 57.08 74.84
N TRP QB 43 16.79 58.02 74.69
CA TRP QB 43 16.75 58.92 73.54
C TRP QB 43 16.94 58.17 72.23
N LEU QB 44 17.88 57.23 72.19
CA LEU QB 44 18.16 56.53 70.94
C LEU QB 44 16.96 55.72 70.49
N SER QB 45 16.24 55.10 71.42
CA SER QB 45 15.10 54.27 71.05
C SER QB 45 13.97 55.10 70.43
N THR QB 46 14.03 56.42 70.54
CA THR QB 46 12.99 57.25 69.93
C THR QB 46 13.08 57.24 68.41
N TRP QB 47 14.29 57.29 67.86
CA TRP QB 47 14.46 57.43 66.42
C TRP QB 47 15.21 56.30 65.74
N ILE QB 48 15.86 55.40 66.49
CA ILE QB 48 16.46 54.22 65.86
C ILE QB 48 15.41 53.37 65.16
N PRO QB 49 14.27 53.06 65.77
CA PRO QB 49 13.25 52.26 65.06
C PRO QB 49 12.80 52.88 63.76
N ILE QB 50 12.65 54.20 63.69
CA ILE QB 50 12.25 54.84 62.44
C ILE QB 50 13.35 54.69 61.39
N GLY QB 51 14.61 54.81 61.81
CA GLY QB 51 15.71 54.59 60.88
C GLY QB 51 15.76 53.18 60.34
N CYS QB 52 15.34 52.20 61.16
CA CYS QB 52 15.31 50.82 60.69
C CYS QB 52 14.29 50.64 59.57
N ALA QB 53 13.14 51.29 59.68
CA ALA QB 53 12.12 51.20 58.63
C ALA QB 53 12.62 51.83 57.33
N ILE QB 54 13.40 52.91 57.43
CA ILE QB 54 13.94 53.55 56.23
C ILE QB 54 14.87 52.59 55.49
N ALA QB 55 15.72 51.89 56.22
CA ALA QB 55 16.67 50.98 55.58
C ALA QB 55 15.95 49.86 54.84
N ILE QB 56 14.88 49.32 55.42
CA ILE QB 56 14.12 48.26 54.75
C ILE QB 56 13.55 48.77 53.44
N MET QB 57 12.97 49.97 53.46
CA MET QB 57 12.40 50.53 52.24
C MET QB 57 13.48 50.81 51.19
N VAL QB 58 14.60 51.38 51.61
CA VAL QB 58 15.66 51.72 50.66
C VAL QB 58 16.33 50.46 50.13
N SER QB 59 16.59 49.48 51.01
CA SER QB 59 17.24 48.26 50.58
C SER QB 59 16.39 47.51 49.57
N CYS QB 60 15.08 47.45 49.78
CA CYS QB 60 14.20 46.79 48.83
C CYS QB 60 14.21 47.51 47.48
N PHE QB 61 14.30 48.84 47.51
CA PHE QB 61 14.40 49.61 46.26
C PHE QB 61 15.67 49.26 45.50
N MET QB 62 16.81 49.19 46.20
CA MET QB 62 18.07 48.85 45.52
C MET QB 62 18.02 47.45 44.93
N TRP QB 63 17.38 46.51 45.64
CA TRP QB 63 17.24 45.15 45.13
C TRP QB 63 16.42 45.14 43.84
N MET QB 64 15.36 45.94 43.78
CA MET QB 64 14.55 46.01 42.57
C MET QB 64 15.36 46.51 41.38
N LEU QB 65 16.36 47.36 41.63
CA LEU QB 65 17.17 47.93 40.57
C LEU QB 65 18.35 47.06 40.19
N HIS QB 66 18.51 45.90 40.83
CA HIS QB 66 19.60 44.98 40.51
C HIS QB 66 20.96 45.58 40.89
N VAL QB 67 20.99 46.26 42.03
CA VAL QB 67 22.21 46.88 42.52
C VAL QB 67 22.89 46.04 43.59
N ILE QB 68 22.13 45.35 44.43
CA ILE QB 68 22.70 44.55 45.52
C ILE QB 68 22.06 43.17 45.46
N PRO QB 69 22.73 42.17 46.02
CA PRO QB 69 22.16 40.82 46.04
C PRO QB 69 21.05 40.71 47.07
N ALA QB 70 20.40 39.55 47.07
CA ALA QB 70 19.27 39.30 47.96
C ALA QB 70 19.70 38.83 49.34
N SER QB 71 20.99 38.70 49.59
CA SER QB 71 21.45 38.30 50.91
C SER QB 71 21.26 39.38 51.96
N PHE QB 72 20.62 40.50 51.64
CA PHE QB 72 20.34 41.52 52.64
C PHE QB 72 19.13 41.17 53.50
N ILE QB 73 18.23 40.32 52.99
CA ILE QB 73 17.01 39.99 53.75
C ILE QB 73 17.35 39.31 55.08
N PRO QB 74 18.18 38.27 55.12
CA PRO QB 74 18.51 37.68 56.43
C PRO QB 74 19.22 38.65 57.37
N ARG QB 75 19.99 39.60 56.83
CA ARG QB 75 20.66 40.58 57.69
C ARG QB 75 19.67 41.43 58.46
N ILE QB 76 18.59 41.86 57.81
CA ILE QB 76 17.62 42.73 58.49
C ILE QB 76 16.96 42.02 59.65
N VAL QB 77 16.58 40.75 59.46
CA VAL QB 77 15.95 40.00 60.54
C VAL QB 77 16.91 39.81 61.70
N ILE QB 78 18.16 39.45 61.41
CA ILE QB 78 19.13 39.21 62.47
C ILE QB 78 19.45 40.50 63.22
N SER QB 79 19.59 41.61 62.49
CA SER QB 79 19.86 42.88 63.16
C SER QB 79 18.69 43.30 64.05
N LEU QB 80 17.46 43.08 63.61
CA LEU QB 80 16.31 43.42 64.45
C LEU QB 80 16.26 42.57 65.70
N ILE QB 81 16.68 41.31 65.61
CA ILE QB 81 16.75 40.46 66.80
C ILE QB 81 17.75 41.02 67.79
N GLY QB 82 18.91 41.48 67.30
CA GLY QB 82 19.92 42.02 68.19
C GLY QB 82 19.51 43.32 68.86
N ILE QB 83 18.84 44.19 68.11
CA ILE QB 83 18.43 45.48 68.67
C ILE QB 83 17.45 45.30 69.80
N GLY QB 84 16.46 44.40 69.64
CA GLY QB 84 15.46 44.23 70.68
C GLY QB 84 15.94 43.41 71.86
N SER QB 85 17.02 42.66 71.69
CA SER QB 85 17.55 41.80 72.73
C SER QB 85 18.83 42.33 73.36
N ALA QB 86 19.14 43.61 73.16
CA ALA QB 86 20.40 44.15 73.65
C ALA QB 86 20.52 44.06 75.17
N SER QB 87 19.49 44.51 75.88
CA SER QB 87 19.52 44.48 77.34
C SER QB 87 19.54 43.06 77.87
N TYR QB 88 18.74 42.18 77.29
CA TYR QB 88 18.70 40.79 77.76
C TYR QB 88 20.02 40.09 77.54
N LEU QB 89 20.65 40.33 76.39
CA LEU QB 89 21.91 39.65 76.08
C LEU QB 89 23.02 40.04 77.04
N VAL QB 90 23.07 41.31 77.44
CA VAL QB 90 24.13 41.77 78.33
C VAL QB 90 24.04 41.06 79.68
N SER QB 91 22.83 41.00 80.25
CA SER QB 91 22.68 40.36 81.55
C SER QB 91 22.79 38.86 81.46
N LEU QB 92 22.56 38.29 80.28
CA LEU QB 92 22.69 36.85 80.10
C LEU QB 92 24.12 36.38 80.37
N THR QB 93 25.10 37.27 80.16
CA THR QB 93 26.50 36.95 80.41
C THR QB 93 26.95 37.29 81.82
N GLY QB 94 26.05 37.77 82.68
CA GLY QB 94 26.38 38.08 84.05
C GLY QB 94 26.85 39.50 84.30
N VAL QB 95 27.02 40.31 83.27
CA VAL QB 95 27.47 41.68 83.45
C VAL QB 95 26.32 42.54 83.95
N GLY QB 96 26.60 43.39 84.93
CA GLY QB 96 25.61 44.30 85.44
C GLY QB 96 24.37 43.64 86.01
N SER QB 97 24.53 42.93 87.12
CA SER QB 97 23.40 42.30 87.79
C SER QB 97 23.51 42.45 89.31
N ALA RB 28 48.02 57.93 112.43
CA ALA RB 28 47.49 59.21 112.88
C ALA RB 28 46.30 59.63 112.03
N GLY RB 29 46.08 58.90 110.93
CA GLY RB 29 44.98 59.19 110.04
C GLY RB 29 44.20 57.96 109.65
N THR RB 30 43.60 57.98 108.46
CA THR RB 30 42.83 56.86 107.96
C THR RB 30 43.39 56.42 106.62
N ASP RB 31 43.46 55.11 106.41
CA ASP RB 31 43.95 54.54 105.15
C ASP RB 31 42.81 54.54 104.15
N THR RB 32 42.91 55.37 103.11
CA THR RB 32 41.90 55.47 102.07
C THR RB 32 42.42 54.98 100.74
N GLY RB 33 43.27 53.96 100.77
CA GLY RB 33 43.81 53.38 99.56
C GLY RB 33 42.96 52.24 99.02
N GLU RB 34 42.67 51.26 99.88
CA GLU RB 34 41.83 50.16 99.46
C GLU RB 34 40.38 50.59 99.27
N SER RB 35 39.88 51.42 100.18
CA SER RB 35 38.49 51.85 100.10
C SER RB 35 38.24 52.69 98.85
N THR RB 36 39.15 53.60 98.53
CA THR RB 36 38.98 54.44 97.35
C THR RB 36 38.96 53.61 96.07
N ALA RB 37 39.85 52.62 95.98
CA ALA RB 37 39.86 51.76 94.81
C ALA RB 37 38.57 50.94 94.71
N THR RB 38 38.08 50.43 95.84
CA THR RB 38 36.85 49.67 95.82
C THR RB 38 35.66 50.55 95.45
N SER RB 39 35.63 51.78 95.96
CA SER RB 39 34.52 52.68 95.66
C SER RB 39 34.47 53.01 94.17
N ILE RB 40 35.63 53.22 93.56
CA ILE RB 40 35.67 53.52 92.13
C ILE RB 40 35.19 52.32 91.31
N GLN RB 41 35.58 51.11 91.73
CA GLN RB 41 35.12 49.91 91.04
C GLN RB 41 33.61 49.76 91.12
N THR RB 42 33.04 50.00 92.31
CA THR RB 42 31.59 49.88 92.47
C THR RB 42 30.84 50.91 91.64
N TRP RB 43 31.37 52.13 91.55
CA TRP RB 43 30.71 53.17 90.78
C TRP RB 43 30.64 52.83 89.31
N LEU RB 44 31.74 52.31 88.75
CA LEU RB 44 31.77 52.03 87.32
C LEU RB 44 30.76 50.96 86.95
N SER RB 45 30.59 49.95 87.80
CA SER RB 45 29.68 48.86 87.49
C SER RB 45 28.24 49.33 87.45
N THR RB 46 27.95 50.53 87.93
CA THR RB 46 26.58 51.04 87.89
C THR RB 46 26.15 51.36 86.47
N TRP RB 47 27.04 51.96 85.68
CA TRP RB 47 26.67 52.46 84.36
C TRP RB 47 27.44 51.83 83.20
N ILE RB 48 28.52 51.10 83.45
CA ILE RB 48 29.18 50.37 82.36
C ILE RB 48 28.25 49.36 81.73
N PRO RB 49 27.50 48.53 82.47
CA PRO RB 49 26.57 47.59 81.83
C PRO RB 49 25.55 48.26 80.92
N ILE RB 50 25.03 49.43 81.31
CA ILE RB 50 24.07 50.11 80.44
C ILE RB 50 24.75 50.59 79.17
N GLY RB 51 26.00 51.07 79.27
CA GLY RB 51 26.73 51.45 78.09
C GLY RB 51 26.99 50.29 77.15
N CYS RB 52 27.17 49.09 77.68
CA CYS RB 52 27.36 47.91 76.85
C CYS RB 52 26.12 47.61 76.02
N ALA RB 53 24.94 47.77 76.61
CA ALA RB 53 23.71 47.54 75.86
C ALA RB 53 23.54 48.55 74.74
N ILE RB 54 23.97 49.80 74.97
CA ILE RB 54 23.87 50.82 73.93
C ILE RB 54 24.73 50.44 72.73
N ALA RB 55 25.95 49.95 72.97
CA ALA RB 55 26.83 49.59 71.87
C ALA RB 55 26.24 48.47 71.02
N ILE RB 56 25.64 47.47 71.66
CA ILE RB 56 25.03 46.38 70.91
C ILE RB 56 23.92 46.90 70.00
N MET RB 57 23.08 47.78 70.52
CA MET RB 57 21.99 48.34 69.71
C MET RB 57 22.52 49.20 68.58
N VAL RB 58 23.53 50.04 68.85
CA VAL RB 58 24.06 50.92 67.82
C VAL RB 58 24.85 50.12 66.78
N SER RB 59 25.64 49.15 67.24
CA SER RB 59 26.43 48.35 66.30
C SER RB 59 25.54 47.57 65.35
N CYS RB 60 24.45 47.01 65.85
CA CYS RB 60 23.52 46.29 64.99
C CYS RB 60 22.88 47.22 63.97
N PHE RB 61 22.60 48.46 64.38
CA PHE RB 61 22.05 49.44 63.45
C PHE RB 61 23.03 49.75 62.33
N MET RB 62 24.32 49.94 62.65
CA MET RB 62 25.31 50.23 61.63
C MET RB 62 25.47 49.06 60.67
N TRP RB 63 25.40 47.84 61.19
CA TRP RB 63 25.47 46.66 60.34
C TRP RB 63 24.31 46.60 59.35
N MET RB 64 23.11 46.96 59.81
CA MET RB 64 21.95 46.99 58.92
C MET RB 64 22.15 47.97 57.77
N LEU RB 65 22.89 49.05 58.01
CA LEU RB 65 23.11 50.10 57.02
C LEU RB 65 24.29 49.80 56.11
N HIS RB 66 24.96 48.67 56.30
CA HIS RB 66 26.10 48.29 55.45
C HIS RB 66 27.28 49.24 55.65
N VAL RB 67 27.50 49.64 56.90
CA VAL RB 67 28.60 50.55 57.24
C VAL RB 67 29.79 49.81 57.80
N ILE RB 68 29.58 48.73 58.54
CA ILE RB 68 30.68 47.98 59.16
C ILE RB 68 30.47 46.51 58.86
N PRO RB 69 31.54 45.72 58.88
CA PRO RB 69 31.41 44.29 58.63
C PRO RB 69 30.78 43.58 59.83
N ALA RB 70 30.52 42.28 59.63
CA ALA RB 70 29.89 41.47 60.66
C ALA RB 70 30.86 40.91 61.68
N SER RB 71 32.15 41.20 61.55
CA SER RB 71 33.13 40.73 62.53
C SER RB 71 33.00 41.44 63.87
N PHE RB 72 31.99 42.29 64.07
CA PHE RB 72 31.79 42.91 65.37
C PHE RB 72 31.08 41.98 66.35
N ILE RB 73 30.35 40.99 65.85
CA ILE RB 73 29.61 40.09 66.74
C ILE RB 73 30.54 39.33 67.67
N PRO RB 74 31.60 38.66 67.20
CA PRO RB 74 32.50 37.99 68.14
C PRO RB 74 33.17 38.92 69.12
N ARG RB 75 33.43 40.17 68.72
CA ARG RB 75 34.03 41.13 69.64
C ARG RB 75 33.17 41.39 70.86
N ILE RB 76 31.86 41.53 70.67
CA ILE RB 76 30.98 41.84 71.79
C ILE RB 76 30.96 40.71 72.80
N VAL RB 77 30.92 39.46 72.33
CA VAL RB 77 30.91 38.34 73.26
C VAL RB 77 32.23 38.27 74.03
N ILE RB 78 33.35 38.44 73.34
CA ILE RB 78 34.65 38.35 74.01
C ILE RB 78 34.83 39.49 75.01
N SER RB 79 34.40 40.70 74.64
CA SER RB 79 34.50 41.82 75.57
C SER RB 79 33.65 41.60 76.82
N LEU RB 80 32.44 41.04 76.65
CA LEU RB 80 31.59 40.77 77.80
C LEU RB 80 32.21 39.72 78.71
N ILE RB 81 32.91 38.75 78.14
CA ILE RB 81 33.61 37.76 78.95
C ILE RB 81 34.69 38.43 79.80
N GLY RB 82 35.43 39.35 79.20
CA GLY RB 82 36.50 40.02 79.92
C GLY RB 82 35.99 40.92 81.02
N ILE RB 83 34.89 41.63 80.78
CA ILE RB 83 34.34 42.54 81.78
C ILE RB 83 33.89 41.78 83.02
N GLY RB 84 33.20 40.66 82.85
CA GLY RB 84 32.70 39.92 83.98
C GLY RB 84 33.75 39.10 84.71
N SER RB 85 34.87 38.85 84.05
CA SER RB 85 35.95 38.04 84.62
C SER RB 85 37.15 38.86 85.04
N ALA RB 86 37.01 40.18 85.18
CA ALA RB 86 38.16 41.02 85.47
C ALA RB 86 38.79 40.66 86.82
N SER RB 87 37.98 40.55 87.86
CA SER RB 87 38.51 40.25 89.19
C SER RB 87 39.11 38.85 89.24
N TYR RB 88 38.43 37.87 88.63
CA TYR RB 88 38.94 36.50 88.65
C TYR RB 88 40.26 36.38 87.90
N LEU RB 89 40.37 37.06 86.77
CA LEU RB 89 41.58 36.96 85.96
C LEU RB 89 42.80 37.52 86.69
N VAL RB 90 42.62 38.61 87.43
CA VAL RB 90 43.75 39.23 88.13
C VAL RB 90 44.31 38.28 89.18
N SER RB 91 43.43 37.67 89.98
CA SER RB 91 43.91 36.76 91.02
C SER RB 91 44.41 35.45 90.45
N LEU RB 92 43.95 35.10 89.24
CA LEU RB 92 44.42 33.87 88.61
C LEU RB 92 45.92 33.91 88.36
N THR RB 93 46.49 35.10 88.20
CA THR RB 93 47.93 35.28 87.99
C THR RB 93 48.71 35.45 89.28
N GLY RB 94 48.05 35.39 90.43
CA GLY RB 94 48.72 35.51 91.71
C GLY RB 94 48.83 36.91 92.25
N VAL RB 95 48.42 37.93 91.50
CA VAL RB 95 48.50 39.31 91.98
C VAL RB 95 47.38 39.56 92.98
N GLY RB 96 47.74 40.23 94.08
CA GLY RB 96 46.75 40.61 95.07
C GLY RB 96 46.01 39.44 95.70
N SER RB 97 46.73 38.63 96.47
CA SER RB 97 46.12 37.51 97.18
C SER RB 97 46.68 37.38 98.58
CAD PGW SB . -49.39 -67.48 -57.89
OAE PGW SB . -49.46 -66.06 -58.03
OAF PGW SB . -47.91 -67.73 -59.79
P PGW SB . -49.10 -71.84 -58.99
C01 PGW SB . -44.92 -72.65 -59.48
C1 PGW SB . -44.36 -72.71 -62.27
O01 PGW SB . -44.96 -71.62 -61.75
C02 PGW SB . -45.63 -71.71 -60.45
C2 PGW SB . -43.00 -72.43 -62.87
O02 PGW SB . -44.88 -73.79 -62.31
C03 PGW SB . -47.07 -72.10 -60.70
C3 PGW SB . -42.22 -73.69 -63.23
O03 PGW SB . -45.46 -73.99 -59.60
C04 PGW SB . -47.97 -69.56 -58.23
C4 PGW SB . -41.52 -74.34 -62.02
O04 PGW SB . -43.93 -75.59 -59.57
C05 PGW SB . -48.07 -68.06 -58.41
C5 PGW SB . -40.27 -73.57 -61.53
C06 PGW SB . -37.57 -76.06 -55.95
C6 PGW SB . -39.12 -74.46 -61.06
C07 PGW SB . -36.33 -75.37 -56.53
C7 PGW SB . -39.36 -75.16 -59.72
C08 PGW SB . -35.37 -74.83 -55.46
C8 PGW SB . -39.29 -74.24 -58.51
C09 PGW SB . -34.25 -73.92 -56.01
C9 PGW SB . -39.43 -74.97 -57.21
C10 PGW SB . -38.76 -76.04 -56.88
C11 PGW SB . -32.99 -74.67 -56.50
O11 PGW SB . -47.69 -72.45 -59.44
C12 PGW SB . -32.09 -75.15 -55.35
O12 PGW SB . -48.92 -70.23 -59.09
C13 PGW SB . -30.70 -75.63 -55.79
O13 PGW SB . -49.21 -72.24 -57.55
C14 PGW SB . -29.80 -76.00 -54.59
O14 PGW SB . -50.15 -72.27 -59.97
C15 PGW SB . -43.19 -78.06 -51.43
C16 PGW SB . -43.13 -77.37 -50.06
C17 PGW SB . -42.14 -76.17 -49.99
C18 PGW SB . -40.83 -76.45 -49.26
C19 PGW SB . -44.79 -74.97 -59.01
C20 PGW SB . -45.24 -75.21 -57.58
C21 PGW SB . -44.52 -76.38 -56.91
C22 PGW SB . -43.01 -76.14 -56.71
C23 PGW SB . -42.42 -76.83 -55.48
C24 PGW SB . -42.16 -78.35 -55.65
C25 PGW SB . -42.33 -79.15 -54.34
C26 PGW SB . -41.39 -78.71 -53.20
C27 PGW SB . -41.95 -78.95 -51.78
C28 PGW SB . -39.74 -75.38 -49.46
C29 PGW SB . -37.68 -76.94 -49.59
C30 PGW SB . -38.36 -75.74 -48.88
HAD PGW SB . -50.15 -67.90 -58.37
HADA PGW SB . -49.50 -67.72 -56.93
HOAE PGW SB . -49.10 -65.76 -58.74
HOAF PGW SB . -48.52 -68.08 -60.27
H01 PGW SB . -45.05 -72.36 -58.54
H01A PGW SB . -43.94 -72.67 -59.64
H02 PGW SB . -45.61 -70.79 -60.06
H2 PGW SB . -42.47 -71.90 -62.23
H2A PGW SB . -43.12 -71.87 -63.68
H03 PGW SB . -47.13 -72.87 -61.30
H03A PGW SB . -47.57 -71.35 -61.13
H3 PGW SB . -41.53 -73.47 -63.90
H3A PGW SB . -42.82 -74.35 -63.66
H04 PGW SB . -48.14 -69.80 -57.29
H04A PGW SB . -47.06 -69.87 -58.46
H4 PGW SB . -41.24 -75.25 -62.25
H4A PGW SB . -42.17 -74.41 -61.28
H05 PGW SB . -47.33 -67.62 -57.91
H5 PGW SB . -40.53 -72.95 -60.79
H5A PGW SB . -39.96 -72.98 -62.27
H06 PGW SB . -37.83 -75.60 -55.12
H06A PGW SB . -37.34 -77.00 -55.71
H6 PGW SB . -38.29 -73.92 -60.99
H6A PGW SB . -38.94 -75.14 -61.76
H07 PGW SB . -36.62 -74.61 -57.08
H07A PGW SB . -35.85 -75.99 -57.13
H7 PGW SB . -38.69 -75.89 -59.61
H7A PGW SB . -40.25 -75.59 -59.75
H08 PGW SB . -34.95 -75.59 -54.99
H08A PGW SB . -35.88 -74.34 -54.78
H8 PGW SB . -40.00 -73.55 -58.59
H8A PGW SB . -38.42 -73.77 -58.51
H09 PGW SB . -33.98 -73.27 -55.32
H09A PGW SB . -34.62 -73.40 -56.77
H11 PGW SB . -32.46 -74.08 -57.08
H11A PGW SB . -33.27 -75.44 -57.04
H12 PGW SB . -32.55 -75.88 -54.87
H12A PGW SB . -31.98 -74.42 -54.70
H13 PGW SB . -30.28 -74.92 -56.32
H13A PGW SB . -30.80 -76.42 -56.38
H14 PGW SB . -30.18 -76.75 -54.10
H14A PGW SB . -29.72 -75.24 -54.00
H14B PGW SB . -28.91 -76.25 -54.92
H15 PGW SB . -43.28 -77.36 -52.13
H15A PGW SB . -44.01 -78.62 -51.48
H16 PGW SB . -42.86 -78.02 -49.38
H16A PGW SB . -44.04 -77.07 -49.80
H17 PGW SB . -42.59 -75.39 -49.55
H17A PGW SB . -41.93 -75.88 -50.91
H18 PGW SB . -41.00 -76.55 -48.29
H18A PGW SB . -40.48 -77.32 -49.57
H20 PGW SB . -46.22 -75.37 -57.58
H20A PGW SB . -45.07 -74.38 -57.07
H21 PGW SB . -44.93 -76.55 -56.03
H21A PGW SB . -44.65 -77.20 -57.45
H22 PGW SB . -42.85 -75.16 -56.64
H22A PGW SB . -42.51 -76.44 -57.52
H23 PGW SB . -43.03 -76.70 -54.72
H23A PGW SB . -41.55 -76.40 -55.23
H24 PGW SB . -41.26 -78.50 -56.01
H24A PGW SB . -42.81 -78.70 -56.32
H25 PGW SB . -42.20 -80.12 -54.52
H25A PGW SB . -43.26 -79.05 -54.02
H26 PGW SB . -41.18 -77.75 -53.30
H26A PGW SB . -40.52 -79.19 -53.29
H27 PGW SB . -42.19 -79.90 -51.68
H27A PGW SB . -41.25 -78.76 -51.11
H28 PGW SB . -39.65 -75.21 -50.43
H28A PGW SB . -40.06 -74.53 -49.06
H29 PGW SB . -36.78 -77.09 -49.25
H29A PGW SB . -38.21 -77.76 -49.44
H29B PGW SB . -37.64 -76.78 -50.56
H30 PGW SB . -38.46 -75.94 -47.93
H30A PGW SB . -37.76 -74.96 -48.96
H9 PGW SB . -40.05 -74.63 -56.56
H10 PGW SB . -39.04 -76.87 -57.26
CAD PGW TB . -37.50 -58.84 -52.19
OAE PGW TB . -38.00 -57.55 -51.87
OAF PGW TB . -36.73 -58.15 -54.38
P PGW TB . -36.38 -62.47 -54.59
C01 PGW TB . -32.56 -61.61 -56.32
C1 PGW TB . -32.97 -60.89 -59.06
O01 PGW TB . -33.63 -60.23 -58.10
C02 PGW TB . -33.79 -60.82 -56.76
C2 PGW TB . -32.03 -60.03 -59.86
O02 PGW TB . -33.16 -62.06 -59.29
C03 PGW TB . -35.07 -61.64 -56.75
C3 PGW TB . -31.09 -60.82 -60.77
O03 PGW TB . -32.71 -63.00 -56.71
C04 PGW TB . -35.75 -60.15 -53.49
C4 PGW TB . -29.88 -61.41 -60.02
O04 PGW TB . -30.87 -63.92 -57.55
C05 PGW TB . -36.33 -58.79 -53.17
C5 PGW TB . -28.81 -60.36 -59.65
C06 PGW TB . -23.81 -62.79 -55.95
C6 PGW TB . -27.36 -60.85 -59.78
C07 PGW TB . -23.08 -61.59 -56.57
C7 PGW TB . -26.93 -61.84 -58.70
C08 PGW TB . -22.01 -60.97 -55.67
C8 PGW TB . -26.73 -61.23 -57.32
C09 PGW TB . -21.45 -59.63 -56.17
C9 PGW TB . -26.21 -62.21 -56.30
C10 PGW TB . -25.19 -63.01 -56.50
C11 PGW TB . -20.26 -59.76 -57.15
O11 PGW TB . -35.09 -62.44 -55.54
C12 PGW TB . -18.93 -60.11 -56.47
O12 PGW TB . -36.70 -60.94 -54.25
C13 PGW TB . -17.70 -59.95 -57.36
O13 PGW TB . -35.88 -63.18 -53.37
C14 PGW TB . -16.38 -60.21 -56.61
O14 PGW TB . -37.54 -63.04 -55.37
C15 PGW TB . -26.79 -67.56 -51.00
C16 PGW TB . -26.46 -67.18 -49.54
C17 PGW TB . -25.90 -65.74 -49.35
C18 PGW TB . -24.38 -65.68 -49.10
C19 PGW TB . -31.63 -63.78 -56.64
C20 PGW TB . -31.49 -64.44 -55.28
C21 PGW TB . -30.30 -65.39 -55.21
C22 PGW TB . -28.94 -64.66 -55.32
C23 PGW TB . -27.79 -65.33 -54.55
C24 PGW TB . -27.20 -66.59 -55.22
C25 PGW TB . -26.68 -67.64 -54.21
C26 PGW TB . -25.57 -67.14 -53.26
C27 PGW TB . -25.54 -67.84 -51.89
C28 PGW TB . -23.78 -64.27 -49.24
C29 PGW TB . -21.54 -64.93 -50.33
C30 PGW TB . -22.24 -64.22 -49.15
HAD PGW TB . -38.22 -59.40 -52.58
HADA PGW TB . -37.20 -59.29 -51.35
HOAE PGW TB . -38.01 -57.01 -52.53
HOAF PGW TB . -37.34 -58.60 -54.78
H01 PGW TB . -32.45 -61.57 -55.35
H01A PGW TB . -31.73 -61.24 -56.74
H02 PGW TB . -33.91 -60.06 -56.13
H2 PGW TB . -31.49 -59.48 -59.24
H2A PGW TB . -32.57 -59.40 -60.40
H03 PGW TB . -35.10 -62.24 -57.53
H03A PGW TB . -35.86 -61.05 -56.79
H3 PGW TB . -30.76 -60.24 -61.49
H3A PGW TB . -31.60 -61.55 -61.21
H04 PGW TB . -35.53 -60.63 -52.65
H04A PGW TB . -34.92 -60.06 -54.02
H4 PGW TB . -29.45 -62.10 -60.57
H4A PGW TB . -30.20 -61.86 -59.20
H05 PGW TB . -35.61 -58.22 -52.76
H5 PGW TB . -28.96 -60.04 -58.71
H5A PGW TB . -28.93 -59.56 -60.23
H06 PGW TB . -23.89 -62.63 -54.98
H06A PGW TB . -23.26 -63.61 -56.06
H6 PGW TB . -26.74 -60.08 -59.74
H6A PGW TB . -27.25 -61.26 -60.67
H07 PGW TB . -23.74 -60.89 -56.79
H07A PGW TB . -22.67 -61.87 -57.43
H7 PGW TB . -26.10 -62.29 -58.98
H7A PGW TB . -27.63 -62.55 -58.63
H08 PGW TB . -21.26 -61.62 -55.57
H08A PGW TB . -22.39 -60.85 -54.76
H8 PGW TB . -27.58 -60.84 -57.00
H8A PGW TB . -26.08 -60.49 -57.39
H09 PGW TB . -21.15 -59.08 -55.40
H09A PGW TB . -22.18 -59.13 -56.61
H11 PGW TB . -20.15 -58.91 -57.64
H11A PGW TB . -20.48 -60.45 -57.82
H12 PGW TB . -18.97 -61.04 -56.14
H12A PGW TB . -18.83 -59.54 -55.69
H13 PGW TB . -17.69 -59.05 -57.74
H13A PGW TB . -17.77 -60.59 -58.13
H14 PGW TB . -16.36 -61.13 -56.28
H14A PGW TB . -16.32 -59.62 -55.84
H14B PGW TB . -15.61 -60.05 -57.19
H15 PGW TB . -27.30 -66.82 -51.40
H15A PGW TB . -27.39 -68.34 -51.02
H16 PGW TB . -25.81 -67.82 -49.19
H16A PGW TB . -27.29 -67.28 -48.99
H17 PGW TB . -26.36 -65.29 -48.61
H17A PGW TB . -26.10 -65.22 -50.17
H18 PGW TB . -24.19 -66.03 -48.20
H18A PGW TB . -23.94 -66.27 -49.73
H20 PGW TB . -32.32 -64.94 -55.09
H20A PGW TB . -31.40 -63.74 -54.60
H21 PGW TB . -30.32 -65.87 -54.34
H21A PGW TB . -30.36 -66.07 -55.91
H22 PGW TB . -29.05 -63.73 -54.99
H22A PGW TB . -28.68 -64.60 -56.27
H23 PGW TB . -28.13 -65.58 -53.66
H23A PGW TB . -27.06 -64.68 -54.39
H24 PGW TB . -26.46 -66.33 -55.82
H24A PGW TB . -27.89 -67.00 -55.79
H25 PGW TB . -26.36 -68.44 -54.72
H25A PGW TB . -27.45 -67.95 -53.67
H26 PGW TB . -25.70 -66.18 -53.11
H26A PGW TB . -24.69 -67.24 -53.71
H27 PGW TB . -25.46 -68.82 -52.04
H27A PGW TB . -24.74 -67.56 -51.40
H28 PGW TB . -24.07 -63.89 -50.09
H28A PGW TB . -24.17 -63.69 -48.52
H29 PGW TB . -20.57 -64.80 -50.29
H29A PGW TB . -21.72 -65.89 -50.31
H29B PGW TB . -21.86 -64.57 -51.18
H30 PGW TB . -21.95 -64.63 -48.30
H30A PGW TB . -21.95 -63.28 -49.13
H9 PGW TB . -26.64 -62.26 -55.45
H10 PGW TB . -25.34 -63.79 -57.04
CAD PGW UB . -27.31 -47.88 -47.22
OAE PGW UB . -28.04 -46.95 -46.39
OAF PGW UB . -27.56 -46.53 -49.22
P PGW UB . -26.11 -50.29 -50.81
C01 PGW UB . -23.50 -47.77 -53.09
C1 PGW UB . -24.99 -46.71 -55.29
O01 PGW UB . -25.45 -46.55 -54.03
C02 PGW UB . -24.97 -47.40 -52.95
C2 PGW UB . -24.66 -45.42 -55.99
O02 PGW UB . -24.91 -47.79 -55.81
C03 PGW UB . -25.89 -48.62 -52.87
C3 PGW UB . -23.90 -45.61 -57.31
O03 PGW UB . -23.38 -49.01 -53.84
C04 PGW UB . -25.82 -48.18 -49.25
C4 PGW UB . -22.40 -45.86 -57.09
O04 PGW UB . -21.75 -49.00 -55.35
C05 PGW UB . -26.61 -47.21 -48.39
C5 PGW UB . -21.61 -44.59 -56.69
C06 PGW UB . -15.18 -45.76 -55.29
C6 PGW UB . -20.20 -44.49 -57.33
C07 PGW UB . -15.08 -44.28 -55.67
C7 PGW UB . -19.18 -45.47 -56.75
C08 PGW UB . -13.98 -43.51 -54.93
C8 PGW UB . -18.70 -45.11 -55.35
C09 PGW UB . -14.03 -41.98 -55.12
C9 PGW UB . -17.61 -46.03 -54.84
C10 PGW UB . -16.54 -46.34 -55.51
C11 PGW UB . -13.26 -41.47 -56.35
O11 PGW UB . -25.28 -49.60 -51.99
C12 PGW UB . -11.73 -41.45 -56.17
O12 PGW UB . -26.71 -49.08 -49.95
C13 PGW UB . -10.97 -40.68 -57.25
O13 PGW UB . -25.04 -51.00 -50.03
C14 PGW UB . -9.46 -40.59 -56.96
O14 PGW UB . -27.25 -51.07 -51.41
C15 PGW UB . -14.84 -52.18 -51.46
C16 PGW UB . -14.17 -52.02 -50.08
C17 PGW UB . -14.00 -50.54 -49.61
C18 PGW UB . -12.57 -49.99 -49.73
C19 PGW UB . -22.16 -49.34 -54.26
C20 PGW UB . -21.39 -50.16 -53.27
C21 PGW UB . -20.02 -50.61 -53.78
C22 PGW UB . -19.05 -49.44 -54.01
C23 PGW UB . -17.56 -49.79 -53.78
C24 PGW UB . -16.91 -50.59 -54.94
C25 PGW UB . -15.82 -51.56 -54.46
C26 PGW UB . -14.63 -50.89 -53.72
C27 PGW UB . -13.95 -51.81 -52.67
C28 PGW UB . -12.46 -48.47 -49.58
C29 PGW UB . -10.64 -48.03 -51.36
C30 PGW UB . -11.08 -47.87 -49.88
HAD PGW UB . -27.95 -48.57 -47.56
HADA PGW UB . -26.64 -48.35 -46.65
HOAE PGW UB . -28.41 -46.32 -46.83
HOAF PGW UB . -28.13 -47.07 -49.56
H01 PGW UB . -23.08 -47.90 -52.21
H01A PGW UB . -22.99 -47.05 -53.56
H02 PGW UB . -25.08 -46.88 -52.10
H2 PGW UB . -24.13 -44.85 -55.39
H2A PGW UB . -25.51 -44.94 -56.16
H03 PGW UB . -26.01 -49.01 -53.76
H03A PGW UB . -26.78 -48.36 -52.53
H3 PGW UB . -24.01 -44.81 -57.87
H3A PGW UB . -24.30 -46.37 -57.81
H04 PGW UB . -25.21 -48.70 -48.68
H04A PGW UB . -25.28 -47.69 -49.90
H4 PGW UB . -22.00 -46.22 -57.93
H4A PGW UB . -22.28 -46.55 -56.40
H05 PGW UB . -26.00 -46.51 -48.02
H5 PGW UB . -21.51 -44.56 -55.71
H5A PGW UB . -22.14 -43.79 -56.96
H06 PGW UB . -14.97 -45.84 -54.33
H06A PGW UB . -14.50 -46.28 -55.78
H6 PGW UB . -19.86 -43.57 -57.22
H6A PGW UB . -20.29 -44.65 -58.31
H07 PGW UB . -15.94 -43.84 -55.50
H07A PGW UB . -14.92 -44.21 -56.65
H7 PGW UB . -18.40 -45.52 -57.35
H7A PGW UB . -19.57 -46.37 -56.72
H08 PGW UB . -13.09 -43.84 -55.22
H08A PGW UB . -14.05 -43.72 -53.97
H8 PGW UB . -19.46 -45.13 -54.72
H8A PGW UB . -18.35 -44.19 -55.35
H09 PGW UB . -13.65 -41.53 -54.32
H09A PGW UB . -14.97 -41.70 -55.19
H11 PGW UB . -13.56 -40.55 -56.58
H11A PGW UB . -13.48 -42.04 -57.13
H12 PGW UB . -11.39 -42.38 -56.14
H12A PGW UB . -11.53 -41.05 -55.30
H13 PGW UB . -11.35 -39.77 -57.32
H13A PGW UB . -11.11 -41.12 -58.13
H14 PGW UB . -9.06 -41.48 -56.96
H14A PGW UB . -9.32 -40.18 -56.10
H14B PGW UB . -9.00 -40.05 -57.64
H15 PGW UB . -15.64 -51.60 -51.48
H15A PGW UB . -15.16 -53.11 -51.56
H16 PGW UB . -13.28 -52.44 -50.12
H16A PGW UB . -14.69 -52.52 -49.41
H17 PGW UB . -14.30 -50.45 -48.67
H17A PGW UB . -14.61 -49.98 -50.15
H18 PGW UB . -11.99 -50.42 -49.06
H18A PGW UB . -12.22 -50.24 -50.62
H20 PGW UB . -21.94 -50.97 -53.03
H20A PGW UB . -21.27 -49.65 -52.44
H21 PGW UB . -19.62 -51.24 -53.13
H21A PGW UB . -20.13 -51.12 -54.63
H22 PGW UB . -19.30 -48.71 -53.40
H22A PGW UB . -19.15 -49.09 -54.92
H23 PGW UB . -17.50 -50.33 -52.96
H23A PGW UB . -17.04 -48.97 -53.63
H24 PGW UB . -16.53 -49.96 -55.58
H24A PGW UB . -17.62 -51.09 -55.41
H25 PGW UB . -15.46 -52.06 -55.24
H25A PGW UB . -16.22 -52.23 -53.86
H26 PGW UB . -14.97 -50.10 -53.25
H26A PGW UB . -13.97 -50.58 -54.38
H27 PGW UB . -13.65 -52.63 -53.12
H27A PGW UB . -13.13 -51.36 -52.33
H28 PGW UB . -13.13 -48.04 -50.19
H28A PGW UB . -12.74 -48.22 -48.65
H29 PGW UB . -9.79 -47.57 -51.51
H29A PGW UB . -10.53 -48.97 -51.57
H29B PGW UB . -11.32 -47.64 -51.94
H30 PGW UB . -10.41 -48.32 -49.29
H30A PGW UB . -11.08 -46.91 -49.63
H9 PGW UB . -17.71 -46.40 -53.97
H10 PGW UB . -16.64 -47.00 -56.21
CAD PGW VB . -19.58 -35.22 -41.85
OAE PGW VB . -20.21 -34.80 -40.63
OAF PGW VB . -20.86 -33.66 -43.21
P PGW VB . -19.03 -36.23 -46.19
C01 PGW VB . -18.16 -32.54 -48.17
C1 PGW VB . -20.54 -31.66 -49.48
O01 PGW VB . -20.57 -31.94 -48.17
C02 PGW VB . -19.54 -32.76 -47.55
C2 PGW VB . -20.84 -30.22 -49.82
O02 PGW VB . -20.33 -32.51 -50.32
C03 PGW VB . -20.00 -34.21 -47.62
C3 PGW VB . -20.54 -29.86 -51.28
O03 PGW VB . -17.96 -33.47 -49.25
C04 PGW VB . -18.83 -34.53 -44.17
C4 PGW VB . -19.05 -29.58 -51.53
O04 PGW VB . -17.00 -32.57 -51.05
C05 PGW VB . -19.53 -34.11 -42.90
C5 PGW VB . -18.56 -28.22 -50.97
C06 PGW VB . -11.98 -27.26 -51.64
C6 PGW VB . -17.54 -27.50 -51.88
C07 PGW VB . -12.43 -25.80 -51.58
C7 PGW VB . -16.15 -28.14 -51.90
C08 PGW VB . -11.40 -24.86 -50.93
C8 PGW VB . -15.35 -27.93 -50.62
C09 PGW VB . -11.94 -23.44 -50.63
C9 PGW VB . -13.95 -28.47 -50.71
C10 PGW VB . -13.12 -28.24 -51.69
C11 PGW VB . -11.81 -22.45 -51.79
O11 PGW VB . -18.87 -35.07 -47.27
C12 PGW VB . -10.38 -21.92 -52.00
O12 PGW VB . -19.63 -35.53 -44.87
C13 PGW VB . -10.28 -20.72 -52.96
O13 PGW VB . -17.61 -36.66 -45.95
C14 PGW VB . -8.84 -20.15 -53.03
O14 PGW VB . -20.04 -37.23 -46.69
C15 PGW VB . -8.60 -33.77 -50.16
C16 PGW VB . -7.56 -33.66 -49.01
C17 PGW VB . -7.67 -32.35 -48.18
C18 PGW VB . -6.58 -31.31 -48.47
C19 PGW VB . -16.92 -33.24 -50.05
C20 PGW VB . -15.65 -33.92 -49.58
C21 PGW VB . -14.46 -33.73 -50.53
C22 PGW VB . -14.00 -32.27 -50.62
C23 PGW VB . -12.49 -32.11 -50.90
C24 PGW VB . -12.07 -32.36 -52.35
C25 PGW VB . -10.64 -32.94 -52.50
C26 PGW VB . -9.52 -32.06 -51.90
C27 PGW VB . -8.30 -32.86 -51.39
C28 PGW VB . -6.86 -29.92 -47.89
C29 PGW VB . -5.94 -28.49 -49.85
C30 PGW VB . -5.88 -28.82 -48.34
HAD PGW VB . -20.08 -36.00 -42.21
HADA PGW VB . -18.66 -35.51 -41.64
HOAE PGW VB . -20.87 -34.26 -40.76
HOAF PGW VB . -21.33 -34.29 -43.55
H01 PGW VB . -17.45 -32.68 -47.50
H01A PGW VB . -18.07 -31.60 -48.50
H02 PGW VB . -19.49 -32.50 -46.58
H2 PGW VB . -20.32 -29.64 -49.23
H2A PGW VB . -21.79 -30.05 -49.63
H03 PGW VB . -20.29 -34.44 -48.53
H03A PGW VB . -20.75 -34.37 -47.01
H3 PGW VB . -21.06 -29.05 -51.53
H3A PGW VB . -20.85 -30.58 -51.87
H04 PGW VB . -17.95 -34.90 -43.97
H04A PGW VB . -18.71 -33.76 -44.77
H4 PGW VB . -18.88 -29.60 -52.50
H4A PGW VB . -18.51 -30.32 -51.14
H05 PGW VB . -19.05 -33.33 -42.50
H5 PGW VB . -18.16 -28.36 -50.09
H5A PGW VB . -19.35 -27.64 -50.85
H06 PGW VB . -11.44 -27.46 -50.84
H06A PGW VB . -11.39 -27.39 -52.42
H6 PGW VB . -17.45 -26.56 -51.58
H6A PGW VB . -17.90 -27.48 -52.80
H07 PGW VB . -13.27 -25.74 -51.06
H07A PGW VB . -12.64 -25.47 -52.48
H7 PGW VB . -15.63 -27.77 -52.66
H7A PGW VB . -16.25 -29.11 -52.05
H08 PGW VB . -10.62 -24.78 -51.51
H08A PGW VB . -11.09 -25.27 -50.09
H8 PGW VB . -15.82 -28.35 -49.86
H8A PGW VB . -15.29 -26.96 -50.43
H09 PGW VB . -11.47 -23.06 -49.85
H09A PGW VB . -12.89 -23.52 -50.37
H11 PGW VB . -12.42 -21.68 -51.64
H11A PGW VB . -12.12 -22.89 -52.62
H12 PGW VB . -9.82 -22.65 -52.34
H12A PGW VB . -10.02 -21.66 -51.12
H13 PGW VB . -10.90 -20.02 -52.64
H13A PGW VB . -10.58 -20.99 -53.85
H14 PGW VB . -8.24 -20.83 -53.39
H14A PGW VB . -8.55 -19.91 -52.14
H14B PGW VB . -8.82 -19.37 -53.60
H15 PGW VB . -9.48 -33.53 -49.80
H15A PGW VB . -8.66 -34.71 -50.46
H16 PGW VB . -6.66 -33.72 -49.39
H16A PGW VB . -7.67 -34.45 -48.41
H17 PGW VB . -7.65 -32.57 -47.21
H17A PGW VB . -8.55 -31.95 -48.35
H18 PGW VB . -5.71 -31.64 -48.13
H18A PGW VB . -6.48 -31.23 -49.45
H20 PGW VB . -15.84 -34.90 -49.47
H20A PGW VB . -15.41 -33.57 -48.70
H21 PGW VB . -13.71 -34.29 -50.23
H21A PGW VB . -14.71 -34.06 -51.44
H22 PGW VB . -14.22 -31.82 -49.77
H22A PGW VB . -14.49 -31.80 -51.33
H23 PGW VB . -12.01 -32.73 -50.32
H23A PGW VB . -12.20 -31.19 -50.62
H24 PGW VB . -12.12 -31.50 -52.86
H24A PGW VB . -12.71 -32.97 -52.77
H25 PGW VB . -10.45 -33.11 -53.45
H25A PGW VB . -10.63 -33.82 -52.05
H26 PGW VB . -9.89 -31.55 -51.14
H26A PGW VB . -9.23 -31.40 -52.57
H27 PGW VB . -7.95 -33.41 -52.14
H27A PGW VB . -7.59 -32.23 -51.14
H28 PGW VB . -7.78 -29.65 -48.16
H28A PGW VB . -6.87 -29.98 -46.90
H29 PGW VB . -5.36 -27.74 -50.06
H29A PGW VB . -5.66 -29.27 -50.36
H29B PGW VB . -6.85 -28.28 -50.09
H30 PGW VB . -4.96 -29.10 -48.10
H30A PGW VB . -6.07 -27.99 -47.82
H9 PGW VB . -13.63 -29.02 -50.00
H10 PGW VB . -13.26 -28.72 -52.50
CAD PGW WB . -14.37 -22.02 -34.96
OAE PGW WB . -14.64 -22.12 -33.56
OAF PGW WB . -16.41 -20.79 -35.42
P PGW WB . -15.05 -21.86 -39.40
C01 PGW WB . -15.96 -17.77 -40.30
C1 PGW WB . -18.79 -17.57 -40.66
O01 PGW WB . -18.30 -18.10 -39.51
C02 PGW WB . -16.94 -18.60 -39.47
C2 PGW WB . -19.58 -16.30 -40.46
O02 PGW WB . -18.65 -18.09 -41.72
C03 PGW WB . -16.96 -20.07 -39.86
C3 PGW WB . -19.91 -15.56 -41.75
O03 PGW WB . -15.88 -18.32 -41.64
C04 PGW WB . -14.67 -20.64 -37.08
C4 PGW WB . -18.73 -14.72 -42.28
O04 PGW WB . -15.89 -16.79 -43.25
C05 PGW WB . -14.99 -20.78 -35.60
C5 PGW WB . -18.49 -13.42 -41.48
C06 PGW WB . -13.07 -10.03 -43.42
C6 PGW WB . -18.08 -12.21 -42.34
C07 PGW WB . -13.86 -8.87 -42.80
C7 PGW WB . -16.65 -12.28 -42.89
C08 PGW WB . -12.99 -7.78 -42.17
C8 PGW WB . -15.56 -12.06 -41.85
C09 PGW WB . -13.76 -6.75 -41.33
C9 PGW WB . -14.18 -12.03 -42.44
C10 PGW WB . -13.83 -11.32 -43.49
C11 PGW WB . -14.31 -5.56 -42.14
O11 PGW WB . -15.60 -20.52 -40.08
C12 PGW WB . -13.25 -4.52 -42.52
O12 PGW WB . -15.33 -21.70 -37.83
C13 PGW WB . -13.81 -3.20 -43.05
O13 PGW WB . -13.57 -21.78 -39.66
C14 PGW WB . -12.71 -2.15 -43.31
O14 PGW WB . -15.85 -23.03 -39.91
C15 PGW WB . -7.69 -15.03 -44.90
C16 PGW WB . -6.41 -14.80 -44.06
C17 PGW WB . -6.60 -13.82 -42.87
C18 PGW WB . -6.02 -12.41 -43.09
C19 PGW WB . -15.29 -17.58 -42.57
C20 PGW WB . -13.81 -17.85 -42.65
C21 PGW WB . -13.11 -17.04 -43.77
C22 PGW WB . -13.13 -15.52 -43.51
C23 PGW WB . -11.91 -14.78 -44.09
C24 PGW WB . -11.95 -14.55 -45.61
C25 PGW WB . -10.56 -14.54 -46.27
C26 PGW WB . -9.59 -13.46 -45.74
C27 PGW WB . -8.10 -13.84 -45.81
C28 PGW WB . -6.46 -11.37 -42.07
C29 PGW WB . -6.69 -9.34 -43.66
C30 PGW WB . -6.03 -9.92 -42.38
HAD PGW WB . -14.72 -22.84 -35.41
HADA PGW WB . -13.38 -22.00 -35.09
HOAE PGW WB . -15.42 -21.84 -33.34
HOAF PGW WB . -16.77 -21.46 -35.81
H01 PGW WB . -15.06 -17.78 -39.91
H01A PGW WB . -16.26 -16.83 -40.35
H02 PGW WB . -16.65 -18.54 -38.51
H2 PGW WB . -19.08 -15.69 -39.86
H2A PGW WB . -20.42 -16.53 -39.99
H03 PGW WB . -17.47 -20.20 -40.69
H03A PGW WB . -17.40 -20.61 -39.16
H3 PGW WB . -20.68 -14.96 -41.62
H3A PGW WB . -20.18 -16.22 -42.44
H04 PGW WB . -13.70 -20.70 -37.22
H04A PGW WB . -14.97 -19.78 -37.42
H4 PGW WB . -18.90 -14.47 -43.22
H4A PGW WB . -17.91 -15.27 -42.27
H05 PGW WB . -14.64 -19.98 -35.12
H5 PGW WB . -17.78 -13.58 -40.79
H5A PGW WB . -19.31 -13.20 -40.97
H06 PGW WB . -12.26 -10.18 -42.88
H06A PGW WB . -12.77 -9.77 -44.32
H6 PGW WB . -18.16 -11.39 -41.80
H6A PGW WB . -18.72 -12.13 -43.08
H07 PGW WB . -14.46 -9.24 -42.11
H07A PGW WB . -14.44 -8.47 -43.49
H7 PGW WB . -16.55 -11.61 -43.62
H7A PGW WB . -16.52 -13.17 -43.31
H08 PGW WB . -12.50 -7.31 -42.89
H08A PGW WB . -12.30 -8.22 -41.60
H8 PGW WB . -15.62 -12.78 -41.17
H8A PGW WB . -15.72 -11.21 -41.39
H09 PGW WB . -13.18 -6.39 -40.61
H09A PGW WB . -14.51 -7.22 -40.87
H11 PGW WB . -15.02 -5.11 -41.61
H11A PGW WB . -14.75 -5.90 -42.96
H12 PGW WB . -12.65 -4.91 -43.19
H12A PGW WB . -12.70 -4.34 -41.72
H13 PGW WB . -14.47 -2.84 -42.40
H13A PGW WB . -14.31 -3.38 -43.89
H14 PGW WB . -12.11 -2.47 -44.00
H14A PGW WB . -12.20 -1.99 -42.48
H14B PGW WB . -13.11 -1.30 -43.59
H15 PGW WB . -8.44 -15.20 -44.27
H15A PGW WB . -7.59 -15.85 -45.44
H16 PGW WB . -5.72 -14.44 -44.65
H16A PGW WB . -6.09 -15.67 -43.72
H17 PGW WB . -6.19 -14.20 -42.05
H17A PGW WB . -7.56 -13.72 -42.68
H18 PGW WB . -5.03 -12.47 -43.09
H18A PGW WB . -6.28 -12.11 -43.98
H20 PGW WB . -13.66 -18.81 -42.81
H20A PGW WB . -13.39 -17.62 -41.78
H21 PGW WB . -12.17 -17.34 -43.84
H21A PGW WB . -13.53 -17.25 -44.63
H22 PGW WB . -13.17 -15.37 -42.53
H22A PGW WB . -13.95 -15.13 -43.90
H23 PGW WB . -11.10 -15.29 -43.87
H23A PGW WB . -11.82 -13.90 -43.63
H24 PGW WB . -12.41 -13.69 -45.82
H24A PGW WB . -12.50 -15.26 -46.02
H25 PGW WB . -10.67 -14.43 -47.26
H25A PGW WB . -10.14 -15.43 -46.14
H26 PGW WB . -9.81 -13.28 -44.80
H26A PGW WB . -9.75 -12.61 -46.23
H27 PGW WB . -7.88 -14.07 -46.76
H27A PGW WB . -7.55 -13.06 -45.58
H28 PGW WB . -7.45 -11.40 -41.99
H28A PGW WB . -6.10 -11.63 -41.17
H29 PGW WB . -6.45 -8.40 -43.77
H29A PGW WB . -6.38 -9.83 -44.44
H29B PGW WB . -7.66 -9.42 -43.59
H30 PGW WB . -5.04 -9.90 -42.48
H30A PGW WB . -6.26 -9.34 -41.61
H9 PGW WB . -13.51 -12.57 -42.03
H10 PGW WB . -14.10 -11.65 -44.34
CAD PGW XB . -11.07 -9.51 -25.89
OAE PGW XB . -10.81 -9.98 -24.56
OAF PGW XB . -13.40 -9.03 -25.43
P PGW XB . -13.22 -8.71 -29.76
C01 PGW XB . -15.49 -5.13 -29.11
C1 PGW XB . -18.21 -5.90 -28.67
O01 PGW XB . -17.24 -6.43 -27.91
C02 PGW XB . -15.85 -6.41 -28.36
C2 PGW XB . -19.21 -5.07 -27.90
O02 PGW XB . -18.29 -6.10 -29.85
C03 PGW XB . -15.59 -7.68 -29.16
C3 PGW XB . -20.15 -4.24 -28.79
O03 PGW XB . -15.72 -5.33 -30.53
C04 PGW XB . -12.44 -7.93 -27.35
C4 PGW XB . -19.50 -2.95 -29.31
O04 PGW XB . -16.69 -3.61 -31.55
C05 PGW XB . -12.18 -8.47 -25.95
C5 PGW XB . -19.37 -1.84 -28.24
C06 PGW XB . -16.11 3.60 -30.34
C6 PGW XB . -19.64 -0.42 -28.76
C07 PGW XB . -16.94 4.23 -29.23
C7 PGW XB . -18.52 0.14 -29.65
C08 PGW XB . -16.25 5.41 -28.54
C8 PGW XB . -17.25 0.53 -28.90
C09 PGW XB . -16.95 5.90 -27.25
C9 PGW XB . -16.22 1.17 -29.78
C10 PGW XB . -16.46 2.15 -30.61
C11 PGW XB . -18.05 6.95 -27.49
O11 PGW XB . -14.32 -7.55 -29.84
C12 PGW XB . -17.52 8.36 -27.79
O12 PGW XB . -12.98 -8.98 -28.19
C13 PGW XB . -18.57 9.47 -27.74
O13 PGW XB . -12.00 -8.05 -30.34
C14 PGW XB . -17.96 10.87 -27.93
O14 PGW XB . -13.78 -9.95 -30.39
C15 PGW XB . -10.38 1.28 -34.57
C16 PGW XB . -9.01 1.78 -34.04
C17 PGW XB . -9.04 2.37 -32.61
C18 PGW XB . -8.98 3.90 -32.53
C19 PGW XB . -15.70 -4.25 -31.31
C20 PGW XB . -14.32 -3.94 -31.84
C21 PGW XB . -14.30 -2.74 -32.78
C22 PGW XB . -14.66 -1.40 -32.08
C23 PGW XB . -13.97 -0.17 -32.69
C24 PGW XB . -14.58 0.33 -34.02
C25 PGW XB . -13.55 0.97 -34.97
C26 PGW XB . -12.81 2.19 -34.38
C27 PGW XB . -11.38 2.40 -34.95
C28 PGW XB . -9.34 4.49 -31.15
C29 PGW XB . -10.65 6.57 -31.95
C30 PGW XB . -9.47 6.02 -31.11
HAD PGW XB . -11.30 -10.28 -26.47
HADA PGW XB . -10.23 -9.11 -26.25
HOAE PGW XB . -11.52 -10.06 -24.09
HOAF PGW XB . -13.66 -9.69 -25.91
H01 PGW XB . -14.54 -4.89 -28.99
H01A PGW XB . -16.04 -4.37 -28.80
H02 PGW XB . -15.28 -6.45 -27.53
H2 PGW XB . -18.72 -4.45 -27.29
H2A PGW XB . -19.74 -5.67 -27.32
H03 PGW XB . -16.30 -7.80 -29.84
H03A PGW XB . -15.60 -8.47 -28.57
H3 PGW XB . -20.96 -4.00 -28.28
H3A PGW XB . -20.44 -4.80 -29.55
H04 PGW XB . -11.59 -7.61 -27.74
H04A PGW XB . -13.07 -7.19 -27.32
H4 PGW XB . -20.03 -2.59 -30.06
H4A PGW XB . -18.61 -3.16 -29.67
H05 PGW XB . -11.93 -7.71 -25.35
H5 PGW XB . -18.46 -1.87 -27.83
H5A PGW XB . -20.01 -2.04 -27.50
H06 PGW XB . -15.16 3.64 -30.09
H06A PGW XB . -16.21 4.12 -31.18
H6 PGW XB . -19.76 0.19 -27.99
H6A PGW XB . -20.49 -0.42 -29.26
H07 PGW XB . -17.14 3.54 -28.55
H07A PGW XB . -17.81 4.54 -29.59
H7 PGW XB . -18.86 0.94 -30.13
H7A PGW XB . -18.30 -0.53 -30.34
H08 PGW XB . -16.18 6.17 -29.17
H08A PGW XB . -15.32 5.16 -28.32
H8 PGW XB . -16.88 -0.28 -28.47
H8A PGW XB . -17.48 1.16 -28.18
H09 PGW XB . -16.29 6.29 -26.63
H09A PGW XB . -17.34 5.11 -26.80
H11 PGW XB . -18.64 7.01 -26.69
H11A PGW XB . -18.62 6.65 -28.25
H12 PGW XB . -17.09 8.36 -28.68
H12A PGW XB . -16.81 8.57 -27.14
H13 PGW XB . -19.04 9.43 -26.88
H13A PGW XB . -19.25 9.31 -28.44
H14 PGW XB . -17.56 10.94 -28.82
H14A PGW XB . -17.27 11.03 -27.26
H14B PGW XB . -18.66 11.56 -27.84
H15 PGW XB . -10.79 0.72 -33.86
H15A PGW XB . -10.23 0.68 -35.35
H16 PGW XB . -8.68 2.48 -34.65
H16A PGW XB . -8.36 1.04 -34.08
H17 PGW XB . -8.30 2.00 -32.07
H17A PGW XB . -9.87 2.06 -32.17
H18 PGW XB . -8.09 4.21 -32.80
H18A PGW XB . -9.62 4.27 -33.20
H20 PGW XB . -13.97 -4.74 -32.31
H20A PGW XB . -13.72 -3.76 -31.07
H21 PGW XB . -13.39 -2.65 -33.19
H21A PGW XB . -14.92 -2.90 -33.54
H22 PGW XB . -14.41 -1.47 -31.13
H22A PGW XB . -15.63 -1.27 -32.12
H23 PGW XB . -13.02 -0.39 -32.86
H23A PGW XB . -13.98 0.57 -32.04
H24 PGW XB . -15.29 0.99 -33.83
H24A PGW XB . -15.01 -0.43 -34.48
H25 PGW XB . -14.00 1.24 -35.81
H25A PGW XB . -12.89 0.29 -35.21
H26 PGW XB . -12.75 2.09 -33.41
H26A PGW XB . -13.35 3.01 -34.55
H27 PGW XB . -11.44 2.46 -35.93
H27A PGW XB . -11.03 3.26 -34.64
H28 PGW XB . -10.20 4.09 -30.86
H28A PGW XB . -8.65 4.19 -30.50
H29 PGW XB . -10.74 7.54 -31.82
H29A PGW XB . -10.50 6.39 -32.89
H29B PGW XB . -11.48 6.14 -31.66
H30 PGW XB . -8.62 6.41 -31.44
H30A PGW XB . -9.58 6.31 -30.17
H9 PGW XB . -15.32 0.84 -29.74
H10 PGW XB . -16.89 1.94 -31.43
CAD PGW YB . -8.52 1.20 -14.61
OAE PGW YB . -7.71 0.60 -13.60
OAF PGW YB . -10.60 0.70 -13.46
P PGW YB . -11.99 1.95 -17.38
C01 PGW YB . -14.82 4.24 -15.13
C1 PGW YB . -16.90 2.48 -14.27
O01 PGW YB . -15.62 2.18 -13.98
C02 PGW YB . -14.52 2.79 -14.72
C2 PGW YB . -17.77 2.71 -13.06
O02 PGW YB . -17.31 2.49 -15.39
C03 PGW YB . -14.21 1.90 -15.91
C3 PGW YB . -19.14 3.29 -13.39
O03 PGW YB . -15.44 4.26 -16.43
C04 PGW YB . -10.68 2.43 -15.13
C4 PGW YB . -19.10 4.82 -13.63
O04 PGW YB . -17.14 5.69 -16.59
C05 PGW YB . -9.84 1.74 -14.06
C5 PGW YB . -18.93 5.65 -12.34
C06 PGW YB . -18.24 12.20 -13.42
C6 PGW YB . -19.74 6.95 -12.32
C07 PGW YB . -18.79 12.26 -11.99
C7 PGW YB . -19.20 8.06 -13.24
C08 PGW YB . -18.26 13.44 -11.16
C8 PGW YB . -17.91 8.71 -12.75
C09 PGW YB . -18.60 13.36 -9.66
C9 PGW YB . -17.46 9.84 -13.63
C10 PGW YB . -18.24 10.82 -14.02
C11 PGW YB . -19.96 13.97 -9.29
O11 PGW YB . -13.33 2.62 -16.82
C12 PGW YB . -19.98 15.51 -9.27
O12 PGW YB . -11.17 1.46 -16.08
C13 PGW YB . -21.22 16.13 -8.61
O13 PGW YB . -11.27 3.10 -18.02
C14 PGW YB . -21.13 17.67 -8.51
O14 PGW YB . -12.35 0.74 -18.19
C15 PGW YB . -13.86 13.04 -19.44
C16 PGW YB . -12.60 13.88 -19.15
C17 PGW YB . -12.31 14.10 -17.64
C18 PGW YB . -12.67 15.51 -17.11
C19 PGW YB . -15.99 5.42 -16.81
C20 PGW YB . -15.02 6.31 -17.55
C21 PGW YB . -15.65 7.61 -18.06
C22 PGW YB . -16.12 8.54 -16.91
C23 PGW YB . -16.05 10.04 -17.27
C24 PGW YB . -17.18 10.55 -18.18
C25 PGW YB . -16.77 11.69 -19.11
C26 PGW YB . -16.24 12.95 -18.39
C27 PGW YB . -15.20 13.78 -19.20
C28 PGW YB . -12.68 15.63 -15.58
C29 PGW YB . -14.71 17.22 -15.34
C30 PGW YB . -13.21 16.97 -15.03
HAD PGW YB . -8.71 0.53 -15.32
HADA PGW YB . -8.01 1.94 -15.03
HOAE PGW YB . -8.17 0.16 -13.02
HOAF PGW YB . -10.81 0.10 -14.03
H01 PGW YB . -13.98 4.78 -15.17
H01A PGW YB . -15.41 4.67 -14.45
H02 PGW YB . -13.73 2.79 -14.12
H2 PGW YB . -17.29 3.32 -12.44
H2A PGW YB . -17.88 1.85 -12.59
H03 PGW YB . -15.03 1.67 -16.40
H03A PGW YB . -13.79 1.06 -15.62
H3 PGW YB . -19.77 3.12 -12.65
H3A PGW YB . -19.50 2.85 -14.19
H04 PGW YB . -10.16 3.11 -15.59
H04A PGW YB . -11.45 2.88 -14.71
H4 PGW YB . -19.93 5.10 -14.07
H4A PGW YB . -18.35 5.02 -14.25
H05 PGW YB . -9.62 2.41 -13.34
H5 PGW YB . -17.97 5.87 -12.20
H5A PGW YB . -19.21 5.09 -11.57
H06 PGW YB . -17.31 12.54 -13.41
H06A PGW YB . -18.76 12.82 -14.00
H6 PGW YB . -19.77 7.31 -11.39
H6A PGW YB . -20.67 6.75 -12.57
H07 PGW YB . -18.55 11.43 -11.53
H07A PGW YB . -19.77 12.29 -12.02
H7 PGW YB . -19.90 8.75 -13.35
H7A PGW YB . -19.04 7.66 -14.14
H08 PGW YB . -18.63 14.28 -11.53
H08A PGW YB . -17.28 13.49 -11.28
H8 PGW YB . -17.21 8.02 -12.70
H8A PGW YB . -18.05 9.04 -11.83
H09 PGW YB . -17.90 13.83 -9.14
H09A PGW YB . -18.57 12.41 -9.39
H11 PGW YB . -20.23 13.64 -8.40
H11A PGW YB . -20.64 13.65 -9.93
H12 PGW YB . -19.90 15.85 -10.19
H12A PGW YB . -19.18 15.81 -8.78
H13 PGW YB . -21.33 15.74 -7.71
H13A PGW YB . -22.02 15.87 -9.14
H14 PGW YB . -21.09 18.05 -9.41
H14A PGW YB . -20.33 17.91 -8.01
H14B PGW YB . -21.91 18.01 -8.04
H15 PGW YB . -13.83 12.24 -18.86
H15A PGW YB . -13.83 12.71 -20.37
H16 PGW YB . -12.71 14.76 -19.58
H16A PGW YB . -11.81 13.45 -19.57
H17 PGW YB . -11.35 13.93 -17.44
H17A PGW YB . -12.81 13.44 -17.12
H18 PGW YB . -12.03 16.17 -17.48
H18A PGW YB . -13.55 15.76 -17.45
H20 PGW YB . -14.64 5.80 -18.32
H20A PGW YB . -14.27 6.53 -16.94
H21 PGW YB . -15.00 8.10 -18.62
H21A PGW YB . -16.42 7.39 -18.64
H22 PGW YB . -15.55 8.37 -16.12
H22A PGW YB . -17.04 8.32 -16.67
H23 PGW YB . -15.19 10.22 -17.72
H23A PGW YB . -16.04 10.57 -16.43
H24 PGW YB . -17.94 10.84 -17.62
H24A PGW YB . -17.51 9.78 -18.73
H25 PGW YB . -17.53 11.95 -19.70
H25A PGW YB . -16.06 11.36 -19.71
H26 PGW YB . -15.82 12.69 -17.54
H26A PGW YB . -17.01 13.54 -18.14
H27 PGW YB . -15.62 14.02 -20.07
H27A PGW YB . -15.03 14.62 -18.73
H28 PGW YB . -13.24 14.90 -15.21
H28A PGW YB . -11.76 15.47 -15.25
H29 PGW YB . -15.01 18.04 -14.91
H29A PGW YB . -14.84 17.30 -16.30
H29B PGW YB . -15.23 16.46 -15.01
H30 PGW YB . -12.67 17.71 -15.42
H30A PGW YB . -13.07 17.00 -14.06
H9 PGW YB . -16.55 9.87 -13.90
H10 PGW YB . -18.85 10.64 -14.73
CAD PGW ZB . -5.48 9.56 -1.56
OAE PGW ZB . -4.24 9.09 -1.02
OAF PGW ZB . -6.82 8.12 -0.14
P PGW ZB . -9.74 9.55 -3.01
C01 PGW ZB . -12.17 10.16 0.45
C1 PGW ZB . -13.26 7.63 1.22
O01 PGW ZB . -11.92 7.76 1.08
C02 PGW ZB . -11.37 8.87 0.30
C2 PGW ZB . -13.70 7.28 2.61
O02 PGW ZB . -14.02 7.73 0.29
C03 PGW ZB . -11.23 8.40 -1.14
C3 PGW ZB . -15.21 7.39 2.84
O03 PGW ZB . -13.18 10.22 -0.58
C04 PGW ZB . -7.95 10.01 -1.13
C4 PGW ZB . -15.68 8.84 3.07
O04 PGW ZB . -15.15 10.94 0.13
C05 PGW ZB . -6.63 9.47 -0.57
C5 PGW ZB . -15.33 9.39 4.46
C06 PGW ZB . -16.91 15.83 5.30
C6 PGW ZB . -16.42 10.28 5.09
C07 PGW ZB . -16.94 15.39 6.76
C7 PGW ZB . -16.55 11.67 4.43
C08 PGW ZB . -16.52 16.48 7.76
C8 PGW ZB . -15.42 12.62 4.77
C09 PGW ZB . -16.29 15.98 9.20
C9 PGW ZB . -15.62 14.00 4.20
C10 PGW ZB . -16.72 14.69 4.33
C11 PGW ZB . -17.57 15.96 10.07
O11 PGW ZB . -10.94 9.57 -1.96
C12 PGW ZB . -18.01 17.35 10.56
O12 PGW ZB . -8.43 9.14 -2.18
C13 PGW ZB . -19.08 17.34 11.65
O13 PGW ZB . -9.64 11.00 -3.44
C14 PGW ZB . -19.39 18.74 12.20
O14 PGW ZB . -10.00 8.49 -4.05
C15 PGW ZB . -15.23 19.39 -1.07
C16 PGW ZB . -14.24 20.56 -0.86
C17 PGW ZB . -13.53 20.56 0.53
C18 PGW ZB . -14.07 21.60 1.53
C19 PGW ZB . -14.12 11.16 -0.45
C20 PGW ZB . -13.75 12.47 -1.09
C21 PGW ZB . -14.85 13.52 -1.01
C22 PGW ZB . -15.15 13.97 0.43
C23 PGW ZB . -15.63 15.43 0.56
C24 PGW ZB . -17.09 15.67 0.16
C25 PGW ZB . -17.35 17.05 -0.46
C26 PGW ZB . -17.00 18.25 0.46
C27 PGW ZB . -16.56 19.53 -0.28
C28 PGW ZB . -13.59 21.39 2.98
C29 PGW ZB . -15.78 22.05 4.19
C30 PGW ZB . -14.26 22.31 4.02
HAD PGW ZB . -5.70 9.02 -2.37
HADA PGW ZB . -5.37 10.50 -1.85
HOAE PGW ZB . -4.34 8.42 -0.50
HOAF PGW ZB . -7.04 7.61 -0.79
H01 PGW ZB . -11.59 10.94 0.37
H01A PGW ZB . -12.61 10.20 1.34
H02 PGW ZB . -10.45 9.03 0.66
H2 PGW ZB . -13.24 7.88 3.26
H2A PGW ZB . -13.39 6.36 2.82
H03 PGW ZB . -12.07 8.00 -1.45
H03A PGW ZB . -10.52 7.73 -1.23
H3 PGW ZB . -15.48 6.85 3.62
H3A PGW ZB . -15.68 7.01 2.05
H04 PGW ZB . -7.82 10.91 -1.47
H04A PGW ZB . -8.63 10.04 -0.41
H4 PGW ZB . -16.66 8.89 2.95
H4A PGW ZB . -15.28 9.42 2.37
H05 PGW ZB . -6.39 10.00 0.24
H5 PGW ZB . -14.48 9.91 4.42
H5A PGW ZB . -15.16 8.63 5.07
H06 PGW ZB . -16.17 16.46 5.17
H06A PGW ZB . -17.75 16.32 5.08
H6 PGW ZB . -16.23 10.41 6.05
H6A PGW ZB . -17.29 9.81 5.03
H07 PGW ZB . -16.34 14.62 6.87
H07A PGW ZB . -17.84 15.06 6.99
H7 PGW ZB . -17.40 12.08 4.72
H7A PGW ZB . -16.59 11.56 3.46
H08 PGW ZB . -17.21 17.19 7.77
H08A PGW ZB . -15.69 16.91 7.42
H8 PGW ZB . -14.56 12.25 4.43
H8A PGW ZB . -15.33 12.69 5.75
H09 PGW ZB . -15.62 16.55 9.65
H09A PGW ZB . -15.91 15.07 9.16
H11 PGW ZB . -17.42 15.38 10.86
H11A PGW ZB . -18.31 15.56 9.54
H12 PGW ZB . -18.34 17.88 9.79
H12A PGW ZB . -17.21 17.83 10.90
H13 PGW ZB . -18.77 16.75 12.40
H13A PGW ZB . -19.90 16.92 11.29
H14 PGW ZB . -19.76 19.30 11.49
H14A PGW ZB . -18.58 19.16 12.53
H14B PGW ZB . -20.04 18.69 12.93
H15 PGW ZB . -14.79 18.56 -0.78
H15A PGW ZB . -15.42 19.30 -2.03
H16 PGW ZB . -14.72 21.41 -0.95
H16A PGW ZB . -13.55 20.54 -1.57
H17 PGW ZB . -12.55 20.71 0.42
H17A PGW ZB . -13.62 19.67 0.93
H18 PGW ZB . -13.80 22.50 1.23
H18A PGW ZB . -15.05 21.58 1.51
H20 PGW ZB . -13.52 12.30 -2.05
H20A PGW ZB . -12.94 12.81 -0.66
H21 PGW ZB . -14.59 14.32 -1.54
H21A PGW ZB . -15.68 13.17 -1.42
H22 PGW ZB . -14.33 13.86 0.97
H22A PGW ZB . -15.84 13.39 0.84
H23 PGW ZB . -15.05 16.00 -0.02
H23A PGW ZB . -15.49 15.75 1.49
H24 PGW ZB . -17.68 15.56 0.95
H24A PGW ZB . -17.36 14.97 -0.49
H25 PGW ZB . -18.31 17.13 -0.73
H25A PGW ZB . -16.82 17.13 -1.28
H26 PGW ZB . -16.26 17.98 1.06
H26A PGW ZB . -17.77 18.45 1.05
H27 PGW ZB . -17.29 19.78 -0.91
H27A PGW ZB . -16.48 20.26 0.36
H28 PGW ZB . -13.77 20.45 3.23
H28A PGW ZB . -12.61 21.51 3.01
H29 PGW ZB . -16.14 22.60 4.92
H29A PGW ZB . -16.25 22.28 3.36
H29B PGW ZB . -15.94 21.12 4.40
H30 PGW ZB . -14.12 23.25 3.75
H30A PGW ZB . -13.82 22.18 4.89
H9 PGW ZB . -14.90 14.41 3.72
H10 PGW ZB . -17.46 14.45 3.77
CAD PGW AC . -0.69 15.57 12.23
OAE PGW AC . 0.75 15.49 12.27
OAF PGW AC . -1.00 13.49 13.42
P PGW AC . -5.00 14.34 11.95
C01 PGW AC . -6.18 13.30 15.94
C1 PGW AC . -6.19 10.45 16.13
O01 PGW AC . -5.07 11.08 15.72
C02 PGW AC . -5.15 12.45 15.20
C2 PGW AC . -6.02 9.69 17.42
O02 PGW AC . -7.22 10.46 15.51
C03 PGW AC . -5.38 12.37 13.71
C3 PGW AC . -7.33 9.20 18.03
O03 PGW AC . -7.46 13.20 15.25
C04 PGW AC . -2.88 15.01 13.39
C4 PGW AC . -8.09 10.30 18.81
O04 PGW AC . -9.20 13.00 16.61
C05 PGW AC . -1.36 14.87 13.40
C5 PGW AC . -7.45 10.64 20.17
C06 PGW AC . -10.41 15.76 23.29
C6 PGW AC . -8.47 10.93 21.28
C07 PGW AC . -9.81 15.05 24.51
C7 PGW AC . -9.20 12.27 21.15
C08 PGW AC . -9.40 16.00 25.65
C8 PGW AC . -8.33 13.49 21.45
C09 PGW AC . -8.58 15.33 26.77
C9 PGW AC . -9.10 14.78 21.41
C10 PGW AC . -10.24 14.99 22.01
C11 PGW AC . -9.42 14.67 27.88
O11 PGW AC . -5.73 13.69 13.22
C12 PGW AC . -10.04 15.67 28.87
O12 PGW AC . -3.43 14.25 12.27
C13 PGW AC . -10.63 15.06 30.14
O13 PGW AC . -5.45 15.77 11.99
C14 PGW AC . -11.13 16.11 31.14
O14 PGW AC . -5.28 13.48 10.74
C15 PGW AC . -12.04 20.90 18.12
C16 PGW AC . -11.40 22.29 18.42
C17 PGW AC . -10.30 22.25 19.51
C18 PGW AC . -10.74 22.81 20.87
C19 PGW AC . -8.52 13.68 15.89
C20 PGW AC . -8.77 15.14 15.60
C21 PGW AC . -10.04 15.69 16.28
C22 PGW AC . -9.94 15.70 17.82
C23 PGW AC . -10.73 16.83 18.49
C24 PGW AC . -12.26 16.59 18.57
C25 PGW AC . -13.08 17.89 18.50
C26 PGW AC . -12.79 18.92 19.61
C27 PGW AC . -13.02 20.39 19.21
C28 PGW AC . -9.77 22.49 22.02
C29 PGW AC . -11.52 22.06 23.88
C30 PGW AC . -10.28 22.87 23.44
HAD PGW AC . -1.01 15.17 11.38
HADA PGW AC . -0.94 16.54 12.22
HOAE PGW AC . 1.02 14.74 12.58
HOAF PGW AC . -1.28 13.08 12.73
H01 PGW AC . -5.91 14.25 15.95
H01A PGW AC . -6.29 13.00 16.88
H02 PGW AC . -4.25 12.86 15.35
H2 PGW AC . -5.56 10.27 18.08
H2A PGW AC . -5.42 8.92 17.25
H03 PGW AC . -6.13 11.77 13.50
H03A PGW AC . -4.58 12.04 13.23
H3 PGW AC . -7.16 8.45 18.65
H3A PGW AC . -7.91 8.84 17.32
H04 PGW AC . -3.13 15.94 13.30
H04A PGW AC . -3.26 14.65 14.21
H4 PGW AC . -9.02 10.01 18.96
H4A PGW AC . -8.12 11.12 18.24
H05 PGW AC . -1.01 15.28 14.25
H5 PGW AC . -6.85 11.42 20.08
H5A PGW AC . -6.88 9.89 20.45
H06 PGW AC . -9.96 16.64 23.19
H06A PGW AC . -11.36 15.94 23.46
H6 PGW AC . -8.02 10.92 22.16
H6A PGW AC . -9.14 10.20 21.31
H07 PGW AC . -9.01 14.55 24.23
H07A PGW AC . -10.45 14.38 24.86
H7 PGW AC . -9.99 12.28 21.74
H7A PGW AC . -9.54 12.35 20.22
H08 PGW AC . -10.22 16.39 26.05
H08A PGW AC . -8.89 16.75 25.27
H8 PGW AC . -7.58 13.52 20.81
H8A PGW AC . -7.95 13.39 22.36
H09 PGW AC . -7.99 16.00 27.19
H09A PGW AC . -8.00 14.65 26.36
H11 PGW AC . -8.86 14.03 28.40
H11A PGW AC . -10.15 14.15 27.46
H12 PGW AC . -10.75 16.19 28.41
H12A PGW AC . -9.34 16.33 29.13
H13 PGW AC . -9.94 14.49 30.57
H13A PGW AC . -11.38 14.46 29.88
H14 PGW AC . -11.86 16.62 30.75
H14A PGW AC . -10.40 16.72 31.38
H14B PGW AC . -11.45 15.68 31.96
H15 PGW AC . -11.31 20.25 18.01
H15A PGW AC . -12.51 20.95 17.24
H16 PGW AC . -12.11 22.90 18.70
H16A PGW AC . -11.03 22.66 17.58
H17 PGW AC . -9.51 22.77 19.21
H17A PGW AC . -10.01 21.33 19.63
H18 PGW AC . -10.86 23.78 20.82
H18A PGW AC . -11.62 22.42 21.10
H20 PGW AC . -8.83 15.27 14.62
H20A PGW AC . -7.99 15.67 15.91
H21 PGW AC . -10.20 16.61 15.98
H21A PGW AC . -10.81 15.16 16.00
H22 PGW AC . -8.98 15.78 18.08
H22A PGW AC . -10.25 14.83 18.18
H23 PGW AC . -10.58 17.66 18.00
H23A PGW AC . -10.39 16.98 19.42
H24 PGW AC . -12.48 16.12 19.40
H24A PGW AC . -12.52 16.00 17.82
H25 PGW AC . -14.06 17.66 18.50
H25A PGW AC . -12.91 18.32 17.62
H26 PGW AC . -11.85 18.82 19.89
H26A PGW AC . -13.34 18.70 20.41
H27 PGW AC . -13.95 20.49 18.89
H27A PGW AC . -12.93 20.95 20.00
H28 PGW AC . -9.58 21.52 22.02
H28A PGW AC . -8.91 22.95 21.85
H29 PGW AC . -11.75 22.28 24.81
H29A PGW AC . -12.28 22.26 23.32
H29B PGW AC . -11.32 21.10 23.83
H30 PGW AC . -10.51 23.84 23.44
H30A PGW AC . -9.55 22.74 24.09
H9 PGW AC . -8.73 15.51 20.91
H10 PGW AC . -11.02 14.62 21.60
CAD PGW BC . 6.56 19.98 25.54
OAE PGW BC . 7.88 20.41 25.20
OAF PGW BC . 7.26 17.72 26.08
P PGW BC . 2.94 17.35 25.97
C01 PGW BC . 3.50 15.17 29.61
C1 PGW BC . 4.36 12.53 28.93
O01 PGW BC . 5.05 13.59 28.46
C02 PGW BC . 4.43 14.91 28.42
C2 PGW BC . 5.17 11.64 29.84
O02 PGW BC . 3.23 12.30 28.60
C03 PGW BC . 3.73 15.06 27.08
C3 PGW BC . 4.33 10.60 30.58
O03 PGW BC . 2.15 14.77 29.28
C04 PGW BC . 5.14 18.43 26.97
C4 PGW BC . 3.59 11.17 31.81
O04 PGW BC . 1.09 13.67 30.90
C05 PGW BC . 6.54 18.87 26.57
C5 PGW BC . 4.53 11.42 33.02
C06 PGW BC . 1.49 14.38 38.18
C6 PGW BC . 3.90 11.09 34.39
C07 PGW BC . 2.63 13.70 38.93
C7 PGW BC . 2.82 12.08 34.84
C08 PGW BC . 3.11 14.47 40.18
C8 PGW BC . 3.37 13.44 35.28
C09 PGW BC . 4.42 13.93 40.80
C9 PGW BC . 2.31 14.35 35.82
C10 PGW BC . 1.42 14.00 36.73
C11 PGW BC . 4.21 12.80 41.83
O11 PGW BC . 2.89 16.24 27.13
C12 PGW BC . 3.71 13.29 43.19
O12 PGW BC . 4.48 17.78 25.86
C13 PGW BC . 3.78 12.25 44.31
O13 PGW BC . 2.14 18.49 26.55
C14 PGW BC . 3.37 12.82 45.69
O14 PGW BC . 2.51 16.72 24.68
C15 PGW BC . -3.17 19.53 35.40
C16 PGW BC . -2.88 20.96 35.94
C17 PGW BC . -1.51 21.10 36.66
C18 PGW BC . -1.61 21.16 38.20
C19 PGW BC . 1.28 14.68 30.27
C20 PGW BC . 0.55 15.98 30.52
C21 PGW BC . -0.51 15.88 31.62
C22 PGW BC . 0.09 15.61 33.02
C23 PGW BC . -0.72 16.21 34.18
C24 PGW BC . -2.00 15.44 34.55
C25 PGW BC . -3.14 16.33 35.08
C26 PGW BC . -2.78 17.14 36.35
C27 PGW BC . -3.53 18.49 36.48
C28 PGW BC . -0.26 20.99 38.92
C29 PGW BC . -1.08 19.59 40.93
C30 PGW BC . -0.35 20.87 40.45
HAD PGW BC . 6.09 19.68 24.71
HADA PGW BC . 6.05 20.76 25.89
HOAE PGW BC . 8.44 19.76 25.17
HOAF PGW BC . 6.90 17.41 25.38
H01 PGW BC . 3.48 16.12 29.86
H01A PGW BC . 3.81 14.67 30.41
H02 PGW BC . 5.17 15.58 28.46
H2 PGW BC . 5.63 12.20 30.51
H2A PGW BC . 5.85 11.19 29.30
H03 PGW BC . 3.16 14.29 26.89
H03A PGW BC . 4.38 15.15 26.35
H3 PGW BC . 4.90 9.85 30.87
H3A PGW BC . 3.66 10.21 29.96
H04 PGW BC . 4.62 19.22 27.24
H04A PGW BC . 5.17 17.80 27.72
H4 PGW BC . 2.89 10.54 32.10
H4A PGW BC . 3.15 12.01 31.56
H05 PGW BC . 7.03 19.18 27.39
H5 PGW BC . 4.81 12.37 33.02
H5A PGW BC . 5.35 10.88 32.90
H06 PGW BC . 1.61 15.36 38.24
H06A PGW BC . 0.63 14.16 38.63
H6 PGW BC . 4.62 11.06 35.07
H6A PGW BC . 3.52 10.19 34.34
H07 PGW BC . 3.40 13.59 38.33
H07A PGW BC . 2.36 12.79 39.21
H7 PGW BC . 2.31 11.68 35.59
H7A PGW BC . 2.19 12.22 34.11
H08 PGW BC . 2.40 14.45 40.86
H08A PGW BC . 3.24 15.42 39.92
H8 PGW BC . 3.82 13.87 34.52
H8A PGW BC . 4.05 13.30 35.99
H09 PGW BC . 4.90 14.67 41.23
H09A PGW BC . 4.99 13.60 40.06
H11 PGW BC . 5.07 12.32 41.96
H11A PGW BC . 3.58 12.14 41.46
H12 PGW BC . 2.77 13.60 43.10
H12A PGW BC . 4.24 14.08 43.46
H13 PGW BC . 4.71 11.90 44.36
H13A PGW BC . 3.19 11.49 44.08
H14 PGW BC . 2.45 13.12 45.66
H14A PGW BC . 3.95 13.59 45.90
H14B PGW BC . 3.48 12.15 46.39
H15 PGW BC . -2.36 19.22 34.92
H15A PGW BC . -3.89 19.58 34.72
H16 PGW BC . -3.60 21.20 36.57
H16A PGW BC . -2.93 21.60 35.19
H17 PGW BC . -1.04 21.91 36.34
H17A PGW BC . -0.94 20.34 36.41
H18 PGW BC . -2.01 22.03 38.46
H18A PGW BC . -2.21 20.45 38.51
H20 PGW BC . 0.12 16.28 29.67
H20A PGW BC . 1.21 16.67 30.77
H21 PGW BC . -1.02 16.73 31.66
H21A PGW BC . -1.16 15.17 31.40
H22 PGW BC . 1.01 15.97 33.04
H22A PGW BC . 0.16 14.63 33.17
H23 PGW BC . -0.98 17.13 33.94
H23A PGW BC . -0.14 16.29 34.98
H24 PGW BC . -1.78 14.75 35.23
H24A PGW BC . -2.32 14.95 33.74
H25 PGW BC . -3.94 15.77 35.27
H25A PGW BC . -3.40 16.97 34.37
H26 PGW BC . -1.81 17.33 36.35
H26A PGW BC . -2.94 16.59 37.16
H27 PGW BC . -4.50 18.30 36.46
H27A PGW BC . -3.35 18.87 37.37
H28 PGW BC . 0.19 20.18 38.56
H28A PGW BC . 0.33 21.75 38.68
H29 PGW BC . -1.03 19.51 41.90
H29A PGW BC . -2.01 19.60 40.65
H29B PGW BC . -0.65 18.80 40.54
H30 PGW BC . -0.81 21.66 40.80
H30A PGW BC . 0.57 20.87 40.83
H9 PGW BC . 2.27 15.25 35.50
H10 PGW BC . 0.69 13.47 36.43
CAD PGW CC . 16.32 23.88 37.29
OAE PGW CC . 17.27 24.81 36.79
OAF PGW CC . 17.77 21.96 36.93
P PGW CC . 13.95 20.09 37.80
C01 PGW CC . 16.30 17.56 40.33
C1 PGW CC . 17.58 15.61 38.69
O01 PGW CC . 17.74 16.91 38.42
C02 PGW CC . 16.79 17.91 38.93
C2 PGW CC . 18.85 14.91 39.06
O02 PGW CC . 16.51 15.05 38.60
C03 PGW CC . 15.67 18.07 37.92
C3 PGW CC . 18.64 13.50 39.62
O03 PGW CC . 15.08 16.78 40.24
C04 PGW CC . 15.96 21.67 38.49
C4 PGW CC . 18.24 13.50 41.11
O04 PGW CC . 14.99 15.07 41.65
C05 PGW CC . 16.97 22.64 37.91
C5 PGW CC . 19.42 13.83 42.06
C06 PGW CC . 17.59 14.36 48.47
C6 PGW CC . 19.41 13.02 43.37
C07 PGW CC . 19.07 14.01 48.68
C7 PGW CC . 18.32 13.44 44.37
C08 PGW CC . 19.70 14.63 49.93
C8 PGW CC . 18.57 14.78 45.05
C09 PGW CC . 21.24 14.48 50.01
C9 PGW CC . 17.54 15.12 46.09
C10 PGW CC . 17.15 14.30 47.04
C11 PGW CC . 21.72 13.18 50.66
O11 PGW CC . 14.60 18.83 38.54
C12 PGW CC . 21.59 13.16 52.19
O12 PGW CC . 15.17 21.06 37.43
C13 PGW CC . 22.32 12.01 52.89
O13 PGW CC . 13.11 20.71 38.87
C14 PGW CC . 22.26 12.10 54.43
O14 PGW CC . 13.30 19.62 36.52
C15 PGW CC . 11.03 17.95 48.65
C16 PGW CC . 11.07 19.23 49.50
C17 PGW CC . 12.50 19.72 49.87
C18 PGW CC . 12.92 19.43 51.32
C19 PGW CC . 14.65 16.17 41.35
C20 PGW CC . 13.71 17.05 42.16
C21 PGW CC . 13.17 16.36 43.40
C22 PGW CC . 14.25 16.04 44.45
C23 PGW CC . 13.75 16.06 45.91
C24 PGW CC . 12.94 14.81 46.32
C25 PGW CC . 11.85 15.11 47.37
C26 PGW CC . 12.37 15.72 48.70
C27 PGW CC . 11.35 16.64 49.41
C28 PGW CC . 14.42 19.61 51.60
C29 PGW CC . 14.75 17.62 53.23
C30 PGW CC . 14.89 19.15 53.00
HAD PGW CC . 15.71 23.60 36.56
HADA PGW CC . 15.77 24.34 37.98
HOAE PGW CC . 17.96 24.44 36.42
HOAF PGW CC . 17.29 21.68 36.28
H01 PGW CC . 16.09 18.37 40.85
H01A PGW CC . 16.98 17.06 40.85
H02 PGW CC . 17.29 18.77 38.99
H2 PGW CC . 19.35 15.44 39.72
H2A PGW CC . 19.43 14.86 38.25
H03 PGW CC . 15.32 17.19 37.66
H03A PGW CC . 16.00 18.53 37.11
H3 PGW CC . 19.47 12.97 39.53
H3A PGW CC . 17.94 13.03 39.10
H04 PGW CC . 15.36 22.13 39.11
H04A PGW CC . 16.42 20.96 38.99
H4 PGW CC . 17.88 12.62 41.36
H4A PGW CC . 17.52 14.16 41.24
H05 PGW CC . 17.58 22.94 38.64
H5 PGW CC . 19.41 14.79 42.29
H5A PGW CC . 20.27 13.66 41.59
H06 PGW CC . 17.46 15.29 48.79
H06A PGW CC . 17.03 13.78 49.03
H6 PGW CC . 20.29 13.12 43.83
H6A PGW CC . 19.30 12.07 43.15
H07 PGW CC . 19.59 14.30 47.89
H07A PGW CC . 19.16 13.02 48.71
H7 PGW CC . 18.22 12.74 45.06
H7A PGW CC . 17.46 13.49 43.89
H08 PGW CC . 19.30 14.22 50.73
H08A PGW CC . 19.45 15.59 49.96
H8 PGW CC . 18.60 15.49 44.37
H8A PGW CC . 19.46 14.75 45.49
H09 PGW CC . 21.62 15.24 50.52
H09A PGW CC . 21.60 14.55 49.09
H11 PGW CC . 22.66 13.02 50.43
H11A PGW CC . 21.20 12.42 50.28
H12 PGW CC . 20.63 13.11 52.43
H12A PGW CC . 21.93 14.01 52.54
H13 PGW CC . 23.27 12.01 52.60
H13A PGW CC . 21.93 11.15 52.59
H14 PGW CC . 21.33 12.04 54.72
H14A PGW CC . 22.62 12.96 54.71
H14B PGW CC . 22.78 11.38 54.83
H15 PGW CC . 11.67 18.05 47.92
H15A PGW CC . 10.14 17.87 48.22
H16 PGW CC . 10.57 19.07 50.34
H16A PGW CC . 10.59 19.96 49.02
H17 PGW CC . 12.59 20.69 49.71
H17A PGW CC . 13.14 19.27 49.27
H18 PGW CC . 12.41 20.01 51.93
H18A PGW CC . 12.67 18.50 51.54
H20 PGW CC . 12.97 17.33 41.57
H20A PGW CC . 14.20 17.86 42.43
H21 PGW CC . 12.48 16.93 43.82
H21A PGW CC . 12.70 15.52 43.13
H22 PGW CC . 14.98 16.69 44.35
H22A PGW CC . 14.64 15.15 44.27
H23 PGW CC . 13.17 16.85 46.02
H23A PGW CC . 14.51 16.17 46.52
H24 PGW CC . 13.56 14.13 46.69
H24A PGW CC . 12.52 14.42 45.52
H25 PGW CC . 11.34 14.28 47.57
H25A PGW CC . 11.20 15.74 46.98
H26 PGW CC . 13.18 16.25 48.51
H26A PGW CC . 12.64 14.99 49.31
H27 PGW CC . 10.53 16.13 49.58
H27A PGW CC . 11.72 16.88 50.31
H28 PGW CC . 14.92 19.09 50.92
H28A PGW CC . 14.65 20.56 51.47
H29 PGW CC . 15.14 17.37 54.09
H29A PGW CC . 13.81 17.36 53.21
H29B PGW CC . 15.22 17.14 52.51
H30 PGW CC . 14.36 19.62 53.68
H30A PGW CC . 15.84 19.41 53.12
H9 PGW CC . 17.15 15.98 46.07
H10 PGW CC . 16.54 13.61 46.79
CAD PGW DC . 27.94 28.56 46.88
OAE PGW DC . 28.36 29.86 46.46
OAF PGW DC . 29.65 27.42 45.61
P PGW DC . 27.04 24.16 46.78
C01 PGW DC . 30.72 22.19 47.75
C1 PGW DC . 31.86 21.22 45.33
O01 PGW DC . 31.54 22.52 45.43
C02 PGW DC . 30.60 22.98 46.45
C2 PGW DC . 33.33 20.95 45.13
O02 PGW DC . 31.04 20.34 45.33
C03 PGW DC . 29.21 22.92 45.84
C3 PGW DC . 33.73 19.49 45.27
O03 PGW DC . 29.82 21.06 47.72
C04 PGW DC . 28.64 26.18 47.40
C4 PGW DC . 33.87 19.04 46.74
O04 PGW DC . 30.69 19.18 48.52
C05 PGW DC . 29.07 27.55 46.91
C5 PGW DC . 35.15 19.57 47.42
C06 PGW DC . 35.53 18.08 53.93
C6 PGW DC . 35.81 18.56 48.38
C07 PGW DC . 37.02 18.24 53.63
C7 PGW DC . 35.05 18.35 49.70
C08 PGW DC . 37.84 18.78 54.82
C8 PGW DC . 35.13 19.52 50.67
C09 PGW DC . 39.28 19.18 54.46
C9 PGW DC . 34.47 19.23 51.98
C10 PGW DC . 34.66 18.15 52.70
C11 PGW DC . 40.30 18.04 54.55
O11 PGW DC . 28.23 23.10 46.91
C12 PGW DC . 40.71 17.66 55.98
O12 PGW DC . 27.74 25.56 46.44
C13 PGW DC . 41.93 16.74 56.09
O13 PGW DC . 26.48 24.21 48.17
C14 PGW DC . 42.36 16.49 57.54
O14 PGW DC . 26.16 23.76 45.63
C15 PGW DC . 28.68 18.93 56.82
C16 PGW DC . 28.64 19.95 57.99
C17 PGW DC . 29.91 20.82 58.13
C18 PGW DC . 30.86 20.41 59.26
C19 PGW DC . 29.97 20.13 48.67
C20 PGW DC . 29.16 20.42 49.91
C21 PGW DC . 29.28 19.33 50.98
C22 PGW DC . 30.69 19.22 51.58
C23 PGW DC . 30.73 18.75 53.04
C24 PGW DC . 30.49 17.25 53.26
C25 PGW DC . 29.78 16.91 54.58
C26 PGW DC . 30.52 17.38 55.85
C27 PGW DC . 29.60 17.71 57.04
C28 PGW DC . 32.25 21.06 59.19
C29 PGW DC . 33.66 19.05 60.00
C30 PGW DC . 33.27 20.53 60.22
HAD PGW DC . 27.22 28.25 46.28
HADA PGW DC . 27.55 28.64 47.80
HOAE PGW DC . 28.96 29.84 45.85
HOAF PGW DC . 29.08 27.13 45.04
H01 PGW DC . 30.48 22.75 48.52
H01A PGW DC . 31.65 21.88 47.89
H02 PGW DC . 30.82 23.92 46.64
H2 PGW DC . 33.85 21.49 45.78
H2A PGW DC . 33.58 21.28 44.23
H03 PGW DC . 29.04 22.05 45.42
H03A PGW DC . 29.09 23.62 45.16
H3 PGW DC . 34.59 19.32 44.80
H3A PGW DC . 33.05 18.92 44.82
H04 PGW DC . 28.19 26.26 48.27
H04A PGW DC . 29.42 25.60 47.52
H4 PGW DC . 33.88 18.05 46.79
H4A PGW DC . 33.08 19.35 47.25
H05 PGW DC . 29.78 27.90 47.52
H5 PGW DC . 34.94 20.40 47.93
H5A PGW DC . 35.80 19.81 46.72
H06 PGW DC . 35.25 18.80 54.54
H06A PGW DC . 35.37 17.23 54.40
H6 PGW DC . 36.72 18.87 48.60
H6A PGW DC . 35.91 17.69 47.91
H07 PGW DC . 37.13 18.86 52.87
H07A PGW DC . 37.39 17.38 53.34
H7 PGW DC . 35.39 17.53 50.14
H7A PGW DC . 34.11 18.17 49.48
H08 PGW DC . 37.86 18.10 55.53
H08A PGW DC . 37.36 19.56 55.20
H8 PGW DC . 34.73 20.31 50.25
H8A PGW DC . 36.09 19.72 50.84
H09 PGW DC . 39.58 19.91 55.07
H09A PGW DC . 39.28 19.56 53.55
H11 PGW DC . 41.11 18.29 54.05
H11A PGW DC . 39.92 17.24 54.09
H12 PGW DC . 39.93 17.24 56.43
H12A PGW DC . 40.89 18.49 56.48
H13 PGW DC . 42.67 17.14 55.58
H13A PGW DC . 41.71 15.87 55.65
H14 PGW DC . 41.64 16.03 58.03
H14A PGW DC . 42.54 17.33 57.98
H14B PGW DC . 43.16 15.94 57.56
H15 PGW DC . 28.98 19.40 56.02
H15A PGW DC . 27.75 18.62 56.63
H16 PGW DC . 28.51 19.45 58.83
H16A PGW DC . 27.85 20.53 57.89
H17 PGW DC . 29.66 21.77 58.24
H17A PGW DC . 30.41 20.77 57.28
H18 PGW DC . 30.45 20.63 60.12
H18A PGW DC . 30.97 19.43 59.25
H20 PGW DC . 28.20 20.52 49.65
H20A PGW DC . 29.45 21.28 50.29
H21 PGW DC . 28.64 19.52 51.71
H21A PGW DC . 29.01 18.46 50.59
H22 PGW DC . 31.13 20.10 51.51
H22A PGW DC . 31.23 18.59 51.04
H23 PGW DC . 30.02 19.25 53.54
H23A PGW DC . 31.60 19.01 53.45
H24 PGW DC . 31.36 16.77 53.23
H24A PGW DC . 29.95 16.91 52.50
H25 PGW DC . 29.63 15.92 54.63
H25A PGW DC . 28.89 17.33 54.57
H26 PGW DC . 31.04 18.19 55.63
H26A PGW DC . 31.18 16.68 56.11
H27 PGW DC . 29.04 16.91 57.24
H27A PGW DC . 30.15 17.86 57.84
H28 PGW DC . 32.62 20.92 58.29
H28A PGW DC . 32.16 22.04 59.31
H29 PGW DC . 34.37 18.77 60.62
H29A PGW DC . 32.88 18.47 60.14
H29B PGW DC . 33.98 18.92 59.09
H30 PGW DC . 32.90 20.63 61.13
H30A PGW DC . 34.09 21.08 60.18
H9 PGW DC . 33.86 19.89 52.33
H10 PGW DC . 34.22 17.36 52.41
CAD PGW EC . 40.33 35.06 54.22
OAE PGW EC . 40.20 36.48 54.12
OAF PGW EC . 41.76 34.90 52.27
P PGW EC . 40.72 30.75 53.00
C01 PGW EC . 44.90 30.07 52.38
C1 PGW EC . 45.39 30.10 49.56
O01 PGW EC . 44.78 31.16 50.14
C02 PGW EC . 44.14 31.02 51.45
C2 PGW EC . 46.72 30.44 48.94
O02 PGW EC . 44.89 29.01 49.52
C03 PGW EC . 42.69 30.59 51.23
C3 PGW EC . 47.53 29.21 48.52
O03 PGW EC . 44.40 28.73 52.23
C04 PGW EC . 41.80 33.03 53.79
C4 PGW EC . 48.28 28.56 49.70
O04 PGW EC . 45.98 27.17 52.18
C05 PGW EC . 41.64 34.54 53.65
C5 PGW EC . 49.51 29.36 50.17
C06 PGW EC . 52.45 26.81 55.61
C6 PGW EC . 50.72 28.48 50.58
C07 PGW EC . 53.66 27.55 55.01
C7 PGW EC . 50.53 27.74 51.92
C08 PGW EC . 54.63 28.10 56.07
C8 PGW EC . 50.60 28.64 53.15
C09 PGW EC . 55.70 29.06 55.50
C9 PGW EC . 50.52 27.87 54.44
C10 PGW EC . 51.24 26.81 54.72
C11 PGW EC . 56.97 28.36 54.98
O11 PGW EC . 42.13 30.18 52.50
C12 PGW EC . 57.91 27.87 56.08
O12 PGW EC . 40.85 32.35 52.94
C13 PGW EC . 59.31 27.45 55.59
O13 PGW EC . 40.67 30.30 54.44
C14 PGW EC . 60.26 27.08 56.75
O14 PGW EC . 39.66 30.31 52.04
C15 PGW EC . 47.03 24.53 60.23
C16 PGW EC . 47.12 25.19 61.62
C17 PGW EC . 48.06 26.43 61.69
C18 PGW EC . 49.41 26.16 62.38
C19 PGW EC . 45.12 27.75 52.79
C20 PGW EC . 44.72 27.46 54.21
C21 PGW EC . 45.49 26.30 54.84
C22 PGW EC . 47.00 26.59 55.00
C23 PGW EC . 47.65 25.87 56.20
C24 PGW EC . 47.94 24.38 55.99
C25 PGW EC . 47.83 23.53 57.28
C26 PGW EC . 48.80 23.97 58.40
C27 PGW EC . 48.28 23.69 59.83
C28 PGW EC . 50.45 27.27 62.17
C29 PGW EC . 52.55 25.77 61.94
C30 PGW EC . 51.87 26.94 62.69
HAD PGW EC . 39.57 34.63 53.74
HADA PGW EC . 40.26 34.80 55.18
HOAE PGW EC . 40.54 36.80 53.41
HOAF PGW EC . 41.14 34.54 51.80
H01 PGW EC . 44.80 30.35 53.33
H01A PGW EC . 45.88 30.09 52.18
H02 PGW EC . 44.13 31.93 51.86
H2 PGW EC . 47.25 30.97 49.58
H2A PGW EC . 46.55 31.01 48.15
H03 PGW EC . 42.65 29.82 50.61
H03A PGW EC . 42.17 31.32 50.84
H3 PGW EC . 48.19 29.46 47.84
H3A PGW EC . 46.93 28.54 48.10
H04 PGW EC . 41.66 32.76 54.73
H04A PGW EC . 42.70 32.76 53.53
H4 PGW EC . 48.57 27.65 49.45
H4A PGW EC . 47.65 28.45 50.46
H05 PGW EC . 42.39 34.99 54.14
H5 PGW EC . 49.26 29.94 50.94
H5A PGW EC . 49.80 29.96 49.44
H06 PGW EC . 52.21 27.25 56.46
H06A PGW EC . 52.71 25.88 55.82
H6 PGW EC . 51.52 29.04 50.66
H6A PGW EC . 50.89 27.83 49.86
H07 PGW EC . 53.33 28.32 54.48
H07A PGW EC . 54.14 26.96 54.39
H7 PGW EC . 51.22 27.03 51.99
H7A PGW EC . 49.65 27.29 51.90
H08 PGW EC . 55.09 27.33 56.51
H08A PGW EC . 54.12 28.56 56.78
H8 PGW EC . 49.88 29.31 53.10
H8A PGW EC . 51.46 29.14 53.13
H09 PGW EC . 55.97 29.70 56.21
H09A PGW EC . 55.29 29.59 54.78
H11 PGW EC . 57.47 28.98 54.39
H11A PGW EC . 56.70 27.60 54.41
H12 PGW EC . 57.50 27.11 56.55
H12A PGW EC . 58.02 28.59 56.74
H13 PGW EC . 59.70 28.19 55.07
H13A PGW EC . 59.22 26.68 54.98
H14 PGW EC . 59.91 26.31 57.23
H14A PGW EC . 60.33 27.83 57.36
H14B PGW EC . 61.15 26.86 56.40
H15 PGW EC . 46.90 25.23 59.56
H15A PGW EC . 46.22 23.94 60.19
H16 PGW EC . 47.42 24.52 62.28
H16A PGW EC . 46.19 25.46 61.91
H17 PGW EC . 47.61 27.17 62.16
H17A PGW EC . 48.23 26.73 60.77
H18 PGW EC . 49.26 26.03 63.35
H18A PGW EC . 49.78 25.31 62.04
H20 PGW EC . 43.75 27.27 54.24
H20A PGW EC . 44.87 28.27 54.75
H21 PGW EC . 45.12 26.09 55.72
H21A PGW EC . 45.37 25.49 54.28
H22 PGW EC . 47.12 27.56 55.09
H22A PGW EC . 47.48 26.32 54.18
H23 PGW EC . 47.06 25.97 56.97
H23A PGW EC . 48.50 26.33 56.44
H24 PGW EC . 48.83 24.26 55.60
H24A PGW EC . 47.29 24.02 55.32
H25 PGW EC . 47.99 22.58 57.06
H25A PGW EC . 46.91 23.60 57.62
H26 PGW EC . 48.97 24.95 58.32
H26A PGW EC . 49.68 23.53 58.27
H27 PGW EC . 48.08 22.72 59.91
H27A PGW EC . 49.00 23.88 60.48
H28 PGW EC . 50.51 27.46 61.21
H28A PGW EC . 50.13 28.10 62.61
H29 PGW EC . 53.47 25.66 62.26
H29A PGW EC . 52.06 24.94 62.09
H29B PGW EC . 52.56 25.95 60.98
H30 PGW EC . 51.80 26.71 63.66
H30A PGW EC . 52.43 27.74 62.63
H9 PGW EC . 49.92 28.17 55.11
H10 PGW EC . 50.97 25.99 54.32
CAD PGW FC . 52.15 43.95 59.85
OAE PGW FC . 51.61 45.21 60.22
OAF PGW FC . 52.82 44.71 57.64
P PGW FC . 53.29 40.41 57.31
C01 PGW FC . 57.03 41.42 55.50
C1 PGW FC . 56.52 42.19 52.79
O01 PGW FC . 55.87 42.82 53.79
C02 PGW FC . 55.77 42.19 55.12
C2 PGW FC . 57.41 43.11 51.99
O02 PGW FC . 56.36 41.03 52.54
C03 PGW FC . 54.51 41.34 55.14
C3 PGW FC . 58.34 42.37 51.03
O03 PGW FC . 56.91 40.04 55.08
C04 PGW FC . 53.90 42.71 58.47
C4 PGW FC . 59.60 41.79 51.74
O04 PGW FC . 58.75 39.20 54.16
C05 PGW FC . 53.28 44.05 58.83
C5 PGW FC . 60.64 42.88 52.10
C06 PGW FC . 65.82 40.50 55.59
C6 PGW FC . 62.10 42.42 51.92
C07 PGW FC . 66.49 41.73 54.97
C7 PGW FC . 62.59 41.41 52.96
C08 PGW FC . 67.58 42.36 55.86
C8 PGW FC . 62.83 42.00 54.34
C09 PGW FC . 68.08 43.73 55.38
C9 PGW FC . 63.40 41.01 55.32
C10 PGW FC . 64.44 40.25 55.07
C11 PGW FC . 69.24 43.66 54.36
O11 PGW FC . 54.55 40.50 56.33
C12 PGW FC . 70.60 43.32 54.98
O12 PGW FC . 52.93 41.92 57.71
C13 PGW FC . 71.81 43.54 54.06
O13 PGW FC . 53.85 39.69 58.50
C14 PGW FC . 73.15 43.31 54.77
O14 PGW FC . 52.13 39.83 56.56
C15 PGW FC . 63.13 35.53 60.49
C16 PGW FC . 63.48 35.87 61.96
C17 PGW FC . 64.02 37.31 62.16
C18 PGW FC . 65.54 37.42 62.38
C19 PGW FC . 58.01 39.30 55.10
C20 PGW FC . 58.21 38.60 56.43
C21 PGW FC . 59.44 37.69 56.46
C22 PGW FC . 60.77 38.46 56.31
C23 PGW FC . 61.96 37.80 57.04
C24 PGW FC . 62.57 36.58 56.32
C25 PGW FC . 63.14 35.52 57.28
C26 PGW FC . 64.26 36.03 58.21
C27 PGW FC . 64.36 35.29 59.56
C28 PGW FC . 66.09 38.85 62.26
C29 PGW FC . 68.32 38.29 61.07
C30 PGW FC . 67.63 38.94 62.29
HAD PGW FC . 51.42 43.38 59.47
HADA PGW FC . 52.48 43.49 60.66
HOAE PGW FC . 51.57 45.78 59.57
HOAF PGW FC . 52.21 44.26 57.26
H01 PGW FC . 57.17 41.44 56.48
H01A PGW FC . 57.83 41.83 55.08
H02 PGW FC . 55.65 42.93 55.78
H2 PGW FC . 57.96 43.66 52.61
H2A PGW FC . 56.83 43.73 51.47
H03 PGW FC . 54.48 40.75 54.35
H03A PGW FC . 53.71 41.90 55.14
H3 PGW FC . 58.64 42.98 50.32
H3A PGW FC . 57.85 41.63 50.59
H04 PGW FC . 54.15 42.23 59.28
H04A PGW FC . 54.69 42.85 57.92
H4 PGW FC . 60.03 41.13 51.15
H4A PGW FC . 59.32 41.32 52.55
H05 PGW FC . 53.99 44.63 59.23
H5 PGW FC . 60.52 43.15 53.05
H5A PGW FC . 60.48 43.68 51.54
H06 PGW FC . 65.77 40.63 56.57
H06A PGW FC . 66.38 39.70 55.44
H6 PGW FC . 62.70 43.22 51.95
H6A PGW FC . 62.20 42.03 51.01
H07 PGW FC . 65.80 42.41 54.80
H07A PGW FC . 66.89 41.49 54.09
H7 PGW FC . 63.43 41.00 52.64
H7A PGW FC . 61.93 40.69 53.03
H08 PGW FC . 68.35 41.74 55.92
H08A PGW FC . 67.22 42.44 56.78
H8 PGW FC . 61.96 42.36 54.70
H8A PGW FC . 63.45 42.76 54.26
H09 PGW FC . 68.38 44.26 56.15
H09A PGW FC . 67.31 44.21 54.97
H11 PGW FC . 69.31 44.52 53.89
H11A PGW FC . 69.02 42.98 53.68
H12 PGW FC . 70.59 42.38 55.29
H12A PGW FC . 70.71 43.88 55.79
H13 PGW FC . 71.78 44.47 53.71
H13A PGW FC . 71.72 42.93 53.28
H14 PGW FC . 73.21 42.38 55.07
H14A PGW FC . 73.22 43.89 55.55
H14B PGW FC . 73.90 43.50 54.18
H15 PGW FC . 62.60 36.26 60.12
H15A PGW FC . 62.56 34.72 60.48
H16 PGW FC . 64.17 35.24 62.27
H16A PGW FC . 62.69 35.73 62.53
H17 PGW FC . 63.56 37.74 62.93
H17A PGW FC . 63.77 37.86 61.37
H18 PGW FC . 65.77 37.06 63.26
H18A PGW FC . 65.98 36.85 61.71
H20 PGW FC . 57.40 38.07 56.64
H20A PGW FC . 58.31 39.29 57.14
H21 PGW FC . 59.46 37.19 57.30
H21A PGW FC . 59.36 37.02 55.73
H22 PGW FC . 60.64 39.38 56.67
H22A PGW FC . 61.01 38.55 55.36
H23 PGW FC . 61.65 37.52 57.93
H23A PGW FC . 62.68 38.48 57.19
H24 PGW FC . 63.28 36.88 55.70
H24A PGW FC . 61.86 36.16 55.76
H25 PGW FC . 63.48 34.75 56.75
H25A PGW FC . 62.41 35.18 57.84
H26 PGW FC . 64.12 36.99 58.39
H26A PGW FC . 65.14 35.97 57.73
H27 PGW FC . 64.47 34.32 59.39
H27A PGW FC . 65.17 35.58 60.03
H28 PGW FC . 65.77 39.24 61.42
H28A PGW FC . 65.72 39.39 62.99
H29 PGW FC . 69.29 38.45 61.10
H29A PGW FC . 68.17 37.32 61.09
H29B PGW FC . 67.96 38.66 60.25
H30 PGW FC . 67.96 38.52 63.12
H30A PGW FC . 67.90 39.90 62.33
H9 PGW FC . 62.99 40.93 56.18
H10 PGW FC . 64.29 39.48 54.52
CAD PGW GC . -41.73 -63.55 -67.52
OAE PGW GC . -42.44 -62.82 -66.53
OAF PGW GC . -42.38 -62.06 -69.32
P PGW GC . -40.69 -65.44 -71.48
C01 PGW GC . -38.70 -62.39 -73.75
C1 PGW GC . -40.58 -61.33 -75.63
O01 PGW GC . -40.89 -61.35 -74.31
C02 PGW GC . -40.18 -62.24 -73.39
C2 PGW GC . -40.49 -59.95 -76.22
O02 PGW GC . -40.42 -62.34 -76.26
C03 PGW GC . -40.93 -63.55 -73.35
C3 PGW GC . -39.89 -59.92 -77.62
O03 PGW GC . -38.52 -63.53 -74.63
C04 PGW GC . -40.46 -63.46 -69.73
C4 PGW GC . -38.34 -59.97 -77.61
O04 PGW GC . -37.12 -63.17 -76.29
C05 PGW GC . -41.26 -62.69 -68.69
C5 PGW GC . -37.67 -58.67 -77.17
C06 PGW GC . -31.02 -59.09 -76.61
C6 PGW GC . -36.39 -58.32 -77.93
C07 PGW GC . -31.15 -57.58 -76.85
C7 PGW GC . -35.18 -59.20 -77.58
C08 PGW GC . -30.07 -56.75 -76.15
C8 PGW GC . -34.58 -58.92 -76.21
C09 PGW GC . -30.32 -55.23 -76.17
C9 PGW GC . -33.34 -59.72 -75.94
C10 PGW GC . -32.33 -59.83 -76.76
C11 PGW GC . -29.78 -54.51 -77.41
O11 PGW GC . -40.10 -64.53 -72.66
C12 PGW GC . -28.26 -54.30 -77.40
O12 PGW GC . -41.32 -64.40 -70.41
C13 PGW GC . -27.73 -53.34 -78.47
O13 PGW GC . -39.46 -66.06 -70.89
C14 PGW GC . -26.21 -53.08 -78.34
O14 PGW GC . -41.78 -66.30 -72.02
C15 PGW GC . -29.45 -65.74 -73.56
C16 PGW GC . -28.63 -65.62 -72.26
C17 PGW GC . -28.58 -64.19 -71.66
C18 PGW GC . -27.26 -63.44 -71.88
C19 PGW GC . -37.35 -63.65 -75.22
C20 PGW GC . -36.36 -64.46 -74.41
C21 PGW GC . -35.02 -64.67 -75.12
C22 PGW GC . -34.23 -63.35 -75.32
C23 PGW GC . -32.70 -63.53 -75.31
C24 PGW GC . -32.11 -64.12 -76.60
C25 PGW GC . -30.84 -64.98 -76.36
C26 PGW GC . -29.67 -64.24 -75.68
C27 PGW GC . -28.76 -65.15 -74.83
C28 PGW GC . -27.31 -61.94 -71.57
C29 PGW GC . -25.79 -61.10 -73.48
C30 PGW GC . -26.06 -61.14 -71.96
HAD PGW GC . -42.31 -64.29 -67.87
HADA PGW GC . -40.93 -63.99 -67.09
HOAE PGW GC . -42.93 -62.20 -66.86
HOAF PGW GC . -42.91 -62.64 -69.66
H01 PGW GC . -38.16 -62.55 -72.94
H01A PGW GC . -38.35 -61.57 -74.18
H02 PGW GC . -40.24 -61.81 -72.49
H2 PGW GC . -39.95 -59.38 -75.62
H2A PGW GC . -41.41 -59.57 -76.24
H03 PGW GC . -41.11 -63.88 -74.26
H03A PGW GC . -41.79 -63.46 -72.89
H3 PGW GC . -40.16 -59.09 -78.09
H3A PGW GC . -40.24 -60.67 -78.15
H04 PGW GC . -39.72 -63.94 -69.29
H04A PGW GC . -40.08 -62.84 -70.39
H4 PGW GC . -38.02 -60.21 -78.51
H4A PGW GC . -38.06 -60.72 -77.01
H05 PGW GC . -40.68 -61.96 -68.32
H5 PGW GC . -37.46 -58.70 -76.20
H5A PGW GC . -38.33 -57.93 -77.28
H06 PGW GC . -30.69 -59.25 -75.70
H06A PGW GC . -30.35 -59.47 -77.24
H6 PGW GC . -36.14 -57.38 -77.77
H6A PGW GC . -36.57 -58.39 -78.91
H07 PGW GC . -32.03 -57.28 -76.54
H07A PGW GC . -31.12 -57.40 -77.83
H7 PGW GC . -34.48 -59.09 -78.27
H7A PGW GC . -35.46 -60.15 -77.62
H08 PGW GC . -29.19 -56.93 -76.57
H08A PGW GC . -30.00 -57.06 -75.21
H8 PGW GC . -35.26 -59.10 -75.51
H8A PGW GC . -34.35 -57.95 -76.16
H09 PGW GC . -29.91 -54.81 -75.37
H09A PGW GC . -31.30 -55.08 -76.10
H11 PGW GC . -30.21 -53.63 -77.50
H11A PGW GC . -30.03 -55.03 -78.22
H12 PGW GC . -27.81 -55.18 -77.52
H12A PGW GC . -28.00 -53.96 -76.52
H13 PGW GC . -28.23 -52.48 -78.40
H13A PGW GC . -27.93 -53.71 -79.37
H14 PGW GC . -25.72 -53.91 -78.47
H14A PGW GC . -26.02 -52.74 -77.45
H14B PGW GC . -25.93 -52.42 -79.01
H15 PGW GC . -30.31 -65.28 -73.43
H15A PGW GC . -29.67 -66.70 -73.74
H16 PGW GC . -27.71 -65.92 -72.44
H16A PGW GC . -29.00 -66.26 -71.59
H17 PGW GC . -28.77 -64.23 -70.69
H17A PGW GC . -29.32 -63.66 -72.06
H18 PGW GC . -26.56 -63.86 -71.33
H18A PGW GC . -26.98 -63.56 -72.82
H20 PGW GC . -36.77 -65.34 -74.20
H20A PGW GC . -36.21 -64.00 -73.55
H21 PGW GC . -34.47 -65.30 -74.59
H21A PGW GC . -35.17 -65.10 -76.00
H22 PGW GC . -34.49 -62.72 -74.60
H22A PGW GC . -34.49 -62.94 -76.18
H23 PGW GC . -32.47 -64.13 -74.55
H23A PGW GC . -32.27 -62.66 -75.12
H24 PGW GC . -31.88 -63.39 -77.22
H24A PGW GC . -32.80 -64.67 -77.04
H25 PGW GC . -30.54 -65.35 -77.23
H25A PGW GC . -31.09 -65.75 -75.80
H26 PGW GC . -30.04 -63.53 -75.10
H26A PGW GC . -29.13 -63.78 -76.37
H27 PGW GC . -28.42 -65.87 -75.40
H27A PGW GC . -27.97 -64.63 -74.54
H28 PGW GC . -28.10 -61.55 -72.05
H28A PGW GC . -27.50 -61.82 -70.60
H29 PGW GC . -25.03 -60.52 -73.68
H29A PGW GC . -25.60 -61.99 -73.81
H29B PGW GC . -26.58 -60.76 -73.94
H30 PGW GC . -25.28 -61.55 -71.50
H30A PGW GC . -26.14 -60.21 -71.61
H9 PGW GC . -33.27 -60.18 -75.10
H10 PGW GC . -32.43 -60.42 -77.50
CAD PGW HC . -35.00 -50.53 -61.74
OAE PGW HC . -35.52 -50.32 -60.43
OAF PGW HC . -36.61 -49.05 -62.78
P PGW HC . -34.87 -51.06 -66.21
C01 PGW HC . -34.70 -47.11 -67.85
C1 PGW HC . -37.31 -46.43 -68.80
O01 PGW HC . -37.15 -46.83 -67.52
C02 PGW HC . -35.96 -47.57 -67.12
C2 PGW HC . -37.83 -45.02 -68.94
O02 PGW HC . -37.11 -47.17 -69.73
C03 PGW HC . -36.24 -49.06 -67.29
C3 PGW HC . -37.75 -44.49 -70.37
O03 PGW HC . -34.52 -47.90 -69.05
C04 PGW HC . -34.64 -49.54 -64.05
C4 PGW HC . -36.34 -44.00 -70.75
O04 PGW HC . -33.91 -46.72 -70.83
C05 PGW HC . -35.21 -49.34 -62.66
C5 PGW HC . -35.96 -42.64 -70.12
C06 PGW HC . -29.68 -40.75 -71.38
C6 PGW HC . -35.16 -41.71 -71.04
C07 PGW HC . -30.29 -39.37 -71.11
C7 PGW HC . -33.71 -42.15 -71.28
C08 PGW HC . -29.31 -38.37 -70.48
C8 PGW HC . -32.79 -41.95 -70.09
C09 PGW HC . -29.98 -37.08 -69.96
C9 PGW HC . -31.35 -42.30 -70.38
C10 PGW HC . -30.69 -41.86 -71.42
C11 PGW HC . -30.11 -35.96 -71.03
O11 PGW HC . -34.99 -49.77 -67.17
C12 PGW HC . -28.79 -35.24 -71.33
O12 PGW HC . -35.37 -50.56 -64.76
C13 PGW HC . -28.95 -33.95 -72.15
O13 PGW HC . -33.39 -51.31 -66.17
C14 PGW HC . -27.63 -33.19 -72.33
O14 PGW HC . -35.81 -52.13 -66.70
C15 PGW HC . -25.38 -46.86 -71.00
C16 PGW HC . -24.23 -46.74 -69.97
C17 PGW HC . -24.39 -45.54 -68.99
C18 PGW HC . -23.48 -44.33 -69.30
C19 PGW HC . -33.63 -47.46 -69.93
C20 PGW HC . -32.24 -48.01 -69.68
C21 PGW HC . -31.21 -47.58 -70.73
C22 PGW HC . -30.93 -46.06 -70.70
C23 PGW HC . -29.50 -45.67 -71.12
C24 PGW HC . -29.24 -45.73 -72.64
C25 PGW HC . -27.78 -46.10 -73.00
C26 PGW HC . -26.70 -45.14 -72.43
C27 PGW HC . -25.34 -45.81 -72.15
C28 PGW HC . -23.86 -43.05 -68.54
C29 PGW HC . -23.36 -41.34 -70.41
C30 PGW HC . -23.08 -41.79 -68.96
HAD PGW HC . -35.44 -51.33 -62.14
HADA PGW HC . -34.03 -50.73 -61.67
HOAE PGW HC . -36.25 -49.88 -60.42
HOAF PGW HC . -37.04 -49.69 -63.13
H01 PGW HC . -33.90 -47.22 -67.29
H01A PGW HC . -34.76 -46.15 -68.08
H02 PGW HC . -35.82 -47.40 -66.14
H2 PGW HC . -37.30 -44.42 -68.35
H2A PGW HC . -38.76 -45.00 -68.63
H03 PGW HC . -36.62 -49.23 -68.19
H03A PGW HC . -36.90 -49.37 -66.63
H3 PGW HC . -38.38 -43.74 -70.48
H3A PGW HC . -38.04 -45.19 -71.00
H04 PGW HC . -33.69 -49.80 -63.98
H04A PGW HC . -34.67 -48.70 -64.57
H4 PGW HC . -36.30 -43.90 -71.75
H4A PGW HC . -35.68 -44.69 -70.51
H05 PGW HC . -34.78 -48.54 -62.24
H5 PGW HC . -35.44 -42.81 -69.30
H5A PGW HC . -36.79 -42.18 -69.84
H06 PGW HC . -29.03 -40.95 -70.67
H06A PGW HC . -29.17 -40.73 -72.24
H6 PGW HC . -35.15 -40.80 -70.65
H6A PGW HC . -35.63 -41.64 -71.90
H07 PGW HC . -31.06 -39.49 -70.51
H07A PGW HC . -30.65 -39.00 -71.96
H7 PGW HC . -33.34 -41.65 -72.05
H7A PGW HC . -33.71 -43.10 -71.53
H08 PGW HC . -28.62 -38.14 -71.14
H08A PGW HC . -28.85 -38.82 -69.73
H8 PGW HC . -33.11 -42.50 -69.33
H8A PGW HC . -32.83 -41.02 -69.79
H09 PGW HC . -29.45 -36.72 -69.21
H09A PGW HC . -30.88 -37.30 -69.62
H11 PGW HC . -30.78 -35.30 -70.73
H11A PGW HC . -30.45 -36.37 -71.86
H12 PGW HC . -28.18 -35.85 -71.81
H12A PGW HC . -28.36 -35.01 -70.48
H13 PGW HC . -29.60 -33.36 -71.70
H13A PGW HC . -29.32 -34.17 -73.04
H14 PGW HC . -26.98 -33.74 -72.82
H14A PGW HC . -27.24 -32.99 -71.45
H14B PGW HC . -27.76 -32.36 -72.81
H15 PGW HC . -26.23 -46.78 -70.53
H15A PGW HC . -25.36 -47.77 -71.40
H16 PGW HC . -23.39 -46.63 -70.46
H16A PGW HC . -24.17 -47.58 -69.46
H17 PGW HC . -24.23 -45.83 -68.06
H17A PGW HC . -25.33 -45.23 -69.02
H18 PGW HC . -22.55 -44.57 -69.09
H18A PGW HC . -23.51 -44.15 -70.25
H20 PGW HC . -32.29 -49.00 -69.66
H20A PGW HC . -31.94 -47.72 -68.78
H21 PGW HC . -30.35 -48.05 -70.57
H21A PGW HC . -31.52 -47.84 -71.62
H22 PGW HC . -31.11 -45.72 -69.79
H22A PGW HC . -31.57 -45.59 -71.30
H23 PGW HC . -28.88 -46.28 -70.67
H23A PGW HC . -29.29 -44.76 -70.79
H24 PGW HC . -29.45 -44.85 -73.04
H24A PGW HC . -29.85 -46.38 -73.04
H25 PGW HC . -27.69 -46.16 -73.99
H25A PGW HC . -27.60 -47.01 -72.65
H26 PGW HC . -27.04 -44.75 -71.60
H26A PGW HC . -26.58 -44.38 -73.06
H27 PGW HC . -25.02 -46.24 -72.99
H27A PGW HC . -24.69 -45.11 -71.93
H28 PGW HC . -24.82 -42.88 -68.67
H28A PGW HC . -23.73 -43.21 -67.57
H29 PGW HC . -22.90 -40.50 -70.61
H29A PGW HC . -23.05 -42.01 -71.04
H29B PGW HC . -24.32 -41.22 -70.54
H30 PGW HC . -22.10 -41.97 -68.85
H30A PGW HC . -23.29 -41.05 -68.34
H9 PGW HC . -30.89 -42.87 -69.77
H10 PGW HC . -30.87 -42.28 -72.25
CAD PGW IC . -30.64 -37.45 -54.09
OAE PGW IC . -30.72 -37.72 -52.68
OAF PGW IC . -32.85 -36.47 -54.19
P PGW IC . -31.89 -36.98 -58.38
C01 PGW IC . -33.39 -32.98 -58.73
C1 PGW IC . -36.24 -33.12 -58.74
O01 PGW IC . -35.56 -33.68 -57.73
C02 PGW IC . -34.15 -34.01 -57.88
C2 PGW IC . -37.14 -31.99 -58.32
O02 PGW IC . -36.17 -33.52 -59.87
C03 PGW IC . -34.04 -35.43 -58.43
C3 PGW IC . -37.72 -31.19 -59.49
O03 PGW IC . -33.41 -33.39 -60.12
C04 PGW IC . -31.37 -35.94 -56.00
C4 PGW IC . -36.72 -30.15 -60.05
O04 PGW IC . -33.79 -31.73 -61.55
C05 PGW IC . -31.48 -36.25 -54.51
C5 PGW IC . -36.54 -28.91 -59.14
C06 PGW IC . -31.86 -24.67 -61.29
C6 PGW IC . -36.39 -27.59 -59.91
C07 PGW IC . -32.70 -23.69 -60.47
C7 PGW IC . -35.05 -27.41 -60.62
C08 PGW IC . -31.89 -22.55 -59.82
C8 PGW IC . -33.87 -27.15 -59.69
C09 PGW IC . -32.68 -21.71 -58.80
C9 PGW IC . -32.59 -26.89 -60.42
C10 PGW IC . -32.46 -26.04 -61.41
C11 PGW IC . -33.47 -20.54 -59.40
O11 PGW IC . -32.67 -35.65 -58.84
C12 PGW IC . -32.60 -19.35 -59.79
O12 PGW IC . -31.98 -37.00 -56.77
C13 PGW IC . -33.37 -18.06 -60.11
O13 PGW IC . -30.46 -36.68 -58.80
C14 PGW IC . -32.45 -16.86 -60.37
O14 PGW IC . -32.57 -38.19 -58.93
C15 PGW IC . -26.14 -28.75 -63.88
C16 PGW IC . -24.81 -28.43 -63.17
C17 PGW IC . -24.96 -27.60 -61.87
C18 PGW IC . -24.58 -26.11 -62.00
C19 PGW IC . -33.02 -32.50 -61.02
C20 PGW IC . -31.54 -32.55 -61.31
C21 PGW IC . -31.09 -31.57 -62.38
C22 PGW IC . -31.26 -30.08 -61.97
C23 PGW IC . -30.22 -29.13 -62.60
C24 PGW IC . -30.47 -28.78 -64.07
C25 PGW IC . -29.19 -28.52 -64.88
C26 PGW IC . -28.31 -27.37 -64.34
C27 PGW IC . -26.80 -27.55 -64.62
C28 PGW IC . -25.02 -25.23 -60.82
C29 PGW IC . -25.68 -23.11 -62.15
C30 PGW IC . -24.81 -23.72 -61.02
HAD PGW IC . -30.94 -38.26 -54.59
HADA PGW IC . -29.69 -37.30 -54.32
HOAE PGW IC . -31.50 -37.57 -52.36
HOAF PGW IC . -33.17 -37.14 -54.60
H01 PGW IC . -32.45 -32.91 -58.44
H01A PGW IC . -33.80 -32.09 -58.64
H02 PGW IC . -33.75 -34.00 -56.97
H2 PGW IC . -36.64 -31.39 -57.73
H2A PGW IC . -37.89 -32.37 -57.79
H03 PGW IC . -34.63 -35.54 -59.21
H03A PGW IC . -34.31 -36.09 -57.75
H3 PGW IC . -38.53 -30.71 -59.20
H3A PGW IC . -38.00 -31.81 -60.21
H04 PGW IC . -30.42 -35.86 -56.25
H04A PGW IC . -31.82 -35.09 -56.20
H4 PGW IC . -37.03 -29.84 -60.94
H4A PGW IC . -35.84 -30.59 -60.19
H05 PGW IC . -31.17 -35.46 -53.99
H5 PGW IC . -35.75 -29.04 -58.56
H5A PGW IC . -37.32 -28.85 -58.54
H06 PGW IC . -30.97 -24.75 -60.86
H06A PGW IC . -31.70 -24.29 -62.20
H6 PGW IC . -36.51 -26.83 -59.27
H6A PGW IC . -37.13 -27.52 -60.56
H07 PGW IC . -33.16 -24.18 -59.76
H07A PGW IC . -33.40 -23.31 -61.04
H7 PGW IC . -35.11 -26.67 -61.27
H7A PGW IC . -34.87 -28.23 -61.14
H08 PGW IC . -31.56 -21.96 -60.53
H08A PGW IC . -31.09 -22.94 -59.39
H8 PGW IC . -33.76 -27.93 -59.08
H8A PGW IC . -34.08 -26.37 -59.12
H09 PGW IC . -32.06 -21.35 -58.12
H09A PGW IC . -33.30 -22.32 -58.32
H11 PGW IC . -34.15 -20.23 -58.76
H11A PGW IC . -33.95 -20.86 -60.20
H12 PGW IC . -32.04 -19.58 -60.57
H12A PGW IC . -31.98 -19.15 -59.04
H13 PGW IC . -33.98 -17.85 -59.35
H13A PGW IC . -33.94 -18.22 -60.90
H14 PGW IC . -31.89 -17.02 -61.16
H14A PGW IC . -31.87 -16.71 -59.60
H14B PGW IC . -32.98 -16.05 -60.52
H15 PGW IC . -26.77 -29.08 -63.20
H15A PGW IC . -26.00 -29.50 -64.52
H16 PGW IC . -24.24 -27.93 -63.80
H16A PGW IC . -24.33 -29.27 -62.97
H17 PGW IC . -24.40 -28.00 -61.14
H17A PGW IC . -25.89 -27.65 -61.57
H18 PGW IC . -23.59 -26.03 -62.12
H18A PGW IC . -24.99 -25.76 -62.83
H20 PGW IC . -31.29 -33.47 -61.57
H20A PGW IC . -31.05 -32.35 -60.46
H21 PGW IC . -30.14 -31.72 -62.59
H21A PGW IC . -31.59 -31.73 -63.22
H22 PGW IC . -31.20 -30.03 -60.98
H22A PGW IC . -32.17 -29.77 -62.23
H23 PGW IC . -29.33 -29.55 -62.52
H23A PGW IC . -30.18 -28.30 -62.06
H24 PGW IC . -31.05 -27.97 -64.13
H24A PGW IC . -30.99 -29.51 -64.50
H25 PGW IC . -29.43 -28.33 -65.82
H25A PGW IC . -28.66 -29.35 -64.88
H26 PGW IC . -28.42 -27.31 -63.36
H26A PGW IC . -28.62 -26.52 -64.72
H27 PGW IC . -26.66 -27.65 -65.60
H27A PGW IC . -26.32 -26.72 -64.36
H28 PGW IC . -25.97 -25.39 -60.65
H28A PGW IC . -24.53 -25.53 -60.01
H29 PGW IC . -25.57 -22.15 -62.18
H29A PGW IC . -25.42 -23.50 -63.01
H29B PGW IC . -26.63 -23.33 -61.99
H30 PGW IC . -23.85 -23.55 -61.23
H30A PGW IC . -25.01 -23.25 -60.17
H9 PGW IC . -31.80 -27.36 -60.15
H10 PGW IC . -32.79 -26.31 -62.27
CAD PGW JC . -27.81 -25.55 -44.14
OAE PGW JC . -27.35 -26.10 -42.91
OAF PGW JC . -30.11 -25.43 -43.38
P PGW JC . -30.50 -24.68 -47.64
C01 PGW JC . -33.10 -21.52 -46.36
C1 PGW JC . -35.63 -22.67 -45.71
O01 PGW JC . -34.52 -23.14 -45.12
C02 PGW JC . -33.21 -22.90 -45.72
C2 PGW JC . -36.62 -22.05 -44.75
O02 PGW JC . -35.83 -22.78 -46.89
C03 PGW JC . -32.90 -24.04 -46.68
C3 PGW JC . -37.75 -21.29 -45.44
O03 PGW JC . -33.47 -21.61 -47.76
C04 PGW JC . -29.53 -24.05 -45.26
C4 PGW JC . -37.34 -19.87 -45.89
O04 PGW JC . -34.76 -19.95 -48.48
C05 PGW JC . -29.05 -24.67 -43.96
C5 PGW JC . -37.21 -18.87 -44.73
C06 PGW JC . -34.91 -12.87 -46.57
C6 PGW JC . -37.72 -17.45 -45.05
C07 PGW JC . -35.68 -12.46 -45.31
C7 PGW JC . -36.79 -16.66 -45.99
C08 PGW JC . -35.05 -11.26 -44.57
C8 PGW JC . -35.49 -16.19 -45.35
C09 PGW JC . -35.65 -10.99 -43.17
C9 PGW JC . -34.66 -15.34 -46.26
C10 PGW JC . -35.12 -14.32 -46.95
C11 PGW JC . -36.89 -10.08 -43.17
O11 PGW JC . -31.74 -23.67 -47.46
C12 PGW JC . -36.57 -8.60 -43.38
O12 PGW JC . -30.05 -25.07 -46.15
C13 PGW JC . -37.73 -7.65 -43.10
O13 PGW JC . -29.46 -23.82 -48.28
C14 PGW JC . -37.33 -6.16 -43.20
O14 PGW JC . -30.98 -25.92 -48.33
C15 PGW JC . -29.50 -14.00 -51.62
C16 PGW JC . -28.15 -13.38 -51.20
C17 PGW JC . -28.08 -12.93 -49.71
C18 PGW JC . -28.20 -11.42 -49.48
C19 PGW JC . -33.68 -20.47 -48.42
C20 PGW JC . -32.42 -19.92 -49.05
C21 PGW JC . -32.66 -18.65 -49.87
C22 PGW JC . -33.09 -17.45 -48.99
C23 PGW JC . -32.63 -16.09 -49.53
C24 PGW JC . -33.46 -15.55 -50.72
C25 PGW JC . -32.65 -14.69 -51.70
C26 PGW JC . -31.99 -13.44 -51.08
C27 PGW JC . -30.68 -13.00 -51.77
C28 PGW JC . -28.45 -11.02 -48.02
C29 PGW JC . -30.09 -9.07 -48.42
C30 PGW JC . -28.75 -9.53 -47.79
HAD PGW JC . -28.03 -26.29 -44.77
HADA PGW JC . -27.08 -25.00 -44.54
HOAE PGW JC . -27.98 -26.31 -42.37
HOAF PGW JC . -30.36 -26.07 -43.89
H01 PGW JC . -32.18 -21.17 -46.32
H01A PGW JC . -33.69 -20.86 -45.91
H02 PGW JC . -32.54 -22.93 -44.96
H2 PGW JC . -36.14 -21.44 -44.15
H2A PGW JC . -37.00 -22.78 -44.20
H03 PGW JC . -33.65 -24.19 -47.28
H03A PGW JC . -32.72 -24.87 -46.18
H3 PGW JC . -38.52 -21.21 -44.83
H3A PGW JC . -38.07 -21.81 -46.23
H04 PGW JC . -28.80 -23.57 -45.70
H04A PGW JC . -30.24 -23.39 -45.07
H4 PGW JC . -38.00 -19.52 -46.53
H4A PGW JC . -36.47 -19.93 -46.36
H05 PGW JC . -28.82 -23.95 -43.31
H5 PGW JC . -36.27 -18.81 -44.42
H5A PGW JC . -37.73 -19.21 -43.95
H06 PGW JC . -33.95 -12.73 -46.42
H06A PGW JC . -35.19 -12.29 -47.33
H6 PGW JC . -37.81 -16.93 -44.21
H6A PGW JC . -38.61 -17.52 -45.46
H07 PGW JC . -35.70 -13.22 -44.69
H07A PGW JC . -36.61 -12.24 -45.54
H7 PGW JC . -37.28 -15.88 -46.35
H7A PGW JC . -36.57 -17.24 -46.77
H08 PGW JC . -35.16 -10.46 -45.12
H08A PGW JC . -34.07 -11.42 -44.49
H8 PGW JC . -34.97 -16.98 -45.06
H8A PGW JC . -35.71 -15.66 -44.54
H09 PGW JC . -34.96 -10.58 -42.59
H09A PGW JC . -35.87 -11.86 -42.76
H11 PGW JC . -37.37 -10.19 -42.32
H11A PGW JC . -37.50 -10.38 -43.89
H12 PGW JC . -36.27 -8.46 -44.31
H12A PGW JC . -35.82 -8.36 -42.79
H13 PGW JC . -38.09 -7.83 -42.18
H13A PGW JC . -38.47 -7.83 -43.73
H14 PGW JC . -37.04 -5.96 -44.11
H14A PGW JC . -36.59 -5.98 -42.59
H14B PGW JC . -38.08 -5.58 -42.96
H15 PGW JC . -29.75 -14.67 -50.93
H15A PGW JC . -29.38 -14.49 -52.47
H16 PGW JC . -27.99 -12.59 -51.77
H16A PGW JC . -27.42 -14.01 -51.39
H17 PGW JC . -27.23 -13.24 -49.30
H17A PGW JC . -28.81 -13.38 -49.22
H18 PGW JC . -27.39 -10.97 -49.80
H18A PGW JC . -28.95 -11.08 -50.03
H20 PGW JC . -32.03 -20.63 -49.64
H20A PGW JC . -31.76 -19.75 -48.35
H21 PGW JC . -31.83 -18.40 -50.35
H21A PGW JC . -33.34 -18.82 -50.56
H22 PGW JC . -32.72 -17.58 -48.08
H22A PGW JC . -34.08 -17.44 -48.91
H23 PGW JC . -31.69 -16.16 -49.82
H23A PGW JC . -32.65 -15.41 -48.80
H24 PGW JC . -34.22 -15.01 -50.38
H24A PGW JC . -33.85 -16.32 -51.21
H25 PGW JC . -33.23 -14.41 -52.46
H25A PGW JC . -31.93 -15.26 -52.09
H26 PGW JC . -31.78 -13.62 -50.13
H26A PGW JC . -32.64 -12.69 -51.09
H27 PGW JC . -30.86 -12.84 -52.73
H27A PGW JC . -30.40 -12.13 -51.39
H28 PGW JC . -29.21 -11.55 -47.66
H28A PGW JC . -27.66 -11.28 -47.48
H29 PGW JC . -30.28 -8.13 -48.18
H29A PGW JC . -30.04 -9.14 -49.40
H29B PGW JC . -30.82 -9.62 -48.10
H30 PGW JC . -28.01 -8.99 -48.16
H30A PGW JC . -28.78 -9.34 -46.82
H9 PGW JC . -33.73 -15.54 -46.35
H10 PGW JC . -35.62 -14.51 -47.74
CAD PGW KC . -25.23 -15.70 -32.07
OAE PGW KC . -24.23 -16.29 -31.23
OAF PGW KC . -27.07 -16.58 -30.77
P PGW KC . -29.07 -15.17 -34.35
C01 PGW KC . -31.86 -13.50 -31.57
C1 PGW KC . -33.59 -15.59 -30.69
O01 PGW KC . -32.26 -15.74 -30.57
C02 PGW KC . -31.34 -14.91 -31.36
C2 PGW KC . -34.33 -15.59 -29.37
O02 PGW KC . -34.14 -15.52 -31.75
C03 PGW KC . -31.08 -15.64 -32.67
C3 PGW KC . -35.80 -15.16 -29.49
O03 PGW KC . -32.65 -13.42 -32.79
C04 PGW KC . -27.58 -14.73 -32.21
C4 PGW KC . -35.97 -13.62 -29.56
O04 PGW KC . -34.51 -12.23 -32.60
C05 PGW KC . -26.52 -15.39 -31.33
C5 PGW KC . -35.74 -12.90 -28.22
C06 PGW KC . -35.99 -6.24 -28.66
C6 PGW KC . -36.70 -11.72 -27.97
C07 PGW KC . -36.37 -6.40 -27.18
C7 PGW KC . -36.41 -10.49 -28.82
C08 PGW KC . -35.89 -5.23 -26.29
C8 PGW KC . -35.17 -9.72 -28.41
C09 PGW KC . -36.03 -5.49 -24.78
C9 PGW KC . -34.96 -8.45 -29.19
C10 PGW KC . -35.89 -7.54 -29.39
C11 PGW KC . -37.40 -5.11 -24.19
O11 PGW KC . -30.41 -14.73 -33.58
C12 PGW KC . -37.60 -3.60 -24.01
O12 PGW KC . -28.05 -15.67 -33.21
C13 PGW KC . -38.82 -3.22 -23.16
O13 PGW KC . -28.59 -13.88 -34.94
C14 PGW KC . -38.90 -1.70 -22.90
O14 PGW KC . -29.39 -16.33 -35.25
C15 PGW KC . -32.51 -4.28 -34.98
C16 PGW KC . -31.34 -3.30 -34.75
C17 PGW KC . -30.89 -3.18 -33.26
C18 PGW KC . -31.35 -1.90 -32.55
C19 PGW KC . -33.36 -12.33 -32.98
C20 PGW KC . -32.61 -11.25 -33.72
C21 PGW KC . -33.45 -10.01 -34.01
C22 PGW KC . -33.88 -9.26 -32.74
C23 PGW KC . -34.04 -7.73 -32.93
C24 PGW KC . -35.34 -7.30 -33.65
C25 PGW KC . -35.17 -6.02 -34.50
C26 PGW KC . -34.72 -4.77 -33.71
C27 PGW KC . -33.90 -3.76 -34.52
C28 PGW KC . -31.19 -1.92 -31.03
C29 PGW KC . -33.35 -0.65 -30.39
C30 PGW KC . -31.81 -0.72 -30.29
HAD PGW KC . -25.42 -16.33 -32.82
HADA PGW KC . -24.86 -14.87 -32.47
HOAE PGW KC . -24.56 -16.82 -30.64
HOAF PGW KC . -27.28 -17.15 -31.37
H01 PGW KC . -31.12 -12.85 -31.65
H01A PGW KC . -32.42 -13.21 -30.80
H02 PGW KC . -30.49 -14.86 -30.85
H2 PGW KC . -33.86 -14.98 -28.74
H2A PGW KC . -34.28 -16.49 -28.99
H03 PGW KC . -31.92 -15.94 -33.08
H03A PGW KC . -30.52 -16.45 -32.51
H3 PGW KC . -36.30 -15.49 -28.71
H3A PGW KC . -36.20 -15.57 -30.28
H04 PGW KC . -27.20 -13.94 -32.66
H04A PGW KC . -28.33 -14.43 -31.67
H4 PGW KC . -36.88 -13.41 -29.88
H4A PGW KC . -35.34 -13.27 -30.23
H05 PGW KC . -26.30 -14.78 -30.58
H5 PGW KC . -34.82 -12.58 -28.16
H5A PGW KC . -35.85 -13.57 -27.49
H06 PGW KC . -35.11 -5.79 -28.72
H06A PGW KC . -36.65 -5.65 -29.11
H6 PGW KC . -36.66 -11.46 -27.02
H6A PGW KC . -37.62 -12.03 -28.13
H07 PGW KC . -35.96 -7.23 -26.84
H07A PGW KC . -37.34 -6.49 -27.09
H7 PGW KC . -37.19 -9.87 -28.78
H7A PGW KC . -36.31 -10.76 -29.76
H08 PGW KC . -36.39 -4.42 -26.53
H08A PGW KC . -34.94 -5.04 -26.50
H8 PGW KC . -34.37 -10.30 -28.51
H8A PGW KC . -35.23 -9.48 -27.44
H09 PGW KC . -35.33 -4.98 -24.28
H09A PGW KC . -35.85 -6.46 -24.61
H11 PGW KC . -37.52 -5.55 -23.31
H11A PGW KC . -38.11 -5.46 -24.78
H12 PGW KC . -37.68 -3.17 -24.89
H12A PGW KC . -36.79 -3.23 -23.58
H13 PGW KC . -38.77 -3.69 -22.30
H13A PGW KC . -39.64 -3.52 -23.62
H14 PGW KC . -39.02 -1.22 -23.74
H14A PGW KC . -38.08 -1.39 -22.48
H14B PGW KC . -39.66 -1.49 -22.32
H15 PGW KC . -32.32 -5.12 -34.51
H15A PGW KC . -32.55 -4.51 -35.96
H16 PGW KC . -31.60 -2.42 -35.07
H16A PGW KC . -30.57 -3.58 -35.31
H17 PGW KC . -29.91 -3.25 -33.20
H17A PGW KC . -31.26 -3.96 -32.77
H18 PGW KC . -30.85 -1.13 -32.92
H18A PGW KC . -32.30 -1.75 -32.77
H20 PGW KC . -32.27 -11.63 -34.57
H20A PGW KC . -31.82 -10.99 -33.18
H21 PGW KC . -32.94 -9.39 -34.59
H21A PGW KC . -34.26 -10.27 -34.53
H22 PGW KC . -33.22 -9.42 -32.03
H22A PGW KC . -34.74 -9.62 -32.40
H23 PGW KC . -33.27 -7.41 -33.46
H23A PGW KC . -34.00 -7.28 -32.05
H24 PGW KC . -36.04 -7.16 -32.99
H24A PGW KC . -35.63 -8.04 -34.24
H25 PGW KC . -36.02 -5.83 -34.96
H25A PGW KC . -34.50 -6.19 -35.20
H26 PGW KC . -34.17 -5.07 -32.94
H26A PGW KC . -35.52 -4.33 -33.32
H27 PGW KC . -34.44 -3.49 -35.32
H27A PGW KC . -33.77 -2.93 -33.99
H28 PGW KC . -31.61 -2.76 -30.69
H28A PGW KC . -30.22 -1.98 -30.81
H29 PGW KC . -33.70 0.08 -29.84
H29A PGW KC . -33.61 -0.50 -31.32
H29B PGW KC . -33.74 -1.49 -30.10
H30 PGW KC . -31.42 0.11 -30.66
H30A PGW KC . -31.55 -0.77 -29.33
H9 PGW KC . -34.11 -8.28 -29.57
H10 PGW KC . -36.56 -7.74 -30.05
CAD PGW LC . -21.64 -8.28 -18.63
OAE PGW LC . -20.29 -8.63 -18.28
OAF PGW LC . -22.61 -10.01 -17.23
P PGW LC . -26.00 -8.71 -19.60
C01 PGW LC . -28.05 -8.76 -15.85
C1 PGW LC . -28.72 -11.47 -15.24
O01 PGW LC . -27.44 -11.15 -15.51
C02 PGW LC . -27.13 -9.91 -16.22
C2 PGW LC . -28.95 -12.00 -13.84
O02 PGW LC . -29.59 -11.39 -16.06
C03 PGW LC . -27.12 -10.22 -17.71
C3 PGW LC . -30.42 -12.12 -13.46
O03 PGW LC . -29.18 -8.73 -16.75
C04 PGW LC . -24.06 -8.20 -17.87
C4 PGW LC . -31.03 -10.77 -13.02
O04 PGW LC . -31.13 -8.36 -15.76
C05 PGW LC . -22.64 -8.61 -17.53
C5 PGW LC . -30.58 -10.31 -11.61
C06 PGW LC . -32.82 -4.24 -9.94
C6 PGW LC . -31.69 -9.63 -10.79
C07 PGW LC . -32.62 -4.82 -8.53
C7 PGW LC . -32.07 -8.22 -11.27
C08 PGW LC . -32.22 -3.77 -7.47
C8 PGW LC . -31.02 -7.16 -10.96
C09 PGW LC . -31.76 -4.37 -6.13
C9 PGW LC . -31.46 -5.77 -11.35
C10 PGW LC . -32.61 -5.25 -11.04
C11 PGW LC . -32.90 -4.63 -5.14
O11 PGW LC . -27.07 -8.96 -18.42
C12 PGW LC . -33.44 -3.37 -4.45
O12 PGW LC . -24.57 -9.03 -18.96
C13 PGW LC . -34.36 -3.63 -3.26
O13 PGW LC . -26.13 -7.25 -19.87
C14 PGW LC . -34.78 -2.33 -2.53
O14 PGW LC . -26.27 -9.69 -20.71
C15 PGW LC . -32.37 0.08 -16.02
C16 PGW LC . -31.51 1.34 -15.80
C17 PGW LC . -30.65 1.32 -14.51
C18 PGW LC . -31.18 2.17 -13.35
C19 PGW LC . -30.21 -7.96 -16.42
C20 PGW LC . -30.08 -6.55 -16.95
C21 PGW LC . -31.29 -5.67 -16.63
C22 PGW LC . -31.45 -5.39 -15.13
C23 PGW LC . -32.09 -4.03 -14.80
C24 PGW LC . -33.61 -3.95 -15.01
C25 PGW LC . -34.11 -2.56 -15.44
C26 PGW LC . -33.79 -1.43 -14.44
C27 PGW LC . -33.62 -0.03 -15.09
C28 PGW LC . -30.51 1.90 -11.99
C29 PGW LC . -32.60 2.15 -10.49
C30 PGW LC . -31.16 2.62 -10.79
HAD PGW LC . -21.89 -8.76 -19.46
HADA PGW LC . -21.68 -7.30 -18.83
HOAE PGW LC . -20.24 -9.35 -17.82
HOAF PGW LC . -22.84 -10.48 -17.91
H01 PGW LC . -27.58 -7.89 -15.91
H01A PGW LC . -28.37 -8.86 -14.90
H02 PGW LC . -26.19 -9.66 -15.95
H2 PGW LC . -28.49 -11.41 -13.20
H2A PGW LC . -28.51 -12.89 -13.79
H03 PGW LC . -27.92 -10.70 -17.96
H03A PGW LC . -26.34 -10.77 -17.94
H3 PGW LC . -30.53 -12.76 -12.71
H3A PGW LC . -30.93 -12.49 -14.22
H04 PGW LC . -24.10 -7.26 -18.14
H04A PGW LC . -24.65 -8.32 -17.09
H4 PGW LC . -32.02 -10.84 -13.03
H4A PGW LC . -30.79 -10.08 -13.69
H05 PGW LC . -22.36 -8.13 -16.70
H5 PGW LC . -29.82 -9.69 -11.70
H5A PGW LC . -30.25 -11.10 -11.12
H06 PGW LC . -32.18 -3.51 -10.07
H06A PGW LC . -33.73 -3.86 -10.01
H6 PGW LC . -31.40 -9.57 -9.84
H6A PGW LC . -32.49 -10.21 -10.81
H07 PGW LC . -31.91 -5.50 -8.56
H07A PGW LC . -33.44 -5.28 -8.23
H7 PGW LC . -32.93 -7.96 -10.85
H7A PGW LC . -32.22 -8.26 -12.24
H08 PGW LC . -32.98 -3.17 -7.32
H08A PGW LC . -31.49 -3.21 -7.85
H8 PGW LC . -30.18 -7.39 -11.44
H8A PGW LC . -30.82 -7.17 -10.00
H09 PGW LC . -31.11 -3.76 -5.69
H09A PGW LC . -31.27 -5.21 -6.31
H11 PGW LC . -32.60 -5.26 -4.43
H11A PGW LC . -33.64 -5.08 -5.61
H12 PGW LC . -33.93 -2.83 -5.11
H12A PGW LC . -32.68 -2.83 -4.15
H13 PGW LC . -33.90 -4.23 -2.62
H13A PGW LC . -35.17 -4.12 -3.56
H14 PGW LC . -35.30 -1.77 -3.13
H14A PGW LC . -33.99 -1.85 -2.25
H14B PGW LC . -35.33 -2.54 -1.74
H15 PGW LC . -31.80 -0.71 -15.87
H15A PGW LC . -32.67 0.05 -16.96
H16 PGW LC . -32.11 2.13 -15.75
H16A PGW LC . -30.92 1.48 -16.58
H17 PGW LC . -29.72 1.60 -14.71
H17A PGW LC . -30.59 0.38 -14.19
H18 PGW LC . -31.07 3.13 -13.57
H18A PGW LC . -32.15 2.01 -13.26
H20 PGW LC . -29.95 -6.59 -17.93
H20A PGW LC . -29.27 -6.14 -16.57
H21 PGW LC . -31.19 -4.80 -17.10
H21A PGW LC . -32.11 -6.08 -16.99
H22 PGW LC . -30.56 -5.45 -14.69
H22A PGW LC . -32.01 -6.10 -14.72
H23 PGW LC . -31.66 -3.35 -15.37
H23A PGW LC . -31.87 -3.78 -13.86
H24 PGW LC . -34.07 -4.22 -14.18
H24A PGW LC . -33.86 -4.62 -15.70
H25 PGW LC . -35.09 -2.59 -15.59
H25A PGW LC . -33.70 -2.33 -16.31
H26 PGW LC . -32.95 -1.64 -13.96
H26A PGW LC . -34.50 -1.38 -13.76
H27 PGW LC . -34.44 0.18 -15.60
H27A PGW LC . -33.54 0.65 -14.38
H28 PGW LC . -30.54 0.93 -11.82
H28A PGW LC . -29.56 2.15 -12.05
H29 PGW LC . -32.93 2.58 -9.67
H29A PGW LC . -33.19 2.38 -11.23
H29B PGW LC . -32.61 1.19 -10.37
H30 PGW LC . -31.16 3.59 -10.97
H30A PGW LC . -30.60 2.47 -9.98
H9 PGW LC . -30.86 -5.23 -11.86
H10 PGW LC . -33.38 -5.54 -11.53
CAD PGW MC . -15.96 -2.98 -4.90
OAE PGW MC . -14.54 -2.88 -5.02
OAF PGW MC . -15.88 -5.19 -3.90
P PGW MC . -20.09 -4.75 -4.84
C01 PGW MC . -20.64 -6.30 -0.88
C1 PGW MC . -20.28 -9.14 -1.00
O01 PGW MC . -19.31 -8.33 -1.45
C02 PGW MC . -19.61 -6.94 -1.81
C2 PGW MC . -19.86 -9.99 0.18
O02 PGW MC . -21.36 -9.21 -1.50
C03 PGW MC . -20.02 -6.91 -3.27
C3 PGW MC . -21.02 -10.70 0.87
O03 PGW MC . -21.97 -6.50 -1.42
C04 PGW MC . -17.90 -3.95 -3.57
C4 PGW MC . -21.80 -9.79 1.84
O04 PGW MC . -23.50 -7.07 0.09
C05 PGW MC . -16.40 -3.86 -3.75
C5 PGW MC . -21.05 -9.49 3.16
C06 PGW MC . -24.20 -5.12 7.13
C6 PGW MC . -21.96 -9.45 4.40
C07 PGW MC . -23.38 -5.86 8.18
C7 PGW MC . -22.85 -8.20 4.49
C08 PGW MC . -22.95 -4.98 9.37
C8 PGW MC . -22.11 -6.92 4.84
C09 PGW MC . -21.92 -5.64 10.31
C9 PGW MC . -23.02 -5.74 5.01
C10 PGW MC . -24.10 -5.74 5.76
C11 PGW MC . -22.54 -6.50 11.43
O11 PGW MC . -20.58 -5.60 -3.57
C12 PGW MC . -23.14 -5.68 12.58
O12 PGW MC . -18.49 -4.65 -4.69
C13 PGW MC . -23.50 -6.49 13.83
O13 PGW MC . -20.70 -3.40 -4.60
C14 PGW MC . -23.99 -5.61 14.99
O14 PGW MC . -20.42 -5.51 -6.09
C15 PGW MC . -27.07 0.22 2.74
C16 PGW MC . -26.57 1.64 3.13
C17 PGW MC . -25.35 1.65 4.08
C18 PGW MC . -25.67 2.00 5.54
C19 PGW MC . -23.00 -6.24 -0.62
C20 PGW MC . -23.45 -4.79 -0.72
C21 PGW MC . -24.69 -4.49 0.15
C22 PGW MC . -24.40 -4.61 1.66
C23 PGW MC . -25.24 -3.67 2.53
C24 PGW MC . -26.71 -4.11 2.74
C25 PGW MC . -27.69 -2.93 2.91
C26 PGW MC . -27.38 -1.99 4.09
C27 PGW MC . -27.83 -0.53 3.87
C28 PGW MC . -24.54 1.72 6.54
C29 PGW MC . -25.98 0.88 8.52
C30 PGW MC . -24.92 1.89 8.01
HAD PGW MC . -16.34 -3.34 -5.75
HADA PGW MC . -16.33 -2.06 -4.77
HOAE PGW MC . -14.13 -3.61 -4.83
HOAF PGW MC . -16.18 -5.56 -4.61
H01 PGW MC . -20.49 -5.33 -0.79
H01A PGW MC . -20.59 -6.70 0.02
H02 PGW MC . -18.75 -6.43 -1.71
H2 PGW MC . -19.40 -9.41 0.84
H2A PGW MC . -19.20 -10.65 -0.13
H03 PGW MC . -20.70 -7.58 -3.46
H03A PGW MC . -19.25 -7.09 -3.86
H3 PGW MC . -20.68 -11.47 1.39
H3A PGW MC . -21.64 -11.06 0.19
H04 PGW MC . -18.28 -3.03 -3.53
H04A PGW MC . -18.14 -4.42 -2.75
H4 PGW MC . -22.67 -10.20 2.06
H4A PGW MC . -22.01 -8.94 1.38
H05 PGW MC . -16.00 -3.49 -2.90
H5 PGW MC . -20.57 -8.63 3.09
H5A PGW MC . -20.37 -10.19 3.29
H06 PGW MC . -23.88 -4.20 7.07
H06A PGW MC . -25.15 -5.09 7.41
H6 PGW MC . -21.39 -9.48 5.22
H6A PGW MC . -22.52 -10.26 4.41
H07 PGW MC . -22.56 -6.23 7.76
H07A PGW MC . -23.89 -6.65 8.52
H7 PGW MC . -23.56 -8.35 5.17
H7A PGW MC . -23.31 -8.08 3.63
H08 PGW MC . -23.75 -4.74 9.89
H08A PGW MC . -22.59 -4.14 9.01
H8 PGW MC . -21.45 -6.72 4.12
H8A PGW MC . -21.61 -7.06 5.67
H09 PGW MC . -21.37 -4.93 10.73
H09A PGW MC . -21.32 -6.19 9.77
H11 PGW MC . -21.85 -7.10 11.80
H11A PGW MC . -23.24 -7.08 11.04
H12 PGW MC . -23.96 -5.23 12.26
H12A PGW MC . -22.51 -4.97 12.84
H13 PGW MC . -22.69 -7.00 14.11
H13A PGW MC . -24.19 -7.16 13.60
H14 PGW MC . -24.82 -5.16 14.75
H14A PGW MC . -23.32 -4.94 15.21
H14B PGW MC . -24.15 -6.16 15.80
H15 PGW MC . -26.29 -0.32 2.49
H15A PGW MC . -27.65 0.27 1.94
H16 PGW MC . -27.31 2.12 3.55
H16A PGW MC . -26.35 2.13 2.29
H17 PGW MC . -24.67 2.28 3.75
H17A PGW MC . -24.93 0.76 4.06
H18 PGW MC . -25.92 2.96 5.60
H18A PGW MC . -26.48 1.50 5.82
H20 PGW MC . -23.66 -4.59 -1.67
H20A PGW MC . -22.72 -4.21 -0.44
H21 PGW MC . -25.00 -3.57 -0.05
H21A PGW MC . -25.42 -5.10 -0.10
H22 PGW MC . -23.45 -4.43 1.82
H22A PGW MC . -24.56 -5.54 1.96
H23 PGW MC . -25.25 -2.78 2.11
H23A PGW MC . -24.80 -3.56 3.42
H24 PGW MC . -26.76 -4.68 3.55
H24A PGW MC . -26.97 -4.66 1.97
H25 PGW MC . -28.61 -3.28 3.00
H25A PGW MC . -27.67 -2.40 2.08
H26 PGW MC . -26.41 -1.99 4.25
H26A PGW MC . -27.81 -2.35 4.91
H27 PGW MC . -28.81 -0.53 3.67
H27A PGW MC . -27.72 -0.02 4.71
H28 PGW MC . -24.24 0.78 6.40
H28A PGW MC . -23.77 2.31 6.32
H29 PGW MC . -26.12 0.99 9.48
H29A PGW MC . -26.83 1.03 8.05
H29B PGW MC . -25.68 -0.03 8.34
H30 PGW MC . -25.26 2.81 8.15
H30A PGW MC . -24.10 1.80 8.58
H9 PGW MC . -22.81 -4.93 4.56
H10 PGW MC . -24.87 -6.17 5.40
CAD PGW NC . -7.71 1.10 7.94
OAE PGW NC . -6.50 1.72 7.51
OAF PGW NC . -6.68 -1.08 8.16
P PGW NC . -10.90 -2.01 8.49
C01 PGW NC . -9.64 -4.44 11.78
C1 PGW NC . -8.55 -6.86 10.74
O01 PGW NC . -8.07 -5.68 10.31
C02 PGW NC . -8.84 -4.46 10.49
C2 PGW NC . -7.54 -7.72 11.45
O02 PGW NC . -9.68 -7.21 10.51
C03 PGW NC . -9.72 -4.27 9.25
C3 PGW NC . -8.15 -8.93 12.15
O03 PGW NC . -10.95 -4.98 11.56
C04 PGW NC . -8.75 -0.75 9.35
C4 PGW NC . -8.78 -8.58 13.52
O04 PGW NC . -11.66 -6.35 13.16
C05 PGW NC . -7.46 -0.10 8.84
C5 PGW NC . -7.75 -8.31 14.63
C06 PGW NC . -10.47 -6.28 20.39
C6 PGW NC . -8.15 -8.85 16.01
C07 PGW NC . -9.16 -6.87 20.93
C7 PGW NC . -9.28 -8.06 16.69
C08 PGW NC . -8.63 -6.16 22.19
C8 PGW NC . -8.86 -6.69 17.21
C09 PGW NC . -7.20 -6.58 22.60
C9 PGW NC . -9.95 -5.98 17.96
C10 PGW NC . -10.67 -6.53 18.92
C11 PGW NC . -7.14 -7.81 23.52
O11 PGW NC . -10.68 -3.22 9.52
C12 PGW NC . -7.53 -7.53 24.97
O12 PGW NC . -9.45 -1.38 8.25
C13 PGW NC . -7.19 -8.64 25.96
O13 PGW NC . -11.76 -1.06 9.27
C14 PGW NC . -7.49 -8.25 27.43
O14 PGW NC . -11.40 -2.58 7.19
C15 PGW NC . -16.02 -1.56 18.71
C16 PGW NC . -15.84 -0.16 19.36
C17 PGW NC . -14.43 0.10 19.94
C18 PGW NC . -14.33 0.00 21.47
C19 PGW NC . -11.68 -5.27 12.63
C20 PGW NC . -12.53 -4.12 13.09
C21 PGW NC . -13.42 -4.45 14.29
C22 PGW NC . -12.63 -4.77 15.58
C23 PGW NC . -13.35 -4.39 16.88
C24 PGW NC . -14.47 -5.36 17.30
C25 PGW NC . -15.64 -4.68 18.05
C26 PGW NC . -15.23 -3.95 19.34
C27 PGW NC . -16.12 -2.75 19.70
C28 PGW NC . -12.90 -0.05 22.02
C29 PGW NC . -13.28 -1.74 23.94
C30 PGW NC . -12.79 -0.33 23.53
HAD PGW NC . -8.24 0.82 7.15
HADA PGW NC . -8.26 1.77 8.43
HOAE PGW NC . -5.87 1.17 7.35
HOAF PGW NC . -7.08 -1.39 7.47
H01 PGW NC . -9.74 -3.52 12.12
H01A PGW NC . -9.17 -4.97 12.49
H02 PGW NC . -8.18 -3.70 10.51
H2 PGW NC . -7.06 -7.16 12.12
H2A PGW NC . -6.87 -8.02 10.79
H03 PGW NC . -10.19 -5.10 9.04
H03A PGW NC . -9.16 -4.03 8.46
H3 PGW NC . -7.46 -9.61 12.30
H3A PGW NC . -8.83 -9.34 11.57
H04 PGW NC . -9.32 -0.07 9.76
H04A PGW NC . -8.54 -1.43 10.02
H4 PGW NC . -9.37 -9.33 13.80
H4A PGW NC . -9.36 -7.79 13.40
H05 PGW NC . -6.93 0.21 9.63
H5 PGW NC . -7.58 -7.34 14.70
H5A PGW NC . -6.89 -8.72 14.37
H06 PGW NC . -10.45 -5.30 20.54
H06A PGW NC . -11.24 -6.64 20.89
H6 PGW NC . -7.37 -8.84 16.61
H6A PGW NC . -8.43 -9.79 15.92
H07 PGW NC . -8.47 -6.82 20.24
H07A PGW NC . -9.29 -7.83 21.13
H7 PGW NC . -9.64 -8.59 17.45
H7A PGW NC . -10.01 -7.94 16.05
H08 PGW NC . -9.25 -6.34 22.94
H08A PGW NC . -8.65 -5.18 22.03
H8 PGW NC . -8.55 -6.13 16.46
H8A PGW NC . -8.08 -6.80 17.82
H09 PGW NC . -6.75 -5.82 23.06
H09A PGW NC . -6.68 -6.75 21.77
H11 PGW NC . -6.22 -8.18 23.51
H11A PGW NC . -7.74 -8.50 23.15
H12 PGW NC . -8.50 -7.33 25.01
H12A PGW NC . -7.07 -6.70 25.27
H13 PGW NC . -6.23 -8.87 25.87
H13A PGW NC . -7.70 -9.45 25.72
H14 PGW NC . -8.45 -8.10 27.54
H14A PGW NC . -7.01 -7.45 27.65
H14B PGW NC . -7.22 -8.98 28.04
H15 PGW NC . -15.25 -1.71 18.12
H15A PGW NC . -16.82 -1.55 18.13
H16 PGW NC . -16.50 -0.08 20.08
H16A PGW NC . -16.07 0.54 18.69
H17 PGW NC . -14.10 0.98 19.66
H17A PGW NC . -13.80 -0.56 19.56
H18 PGW NC . -14.79 0.77 21.88
H18A PGW NC . -14.81 -0.82 21.77
H20 PGW NC . -13.09 -3.81 12.34
H20A PGW NC . -11.94 -3.37 13.34
H21 PGW NC . -14.03 -3.69 14.47
H21A PGW NC . -14.01 -5.22 14.06
H22 PGW NC . -11.77 -4.30 15.53
H22A PGW NC . -12.42 -5.74 15.60
H23 PGW NC . -13.75 -3.49 16.76
H23A PGW NC . -12.70 -4.32 17.61
H24 PGW NC . -14.10 -6.07 17.87
H24A PGW NC . -14.83 -5.81 16.49
H25 PGW NC . -16.34 -5.36 18.26
H25A PGW NC . -16.06 -4.02 17.45
H26 PGW NC . -14.30 -3.63 19.26
H26A PGW NC . -15.23 -4.60 20.09
H27 PGW NC . -17.06 -3.05 19.77
H27A PGW NC . -15.88 -2.42 20.61
H28 PGW NC . -12.41 -0.76 21.54
H28A PGW NC . -12.44 0.80 21.81
H29 PGW NC . -13.12 -1.90 24.90
H29A PGW NC . -14.25 -1.82 23.78
H29B PGW NC . -12.82 -2.42 23.43
H30 PGW NC . -13.30 0.35 24.02
H30A PGW NC . -11.84 -0.24 23.81
H9 PGW NC . -10.14 -5.07 17.75
H10 PGW NC . -11.36 -7.12 18.65
CAD PGW OC . 2.86 5.14 18.92
OAE PGW OC . 3.63 6.24 18.41
OAF PGW OC . 4.48 3.48 18.20
P PGW OC . 1.05 1.04 19.27
C01 PGW OC . 3.98 -1.38 21.25
C1 PGW OC . 5.28 -2.98 19.27
O01 PGW OC . 5.25 -1.64 19.12
C02 PGW OC . 4.26 -0.84 19.85
C2 PGW OC . 6.67 -3.54 19.41
O02 PGW OC . 4.29 -3.65 19.24
C03 PGW OC . 3.01 -0.73 18.98
C3 PGW OC . 6.70 -5.01 19.85
O03 PGW OC . 2.87 -2.30 21.20
C04 PGW OC . 2.93 2.80 19.91
C4 PGW OC . 6.49 -5.19 21.36
O04 PGW OC . 3.16 -4.13 22.42
C05 PGW OC . 3.73 3.95 19.32
C5 PGW OC . 7.72 -4.80 22.21
C06 PGW OC . 6.66 -5.11 28.80
C6 PGW OC . 7.97 -5.73 23.42
C07 PGW OC . 8.17 -5.29 28.80
C7 PGW OC . 6.97 -5.54 24.56
C08 PGW OC . 8.87 -4.71 30.04
C8 PGW OC . 7.14 -4.25 25.35
C09 PGW OC . 10.41 -4.66 29.93
C9 PGW OC . 6.22 -4.16 26.53
C10 PGW OC . 6.04 -5.10 27.43
C11 PGW OC . 11.12 -5.94 30.38
O11 PGW OC . 1.94 -0.18 19.79
C12 PGW OC . 11.18 -6.12 31.91
O12 PGW OC . 2.10 2.20 18.88
C13 PGW OC . 12.14 -7.22 32.39
O13 PGW OC . 0.29 1.45 20.49
C14 PGW OC . 12.25 -7.28 33.92
O14 PGW OC . 0.32 0.61 18.02
C15 PGW OC . -0.23 -2.47 30.08
C16 PGW OC . -0.25 -1.27 31.06
C17 PGW OC . 1.16 -0.65 31.32
C18 PGW OC . 1.78 -1.01 32.68
C19 PGW OC . 2.65 -3.05 22.28
C20 PGW OC . 1.73 -2.39 23.28
C21 PGW OC . 1.42 -3.27 24.49
C22 PGW OC . 2.66 -3.54 25.38
C23 PGW OC . 2.34 -3.73 26.87
C24 PGW OC . 1.74 -5.09 27.24
C25 PGW OC . 0.76 -5.04 28.43
C26 PGW OC . 1.37 -4.50 29.74
C27 PGW OC . 0.35 -3.79 30.66
C28 PGW OC . 3.27 -0.66 32.80
C29 PGW OC . 4.04 -2.72 34.16
C30 PGW OC . 3.96 -1.18 34.08
HAD PGW OC . 2.20 4.85 18.23
HADA PGW OC . 2.35 5.46 19.71
HOAE PGW OC . 4.30 5.99 17.95
HOAF PGW OC . 3.97 3.20 17.58
H01 PGW OC . 3.74 -0.64 21.87
H01A PGW OC . 4.78 -1.83 21.62
H02 PGW OC . 4.65 0.08 19.94
H2 PGW OC . 7.17 -3.00 20.07
H2A PGW OC . 7.13 -3.44 18.54
H03 PGW OC . 2.74 -1.62 18.66
H03A PGW OC . 3.17 -0.17 18.20
H3 PGW OC . 7.56 -5.41 19.60
H3A PGW OC . 6.00 -5.51 19.35
H04 PGW OC . 2.36 3.12 20.64
H04A PGW OC . 3.53 2.11 20.27
H4 PGW OC . 6.27 -6.13 21.55
H4A PGW OC . 5.71 -4.65 21.65
H05 PGW OC . 4.39 4.26 20.00
H5 PGW OC . 7.63 -3.87 22.53
H5A PGW OC . 8.52 -4.81 21.62
H06 PGW OC . 6.44 -4.26 29.23
H06A PGW OC . 6.23 -5.82 29.35
H6 PGW OC . 8.88 -5.56 23.77
H6A PGW OC . 7.96 -6.66 23.11
H07 PGW OC . 8.54 -4.85 28.00
H07A PGW OC . 8.39 -6.25 28.72
H7 PGW OC . 7.04 -6.32 25.18
H7A PGW OC . 6.05 -5.57 24.19
H08 PGW OC . 8.63 -5.24 30.83
H08A PGW OC . 8.52 -3.80 30.19
H8 PGW OC . 7.00 -3.48 24.75
H8A PGW OC . 8.07 -4.20 25.69
H09 PGW OC . 10.75 -3.90 30.47
H09A PGW OC . 10.65 -4.45 28.99
H11 PGW OC . 12.05 -5.95 30.03
H11A PGW OC . 10.66 -6.72 29.98
H12 PGW OC . 10.28 -6.30 32.24
H12A PGW OC . 11.46 -5.26 32.31
H13 PGW OC . 13.03 -7.06 31.99
H13A PGW OC . 11.81 -8.09 32.05
H14 PGW OC . 11.37 -7.50 34.31
H14A PGW OC . 12.54 -6.41 34.26
H14B PGW OC . 12.90 -7.95 34.19
H15 PGW OC . 0.30 -2.21 29.30
H15A PGW OC . -1.15 -2.63 29.75
H16 PGW OC . -0.61 -1.58 31.92
H16A PGW OC . -0.86 -0.57 30.72
H17 PGW OC . 1.10 0.34 31.25
H17A PGW OC . 1.76 -0.94 30.61
H18 PGW OC . 1.28 -0.56 33.40
H18A PGW OC . 1.67 -1.98 32.82
H20 PGW OC . 0.88 -2.16 22.81
H20A PGW OC . 2.14 -1.55 23.58
H21 PGW OC . 0.73 -2.83 25.04
H21A PGW OC . 1.04 -4.14 24.19
H22 PGW OC . 3.29 -2.78 25.26
H22A PGW OC . 3.14 -4.34 25.05
H23 PGW OC . 1.70 -3.02 27.13
H23A PGW OC . 3.16 -3.56 27.41
H24 PGW OC . 2.48 -5.72 27.46
H24A PGW OC . 1.28 -5.46 26.45
H25 PGW OC . 0.39 -5.94 28.58
H25A PGW OC . 0.00 -4.47 28.18
H26 PGW OC . 2.09 -3.85 29.52
H26A PGW OC . 1.80 -5.24 30.23
H27 PGW OC . -0.39 -4.42 30.86
H27A PGW OC . 0.78 -3.59 31.53
H28 PGW OC . 3.75 -1.03 32.01
H28A PGW OC . 3.37 0.33 32.76
H29 PGW OC . 4.55 -3.00 34.95
H29A PGW OC . 3.14 -3.10 34.21
H29B PGW OC . 4.47 -3.07 33.35
H30 PGW OC . 3.46 -0.85 34.87
H30A PGW OC . 4.88 -0.81 34.13
H9 PGW OC . 5.72 -3.35 26.65
H10 PGW OC . 5.50 -5.85 27.17
CAD PGW PC . 14.95 10.41 27.61
OAE PGW PC . 15.16 11.78 27.28
OAF PGW PC . 16.62 9.62 26.04
P PGW PC . 14.58 5.95 27.13
C01 PGW PC . 18.57 4.39 27.48
C1 PGW PC . 19.52 3.81 24.85
O01 PGW PC . 19.06 5.05 25.12
C02 PGW PC . 18.19 5.27 26.28
C2 PGW PC . 20.97 3.77 24.46
O02 PGW PC . 18.80 2.85 24.86
C03 PGW PC . 16.75 5.10 25.83
C3 PGW PC . 21.56 2.36 24.40
O03 PGW PC . 17.82 3.16 27.42
C04 PGW PC . 15.99 8.08 27.78
C4 PGW PC . 21.93 1.81 25.79
O04 PGW PC . 19.00 1.35 27.92
C05 PGW PC . 16.19 9.55 27.40
C5 PGW PC . 23.21 2.43 26.38
C06 PGW PC . 24.55 0.41 32.61
C6 PGW PC . 24.11 1.43 27.15
C07 PGW PC . 25.97 0.79 32.17
C7 PGW PC . 23.54 1.00 28.51
C08 PGW PC . 26.86 1.33 33.32
C8 PGW PC . 23.60 2.08 29.58
C09 PGW PC . 28.19 1.95 32.85
C9 PGW PC . 23.14 1.59 30.93
C10 PGW PC . 23.54 0.48 31.49
C11 PGW PC . 29.34 0.95 32.70
O11 PGW PC . 15.91 5.04 27.02
C12 PGW PC . 29.96 0.50 34.03
O12 PGW PC . 15.07 7.45 26.86
C13 PGW PC . 31.28 -0.26 33.90
O13 PGW PC . 14.19 5.78 28.57
C14 PGW PC . 31.92 -0.58 35.27
O14 PGW PC . 13.63 5.55 26.04
C15 PGW PC . 18.05 0.07 36.31
C16 PGW PC . 18.04 0.95 37.58
C17 PGW PC . 19.21 1.98 37.67
C18 PGW PC . 20.33 1.59 38.64
C19 PGW PC . 18.20 2.18 28.24
C20 PGW PC . 17.51 2.25 29.59
C21 PGW PC . 17.88 1.09 30.52
C22 PGW PC . 19.37 1.11 30.94
C23 PGW PC . 19.64 0.52 32.33
C24 PGW PC . 19.62 -1.02 32.40
C25 PGW PC . 19.12 -1.57 33.76
C26 PGW PC . 19.95 -1.12 34.98
C27 PGW PC . 19.15 -1.04 36.29
C28 PGW PC . 21.61 2.42 38.49
C29 PGW PC . 23.34 0.54 38.91
C30 PGW PC . 22.81 1.94 39.34
HAD PGW PC . 14.20 10.04 27.05
HADA PGW PC . 14.66 10.34 28.56
HOAE PGW PC . 15.67 11.89 26.61
HOAF PGW PC . 16.04 9.31 25.50
H01 PGW PC . 18.35 4.85 28.33
H01A PGW PC . 19.53 4.19 27.48
H02 PGW PC . 18.32 6.23 26.55
H2 PGW PC . 21.49 4.31 25.11
H2A PGW PC . 21.07 4.22 23.58
H03 PGW PC . 16.65 4.25 25.34
H03A PGW PC . 16.48 5.84 25.25
H3 PGW PC . 22.37 2.36 23.84
H3A PGW PC . 20.91 1.75 23.97
H04 PGW PC . 15.64 8.02 28.70
H04A PGW PC . 16.85 7.61 27.75
H4 PGW PC . 22.06 0.83 25.73
H4A PGW PC . 21.17 1.95 26.41
H05 PGW PC . 16.93 9.93 27.96
H5 PGW PC . 22.98 3.18 26.99
H5A PGW PC . 23.74 2.83 25.65
H06 PGW PC . 24.27 1.03 33.32
H06A PGW PC . 24.56 -0.49 33.00
H6 PGW PC . 25.00 1.85 27.30
H6A PGW PC . 24.24 0.65 26.58
H07 PGW PC . 25.92 1.49 31.48
H07A PGW PC . 26.41 0.02 31.76
H7 PGW PC . 24.03 0.20 28.82
H7A PGW PC . 22.60 0.73 28.38
H08 PGW PC . 27.05 0.59 33.94
H08A PGW PC . 26.33 2.00 33.83
H8 PGW PC . 23.05 2.85 29.30
H8A PGW PC . 24.53 2.39 29.67
H09 PGW PC . 28.47 2.65 33.50
H09A PGW PC . 28.03 2.41 31.99
H11 PGW PC . 30.06 1.35 32.14
H11A PGW PC . 29.01 0.16 32.21
H12 PGW PC . 29.30 -0.07 34.51
H12A PGW PC . 30.10 1.29 34.59
H13 PGW PC . 31.91 0.28 33.37
H13A PGW PC . 31.13 -1.10 33.40
H14 PGW PC . 31.33 -1.18 35.78
H14A PGW PC . 32.05 0.23 35.77
H14B PGW PC . 32.78 -1.03 35.14
H15 PGW PC . 18.20 0.66 35.53
H15A PGW PC . 17.16 -0.34 36.19
H16 PGW PC . 18.08 0.37 38.37
H16A PGW PC . 17.17 1.43 37.63
H17 PGW PC . 18.86 2.87 37.91
H17A PGW PC . 19.60 2.07 36.77
H18 PGW PC . 19.99 1.67 39.57
H18A PGW PC . 20.56 0.64 38.50
H20 PGW PC . 16.52 2.25 29.44
H20A PGW PC . 17.74 3.10 30.02
H21 PGW PC . 17.33 1.12 31.33
H21A PGW PC . 17.68 0.23 30.07
H22 PGW PC . 19.69 2.05 30.91
H22A PGW PC . 19.91 0.61 30.28
H23 PGW PC . 18.95 0.87 32.95
H23A PGW PC . 20.51 0.85 32.67
H24 PGW PC . 20.52 -1.37 32.23
H24A PGW PC . 19.03 -1.36 31.68
H25 PGW PC . 19.09 -2.55 33.72
H25A PGW PC . 18.19 -1.27 33.88
H26 PGW PC . 20.33 -0.24 34.79
H26A PGW PC . 20.72 -1.75 35.10
H27 PGW PC . 18.72 -1.92 36.46
H27A PGW PC . 19.76 -0.88 37.04
H28 PGW PC . 21.88 2.42 37.54
H28A PGW PC . 21.41 3.37 38.73
H29 PGW PC . 24.14 0.32 39.42
H29A PGW PC . 22.66 -0.13 39.08
H29B PGW PC . 23.56 0.55 37.96
H30 PGW PC . 22.53 1.91 40.28
H30A PGW PC . 23.54 2.60 39.26
H9 PGW PC . 22.51 2.11 31.41
H10 PGW PC . 23.17 -0.34 31.17
CAD PGW QC . 27.25 17.78 34.20
OAE PGW QC . 26.95 19.17 34.27
OAF PGW QC . 28.44 17.99 32.10
P PGW QC . 28.01 13.69 32.48
C01 PGW QC . 32.14 13.64 31.34
C1 PGW QC . 32.27 14.00 28.51
O01 PGW QC . 31.61 14.90 29.26
C02 PGW QC . 31.15 14.56 30.60
C2 PGW QC . 33.46 14.57 27.78
O02 PGW QC . 31.91 12.85 28.41
C03 PGW QC . 29.76 13.96 30.50
C3 PGW QC . 34.36 13.49 27.14
O03 PGW QC . 31.79 12.27 31.11
C04 PGW QC . 28.89 16.02 33.39
C4 PGW QC . 35.32 12.85 28.17
O04 PGW QC . 33.53 10.94 30.71
C05 PGW QC . 28.53 17.49 33.43
C5 PGW QC . 36.50 13.76 28.58
C06 PGW QC . 40.37 11.13 33.35
C6 PGW QC . 37.84 13.02 28.76
C07 PGW QC . 41.39 12.08 32.71
C7 PGW QC . 37.91 12.14 30.01
C08 PGW QC . 42.41 12.66 33.70
C8 PGW QC . 38.03 12.92 31.32
C09 PGW QC . 43.28 13.80 33.14
C9 PGW QC . 38.19 12.04 32.51
C10 PGW QC . 39.07 11.06 32.60
C11 PGW QC . 44.54 13.33 32.40
O11 PGW QC . 29.41 13.37 31.77
C12 PGW QC . 45.68 12.88 33.32
O12 PGW QC . 27.93 15.29 32.59
C13 PGW QC . 47.04 12.69 32.65
O13 PGW QC . 28.19 13.10 33.86
C14 PGW QC . 48.16 12.34 33.65
O14 PGW QC . 26.89 13.20 31.60
C15 PGW QC . 35.87 7.72 38.27
C16 PGW QC . 36.05 8.27 39.70
C17 PGW QC . 36.84 9.60 39.80
C18 PGW QC . 38.28 9.46 40.30
C19 PGW QC . 32.69 11.34 31.46
C20 PGW QC . 32.50 10.88 32.88
C21 PGW QC . 33.48 9.77 33.29
C22 PGW QC . 34.95 10.24 33.32
C23 PGW QC . 35.83 9.51 34.36
C24 PGW QC . 36.26 8.09 33.96
C25 PGW QC . 36.43 7.14 35.15
C26 PGW QC . 37.47 7.59 36.21
C27 PGW QC . 37.16 7.11 37.64
C28 PGW QC . 39.15 10.71 40.10
C29 PGW QC . 41.37 9.53 39.49
C30 PGW QC . 40.64 10.52 40.43
HAD PGW QC . 26.49 17.30 33.77
HADA PGW QC . 27.32 17.42 35.13
HOAE PGW QC . 27.14 19.60 33.55
HOAF PGW QC . 27.82 17.60 31.65
H01 PGW QC . 32.11 13.81 32.32
H01A PGW QC . 33.07 13.81 31.04
H02 PGW QC . 31.09 15.42 31.11
H2 PGW QC . 34.00 15.11 28.41
H2A PGW QC . 33.13 15.18 27.08
H03 PGW QC . 29.73 13.26 29.81
H03A PGW QC . 29.10 14.65 30.25
H3 PGW QC . 34.90 13.90 26.43
H3A PGW QC . 33.80 12.81 26.73
H04 PGW QC . 28.90 15.65 34.30
H04A PGW QC . 29.79 15.89 33.00
H4 PGW QC . 35.70 12.02 27.78
H4A PGW QC . 34.81 12.58 28.96
H05 PGW QC . 29.28 17.99 33.89
H5 PGW QC . 36.27 14.23 29.42
H5A PGW QC . 36.61 14.46 27.88
H06 PGW QC . 40.18 11.45 34.27
H06A PGW QC . 40.77 10.23 33.43
H6 PGW QC . 38.58 13.68 28.80
H6A PGW QC . 38.00 12.46 27.95
H07 PGW QC . 40.91 12.85 32.30
H07A PGW QC . 41.87 11.63 31.98
H7 PGW QC . 38.68 11.53 29.94
H7A PGW QC . 37.10 11.58 30.05
H08 PGW QC . 43.01 11.92 34.01
H08A PGW QC . 41.94 12.97 34.51
H8 PGW QC . 37.22 13.49 31.43
H8A PGW QC . 38.81 13.53 31.26
H09 PGW QC . 43.56 14.40 33.87
H09A PGW QC . 42.72 14.33 32.52
H11 PGW QC . 44.89 14.07 31.83
H11A PGW QC . 44.31 12.59 31.79
H12 PGW QC . 45.42 12.02 33.76
H12A PGW QC . 45.78 13.54 34.05
H13 PGW QC . 47.27 13.52 32.16
H13A PGW QC . 46.96 11.97 31.97
H14 PGW QC . 47.97 11.49 34.09
H14A PGW QC . 48.22 13.04 34.33
H14B PGW QC . 49.02 12.28 33.19
H15 PGW QC . 35.59 8.46 37.69
H15A PGW QC . 35.15 7.05 38.25
H16 PGW QC . 36.51 7.58 40.24
H16A PGW QC . 35.14 8.38 40.11
H17 PGW QC . 36.35 10.23 40.39
H17A PGW QC . 36.85 10.02 38.91
H18 PGW QC . 38.26 9.22 41.26
H18A PGW QC . 38.70 8.70 39.83
H20 PGW QC . 31.57 10.55 33.01
H20A PGW QC . 32.62 11.65 33.50
H21 PGW QC . 33.24 9.43 34.19
H21A PGW QC . 33.40 9.00 32.67
H22 PGW QC . 34.97 11.21 33.50
H22A PGW QC . 35.36 10.11 32.43
H23 PGW QC . 35.33 9.46 35.20
H23A PGW QC . 36.64 10.06 34.55
H24 PGW QC . 37.12 8.13 33.46
H24A PGW QC . 35.60 7.72 33.33
H25 PGW QC . 36.67 6.24 34.82
H25A PGW QC . 35.55 7.04 35.59
H26 PGW QC . 37.50 8.57 36.21
H26A PGW QC . 38.37 7.28 35.94
H27 PGW QC . 37.09 6.12 37.63
H27A PGW QC . 37.92 7.33 38.22
H28 PGW QC . 39.06 11.00 39.16
H28A PGW QC . 38.77 11.44 40.66
H29 PGW QC . 42.32 9.51 39.68
H29A PGW QC . 41.01 8.64 39.60
H29B PGW QC . 41.24 9.81 38.56
H30 PGW QC . 40.73 10.20 41.37
H30A PGW QC . 41.09 11.40 40.38
H9 PGW QC . 37.64 12.19 33.28
H10 PGW QC . 38.87 10.24 32.14
CAD PGW RC . 38.45 27.57 39.44
OAE PGW RC . 37.81 28.71 40.01
OAF PGW RC . 38.76 28.62 37.27
P PGW RC . 39.71 24.47 36.42
C01 PGW RC . 43.05 26.16 34.34
C1 PGW RC . 42.11 27.09 31.81
O01 PGW RC . 41.52 27.53 32.94
C02 PGW RC . 41.67 26.77 34.18
C2 PGW RC . 42.78 28.20 31.01
O02 PGW RC . 42.07 25.95 31.45
C03 PGW RC . 40.54 25.76 34.25
C3 PGW RC . 43.68 27.68 29.88
O03 PGW RC . 43.04 24.81 33.78
C04 PGW RC . 40.16 26.72 37.75
C4 PGW RC . 45.06 27.23 30.38
O04 PGW RC . 44.86 24.32 32.58
C05 PGW RC . 39.44 27.93 38.33
C5 PGW RC . 46.01 28.39 30.74
C06 PGW RC . 51.83 26.43 33.37
C6 PGW RC . 47.48 28.16 30.35
C07 PGW RC . 52.27 27.79 32.81
C7 PGW RC . 48.21 27.13 31.22
C08 PGW RC . 53.36 28.47 33.64
C8 PGW RC . 48.53 27.62 32.62
C09 PGW RC . 53.62 29.95 33.25
C9 PGW RC . 49.35 26.63 33.41
C10 PGW RC . 50.43 26.04 32.98
C11 PGW RC . 54.65 30.12 32.12
O11 PGW RC . 40.82 24.83 35.32
C12 PGW RC . 56.11 29.92 32.55
O12 PGW RC . 39.23 25.88 37.03
C13 PGW RC . 57.15 30.39 31.54
O13 PGW RC . 40.50 23.72 37.47
C14 PGW RC . 58.60 30.27 32.06
O14 PGW RC . 38.55 23.81 35.75
C15 PGW RC . 50.40 20.70 37.96
C16 PGW RC . 50.89 20.95 39.41
C17 PGW RC . 51.26 22.43 39.71
C18 PGW RC . 52.76 22.72 39.76
C19 PGW RC . 44.23 24.22 33.61
C20 PGW RC . 44.67 23.44 34.82
C21 PGW RC . 46.00 22.71 34.61
C22 PGW RC . 47.20 23.66 34.42
C23 PGW RC . 48.54 23.11 34.92
C24 PGW RC . 49.19 22.05 34.02
C25 PGW RC . 50.01 20.99 34.78
C26 PGW RC . 51.17 21.57 35.63
C27 PGW RC . 51.53 20.73 36.88
C28 PGW RC . 53.13 24.21 39.74
C29 PGW RC . 55.24 24.07 38.27
C30 PGW RC . 54.63 24.52 39.62
HAD PGW RC . 37.77 26.94 39.08
HADA PGW RC . 38.94 27.09 40.16
HOAE PGW RC . 37.64 29.32 39.42
HOAF PGW RC . 38.17 28.13 36.91
H01 PGW RC . 43.31 26.09 35.29
H01A PGW RC . 43.74 26.70 33.87
H02 PGW RC . 41.54 27.43 34.92
H2 PGW RC . 43.32 28.76 31.62
H2A PGW RC . 42.07 28.77 30.64
H03 PGW RC . 40.48 25.24 33.41
H03A PGW RC . 39.67 26.20 34.39
H3 PGW RC . 43.80 28.39 29.20
H3A PGW RC . 43.23 26.93 29.42
H04 PGW RC . 40.58 26.20 38.47
H04A PGW RC . 40.86 27.01 37.13
H4 PGW RC . 45.49 26.68 29.67
H4A PGW RC . 44.95 26.63 31.15
H05 PGW RC . 40.11 28.56 38.71
H5 PGW RC . 45.96 28.56 31.71
H5A PGW RC . 45.67 29.21 30.29
H06 PGW RC . 51.88 26.45 34.34
H06A PGW RC . 52.46 25.73 33.06
H6 PGW RC . 47.97 29.03 30.40
H6A PGW RC . 47.50 27.88 29.40
H07 PGW RC . 51.48 28.38 32.78
H07A PGW RC . 52.57 27.68 31.88
H7 PGW RC . 49.05 26.87 30.77
H7A PGW RC . 47.65 26.32 31.28
H08 PGW RC . 54.20 27.96 33.55
H08A PGW RC . 53.11 28.42 34.59
H8 PGW RC . 47.69 27.82 33.11
H8A PGW RC . 49.05 28.46 32.56
H09 PGW RC . 53.95 30.44 34.04
H09A PGW RC . 52.77 30.35 32.99
H11 PGW RC . 54.56 31.03 31.73
H11A PGW RC . 54.44 29.49 31.39
H12 PGW RC . 56.25 28.97 32.76
H12A PGW RC . 56.25 30.41 33.39
H13 PGW RC . 56.97 31.32 31.28
H13A PGW RC . 57.06 29.84 30.71
H14 PGW RC . 58.81 29.34 32.24
H14A PGW RC . 58.68 30.78 32.88
H14B PGW RC . 59.23 30.62 31.40
H15 PGW RC . 49.73 21.39 37.73
H15A PGW RC . 49.93 19.82 37.92
H16 PGW RC . 51.68 20.40 39.57
H16A PGW RC . 50.19 20.65 40.04
H17 PGW RC . 50.85 22.72 40.56
H17A PGW RC . 50.86 23.00 39.01
H18 PGW RC . 53.14 22.31 40.57
H18A PGW RC . 53.20 22.29 39.00
H20 PGW RC . 43.97 22.79 35.06
H20A PGW RC . 44.77 24.07 35.58
H21 PGW RC . 46.19 22.14 35.39
H21A PGW RC . 45.93 22.11 33.83
H22 PGW RC . 47.01 24.51 34.88
H22A PGW RC . 47.30 23.88 33.45
H23 PGW RC . 48.39 22.70 35.81
H23A PGW RC . 49.18 23.86 35.07
H24 PGW RC . 49.79 22.50 33.36
H24A PGW RC . 48.48 21.60 33.49
H25 PGW RC . 50.38 20.33 34.14
H25A PGW RC . 49.41 20.50 35.38
H26 PGW RC . 50.94 22.47 35.93
H26A PGW RC . 51.98 21.66 35.06
H27 PGW RC . 51.73 19.80 36.59
H27A PGW RC . 52.35 21.08 37.29
H28 PGW RC . 52.66 24.64 38.99
H28A PGW RC . 52.77 24.63 40.57
H29 PGW RC . 56.18 24.36 38.20
H29A PGW RC . 55.20 23.10 38.19
H29B PGW RC . 54.74 24.47 37.53
H30 PGW RC . 55.11 24.07 40.36
H30A PGW RC . 54.77 25.49 39.73
H9 PGW RC . 49.06 26.42 34.30
H10 PGW RC . 50.32 25.32 32.36
CAD PGW SC . 47.55 39.48 44.47
OAE PGW SC . 46.84 40.17 45.50
OAF PGW SC . 46.79 40.99 42.72
P PGW SC . 48.52 37.73 40.44
C01 PGW SC . 50.35 40.89 38.20
C1 PGW SC . 48.39 41.93 36.40
O01 PGW SC . 48.11 41.87 37.71
C02 PGW SC . 48.88 40.99 38.60
C2 PGW SC . 48.42 43.33 35.83
O02 PGW SC . 48.55 40.95 35.72
C03 PGW SC . 48.18 39.64 38.62
C3 PGW SC . 48.99 43.41 34.41
O03 PGW SC . 50.53 39.78 37.29
C04 PGW SC . 48.74 39.67 42.23
C4 PGW SC . 50.52 43.40 34.39
O04 PGW SC . 51.89 40.23 35.58
C05 PGW SC . 47.94 40.38 43.31
C5 PGW SC . 51.17 44.72 34.85
C06 PGW SC . 57.83 44.49 35.19
C6 PGW SC . 52.43 45.13 34.04
C07 PGW SC . 57.66 46.00 35.01
C7 PGW SC . 53.67 44.27 34.34
C08 PGW SC . 58.74 46.86 35.69
C8 PGW SC . 54.29 44.54 35.70
C09 PGW SC . 58.44 48.36 35.72
C9 PGW SC . 55.56 43.77 35.93
C10 PGW SC . 56.56 43.71 35.07
C11 PGW SC . 58.92 49.13 34.48
O11 PGW SC . 49.05 38.68 39.27
C12 PGW SC . 60.43 49.38 34.45
O12 PGW SC . 47.89 38.71 41.54
C13 PGW SC . 60.90 50.38 33.39
O13 PGW SC . 49.79 37.11 40.97
C14 PGW SC . 62.41 50.69 33.49
O14 PGW SC . 47.43 36.84 39.91
C15 PGW SC . 59.70 37.82 38.03
C16 PGW SC . 60.56 37.93 39.32
C17 PGW SC . 60.58 39.35 39.96
C18 PGW SC . 61.87 40.14 39.72
C19 PGW SC . 51.70 39.70 36.65
C20 PGW SC . 52.73 38.91 37.41
C21 PGW SC . 54.06 38.75 36.66
C22 PGW SC . 54.81 40.10 36.48
C23 PGW SC . 56.34 39.97 36.45
C24 PGW SC . 56.91 39.43 35.12
C25 PGW SC . 58.21 38.61 35.29
C26 PGW SC . 59.37 39.37 35.96
C27 PGW SC . 60.34 38.47 36.77
C28 PGW SC . 61.77 41.64 40.06
C29 PGW SC . 63.22 42.58 38.13
C30 PGW SC . 63.00 42.48 39.66
HAD PGW SC . 46.98 38.74 44.12
HADA PGW SC . 48.36 39.06 44.86
HOAE PGW SC . 46.31 40.78 45.19
HOAF PGW SC . 46.27 40.40 42.39
H01 PGW SC . 50.92 40.73 38.99
H01A PGW SC . 50.66 41.72 37.77
H02 PGW SC . 48.83 41.38 39.51
H2 PGW SC . 48.95 43.90 36.43
H2A PGW SC . 47.50 43.68 35.84
H03 PGW SC . 47.98 39.33 37.72
H03A PGW SC . 47.32 39.70 39.11
H3 PGW SC . 48.67 44.24 33.98
H3A PGW SC . 48.63 42.66 33.88
H04 PGW SC . 49.50 39.19 42.63
H04A PGW SC . 49.09 40.31 41.57
H4 PGW SC . 50.83 43.20 33.47
H4A PGW SC . 50.85 42.66 34.96
H05 PGW SC . 48.51 41.12 43.68
H5 PGW SC . 51.41 44.67 35.80
H5A PGW SC . 50.49 45.43 34.76
H06 PGW SC . 58.21 44.33 36.10
H06A PGW SC . 58.51 44.15 34.55
H6 PGW SC . 52.64 46.07 34.23
H6A PGW SC . 52.21 45.07 33.07
H07 PGW SC . 56.78 46.26 35.35
H07A PGW SC . 57.65 46.21 34.03
H7 PGW SC . 54.34 44.43 33.64
H7A PGW SC . 53.42 43.32 34.29
H08 PGW SC . 59.60 46.71 35.24
H08A PGW SC . 58.85 46.52 36.62
H8 PGW SC . 53.64 44.33 36.41
H8A PGW SC . 54.50 45.51 35.78
H09 PGW SC . 58.86 48.77 36.52
H09A PGW SC . 57.46 48.48 35.82
H11 PGW SC . 58.46 50.00 34.43
H11A PGW SC . 58.67 48.62 33.67
H12 PGW SC . 60.90 48.52 34.31
H12A PGW SC . 60.71 49.71 35.34
H13 PGW SC . 60.39 51.23 33.50
H13A PGW SC . 60.69 50.04 32.50
H14 PGW SC . 62.92 49.88 33.31
H14A PGW SC . 62.62 51.02 34.38
H14B PGW SC . 62.66 51.38 32.83
H15 PGW SC . 58.84 38.25 38.20
H15A PGW SC . 59.51 36.87 37.84
H16 PGW SC . 61.48 37.67 39.11
H16A PGW SC . 60.22 37.27 39.99
H17 PGW SC . 60.41 39.29 40.93
H17A PGW SC . 59.82 39.87 39.58
H18 PGW SC . 62.60 39.74 40.24
H18A PGW SC . 62.12 40.07 38.77
H20 PGW SC . 52.36 38.01 37.61
H20A PGW SC . 52.90 39.35 38.28
H21 PGW SC . 54.65 38.14 37.16
H21A PGW SC . 53.89 38.34 35.78
H22 PGW SC . 54.54 40.71 37.21
H22A PGW SC . 54.51 40.53 35.64
H23 PGW SC . 56.61 39.36 37.17
H23A PGW SC . 56.75 40.84 36.64
H24 PGW SC . 57.10 40.19 34.51
H24A PGW SC . 56.23 38.87 34.68
H25 PGW SC . 58.50 38.25 34.41
H25A PGW SC . 58.00 37.81 35.84
H26 PGW SC . 59.00 40.04 36.57
H26A PGW SC . 59.88 39.86 35.27
H27 PGW SC . 60.68 37.76 36.17
H27A PGW SC . 61.11 39.01 37.05
H28 PGW SC . 60.97 42.01 39.62
H28A PGW SC . 61.62 41.73 41.04
H29 PGW SC . 63.95 43.19 37.94
H29A PGW SC . 63.42 41.69 37.77
H29B PGW SC . 62.40 42.91 37.71
H30 PGW SC . 63.80 42.09 40.09
H30A PGW SC . 62.89 43.40 40.03
H9 PGW SC . 55.66 43.29 36.74
H10 PGW SC . 56.45 43.14 34.31
CAD PGW TC . 54.06 52.58 50.43
OAE PGW TC . 53.57 52.75 51.76
OAF PGW TC . 52.38 54.03 49.47
P PGW TC . 54.08 52.16 45.95
C01 PGW TC . 54.08 56.14 44.39
C1 PGW TC . 51.42 56.75 43.53
O01 PGW TC . 51.63 56.33 44.80
C02 PGW TC . 52.86 55.62 45.15
C2 PGW TC . 50.86 58.15 43.44
O02 PGW TC . 51.61 56.05 42.58
C03 PGW TC . 52.61 54.13 44.95
C3 PGW TC . 50.87 58.72 42.02
O03 PGW TC . 54.24 55.39 43.17
C04 PGW TC . 54.33 53.63 48.13
C4 PGW TC . 52.25 59.26 41.61
O04 PGW TC . 54.77 56.63 41.40
C05 PGW TC . 53.79 53.78 49.53
C5 PGW TC . 52.61 60.62 42.27
C06 PGW TC . 58.79 62.74 40.86
C6 PGW TC . 53.35 61.60 41.34
C07 PGW TC . 58.14 64.08 41.18
C7 PGW TC . 54.81 61.20 41.05
C08 PGW TC . 59.10 65.10 41.81
C8 PGW TC . 55.76 61.40 42.22
C09 PGW TC . 58.41 66.37 42.36
C9 PGW TC . 57.19 61.11 41.88
C10 PGW TC . 57.81 61.59 40.82
C11 PGW TC . 58.21 67.49 41.33
O11 PGW TC . 53.90 53.45 45.02
C12 PGW TC . 59.49 68.27 41.00
O12 PGW TC . 53.60 52.60 47.42
C13 PGW TC . 59.28 69.56 40.23
O13 PGW TC . 55.57 51.95 45.93
C14 PGW TC . 60.57 70.38 40.03
O14 PGW TC . 53.16 51.06 45.46
C15 PGW TC . 63.29 56.76 40.97
C16 PGW TC . 64.46 56.90 41.97
C17 PGW TC . 64.29 58.08 42.98
C18 PGW TC . 65.15 59.31 42.69
C19 PGW TC . 55.10 55.87 42.27
C20 PGW TC . 56.51 55.36 42.48
C21 PGW TC . 57.49 55.85 41.41
C22 PGW TC . 57.72 57.37 41.45
C23 PGW TC . 59.12 57.82 41.00
C24 PGW TC . 59.35 57.80 39.48
C25 PGW TC . 60.80 57.49 39.06
C26 PGW TC . 61.86 58.46 39.62
C27 PGW TC . 63.26 57.84 39.85
C28 PGW TC . 64.76 60.56 43.48
C29 PGW TC . 65.14 62.33 41.63
C30 PGW TC . 65.49 61.86 43.07
HAD PGW TC . 53.64 51.76 50.03
HADA PGW TC . 55.05 52.41 50.46
HOAE PGW TC . 52.84 53.17 51.80
HOAF PGW TC . 51.96 53.38 49.11
H01 PGW TC . 54.89 56.04 44.93
H01A PGW TC . 53.98 57.11 44.17
H02 PGW TC . 53.01 55.78 46.13
H2 PGW TC . 51.37 58.74 44.03
H2A PGW TC . 49.94 58.13 43.78
H03 PGW TC . 52.22 53.96 44.06
H03A PGW TC . 52.00 53.78 45.63
H3 PGW TC . 50.21 59.45 41.94
H3A PGW TC . 50.59 58.02 41.38
H04 PGW TC . 55.29 53.40 48.16
H04A PGW TC . 54.25 54.48 47.63
H4 PGW TC . 52.26 59.39 40.62
H4A PGW TC . 52.94 58.60 41.82
H05 PGW TC . 54.20 54.58 49.96
H5 PGW TC . 53.16 60.45 43.06
H5A PGW TC . 51.77 61.04 42.58
H06 PGW TC . 59.47 62.54 41.55
H06A PGW TC . 59.27 62.79 39.99
H6 PGW TC . 53.35 62.50 41.75
H6A PGW TC . 52.85 61.67 40.49
H07 PGW TC . 57.39 63.93 41.80
H07A PGW TC . 57.75 64.47 40.35
H7 PGW TC . 55.14 61.73 40.27
H7A PGW TC . 54.82 60.26 40.77
H08 PGW TC . 59.77 65.38 41.13
H08A PGW TC . 59.60 64.65 42.53
H8 PGW TC . 55.47 60.83 42.97
H8A PGW TC . 55.69 62.34 42.53
H09 PGW TC . 58.94 66.73 43.11
H09A PGW TC . 57.53 66.10 42.73
H11 PGW TC . 57.53 68.13 41.67
H11A PGW TC . 57.85 67.10 40.50
H12 PGW TC . 60.11 67.69 40.49
H12A PGW TC . 59.95 68.49 41.85
H13 PGW TC . 58.61 70.12 40.70
H13A PGW TC . 58.89 69.35 39.34
H14 PGW TC . 61.21 69.86 39.50
H14A PGW TC . 60.98 70.57 40.89
H14B PGW TC . 60.39 71.21 39.57
H15 PGW TC . 62.44 56.81 41.47
H15A PGW TC . 63.32 55.86 40.55
H16 PGW TC . 65.29 57.05 41.47
H16A PGW TC . 64.56 56.05 42.47
H17 PGW TC . 64.50 57.76 43.90
H17A PGW TC . 63.34 58.35 42.98
H18 PGW TC . 66.10 59.09 42.86
H18A PGW TC . 65.08 59.52 41.72
H20 PGW TC . 56.49 54.36 42.47
H20A PGW TC . 56.83 55.64 43.36
H21 PGW TC . 58.37 55.40 41.53
H21A PGW TC . 57.17 55.59 40.50
H22 PGW TC . 57.57 57.69 42.38
H22A PGW TC . 57.06 57.83 40.88
H23 PGW TC . 59.78 57.21 41.42
H23A PGW TC . 59.31 58.73 41.35
H24 PGW TC . 59.09 58.68 39.10
H24A PGW TC . 58.74 57.14 39.07
H25 PGW TC . 60.87 57.45 38.08
H25A PGW TC . 61.01 56.58 39.39
H26 PGW TC . 61.55 58.82 40.48
H26A PGW TC . 61.94 59.24 39.00
H27 PGW TC . 63.56 57.44 39.00
H27A PGW TC . 63.89 58.55 40.08
H28 PGW TC . 63.79 60.71 43.38
H28A PGW TC . 64.92 60.39 44.45
H29 PGW TC . 65.57 63.19 41.44
H29A PGW TC . 65.47 61.68 40.98
H29B PGW TC . 64.18 62.42 41.53
H30 PGW TC . 66.47 61.71 43.13
H30A PGW TC . 65.27 62.58 43.70
H9 PGW TC . 57.69 60.55 42.45
H10 PGW TC . 57.62 61.18 39.98
CAD PGW UC . -47.08 -53.06 -72.86
OAE PGW UC . -46.96 -53.46 -71.49
OAF PGW UC . -49.39 -52.37 -72.60
P PGW UC . -48.89 -52.36 -76.91
C01 PGW UC . -50.91 -48.59 -76.66
C1 PGW UC . -53.70 -49.11 -76.37
O01 PGW UC . -52.84 -49.66 -75.51
C02 PGW UC . -51.42 -49.78 -75.85
C2 PGW UC . -54.68 -48.15 -75.73
O02 PGW UC . -53.72 -49.39 -77.54
C03 PGW UC . -51.21 -51.11 -76.55
C3 PGW UC . -55.48 -47.33 -76.74
O03 PGW UC . -51.05 -48.87 -78.07
C04 PGW UC . -48.21 -51.49 -74.50
C4 PGW UC . -54.70 -46.12 -77.28
O04 PGW UC . -51.80 -47.15 -79.26
C05 PGW UC . -48.10 -51.95 -73.06
C5 PGW UC . -54.56 -44.96 -76.28
C06 PGW UC . -50.73 -39.94 -78.46
C6 PGW UC . -54.67 -43.55 -76.90
C07 PGW UC . -51.59 -39.17 -77.45
C7 PGW UC . -53.46 -43.14 -77.74
C08 PGW UC . -50.84 -37.99 -76.78
C8 PGW UC . -52.22 -42.81 -76.92
C09 PGW UC . -51.60 -37.37 -75.58
C9 PGW UC . -51.08 -42.30 -77.76
C10 PGW UC . -51.18 -41.37 -78.66
C11 PGW UC . -52.60 -36.26 -75.97
O11 PGW UC . -49.89 -51.12 -77.14
C12 PGW UC . -51.93 -34.93 -76.31
O12 PGW UC . -48.79 -52.54 -75.32
C13 PGW UC . -52.89 -33.73 -76.41
O13 PGW UC . -47.58 -51.84 -77.45
C14 PGW UC . -52.16 -32.39 -76.64
O14 PGW UC . -49.50 -53.60 -77.51
C15 PGW UC . -44.93 -42.96 -82.09
C16 PGW UC . -43.56 -42.52 -81.50
C17 PGW UC . -43.65 -41.85 -80.12
C18 PGW UC . -43.48 -40.32 -80.13
C19 PGW UC . -50.89 -47.84 -78.91
C20 PGW UC . -49.46 -47.67 -79.36
C21 PGW UC . -49.26 -46.54 -80.37
C22 PGW UC . -49.57 -45.14 -79.79
C23 PGW UC . -48.74 -44.00 -80.42
C24 PGW UC . -49.22 -43.55 -81.80
C25 PGW UC . -48.08 -43.05 -82.72
C26 PGW UC . -47.28 -41.85 -82.16
C27 PGW UC . -45.81 -41.79 -82.63
C28 PGW UC . -43.87 -39.62 -78.82
C29 PGW UC . -44.95 -37.50 -79.82
C30 PGW UC . -43.88 -38.08 -78.88
HAD PGW UC . -47.33 -53.85 -73.40
HADA PGW UC . -46.19 -52.76 -73.18
HOAE PGW UC . -47.69 -53.46 -71.06
HOAF PGW UC . -49.68 -53.05 -73.05
H01 PGW UC . -49.95 -48.42 -76.47
H01A PGW UC . -51.41 -47.77 -76.43
H02 PGW UC . -50.91 -49.80 -74.98
H2 PGW UC . -54.19 -47.54 -75.14
H2A PGW UC . -55.29 -48.68 -75.17
H03 PGW UC . -51.87 -51.23 -77.27
H03A PGW UC . -51.31 -51.86 -75.93
H3 PGW UC . -56.31 -46.99 -76.31
H3A PGW UC . -55.77 -47.91 -77.49
H04 PGW UC . -47.32 -51.25 -74.85
H04A PGW UC . -48.79 -50.70 -74.56
H4 PGW UC . -55.16 -45.78 -78.09
H4A PGW UC . -53.80 -46.42 -77.57
H05 PGW UC . -47.84 -51.17 -72.49
H5 PGW UC . -53.70 -45.04 -75.81
H5A PGW UC . -55.26 -45.06 -75.59
H06 PGW UC . -49.80 -39.95 -78.14
H06A PGW UC . -50.74 -39.47 -79.33
H6 PGW UC . -54.80 -42.89 -76.18
H6A PGW UC . -55.48 -43.54 -77.47
H07 PGW UC . -51.88 -39.78 -76.75
H07A PGW UC . -52.40 -38.83 -77.90
H7 PGW UC . -53.70 -42.36 -78.29
H7A PGW UC . -53.24 -43.87 -78.37
H08 PGW UC . -50.69 -37.29 -77.45
H08A PGW UC . -49.96 -38.31 -76.48
H8 PGW UC . -51.93 -43.62 -76.42
H8A PGW UC . -52.45 -42.12 -76.26
H09 PGW UC . -50.95 -36.99 -74.94
H09A PGW UC . -52.08 -38.09 -75.11
H11 PGW UC . -53.23 -36.11 -75.23
H11A PGW UC . -53.13 -36.57 -76.75
H12 PGW UC . -51.45 -35.01 -77.17
H12A PGW UC . -51.25 -34.72 -75.62
H13 PGW UC . -53.42 -33.69 -75.57
H13A PGW UC . -53.53 -33.89 -77.15
H14 PGW UC . -51.69 -32.42 -77.49
H14A PGW UC . -51.52 -32.25 -75.93
H14B PGW UC . -52.80 -31.65 -76.65
H15 PGW UC . -45.43 -43.43 -81.39
H15A PGW UC . -44.78 -43.61 -82.82
H16 PGW UC . -43.14 -41.90 -82.13
H16A PGW UC . -42.96 -43.32 -81.45
H17 PGW UC . -42.98 -42.23 -79.50
H17A PGW UC . -44.53 -42.05 -79.71
H18 PGW UC . -42.54 -40.10 -80.33
H18A PGW UC . -44.03 -39.95 -80.86
H20 PGW UC . -49.14 -48.52 -79.74
H20A PGW UC . -48.89 -47.48 -78.56
H21 PGW UC . -48.34 -46.55 -80.71
H21A PGW UC . -49.85 -46.70 -81.15
H22 PGW UC . -49.40 -45.17 -78.81
H22A PGW UC . -50.53 -44.93 -79.90
H23 PGW UC . -47.81 -44.31 -80.48
H23A PGW UC . -48.74 -43.22 -79.80
H24 PGW UC . -49.89 -42.83 -81.70
H24A PGW UC . -49.68 -44.31 -82.24
H25 PGW UC . -48.45 -42.81 -83.60
H25A PGW UC . -47.45 -43.80 -82.87
H26 PGW UC . -47.29 -41.90 -81.17
H26A PGW UC . -47.74 -41.01 -82.40
H27 PGW UC . -45.79 -41.78 -83.61
H27A PGW UC . -45.41 -40.93 -82.33
H28 PGW UC . -44.78 -39.93 -78.56
H28A PGW UC . -43.26 -39.93 -78.10
H29 PGW UC . -44.97 -36.52 -79.77
H29A PGW UC . -44.76 -37.75 -80.74
H29B PGW UC . -45.83 -37.84 -79.59
H30 PGW UC . -42.99 -37.78 -79.16
H30A PGW UC . -44.03 -37.72 -77.96
H9 PGW UC . -50.21 -42.69 -77.63
H10 PGW UC . -51.58 -41.60 -79.50
CAD PGW VC . -44.56 -41.86 -62.07
OAE PGW VC . -43.87 -42.46 -60.97
OAF PGW VC . -46.74 -42.12 -61.06
P PGW VC . -47.74 -41.03 -65.13
C01 PGW VC . -50.52 -38.38 -63.25
C1 PGW VC . -52.80 -39.92 -62.45
O01 PGW VC . -51.57 -40.29 -62.04
C02 PGW VC . -50.38 -39.81 -62.74
C2 PGW VC . -53.73 -39.53 -61.33
O02 PGW VC . -53.13 -39.93 -63.60
C03 PGW VC . -50.06 -40.81 -63.84
C3 PGW VC . -55.02 -38.86 -61.80
O03 PGW VC . -51.05 -38.38 -64.60
C04 PGW VC . -46.57 -40.49 -62.82
C4 PGW VC . -54.84 -37.37 -62.12
O04 PGW VC . -52.61 -36.85 -64.98
C05 PGW VC . -45.86 -41.18 -61.66
C5 PGW VC . -54.70 -36.47 -60.88
C06 PGW VC . -53.39 -30.07 -62.30
C6 PGW VC . -55.40 -35.10 -61.00
C07 PGW VC . -54.03 -29.88 -60.93
C7 PGW VC . -54.70 -34.11 -61.94
C08 PGW VC . -53.47 -28.68 -60.14
C8 PGW VC . -53.40 -33.53 -61.40
C09 PGW VC . -53.91 -28.64 -58.66
C9 PGW VC . -52.80 -32.49 -62.30
C10 PGW VC . -53.46 -31.49 -62.81
C11 PGW VC . -55.25 -27.91 -58.43
O11 PGW VC . -49.06 -40.22 -64.72
C12 PGW VC . -55.14 -26.38 -58.50
O12 PGW VC . -47.07 -41.50 -63.75
C13 PGW VC . -56.37 -25.61 -57.98
O13 PGW VC . -46.89 -39.98 -65.79
C14 PGW VC . -56.17 -24.09 -57.97
O14 PGW VC . -48.15 -42.25 -65.91
C15 PGW VC . -48.54 -29.99 -68.01
C16 PGW VC . -47.24 -29.23 -67.68
C17 PGW VC . -47.04 -28.92 -66.17
C18 PGW VC . -47.32 -27.47 -65.75
C19 PGW VC . -51.48 -37.23 -65.09
C20 PGW VC . -50.38 -36.47 -65.81
C21 PGW VC . -50.87 -35.16 -66.44
C22 PGW VC . -51.33 -34.11 -65.40
C23 PGW VC . -51.12 -32.65 -65.83
C24 PGW VC . -52.14 -32.12 -66.86
C25 PGW VC . -51.57 -31.07 -67.83
C26 PGW VC . -50.99 -29.81 -67.14
C27 PGW VC . -49.84 -29.13 -67.92
C28 PGW VC . -47.43 -27.24 -64.24
C29 PGW VC . -49.33 -25.49 -64.25
C30 PGW VC . -47.88 -25.83 -63.82
HAD PGW VC . -44.75 -42.55 -62.76
HADA PGW VC . -43.95 -41.19 -62.49
HOAE PGW VC . -44.40 -42.80 -60.40
HOAF PGW VC . -46.96 -42.74 -61.60
H01 PGW VC . -49.66 -37.91 -63.26
H01A PGW VC . -51.13 -37.85 -62.66
H02 PGW VC . -49.63 -39.83 -62.08
H2 PGW VC . -53.26 -38.91 -60.71
H2A PGW VC . -53.95 -40.35 -60.81
H03 PGW VC . -50.86 -41.01 -64.38
H03A PGW VC . -49.73 -41.66 -63.47
H3 PGW VC . -55.72 -38.94 -61.09
H3A PGW VC . -55.37 -39.34 -62.59
H04 PGW VC . -45.95 -39.90 -63.29
H04A PGW VC . -47.33 -39.97 -62.49
H4 PGW VC . -55.61 -37.05 -62.65
H4A PGW VC . -54.04 -37.26 -62.70
H05 PGW VC . -45.64 -40.48 -60.98
H5 PGW VC . -53.74 -36.31 -60.68
H5A PGW VC . -55.07 -36.95 -60.10
H06 PGW VC . -52.43 -29.81 -62.25
H06A PGW VC . -53.82 -29.46 -62.96
H6 PGW VC . -55.45 -34.68 -60.10
H6A PGW VC . -56.33 -35.25 -61.30
H07 PGW VC . -53.89 -30.70 -60.39
H07A PGW VC . -55.01 -29.78 -61.03
H7 PGW VC . -55.32 -33.37 -62.15
H7A PGW VC . -54.51 -34.57 -62.80
H08 PGW VC . -53.74 -27.85 -60.58
H08A PGW VC . -52.47 -28.73 -60.18
H8 PGW VC . -52.76 -34.27 -61.25
H8A PGW VC . -53.58 -33.12 -60.52
H09 PGW VC . -53.22 -28.19 -58.11
H09A PGW VC . -53.99 -29.57 -58.32
H11 PGW VC . -55.61 -28.15 -57.54
H11A PGW VC . -55.90 -28.22 -59.10
H12 PGW VC . -54.97 -26.11 -59.44
H12A PGW VC . -54.36 -26.10 -57.98
H13 PGW VC . -56.58 -25.93 -57.07
H13A PGW VC . -57.15 -25.84 -58.55
H14 PGW VC . -56.02 -23.77 -58.88
H14A PGW VC . -55.38 -23.86 -57.43
H14B PGW VC . -56.94 -23.65 -57.58
H15 PGW VC . -48.62 -30.74 -67.38
H15A PGW VC . -48.47 -30.38 -68.91
H16 PGW VC . -47.24 -28.37 -68.17
H16A PGW VC . -46.47 -29.75 -68.02
H17 PGW VC . -46.12 -29.16 -65.90
H17A PGW VC . -47.64 -29.51 -65.64
H18 PGW VC . -46.60 -26.89 -66.11
H18A PGW VC . -48.15 -27.18 -66.18
H20 PGW VC . -49.99 -37.05 -66.51
H20A PGW VC . -49.66 -36.26 -65.16
H21 PGW VC . -50.14 -34.76 -66.98
H21A PGW VC . -51.61 -35.36 -67.07
H22 PGW VC . -50.84 -34.28 -64.55
H22A PGW VC . -52.30 -34.24 -65.20
H23 PGW VC . -50.21 -32.58 -66.23
H23A PGW VC . -51.12 -32.07 -65.03
H24 PGW VC . -52.91 -31.73 -66.38
H24A PGW VC . -52.49 -32.89 -67.38
H25 PGW VC . -52.26 -30.81 -68.47
H25A PGW VC . -50.84 -31.50 -68.34
H26 PGW VC . -50.66 -30.06 -66.25
H26A PGW VC . -51.73 -29.16 -67.00
H27 PGW VC . -50.15 -28.92 -68.83
H27A PGW VC . -49.62 -28.27 -67.49
H28 PGW VC . -48.06 -27.90 -63.87
H28A PGW VC . -46.55 -27.45 -63.82
H29 PGW VC . -49.59 -24.62 -63.89
H29A PGW VC . -49.39 -25.47 -65.23
H29B PGW VC . -49.94 -26.18 -63.92
H30 PGW VC . -47.26 -25.17 -64.22
H30A PGW VC . -47.81 -25.75 -62.83
H9 PGW VC . -51.87 -32.56 -62.51
H10 PGW VC . -54.03 -31.67 -63.56
CAD PGW WC . -41.75 -32.95 -49.38
OAE PGW WC . -40.60 -33.47 -48.71
OAF PGW WC . -43.31 -34.18 -47.97
P PGW WC . -45.89 -32.71 -51.14
C01 PGW WC . -48.50 -31.69 -47.91
C1 PGW WC . -49.84 -34.07 -47.08
O01 PGW WC . -48.49 -34.06 -47.12
C02 PGW WC . -47.80 -33.05 -47.92
C2 PGW WC . -50.41 -34.28 -45.70
O02 PGW WC . -50.52 -33.98 -48.06
C03 PGW WC . -47.60 -33.62 -49.32
C3 PGW WC . -51.92 -34.05 -45.60
O03 PGW WC . -49.43 -31.62 -49.02
C04 PGW WC . -44.20 -32.28 -49.15
C4 PGW WC . -52.28 -32.55 -45.50
O04 PGW WC . -51.38 -30.70 -48.51
C05 PGW WC . -42.98 -32.88 -48.47
C5 PGW WC . -51.98 -31.94 -44.10
C06 PGW WC . -53.08 -25.36 -43.79
C6 PGW WC . -53.03 -30.93 -43.63
C07 PGW WC . -53.25 -25.70 -42.32
C7 PGW WC . -53.01 -29.59 -44.37
C08 PGW WC . -52.82 -24.57 -41.36
C8 PGW WC . -51.82 -28.70 -44.02
C09 PGW WC . -52.73 -24.99 -39.87
C9 PGW WC . -51.88 -27.35 -44.67
C10 PGW WC . -52.92 -26.56 -44.67
C11 PGW WC . -54.07 -24.86 -39.11
O11 PGW WC . -47.16 -32.54 -50.19
C12 PGW WC . -54.42 -23.41 -38.74
O12 PGW WC . -44.68 -33.18 -50.19
C13 PGW WC . -55.57 -23.26 -37.72
O13 PGW WC . -45.64 -31.32 -51.64
C14 PGW WC . -55.80 -21.81 -37.29
O14 PGW WC . -46.16 -33.82 -52.12
C15 PGW WC . -50.67 -22.37 -50.22
C16 PGW WC . -49.61 -21.27 -50.00
C17 PGW WC . -49.00 -21.23 -48.58
C18 PGW WC . -49.52 -20.09 -47.68
C19 PGW WC . -50.29 -30.61 -49.02
C20 PGW WC . -49.76 -29.38 -49.71
C21 PGW WC . -50.78 -28.23 -49.77
C22 PGW WC . -51.15 -27.67 -48.39
C23 PGW WC . -51.51 -26.18 -48.39
C24 PGW WC . -52.92 -25.85 -48.92
C25 PGW WC . -53.02 -24.48 -49.63
C26 PGW WC . -52.63 -23.27 -48.76
C27 PGW WC . -52.05 -22.08 -49.56
C28 PGW WC . -49.17 -20.24 -46.19
C29 PGW WC . -51.37 -19.33 -45.20
C30 PGW WC . -49.84 -19.21 -45.27
HAD PGW WC . -41.96 -33.51 -50.17
HADA PGW WC . -41.55 -32.04 -49.71
HOAE PGW WC . -40.79 -34.10 -48.16
HOAF PGW WC . -43.52 -34.71 -48.61
H01 PGW WC . -47.85 -30.96 -48.00
H01A PGW WC . -48.99 -31.55 -47.06
H02 PGW WC . -46.89 -32.93 -47.51
H2 PGW WC . -49.94 -33.69 -45.05
H2A PGW WC . -50.20 -35.21 -45.42
H03 PGW WC . -48.44 -33.97 -49.67
H03A PGW WC . -46.93 -34.34 -49.31
H3 PGW WC . -52.28 -34.52 -44.81
H3A PGW WC . -52.35 -34.44 -46.39
H04 PGW WC . -43.98 -31.41 -49.55
H04A PGW WC . -44.93 -32.13 -48.49
H4 PGW WC . -53.24 -32.44 -45.69
H4A PGW WC . -51.79 -32.06 -46.19
H05 PGW WC . -42.74 -32.31 -47.68
H5 PGW WC . -51.10 -31.50 -44.12
H5A PGW WC . -51.92 -32.68 -43.45
H06 PGW WC . -52.29 -24.80 -43.90
H06A PGW WC . -53.86 -24.82 -44.10
H6 PGW WC . -52.90 -30.76 -42.66
H6A PGW WC . -53.93 -31.34 -43.73
H07 PGW WC . -52.73 -26.50 -42.11
H07A PGW WC . -54.20 -25.94 -42.13
H7 PGW WC . -53.84 -29.09 -44.18
H7A PGW WC . -53.00 -29.76 -45.34
H08 PGW WC . -53.45 -23.82 -41.44
H08A PGW WC . -51.94 -24.24 -41.66
H8 PGW WC . -50.99 -29.16 -44.27
H8A PGW WC . -51.80 -28.57 -43.03
H09 PGW WC . -52.05 -24.45 -39.42
H09A PGW WC . -52.43 -25.93 -39.84
H11 PGW WC . -54.02 -25.39 -38.28
H11A PGW WC . -54.79 -25.24 -39.66
H12 PGW WC . -54.65 -22.91 -39.56
H12A PGW WC . -53.62 -22.97 -38.36
H13 PGW WC . -55.35 -23.82 -36.93
H13A PGW WC . -56.39 -23.63 -38.12
H14 PGW WC . -56.07 -21.27 -38.06
H14A PGW WC . -54.98 -21.43 -36.92
H14B PGW WC . -56.50 -21.76 -36.61
H15 PGW WC . -50.33 -23.22 -49.85
H15A PGW WC . -50.81 -22.52 -51.19
H16 PGW WC . -50.01 -20.40 -50.20
H16A PGW WC . -48.88 -21.40 -50.67
H17 PGW WC . -48.02 -21.17 -48.63
H17A PGW WC . -49.20 -22.09 -48.13
H18 PGW WC . -49.16 -19.24 -48.02
H18A PGW WC . -50.50 -20.05 -47.78
H20 PGW WC . -49.49 -29.63 -50.63
H20A PGW WC . -48.96 -29.07 -49.24
H21 PGW WC . -50.43 -27.50 -50.33
H21A PGW WC . -51.61 -28.55 -50.22
H22 PGW WC . -50.38 -27.81 -47.78
H22A PGW WC . -51.90 -28.17 -48.00
H23 PGW WC . -50.86 -25.70 -48.96
H23A PGW WC . -51.42 -25.80 -47.48
H24 PGW WC . -53.56 -25.86 -48.16
H24A PGW WC . -53.19 -26.57 -49.54
H25 PGW WC . -53.95 -24.36 -49.97
H25A PGW WC . -52.43 -24.50 -50.41
H26 PGW WC . -51.96 -23.56 -48.10
H26A PGW WC . -53.43 -22.97 -48.24
H27 PGW WC . -52.70 -21.82 -50.25
H27A PGW WC . -51.94 -21.31 -48.95
H28 PGW WC . -49.44 -21.14 -45.90
H28A PGW WC . -48.18 -20.19 -46.09
H29 PGW WC . -51.74 -18.71 -44.54
H29A PGW WC . -51.77 -19.12 -46.07
H29B PGW WC . -51.63 -20.24 -44.95
H30 PGW WC . -49.59 -18.30 -45.59
H30A PGW WC . -49.46 -19.30 -44.35
H9 PGW WC . -51.09 -27.04 -45.13
H10 PGW WC . -53.63 -26.79 -45.28
CAD PGW XC . -37.48 -26.44 -35.65
OAE PGW XC . -36.07 -26.63 -35.49
OAF PGW XC . -38.06 -28.40 -34.36
P PGW XC . -41.84 -27.35 -36.19
C01 PGW XC . -43.40 -28.02 -32.25
C1 PGW XC . -43.65 -30.84 -31.88
O01 PGW XC . -42.47 -30.33 -32.25
C02 PGW XC . -42.38 -29.00 -32.84
C2 PGW XC . -43.64 -31.52 -30.54
O02 PGW XC . -44.62 -30.80 -32.59
C03 PGW XC . -42.52 -29.15 -34.35
C3 PGW XC . -45.03 -31.87 -30.00
O03 PGW XC . -44.62 -28.06 -33.02
C04 PGW XC . -39.78 -26.75 -34.64
C4 PGW XC . -45.75 -30.66 -29.37
O04 PGW XC . -46.47 -28.04 -31.80
C05 PGW XC . -38.29 -26.99 -34.50
C5 PGW XC . -45.19 -30.28 -27.97
C06 PGW XC . -47.92 -24.75 -25.41
C6 PGW XC . -46.26 -29.84 -26.96
C07 PGW XC . -47.48 -25.43 -24.10
C7 PGW XC . -46.85 -28.45 -27.24
C08 PGW XC . -47.08 -24.43 -22.99
C8 PGW XC . -45.91 -27.29 -26.94
C09 PGW XC . -46.39 -25.08 -21.78
C9 PGW XC . -46.56 -25.95 -27.12
C10 PGW XC . -47.73 -25.61 -26.63
C11 PGW XC . -47.36 -25.59 -20.70
O11 PGW XC . -42.72 -27.84 -34.94
C12 PGW XC . -47.97 -24.48 -19.83
O12 PGW XC . -40.31 -27.53 -35.75
C13 PGW XC . -48.70 -24.97 -18.57
O13 PGW XC . -42.18 -25.89 -36.27
C14 PGW XC . -49.19 -23.82 -17.67
O14 PGW XC . -42.12 -28.26 -37.36
C15 PGW XC . -48.75 -19.84 -31.00
C16 PGW XC . -48.02 -18.51 -30.73
C17 PGW XC . -47.01 -18.55 -29.56
C18 PGW XC . -47.50 -17.88 -28.26
C19 PGW XC . -45.69 -27.46 -32.50
C20 PGW XC . -45.79 -26.00 -32.89
C21 PGW XC . -47.05 -25.31 -32.35
C22 PGW XC . -47.06 -25.22 -30.81
C23 PGW XC . -47.81 -23.98 -30.27
C24 PGW XC . -49.35 -24.09 -30.30
C25 PGW XC . -50.06 -22.74 -30.52
C26 PGW XC . -49.75 -21.67 -29.45
C27 PGW XC . -49.84 -20.21 -29.96
C28 PGW XC . -46.64 -18.19 -27.03
C29 PGW XC . -48.54 -18.36 -25.29
C30 PGW XC . -47.21 -17.67 -25.69
HAD PGW XC . -37.77 -26.87 -36.50
HADA PGW XC . -37.65 -25.46 -35.74
HOAE PGW XC . -35.87 -27.38 -35.13
HOAF PGW XC . -38.30 -28.83 -35.06
H01 PGW XC . -43.05 -27.10 -32.28
H01A PGW XC . -43.59 -28.24 -31.31
H02 PGW XC . -41.47 -28.65 -32.65
H2 PGW XC . -43.18 -30.94 -29.88
H2A PGW XC . -43.10 -32.35 -30.62
H03 PGW XC . -43.29 -29.71 -34.58
H03A PGW XC . -41.71 -29.58 -34.74
H3 PGW XC . -44.96 -32.58 -29.33
H3A PGW XC . -45.58 -32.22 -30.74
H04 PGW XC . -39.95 -25.80 -34.79
H04A PGW XC . -40.26 -27.01 -33.82
H4 PGW XC . -46.71 -30.86 -29.26
H4A PGW XC . -45.67 -29.89 -29.97
H05 PGW XC . -37.97 -26.56 -33.66
H5 PGW XC . -44.52 -29.56 -28.07
H5A PGW XC . -44.70 -31.06 -27.60
H06 PGW XC . -47.40 -23.92 -25.53
H06A PGW XC . -48.87 -24.48 -25.34
H6 PGW XC . -45.87 -29.82 -26.05
H6A PGW XC . -46.98 -30.51 -26.95
H07 PGW XC . -46.71 -26.00 -24.29
H07A PGW XC . -48.20 -26.01 -23.77
H7 PGW XC . -47.68 -28.34 -26.71
H7A PGW XC . -47.12 -28.41 -28.19
H08 PGW XC . -47.89 -23.96 -22.69
H08A PGW XC . -46.48 -23.75 -23.38
H8 PGW XC . -45.12 -27.36 -27.52
H8A PGW XC . -45.61 -27.36 -26.00
H09 PGW XC . -45.78 -24.44 -21.35
H09A PGW XC . -45.84 -25.83 -22.10
H11 PGW XC . -46.90 -26.24 -20.11
H11A PGW XC . -48.10 -26.09 -21.13
H12 PGW XC . -48.60 -23.95 -20.37
H12A PGW XC . -47.24 -23.88 -19.55
H13 PGW XC . -48.09 -25.56 -18.06
H13A PGW XC . -49.47 -25.53 -18.84
H14 PGW XC . -49.83 -23.27 -18.15
H14A PGW XC . -48.42 -23.26 -17.43
H14B PGW XC . -49.60 -24.17 -16.85
H15 PGW XC . -48.07 -20.57 -31.01
H15A PGW XC . -49.14 -19.83 -31.91
H16 PGW XC . -48.70 -17.82 -30.54
H16A PGW XC . -47.55 -18.22 -31.57
H17 PGW XC . -46.15 -18.12 -29.83
H17A PGW XC . -46.80 -19.49 -29.36
H18 PGW XC . -47.53 -16.90 -28.39
H18A PGW XC . -48.42 -18.17 -28.09
H20 PGW XC . -45.78 -25.94 -33.88
H20A PGW XC . -45.00 -25.52 -32.56
H21 PGW XC . -47.11 -24.41 -32.73
H21A PGW XC . -47.85 -25.81 -32.66
H22 PGW XC . -46.13 -25.19 -30.49
H22A PGW XC . -47.48 -26.02 -30.42
H23 PGW XC . -47.55 -23.20 -30.81
H23A PGW XC . -47.52 -23.80 -29.34
H24 PGW XC . -49.67 -24.49 -29.46
H24A PGW XC . -49.60 -24.71 -31.03
H25 PGW XC . -51.04 -22.89 -30.57
H25A PGW XC . -49.79 -22.38 -31.40
H26 PGW XC . -48.86 -21.82 -29.09
H26A PGW XC . -50.38 -21.79 -28.68
H27 PGW XC . -50.73 -20.07 -30.35
H27A PGW XC . -49.76 -19.60 -29.20
H28 PGW XC . -46.53 -19.17 -26.96
H28A PGW XC . -45.74 -17.81 -27.16
H29 PGW XC . -48.82 -18.06 -24.40
H29A PGW XC . -49.24 -18.13 -25.92
H29B PGW XC . -48.42 -19.33 -25.26
H30 PGW XC . -47.36 -16.69 -25.76
H30A PGW XC . -46.55 -17.82 -24.98
H9 PGW XC . -46.10 -25.29 -27.63
H10 PGW XC . -48.51 -25.95 -27.06
CAD PGW YC . -30.83 -21.72 -22.16
OAE PGW YC . -29.46 -21.43 -22.42
OAF PGW YC . -30.36 -23.99 -21.43
P PGW YC . -34.68 -24.03 -21.83
C01 PGW YC . -34.55 -26.00 -18.03
C1 PGW YC . -33.86 -28.74 -18.49
O01 PGW YC . -33.06 -27.77 -18.96
C02 PGW YC . -33.57 -26.41 -19.13
C2 PGW YC . -33.20 -29.62 -17.47
O02 PGW YC . -34.99 -28.91 -18.88
C03 PGW YC . -34.15 -26.29 -20.54
C3 PGW YC . -34.18 -30.55 -16.73
O03 PGW YC . -35.90 -26.32 -18.44
C04 PGW YC . -32.46 -23.06 -20.75
C4 PGW YC . -34.94 -29.84 -15.59
O04 PGW YC . -37.15 -27.22 -16.84
C05 PGW YC . -31.01 -22.77 -21.07
C5 PGW YC . -34.07 -29.58 -14.34
C06 PGW YC . -37.21 -26.05 -9.61
C6 PGW YC . -34.81 -29.76 -13.01
C07 PGW YC . -36.19 -26.77 -8.73
C7 PGW YC . -35.84 -28.67 -12.69
C08 PGW YC . -35.73 -25.95 -7.51
C8 PGW YC . -35.22 -27.34 -12.29
C09 PGW YC . -34.52 -26.55 -6.76
C9 PGW YC . -36.24 -26.31 -11.89
C10 PGW YC . -37.21 -26.52 -11.04
C11 PGW YC . -34.88 -27.59 -5.68
O11 PGW YC . -34.89 -25.05 -20.61
C12 PGW YC . -35.44 -26.98 -4.39
O12 PGW YC . -33.10 -23.73 -21.86
C13 PGW YC . -35.53 -27.94 -3.21
O13 PGW YC . -35.41 -22.81 -21.38
C14 PGW YC . -35.98 -27.24 -1.91
O14 PGW YC . -35.06 -24.70 -23.12
C15 PGW YC . -41.22 -20.75 -13.04
C16 PGW YC . -40.86 -19.33 -12.57
C17 PGW YC . -39.54 -19.24 -11.75
C18 PGW YC . -39.73 -19.07 -10.24
C19 PGW YC . -36.85 -26.27 -17.51
C20 PGW YC . -37.49 -24.90 -17.40
C21 PGW YC . -38.62 -24.85 -16.38
C22 PGW YC . -38.15 -25.07 -14.93
C23 PGW YC . -38.98 -24.32 -13.87
C24 PGW YC . -40.34 -24.98 -13.56
C25 PGW YC . -41.43 -23.96 -13.16
C26 PGW YC . -41.10 -23.10 -11.92
C27 PGW YC . -41.75 -21.70 -11.93
C28 PGW YC . -38.45 -19.30 -9.41
C29 PGW YC . -39.53 -20.49 -7.39
C30 PGW YC . -38.67 -19.32 -7.89
HAD PGW YC . -31.27 -22.05 -22.99
HADA PGW YC . -31.29 -20.88 -21.89
HOAE PGW YC . -28.95 -22.12 -22.36
HOAF PGW YC . -30.69 -24.32 -22.13
H01 PGW YC . -34.50 -25.03 -17.86
H01A PGW YC . -34.34 -26.47 -17.18
H02 PGW YC . -32.78 -25.80 -19.08
H2 PGW YC . -32.73 -29.06 -16.80
H2A PGW YC . -32.51 -30.17 -17.92
H03 PGW YC . -34.77 -27.03 -20.72
H03A PGW YC . -33.44 -26.32 -21.21
H3 PGW YC . -33.69 -31.32 -16.35
H3A PGW YC . -34.82 -30.93 -17.38
H04 PGW YC . -32.94 -22.22 -20.55
H04A PGW YC . -32.53 -23.63 -19.95
H4 PGW YC . -35.72 -30.39 -15.33
H4A PGW YC . -35.30 -28.99 -15.93
H05 PGW YC . -30.56 -22.43 -20.23
H5 PGW YC . -33.71 -28.66 -14.38
H5A PGW YC . -33.29 -30.19 -14.36
H06 PGW YC . -37.02 -25.09 -9.60
H06A PGW YC . -38.12 -26.18 -9.22
H6 PGW YC . -34.16 -29.81 -12.27
H6A PGW YC . -35.28 -30.65 -13.03
H07 PGW YC . -35.39 -26.98 -9.27
H07A PGW YC . -36.55 -27.64 -8.42
H7 PGW YC . -36.43 -28.97 -11.96
H7A PGW YC . -36.41 -28.53 -13.48
H08 PGW YC . -36.48 -25.88 -6.88
H08A PGW YC . -35.51 -25.04 -7.81
H8 PGW YC . -34.68 -26.99 -13.05
H8A PGW YC . -34.60 -27.47 -11.53
H09 PGW YC . -34.01 -25.83 -6.33
H09A PGW YC . -33.92 -26.97 -7.43
H11 PGW YC . -34.08 -28.12 -5.45
H11A PGW YC . -35.55 -28.21 -6.05
H12 PGW YC . -36.34 -26.60 -4.58
H12A PGW YC . -34.87 -26.22 -4.13
H13 PGW YC . -34.65 -28.35 -3.06
H13A PGW YC . -36.16 -28.67 -3.43
H14 PGW YC . -36.89 -26.88 -2.02
H14A PGW YC . -35.38 -26.51 -1.70
H14B PGW YC . -35.98 -27.88 -1.16
H15 PGW YC . -40.42 -21.16 -13.44
H15A PGW YC . -41.90 -20.70 -13.77
H16 PGW YC . -41.60 -18.99 -12.02
H16A PGW YC . -40.80 -18.73 -13.37
H17 PGW YC . -38.99 -18.49 -12.09
H17A PGW YC . -39.02 -20.06 -11.92
H18 PGW YC . -40.07 -18.17 -10.05
H18A PGW YC . -40.42 -19.71 -9.94
H20 PGW YC . -37.82 -24.64 -18.30
H20A PGW YC . -36.79 -24.25 -17.15
H21 PGW YC . -39.07 -23.96 -16.43
H21A PGW YC . -39.31 -25.52 -16.61
H22 PGW YC . -37.21 -24.77 -14.87
H22A PGW YC . -38.16 -26.03 -14.72
H23 PGW YC . -39.14 -23.41 -14.19
H23A PGW YC . -38.46 -24.25 -13.03
H24 PGW YC . -40.23 -25.63 -12.82
H24A PGW YC . -40.64 -25.49 -14.35
H25 PGW YC . -42.29 -24.44 -13.00
H25A PGW YC . -41.59 -23.36 -13.92
H26 PGW YC . -40.12 -22.98 -11.86
H26A PGW YC . -41.37 -23.59 -11.10
H27 PGW YC . -42.73 -21.81 -12.01
H27A PGW YC . -41.59 -21.27 -11.05
H28 PGW YC . -38.06 -20.16 -9.68
H28A PGW YC . -37.80 -18.60 -9.64
H29 PGW YC . -39.56 -20.50 -6.41
H29A PGW YC . -40.44 -20.41 -7.74
H29B PGW YC . -39.15 -21.34 -7.70
H30 PGW YC . -39.09 -18.47 -7.62
H30A PGW YC . -37.78 -19.34 -7.44
H9 PGW YC . -36.19 -25.44 -12.28
H10 PGW YC . -37.96 -27.02 -11.35
CAD PGW ZC . -21.62 -17.82 -9.93
OAE PGW ZC . -20.56 -17.00 -10.42
OAF PGW ZC . -20.31 -19.87 -10.07
P PGW ZC . -24.32 -21.38 -9.39
C01 PGW ZC . -22.38 -23.91 -6.53
C1 PGW ZC . -21.15 -26.06 -7.95
O01 PGW ZC . -20.86 -24.79 -8.30
C02 PGW ZC . -21.75 -23.70 -7.90
C2 PGW ZC . -19.95 -26.84 -7.45
O02 PGW ZC . -22.24 -26.53 -8.08
C03 PGW ZC . -22.78 -23.51 -9.01
C3 PGW ZC . -20.34 -28.18 -6.81
O03 PGW ZC . -23.64 -24.60 -6.67
C04 PGW ZC . -22.24 -19.92 -8.63
C4 PGW ZC . -20.82 -28.04 -5.36
O04 PGW ZC . -23.98 -26.20 -5.16
C05 PGW ZC . -21.12 -19.07 -9.20
C5 PGW ZC . -19.70 -27.74 -4.34
C06 PGW ZC . -21.93 -26.65 1.86
C6 PGW ZC . -19.87 -28.46 -2.99
C07 PGW ZC . -20.51 -27.11 2.20
C7 PGW ZC . -20.99 -27.90 -2.11
C08 PGW ZC . -19.92 -26.45 3.45
C8 PGW ZC . -20.68 -26.54 -1.49
C09 PGW ZC . -18.41 -26.72 3.66
C9 PGW ZC . -21.75 -26.06 -0.55
C10 PGW ZC . -22.28 -26.78 0.40
C11 PGW ZC . -18.08 -28.01 4.43
O11 PGW ZC . -23.83 -22.63 -8.52
C12 PGW ZC . -18.33 -27.92 5.93
O12 PGW ZC . -23.00 -20.53 -9.72
C13 PGW ZC . -17.74 -29.07 6.76
O13 PGW ZC . -25.18 -20.62 -8.41
C14 PGW ZC . -17.90 -28.87 8.28
O14 PGW ZC . -24.91 -21.88 -10.68
C15 PGW ZC . -28.17 -22.57 1.32
C16 PGW ZC . -28.09 -21.23 2.10
C17 PGW ZC . -26.65 -20.84 2.55
C18 PGW ZC . -26.37 -21.07 4.04
C19 PGW ZC . -24.19 -25.09 -5.56
C20 PGW ZC . -25.11 -24.10 -4.88
C21 PGW ZC . -25.81 -24.66 -3.64
C22 PGW ZC . -24.83 -25.00 -2.49
C23 PGW ZC . -25.43 -24.84 -1.09
C24 PGW ZC . -26.37 -25.99 -0.65
C25 PGW ZC . -27.50 -25.53 0.29
C26 PGW ZC . -27.03 -24.89 1.61
C27 PGW ZC . -28.00 -23.84 2.19
C28 PGW ZC . -24.87 -20.99 4.41
C29 PGW ZC . -24.83 -22.88 6.18
C30 PGW ZC . -24.55 -21.39 5.87
HAD PGW ZC . -22.20 -18.10 -10.69
HADA PGW ZC . -22.18 -17.28 -9.32
HOAE PGW ZC . -19.89 -17.46 -10.71
HOAF PGW ZC . -20.76 -20.15 -10.74
H01 PGW ZC . -22.55 -23.04 -6.09
H01A PGW ZC . -21.77 -24.43 -5.94
H02 PGW ZC . -21.19 -22.87 -7.87
H2 PGW ZC . -19.47 -26.29 -6.78
H2A PGW ZC . -19.34 -26.99 -8.20
H03 PGW ZC . -23.19 -24.37 -9.25
H03A PGW ZC . -22.37 -23.13 -9.82
H3 PGW ZC . -19.55 -28.78 -6.82
H3A PGW ZC . -21.02 -28.62 -7.36
H04 PGW ZC . -22.84 -19.37 -8.08
H04A PGW ZC . -21.88 -20.64 -8.06
H4 PGW ZC . -21.28 -28.88 -5.09
H4A PGW ZC . -21.51 -27.34 -5.32
H05 PGW ZC . -20.53 -18.77 -8.44
H5 PGW ZC . -19.65 -26.78 -4.19
H5A PGW ZC . -18.84 -28.02 -4.74
H06 PGW ZC . -22.02 -25.69 2.11
H06A PGW ZC . -22.58 -27.15 2.41
H6 PGW ZC . -19.02 -28.41 -2.48
H6A PGW ZC . -20.05 -29.42 -3.16
H07 PGW ZC . -19.92 -26.90 1.43
H07A PGW ZC . -20.49 -28.09 2.30
H7 PGW ZC . -21.19 -28.54 -1.39
H7A PGW ZC . -21.81 -27.81 -2.65
H08 PGW ZC . -20.41 -26.79 4.25
H08A PGW ZC . -20.08 -25.48 3.40
H8 PGW ZC . -20.54 -25.88 -2.21
H8A PGW ZC . -19.83 -26.61 -0.99
H09 PGW ZC . -18.01 -25.95 4.15
H09A PGW ZC . -17.97 -26.74 2.77
H11 PGW ZC . -17.14 -28.26 4.28
H11A PGW ZC . -18.63 -28.74 4.06
H12 PGW ZC . -19.30 -27.87 6.11
H12A PGW ZC . -17.94 -27.07 6.26
H13 PGW ZC . -16.78 -29.16 6.54
H13A PGW ZC . -18.18 -29.91 6.49
H14 PGW ZC . -18.84 -28.84 8.51
H14A PGW ZC . -17.50 -28.02 8.54
H14B PGW ZC . -17.48 -29.60 8.77
H15 PGW ZC . -27.47 -22.57 0.63
H15A PGW ZC . -29.04 -22.61 0.84
H16 PGW ZC . -28.66 -21.30 2.90
H16A PGW ZC . -28.47 -20.51 1.53
H17 PGW ZC . -26.48 -19.89 2.33
H17A PGW ZC . -26.01 -21.37 2.02
H18 PGW ZC . -26.86 -20.41 4.57
H18A PGW ZC . -26.70 -21.96 4.30
H20 PGW ZC . -25.80 -23.79 -5.54
H20A PGW ZC . -24.59 -23.31 -4.62
H21 PGW ZC . -26.48 -24.01 -3.32
H21A PGW ZC . -26.31 -25.48 -3.89
H22 PGW ZC . -24.04 -24.40 -2.58
H22A PGW ZC . -24.50 -25.92 -2.60
H23 PGW ZC . -25.95 -24.00 -1.06
H23A PGW ZC . -24.70 -24.74 -0.43
H24 PGW ZC . -25.84 -26.69 -0.21
H24A PGW ZC . -26.76 -26.40 -1.46
H25 PGW ZC . -28.08 -26.31 0.49
H25A PGW ZC . -28.06 -24.89 -0.20
H26 PGW ZC . -26.16 -24.44 1.45
H26A PGW ZC . -26.86 -25.59 2.28
H27 PGW ZC . -28.89 -24.28 2.32
H27A PGW ZC . -27.70 -23.57 3.08
H28 PGW ZC . -24.36 -21.57 3.80
H28A PGW ZC . -24.56 -20.06 4.25
H29 PGW ZC . -24.52 -23.10 7.08
H29A PGW ZC . -25.78 -23.06 6.11
H29B PGW ZC . -24.35 -23.44 5.54
H30 PGW ZC . -25.08 -20.83 6.48
H30A PGW ZC . -23.60 -21.19 6.05
H9 PGW ZC . -22.08 -25.16 -0.65
H10 PGW ZC . -22.92 -27.44 0.15
CAD PGW AD . -10.36 -13.43 0.20
OAE PGW AD . -9.81 -12.20 -0.27
OAF PGW AD . -8.66 -14.79 -0.87
P PGW AD . -11.61 -17.75 0.30
C01 PGW AD . -8.18 -19.93 1.67
C1 PGW AD . -6.95 -21.15 -0.61
O01 PGW AD . -7.17 -19.82 -0.60
C02 PGW AD . -8.15 -19.23 0.31
C2 PGW AD . -5.49 -21.54 -0.67
O02 PGW AD . -7.85 -21.95 -0.60
C03 PGW AD . -9.49 -19.21 -0.40
C3 PGW AD . -5.24 -23.02 -0.41
O03 PGW AD . -9.17 -20.98 1.64
C04 PGW AD . -9.90 -15.83 0.92
C4 PGW AD . -5.24 -23.37 1.09
O04 PGW AD . -8.51 -22.87 2.63
C05 PGW AD . -9.32 -14.53 0.37
C5 PGW AD . -3.96 -22.90 1.84
C06 PGW AD . -4.17 -23.97 8.44
C6 PGW AD . -3.47 -23.89 2.91
C07 PGW AD . -2.66 -23.94 8.24
C7 PGW AD . -4.33 -23.95 4.17
C08 PGW AD . -1.89 -23.39 9.45
C8 PGW AD . -4.22 -22.73 5.07
C09 PGW AD . -0.39 -23.12 9.18
C9 PGW AD . -5.00 -22.87 6.35
C10 PGW AD . -4.94 -23.91 7.14
C11 PGW AD . 0.52 -24.34 9.41
O11 PGW AD . -10.52 -18.89 0.58
C12 PGW AD . 0.79 -24.65 10.89
O12 PGW AD . -10.77 -16.44 -0.08
C13 PGW AD . 1.92 -25.65 11.15
O13 PGW AD . -12.26 -17.57 1.64
C14 PGW AD . 2.23 -25.83 12.65
O14 PGW AD . -12.43 -18.15 -0.90
C15 PGW AD . -11.12 -22.40 10.73
C16 PGW AD . -11.16 -21.31 11.84
C17 PGW AD . -9.82 -20.53 12.01
C18 PGW AD . -8.99 -20.93 13.24
C19 PGW AD . -9.15 -21.86 2.65
C20 PGW AD . -10.04 -21.43 3.80
C21 PGW AD . -10.08 -22.45 4.94
C22 PGW AD . -8.72 -22.63 5.65
C23 PGW AD . -8.83 -22.99 7.14
C24 PGW AD . -9.20 -24.46 7.43
C25 PGW AD . -10.03 -24.65 8.72
C26 PGW AD . -9.34 -24.15 10.01
C27 PGW AD . -10.32 -23.68 11.10
C28 PGW AD . -7.55 -20.39 13.24
C29 PGW AD . -6.38 -22.46 14.27
C30 PGW AD . -6.66 -20.94 14.37
HAD PGW AD . -11.06 -13.74 -0.44
HADA PGW AD . -10.82 -13.26 1.06
HOAE PGW AD . -9.17 -12.32 -0.84
HOAF PGW AD . -9.21 -15.08 -1.47
H01 PGW AD . -8.43 -19.30 2.38
H01A PGW AD . -7.30 -20.31 1.89
H02 PGW AD . -7.87 -18.28 0.46
H2 PGW AD . -4.99 -21.00 -0.02
H2A PGW AD . -5.16 -21.30 -1.57
H03 PGW AD . -9.70 -20.10 -0.78
H03A PGW AD . -9.50 -18.56 -1.12
H3 PGW AD . -4.37 -23.28 -0.80
H3A PGW AD . -5.93 -23.56 -0.87
H04 PGW AD . -10.41 -15.66 1.73
H04A PGW AD . -9.18 -16.46 1.12
H4 PGW AD . -5.32 -24.35 1.20
H4A PGW AD . -6.04 -22.97 1.52
H05 PGW AD . -8.63 -14.19 1.01
H5 PGW AD . -4.14 -22.02 2.27
H5A PGW AD . -3.25 -22.75 1.17
H06 PGW AD . -4.44 -23.19 8.97
H06A PGW AD . -4.43 -24.78 8.94
H6 PGW AD . -2.54 -23.63 3.17
H6A PGW AD . -3.40 -24.78 2.49
H07 PGW AD . -2.44 -23.39 7.46
H07A PGW AD . -2.33 -24.85 8.03
H7 PGW AD . -4.08 -24.76 4.69
H7A PGW AD . -5.26 -24.07 3.90
H08 PGW AD . -1.97 -24.02 10.20
H08A PGW AD . -2.33 -22.55 9.74
H8 PGW AD . -4.52 -21.93 4.58
H8A PGW AD . -3.27 -22.59 5.30
H09 PGW AD . -0.08 -22.38 9.76
H09A PGW AD . -0.29 -22.81 8.25
H11 PGW AD . 1.39 -24.19 8.96
H11A PGW AD . 0.11 -25.13 8.98
H12 PGW AD . -0.04 -24.98 11.31
H12A PGW AD . 1.01 -23.80 11.36
H13 PGW AD . 2.73 -25.33 10.68
H13A PGW AD . 1.67 -26.52 10.75
H14 PGW AD . 1.45 -26.20 13.11
H14A PGW AD . 2.45 -24.97 13.04
H14B PGW AD . 2.99 -26.44 12.76
H15 PGW AD . -10.72 -22.00 9.93
H15A PGW AD . -12.05 -22.66 10.49
H16 PGW AD . -11.38 -21.74 12.69
H16A PGW AD . -11.90 -20.68 11.64
H17 PGW AD . -10.01 -19.56 12.06
H17A PGW AD . -9.27 -20.67 11.20
H18 PGW AD . -9.45 -20.62 14.06
H18A PGW AD . -8.96 -21.92 13.29
H20 PGW AD . -10.95 -21.26 3.46
H20A PGW AD . -9.69 -20.56 4.15
H21 PGW AD . -10.75 -22.16 5.62
H21A PGW AD . -10.39 -23.31 4.59
H22 PGW AD . -8.21 -21.78 5.56
H22A PGW AD . -8.20 -23.33 5.20
H23 PGW AD . -9.52 -22.41 7.55
H23A PGW AD . -7.98 -22.77 7.60
H24 PGW AD . -8.37 -24.99 7.49
H24A PGW AD . -9.71 -24.81 6.66
H25 PGW AD . -10.26 -25.60 8.81
H25A PGW AD . -10.88 -24.16 8.61
H26 PGW AD . -8.75 -23.40 9.78
H26A PGW AD . -8.76 -24.88 10.36
H27 PGW AD . -10.95 -24.42 11.31
H27A PGW AD . -9.81 -23.50 11.94
H28 PGW AD . -7.14 -20.62 12.37
H28A PGW AD . -7.59 -19.40 13.29
H29 PGW AD . -5.75 -22.73 14.96
H29A PGW AD . -7.21 -22.96 14.38
H29B PGW AD . -6.02 -22.67 13.39
H30 PGW AD . -7.10 -20.74 15.23
H30A PGW AD . -5.80 -20.45 14.36
H9 PGW AD . -5.57 -22.16 6.61
H10 PGW AD . -5.42 -24.69 6.87
CAD PGW BD . 1.97 -7.43 8.03
OAE PGW BD . 1.97 -6.01 7.84
OAF PGW BD . 3.52 -7.83 6.21
P PGW BD . 2.10 -11.83 7.11
C01 PGW BD . 6.25 -12.86 6.85
C1 PGW BD . 6.93 -13.06 4.09
O01 PGW BD . 6.36 -11.93 4.54
C02 PGW BD . 5.62 -11.94 5.81
C2 PGW BD . 8.32 -12.87 3.54
O02 PGW BD . 6.35 -14.12 4.07
C03 PGW BD . 4.18 -12.27 5.50
C3 PGW BD . 9.07 -14.18 3.26
O03 PGW BD . 5.65 -14.17 6.75
C04 PGW BD . 3.30 -9.59 7.83
C4 PGW BD . 9.67 -14.81 4.53
O04 PGW BD . 7.10 -15.86 6.91
C05 PGW BD . 3.28 -8.09 7.59
C5 PGW BD . 10.93 -14.08 5.04
C06 PGW BD . 13.26 -16.48 10.83
C6 PGW BD . 12.02 -15.02 5.60
C07 PGW BD . 14.56 -15.86 10.29
C7 PGW BD . 11.68 -15.64 6.96
C08 PGW BD . 15.50 -15.33 11.38
C8 PGW BD . 11.75 -14.68 8.13
C09 PGW BD . 16.68 -14.49 10.84
C9 PGW BD . 11.51 -15.35 9.46
C10 PGW BD . 12.12 -16.44 9.85
C11 PGW BD . 17.92 -15.32 10.45
O11 PGW BD . 3.49 -12.53 6.76
C12 PGW BD . 18.75 -15.80 11.65
O12 PGW BD . 2.36 -10.26 6.96
C13 PGW BD . 20.13 -16.36 11.30
O13 PGW BD . 1.91 -12.18 8.56
C14 PGW BD . 20.96 -16.73 12.54
O14 PGW BD . 1.07 -12.25 6.10
C15 PGW BD . 7.35 -18.03 15.16
C16 PGW BD . 7.40 -17.28 16.51
C17 PGW BD . 8.43 -16.12 16.58
C18 PGW BD . 9.70 -16.43 17.38
C19 PGW BD . 6.24 -15.17 7.41
C20 PGW BD . 5.72 -15.32 8.82
C21 PGW BD . 6.35 -16.50 9.57
C22 PGW BD . 7.86 -16.32 9.82
C23 PGW BD . 8.37 -17.00 11.11
C24 PGW BD . 8.54 -18.53 11.02
C25 PGW BD . 8.29 -19.27 12.34
C26 PGW BD . 9.21 -18.83 13.51
C27 PGW BD . 8.56 -18.98 14.91
C28 PGW BD . 10.85 -15.43 17.19
C29 PGW BD . 12.82 -17.10 17.21
C30 PGW BD . 12.18 -15.83 17.83
HAD PGW BD . 1.21 -7.83 7.52
HADA PGW BD . 1.81 -7.62 8.99
HOAE PGW BD . 2.38 -5.77 7.12
HOAF PGW BD . 2.92 -8.17 5.72
H01 PGW BD . 6.09 -12.53 7.77
H01A PGW BD . 7.23 -12.93 6.72
H02 PGW BD . 5.66 -11.00 6.16
H2 PGW BD . 8.85 -12.34 4.18
H2A PGW BD . 8.26 -12.34 2.70
H03 PGW BD . 4.11 -13.06 4.93
H03A PGW BD . 3.74 -11.51 5.03
H3 PGW BD . 9.79 -14.03 2.62
H3A PGW BD . 8.44 -14.83 2.84
H04 PGW BD . 3.07 -9.78 8.77
H04A PGW BD . 4.20 -9.95 7.67
H4 PGW BD . 9.91 -15.75 4.35
H4A PGW BD . 8.98 -14.82 5.24
H05 PGW BD . 4.03 -7.67 8.11
H5 PGW BD . 10.67 -13.43 5.75
H5A PGW BD . 11.31 -13.54 4.30
H06 PGW BD . 12.99 -15.97 11.63
H06A PGW BD . 13.43 -17.41 11.12
H6 PGW BD . 12.87 -14.50 5.70
H6A PGW BD . 12.19 -15.73 4.94
H07 PGW BD . 14.33 -15.12 9.68
H07A PGW BD . 15.03 -16.54 9.75
H7 PGW BD . 12.30 -16.40 7.12
H7A PGW BD . 10.78 -16.03 6.91
H08 PGW BD . 15.87 -16.09 11.89
H08A PGW BD . 14.97 -14.79 12.01
H8 PGW BD . 11.08 -13.96 8.00
H8A PGW BD . 12.63 -14.25 8.15
H09 PGW BD . 16.95 -13.82 11.52
H09A PGW BD . 16.37 -13.98 10.05
H11 PGW BD . 18.51 -14.78 9.87
H11A PGW BD . 17.63 -16.10 9.92
H12 PGW BD . 18.24 -16.50 12.14
H12A PGW BD . 18.86 -15.05 12.27
H13 PGW BD . 20.62 -15.69 10.75
H13A PGW BD . 20.02 -17.16 10.72
H14 PGW BD . 20.51 -17.44 13.04
H14A PGW BD . 21.05 -15.94 13.11
H14B PGW BD . 21.85 -17.03 12.27
H15 PGW BD . 7.33 -17.35 14.44
H15A PGW BD . 6.51 -18.54 15.09
H16 PGW BD . 7.60 -17.92 17.22
H16A PGW BD . 6.48 -16.92 16.71
H17 PGW BD . 8.01 -15.31 16.96
H17A PGW BD . 8.69 -15.88 15.66
H18 PGW BD . 9.47 -16.49 18.34
H18A PGW BD . 10.02 -17.33 17.12
H20 PGW BD . 4.73 -15.44 8.79
H20A PGW BD . 5.91 -14.49 9.32
H21 PGW BD . 5.89 -16.62 10.44
H21A PGW BD . 6.21 -17.34 9.05
H22 PGW BD . 8.06 -15.35 9.86
H22A PGW BD . 8.38 -16.68 9.06
H23 PGW BD . 7.72 -16.80 11.83
H23A PGW BD . 9.23 -16.59 11.39
H24 PGW BD . 9.46 -18.73 10.70
H24A PGW BD . 7.93 -18.87 10.33
H25 PGW BD . 8.38 -20.24 12.20
H25A PGW BD . 7.35 -19.11 12.61
H26 PGW BD . 9.45 -17.89 13.39
H26A PGW BD . 10.04 -19.35 13.48
H27 PGW BD . 8.27 -19.91 15.02
H27A PGW BD . 9.25 -18.81 15.61
H28 PGW BD . 10.99 -15.31 16.21
H28A PGW BD . 10.56 -14.55 17.54
H29 PGW BD . 13.71 -17.26 17.59
H29A PGW BD . 12.25 -17.87 17.38
H29B PGW BD . 12.92 -16.97 16.24
H30 PGW BD . 12.03 -15.98 18.80
H30A PGW BD . 12.82 -15.08 17.76
H9 PGW BD . 10.88 -14.95 10.05
H10 PGW BD . 11.82 -17.27 9.48
CAD PGW CD . 14.00 0.86 13.99
OAE PGW CD . 13.54 2.19 14.24
OAF PGW CD . 14.90 1.42 11.80
P PGW CD . 15.04 -2.91 11.77
C01 PGW CD . 18.98 -2.30 10.18
C1 PGW CD . 18.72 -1.68 7.41
O01 PGW CD . 18.05 -0.95 8.31
C02 PGW CD . 17.81 -1.47 9.66
C2 PGW CD . 19.73 -0.89 6.62
O02 PGW CD . 18.49 -2.84 7.22
C03 PGW CD . 16.49 -2.22 9.64
C3 PGW CD . 20.68 -1.76 5.79
O03 PGW CD . 18.78 -3.69 9.85
C04 PGW CD . 15.74 -0.59 12.82
C4 PGW CD . 21.82 -2.37 6.61
O04 PGW CD . 20.61 -4.73 9.12
C05 PGW CD . 15.22 0.82 13.06
C5 PGW CD . 22.92 -1.36 7.00
C06 PGW CD . 27.63 -3.86 11.01
C6 PGW CD . 24.35 -1.92 6.94
C07 PGW CD . 28.45 -2.74 10.37
C7 PGW CD . 24.68 -2.89 8.08
C08 PGW CD . 29.51 -2.13 11.29
C8 PGW CD . 24.86 -2.23 9.44
C09 PGW CD . 30.15 -0.83 10.76
C9 PGW CD . 25.28 -3.19 10.52
C10 PGW CD . 26.27 -4.05 10.39
C11 PGW CD . 31.36 -1.06 9.85
O11 PGW CD . 16.37 -2.98 10.88
C12 PGW CD . 32.65 -1.45 10.60
O12 PGW CD . 14.78 -1.36 12.05
C13 PGW CD . 33.93 -1.39 9.76
O13 PGW CD . 15.46 -3.60 13.04
C14 PGW CD . 35.20 -1.67 10.58
O14 PGW CD . 13.90 -3.46 10.97
C15 PGW CD . 24.22 -8.30 15.98
C16 PGW CD . 24.50 -7.88 17.45
C17 PGW CD . 25.12 -6.46 17.60
C18 PGW CD . 26.63 -6.45 17.92
C19 PGW CD . 19.81 -4.51 10.00
C20 PGW CD . 19.86 -5.14 11.37
C21 PGW CD . 21.01 -6.14 11.55
C22 PGW CD . 22.40 -5.47 11.47
C23 PGW CD . 23.48 -6.17 12.32
C24 PGW CD . 24.03 -7.48 11.72
C25 PGW CD . 24.46 -8.51 12.79
C26 PGW CD . 25.55 -8.02 13.76
C27 PGW CD . 25.48 -8.67 15.16
C28 PGW CD . 27.29 -5.09 17.76
C29 PGW CD . 29.56 -5.89 16.79
C30 PGW CD . 28.83 -5.10 17.90
HAD PGW CD . 13.27 0.32 13.58
HADA PGW CD . 14.24 0.43 14.85
HOAE PGW CD . 13.60 2.69 13.55
HOAF PGW CD . 14.28 1.00 11.40
H01 PGW CD . 19.05 -2.23 11.17
H01A PGW CD . 19.84 -1.98 9.80
H02 PGW CD . 17.70 -0.67 10.26
H2 PGW CD . 20.27 -0.34 7.24
H2A PGW CD . 19.24 -0.26 6.03
H03 PGW CD . 16.46 -2.86 8.90
H03A PGW CD . 15.73 -1.61 9.54
H3 PGW CD . 21.07 -1.22 5.05
H3A PGW CD . 20.15 -2.48 5.36
H04 PGW CD . 15.90 -1.04 13.68
H04A PGW CD . 16.59 -0.56 12.33
H4 PGW CD . 22.24 -3.10 6.10
H4A PGW CD . 21.45 -2.77 7.43
H05 PGW CD . 15.94 1.37 13.48
H5 PGW CD . 22.75 -1.00 7.91
H5A PGW CD . 22.86 -0.59 6.38
H06 PGW CD . 27.52 -3.68 11.96
H06A PGW CD . 28.15 -4.72 10.95
H6 PGW CD . 25.00 -1.18 6.97
H6A PGW CD . 24.48 -2.37 6.08
H07 PGW CD . 27.83 -2.02 10.09
H07A PGW CD . 28.88 -3.06 9.54
H7 PGW CD . 25.51 -3.39 7.86
H7A PGW CD . 23.96 -3.56 8.14
H08 PGW CD . 30.22 -2.79 11.45
H08A PGW CD . 29.09 -1.96 12.18
H8 PGW CD . 24.01 -1.79 9.70
H8A PGW CD . 25.55 -1.52 9.37
H09 PGW CD . 30.44 -0.27 11.53
H09A PGW CD . 29.46 -0.32 10.28
H11 PGW CD . 31.55 -0.23 9.33
H11A PGW CD . 31.15 -1.77 9.19
H12 PGW CD . 32.56 -2.36 10.96
H12A PGW CD . 32.76 -0.85 11.37
H13 PGW CD . 34.00 -0.49 9.34
H13A PGW CD . 33.87 -2.04 9.01
H14 PGW CD . 35.17 -2.57 10.94
H14A PGW CD . 35.25 -1.04 11.33
H14B PGW CD . 36.00 -1.57 10.02
H15 PGW CD . 23.76 -7.55 15.53
H15A PGW CD . 23.58 -9.06 15.97
H16 PGW CD . 25.10 -8.54 17.85
H16A PGW CD . 23.64 -7.92 17.96
H17 PGW CD . 24.65 -5.95 18.30
H17A PGW CD . 24.98 -5.97 16.76
H18 PGW CD . 26.76 -6.78 18.84
H18A PGW CD . 27.07 -7.10 17.33
H20 PGW CD . 18.99 -5.58 11.56
H20A PGW CD . 19.96 -4.41 12.05
H21 PGW CD . 20.92 -6.58 12.42
H21A PGW CD . 20.94 -6.84 10.86
H22 PGW CD . 22.32 -4.53 11.76
H22A PGW CD . 22.71 -5.46 10.53
H23 PGW CD . 23.09 -6.37 13.20
H23A PGW CD . 24.23 -5.54 12.48
H24 PGW CD . 24.81 -7.27 11.14
H24A PGW CD . 23.34 -7.87 11.14
H25 PGW CD . 24.77 -9.34 12.33
H25A PGW CD . 23.66 -8.77 13.31
H26 PGW CD . 25.46 -7.05 13.87
H26A PGW CD . 26.44 -8.19 13.36
H27 PGW CD . 25.53 -9.66 15.05
H27A PGW CD . 26.29 -8.41 15.68
H28 PGW CD . 27.07 -4.73 16.87
H28A PGW CD . 26.92 -4.46 18.43
H29 PGW CD . 30.53 -5.80 16.88
H29A PGW CD . 29.32 -6.84 16.84
H29B PGW CD . 29.29 -5.55 15.92
H30 PGW CD . 29.07 -5.49 18.78
H30A PGW CD . 29.17 -4.16 17.91
H9 PGW CD . 24.81 -3.19 11.35
H10 PGW CD . 26.11 -4.84 9.88
CAD PGW DD . 24.50 11.54 19.01
OAE PGW DD . 23.79 12.54 19.76
OAF PGW DD . 24.40 12.82 16.94
P PGW DD . 25.74 8.94 15.55
C01 PGW DD . 28.56 11.25 13.30
C1 PGW DD . 27.22 12.28 11.00
O01 PGW DD . 26.71 12.52 12.24
C02 PGW DD . 27.11 11.68 13.37
C2 PGW DD . 27.64 13.52 10.27
O02 PGW DD . 27.27 11.18 10.54
C03 PGW DD . 26.13 10.52 13.45
C3 PGW DD . 28.45 13.24 8.99
O03 PGW DD . 28.66 9.97 12.61
C04 PGW DD . 26.07 11.09 17.05
C4 PGW DD . 29.93 12.94 9.29
O04 PGW DD . 30.35 9.84 11.17
C05 PGW DD . 25.28 12.14 17.84
C5 PGW DD . 30.76 14.18 9.67
C06 PGW DD . 37.06 12.77 11.40
C6 PGW DD . 32.19 14.19 9.10
C07 PGW DD . 37.25 14.23 10.97
C7 PGW DD . 33.15 13.19 9.76
C08 PGW DD . 38.36 14.97 11.73
C8 PGW DD . 33.57 13.58 11.16
C09 PGW DD . 38.39 16.49 11.48
C9 PGW DD . 34.59 12.64 11.75
C10 PGW DD . 35.68 12.24 11.13
C11 PGW DD . 39.23 16.91 10.27
O11 PGW DD . 26.65 9.54 14.38
C12 PGW DD . 40.75 16.87 10.51
O12 PGW DD . 25.16 10.21 16.35
C13 PGW DD . 41.59 17.56 9.44
O13 PGW DD . 26.73 8.21 16.41
C14 PGW DD . 43.10 17.59 9.79
O14 PGW DD . 24.58 8.19 14.94
C15 PGW DD . 36.92 6.49 15.48
C16 PGW DD . 37.54 6.67 16.88
C17 PGW DD . 37.76 8.15 17.30
C18 PGW DD . 39.22 8.64 17.22
C19 PGW DD . 29.87 9.57 12.24
C20 PGW DD . 30.56 8.74 13.30
C21 PGW DD . 31.92 8.21 12.87
C22 PGW DD . 32.96 9.33 12.64
C23 PGW DD . 34.42 8.92 12.95
C24 PGW DD . 35.08 8.04 11.86
C25 PGW DD . 36.11 7.04 12.41
C26 PGW DD . 37.28 7.68 13.19
C27 PGW DD . 37.88 6.77 14.30
C28 PGW DD . 39.39 10.17 17.32
C29 PGW DD . 41.31 10.44 15.61
C30 PGW DD . 40.81 10.68 17.06
HAD PGW DD . 23.85 10.88 18.65
HADA PGW DD . 25.13 11.06 19.61
HOAE PGW DD . 23.47 13.16 19.27
HOAF PGW DD . 23.83 12.30 16.60
H01 PGW DD . 28.94 11.13 14.21
H01A PGW DD . 29.11 11.92 12.83
H02 PGW DD . 26.99 12.24 14.19
H2 PGW DD . 28.18 14.10 10.87
H2A PGW DD . 26.83 14.04 10.04
H03 PGW DD . 26.03 10.09 12.58
H03A PGW DD . 25.24 10.82 13.74
H3 PGW DD . 28.40 14.03 8.39
H3A PGW DD . 28.04 12.49 8.52
H04 PGW DD . 26.64 10.57 17.66
H04A PGW DD . 26.66 11.53 16.39
H4 PGW DD . 30.34 12.52 8.49
H4A PGW DD . 29.98 12.26 10.01
H05 PGW DD . 25.92 12.81 18.21
H5 PGW DD . 30.81 14.25 10.65
H5A PGW DD . 30.28 14.98 9.36
H06 PGW DD . 37.23 12.71 12.37
H06A PGW DD . 37.74 12.19 10.96
H6 PGW DD . 32.58 15.10 9.19
H6A PGW DD . 32.14 14.00 8.12
H07 PGW DD . 36.41 14.71 11.09
H07A PGW DD . 37.46 14.25 9.99
H7 PGW DD . 33.95 13.09 9.18
H7A PGW DD . 32.71 12.31 9.79
H08 PGW DD . 39.23 14.58 11.49
H08A PGW DD . 38.23 14.80 12.70
H8 PGW DD . 32.79 13.61 11.76
H8A PGW DD . 33.97 14.49 11.14
H09 PGW DD . 38.75 16.95 12.28
H09A PGW DD . 37.46 16.81 11.36
H11 PGW DD . 38.99 17.83 10.00
H11A PGW DD . 39.01 16.33 9.50
H12 PGW DD . 41.04 15.92 10.59
H12A PGW DD . 40.93 17.29 11.38
H13 PGW DD . 41.27 18.49 9.32
H13A PGW DD . 41.47 17.09 8.58
H14 PGW DD . 43.44 16.68 9.85
H14A PGW DD . 43.22 18.03 10.65
H14B PGW DD . 43.60 18.08 9.11
H15 PGW DD . 36.15 7.10 15.40
H15A PGW DD . 36.55 5.57 15.39
H16 PGW DD . 38.40 6.21 16.90
H16A PGW DD . 36.96 6.23 17.55
H17 PGW DD . 37.43 8.30 18.22
H17A PGW DD . 37.21 8.72 16.71
H18 PGW DD . 39.74 8.21 17.94
H18A PGW DD . 39.60 8.33 16.37
H20 PGW DD . 29.97 7.98 13.55
H20A PGW DD . 30.67 9.29 14.12
H21 PGW DD . 32.27 7.60 13.56
H21A PGW DD . 31.82 7.68 12.04
H22 PGW DD . 32.72 10.10 13.22
H22A PGW DD . 32.92 9.65 11.71
H23 PGW DD . 34.42 8.41 13.80
H23A PGW DD . 34.97 9.72 13.10
H24 PGW DD . 35.52 8.63 11.20
H24A PGW DD . 34.37 7.55 11.37
H25 PGW DD . 36.47 6.49 11.67
H25A PGW DD . 35.64 6.41 13.02
H26 PGW DD . 36.97 8.51 13.60
H26A PGW DD . 37.99 7.93 12.55
H27 PGW DD . 38.15 5.92 13.88
H27A PGW DD . 38.70 7.20 14.64
H28 PGW DD . 38.78 10.58 16.68
H28A PGW DD . 39.09 10.45 18.23
H29 PGW DD . 42.18 10.86 15.48
H29A PGW DD . 41.39 9.48 15.44
H29B PGW DD . 40.67 10.84 14.99
H30 PGW DD . 41.43 10.22 17.69
H30A PGW DD . 40.86 11.65 17.27
H9 PGW DD . 34.45 12.30 12.63
H10 PGW DD . 35.57 11.57 10.46
CAD PGW ED . 32.61 24.01 24.25
OAE PGW ED . 31.95 24.49 25.42
OAF PGW ED . 31.47 25.56 22.78
P PGW ED . 33.30 22.79 19.97
C01 PGW ED . 34.43 26.36 17.90
C1 PGW ED . 32.17 27.29 16.45
O01 PGW ED . 32.06 27.08 17.77
C02 PGW ED . 33.02 26.23 18.47
C2 PGW ED . 31.95 28.73 16.05
O02 PGW ED . 32.36 26.41 15.67
C03 PGW ED . 32.50 24.80 18.43
C3 PGW ED . 32.32 29.02 14.59
O03 PGW ED . 34.64 25.38 16.86
C04 PGW ED . 33.50 24.56 21.93
C4 PGW ED . 33.84 29.22 14.39
O04 PGW ED . 35.72 26.17 15.08
C05 PGW ED . 32.76 25.06 23.16
C5 PGW ED . 34.37 30.57 14.92
C06 PGW ED . 41.00 31.20 14.52
C6 PGW ED . 35.46 31.21 14.04
C07 PGW ED . 40.63 32.69 14.51
C7 PGW ED . 36.82 30.50 14.11
C08 PGW ED . 41.67 33.61 15.17
C8 PGW ED . 37.57 30.73 15.41
C09 PGW ED . 41.19 35.06 15.40
C9 PGW ED . 38.94 30.12 15.41
C10 PGW ED . 39.82 30.28 14.45
C11 PGW ED . 41.42 36.00 14.20
O11 PGW ED . 33.56 23.90 18.86
C12 PGW ED . 42.87 36.44 14.04
O12 PGW ED . 32.69 23.57 21.23
C13 PGW ED . 43.08 37.60 13.05
O13 PGW ED . 34.68 22.31 20.30
C14 PGW ED . 44.54 38.09 13.01
O14 PGW ED . 32.26 21.82 19.47
C15 PGW ED . 44.01 24.61 16.39
C16 PGW ED . 44.99 24.72 17.58
C17 PGW ED . 44.91 26.05 18.36
C18 PGW ED . 46.06 27.03 18.07
C19 PGW ED . 35.73 25.52 16.10
C20 PGW ED . 36.93 24.80 16.65
C21 PGW ED . 38.17 24.90 15.76
C22 PGW ED . 38.71 26.34 15.63
C23 PGW ED . 40.24 26.42 15.42
C24 PGW ED . 40.71 26.10 14.00
C25 PGW ED . 42.10 25.44 13.93
C26 PGW ED . 43.24 26.29 14.55
C27 PGW ED . 44.40 25.45 15.15
C28 PGW ED . 45.82 28.46 18.59
C29 PGW ED . 46.90 29.75 16.63
C30 PGW ED . 46.88 29.50 18.16
HAD PGW ED . 32.09 23.23 23.89
HADA PGW ED . 33.51 23.67 24.51
HOAE PGW ED . 31.33 25.06 25.25
HOAF PGW ED . 30.99 24.94 22.43
H01 PGW ED . 35.12 26.21 18.61
H01A PGW ED . 34.58 27.27 17.54
H02 PGW ED . 33.04 26.52 19.42
H2 PGW ED . 32.48 29.32 16.64
H2A PGW ED . 30.99 28.95 16.20
H03 PGW ED . 32.23 24.55 17.52
H03A PGW ED . 31.70 24.70 19.01
H3 PGW ED . 31.86 29.84 14.29
H3A PGW ED . 32.01 28.29 14.02
H04 PGW ED . 34.35 24.16 22.19
H04A PGW ED . 33.68 25.31 21.31
H4 PGW ED . 34.05 29.16 13.43
H4A PGW ED . 34.31 28.48 14.84
H05 PGW ED . 33.26 25.83 23.55
H5 PGW ED . 34.73 30.45 15.83
H5A PGW ED . 33.60 31.20 14.99
H06 PGW ED . 41.50 31.02 15.36
H06A PGW ED . 41.63 31.01 13.77
H6 PGW ED . 35.58 32.15 14.31
H6A PGW ED . 35.13 31.22 13.10
H07 PGW ED . 39.77 32.80 14.99
H07A PGW ED . 40.48 32.99 13.58
H7 PGW ED . 37.38 30.83 13.35
H7A PGW ED . 36.68 29.54 13.98
H08 PGW ED . 42.48 33.62 14.62
H08A PGW ED . 41.93 33.21 16.05
H8 PGW ED . 37.04 30.36 16.16
H8A PGW ED . 37.66 31.70 15.57
H09 PGW ED . 41.65 35.44 16.18
H09A PGW ED . 40.22 35.03 15.61
H11 PGW ED . 40.85 36.79 14.29
H11A PGW ED . 41.13 35.53 13.37
H12 PGW ED . 43.43 35.67 13.75
H12A PGW ED . 43.22 36.72 14.92
H13 PGW ED . 42.49 38.35 13.30
H13A PGW ED . 42.81 37.31 12.15
H14 PGW ED . 45.13 37.38 12.70
H14A PGW ED . 44.82 38.36 13.91
H14B PGW ED . 44.63 38.86 12.41
H15 PGW ED . 43.12 24.90 16.70
H15A PGW ED . 43.91 23.66 16.13
H16 PGW ED . 45.91 24.60 17.24
H16A PGW ED . 44.82 23.96 18.21
H17 PGW ED . 44.88 25.88 19.33
H17A PGW ED . 44.06 26.49 18.14
H18 PGW ED . 46.90 26.68 18.47
H18A PGW ED . 46.20 27.08 17.10
H20 PGW ED . 36.69 23.85 16.80
H20A PGW ED . 37.15 25.18 17.54
H21 PGW ED . 38.88 24.33 16.11
H21A PGW ED . 37.95 24.56 14.86
H22 PGW ED . 38.47 26.84 16.46
H22A PGW ED . 38.27 26.80 14.88
H23 PGW ED . 40.67 25.79 16.04
H23A PGW ED . 40.55 27.33 15.67
H24 PGW ED . 40.72 26.92 13.45
H24A PGW ED . 40.04 25.49 13.57
H25 PGW ED . 42.32 25.22 12.99
H25A PGW ED . 42.06 24.58 14.42
H26 PGW ED . 42.87 26.85 15.27
H26A PGW ED . 43.59 26.90 13.87
H27 PGW ED . 44.75 24.86 14.44
H27A PGW ED . 45.13 26.06 15.39
H28 PGW ED . 44.94 28.76 18.27
H28A PGW ED . 45.78 28.43 19.58
H29 PGW ED . 47.52 30.48 16.42
H29A PGW ED . 47.17 28.95 16.15
H29B PGW ED . 46.01 30.01 16.33
H30 PGW ED . 47.77 29.18 18.45
H30A PGW ED . 46.71 30.35 18.63
H9 PGW ED . 39.21 29.59 16.15
H10 PGW ED . 39.69 29.77 13.66
CAD PGW FD . 38.18 37.21 30.86
OAE PGW FD . 37.84 37.19 32.25
OAF PGW FD . 36.22 38.51 30.26
P PGW FD . 37.69 37.21 26.39
C01 PGW FD . 37.02 41.31 25.29
C1 PGW FD . 34.22 41.63 24.80
O01 PGW FD . 34.63 41.13 25.98
C02 PGW FD . 35.97 40.56 26.11
C2 PGW FD . 33.49 42.94 24.92
O02 PGW FD . 34.38 41.05 23.76
C03 PGW FD . 35.89 39.07 25.78
C3 PGW FD . 33.25 43.64 23.58
O03 PGW FD . 37.12 40.69 23.98
C04 PGW FD . 38.03 38.51 28.68
C4 PGW FD . 34.49 44.41 23.08
O04 PGW FD . 37.27 42.17 22.32
C05 PGW FD . 37.65 38.44 30.15
C5 PGW FD . 34.77 45.72 23.85
C06 PGW FD . 40.42 48.77 22.02
C6 PGW FD . 35.27 46.88 22.96
C07 PGW FD . 39.66 49.99 22.55
C7 PGW FD . 36.71 46.71 22.47
C08 PGW FD . 40.55 51.06 23.18
C8 PGW FD . 37.76 46.92 23.54
C09 PGW FD . 39.79 52.16 23.95
C9 PGW FD . 39.16 46.86 23.02
C10 PGW FD . 39.59 47.52 21.97
C11 PGW FD . 39.33 53.35 23.08
O11 PGW FD . 37.24 38.56 25.63
C12 PGW FD . 40.46 54.32 22.70
O12 PGW FD . 37.36 37.46 27.94
C13 PGW FD . 39.98 55.64 22.09
O13 PGW FD . 39.18 37.22 26.19
C14 PGW FD . 41.15 56.63 21.85
O14 PGW FD . 36.87 36.07 25.88
C15 PGW FD . 45.60 43.48 20.97
C16 PGW FD . 46.85 43.69 21.86
C17 PGW FD . 46.67 44.71 23.00
C18 PGW FD . 47.33 46.08 22.75
C19 PGW FD . 37.80 41.38 23.05
C20 PGW FD . 39.27 41.04 23.04
C21 PGW FD . 40.05 41.76 21.93
C22 PGW FD . 40.10 43.29 22.13
C23 PGW FD . 41.37 43.96 21.58
C24 PGW FD . 41.41 44.12 20.05
C25 PGW FD . 42.82 44.04 19.44
C26 PGW FD . 43.81 45.10 19.98
C27 PGW FD . 45.30 44.64 19.99
C28 PGW FD . 46.89 47.18 23.72
C29 PGW FD . 46.82 49.16 22.05
C30 PGW FD . 47.40 48.60 23.37
HAD PGW FD . 37.81 36.39 30.42
HADA PGW FD . 39.17 37.17 30.77
HOAE PGW FD . 37.06 37.49 32.41
HOAF PGW FD . 35.85 37.85 29.88
H01 PGW FD . 37.90 41.27 25.72
H01A PGW FD . 36.77 42.27 25.20
H02 PGW FD . 36.22 40.64 27.08
H2 PGW FD . 34.00 43.55 25.51
H2A PGW FD . 32.62 42.77 25.36
H03 PGW FD . 35.41 38.94 24.93
H03A PGW FD . 35.40 38.58 26.48
H3 PGW FD . 32.51 44.28 23.66
H3A PGW FD . 32.98 42.98 22.91
H04 PGW FD . 39.01 38.40 28.58
H04A PGW FD . 37.78 39.37 28.29
H4 PGW FD . 34.38 44.62 22.12
H4A PGW FD . 35.28 43.81 23.15
H05 PGW FD . 38.01 39.25 30.62
H5 PGW FD . 35.42 45.55 24.56
H5A PGW FD . 33.93 46.00 24.29
H06 PGW FD . 41.19 48.60 22.60
H06A PGW FD . 40.77 48.98 21.12
H6 PGW FD . 35.20 47.73 23.46
H6A PGW FD . 34.66 46.96 22.18
H07 PGW FD . 39.02 49.68 23.23
H07A PGW FD . 39.12 50.39 21.82
H7 PGW FD . 36.88 47.35 21.73
H7A PGW FD . 36.82 45.81 22.09
H08 PGW FD . 41.09 51.50 22.47
H08A PGW FD . 41.19 50.61 23.79
H8 PGW FD . 37.64 46.25 24.25
H8A PGW FD . 37.62 47.81 23.97
H09 PGW FD . 40.36 52.52 24.67
H09A PGW FD . 39.00 51.75 24.39
H11 PGW FD . 38.62 53.85 23.55
H11A PGW FD . 38.92 52.99 22.25
H12 PGW FD . 41.07 53.87 22.06
H12A PGW FD . 40.98 54.51 23.51
H13 PGW FD . 39.33 56.06 22.71
H13A PGW FD . 39.52 55.46 21.24
H14 PGW FD . 41.78 56.25 21.20
H14A PGW FD . 41.62 56.79 22.68
H14B PGW FD . 40.80 57.48 21.51
H15 PGW FD . 44.82 43.36 21.57
H15A PGW FD . 45.69 42.63 20.46
H16 PGW FD . 47.59 43.98 21.29
H16A PGW FD . 47.13 42.81 22.24
H17 PGW FD . 47.02 44.35 23.85
H17A PGW FD . 45.71 44.86 23.14
H18 PGW FD . 48.31 45.98 22.80
H18A PGW FD . 47.12 46.36 21.84
H20 PGW FD . 39.38 40.07 22.93
H20A PGW FD . 39.66 41.28 23.92
H21 PGW FD . 40.98 41.42 21.91
H21A PGW FD . 39.65 41.55 21.06
H22 PGW FD . 40.02 43.49 23.10
H22A PGW FD . 39.31 43.71 21.69
H23 PGW FD . 42.14 43.42 21.85
H23A PGW FD . 41.49 44.85 22.01
H24 PGW FD . 41.01 44.99 19.80
H24A PGW FD . 40.84 43.42 19.64
H25 PGW FD . 42.77 44.11 18.46
H25A PGW FD . 43.19 43.14 19.64
H26 PGW FD . 43.56 45.33 20.91
H26A PGW FD . 43.73 45.92 19.46
H27 PGW FD . 45.54 44.37 19.07
H27A PGW FD . 45.86 45.41 20.22
H28 PGW FD . 45.91 47.21 23.74
H28A PGW FD . 47.19 46.94 24.63
H29 PGW FD . 47.12 50.09 21.91
H29A PGW FD . 47.13 48.62 21.29
H29B PGW FD . 45.85 49.12 22.07
H30 PGW FD . 48.39 48.58 23.32
H30A PGW FD . 47.17 49.22 24.10
H9 PGW FD . 39.80 46.31 23.48
H10 PGW FD . 39.35 47.18 21.11
CAD PGW GD . 41.71 49.92 39.60
OAE PGW GD . 41.88 49.49 40.96
OAF PGW GD . 39.39 50.52 39.94
P PGW GD . 39.77 50.66 35.62
C01 PGW GD . 37.64 54.35 36.02
C1 PGW GD . 34.88 53.75 36.37
O01 PGW GD . 35.78 53.19 37.20
C02 PGW GD . 37.20 53.13 36.82
C2 PGW GD . 33.88 54.65 37.06
O02 PGW GD . 34.83 53.49 35.20
C03 PGW GD . 37.42 51.83 36.07
C3 PGW GD . 33.03 55.48 36.10
O03 PGW GD . 37.47 54.11 34.61
C04 PGW GD . 40.48 51.48 38.03
C4 PGW GD . 33.76 56.72 35.56
O04 PGW GD . 36.63 55.83 33.48
C05 PGW GD . 40.65 51.00 39.46
C5 PGW GD . 33.89 57.86 36.60
C06 PGW GD . 37.49 63.05 34.43
C6 PGW GD . 33.72 59.27 36.01
C07 PGW GD . 36.65 63.77 35.49
C7 PGW GD . 34.89 59.74 35.15
C08 PGW GD . 37.37 64.95 36.17
C8 PGW GD . 36.14 60.10 35.94
C09 PGW GD . 36.63 65.52 37.40
C9 PGW GD . 37.25 60.65 35.09
C10 PGW GD . 37.09 61.62 34.22
C11 PGW GD . 35.59 66.61 37.07
O11 PGW GD . 38.73 51.87 35.45
C12 PGW GD . 36.20 67.97 36.74
O12 PGW GD . 39.92 50.44 37.21
C13 PGW GD . 35.21 69.13 36.71
O13 PGW GD . 41.04 51.24 35.07
C14 PGW GD . 35.89 70.50 36.48
O14 PGW GD . 39.18 49.42 35.01
C15 PGW GD . 43.29 60.31 30.57
C16 PGW GD . 44.65 60.76 31.13
C17 PGW GD . 44.59 61.41 32.54
C18 PGW GD . 44.71 62.94 32.57
C19 PGW GD . 37.57 55.16 33.79
C20 PGW GD . 38.99 55.38 33.31
C21 PGW GD . 39.11 56.55 32.32
C22 PGW GD . 38.79 57.92 32.95
C23 PGW GD . 39.56 59.10 32.33
C24 PGW GD . 39.03 59.57 30.96
C25 PGW GD . 40.12 60.13 30.03
C26 PGW GD . 40.90 61.34 30.60
C27 PGW GD . 42.36 61.45 30.10
C28 PGW GD . 44.33 63.60 33.90
C29 PGW GD . 43.16 65.70 32.97
C30 PGW GD . 44.27 65.14 33.88
HAD PGW GD . 41.47 49.13 39.04
HADA PGW GD . 42.58 50.26 39.26
HOAE PGW GD . 41.16 49.46 41.40
HOAF PGW GD . 39.11 49.86 39.48
H01 PGW GD . 38.59 54.55 36.18
H01A PGW GD . 37.12 55.16 36.28
H02 PGW GD . 37.72 53.10 37.66
H2 PGW GD . 34.38 55.26 37.66
H2A PGW GD . 33.30 54.09 37.63
H03 PGW GD . 36.75 51.70 35.37
H03A PGW GD . 37.36 51.05 36.68
H3 PGW GD . 32.21 55.76 36.55
H3A PGW GD . 32.74 54.90 35.34
H04 PGW GD . 41.36 51.76 37.67
H04A PGW GD . 39.89 52.26 38.00
H4 PGW GD . 33.27 57.07 34.78
H4A PGW GD . 34.66 56.45 35.25
H05 PGW GD . 40.91 51.77 40.03
H5 PGW GD . 34.77 57.81 37.04
H5A PGW GD . 33.21 57.72 37.30
H06 PGW GD . 38.44 63.05 34.73
H06A PGW GD . 37.46 63.55 33.58
H6 PGW GD . 33.59 59.92 36.75
H6A PGW GD . 32.89 59.29 35.47
H07 PGW GD . 36.39 63.12 36.18
H07A PGW GD . 35.81 64.09 35.08
H7 PGW GD . 34.62 60.54 34.63
H7A PGW GD . 35.12 59.04 34.50
H08 PGW GD . 37.50 65.67 35.50
H08A PGW GD . 38.27 64.64 36.44
H8 PGW GD . 36.47 59.29 36.41
H8A PGW GD . 35.91 60.76 36.63
H09 PGW GD . 37.29 65.90 38.04
H09A PGW GD . 36.19 64.76 37.87
H11 PGW GD . 34.98 66.72 37.84
H11A PGW GD . 35.05 66.30 36.31
H12 PGW GD . 36.67 67.92 35.87
H12A PGW GD . 36.90 68.17 37.42
H13 PGW GD . 34.70 69.14 37.55
H13A PGW GD . 34.55 68.97 35.98
H14 PGW GD . 36.33 70.51 35.62
H14A PGW GD . 36.55 70.65 37.19
H14B PGW GD . 35.23 71.22 36.52
H15 PGW GD . 42.83 59.80 31.28
H15A PGW GD . 43.44 59.68 29.83
H16 PGW GD . 45.04 61.42 30.51
H16A PGW GD . 45.28 60.00 31.15
H17 PGW GD . 45.29 61.03 33.13
H17A PGW GD . 43.72 61.16 32.96
H18 PGW GD . 45.64 63.20 32.34
H18A PGW GD . 44.13 63.31 31.86
H20 PGW GD . 39.32 54.55 32.89
H20A PGW GD . 39.56 55.57 34.09
H21 PGW GD . 40.03 56.58 31.96
H21A PGW GD . 38.52 56.39 31.55
H22 PGW GD . 38.99 57.87 33.92
H22A PGW GD . 37.82 58.11 32.86
H23 PGW GD . 40.50 58.83 32.22
H23A PGW GD . 39.55 59.86 32.96
H24 PGW GD . 38.34 60.27 31.10
H24A PGW GD . 38.58 58.81 30.51
H25 PGW GD . 39.72 60.38 29.16
H25A PGW GD . 40.77 59.41 29.85
H26 PGW GD . 40.91 61.27 31.58
H26A PGW GD . 40.41 62.17 30.39
H27 PGW GD . 42.34 61.48 29.11
H27A PGW GD . 42.73 62.31 30.39
H28 PGW GD . 43.45 63.25 34.17
H28A PGW GD . 44.98 63.29 34.59
H29 PGW GD . 43.12 66.67 33.06
H29A PGW GD . 43.34 65.48 32.05
H29B PGW GD . 42.30 65.33 33.23
H30 PGW GD . 45.15 65.48 33.57
H30A PGW GD . 44.14 65.46 34.81
H9 PGW GD . 38.13 60.29 35.19
H10 PGW GD . 36.68 61.39 33.38
CAD PGW HD . 44.21 60.94 50.60
OAE PGW HD . 44.95 60.34 51.67
OAF PGW HD . 42.06 60.59 51.67
P PGW HD . 40.92 61.73 47.64
C01 PGW HD . 38.10 64.25 49.67
C1 PGW HD . 35.90 62.62 50.48
O01 PGW HD . 37.15 62.28 50.85
C02 PGW HD . 38.30 62.81 50.12
C2 PGW HD . 35.00 62.94 51.64
O02 PGW HD . 35.54 62.61 49.34
C03 PGW HD . 38.63 61.85 48.99
C3 PGW HD . 33.66 63.58 51.22
O03 PGW HD . 37.54 64.24 48.33
C04 PGW HD . 42.13 62.25 49.93
C4 PGW HD . 33.79 65.09 50.92
O04 PGW HD . 35.92 65.74 48.02
C05 PGW HD . 42.91 61.57 51.06
C5 PGW HD . 33.94 65.96 52.19
C06 PGW HD . 34.99 72.43 50.88
C6 PGW HD . 33.19 67.31 52.12
C07 PGW HD . 34.38 72.56 52.28
C7 PGW HD . 33.82 68.34 51.18
C08 PGW HD . 34.92 73.76 53.08
C8 PGW HD . 35.11 68.94 51.70
C09 PGW HD . 34.52 73.75 54.57
C9 PGW HD . 35.66 70.03 50.81
C10 PGW HD . 34.95 71.03 50.34
C11 PGW HD . 33.16 74.44 54.86
O11 PGW HD . 39.59 62.49 48.11
C12 PGW HD . 33.23 75.97 54.81
O12 PGW HD . 41.64 61.26 48.99
C13 PGW HD . 31.99 76.68 55.38
O13 PGW HD . 41.72 62.83 46.99
C14 PGW HD . 32.15 78.21 55.42
O14 PGW HD . 40.53 60.51 46.85
C15 PGW HD . 39.68 72.81 45.05
C16 PGW HD . 40.96 73.60 45.37
C17 PGW HD . 41.20 73.87 46.88
C18 PGW HD . 40.89 75.31 47.34
C19 PGW HD . 37.06 65.40 47.87
C20 PGW HD . 38.11 66.22 47.15
C21 PGW HD . 37.56 67.53 46.55
C22 PGW HD . 37.10 68.53 47.64
C23 PGW HD . 37.25 70.01 47.23
C24 PGW HD . 36.18 70.52 46.25
C25 PGW HD . 36.70 71.62 45.29
C26 PGW HD . 37.25 72.88 45.99
C27 PGW HD . 38.36 73.61 45.20
C28 PGW HD . 40.81 75.50 48.86
C29 PGW HD . 38.85 77.19 48.94
C30 PGW HD . 40.32 76.88 49.32
HAD PGW HD . 44.02 60.25 49.91
HADA PGW HD . 44.78 61.64 50.17
HOAE PGW HD . 44.44 59.96 52.25
HOAF PGW HD . 41.85 59.97 51.11
H01 PGW HD . 38.96 64.74 49.64
H01A PGW HD . 37.50 64.74 50.28
H02 PGW HD . 39.08 62.79 50.77
H2 PGW HD . 35.46 63.55 52.26
H2A PGW HD . 34.81 62.11 52.14
H03 PGW HD . 37.82 61.64 48.47
H03A PGW HD . 39.00 61.01 49.34
H3 PGW HD . 32.99 63.46 51.93
H3A PGW HD . 33.32 63.11 50.42
H04 PGW HD . 42.72 62.89 49.47
H04A PGW HD . 41.37 62.75 50.29
H4 PGW HD . 32.99 65.39 50.42
H4A PGW HD . 34.56 65.24 50.33
H05 PGW HD . 43.11 62.26 51.76
H5 PGW HD . 34.89 66.14 52.37
H5A PGW HD . 33.60 65.45 52.96
H06 PGW HD . 35.94 72.72 50.92
H06A PGW HD . 34.53 73.04 50.25
H6 PGW HD . 33.14 67.71 53.02
H6A PGW HD . 32.26 67.13 51.83
H07 PGW HD . 34.56 71.75 52.79
H07A PGW HD . 33.40 72.64 52.20
H7 PGW HD . 33.17 69.07 51.00
H7A PGW HD . 34.01 67.91 50.31
H08 PGW HD . 34.62 74.60 52.66
H08A PGW HD . 35.92 73.76 53.01
H8 PGW HD . 35.80 68.23 51.81
H8A PGW HD . 34.95 69.33 52.60
H09 PGW HD . 35.21 74.22 55.10
H09A PGW HD . 34.48 72.82 54.88
H11 PGW HD . 32.84 74.16 55.75
H11A PGW HD . 32.50 74.13 54.19
H12 PGW HD . 33.36 76.27 53.88
H12A PGW HD . 34.01 76.27 55.32
H13 PGW HD . 31.82 76.34 56.30
H13A PGW HD . 31.20 76.44 54.83
H14 PGW HD . 32.25 78.56 54.52
H14A PGW HD . 32.94 78.44 55.95
H14B PGW HD . 31.36 78.62 55.85
H15 PGW HD . 39.64 72.04 45.67
H15A PGW HD . 39.74 72.44 44.14
H16 PGW HD . 40.92 74.46 44.90
H16A PGW HD . 41.75 73.12 44.99
H17 PGW HD . 42.14 73.67 47.12
H17A PGW HD . 40.63 73.26 47.40
H18 PGW HD . 41.57 75.92 46.97
H18A PGW HD . 40.02 75.59 46.94
H20 PGW HD . 38.50 65.67 46.42
H20A PGW HD . 38.83 66.44 47.78
H21 PGW HD . 38.26 67.96 46.01
H21A PGW HD . 36.82 67.32 45.95
H22 PGW HD . 37.61 68.36 48.47
H22A PGW HD . 36.14 68.36 47.86
H23 PGW HD . 38.14 70.12 46.82
H23A PGW HD . 37.24 70.57 48.05
H24 PGW HD . 35.42 70.88 46.76
H24A PGW HD . 35.85 69.76 45.72
H25 PGW HD . 35.98 71.88 44.67
H25A PGW HD . 37.42 71.23 44.74
H26 PGW HD . 37.62 72.62 46.86
H26A PGW HD . 36.50 73.51 46.17
H27 PGW HD . 38.01 73.84 44.30
H27A PGW HD . 38.56 74.47 45.64
H28 PGW HD . 40.20 74.80 49.22
H28A PGW HD . 41.70 75.32 49.24
H29 PGW HD . 38.57 78.04 49.32
H29A PGW HD . 38.76 77.23 47.96
H29B PGW HD . 38.27 76.47 49.27
H30 PGW HD . 40.90 77.58 48.93
H30A PGW HD . 40.42 76.94 50.30
H9 PGW HD . 36.58 69.99 50.57
H10 PGW HD . 34.38 70.84 49.60
CAD PGW ID . -58.00 -50.50 -66.50
OAE PGW ID . -56.72 -50.92 -66.04
OAF PGW ID . -59.21 -52.06 -65.08
P PGW ID . -62.32 -50.66 -67.78
C01 PGW ID . -64.62 -50.31 -64.18
C1 PGW ID . -65.55 -52.92 -63.47
O01 PGW ID . -64.23 -52.71 -63.66
C02 PGW ID . -63.76 -51.55 -64.41
C2 PGW ID . -65.90 -53.34 -62.07
O02 PGW ID . -66.35 -52.83 -64.36
C03 PGW ID . -63.67 -51.95 -65.88
C3 PGW ID . -67.41 -53.32 -61.79
O03 PGW ID . -65.68 -50.26 -65.17
C04 PGW ID . -60.47 -50.20 -65.94
C4 PGW ID . -67.95 -51.90 -61.47
O04 PGW ID . -67.66 -49.67 -64.35
C05 PGW ID . -59.11 -50.68 -65.46
C5 PGW ID . -67.56 -51.38 -60.07
C06 PGW ID . -69.42 -45.08 -58.92
C6 PGW ID . -68.66 -50.57 -59.37
C07 PGW ID . -69.36 -45.57 -57.47
C7 PGW ID . -68.89 -49.18 -59.96
C08 PGW ID . -68.95 -44.49 -56.46
C8 PGW ID . -67.78 -48.18 -59.63
C09 PGW ID . -68.64 -45.03 -55.05
C9 PGW ID . -68.08 -46.79 -60.14
C10 PGW ID . -69.22 -46.16 -59.94
C11 PGW ID . -69.86 -45.14 -54.13
O11 PGW ID . -63.48 -50.75 -66.67
C12 PGW ID . -70.35 -43.80 -53.57
O12 PGW ID . -60.96 -51.04 -67.01
C13 PGW ID . -71.37 -43.91 -52.43
O13 PGW ID . -62.31 -49.21 -68.13
C14 PGW ID . -71.73 -42.55 -51.81
O14 PGW ID . -62.58 -51.70 -68.84
C15 PGW ID . -68.20 -41.20 -65.21
C16 PGW ID . -67.25 -39.99 -64.99
C17 PGW ID . -66.49 -40.00 -63.64
C18 PGW ID . -67.03 -39.03 -62.59
C19 PGW ID . -66.66 -49.39 -64.96
C20 PGW ID . -66.38 -48.04 -65.57
C21 PGW ID . -67.53 -47.04 -65.40
C22 PGW ID . -67.78 -46.65 -63.92
C23 PGW ID . -68.32 -45.23 -63.72
C24 PGW ID . -69.82 -45.05 -64.06
C25 PGW ID . -70.17 -43.65 -64.60
C26 PGW ID . -69.83 -42.48 -63.65
C27 PGW ID . -69.50 -41.16 -64.37
C28 PGW ID . -66.49 -39.27 -61.17
C29 PGW ID . -68.64 -38.76 -59.84
C30 PGW ID . -67.15 -38.43 -60.06
HAD PGW ID . -58.24 -51.01 -67.32
HADA PGW ID . -57.96 -49.54 -66.76
HOAE PGW ID . -56.76 -51.62 -65.53
HOAF PGW ID . -59.43 -52.55 -65.75
H01 PGW ID . -64.08 -49.49 -64.26
H01A PGW ID . -65.02 -50.32 -63.26
H02 PGW ID . -62.84 -51.36 -64.08
H2 PGW ID . -65.45 -52.75 -61.43
H2A PGW ID . -65.55 -54.26 -61.91
H03 PGW ID . -64.50 -52.39 -66.17
H03A PGW ID . -62.93 -52.58 -66.03
H3 PGW ID . -67.62 -53.90 -61.01
H3A PGW ID . -67.90 -53.69 -62.56
H04 PGW ID . -60.40 -49.26 -66.26
H04A PGW ID . -61.12 -50.21 -65.20
H4 PGW ID . -68.92 -51.90 -61.55
H4A PGW ID . -67.60 -51.28 -62.16
H05 PGW ID . -58.85 -50.16 -64.64
H5 PGW ID . -66.74 -50.83 -60.13
H5A PGW ID . -67.32 -52.16 -59.51
H06 PGW ID . -68.71 -44.40 -59.05
H06A PGW ID . -70.29 -44.62 -59.08
H6 PGW ID . -68.43 -50.48 -58.42
H6A PGW ID . -69.50 -51.09 -59.41
H07 PGW ID . -68.71 -46.31 -57.42
H07A PGW ID . -70.24 -45.94 -57.22
H7 PGW ID . -69.75 -48.82 -59.63
H7A PGW ID . -68.98 -49.26 -60.94
H08 PGW ID . -69.68 -43.82 -56.40
H08A PGW ID . -68.16 -44.01 -56.82
H8 PGW ID . -66.94 -48.49 -60.03
H8A PGW ID . -67.66 -48.13 -58.66
H09 PGW ID . -67.97 -44.44 -54.61
H09A PGW ID . -68.21 -45.92 -55.14
H11 PGW ID . -69.65 -45.75 -53.37
H11A PGW ID . -70.61 -45.56 -54.63
H12 PGW ID . -70.74 -43.27 -54.30
H12A PGW ID . -69.57 -43.30 -53.23
H13 PGW ID . -70.99 -44.50 -51.72
H13A PGW ID . -72.19 -44.36 -52.77
H14 PGW ID . -72.16 -41.99 -52.49
H14A PGW ID . -70.92 -42.10 -51.50
H14B PGW ID . -72.34 -42.66 -51.06
H15 PGW ID . -67.70 -42.02 -64.98
H15A PGW ID . -68.43 -41.27 -66.17
H16 PGW ID . -67.79 -39.16 -65.04
H16A PGW ID . -66.61 -39.95 -65.74
H17 PGW ID . -65.54 -39.80 -63.79
H17A PGW ID . -66.53 -40.92 -63.27
H18 PGW ID . -66.82 -38.11 -62.86
H18A PGW ID . -68.01 -39.11 -62.55
H20 PGW ID . -66.18 -48.15 -66.53
H20A PGW ID . -65.56 -47.66 -65.15
H21 PGW ID . -67.33 -46.21 -65.90
H21A PGW ID . -68.35 -47.42 -65.78
H22 PGW ID . -66.93 -46.75 -63.42
H22A PGW ID . -68.42 -47.29 -63.52
H23 PGW ID . -67.81 -44.63 -64.30
H23A PGW ID . -68.17 -44.94 -62.79
H24 PGW ID . -70.36 -45.23 -63.24
H24A PGW ID . -70.07 -45.74 -64.72
H25 PGW ID . -71.14 -43.63 -64.83
H25A PGW ID . -69.69 -43.52 -65.45
H26 PGW ID . -69.06 -42.74 -63.10
H26A PGW ID . -70.59 -42.34 -63.02
H27 PGW ID . -70.27 -40.92 -64.95
H27A PGW ID . -69.43 -40.44 -63.70
H28 PGW ID . -66.60 -40.23 -60.94
H28A PGW ID . -65.51 -39.09 -61.17
H29 PGW ID . -69.01 -38.26 -59.07
H29A PGW ID . -69.16 -38.54 -60.64
H29B PGW ID . -68.75 -39.71 -59.66
H30 PGW ID . -67.07 -37.47 -60.30
H30A PGW ID . -66.67 -38.56 -59.21
H9 PGW ID . -67.41 -46.34 -60.64
H10 PGW ID . -69.96 -46.41 -60.48
CAD PGW JD . -52.95 -44.82 -52.72
OAE PGW JD . -51.52 -44.85 -52.74
OAF PGW JD . -53.12 -46.97 -51.59
P PGW JD . -57.21 -46.28 -52.86
C01 PGW JD . -58.16 -47.51 -48.88
C1 PGW JD . -58.03 -50.36 -48.78
O01 PGW JD . -56.97 -49.66 -49.23
C02 PGW JD . -57.12 -48.28 -49.69
C2 PGW JD . -57.76 -51.15 -47.53
O02 PGW JD . -59.08 -50.38 -49.37
C03 PGW JD . -57.42 -48.31 -51.18
C3 PGW JD . -59.02 -51.73 -46.89
O03 PGW JD . -59.46 -47.64 -49.50
C04 PGW JD . -55.05 -45.55 -51.50
C4 PGW JD . -59.80 -50.70 -46.05
O04 PGW JD . -61.13 -47.98 -48.08
C05 PGW JD . -53.53 -45.60 -51.55
C5 PGW JD . -59.12 -50.38 -44.70
C06 PGW JD . -62.17 -45.53 -41.25
C6 PGW JD . -60.11 -50.17 -43.52
C07 PGW JD . -61.49 -46.25 -40.09
C7 PGW JD . -60.90 -48.86 -43.58
C08 PGW JD . -61.08 -45.32 -38.93
C8 PGW JD . -60.08 -47.62 -43.27
C09 PGW JD . -60.17 -46.00 -37.88
C9 PGW JD . -60.91 -46.37 -43.23
C10 PGW JD . -62.03 -46.24 -42.57
C11 PGW JD . -60.94 -46.73 -36.75
O11 PGW JD . -57.85 -46.99 -51.59
C12 PGW JD . -61.56 -45.79 -35.71
O12 PGW JD . -55.61 -46.28 -52.61
C13 PGW JD . -62.06 -46.48 -34.44
O13 PGW JD . -57.72 -44.87 -52.75
C14 PGW JD . -62.57 -45.49 -33.37
O14 PGW JD . -57.51 -47.09 -54.09
C15 PGW JD . -64.28 -40.28 -46.16
C16 PGW JD . -63.69 -38.88 -45.83
C17 PGW JD . -62.54 -38.90 -44.78
C18 PGW JD . -62.94 -38.43 -43.38
C19 PGW JD . -60.52 -47.24 -48.80
C20 PGW JD . -60.85 -45.78 -49.03
C21 PGW JD . -62.11 -45.33 -48.27
C22 PGW JD . -61.94 -45.36 -46.74
C23 PGW JD . -62.76 -44.30 -45.98
C24 PGW JD . -64.27 -44.61 -45.87
C25 PGW JD . -65.16 -43.35 -45.86
C26 PGW JD . -64.86 -42.36 -44.71
C27 PGW JD . -65.17 -40.89 -45.05
C28 PGW JD . -61.91 -38.73 -42.29
C29 PGW JD . -63.55 -39.32 -40.37
C30 PGW JD . -62.38 -38.43 -40.85
HAD PGW JD . -53.29 -45.21 -53.57
HADA PGW JD . -53.25 -43.88 -52.68
HOAE PGW JD . -51.19 -45.60 -52.48
HOAF PGW JD . -53.40 -47.36 -52.29
H01 PGW JD . -57.93 -46.55 -48.84
H01A PGW JD . -58.22 -47.85 -47.94
H02 PGW JD . -56.24 -47.83 -49.55
H2 PGW JD . -57.31 -50.58 -46.88
H2A PGW JD . -57.14 -51.89 -47.76
H03 PGW JD . -58.15 -48.95 -51.37
H03A PGW JD . -56.63 -48.60 -51.69
H3 PGW JD . -58.79 -52.49 -46.31
H3A PGW JD . -59.63 -52.09 -47.60
H04 PGW JD . -55.37 -44.61 -51.53
H04A PGW JD . -55.39 -45.95 -50.66
H4 PGW JD . -60.70 -51.04 -45.87
H4A PGW JD . -59.90 -49.87 -46.57
H05 PGW JD . -53.17 -45.21 -50.70
H5 PGW JD . -58.56 -49.56 -44.78
H5A PGW JD . -58.50 -51.11 -44.47
H06 PGW JD . -61.77 -44.63 -41.35
H06A PGW JD . -63.14 -45.39 -41.05
H6 PGW JD . -59.61 -50.19 -42.67
H6A PGW JD . -60.73 -50.94 -43.51
H07 PGW JD . -60.68 -46.70 -40.42
H07A PGW JD . -62.08 -46.96 -39.75
H7 PGW JD . -61.66 -48.92 -42.96
H7A PGW JD . -61.28 -48.77 -44.49
H08 PGW JD . -61.90 -44.99 -38.49
H08A PGW JD . -60.62 -44.54 -39.31
H8 PGW JD . -59.36 -47.53 -43.94
H8A PGW JD . -59.65 -47.74 -42.39
H09 PGW JD . -59.60 -45.31 -37.45
H09A PGW JD . -59.58 -46.63 -38.33
H11 PGW JD . -60.33 -47.35 -36.30
H11A PGW JD . -61.66 -47.27 -37.16
H12 PGW JD . -62.31 -45.30 -36.12
H12A PGW JD . -60.89 -45.12 -35.46
H13 PGW JD . -61.33 -47.03 -34.07
H13A PGW JD . -62.79 -47.11 -34.69
H14 PGW JD . -63.33 -45.00 -33.72
H14A PGW JD . -61.86 -44.87 -33.15
H14B PGW JD . -62.83 -45.97 -32.56
H15 PGW JD . -63.53 -40.90 -46.32
H15A PGW JD . -64.79 -40.23 -47.01
H16 PGW JD . -64.42 -38.32 -45.49
H16A PGW JD . -63.37 -38.46 -46.67
H17 PGW JD . -61.79 -38.34 -45.10
H17A PGW JD . -62.20 -39.82 -44.71
H18 PGW JD . -63.11 -37.45 -43.40
H18A PGW JD . -63.80 -38.86 -43.13
H20 PGW JD . -60.96 -45.62 -50.00
H20A PGW JD . -60.08 -45.24 -48.72
H21 PGW JD . -62.33 -44.40 -48.54
H21A PGW JD . -62.87 -45.88 -48.54
H22 PGW JD . -60.98 -45.24 -46.52
H22A PGW JD . -62.20 -46.26 -46.40
H23 PGW JD . -62.66 -43.44 -46.46
H23A PGW JD . -62.38 -44.17 -45.09
H24 PGW JD . -64.43 -45.13 -45.04
H24A PGW JD . -64.53 -45.20 -46.62
H25 PGW JD . -66.11 -43.63 -45.81
H25A PGW JD . -65.05 -42.88 -46.71
H26 PGW JD . -63.90 -42.42 -44.48
H26A PGW JD . -65.36 -42.63 -43.91
H27 PGW JD . -66.13 -40.82 -45.33
H27A PGW JD . -65.08 -40.34 -44.23
H28 PGW JD . -61.68 -39.69 -42.35
H28A PGW JD . -61.08 -38.22 -42.48
H29 PGW JD . -63.76 -39.14 -39.44
H29A PGW JD . -64.35 -39.13 -40.91
H29B PGW JD . -63.32 -40.26 -40.48
H30 PGW JD . -62.65 -37.48 -40.80
H30A PGW JD . -61.61 -38.54 -40.23
H9 PGW JD . -60.59 -45.60 -43.71
H10 PGW JD . -62.81 -46.63 -42.96
CAD PGW KD . -45.34 -40.57 -39.60
OAE PGW KD . -44.06 -40.07 -39.98
OAF PGW KD . -44.51 -42.80 -39.18
P PGW KD . -48.81 -43.39 -39.11
C01 PGW KD . -47.98 -45.67 -35.58
C1 PGW KD . -47.03 -48.24 -36.41
O01 PGW KD . -46.41 -47.12 -36.86
C02 PGW KD . -47.10 -45.84 -36.82
C2 PGW KD . -46.14 -49.12 -35.57
O02 PGW KD . -48.15 -48.52 -36.69
C03 PGW KD . -47.86 -45.67 -38.13
C3 PGW KD . -46.89 -50.24 -34.83
O03 PGW KD . -49.32 -46.13 -35.88
C04 PGW KD . -46.62 -42.23 -38.17
C4 PGW KD . -47.59 -49.74 -33.55
O04 PGW KD . -50.24 -47.33 -34.26
C05 PGW KD . -45.26 -41.72 -38.61
C5 PGW KD . -46.62 -49.48 -32.38
C06 PGW KD . -49.56 -46.88 -26.98
C6 PGW KD . -47.17 -49.90 -31.00
C07 PGW KD . -48.35 -47.52 -26.29
C7 PGW KD . -48.26 -48.98 -30.45
C08 PGW KD . -47.85 -46.78 -25.05
C8 PGW KD . -47.77 -47.61 -29.99
C09 PGW KD . -46.50 -47.27 -24.51
C9 PGW KD . -48.86 -46.78 -29.36
C10 PGW KD . -49.68 -47.20 -28.44
C11 PGW KD . -46.60 -48.45 -23.52
O11 PGW KD . -48.75 -44.54 -38.00
C12 PGW KD . -47.06 -48.03 -22.11
O12 PGW KD . -47.29 -42.88 -39.28
C13 PGW KD . -46.89 -49.11 -21.03
O13 PGW KD . -49.63 -42.31 -38.45
C14 PGW KD . -47.26 -48.61 -19.62
O14 PGW KD . -49.26 -43.99 -40.41
C15 PGW KD . -54.58 -41.85 -29.35
C16 PGW KD . -54.34 -40.45 -28.77
C17 PGW KD . -52.95 -40.25 -28.10
C18 PGW KD . -52.96 -40.26 -26.57
C19 PGW KD . -50.14 -46.29 -34.85
C20 PGW KD . -50.93 -45.04 -34.52
C21 PGW KD . -51.93 -45.23 -33.38
C22 PGW KD . -51.25 -45.52 -32.02
C23 PGW KD . -52.03 -45.01 -30.80
C24 PGW KD . -53.25 -45.86 -30.41
C25 PGW KD . -54.41 -45.04 -29.80
C26 PGW KD . -54.03 -44.26 -28.50
C27 PGW KD . -54.84 -42.96 -28.30
C28 PGW KD . -51.59 -40.39 -25.91
C29 PGW KD . -52.24 -41.90 -23.92
C30 PGW KD . -51.60 -40.57 -24.38
HAD PGW KD . -45.83 -40.87 -40.42
HADA PGW KD . -45.86 -39.82 -39.20
HOAE PGW KD . -43.46 -40.68 -40.05
HOAF PGW KD . -44.89 -43.12 -39.88
H01 PGW KD . -48.02 -44.72 -35.31
H01A PGW KD . -47.61 -46.19 -34.82
H02 PGW KD . -46.38 -45.13 -36.79
H2 PGW KD . -45.66 -48.57 -34.90
H2A PGW KD . -45.45 -49.52 -36.15
H03 PGW KD . -48.39 -46.47 -38.32
H03A PGW KD . -47.24 -45.54 -38.88
H3 PGW KD . -46.27 -50.97 -34.60
H3A PGW KD . -47.57 -50.63 -35.44
H04 PGW KD . -47.17 -41.49 -37.84
H04A PGW KD . -46.52 -42.89 -37.44
H4 PGW KD . -48.26 -50.41 -33.26
H4A PGW KD . -48.10 -48.91 -33.75
H05 PGW KD . -44.76 -41.41 -37.81
H5 PGW KD . -46.38 -48.52 -32.35
H5A PGW KD . -45.78 -49.99 -32.55
H06 PGW KD . -49.48 -45.89 -26.88
H06A PGW KD . -50.39 -47.14 -26.50
H6 PGW KD . -46.42 -49.92 -30.35
H6A PGW KD . -47.51 -50.82 -31.06
H07 PGW KD . -47.61 -47.57 -26.94
H07A PGW KD . -48.57 -48.46 -26.05
H7 PGW KD . -48.73 -49.43 -29.70
H7A PGW KD . -48.94 -48.85 -31.16
H08 PGW KD . -48.53 -46.86 -24.34
H08A PGW KD . -47.79 -45.81 -25.27
H8 PGW KD . -47.37 -47.14 -30.75
H8A PGW KD . -47.05 -47.75 -29.32
H09 PGW KD . -46.02 -46.52 -24.06
H09A PGW KD . -45.94 -47.54 -25.27
H11 PGW KD . -45.72 -48.89 -23.43
H11A PGW KD . -47.23 -49.12 -23.88
H12 PGW KD . -48.02 -47.77 -22.16
H12A PGW KD . -46.56 -47.23 -21.84
H13 PGW KD . -45.95 -49.42 -21.04
H13A PGW KD . -47.45 -49.89 -21.27
H14 PGW KD . -48.21 -48.36 -19.60
H14A PGW KD . -46.73 -47.82 -19.41
H14B PGW KD . -47.09 -49.30 -18.96
H15 PGW KD . -53.78 -42.12 -29.87
H15A PGW KD . -55.34 -41.82 -29.99
H16 PGW KD . -55.03 -40.26 -28.10
H16A PGW KD . -54.44 -39.77 -29.49
H17 PGW KD . -52.53 -39.41 -28.41
H17A PGW KD . -52.35 -40.98 -28.40
H18 PGW KD . -53.39 -39.43 -26.24
H18A PGW KD . -53.53 -41.00 -26.25
H20 PGW KD . -51.40 -44.74 -35.34
H20A PGW KD . -50.29 -44.33 -34.27
H21 PGW KD . -52.47 -44.42 -33.28
H21A PGW KD . -52.55 -45.96 -33.60
H22 PGW KD . -50.35 -45.12 -32.02
H22A PGW KD . -51.13 -46.50 -31.92
H23 PGW KD . -52.34 -44.09 -31.00
H23A PGW KD . -51.42 -44.93 -30.03
H24 PGW KD . -52.98 -46.55 -29.76
H24A PGW KD . -53.59 -46.33 -31.22
H25 PGW KD . -55.17 -45.64 -29.60
H25A PGW KD . -54.72 -44.39 -30.47
H26 PGW KD . -53.08 -44.02 -28.55
H26A PGW KD . -54.14 -44.85 -27.72
H27 PGW KD . -55.81 -43.19 -28.28
H27A PGW KD . -54.64 -42.60 -27.40
H28 PGW KD . -51.11 -41.16 -26.31
H28A PGW KD . -51.04 -39.59 -26.14
H29 PGW KD . -52.16 -42.01 -22.95
H29A PGW KD . -53.18 -41.91 -24.16
H29B PGW KD . -51.80 -42.65 -24.36
H30 PGW KD . -52.09 -39.82 -23.97
H30A PGW KD . -50.67 -40.53 -24.04
H9 PGW KD . -48.94 -45.88 -29.65
H10 PGW KD . -50.40 -47.76 -28.72
CAD PGW LD . -35.22 -36.65 -28.12
OAE PGW LD . -34.34 -35.65 -28.64
OAF PGW LD . -33.71 -38.47 -28.61
P PGW LD . -37.39 -40.56 -27.67
C01 PGW LD . -34.82 -43.07 -25.33
C1 PGW LD . -33.52 -44.88 -27.11
O01 PGW LD . -33.43 -43.57 -27.34
C02 PGW LD . -34.39 -42.64 -26.73
C2 PGW LD . -32.19 -45.55 -26.82
O02 PGW LD . -34.56 -45.49 -27.17
C03 PGW LD . -35.56 -42.50 -27.69
C3 PGW LD . -32.32 -46.98 -26.30
O03 PGW LD . -36.00 -43.90 -25.41
C04 PGW LD . -35.42 -38.92 -26.99
C4 PGW LD . -32.65 -47.05 -24.80
O04 PGW LD . -35.95 -45.66 -24.06
C05 PGW LD . -34.49 -37.87 -27.59
C5 PGW LD . -31.45 -46.70 -23.88
C06 PGW LD . -33.02 -46.49 -17.39
C6 PGW LD . -31.37 -47.56 -22.60
C07 PGW LD . -31.52 -46.79 -17.26
C7 PGW LD . -32.43 -47.23 -21.54
C08 PGW LD . -30.86 -46.18 -16.01
C8 PGW LD . -32.21 -45.91 -20.82
C09 PGW LD . -29.32 -46.26 -16.00
C9 PGW LD . -33.20 -45.66 -19.73
C10 PGW LD . -33.51 -46.53 -18.81
C11 PGW LD . -28.75 -47.56 -15.42
O11 PGW LD . -36.65 -41.81 -27.00
C12 PGW LD . -28.82 -47.65 -13.89
O12 PGW LD . -36.23 -39.52 -28.05
C13 PGW LD . -27.99 -48.78 -13.27
O13 PGW LD . -38.20 -40.02 -26.52
C14 PGW LD . -27.99 -48.75 -11.73
O14 PGW LD . -38.06 -41.01 -28.93
C15 PGW LD . -39.73 -43.25 -16.79
C16 PGW LD . -39.70 -41.99 -15.89
C17 PGW LD . -38.29 -41.45 -15.56
C18 PGW LD . -37.79 -41.78 -14.15
C19 PGW LD . -36.35 -44.56 -24.30
C20 PGW LD . -37.29 -43.76 -23.43
C21 PGW LD . -37.76 -44.53 -22.18
C22 PGW LD . -36.61 -44.84 -21.20
C23 PGW LD . -37.05 -44.89 -19.72
C24 PGW LD . -37.77 -46.19 -19.32
C25 PGW LD . -38.83 -45.98 -18.21
C26 PGW LD . -38.28 -45.41 -16.88
C27 PGW LD . -39.30 -44.56 -16.09
C28 PGW LD . -36.29 -41.53 -13.93
C29 PGW LD . -35.80 -43.56 -12.40
C30 PGW LD . -35.74 -42.02 -12.57
HAD PGW LD . -35.85 -36.93 -28.84
HADA PGW LD . -35.76 -36.24 -27.39
HOAE PGW LD . -33.66 -35.98 -29.03
HOAF PGW LD . -34.19 -38.76 -29.26
H01 PGW LD . -35.04 -42.28 -24.77
H01A PGW LD . -34.08 -43.56 -24.87
H02 PGW LD . -33.94 -41.75 -26.66
H2 PGW LD . -31.70 -45.01 -26.16
H2A PGW LD . -31.66 -45.54 -27.65
H03 PGW LD . -35.89 -43.38 -27.98
H03A PGW LD . -35.31 -42.00 -28.50
H3 PGW LD . -31.47 -47.46 -26.45
H3A PGW LD . -33.01 -47.46 -26.82
H04 PGW LD . -36.02 -38.51 -26.33
H04A PGW LD . -34.91 -39.63 -26.55
H4 PGW LD . -32.96 -47.96 -24.57
H4A PGW LD . -33.40 -46.43 -24.61
H05 PGW LD . -33.86 -37.57 -26.87
H5 PGW LD . -31.49 -45.75 -23.62
H5A PGW LD . -30.61 -46.82 -24.40
H06 PGW LD . -33.18 -45.59 -17.03
H06A PGW LD . -33.53 -47.14 -16.83
H6 PGW LD . -30.47 -47.44 -22.20
H6A PGW LD . -31.44 -48.51 -22.85
H07 PGW LD . -31.05 -46.44 -18.06
H07A PGW LD . -31.37 -47.76 -17.26
H7 PGW LD . -32.46 -47.96 -20.89
H7A PGW LD . -33.32 -47.20 -21.99
H08 PGW LD . -31.21 -46.65 -15.21
H08A PGW LD . -31.15 -45.23 -15.93
H8 PGW LD . -32.25 -45.17 -21.48
H8A PGW LD . -31.30 -45.90 -20.43
H09 PGW LD . -28.95 -45.50 -15.47
H09A PGW LD . -28.99 -46.14 -16.93
H11 PGW LD . -27.80 -47.66 -15.70
H11A PGW LD . -29.24 -48.32 -15.81
H12 PGW LD . -29.75 -47.74 -13.61
H12A PGW LD . -28.49 -46.78 -13.52
H13 PGW LD . -27.06 -48.72 -13.60
H13A PGW LD . -28.35 -49.64 -13.58
H14 PGW LD . -28.90 -48.87 -11.39
H14A PGW LD . -27.66 -47.89 -11.42
H14B PGW LD . -27.42 -49.45 -11.37
H15 PGW LD . -39.12 -43.08 -17.55
H15A PGW LD . -40.63 -43.36 -17.19
H16 PGW LD . -40.16 -42.21 -15.05
H16A PGW LD . -40.24 -41.27 -16.33
H17 PGW LD . -38.26 -40.48 -15.69
H17A PGW LD . -37.65 -41.84 -16.21
H18 PGW LD . -38.31 -41.24 -13.49
H18A PGW LD . -37.99 -42.72 -13.95
H20 PGW LD . -38.07 -43.50 -23.97
H20A PGW LD . -36.83 -42.94 -23.15
H21 PGW LD . -38.44 -44.01 -21.71
H21A PGW LD . -38.18 -45.38 -22.46
H22 PGW LD . -35.91 -44.14 -21.30
H22A PGW LD . -36.18 -45.70 -21.44
H23 PGW LD . -37.65 -44.13 -19.55
H23A PGW LD . -36.26 -44.77 -19.13
H24 PGW LD . -37.12 -46.86 -19.00
H24A PGW LD . -38.21 -46.57 -20.11
H25 PGW LD . -39.29 -46.86 -18.03
H25A PGW LD . -39.52 -45.38 -18.56
H26 PGW LD . -37.51 -44.83 -17.09
H26A PGW LD . -37.95 -46.15 -16.32
H27 PGW LD . -40.10 -45.12 -15.92
H27A PGW LD . -38.92 -44.34 -15.21
H28 PGW LD . -35.80 -41.99 -14.64
H28A PGW LD . -36.10 -40.56 -14.02
H29 PGW LD . -35.36 -43.82 -11.56
H29A PGW LD . -36.71 -43.86 -12.38
H29B PGW LD . -35.33 -43.99 -13.14
H30 PGW LD . -36.26 -41.59 -11.85
H30A PGW LD . -34.80 -41.72 -12.48
H9 PGW LD . -33.65 -44.81 -19.70
H10 PGW LD . -34.11 -47.24 -19.05
CAD PGW MD . -23.41 -31.75 -18.88
OAE PGW MD . -23.06 -30.42 -19.27
OAF PGW MD . -21.70 -32.77 -20.27
P PGW MD . -24.10 -36.19 -19.12
C01 PGW MD . -20.29 -38.02 -18.37
C1 PGW MD . -19.21 -38.85 -20.88
O01 PGW MD . -19.58 -37.56 -20.72
C02 PGW MD . -20.50 -37.19 -19.64
C2 PGW MD . -17.74 -39.02 -21.16
O02 PGW MD . -19.99 -39.75 -20.87
C03 PGW MD . -21.93 -37.29 -20.18
C3 PGW MD . -17.27 -40.47 -21.08
O03 PGW MD . -21.14 -39.19 -18.40
C04 PGW MD . -22.57 -34.12 -18.49
C4 PGW MD . -17.04 -40.96 -19.64
O04 PGW MD . -20.14 -41.05 -17.71
C05 PGW MD . -22.23 -32.71 -18.94
C5 PGW MD . -15.76 -40.40 -18.99
C06 PGW MD . -15.03 -42.10 -12.57
C6 PGW MD . -15.00 -41.41 -18.10
C07 PGW MD . -13.56 -41.85 -12.92
C7 PGW MD . -15.69 -41.71 -16.77
C08 PGW MD . -12.72 -41.32 -11.75
C8 PGW MD . -15.62 -40.58 -15.75
C09 PGW MD . -11.31 -40.83 -12.15
C9 PGW MD . -16.23 -40.93 -14.42
C10 PGW MD . -15.95 -42.02 -13.76
C11 PGW MD . -10.23 -41.93 -12.16
O11 PGW MD . -22.85 -37.20 -19.07
C12 PGW MD . -9.75 -42.34 -10.75
O12 PGW MD . -23.47 -34.75 -19.44
C13 PGW MD . -8.49 -43.20 -10.73
O13 PGW MD . -24.60 -36.22 -17.70
C14 PGW MD . -7.98 -43.48 -9.31
O14 PGW MD . -25.01 -36.58 -20.25
C15 PGW MD . -21.77 -41.69 -9.36
C16 PGW MD . -21.81 -40.72 -8.15
C17 PGW MD . -20.57 -39.80 -8.05
C18 PGW MD . -19.55 -40.20 -6.96
C19 PGW MD . -20.90 -40.14 -17.50
C20 PGW MD . -21.67 -39.94 -16.22
C21 PGW MD . -21.45 -41.05 -15.21
C22 PGW MD . -20.00 -41.12 -14.67
C23 PGW MD . -19.89 -41.63 -13.23
C24 PGW MD . -20.04 -43.15 -13.06
C25 PGW MD . -20.67 -43.58 -11.72
C26 PGW MD . -19.90 -43.12 -10.46
C27 PGW MD . -20.79 -42.88 -9.22
C28 PGW MD . -18.20 -39.48 -7.06
C29 PGW MD . -16.67 -41.45 -6.40
C30 PGW MD . -17.12 -40.00 -6.10
HAD PGW MD . -24.14 -32.09 -19.47
HADA PGW MD . -23.76 -31.73 -17.94
HOAE PGW MD . -22.50 -30.39 -19.90
HOAF PGW MD . -22.27 -33.07 -20.83
H01 PGW MD . -20.52 -37.49 -17.57
H01A PGW MD . -19.35 -38.29 -18.29
H02 PGW MD . -20.32 -36.24 -19.42
H2 PGW MD . -17.22 -38.48 -20.50
H2A PGW MD . -17.54 -38.66 -22.05
H03 PGW MD . -22.06 -38.15 -20.64
H03A PGW MD . -22.10 -36.58 -20.84
H3 PGW MD . -16.42 -40.58 -21.58
H3A PGW MD . -17.93 -41.06 -21.53
H04 PGW MD . -23.00 -34.10 -17.60
H04A PGW MD . -21.75 -34.67 -18.43
H4 PGW MD . -16.99 -41.95 -19.63
H4A PGW MD . -17.82 -40.71 -19.09
H05 PGW MD . -21.51 -32.35 -18.36
H5 PGW MD . -15.98 -39.60 -18.45
H5A PGW MD . -15.14 -40.09 -19.71
H06 PGW MD . -15.32 -41.41 -11.92
H06A PGW MD . -15.12 -42.97 -12.12
H6 PGW MD . -14.09 -41.06 -17.91
H6A PGW MD . -14.89 -42.25 -18.61
H07 PGW MD . -13.50 -41.20 -13.66
H07A PGW MD . -13.15 -42.69 -13.26
H7 PGW MD . -15.30 -42.52 -16.37
H7A PGW MD . -16.65 -41.92 -16.95
H08 PGW MD . -12.63 -42.02 -11.06
H08A PGW MD . -13.22 -40.57 -11.32
H8 PGW MD . -16.09 -39.78 -16.12
H8A PGW MD . -14.68 -40.32 -15.62
H09 PGW MD . -11.01 -40.12 -11.53
H09A PGW MD . -11.36 -40.42 -13.05
H11 PGW MD . -9.45 -41.62 -12.68
H11A PGW MD . -10.60 -42.73 -12.61
H12 PGW MD . -10.48 -42.82 -10.29
H12A PGW MD . -9.58 -41.51 -10.23
H13 PGW MD . -7.78 -42.75 -11.25
H13A PGW MD . -8.67 -44.06 -11.20
H14 PGW MD . -8.64 -43.99 -8.81
H14A PGW MD . -7.81 -42.64 -8.85
H14B PGW MD . -7.14 -43.99 -9.34
H15 PGW MD . -21.53 -41.17 -10.16
H15A PGW MD . -22.69 -42.04 -9.52
H16 PGW MD . -21.87 -41.26 -7.33
H16A PGW MD . -22.64 -40.17 -8.20
H17 PGW MD . -20.85 -38.87 -7.87
H17A PGW MD . -20.11 -39.78 -8.91
H18 PGW MD . -19.94 -40.03 -6.07
H18A PGW MD . -19.40 -41.17 -7.02
H20 PGW MD . -22.63 -39.87 -16.44
H20A PGW MD . -21.40 -39.07 -15.82
H21 PGW MD . -22.07 -40.92 -14.43
H21A PGW MD . -21.69 -41.93 -15.60
H22 PGW MD . -19.62 -40.21 -14.72
H22A PGW MD . -19.47 -41.70 -15.25
H23 PGW MD . -20.59 -41.19 -12.68
H23A PGW MD . -19.01 -41.35 -12.84
H24 PGW MD . -19.15 -43.58 -13.14
H24A PGW MD . -20.60 -43.49 -13.80
H25 PGW MD . -20.77 -44.56 -11.70
H25A PGW MD . -21.58 -43.20 -11.68
H26 PGW MD . -19.43 -42.28 -10.67
H26A PGW MD . -19.20 -43.79 -10.25
H27 PGW MD . -21.29 -43.71 -9.03
H27A PGW MD . -20.21 -42.72 -8.44
H28 PGW MD . -17.87 -39.57 -7.99
H28A PGW MD . -18.35 -38.50 -6.89
H29 PGW MD . -15.92 -41.71 -5.82
H29A PGW MD . -17.41 -42.06 -6.24
H29B PGW MD . -16.38 -41.53 -7.32
H30 PGW MD . -17.45 -39.94 -5.18
H30A PGW MD . -16.33 -39.40 -6.15
H9 PGW MD . -16.85 -40.32 -14.02
H10 PGW MD . -16.36 -42.84 -14.06
CAD PGW ND . -11.05 -24.95 -11.82
OAE PGW ND . -11.24 -23.53 -11.86
OAF PGW ND . -9.69 -24.97 -13.84
P PGW ND . -10.50 -29.19 -13.23
C01 PGW ND . -6.32 -29.63 -14.05
C1 PGW ND . -5.96 -29.47 -16.87
O01 PGW ND . -6.60 -28.47 -16.24
C02 PGW ND . -7.17 -28.70 -14.91
C2 PGW ND . -4.68 -29.04 -17.55
O02 PGW ND . -6.41 -30.58 -16.95
C03 PGW ND . -8.60 -29.18 -15.10
C3 PGW ND . -3.83 -30.21 -18.05
O03 PGW ND . -6.76 -30.99 -14.23
C04 PGW ND . -9.50 -26.88 -12.40
C4 PGW ND . -2.99 -30.87 -16.92
O04 PGW ND . -5.11 -32.46 -14.41
C05 PGW ND . -9.74 -25.37 -12.47
C5 PGW ND . -1.78 -30.02 -16.47
C06 PGW ND . 1.51 -32.62 -11.28
C6 PGW ND . -0.52 -30.85 -16.15
C07 PGW ND . 2.65 -31.80 -11.88
C7 PGW ND . -0.61 -31.65 -14.85
C08 PGW ND . 3.65 -31.25 -10.85
C8 PGW ND . -0.53 -30.80 -13.58
C09 PGW ND . 4.64 -30.22 -11.42
C9 PGW ND . -0.51 -31.62 -12.32
C10 PGW ND . 0.26 -32.64 -12.11
C11 PGW ND . 5.91 -30.83 -12.03
O11 PGW ND . -9.08 -29.66 -13.80
C12 PGW ND . 6.93 -31.31 -10.99
O12 PGW ND . -10.45 -27.58 -13.24
C13 PGW ND . 8.32 -31.64 -11.56
O13 PGW ND . -10.46 -29.69 -11.82
C14 PGW ND . 9.34 -32.01 -10.46
O14 PGW ND . -11.59 -29.64 -14.16
C15 PGW ND . -3.59 -35.34 -6.52
C16 PGW ND . -3.47 -34.73 -5.10
C17 PGW ND . -2.60 -33.46 -5.03
C18 PGW ND . -1.20 -33.67 -4.42
C19 PGW ND . -5.98 -31.95 -13.75
C20 PGW ND . -6.29 -32.30 -12.31
C21 PGW ND . -5.45 -33.46 -11.77
C22 PGW ND . -3.95 -33.10 -11.66
C23 PGW ND . -3.21 -33.82 -10.52
C24 PGW ND . -2.86 -35.30 -10.80
C25 PGW ND . -2.86 -36.18 -9.54
C26 PGW ND . -1.87 -35.74 -8.43
C27 PGW ND . -2.31 -36.10 -7.00
C28 PGW ND . -0.22 -32.51 -4.62
C29 PGW ND . 1.93 -33.89 -5.00
C30 PGW ND . 1.23 -32.79 -4.17
HAD PGW ND . -11.81 -25.39 -12.29
HADA PGW ND . -11.06 -25.25 -10.88
HOAE PGW ND . -10.96 -23.17 -12.58
HOAF PGW ND . -10.31 -25.33 -14.30
H01 PGW ND . -6.40 -29.39 -13.10
H01A PGW ND . -5.36 -29.55 -14.29
H02 PGW ND . -7.20 -27.80 -14.46
H2 PGW ND . -4.15 -28.51 -16.92
H2A PGW ND . -4.91 -28.45 -18.31
H03 PGW ND . -8.64 -29.92 -15.74
H03A PGW ND . -9.18 -28.45 -15.42
H3 PGW ND . -3.20 -29.91 -18.75
H3A PGW ND . -4.40 -30.89 -18.46
H04 PGW ND . -9.58 -27.19 -11.47
H04A PGW ND . -8.60 -27.10 -12.71
H4 PGW ND . -2.67 -31.75 -17.23
H4A PGW ND . -3.59 -31.04 -16.15
H05 PGW ND . -8.99 -24.91 -12.00
H5 PGW ND . -2.02 -29.49 -15.68
H5A PGW ND . -1.56 -29.38 -17.20
H06 PGW ND . 1.28 -32.24 -10.39
H06A PGW ND . 1.82 -33.55 -11.11
H6 PGW ND . 0.26 -30.25 -16.09
H6A PGW ND . -0.36 -31.47 -16.91
H07 PGW ND . 2.26 -31.04 -12.38
H07A PGW ND . 3.13 -32.35 -12.55
H7 PGW ND . 0.11 -32.33 -14.82
H7A PGW ND . -1.46 -32.15 -14.83
H08 PGW ND . 4.16 -32.00 -10.46
H08A PGW ND . 3.14 -30.84 -10.11
H8 PGW ND . -1.29 -30.17 -13.56
H8A PGW ND . 0.30 -30.26 -13.62
H09 PGW ND . 4.91 -29.59 -10.71
H09A PGW ND . 4.17 -29.68 -12.11
H11 PGW ND . 6.36 -30.16 -12.62
H11A PGW ND . 5.66 -31.59 -12.61
H12 PGW ND . 6.58 -32.10 -10.53
H12A PGW ND . 7.04 -30.61 -10.30
H13 PGW ND . 8.65 -30.87 -12.07
H13A PGW ND . 8.23 -32.39 -12.19
H14 PGW ND . 9.05 -32.82 -9.99
H14A PGW ND . 9.40 -31.28 -9.81
H14B PGW ND . 10.22 -32.16 -10.84
H15 PGW ND . -3.78 -34.62 -7.16
H15A PGW ND . -4.37 -35.96 -6.55
H16 PGW ND . -3.11 -35.40 -4.49
H16A PGW ND . -4.39 -34.52 -4.77
H17 PGW ND . -3.06 -32.75 -4.51
H17A PGW ND . -2.47 -33.10 -5.94
H18 PGW ND . -1.30 -33.85 -3.44
H18A PGW ND . -0.81 -34.49 -4.80
H20 PGW ND . -7.26 -32.54 -12.26
H20A PGW ND . -6.16 -31.50 -11.75
H21 PGW ND . -5.77 -33.71 -10.88
H21A PGW ND . -5.55 -34.25 -12.35
H22 PGW ND . -3.87 -32.13 -11.53
H22A PGW ND . -3.49 -33.31 -12.51
H23 PGW ND . -3.78 -33.78 -9.72
H23A PGW ND . -2.38 -33.33 -10.30
H24 PGW ND . -1.98 -35.35 -11.23
H24A PGW ND . -3.52 -35.65 -11.45
H25 PGW ND . -2.67 -37.12 -9.80
H25A PGW ND . -3.77 -36.18 -9.16
H26 PGW ND . -1.76 -34.76 -8.49
H26A PGW ND . -0.98 -36.14 -8.62
H27 PGW ND . -2.47 -37.08 -6.96
H27A PGW ND . -1.58 -35.91 -6.38
H28 PGW ND . -0.21 -32.28 -5.58
H28A PGW ND . -0.57 -31.72 -4.14
H29 PGW ND . 2.87 -33.98 -4.72
H29A PGW ND . 1.49 -34.75 -4.85
H29B PGW ND . 1.90 -33.67 -5.94
H30 PGW ND . 1.22 -33.05 -3.21
H30A PGW ND . 1.75 -31.95 -4.24
H9 PGW ND . -1.10 -31.37 -11.62
H10 PGW ND . 0.02 -33.47 -12.53
CAD PGW OD . 0.52 -15.73 -6.36
OAE PGW OD . -0.07 -14.51 -5.91
OAF PGW OD . 1.07 -14.85 -8.56
P PGW OD . 1.73 -19.10 -9.08
C01 PGW OD . 5.33 -17.82 -11.02
C1 PGW OD . 4.66 -16.98 -13.65
O01 PGW OD . 4.02 -16.43 -12.61
C02 PGW OD . 4.02 -17.11 -11.30
C2 PGW OD . 5.47 -16.00 -14.46
O02 PGW OD . 4.56 -18.14 -13.94
C03 PGW OD . 2.81 -18.03 -11.26
C3 PGW OD . 6.39 -16.65 -15.49
O03 PGW OD . 5.26 -19.20 -11.48
C04 PGW OD . 2.27 -16.81 -7.86
C4 PGW OD . 7.71 -17.18 -14.85
O04 PGW OD . 7.10 -19.90 -12.50
C05 PGW OD . 1.60 -15.52 -7.42
C5 PGW OD . 8.71 -16.06 -14.49
C06 PGW OD . 14.15 -18.29 -11.33
C6 PGW OD . 10.19 -16.43 -14.76
C07 PGW OD . 14.74 -17.01 -11.92
C7 PGW OD . 10.76 -17.45 -13.78
C08 PGW OD . 15.82 -16.35 -11.05
C8 PGW OD . 11.03 -16.90 -12.39
C09 PGW OD . 16.24 -14.93 -11.51
C9 PGW OD . 11.70 -17.90 -11.48
C10 PGW OD . 12.76 -18.59 -11.80
C11 PGW OD . 17.35 -14.91 -12.57
O11 PGW OD . 2.94 -18.91 -10.10
C12 PGW OD . 18.75 -15.20 -12.02
O12 PGW OD . 1.32 -17.62 -8.60
C13 PGW OD . 19.90 -14.89 -12.98
O13 PGW OD . 2.38 -19.83 -7.93
C14 PGW OD . 21.28 -15.07 -12.35
O14 PGW OD . 0.56 -19.72 -9.80
C15 PGW OD . 11.94 -23.58 -6.51
C16 PGW OD . 12.34 -23.27 -5.05
C17 PGW OD . 12.80 -21.80 -4.81
C18 PGW OD . 14.33 -21.62 -4.66
C19 PGW OD . 6.41 -19.88 -11.53
C20 PGW OD . 6.69 -20.61 -10.24
C21 PGW OD . 7.97 -21.46 -10.30
C22 PGW OD . 9.25 -20.61 -10.47
C23 PGW OD . 10.50 -21.24 -9.82
C24 PGW OD . 11.13 -22.40 -10.61
C25 PGW OD . 11.81 -23.46 -9.72
C26 PGW OD . 12.94 -22.93 -8.82
C27 PGW OD . 13.13 -23.70 -7.50
C28 PGW OD . 14.81 -20.17 -4.74
C29 PGW OD . 17.01 -20.58 -6.05
C30 PGW OD . 16.34 -19.99 -4.78
HAD PGW OD . -0.19 -16.32 -6.73
HADA PGW OD . 0.92 -16.19 -5.58
HOAE PGW OD . -0.14 -13.92 -6.54
HOAF PGW OD . 0.46 -15.31 -8.93
H01 PGW OD . 5.52 -17.84 -10.04
H01A PGW OD . 6.10 -17.37 -11.44
H02 PGW OD . 3.89 -16.39 -10.61
H2 PGW OD . 6.01 -15.44 -13.85
H2A PGW OD . 4.84 -15.39 -14.92
H03 PGW OD . 2.77 -18.59 -12.07
H03A PGW OD . 1.98 -17.52 -11.20
H3 PGW OD . 6.63 -16.00 -16.19
H3A PGW OD . 5.92 -17.39 -15.93
H04 PGW OD . 2.59 -17.32 -7.08
H04A PGW OD . 3.04 -16.62 -8.44
H4 PGW OD . 8.14 -17.80 -15.50
H4A PGW OD . 7.49 -17.71 -14.06
H05 PGW OD . 2.30 -14.92 -7.03
H5 PGW OD . 8.61 -15.82 -13.54
H5A PGW OD . 8.48 -15.26 -15.01
H06 PGW OD . 14.13 -18.20 -10.34
H06A PGW OD . 14.75 -19.06 -11.54
H6 PGW OD . 10.74 -15.61 -14.72
H6A PGW OD . 10.25 -16.78 -15.68
H07 PGW OD . 14.01 -16.36 -12.04
H07A PGW OD . 15.10 -17.20 -12.83
H7 PGW OD . 11.61 -17.81 -14.15
H7A PGW OD . 10.15 -18.21 -13.71
H08 PGW OD . 16.62 -16.94 -11.06
H08A PGW OD . 15.50 -16.32 -10.12
H8 PGW OD . 10.17 -16.61 -11.98
H8A PGW OD . 11.61 -16.10 -12.45
H09 PGW OD . 16.54 -14.42 -10.73
H09A PGW OD . 15.43 -14.48 -11.87
H11 PGW OD . 17.36 -14.03 -13.02
H11A PGW OD . 17.14 -15.58 -13.27
H12 PGW OD . 18.81 -16.15 -11.75
H12A PGW OD . 18.87 -14.66 -11.20
H13 PGW OD . 19.81 -13.95 -13.30
H13A PGW OD . 19.82 -15.47 -13.78
H14 PGW OD . 21.41 -16.01 -12.08
H14A PGW OD . 21.36 -14.52 -11.54
H14B PGW OD . 22.00 -14.82 -12.97
H15 PGW OD . 11.35 -22.86 -6.83
H15A PGW OD . 11.40 -24.42 -6.53
H16 PGW OD . 13.07 -23.87 -4.79
H16A PGW OD . 11.57 -23.47 -4.46
H17 PGW OD . 12.36 -21.43 -4.01
H17A PGW OD . 12.51 -21.25 -5.58
H18 PGW OD . 14.61 -22.02 -3.80
H18A PGW OD . 14.78 -22.15 -5.37
H20 PGW OD . 5.92 -21.18 -10.01
H20A PGW OD . 6.79 -19.95 -9.51
H21 PGW OD . 8.05 -21.99 -9.47
H21A PGW OD . 7.90 -22.10 -11.05
H22 PGW OD . 9.09 -19.72 -10.07
H22A PGW OD . 9.43 -20.48 -11.42
H23 PGW OD . 10.25 -21.57 -8.92
H23A PGW OD . 11.19 -20.53 -9.68
H24 PGW OD . 11.80 -22.04 -11.25
H24A PGW OD . 10.43 -22.83 -11.16
H25 PGW OD . 12.16 -24.20 -10.30
H25A PGW OD . 11.11 -23.87 -9.14
H26 PGW OD . 12.76 -21.99 -8.60
H26A PGW OD . 13.79 -22.93 -9.33
H27 PGW OD . 13.28 -24.67 -7.72
H27A PGW OD . 13.95 -23.39 -7.06
H28 PGW OD . 14.43 -19.76 -5.56
H28A PGW OD . 14.43 -19.67 -3.97
H29 PGW OD . 17.96 -20.37 -6.05
H29A PGW OD . 16.90 -21.54 -6.06
H29B PGW OD . 16.59 -20.19 -6.84
H30 PGW OD . 16.72 -20.43 -3.97
H30A PGW OD . 16.56 -19.03 -4.71
H9 PGW OD . 11.34 -18.03 -10.60
H10 PGW OD . 12.62 -19.34 -12.37
CAD PGW PD . 10.18 -4.25 -1.40
OAE PGW PD . 9.46 -3.43 -0.48
OAF PGW PD . 9.68 -2.81 -3.29
P PGW PD . 11.30 -6.33 -5.23
C01 PGW PD . 13.53 -3.47 -7.51
C1 PGW PD . 11.80 -2.41 -9.52
O01 PGW PD . 11.43 -2.35 -8.22
C02 PGW PD . 12.05 -3.23 -7.24
C2 PGW PD . 11.97 -1.05 -10.16
O02 PGW PD . 11.93 -3.44 -10.11
C03 PGW PD . 11.24 -4.52 -7.18
C3 PGW PD . 12.65 -1.10 -11.53
O03 PGW PD . 13.69 -4.64 -8.34
C04 PGW PD . 11.55 -4.30 -3.54
C4 PGW PD . 14.18 -1.24 -11.44
O04 PGW PD . 15.19 -4.42 -9.96
C05 PGW PD . 10.74 -3.45 -2.58
C5 PGW PD . 14.89 0.07 -11.02
C06 PGW PD . 21.48 -0.65 -10.15
C6 PGW PD . 16.23 0.31 -11.74
C07 PGW PD . 21.44 0.84 -10.44
C7 PGW PD . 17.38 -0.61 -11.29
C08 PGW PD . 22.53 1.66 -9.72
C8 PGW PD . 17.93 -0.30 -9.91
C09 PGW PD . 22.35 3.19 -9.80
C9 PGW PD . 19.11 -1.15 -9.55
C10 PGW PD . 20.16 -1.33 -10.32
C11 PGW PD . 22.99 3.83 -11.06
O11 PGW PD . 11.99 -5.50 -6.42
C12 PGW PD . 24.51 3.97 -10.98
O12 PGW PD . 10.68 -5.23 -4.25
C13 PGW PD . 25.14 4.86 -12.06
O13 PGW PD . 12.47 -6.99 -4.57
C14 PGW PD . 26.65 5.06 -11.86
O14 PGW PD . 10.18 -7.16 -5.79
C15 PGW PD . 22.60 -7.25 -6.78
C16 PGW PD . 23.36 -7.11 -5.44
C17 PGW PD . 23.45 -5.66 -4.89
C18 PGW PD . 24.82 -4.99 -5.08
C19 PGW PD . 14.89 -4.84 -8.89
C20 PGW PD . 15.79 -5.67 -8.00
C21 PGW PD . 17.16 -5.98 -8.63
C22 PGW PD . 18.02 -4.71 -8.84
C23 PGW PD . 19.53 -4.95 -8.75
C24 PGW PD . 20.16 -5.62 -9.99
C25 PGW PD . 21.37 -6.53 -9.67
C26 PGW PD . 22.54 -5.82 -8.96
C27 PGW PD . 23.37 -6.73 -8.03
C28 PGW PD . 24.81 -3.47 -4.83
C29 PGW PD . 26.47 -2.78 -6.70
C30 PGW PD . 26.13 -2.75 -5.19
HAD PGW PD . 9.58 -4.97 -1.74
HADA PGW PD . 10.93 -4.70 -0.92
HOAE PGW PD . 9.01 -2.81 -0.85
HOAF PGW PD . 9.14 -3.37 -3.63
H01 PGW PD . 14.02 -3.62 -6.67
H01A PGW PD . 13.94 -2.69 -7.97
H02 PGW PD . 11.97 -2.77 -6.36
H2 PGW PD . 12.51 -0.48 -9.56
H2A PGW PD . 11.08 -0.64 -10.24
H03 PGW PD . 11.09 -4.88 -8.08
H03A PGW PD . 10.36 -4.36 -6.77
H3 PGW PD . 12.44 -0.29 -12.04
H3A PGW PD . 12.28 -1.86 -12.05
H04 PGW PD . 12.24 -4.80 -3.06
H04A PGW PD . 11.99 -3.73 -4.21
H4 PGW PD . 14.54 -1.51 -12.32
H4A PGW PD . 14.40 -1.96 -10.80
H05 PGW PD . 11.33 -2.73 -2.20
H5 PGW PD . 15.06 0.06 -10.04
H5A PGW PD . 14.29 0.82 -11.19
H06 PGW PD . 21.77 -0.78 -9.20
H06A PGW PD . 22.16 -1.09 -10.71
H6 PGW PD . 16.51 1.25 -11.59
H6A PGW PD . 16.09 0.22 -12.72
H07 PGW PD . 20.57 1.21 -10.17
H07A PGW PD . 21.52 0.99 -11.41
H7 PGW PD . 18.11 -0.55 -11.96
H7A PGW PD . 17.05 -1.54 -11.31
H08 PGW PD . 23.41 1.42 -10.10
H08A PGW PD . 22.55 1.38 -8.77
H8 PGW PD . 17.21 -0.42 -9.24
H8A PGW PD . 18.20 0.65 -9.88
H09 PGW PD . 22.75 3.62 -9.01
H09A PGW PD . 21.38 3.39 -9.79
H11 PGW PD . 22.60 4.73 -11.19
H11A PGW PD . 22.74 3.29 -11.84
H12 PGW PD . 24.92 3.08 -11.03
H12A PGW PD . 24.75 4.33 -10.10
H13 PGW PD . 24.68 5.74 -12.04
H13A PGW PD . 24.96 4.47 -12.95
H14 PGW PD . 27.11 4.20 -11.95
H14A PGW PD . 26.81 5.43 -10.98
H14B PGW PD . 27.00 5.67 -12.54
H15 PGW PD . 21.76 -6.74 -6.71
H15A PGW PD . 22.34 -8.19 -6.93
H16 PGW PD . 24.27 -7.45 -5.57
H16A PGW PD . 22.93 -7.70 -4.77
H17 PGW PD . 23.22 -5.65 -3.93
H17A PGW PD . 22.77 -5.11 -5.35
H18 PGW PD . 25.47 -5.41 -4.48
H18A PGW PD . 25.13 -5.15 -6.00
H20 PGW PD . 15.34 -6.52 -7.77
H20A PGW PD . 15.94 -5.19 -7.14
H21 PGW PD . 17.66 -6.60 -8.05
H21A PGW PD . 17.02 -6.43 -9.49
H22 PGW PD . 17.76 -4.04 -8.17
H22A PGW PD . 17.82 -4.32 -9.73
H23 PGW PD . 19.71 -5.53 -7.97
H23A PGW PD . 20.00 -4.10 -8.57
H24 PGW PD . 20.45 -4.92 -10.63
H24A PGW PD . 19.46 -6.15 -10.44
H25 PGW PD . 21.70 -6.95 -10.50
H25A PGW PD . 21.05 -7.26 -9.09
H26 PGW PD . 22.18 -5.07 -8.42
H26A PGW PD . 23.13 -5.41 -9.64
H27 PGW PD . 23.70 -7.50 -8.56
H27A PGW PD . 24.17 -6.24 -7.73
H28 PGW PD . 24.08 -3.07 -5.36
H28A PGW PD . 24.60 -3.30 -3.87
H29 PGW PD . 27.26 -2.24 -6.88
H29A PGW PD . 26.63 -3.70 -6.98
H29B PGW PD . 25.72 -2.42 -7.20
H30 PGW PD . 26.86 -3.17 -4.68
H30A PGW PD . 26.07 -1.80 -4.89
H9 PGW PD . 19.12 -1.58 -8.70
H10 PGW PD . 20.05 -1.94 -11.05
CAD PGW QD . 17.32 8.66 4.25
OAE PGW QD . 16.75 8.95 5.53
OAF PGW QD . 15.83 10.18 3.09
P PGW QD . 17.61 7.96 -0.18
C01 PGW QD . 18.04 11.82 -1.96
C1 PGW QD . 15.52 12.58 -3.05
O01 PGW QD . 15.59 12.23 -1.76
C02 PGW QD . 16.74 11.45 -1.26
C2 PGW QD . 15.08 14.00 -3.26
O02 PGW QD . 15.72 11.81 -3.94
C03 PGW QD . 16.39 9.98 -1.40
C3 PGW QD . 15.23 14.48 -4.71
O03 PGW QD . 18.24 10.98 -3.12
C04 PGW QD . 17.83 9.55 1.93
C4 PGW QD . 16.68 14.90 -5.05
O04 PGW QD . 18.99 12.06 -4.91
C05 PGW QD . 17.20 9.82 3.28
C5 PGW QD . 17.10 16.25 -4.44
C06 PGW QD . 23.51 17.80 -5.49
C6 PGW QD . 17.98 17.11 -5.36
C07 PGW QD . 22.95 19.21 -5.31
C7 PGW QD . 19.42 16.60 -5.52
C08 PGW QD . 23.95 20.20 -4.66
C8 PGW QD . 20.30 16.80 -4.29
C09 PGW QD . 23.33 21.54 -4.23
C9 PGW QD . 21.72 16.37 -4.51
C10 PGW QD . 22.45 16.73 -5.53
C11 PGW QD . 23.30 22.60 -5.33
O11 PGW QD . 17.60 9.19 -1.19
C12 PGW QD . 24.65 23.27 -5.60
O12 PGW QD . 17.08 8.53 1.22
C13 PGW QD . 24.60 24.53 -6.48
O13 PGW QD . 19.08 7.64 -0.06
C14 PGW QD . 25.97 25.21 -6.62
O14 PGW QD . 16.65 6.90 -0.67
C15 PGW QD . 27.50 11.52 -4.70
C16 PGW QD . 28.60 11.64 -3.62
C17 PGW QD . 28.45 12.87 -2.69
C18 PGW QD . 29.43 14.02 -3.00
C19 PGW QD . 19.19 11.34 -3.98
C20 PGW QD . 20.53 10.74 -3.64
C21 PGW QD . 21.63 11.08 -4.65
C22 PGW QD . 21.98 12.59 -4.67
C23 PGW QD . 23.45 12.89 -5.05
C24 PGW QD . 23.77 12.77 -6.54
C25 PGW QD . 25.22 12.31 -6.82
C26 PGW QD . 26.31 13.24 -6.25
C27 PGW QD . 27.63 12.52 -5.88
C28 PGW QD . 29.09 15.35 -2.31
C29 PGW QD . 29.75 16.96 -4.22
C30 PGW QD . 29.95 16.55 -2.74
HAD PGW QD . 16.86 7.86 3.87
HADA PGW QD . 18.27 8.43 4.37
HOAE PGW QD . 16.04 9.43 5.50
HOAF PGW QD . 15.38 9.54 2.74
H01 PGW QD . 18.81 11.70 -1.35
H01A PGW QD . 18.04 12.78 -2.23
H02 PGW QD . 16.83 11.66 -0.29
H2 PGW QD . 15.60 14.60 -2.67
H2A PGW QD . 14.13 14.09 -2.99
H03 PGW QD . 16.05 9.78 -2.30
H03A PGW QD . 15.70 9.71 -0.75
H3 PGW QD . 14.64 15.26 -4.88
H3A PGW QD . 14.94 13.77 -5.33
H04 PGW QD . 18.76 9.24 2.04
H04A PGW QD . 17.85 10.36 1.38
H4 PGW QD . 16.78 14.95 -6.03
H4A PGW QD . 17.29 14.19 -4.74
H05 PGW QD . 17.65 10.62 3.69
H5 PGW QD . 17.57 16.10 -3.59
H5A PGW QD . 16.28 16.76 -4.22
H06 PGW QD . 24.13 17.60 -4.75
H06A PGW QD . 24.06 17.77 -6.32
H6 PGW QD . 18.02 18.04 -5.01
H6A PGW QD . 17.55 17.17 -6.25
H07 PGW QD . 22.16 19.16 -4.73
H07A PGW QD . 22.65 19.57 -6.17
H7 PGW QD . 19.84 17.05 -6.30
H7A PGW QD . 19.38 15.63 -5.74
H08 PGW QD . 24.68 20.37 -5.31
H08A PGW QD . 24.37 19.75 -3.88
H8 PGW QD . 19.91 16.29 -3.54
H8A PGW QD . 20.29 17.75 -4.03
H09 PGW QD . 23.83 21.90 -3.46
H09A PGW QD . 22.41 21.37 -3.91
H11 PGW QD . 22.65 23.31 -5.10
H11A PGW QD . 22.96 22.19 -6.17
H12 PGW QD . 25.25 22.61 -6.03
H12A PGW QD . 25.06 23.50 -4.75
H13 PGW QD . 23.95 25.16 -6.08
H13A PGW QD . 24.25 24.29 -7.38
H14 PGW QD . 26.59 24.61 -7.07
H14A PGW QD . 26.32 25.42 -5.74
H14B PGW QD . 25.89 26.04 -7.14
H15 PGW QD . 26.63 11.66 -4.27
H15A PGW QD . 27.48 10.59 -5.05
H16 PGW QD . 29.47 11.68 -4.06
H16A PGW QD . 28.60 10.81 -3.07
H17 PGW QD . 28.57 12.61 -1.75
H17A PGW QD . 27.54 13.22 -2.77
H18 PGW QD . 30.34 13.75 -2.73
H18A PGW QD . 29.45 14.18 -3.97
H20 PGW QD . 20.44 9.76 -3.58
H20A PGW QD . 20.81 11.06 -2.74
H21 PGW QD . 22.45 10.58 -4.44
H21A PGW QD . 21.35 10.80 -5.56
H22 PGW QD . 21.78 12.97 -3.78
H22A PGW QD . 21.38 13.06 -5.32
H23 PGW QD . 24.02 12.27 -4.54
H23A PGW QD . 23.68 13.81 -4.73
H24 PGW QD . 23.62 13.63 -6.99
H24A PGW QD . 23.14 12.13 -6.95
H25 PGW QD . 25.35 12.21 -7.79
H25A PGW QD . 25.34 11.41 -6.44
H26 PGW QD . 25.96 13.68 -5.44
H26A PGW QD . 26.50 13.96 -6.89
H27 PGW QD . 27.97 12.04 -6.68
H27A PGW QD . 28.31 13.19 -5.65
H28 PGW QD . 28.14 15.56 -2.48
H28A PGW QD . 29.17 15.23 -1.32
H29 PGW QD . 30.26 17.77 -4.42
H29A PGW QD . 30.05 16.25 -4.80
H29B PGW QD . 28.80 17.12 -4.39
H30 PGW QD . 30.90 16.33 -2.59
H30A PGW QD . 29.74 17.33 -2.16
H9 PGW QD . 22.13 15.81 -3.86
H10 PGW QD . 22.29 16.29 -6.37
CAD PGW RD . 22.00 21.79 11.60
OAE PGW RD . 21.84 21.59 13.00
OAF PGW RD . 19.84 22.89 11.36
P PGW RD . 20.98 22.16 7.23
C01 PGW RD . 19.68 26.21 6.67
C1 PGW RD . 16.82 26.20 6.53
O01 PGW RD . 17.44 25.65 7.59
C02 PGW RD . 18.84 25.25 7.51
C2 PGW RD . 15.96 27.38 6.86
O02 PGW RD . 16.93 25.76 5.41
C03 PGW RD . 18.90 23.81 7.03
C3 PGW RD . 15.48 28.17 5.64
O03 PGW RD . 19.70 25.75 5.29
C04 PGW RD . 21.43 23.26 9.59
C4 PGW RD . 16.55 29.13 5.10
O04 PGW RD . 19.46 27.36 3.79
C05 PGW RD . 21.24 23.02 11.08
C5 PGW RD . 16.74 30.40 5.97
C06 PGW RD . 21.72 34.34 3.87
C6 PGW RD . 16.99 31.69 5.16
C07 PGW RD . 20.89 35.38 4.61
C7 PGW RD . 18.37 31.76 4.50
C08 PGW RD . 21.72 36.50 5.26
C8 PGW RD . 19.51 32.01 5.47
C09 PGW RD . 20.93 37.42 6.22
C9 PGW RD . 20.85 32.19 4.78
C10 PGW RD . 21.05 33.00 3.77
C11 PGW RD . 20.22 38.60 5.53
O11 PGW RD . 20.27 23.50 6.69
C12 PGW RD . 21.17 39.75 5.14
O12 PGW RD . 20.80 22.21 8.83
C13 PGW RD . 20.47 41.05 4.74
O13 PGW RD . 22.41 22.38 6.87
C14 PGW RD . 21.47 42.20 4.48
O14 PGW RD . 20.24 20.97 6.70
C15 PGW RD . 27.34 29.90 1.70
C16 PGW RD . 28.66 30.18 2.46
C17 PGW RD . 28.49 31.07 3.72
C18 PGW RD . 28.95 32.53 3.54
C19 PGW RD . 20.17 26.59 4.37
C20 PGW RD . 21.66 26.46 4.17
C21 PGW RD . 22.20 27.38 3.07
C22 PGW RD . 22.09 28.87 3.42
C23 PGW RD . 23.19 29.75 2.81
C24 PGW RD . 23.01 30.06 1.31
C25 PGW RD . 24.35 30.22 0.56
C26 PGW RD . 25.27 31.35 1.10
C27 PGW RD . 26.77 31.09 0.88
C28 PGW RD . 28.50 33.47 4.68
C29 PGW RD . 27.99 35.56 3.23
C30 PGW RD . 28.78 34.97 4.42
HAD PGW RD . 21.68 20.99 11.11
HADA PGW RD . 22.97 21.91 11.40
HOAE PGW RD . 21.06 21.79 13.28
HOAF PGW RD . 19.51 22.20 10.96
H01 PGW RD . 20.61 26.24 6.99
H01A PGW RD . 19.31 27.12 6.70
H02 PGW RD . 19.20 25.27 8.44
H2 PGW RD . 16.46 28.00 7.46
H2A PGW RD . 15.18 27.06 7.38
H03 PGW RD . 18.34 23.69 6.23
H03A PGW RD . 18.57 23.18 7.72
H3 PGW RD . 14.67 28.70 5.87
H3A PGW RD . 15.21 27.54 4.93
H04 PGW RD . 22.39 23.30 9.38
H04A PGW RD . 21.03 24.13 9.34
H4 PGW RD . 16.29 29.42 4.19
H4A PGW RD . 17.40 28.65 5.01
H05 PGW RD . 21.56 23.82 11.59
H5 PGW RD . 17.50 30.26 6.58
H5A PGW RD . 15.94 30.52 6.52
H06 PGW RD . 22.58 34.22 4.34
H06A PGW RD . 21.93 34.66 2.96
H6 PGW RD . 16.89 32.47 5.75
H6A PGW RD . 16.29 31.76 4.46
H07 PGW RD . 20.37 34.93 5.32
H07A PGW RD . 20.22 35.77 4.00
H7 PGW RD . 18.37 32.49 3.82
H7A PGW RD . 18.54 30.93 4.01
H08 PGW RD . 22.12 37.06 4.54
H08A PGW RD . 22.48 36.09 5.74
H8 PGW RD . 19.57 31.25 6.11
H8A PGW RD . 19.33 32.83 6.00
H09 PGW RD . 21.53 37.77 6.91
H09A PGW RD . 20.25 36.86 6.69
H11 PGW RD . 19.52 38.97 6.13
H11A PGW RD . 19.76 38.27 4.71
H12 PGW RD . 21.75 39.45 4.40
H12A PGW RD . 21.77 39.94 5.91
H13 PGW RD . 19.84 41.31 5.46
H13A PGW RD . 19.93 40.89 3.92
H14 PGW RD . 22.04 41.97 3.72
H14A PGW RD . 22.01 42.35 5.27
H14B PGW RD . 20.98 43.03 4.27
H15 PGW RD . 26.66 29.62 2.36
H15A PGW RD . 27.47 29.12 1.09
H16 PGW RD . 29.28 30.63 1.83
H16A PGW RD . 29.08 29.33 2.71
H17 PGW RD . 28.98 30.67 4.48
H17A PGW RD . 27.54 31.07 3.98
H18 PGW RD . 29.93 32.56 3.47
H18A PGW RD . 28.59 32.87 2.69
H20 PGW RD . 21.87 25.51 3.94
H20A PGW RD . 22.12 26.66 5.02
H21 PGW RD . 23.15 27.16 2.91
H21A PGW RD . 21.72 27.19 2.23
H22 PGW RD . 22.10 28.97 4.40
H22A PGW RD . 21.21 29.22 3.11
H23 PGW RD . 24.05 29.29 2.94
H23A PGW RD . 23.25 30.61 3.32
H24 PGW RD . 22.48 30.89 1.20
H24A PGW RD . 22.50 29.33 0.90
H25 PGW RD . 24.17 30.39 -0.41
H25A PGW RD . 24.84 29.37 0.60
H26 PGW RD . 25.10 31.45 2.06
H26A PGW RD . 25.01 32.21 0.67
H27 PGW RD . 26.94 30.94 -0.08
H27A PGW RD . 27.28 31.91 1.14
H28 PGW RD . 27.52 33.36 4.80
H28A PGW RD . 28.93 33.19 5.51
H29 PGW RD . 28.15 36.52 3.17
H29A PGW RD . 28.27 35.14 2.40
H29B PGW RD . 27.04 35.40 3.36
H30 PGW RD . 29.76 35.08 4.25
H30A PGW RD . 28.57 35.48 5.25
H9 PGW RD . 21.60 31.69 5.11
H10 PGW RD . 20.75 32.70 2.91
CAD PGW SD . 24.99 33.96 21.22
OAE PGW SD . 25.38 33.44 22.49
OAF PGW SD . 22.67 34.22 21.86
P PGW SD . 22.50 34.82 17.57
C01 PGW SD . 20.00 38.15 18.61
C1 PGW SD . 17.40 37.15 19.19
O01 PGW SD . 18.46 36.64 19.84
C02 PGW SD . 19.81 36.80 19.30
C2 PGW SD . 16.40 37.84 20.07
O02 PGW SD . 17.24 37.00 18.00
C03 PGW SD . 20.09 35.62 18.40
C3 PGW SD . 15.34 38.63 19.31
O03 PGW SD . 19.70 38.02 17.20
C04 PGW SD . 23.40 35.50 19.96
C4 PGW SD . 15.84 40.01 18.84
O04 PGW SD . 18.52 39.71 16.37
C05 PGW SD . 23.80 34.90 21.30
C5 PGW SD . 15.96 41.05 19.97
C06 PGW SD . 18.62 46.86 18.01
C6 PGW SD . 15.55 42.48 19.56
C07 PGW SD . 17.83 47.35 19.23
C7 PGW SD . 16.55 43.18 18.64
C08 PGW SD . 18.48 48.55 19.95
C8 PGW SD . 17.83 43.62 19.33
C09 PGW SD . 17.84 48.89 21.30
C9 PGW SD . 18.75 44.40 18.42
C10 PGW SD . 18.36 45.41 17.68
C11 PGW SD . 16.64 49.86 21.21
O11 PGW SD . 21.31 35.89 17.65
C12 PGW SD . 17.04 51.32 20.97
O12 PGW SD . 22.87 34.47 19.09
C13 PGW SD . 15.91 52.34 21.17
O13 PGW SD . 23.62 35.61 16.94
C14 PGW SD . 16.39 53.80 21.03
O14 PGW SD . 22.00 33.58 16.90
C15 PGW SD . 24.19 45.29 13.26
C16 PGW SD . 25.55 45.86 13.71
C17 PGW SD . 25.57 46.36 15.18
C18 PGW SD . 25.51 47.88 15.36
C19 PGW SD . 19.57 39.14 16.50
C20 PGW SD . 20.88 39.60 15.90
C21 PGW SD . 20.74 40.86 15.03
C22 PGW SD . 20.33 42.11 15.84
C23 PGW SD . 20.87 43.44 15.27
C24 PGW SD . 20.12 43.96 14.03
C25 PGW SD . 21.03 44.74 13.05
C26 PGW SD . 21.72 45.98 13.66
C27 PGW SD . 23.07 46.34 13.02
C28 PGW SD . 25.23 48.35 16.80
C29 PGW SD . 23.71 50.37 16.24
C30 PGW SD . 24.98 49.86 16.96
HAD PGW SD . 24.78 33.21 20.60
HADA PGW SD . 25.77 34.45 20.82
HOAE PGW SD . 24.71 33.27 23.00
HOAF PGW SD . 22.42 33.57 21.37
H01 PGW SD . 20.94 38.45 18.69
H01A PGW SD . 19.43 38.84 19.01
H02 PGW SD . 20.44 36.76 20.08
H2 PGW SD . 16.88 38.45 20.69
H2A PGW SD . 15.96 37.15 20.65
H03 PGW SD . 19.36 35.46 17.77
H03A PGW SD . 20.21 34.79 18.93
H3 PGW SD . 14.55 38.77 19.89
H3A PGW SD . 15.04 38.10 18.53
H04 PGW SD . 24.18 35.92 19.54
H04A PGW SD . 22.71 36.20 20.09
H4 PGW SD . 15.23 40.36 18.15
H4A PGW SD . 16.72 39.89 18.40
H05 PGW SD . 24.03 35.65 21.94
H5 PGW SD . 16.89 41.07 20.31
H5A PGW SD . 15.39 40.75 20.73
H06 PGW SD . 19.59 46.96 18.19
H06A PGW SD . 18.42 47.42 17.22
H6 PGW SD . 15.43 43.03 20.38
H6A PGW SD . 14.66 42.43 19.12
H07 PGW SD . 17.74 46.61 19.87
H07A PGW SD . 16.91 47.60 18.94
H7 PGW SD . 16.11 43.97 18.24
H7A PGW SD . 16.77 42.58 17.90
H08 PGW SD . 18.44 49.35 19.36
H08A PGW SD . 19.44 48.34 20.07
H8 PGW SD . 18.31 42.82 19.66
H8A PGW SD . 17.61 44.18 20.10
H09 PGW SD . 18.52 49.30 21.90
H09A PGW SD . 17.55 48.05 21.74
H11 PGW SD . 16.12 49.81 22.05
H11A PGW SD . 16.05 49.56 20.48
H12 PGW SD . 17.40 51.42 20.06
H12A PGW SD . 17.78 51.55 21.58
H13 PGW SD . 15.52 52.20 22.06
H13A PGW SD . 15.20 52.16 20.51
H14 PGW SD . 16.72 53.95 20.12
H14A PGW SD . 17.11 53.96 21.66
H14B PGW SD . 15.66 54.42 21.21
H15 PGW SD . 23.88 44.66 13.96
H15A PGW SD . 24.32 44.75 12.43
H16 PGW SD . 25.77 46.63 13.13
H16A PGW SD . 26.25 45.18 13.58
H17 PGW SD . 26.39 46.02 15.64
H17A PGW SD . 24.81 45.96 15.66
H18 PGW SD . 26.37 48.28 15.06
H18A PGW SD . 24.82 48.24 14.77
H20 PGW SD . 21.25 38.86 15.35
H20A PGW SD . 21.52 39.78 16.63
H21 PGW SD . 21.60 41.04 14.59
H21A PGW SD . 20.07 40.69 14.31
H22 PGW SD . 20.65 41.99 16.77
H22A PGW SD . 19.34 42.16 15.89
H23 PGW SD . 21.82 43.30 15.03
H23A PGW SD . 20.85 44.13 15.98
H24 PGW SD . 19.38 44.54 14.32
H24A PGW SD . 19.72 43.19 13.55
H25 PGW SD . 20.49 45.02 12.26
H25A PGW SD . 21.72 44.13 12.72
H26 PGW SD . 21.86 45.82 14.63
H26A PGW SD . 21.10 46.76 13.60
H27 PGW SD . 22.94 46.46 12.05
H27A PGW SD . 23.38 47.21 13.37
H28 PGW SD . 24.43 47.87 17.13
H28A PGW SD . 25.98 48.07 17.38
H29 PGW SD . 23.55 51.31 16.44
H29A PGW SD . 23.79 50.25 15.28
H29B PGW SD . 22.93 49.84 16.55
H30 PGW SD . 25.77 50.35 16.60
H30A PGW SD . 24.93 50.08 17.92
H9 PGW SD . 19.66 44.15 18.37
H10 PGW SD . 17.90 45.21 16.87
CAD PGW TD . 27.51 44.15 33.01
OAE PGW TD . 28.44 43.55 33.92
OAF PGW TD . 25.57 43.41 34.26
P PGW TD . 23.80 44.77 30.55
C01 PGW TD . 20.98 46.68 33.14
C1 PGW TD . 19.11 44.71 34.01
O01 PGW TD . 20.43 44.50 34.20
C02 PGW TD . 21.41 45.24 33.41
C2 PGW TD . 18.32 44.80 35.30
O02 PGW TD . 18.62 44.76 32.92
C03 PGW TD . 21.71 44.45 32.14
C3 PGW TD . 16.88 45.29 35.10
O03 PGW TD . 20.25 46.74 31.88
C04 PGW TD . 25.23 45.23 32.73
C4 PGW TD . 16.79 46.82 34.95
O04 PGW TD . 18.45 48.02 31.93
C05 PGW TD . 26.20 44.55 33.68
C5 PGW TD . 16.98 47.58 36.28
C06 PGW TD . 17.08 54.23 35.59
C6 PGW TD . 16.07 48.82 36.44
C07 PGW TD . 16.63 54.15 37.05
C7 PGW TD . 16.47 50.01 35.56
C08 PGW TD . 17.14 55.32 37.92
C8 PGW TD . 17.72 50.74 36.01
C09 PGW TD . 16.92 55.12 39.43
C9 PGW TD . 18.01 51.95 35.18
C10 PGW TD . 17.15 52.89 34.90
C11 PGW TD . 15.54 55.59 39.93
O11 PGW TD . 22.46 45.30 31.25
C12 PGW TD . 15.40 57.12 40.06
O12 PGW TD . 24.74 44.27 31.75
C13 PGW TD . 14.17 57.59 40.83
O13 PGW TD . 24.37 46.02 29.93
C14 PGW TD . 14.14 59.12 41.03
O14 PGW TD . 23.47 43.59 29.68
C15 PGW TD . 20.92 55.77 29.35
C16 PGW TD . 22.13 56.71 29.61
C17 PGW TD . 22.52 56.86 31.11
C18 PGW TD . 22.09 58.19 31.74
C19 PGW TD . 19.59 47.86 31.61
C20 PGW TD . 20.44 48.88 30.87
C21 PGW TD . 19.66 50.14 30.49
C22 PGW TD . 19.22 50.97 31.72
C23 PGW TD . 19.14 52.48 31.46
C24 PGW TD . 17.91 52.94 30.67
C25 PGW TD . 18.17 54.18 29.79
C26 PGW TD . 18.64 55.44 30.55
C27 PGW TD . 19.54 56.38 29.73
C28 PGW TD . 22.18 58.22 33.27
C29 PGW TD . 20.06 59.62 33.76
C30 PGW TD . 21.59 59.47 33.95
HAD PGW TD . 27.32 43.51 32.27
HADA PGW TD . 27.94 44.96 32.61
HOAE PGW TD . 28.07 43.05 34.51
HOAF PGW TD . 25.36 42.82 33.68
H01 PGW TD . 21.76 47.28 33.06
H01A PGW TD . 20.41 47.03 33.87
H02 PGW TD . 22.25 45.28 33.96
H2 PGW TD . 18.78 45.40 35.92
H2A PGW TD . 18.31 43.91 35.71
H03 PGW TD . 20.87 44.19 31.71
H03A PGW TD . 22.21 43.64 32.36
H3 PGW TD . 16.33 45.01 35.86
H3A PGW TD . 16.49 44.86 34.29
H04 PGW TD . 25.66 45.98 32.27
H04A PGW TD . 24.46 45.59 33.23
H4 PGW TD . 15.91 47.06 34.59
H4A PGW TD . 17.46 47.13 34.30
H05 PGW TD . 26.42 45.19 34.42
H5 PGW TD . 17.93 47.87 36.37
H5A PGW TD . 16.82 46.96 37.03
H06 PGW TD . 17.98 54.63 35.55
H06A PGW TD . 16.47 54.83 35.08
H6 PGW TD . 16.09 49.11 37.39
H6A PGW TD . 15.15 48.55 36.25
H07 PGW TD . 16.98 53.31 37.44
H07A PGW TD . 15.65 54.10 37.10
H7 PGW TD . 15.72 50.65 35.54
H7A PGW TD . 16.58 49.69 34.63
H08 PGW TD . 16.67 56.14 37.63
H08A PGW TD . 18.10 55.46 37.74
H8 PGW TD . 18.49 50.10 35.96
H8A PGW TD . 17.63 51.01 36.94
H09 PGW TD . 17.62 55.62 39.93
H09A PGW TD . 17.03 54.17 39.64
H11 PGW TD . 15.36 55.19 40.82
H11A PGW TD . 14.83 55.25 39.32
H12 PGW TD . 15.39 57.51 39.15
H12A PGW TD . 16.21 57.46 40.51
H13 PGW TD . 14.15 57.14 41.72
H13A PGW TD . 13.35 57.30 40.35
H14 PGW TD . 14.10 59.57 40.17
H14A PGW TD . 14.96 59.40 41.49
H14B PGW TD . 13.37 59.38 41.58
H15 PGW TD . 21.05 54.95 29.88
H15A PGW TD . 20.91 55.51 28.39
H16 PGW TD . 21.92 57.60 29.24
H16A PGW TD . 22.91 56.36 29.10
H17 PGW TD . 23.49 56.76 31.22
H17A PGW TD . 22.10 56.13 31.61
H18 PGW TD . 22.65 58.92 31.37
H18A PGW TD . 21.16 58.38 31.49
H20 PGW TD . 20.80 48.45 30.04
H20A PGW TD . 21.21 49.12 31.43
H21 PGW TD . 20.23 50.71 29.92
H21A PGW TD . 18.87 49.90 29.95
H22 PGW TD . 19.85 50.79 32.46
H22A PGW TD . 18.33 50.65 32.02
H23 PGW TD . 19.95 52.75 30.97
H23A PGW TD . 19.17 52.96 32.33
H24 PGW TD . 17.17 53.14 31.30
H24A PGW TD . 17.60 52.20 30.11
H25 PGW TD . 17.34 54.40 29.27
H25A PGW TD . 18.85 53.94 29.12
H26 PGW TD . 19.14 55.14 31.35
H26A PGW TD . 17.85 55.94 30.88
H27 PGW TD . 19.06 56.64 28.91
H27A PGW TD . 19.69 57.21 30.24
H28 PGW TD . 21.71 57.42 33.64
H28A PGW TD . 23.14 58.12 33.55
H29 PGW TD . 19.73 60.38 34.27
H29A PGW TD . 19.85 59.74 32.82
H29B PGW TD . 19.62 58.81 34.08
H30 PGW TD . 22.04 60.28 33.56
H30A PGW TD . 21.80 59.46 34.91
H9 PGW TD . 18.91 52.07 34.84
H10 PGW TD . 16.50 52.69 34.23
CAD PGW UD . 30.88 51.92 46.34
OAE PGW UD . 32.19 51.53 46.77
OAF PGW UD . 29.77 50.29 47.75
P PGW UD . 26.55 51.65 45.19
C01 PGW UD . 24.34 51.85 48.86
C1 PGW UD . 23.51 49.20 49.52
O01 PGW UD . 24.82 49.44 49.30
C02 PGW UD . 25.23 50.64 48.56
C2 PGW UD . 23.21 48.73 50.92
O02 PGW UD . 22.68 49.29 48.66
C03 PGW UD . 25.28 50.28 47.09
C3 PGW UD . 21.71 48.70 51.24
O03 PGW UD . 23.26 51.89 47.90
C04 PGW UD . 28.44 52.14 46.99
C4 PGW UD . 21.15 50.09 51.61
O04 PGW UD . 21.29 52.40 48.78
C05 PGW UD . 29.82 51.68 47.40
C5 PGW UD . 21.56 50.58 53.02
C06 PGW UD . 19.54 56.81 54.37
C6 PGW UD . 20.44 51.34 53.76
C07 PGW UD . 19.65 56.28 55.80
C7 PGW UD . 20.16 52.74 53.22
C08 PGW UD . 20.06 57.34 56.84
C8 PGW UD . 21.24 53.77 53.53
C09 PGW UD . 20.42 56.78 58.23
C9 PGW UD . 20.88 55.16 53.08
C10 PGW UD . 19.75 55.75 53.32
C11 PGW UD . 19.23 56.60 59.17
O11 PGW UD . 25.42 51.51 46.33
C12 PGW UD . 18.72 57.92 59.78
O12 PGW UD . 27.94 51.29 45.91
C13 PGW UD . 17.74 57.75 60.95
O13 PGW UD . 26.50 53.11 44.87
C14 PGW UD . 17.35 59.09 61.60
O14 PGW UD . 26.29 50.63 44.11
C15 PGW UD . 20.46 60.87 48.15
C16 PGW UD . 21.37 62.10 48.37
C17 PGW UD . 22.18 62.08 49.71
C18 PGW UD . 21.63 63.00 50.80
C19 PGW UD . 22.25 52.73 48.15
C20 PGW UD . 22.47 54.11 47.57
C21 PGW UD . 21.30 55.06 47.80
C22 PGW UD . 21.07 55.40 49.29
C23 PGW UD . 20.50 56.80 49.53
C24 PGW UD . 18.99 56.94 49.25
C25 PGW UD . 18.58 58.33 48.75
C26 PGW UD . 18.91 59.49 49.72
C27 PGW UD . 19.18 60.85 49.03
C28 PGW UD . 22.23 62.75 52.19
C29 PGW UD . 20.09 63.16 53.59
C30 PGW UD . 21.57 63.55 53.34
HAD PGW UD . 30.64 51.42 45.52
HADA PGW UD . 30.90 52.89 46.12
HOAE PGW UD . 32.19 50.82 47.25
HOAF PGW UD . 29.55 49.81 47.09
H01 PGW UD . 24.85 52.69 48.78
H01A PGW UD . 23.97 51.80 49.77
H02 PGW UD . 26.15 50.85 48.87
H2 PGW UD . 23.66 49.33 51.57
H2A PGW UD . 23.59 47.82 51.04
H03 PGW UD . 24.46 49.82 46.80
H03A PGW UD . 26.04 49.68 46.91
H3 PGW UD . 21.54 48.09 52.01
H3A PGW UD . 21.22 48.33 50.48
H04 PGW UD . 28.46 53.07 46.68
H04A PGW UD . 27.81 52.08 47.74
H4 PGW UD . 20.16 50.06 51.56
H4A PGW UD . 21.44 50.74 50.93
H05 PGW UD . 30.08 52.18 48.23
H5 PGW UD . 22.35 51.16 52.94
H5A PGW UD . 21.83 49.80 53.55
H06 PGW UD . 20.22 57.51 54.24
H06A PGW UD . 18.65 57.23 54.24
H6 PGW UD . 20.70 51.43 54.72
H6A PGW UD . 19.62 50.81 53.73
H07 PGW UD . 20.32 55.56 55.83
H07A PGW UD . 18.79 55.86 56.08
H7 PGW UD . 19.29 53.06 53.59
H7A PGW UD . 20.04 52.69 52.23
H08 PGW UD . 19.32 57.98 56.94
H08A PGW UD . 20.83 57.86 56.47
H8 PGW UD . 22.09 53.49 53.11
H8A PGW UD . 21.39 53.79 54.50
H09 PGW UD . 21.08 57.37 58.65
H09A PGW UD . 20.87 55.91 58.09
H11 PGW UD . 19.47 55.99 59.91
H11A PGW UD . 18.49 56.17 58.67
H12 PGW UD . 18.29 58.46 59.08
H12A PGW UD . 19.50 58.44 60.10
H13 PGW UD . 18.14 57.15 61.63
H13A PGW UD . 16.93 57.29 60.62
H14 PGW UD . 16.89 59.65 60.96
H14A PGW UD . 18.15 59.55 61.90
H14B PGW UD . 16.76 58.94 62.37
H15 PGW UD . 20.98 60.06 48.35
H15A PGW UD . 20.21 60.82 47.19
H16 PGW UD . 20.82 62.91 48.36
H16A PGW UD . 22.00 62.18 47.61
H17 PGW UD . 23.13 62.31 49.53
H17A PGW UD . 22.18 61.15 50.05
H18 PGW UD . 21.80 63.95 50.54
H18A PGW UD . 20.66 62.90 50.85
H20 PGW UD . 22.65 54.02 46.60
H20A PGW UD . 23.29 54.49 47.98
H21 PGW UD . 21.46 55.90 47.31
H21A PGW UD . 20.47 54.66 47.43
H22 PGW UD . 21.94 55.32 49.76
H22A PGW UD . 20.47 54.73 49.70
H23 PGW UD . 20.98 57.43 48.96
H23A PGW UD . 20.68 57.08 50.47
H24 PGW UD . 18.47 56.73 50.08
H24A PGW UD . 18.74 56.26 48.58
H25 PGW UD . 17.60 58.34 48.56
H25A PGW UD . 19.03 58.51 47.89
H26 PGW UD . 19.71 59.25 50.25
H26A PGW UD . 18.17 59.59 50.37
H27 PGW UD . 18.39 61.08 48.48
H27A PGW UD . 19.25 61.55 49.72
H28 PGW UD . 22.15 61.78 52.40
H28A PGW UD . 23.20 62.96 52.17
H29 PGW UD . 19.75 63.63 54.38
H29A PGW UD . 19.54 63.39 52.82
H29B PGW UD . 20.02 62.19 53.75
H30 PGW UD . 21.62 64.52 53.12
H30A PGW UD . 22.08 63.41 54.17
H9 PGW UD . 21.53 55.65 52.57
H10 PGW UD . 18.99 55.48 52.80
CAD PGW VD . 36.20 57.49 60.12
OAE PGW VD . 37.63 57.51 60.06
OAF PGW VD . 36.13 55.31 61.21
P PGW VD . 31.99 55.91 60.05
C01 PGW VD . 31.18 54.54 64.04
C1 PGW VD . 31.41 51.70 64.05
O01 PGW VD . 32.44 52.43 63.60
C02 PGW VD . 32.23 53.83 63.18
C2 PGW VD . 31.74 50.87 65.27
O02 PGW VD . 30.35 51.65 63.49
C03 PGW VD . 31.88 53.83 61.70
C3 PGW VD . 30.51 50.24 65.92
O03 PGW VD . 29.87 54.39 63.44
C04 PGW VD . 34.15 56.67 61.39
C4 PGW VD . 29.73 51.23 66.83
O04 PGW VD . 28.26 53.96 64.90
C05 PGW VD . 35.68 56.67 61.29
C5 PGW VD . 30.43 51.54 68.17
C06 PGW VD . 27.33 56.20 71.81
C6 PGW VD . 29.47 51.68 69.36
C07 PGW VD . 28.06 55.47 72.94
C7 PGW VD . 28.64 52.96 69.36
C08 PGW VD . 28.47 56.37 74.11
C8 PGW VD . 29.43 54.22 69.69
C09 PGW VD . 29.43 55.70 75.12
C9 PGW VD . 28.57 55.45 69.78
C10 PGW VD . 27.46 55.53 70.47
C11 PGW VD . 28.72 54.92 76.25
O11 PGW VD . 31.41 55.14 61.33
C12 PGW VD . 28.10 55.80 77.32
O12 PGW VD . 33.58 55.95 60.26
C13 PGW VD . 27.66 55.06 78.59
O13 PGW VD . 31.43 57.30 60.22
C14 PGW VD . 27.16 56.00 79.69
O14 PGW VD . 31.68 55.11 58.82
C15 PGW VD . 24.92 61.50 67.11
C16 PGW VD . 25.47 62.91 67.46
C17 PGW VD . 26.64 62.90 68.47
C18 PGW VD . 26.27 63.33 69.90
C19 PGW VD . 28.82 54.73 64.18
C20 PGW VD . 28.44 56.18 64.01
C21 PGW VD . 27.19 56.58 64.80
C22 PGW VD . 27.40 56.50 66.33
C23 PGW VD . 26.57 57.52 67.13
C24 PGW VD . 25.08 57.17 67.29
C25 PGW VD . 24.15 58.39 67.35
C26 PGW VD . 24.44 59.36 68.52
C27 PGW VD . 24.07 60.83 68.22
C28 PGW VD . 27.34 63.02 70.96
C29 PGW VD . 25.78 62.33 72.89
C30 PGW VD . 26.91 63.27 72.42
HAD PGW VD . 35.85 57.11 59.27
HADA PGW VD . 35.87 58.42 60.20
HOAE PGW VD . 37.99 56.77 60.30
HOAF PGW VD . 35.84 54.93 60.49
H01 PGW VD . 31.38 55.51 64.10
H01A PGW VD . 31.17 54.18 64.95
H02 PGW VD . 33.10 54.30 63.30
H2 PGW VD . 32.20 51.45 65.93
H2A PGW VD . 32.38 50.17 65.01
H03 PGW VD . 31.18 53.17 61.51
H03A PGW VD . 32.67 53.58 61.16
H3 PGW VD . 30.79 49.48 66.48
H3A PGW VD . 29.91 49.88 65.23
H04 PGW VD . 33.82 57.59 61.39
H04A PGW VD . 33.86 56.23 62.22
H4 PGW VD . 28.84 50.86 67.01
H4A PGW VD . 29.59 52.07 66.32
H05 PGW VD . 36.04 57.05 62.14
H5 PGW VD . 30.96 52.37 68.08
H5A PGW VD . 31.08 50.81 68.35
H06 PGW VD . 27.70 57.11 71.74
H06A PGW VD . 26.38 56.29 72.05
H6 PGW VD . 29.99 51.64 70.20
H6A PGW VD . 28.88 50.89 69.37
H07 PGW VD . 28.88 55.05 72.58
H07A PGW VD . 27.49 54.73 73.28
H7 PGW VD . 27.89 52.87 70.01
H7A PGW VD . 28.22 53.07 68.47
H08 PGW VD . 27.67 56.67 74.59
H08A PGW VD . 28.90 57.19 73.74
H8 PGW VD . 30.13 54.36 69.01
H8A PGW VD . 29.88 54.10 70.56
H09 PGW VD . 30.00 56.40 75.54
H09A PGW VD . 30.03 55.10 74.63
H11 PGW VD . 29.37 54.30 76.67
H11A PGW VD . 28.01 54.36 75.84
H12 PGW VD . 27.33 56.28 76.95
H12A PGW VD . 28.76 56.49 77.58
H13 PGW VD . 28.42 54.53 78.93
H13A PGW VD . 26.94 54.41 78.36
H14 PGW VD . 26.36 56.49 79.40
H14A PGW VD . 27.85 56.65 79.92
H14B PGW VD . 26.93 55.50 80.51
H15 PGW VD . 25.69 60.91 66.91
H15A PGW VD . 24.39 61.56 66.27
H16 PGW VD . 24.74 63.43 67.83
H16A PGW VD . 25.76 63.35 66.62
H17 PGW VD . 27.37 63.49 68.15
H17A PGW VD . 27.03 61.99 68.51
H18 PGW VD . 26.07 64.29 69.91
H18A PGW VD . 25.44 62.86 70.15
H20 PGW VD . 28.29 56.37 63.04
H20A PGW VD . 29.21 56.75 64.29
H21 PGW VD . 26.94 57.50 64.56
H21A PGW VD . 26.43 56.00 64.54
H22 PGW VD . 28.36 56.65 66.52
H22A PGW VD . 27.18 55.60 66.65
H23 PGW VD . 26.63 58.40 66.67
H23A PGW VD . 26.97 57.65 68.03
H24 PGW VD . 24.95 56.61 68.11
H24A PGW VD . 24.81 56.59 66.52
H25 PGW VD . 23.20 58.08 67.42
H25A PGW VD . 24.22 58.89 66.50
H26 PGW VD . 25.41 59.33 68.73
H26A PGW VD . 23.97 59.05 69.33
H27 PGW VD . 23.12 60.87 67.97
H27A PGW VD . 24.17 61.37 69.05
H28 PGW VD . 27.61 62.07 70.87
H28A PGW VD . 28.15 63.56 70.76
H29 PGW VD . 25.59 62.48 73.85
H29A PGW VD . 24.96 62.51 72.39
H29B PGW VD . 26.04 61.40 72.77
H30 PGW VD . 26.61 64.21 72.50
H30A PGW VD . 27.69 63.17 73.01
H9 PGW VD . 28.84 56.23 69.31
H10 PGW VD . 26.68 55.12 70.10
CAD PGW WD . -59.44 -59.39 -57.25
OAE PGW WD . -58.28 -58.69 -57.71
OAF PGW WD . -58.30 -61.53 -57.16
P PGW WD . -62.45 -62.68 -56.70
C01 PGW WD . -60.92 -65.16 -53.56
C1 PGW WD . -59.77 -67.49 -54.75
O01 PGW WD . -59.35 -66.27 -55.15
C02 PGW WD . -60.19 -65.09 -54.89
C2 PGW WD . -58.69 -68.32 -54.12
O02 PGW WD . -60.88 -67.88 -54.94
C03 PGW WD . -61.11 -64.90 -56.08
C3 PGW WD . -59.20 -69.60 -53.44
O03 PGW WD . -62.22 -65.77 -53.75
C04 PGW WD . -60.32 -61.35 -55.88
C4 PGW WD . -59.79 -69.32 -52.04
O04 PGW WD . -62.79 -67.23 -52.18
C05 PGW WD . -59.09 -60.61 -56.41
C5 PGW WD . -58.72 -69.04 -50.95
C06 PGW WD . -61.27 -67.38 -45.01
C6 PGW WD . -59.04 -69.65 -49.58
C07 PGW WD . -59.92 -67.93 -44.55
C7 PGW WD . -60.17 -68.95 -48.82
C08 PGW WD . -59.36 -67.24 -43.28
C8 PGW WD . -59.79 -67.59 -48.26
C09 PGW WD . -57.91 -67.59 -42.95
C9 PGW WD . -60.88 -66.96 -47.44
C10 PGW WD . -61.53 -67.58 -46.48
C11 PGW WD . -57.74 -68.86 -42.09
O11 PGW WD . -62.12 -63.92 -55.73
C12 PGW WD . -58.08 -68.66 -40.60
O12 PGW WD . -61.04 -61.96 -56.97
C13 PGW WD . -57.65 -69.79 -39.68
O13 PGW WD . -63.30 -61.80 -55.84
C14 PGW WD . -57.90 -69.48 -38.19
O14 PGW WD . -62.98 -63.22 -58.00
C15 PGW WD . -67.13 -62.88 -46.26
C16 PGW WD . -66.99 -61.51 -45.56
C17 PGW WD . -65.55 -61.20 -45.03
C18 PGW WD . -65.39 -61.35 -43.50
C19 PGW WD . -62.89 -66.14 -52.67
C20 PGW WD . -63.76 -65.03 -52.11
C21 PGW WD . -64.59 -65.47 -50.90
C22 PGW WD . -63.72 -65.79 -49.66
C23 PGW WD . -64.41 -65.50 -48.31
C24 PGW WD . -65.46 -66.55 -47.89
C25 PGW WD . -66.62 -65.95 -47.06
C26 PGW WD . -66.19 -65.26 -45.75
C27 PGW WD . -67.12 -64.11 -45.30
C28 PGW WD . -63.93 -61.35 -43.02
C29 PGW WD . -64.15 -63.14 -41.15
C30 PGW WD . -63.74 -61.69 -41.53
HAD PGW WD . -59.98 -59.67 -58.04
HADA PGW WD . -60.00 -58.77 -56.71
HOAE PGW WD . -57.63 -59.21 -57.91
HOAF PGW WD . -58.72 -61.82 -57.85
H01 PGW WD . -61.05 -64.26 -53.17
H01A PGW WD . -60.40 -65.70 -52.90
H02 PGW WD . -59.56 -64.30 -54.86
H2 PGW WD . -58.20 -67.77 -53.45
H2A PGW WD . -58.03 -68.56 -54.81
H03 PGW WD . -61.57 -65.74 -56.30
H03A PGW WD . -60.62 -64.61 -56.88
H3 PGW WD . -58.47 -70.24 -53.35
H3A PGW WD . -59.89 -70.01 -54.01
H04 PGW WD . -60.91 -60.71 -55.41
H04A PGW WD . -60.05 -62.05 -55.24
H4 PGW WD . -60.32 -70.11 -51.75
H4A PGW WD . -60.41 -68.55 -52.10
H05 PGW WD . -58.54 -60.31 -55.63
H5 PGW WD . -58.60 -68.07 -50.85
H5A PGW WD . -57.86 -69.40 -51.28
H06 PGW WD . -61.31 -66.41 -44.82
H06A PGW WD . -62.00 -67.80 -44.49
H6 PGW WD . -58.22 -69.63 -49.02
H6A PGW WD . -59.27 -70.61 -49.71
H07 PGW WD . -59.27 -67.81 -45.27
H07A PGW WD . -60.00 -68.90 -44.37
H7 PGW WD . -60.48 -69.53 -48.08
H7A PGW WD . -60.94 -68.85 -49.43
H08 PGW WD . -59.94 -67.47 -42.51
H08A PGW WD . -59.45 -66.26 -43.40
H8 PGW WD . -59.55 -66.97 -49.01
H8A PGW WD . -58.99 -67.68 -47.69
H09 PGW WD . -57.47 -66.84 -42.48
H09A PGW WD . -57.41 -67.71 -43.80
H11 PGW WD . -56.81 -69.18 -42.15
H11A PGW WD . -58.32 -69.57 -42.45
H12 PGW WD . -59.06 -68.51 -40.51
H12A PGW WD . -57.65 -67.82 -40.30
H13 PGW WD . -56.68 -69.96 -39.82
H13A PGW WD . -58.13 -70.62 -39.93
H14 PGW WD . -58.86 -69.37 -38.03
H14A PGW WD . -57.44 -68.65 -37.95
H14B PGW WD . -57.56 -70.20 -37.63
H15 PGW WD . -66.38 -62.98 -46.90
H15A PGW WD . -67.95 -62.89 -46.81
H16 PGW WD . -67.61 -61.48 -44.80
H16A PGW WD . -67.27 -60.79 -46.19
H17 PGW WD . -65.30 -60.28 -45.28
H17A PGW WD . -64.92 -61.82 -45.47
H18 PGW WD . -65.88 -60.62 -43.05
H18A PGW WD . -65.81 -62.19 -43.22
H20 PGW WD . -64.38 -64.73 -52.83
H20A PGW WD . -63.20 -64.27 -51.86
H21 PGW WD . -65.22 -64.75 -50.65
H21A PGW WD . -65.14 -66.26 -51.13
H22 PGW WD . -62.89 -65.27 -49.72
H22A PGW WD . -63.46 -66.75 -49.68
H23 PGW WD . -64.85 -64.62 -48.37
H23A PGW WD . -63.72 -65.43 -47.60
H24 PGW WD . -65.03 -67.26 -47.36
H24A PGW WD . -65.83 -66.98 -48.70
H25 PGW WD . -67.27 -66.67 -46.85
H25A PGW WD . -67.09 -65.29 -47.62
H26 PGW WD . -65.28 -64.89 -45.87
H26A PGW WD . -66.12 -65.94 -45.02
H27 PGW WD . -68.04 -64.46 -45.22
H27A PGW WD . -66.86 -63.81 -44.40
H28 PGW WD . -63.43 -62.02 -43.56
H28A PGW WD . -63.53 -60.47 -43.22
H29 PGW WD . -63.94 -63.31 -40.22
H29A PGW WD . -65.11 -63.24 -41.28
H29B PGW WD . -63.68 -63.77 -41.72
H30 PGW WD . -64.26 -61.05 -41.00
H30A PGW WD . -62.79 -61.55 -41.29
H9 PGW WD . -61.12 -66.06 -47.61
H10 PGW WD . -62.21 -68.20 -46.74
CAD PGW XD . -48.57 -55.32 -46.60
OAE PGW XD . -47.87 -54.17 -47.10
OAF PGW XD . -46.91 -56.87 -47.46
P PGW XD . -50.17 -59.51 -46.35
C01 PGW XD . -47.04 -61.86 -44.59
C1 PGW XD . -45.76 -63.31 -46.68
O01 PGW XD . -45.86 -61.98 -46.78
C02 PGW XD . -46.85 -61.26 -45.97
C2 PGW XD . -44.33 -63.82 -46.61
O02 PGW XD . -46.72 -64.04 -46.69
C03 PGW XD . -48.14 -61.18 -46.78
C3 PGW XD . -44.22 -65.30 -46.24
O03 PGW XD . -48.11 -62.84 -44.62
C04 PGW XD . -48.35 -57.69 -45.71
C4 PGW XD . -44.35 -65.55 -44.73
O04 PGW XD . -47.68 -64.69 -43.49
C05 PGW XD . -47.63 -56.48 -46.28
C5 PGW XD . -43.10 -65.14 -43.92
C06 PGW XD . -43.87 -65.74 -37.31
C6 PGW XD . -42.76 -66.09 -42.75
C07 PGW XD . -42.35 -65.85 -37.38
C7 PGW XD . -43.72 -66.00 -41.56
C08 PGW XD . -41.62 -65.28 -36.15
C8 PGW XD . -43.57 -64.73 -40.73
C09 PGW XD . -40.09 -65.15 -36.32
C9 PGW XD . -44.45 -64.73 -39.51
C10 PGW XD . -44.54 -65.72 -38.65
C11 PGW XD . -39.30 -66.41 -35.95
O11 PGW XD . -49.20 -60.72 -45.91
C12 PGW XD . -39.18 -66.64 -34.44
O12 PGW XD . -49.19 -58.30 -46.73
C13 PGW XD . -38.16 -67.71 -34.04
O13 PGW XD . -50.90 -59.19 -45.07
C14 PGW XD . -37.97 -67.82 -32.50
O14 PGW XD . -50.94 -59.93 -47.57
C15 PGW XD . -50.82 -63.49 -35.64
C16 PGW XD . -50.84 -62.33 -34.61
C17 PGW XD . -49.46 -61.65 -34.38
C18 PGW XD . -48.76 -62.03 -33.08
C19 PGW XD . -48.24 -63.64 -43.57
C20 PGW XD . -49.16 -63.06 -42.51
C21 PGW XD . -49.37 -64.00 -41.32
C22 PGW XD . -48.08 -64.23 -40.49
C23 PGW XD . -48.33 -64.49 -39.00
C24 PGW XD . -48.84 -65.91 -38.66
C25 PGW XD . -49.77 -65.95 -37.43
C26 PGW XD . -49.14 -65.42 -36.12
C27 PGW XD . -50.15 -64.80 -35.13
C28 PGW XD . -47.29 -61.61 -32.99
C29 PGW XD . -46.37 -63.69 -31.76
C30 PGW XD . -46.52 -62.15 -31.77
HAD PGW XD . -49.24 -55.61 -47.27
HADA PGW XD . -49.06 -55.06 -45.78
HOAE PGW XD . -47.22 -54.37 -47.61
HOAF PGW XD . -47.43 -57.15 -48.07
H01 PGW XD . -47.29 -61.16 -43.93
H01A PGW XD . -46.20 -62.29 -44.27
H02 PGW XD . -46.50 -60.33 -45.86
H2 PGW XD . -43.84 -63.28 -45.96
H2A PGW XD . -43.91 -63.66 -47.50
H03 PGW XD . -48.39 -62.06 -47.13
H03A PGW XD . -48.04 -60.58 -47.55
H3 PGW XD . -43.35 -65.65 -46.54
H3A PGW XD . -44.91 -65.81 -46.73
H04 PGW XD . -48.90 -57.42 -44.95
H04A PGW XD . -47.70 -58.37 -45.41
H4 PGW XD . -44.52 -66.51 -44.57
H4A PGW XD . -45.14 -65.07 -44.39
H05 PGW XD . -46.96 -56.16 -45.61
H5 PGW XD . -43.24 -64.22 -43.56
H5A PGW XD . -42.33 -65.08 -44.53
H06 PGW XD . -44.11 -64.91 -36.83
H06A PGW XD . -44.24 -66.50 -36.77
H6 PGW XD . -41.85 -65.89 -42.44
H6A PGW XD . -42.74 -67.01 -43.11
H07 PGW XD . -42.03 -65.36 -38.17
H07A PGW XD . -42.09 -66.79 -37.50
H7 PGW XD . -43.58 -66.79 -40.98
H7A PGW XD . -44.65 -66.05 -41.90
H08 PGW XD . -41.81 -65.85 -35.38
H08A PGW XD . -42.01 -64.38 -35.94
H8 PGW XD . -43.78 -63.95 -41.30
H8A PGW XD . -42.64 -64.65 -40.44
H09 PGW XD . -39.77 -64.40 -35.75
H09A PGW XD . -39.91 -64.90 -37.25
H11 PGW XD . -38.40 -66.36 -36.33
H11A PGW XD . -39.74 -67.19 -36.36
H12 PGW XD . -40.05 -66.89 -34.07
H12A PGW XD . -38.92 -65.79 -34.01
H13 PGW XD . -37.28 -67.50 -34.46
H13A PGW XD . -38.44 -68.59 -34.39
H14 PGW XD . -38.80 -68.10 -32.09
H14A PGW XD . -37.71 -66.96 -32.15
H14B PGW XD . -37.27 -68.48 -32.29
H15 PGW XD . -50.33 -63.19 -36.43
H15A PGW XD . -51.74 -63.69 -35.93
H16 PGW XD . -51.15 -62.69 -33.75
H16A PGW XD . -51.51 -61.66 -34.90
H17 PGW XD . -49.56 -60.67 -34.41
H17A PGW XD . -48.87 -61.89 -35.13
H18 PGW XD . -49.25 -61.63 -32.32
H18A PGW XD . -48.81 -63.01 -32.96
H20 PGW XD . -50.04 -62.85 -42.93
H20A PGW XD . -48.77 -62.21 -42.19
H21 PGW XD . -50.05 -63.61 -40.72
H21A PGW XD . -49.72 -64.87 -41.64
H22 PGW XD . -47.50 -63.44 -40.60
H22A PGW XD . -47.59 -65.00 -40.87
H23 PGW XD . -48.99 -63.83 -38.68
H23A PGW XD . -47.49 -64.32 -38.50
H24 PGW XD . -48.06 -66.50 -38.50
H24A PGW XD . -49.32 -66.26 -39.44
H25 PGW XD . -50.09 -66.88 -37.29
H25A PGW XD . -50.57 -65.40 -37.63
H26 PGW XD . -48.47 -64.74 -36.35
H26A PGW XD . -48.64 -66.16 -35.68
H27 PGW XD . -50.85 -65.47 -34.94
H27A PGW XD . -49.68 -64.61 -34.28
H28 PGW XD . -46.83 -61.93 -33.81
H28A PGW XD . -47.23 -60.62 -33.01
H29 PGW XD . -45.80 -63.97 -31.00
H29A PGW XD . -47.24 -64.11 -31.67
H29B PGW XD . -45.95 -63.98 -32.59
H30 PGW XD . -46.99 -61.86 -30.95
H30A PGW XD . -45.62 -61.73 -31.74
H9 PGW XD . -44.98 -63.95 -39.33
H10 PGW XD . -45.07 -66.47 -38.91
CAD PGW YD . -36.38 -49.78 -38.27
OAE PGW YD . -36.25 -48.39 -38.55
OAF PGW YD . -34.74 -50.43 -39.94
P PGW YD . -36.56 -54.23 -38.90
C01 PGW YD . -32.50 -55.60 -38.79
C1 PGW YD . -31.64 -56.03 -41.48
O01 PGW YD . -32.14 -54.84 -41.13
C02 PGW YD . -32.96 -54.69 -39.92
C2 PGW YD . -30.20 -55.99 -41.93
O02 PGW YD . -32.30 -57.03 -41.47
C03 PGW YD . -34.41 -54.93 -40.32
C3 PGW YD . -29.56 -57.37 -42.07
O03 PGW YD . -33.19 -56.87 -38.86
C04 PGW YD . -35.22 -52.05 -38.22
C4 PGW YD . -29.09 -57.95 -40.71
O04 PGW YD . -31.90 -58.63 -38.47
C05 PGW YD . -35.11 -50.57 -38.56
C5 PGW YD . -27.81 -57.29 -40.15
C06 PGW YD . -26.10 -59.47 -34.07
C6 PGW YD . -26.84 -58.27 -39.46
C07 PGW YD . -24.73 -59.00 -34.55
C7 PGW YD . -27.33 -58.78 -38.10
C08 PGW YD . -23.82 -58.47 -33.43
C8 PGW YD . -27.26 -57.75 -36.99
C09 PGW YD . -22.54 -57.76 -33.92
C9 PGW YD . -27.65 -58.31 -35.64
C10 PGW YD . -27.16 -59.41 -35.13
C11 PGW YD . -21.35 -58.71 -34.17
O11 PGW YD . -35.20 -55.07 -39.11
C12 PGW YD . -20.65 -59.18 -32.88
O12 PGW YD . -36.16 -52.70 -39.13
C13 PGW YD . -19.30 -59.87 -33.09
O13 PGW YD . -36.87 -54.47 -37.45
C14 PGW YD . -18.59 -60.21 -31.77
O14 PGW YD . -37.54 -54.64 -39.96
C15 PGW YD . -32.40 -60.27 -30.12
C16 PGW YD . -32.41 -59.43 -28.82
C17 PGW YD . -31.29 -58.36 -28.74
C18 PGW YD . -30.11 -58.73 -27.83
C19 PGW YD . -32.73 -57.85 -38.09
C20 PGW YD . -33.36 -57.88 -36.72
C21 PGW YD . -32.88 -59.05 -35.85
C22 PGW YD . -31.38 -58.97 -35.50
C23 PGW YD . -31.03 -59.60 -34.14
C24 PGW YD . -30.97 -61.13 -34.13
C25 PGW YD . -31.38 -61.76 -32.78
C26 PGW YD . -30.52 -61.32 -31.57
C27 PGW YD . -31.27 -61.33 -30.22
C28 PGW YD . -28.87 -57.83 -28.00
C29 PGW YD . -27.05 -59.63 -27.72
C30 PGW YD . -27.62 -58.29 -27.22
HAD PGW YD . -37.13 -50.16 -38.80
HADA PGW YD . -36.62 -49.89 -37.30
HOAE PGW YD . -35.78 -48.23 -39.23
HOAF PGW YD . -35.35 -50.75 -40.45
H01 PGW YD . -32.69 -55.19 -37.92
H01A PGW YD . -31.52 -55.75 -38.83
H02 PGW YD . -32.87 -53.74 -39.63
H2 PGW YD . -29.67 -55.45 -41.28
H2A PGW YD . -30.16 -55.51 -42.79
H03 PGW YD . -34.50 -55.75 -40.84
H03A PGW YD . -34.75 -54.18 -40.87
H3 PGW YD . -28.77 -57.32 -42.66
H3A PGW YD . -30.19 -57.99 -42.49
H04 PGW YD . -35.54 -52.16 -37.30
H04A PGW YD . -34.35 -52.48 -38.31
H4 PGW YD . -28.91 -58.92 -40.81
H4A PGW YD . -29.83 -57.86 -40.06
H05 PGW YD . -34.37 -50.18 -38.02
H5 PGW YD . -28.06 -56.58 -39.51
H5A PGW YD . -27.34 -56.84 -40.90
H06 PGW YD . -26.39 -58.90 -33.33
H06A PGW YD . -26.04 -60.39 -33.72
H6 PGW YD . -25.97 -57.82 -39.33
H6A PGW YD . -26.69 -59.03 -40.07
H07 PGW YD . -24.85 -58.29 -35.22
H07A PGW YD . -24.27 -59.74 -35.03
H7 PGW YD . -26.78 -59.57 -37.83
H7A PGW YD . -28.25 -59.10 -38.19
H08 PGW YD . -23.56 -59.23 -32.84
H08A PGW YD . -24.35 -57.85 -32.88
H8 PGW YD . -27.86 -56.99 -37.21
H8A PGW YD . -26.35 -57.39 -36.92
H09 PGW YD . -22.26 -57.08 -33.27
H09A PGW YD . -22.76 -57.29 -34.76
H11 PGW YD . -20.69 -58.25 -34.74
H11A PGW YD . -21.67 -59.50 -34.67
H12 PGW YD . -21.25 -59.80 -32.40
H12A PGW YD . -20.51 -58.39 -32.30
H13 PGW YD . -18.73 -59.27 -33.64
H13A PGW YD . -19.44 -60.69 -33.62
H14 PGW YD . -19.13 -60.85 -31.26
H14A PGW YD . -18.47 -59.40 -31.24
H14B PGW YD . -17.71 -60.59 -31.95
H15 PGW YD . -32.33 -59.65 -30.88
H15A PGW YD . -33.29 -60.72 -30.22
H16 PGW YD . -32.30 -60.06 -28.05
H16A PGW YD . -33.30 -59.00 -28.71
H17 PGW YD . -31.67 -57.50 -28.44
H17A PGW YD . -30.94 -58.21 -29.65
H18 PGW YD . -30.40 -58.70 -26.89
H18A PGW YD . -29.84 -59.66 -28.01
H20 PGW YD . -34.35 -57.91 -36.82
H20A PGW YD . -33.15 -57.03 -36.26
H21 PGW YD . -33.41 -59.08 -35.02
H21A PGW YD . -33.07 -59.90 -36.32
H22 PGW YD . -31.11 -58.02 -35.50
H22A PGW YD . -30.85 -59.41 -36.19
H23 PGW YD . -31.70 -59.31 -33.48
H23A PGW YD . -30.16 -59.24 -33.82
H24 PGW YD . -30.06 -61.43 -34.35
H24A PGW YD . -31.57 -61.47 -34.84
H25 PGW YD . -31.36 -62.75 -32.85
H25A PGW YD . -32.32 -61.52 -32.60
H26 PGW YD . -30.18 -60.41 -31.74
H26A PGW YD . -29.73 -61.91 -31.51
H27 PGW YD . -31.64 -62.23 -30.07
H27A PGW YD . -30.63 -61.16 -29.49
H28 PGW YD . -28.65 -57.78 -28.96
H28A PGW YD . -29.11 -56.91 -27.72
H29 PGW YD . -26.20 -59.84 -27.26
H29A PGW YD . -27.68 -60.36 -27.55
H29B PGW YD . -26.87 -59.58 -28.68
H30 PGW YD . -27.85 -58.37 -26.26
H30A PGW YD . -26.92 -57.59 -27.29
H9 PGW YD . -28.29 -57.83 -35.12
H10 PGW YD . -27.51 -60.23 -35.48
CAD PGW ZD . -24.18 -42.08 -31.93
OAE PGW ZD . -24.55 -40.70 -31.79
OAF PGW ZD . -23.09 -41.73 -34.07
P PGW ZD . -23.30 -46.05 -33.83
C01 PGW ZD . -19.24 -45.86 -35.15
C1 PGW ZD . -19.24 -45.40 -37.97
O01 PGW ZD . -19.92 -44.56 -37.16
C02 PGW ZD . -20.28 -44.97 -35.81
C2 PGW ZD . -18.11 -44.74 -38.73
O02 PGW ZD . -19.55 -46.55 -38.11
C03 PGW ZD . -21.66 -45.62 -35.87
C3 PGW ZD . -17.20 -45.74 -39.44
O03 PGW ZD . -19.53 -47.25 -35.42
C04 PGW ZD . -22.49 -43.73 -32.87
C4 PGW ZD . -16.16 -46.39 -38.49
O04 PGW ZD . -17.75 -48.47 -35.94
C05 PGW ZD . -22.92 -42.27 -32.76
C5 PGW ZD . -15.01 -45.43 -38.09
C06 PGW ZD . -10.82 -48.04 -33.60
C6 PGW ZD . -13.63 -46.12 -38.00
C07 PGW ZD . -9.87 -47.03 -34.23
C7 PGW ZD . -13.46 -47.04 -36.78
C08 PGW ZD . -8.82 -46.44 -33.26
C8 PGW ZD . -13.33 -46.30 -35.46
C09 PGW ZD . -8.04 -45.24 -33.83
C9 PGW ZD . -13.06 -47.22 -34.30
C10 PGW ZD . -12.15 -48.16 -34.29
C11 PGW ZD . -6.79 -45.61 -34.63
O11 PGW ZD . -21.92 -46.28 -34.61
C12 PGW ZD . -5.60 -46.06 -33.77
O12 PGW ZD . -23.45 -44.47 -33.67
C13 PGW ZD . -4.27 -46.15 -34.51
O13 PGW ZD . -23.03 -46.67 -32.49
C14 PGW ZD . -3.08 -46.48 -33.58
O14 PGW ZD . -24.44 -46.56 -34.69
C15 PGW ZD . -14.92 -51.85 -28.63
C16 PGW ZD . -14.72 -51.36 -27.18
C17 PGW ZD . -13.99 -49.99 -27.06
C18 PGW ZD . -12.51 -50.08 -26.63
C19 PGW ZD . -18.57 -48.14 -35.15
C20 PGW ZD . -18.67 -48.67 -33.73
C21 PGW ZD . -17.62 -49.73 -33.41
C22 PGW ZD . -16.18 -49.20 -33.43
C23 PGW ZD . -15.23 -49.92 -32.46
C24 PGW ZD . -14.75 -51.30 -32.93
C25 PGW ZD . -14.48 -52.30 -31.78
C26 PGW ZD . -13.42 -51.83 -30.75
C27 PGW ZD . -13.64 -52.38 -29.33
C28 PGW ZD . -11.72 -48.78 -26.82
C29 PGW ZD . -9.47 -49.83 -27.57
C30 PGW ZD . -10.21 -48.91 -26.56
HAD PGW ZD . -24.94 -42.58 -32.35
HADA PGW ZD . -24.04 -42.46 -31.02
HOAE PGW ZD . -24.40 -40.24 -32.50
HOAF PGW ZD . -23.72 -42.13 -34.49
H01 PGW ZD . -19.23 -45.73 -34.18
H01A PGW ZD . -18.33 -45.63 -35.49
H02 PGW ZD . -20.37 -44.13 -35.26
H2 PGW ZD . -17.58 -44.20 -38.11
H2A PGW ZD . -18.51 -44.12 -39.39
H03 PGW ZD . -21.68 -46.30 -36.59
H03A PGW ZD . -22.36 -44.96 -36.07
H3 PGW ZD . -16.70 -45.29 -40.16
H3A PGW ZD . -17.74 -46.45 -39.87
H04 PGW ZD . -22.43 -44.13 -31.99
H04A PGW ZD . -21.60 -43.79 -33.31
H4 PGW ZD . -15.77 -47.18 -38.93
H4A PGW ZD . -16.63 -46.70 -37.68
H05 PGW ZD . -22.18 -41.76 -32.32
H5 PGW ZD . -15.22 -45.01 -37.22
H5A PGW ZD . -14.97 -44.70 -38.75
H06 PGW ZD . -10.98 -47.78 -32.66
H06A PGW ZD . -10.38 -48.94 -33.57
H6 PGW ZD . -12.93 -45.42 -37.97
H6A PGW ZD . -13.48 -46.63 -38.83
H07 PGW ZD . -10.40 -46.28 -34.59
H07A PGW ZD . -9.41 -47.44 -35.00
H7 PGW ZD . -12.67 -47.61 -36.91
H7A PGW ZD . -14.25 -47.64 -36.73
H08 PGW ZD . -8.18 -47.16 -33.02
H08A PGW ZD . -9.28 -46.18 -32.43
H8 PGW ZD . -14.15 -45.78 -35.29
H8A PGW ZD . -12.58 -45.65 -35.52
H09 PGW ZD . -7.76 -44.65 -33.08
H09A PGW ZD . -8.66 -44.71 -34.40
H11 PGW ZD . -6.50 -44.85 -35.19
H11A PGW ZD . -7.02 -46.34 -35.26
H12 PGW ZD . -5.80 -46.93 -33.36
H12A PGW ZD . -5.50 -45.41 -33.03
H13 PGW ZD . -4.09 -45.29 -34.97
H13A PGW ZD . -4.33 -46.85 -35.22
H14 PGW ZD . -3.21 -47.35 -33.17
H14A PGW ZD . -3.03 -45.81 -32.87
H14B PGW ZD . -2.24 -46.48 -34.08
H15 PGW ZD . -15.28 -51.10 -29.16
H15A PGW ZD . -15.62 -52.56 -28.64
H16 PGW ZD . -14.20 -52.03 -26.69
H16A PGW ZD . -15.61 -51.30 -26.72
H17 PGW ZD . -14.47 -49.40 -26.42
H17A PGW ZD . -14.03 -49.54 -27.94
H18 PGW ZD . -12.47 -50.35 -25.68
H18A PGW ZD . -12.08 -50.79 -27.14
H20 PGW ZD . -19.58 -49.04 -33.59
H20A PGW ZD . -18.57 -47.91 -33.10
H21 PGW ZD . -17.81 -50.12 -32.52
H21A PGW ZD . -17.71 -50.48 -34.06
H22 PGW ZD . -16.20 -48.23 -33.21
H22A PGW ZD . -15.81 -49.27 -34.34
H23 PGW ZD . -15.69 -50.03 -31.60
H23A PGW ZD . -14.44 -49.34 -32.28
H24 PGW ZD . -13.92 -51.20 -33.46
H24A PGW ZD . -15.42 -51.68 -33.54
H25 PGW ZD . -14.22 -53.17 -32.16
H25A PGW ZD . -15.34 -52.44 -31.31
H26 PGW ZD . -13.44 -50.84 -30.71
H26A PGW ZD . -12.52 -52.09 -31.07
H27 PGW ZD . -13.67 -53.37 -29.37
H27A PGW ZD . -12.87 -52.15 -28.77
H28 PGW ZD . -11.85 -48.47 -27.74
H28A PGW ZD . -12.09 -48.09 -26.22
H29 PGW ZD . -8.51 -49.80 -27.42
H29A PGW ZD . -9.79 -50.74 -27.48
H29B PGW ZD . -9.65 -49.52 -28.48
H30 PGW ZD . -10.06 -49.26 -25.64
H30A PGW ZD . -9.79 -48.01 -26.59
H9 PGW ZD . -13.59 -47.12 -33.51
H10 PGW ZD . -12.34 -48.96 -34.77
CAD PGW AE . -13.24 -31.95 -26.79
OAE PGW AE . -13.91 -30.85 -26.16
OAF PGW AE . -13.08 -30.80 -28.92
P PGW AE . -11.97 -34.86 -29.97
C01 PGW AE . -8.81 -32.93 -32.14
C1 PGW AE . -9.91 -31.95 -34.59
O01 PGW AE . -10.47 -31.59 -33.41
C02 PGW AE . -10.23 -32.38 -32.21
C2 PGW AE . -9.33 -30.79 -35.36
O02 PGW AE . -9.90 -33.08 -34.99
C03 PGW AE . -11.30 -33.46 -32.13
C3 PGW AE . -8.46 -31.22 -36.55
O03 PGW AE . -8.77 -34.25 -32.74
C04 PGW AE . -11.57 -32.64 -28.58
C4 PGW AE . -7.03 -31.62 -36.14
O04 PGW AE . -7.00 -34.62 -34.03
C05 PGW AE . -12.33 -31.50 -27.93
C5 PGW AE . -6.12 -30.42 -35.75
C06 PGW AE . -0.10 -32.20 -33.46
C6 PGW AE . -4.66 -30.56 -36.22
C07 PGW AE . 0.24 -30.80 -33.97
C7 PGW AE . -3.84 -31.59 -35.43
C08 PGW AE . 1.34 -30.09 -33.17
C8 PGW AE . -3.48 -31.14 -34.02
C09 PGW AE . 1.52 -28.60 -33.51
C9 PGW AE . -2.60 -32.12 -33.30
C10 PGW AE . -1.50 -32.63 -33.81
C11 PGW AE . 2.48 -28.33 -34.68
O11 PGW AE . -10.93 -34.41 -31.10
C12 PGW AE . 3.96 -28.46 -34.32
O12 PGW AE . -12.49 -33.50 -29.30
C13 PGW AE . 4.94 -27.92 -35.36
O13 PGW AE . -11.10 -35.61 -28.99
C14 PGW AE . 6.41 -27.98 -34.90
O14 PGW AE . -13.14 -35.56 -30.63
C15 PGW AE . -1.06 -38.17 -29.04
C16 PGW AE . -0.52 -37.94 -27.60
C17 PGW AE . -0.21 -36.45 -27.26
C18 PGW AE . 1.28 -36.09 -27.25
C19 PGW AE . -7.57 -34.78 -32.99
C20 PGW AE . -7.04 -35.59 -31.83
C21 PGW AE . -5.70 -36.24 -32.12
C22 PGW AE . -4.55 -35.22 -32.34
C23 PGW AE . -3.17 -35.73 -31.90
C24 PGW AE . -2.50 -36.72 -32.88
C25 PGW AE . -1.59 -37.76 -32.19
C26 PGW AE . -0.43 -37.16 -31.37
C27 PGW AE . 0.01 -38.04 -30.16
C28 PGW AE . 1.56 -34.59 -27.24
C29 PGW AE . 3.62 -34.57 -28.81
C30 PGW AE . 3.05 -34.21 -27.41
HAD PGW AE . -13.91 -32.59 -27.15
HADA PGW AE . -12.70 -32.43 -26.11
HOAE PGW AE . -14.14 -30.23 -26.70
HOAF PGW AE . -13.67 -31.30 -29.28
H01 PGW AE . -8.51 -33.02 -31.20
H01A PGW AE . -8.17 -32.34 -32.61
H02 PGW AE . -10.36 -31.76 -31.43
H2 PGW AE . -8.78 -30.23 -34.76
H2A PGW AE . -10.07 -30.23 -35.68
H03 PGW AE . -11.37 -33.93 -32.99
H03A PGW AE . -12.18 -33.06 -31.94
H3 PGW AE . -8.39 -30.47 -37.20
H3A PGW AE . -8.89 -31.98 -37.01
H04 PGW AE . -11.10 -33.17 -27.90
H04A PGW AE . -10.90 -32.30 -29.22
H4 PGW AE . -6.60 -32.12 -36.87
H4A PGW AE . -7.08 -32.25 -35.37
H05 PGW AE . -11.66 -30.85 -27.56
H5 PGW AE . -6.14 -30.29 -34.78
H5A PGW AE . -6.51 -29.60 -36.16
H06 PGW AE . -0.02 -32.21 -32.48
H06A PGW AE . 0.55 -32.86 -33.82
H6 PGW AE . -4.21 -29.68 -36.16
H6A PGW AE . -4.66 -30.82 -37.18
H07 PGW AE . -0.57 -30.24 -33.95
H07A PGW AE . 0.51 -30.85 -34.93
H7 PGW AE . -3.01 -31.79 -35.92
H7A PGW AE . -4.35 -32.43 -35.37
H08 PGW AE . 2.20 -30.56 -33.32
H08A PGW AE . 1.13 -30.19 -32.21
H8 PGW AE . -4.31 -31.00 -33.49
H8A PGW AE . -3.01 -30.28 -34.07
H09 PGW AE . 1.85 -28.11 -32.72
H09A PGW AE . 0.62 -28.22 -33.72
H11 PGW AE . 2.33 -27.41 -35.03
H11A PGW AE . 2.27 -28.95 -35.42
H12 PGW AE . 4.16 -29.42 -34.16
H12A PGW AE . 4.12 -28.00 -33.46
H13 PGW AE . 4.70 -26.98 -35.56
H13A PGW AE . 4.83 -28.43 -36.20
H14 PGW AE . 6.68 -28.91 -34.75
H14A PGW AE . 6.51 -27.50 -34.05
H14B PGW AE . 7.00 -27.58 -35.56
H15 PGW AE . -1.77 -37.50 -29.21
H15A PGW AE . -1.49 -39.06 -29.10
H16 PGW AE . 0.30 -38.46 -27.50
H16A PGW AE . -1.18 -38.30 -26.96
H17 PGW AE . -0.59 -36.23 -26.38
H17A PGW AE . -0.67 -35.88 -27.93
H18 PGW AE . 1.72 -36.51 -26.48
H18A PGW AE . 1.70 -36.48 -28.06
H20 PGW AE . -7.70 -36.28 -31.58
H20A PGW AE . -6.94 -34.98 -31.05
H21 PGW AE . -5.44 -36.83 -31.38
H21A PGW AE . -5.77 -36.81 -32.92
H22 PGW AE . -4.76 -34.41 -31.83
H22A PGW AE . -4.50 -34.96 -33.28
H23 PGW AE . -3.26 -36.18 -31.03
H23A PGW AE . -2.56 -34.96 -31.75
H24 PGW AE . -1.95 -36.21 -33.54
H24A PGW AE . -3.20 -37.19 -33.38
H25 PGW AE . -1.23 -38.39 -32.86
H25A PGW AE . -2.15 -38.30 -31.58
H26 PGW AE . -0.70 -36.29 -31.02
H26A PGW AE . 0.34 -37.01 -31.97
H27 PGW AE . 0.24 -38.94 -30.50
H27A PGW AE . 0.83 -37.65 -29.77
H28 PGW AE . 1.05 -34.15 -27.96
H28A PGW AE . 1.24 -34.21 -26.38
H29 PGW AE . 4.55 -34.23 -28.90
H29A PGW AE . 3.63 -35.53 -28.92
H29B PGW AE . 3.07 -34.17 -29.50
H30 PGW AE . 3.58 -34.66 -26.72
H30A PGW AE . 3.16 -33.23 -27.27
H9 PGW AE . -2.83 -32.38 -32.42
H10 PGW AE . -1.61 -33.34 -34.44
CAD PGW BE . -4.50 -19.79 -21.71
OAE PGW BE . -5.20 -19.17 -20.63
OAF PGW BE . -5.40 -18.25 -23.36
P PGW BE . -3.62 -21.33 -25.83
C01 PGW BE . -2.05 -18.00 -28.03
C1 PGW BE . -4.13 -16.99 -29.71
O01 PGW BE . -4.34 -17.11 -28.38
C02 PGW BE . -3.50 -17.99 -27.57
C2 PGW BE . -4.20 -15.57 -30.21
O02 PGW BE . -3.95 -17.94 -30.42
C03 PGW BE . -4.13 -19.37 -27.56
C3 PGW BE . -3.69 -15.40 -31.65
O03 PGW BE . -1.85 -19.07 -29.00
C04 PGW BE . -3.41 -19.46 -23.98
C4 PGW BE . -2.15 -15.35 -31.74
O04 PGW BE . -0.59 -18.49 -30.73
C05 PGW BE . -4.19 -18.82 -22.84
C5 PGW BE . -1.55 -14.01 -31.26
C06 PGW BE . 5.12 -13.93 -31.20
C6 PGW BE . -0.36 -13.51 -32.10
C07 PGW BE . 4.87 -12.43 -31.32
C7 PGW BE . 0.93 -14.32 -31.88
C08 PGW BE . 5.94 -11.55 -30.64
C8 PGW BE . 1.61 -14.07 -30.55
C09 PGW BE . 5.56 -10.06 -30.55
C9 PGW BE . 2.92 -14.78 -30.40
C10 PGW BE . 3.87 -14.76 -31.30
C11 PGW BE . 5.95 -9.22 -31.78
O11 PGW BE . -3.19 -20.32 -26.99
C12 PGW BE . 7.45 -8.89 -31.85
O12 PGW BE . -4.24 -20.42 -24.68
C13 PGW BE . 7.83 -7.83 -32.89
O13 PGW BE . -2.30 -21.90 -25.39
C14 PGW BE . 9.32 -7.45 -32.85
O14 PGW BE . -4.69 -22.25 -26.37
C15 PGW BE . 7.43 -20.60 -28.71
C16 PGW BE . 8.33 -20.50 -27.46
C17 PGW BE . 8.31 -19.11 -26.77
C18 PGW BE . 9.55 -18.24 -27.03
C19 PGW BE . -0.70 -19.06 -29.68
C20 PGW BE . 0.39 -19.83 -28.99
C21 PGW BE . 1.69 -19.90 -29.81
C22 PGW BE . 2.36 -18.51 -29.97
C23 PGW BE . 3.89 -18.56 -30.07
C24 PGW BE . 4.43 -19.02 -31.43
C25 PGW BE . 5.77 -19.80 -31.35
C26 PGW BE . 6.93 -19.00 -30.70
C27 PGW BE . 7.98 -19.88 -29.98
C28 PGW BE . 9.40 -16.77 -26.62
C29 PGW BE . 10.72 -15.69 -28.57
C30 PGW BE . 10.57 -15.85 -27.03
HAD PGW BE . -5.05 -20.55 -22.06
HADA PGW BE . -3.65 -20.18 -21.36
HOAE PGW BE . -5.76 -18.58 -20.87
HOAF PGW BE . -5.91 -18.85 -23.70
H01 PGW BE . -1.44 -18.16 -27.26
H01A PGW BE . -1.80 -17.13 -28.43
H02 PGW BE . -3.52 -17.63 -26.64
H2 PGW BE . -3.66 -14.99 -29.61
H2A PGW BE . -5.13 -15.27 -30.14
H03 PGW BE . -4.36 -19.66 -28.47
H03A PGW BE . -4.98 -19.37 -27.03
H3 PGW BE . -4.06 -14.58 -32.03
H3A PGW BE . -4.03 -16.16 -32.20
H04 PGW BE . -2.61 -19.91 -23.63
H04A PGW BE . -3.12 -18.77 -24.63
H4 PGW BE . -1.88 -15.49 -32.69
H4A PGW BE . -1.78 -16.09 -31.22
H05 PGW BE . -3.65 -18.06 -22.46
H5 PGW BE . -1.27 -14.09 -30.32
H5A PGW BE . -2.27 -13.32 -31.29
H06 PGW BE . 5.54 -14.10 -30.32
H06A PGW BE . 5.78 -14.22 -31.89
H6 PGW BE . -0.17 -12.57 -31.88
H6A PGW BE . -0.60 -13.54 -33.05
H07 PGW BE . 3.99 -12.22 -30.93
H07A PGW BE . 4.81 -12.18 -32.28
H7 PGW BE . 1.58 -14.10 -32.61
H7A PGW BE . 0.73 -15.28 -31.96
H08 PGW BE . 6.78 -11.64 -31.14
H08A PGW BE . 6.10 -11.91 -29.74
H8 PGW BE . 1.00 -14.35 -29.81
H8A PGW BE . 1.77 -13.09 -30.43
H09 PGW BE . 6.00 -9.66 -29.75
H09A PGW BE . 4.58 -9.99 -30.40
H11 PGW BE . 5.45 -8.37 -31.78
H11A PGW BE . 5.69 -9.71 -32.60
H12 PGW BE . 7.96 -9.72 -32.05
H12A PGW BE . 7.76 -8.58 -30.97
H13 PGW BE . 7.28 -7.03 -32.73
H13A PGW BE . 7.59 -8.16 -33.80
H14 PGW BE . 9.87 -8.23 -33.07
H14A PGW BE . 9.56 -7.15 -31.96
H14B PGW BE . 9.51 -6.73 -33.49
H15 PGW BE . 6.55 -20.22 -28.49
H15A PGW BE . 7.28 -21.56 -28.93
H16 PGW BE . 9.25 -20.70 -27.73
H16A PGW BE . 8.06 -21.19 -26.81
H17 PGW BE . 8.20 -19.21 -25.79
H17A PGW BE . 7.52 -18.61 -27.09
H18 PGW BE . 10.33 -18.63 -26.55
H18A PGW BE . 9.77 -18.28 -28.00
H20 PGW BE . 0.07 -20.76 -28.82
H20A PGW BE . 0.58 -19.42 -28.12
H21 PGW BE . 2.33 -20.50 -29.36
H21A PGW BE . 1.51 -20.28 -30.69
H22 PGW BE . 2.10 -17.95 -29.20
H22A PGW BE . 2.01 -18.06 -30.78
H23 PGW BE . 4.23 -19.18 -29.38
H23A PGW BE . 4.27 -17.67 -29.85
H24 PGW BE . 4.56 -18.24 -32.03
H24A PGW BE . 3.76 -19.60 -31.87
H25 PGW BE . 6.05 -20.09 -32.26
H25A PGW BE . 5.63 -20.61 -30.82
H26 PGW BE . 6.56 -18.36 -30.05
H26A PGW BE . 7.38 -18.46 -31.40
H27 PGW BE . 8.33 -20.54 -30.61
H27A PGW BE . 8.74 -19.31 -29.71
H28 PGW BE . 8.57 -16.42 -27.02
H28A PGW BE . 9.28 -16.73 -25.64
H29 PGW BE . 11.41 -15.04 -28.78
H29A PGW BE . 10.95 -16.55 -28.97
H29B PGW BE . 9.87 -15.39 -28.96
H30 PGW BE . 11.41 -16.22 -26.67
H30A PGW BE . 10.44 -14.96 -26.63
H9 PGW BE . 3.08 -15.29 -29.61
H10 PGW BE . 3.76 -15.31 -32.07
CAD PGW CE . 1.66 -6.68 -15.50
OAE PGW CE . 1.22 -6.59 -14.13
OAF PGW CE . -0.14 -5.26 -16.32
P PGW CE . 1.49 -6.92 -19.98
C01 PGW CE . 1.24 -2.87 -21.37
C1 PGW CE . -1.49 -2.36 -22.07
O01 PGW CE . -1.20 -2.82 -20.85
C02 PGW CE . 0.08 -3.49 -20.58
C2 PGW CE . -2.11 -0.99 -22.09
O02 PGW CE . -1.30 -3.01 -23.07
C03 PGW CE . -0.11 -4.97 -20.84
C3 PGW CE . -2.20 -0.36 -23.49
O03 PGW CE . 1.39 -3.57 -22.62
C04 PGW CE . 1.78 -5.52 -17.75
C4 PGW CE . -0.86 0.27 -23.93
O04 PGW CE . 1.76 -2.24 -24.36
C05 PGW CE . 1.28 -5.45 -16.32
C5 PGW CE . -0.54 1.60 -23.23
C06 PGW CE . 5.47 4.08 -24.81
C6 PGW CE . 0.12 2.65 -24.14
C07 PGW CE . 4.77 5.38 -24.40
C7 PGW CE . 1.57 2.35 -24.52
C08 PGW CE . 5.71 6.43 -23.77
C8 PGW CE . 2.56 2.54 -23.38
C09 PGW CE . 4.99 7.63 -23.13
C9 PGW CE . 3.99 2.34 -23.79
C10 PGW CE . 4.54 2.89 -24.85
C11 PGW CE . 4.69 8.78 -24.10
O11 PGW CE . 1.20 -5.61 -20.84
C12 PGW CE . 5.91 9.63 -24.46
O12 PGW CE . 1.07 -6.56 -18.48
C13 PGW CE . 5.61 10.95 -25.17
O13 PGW CE . 2.99 -7.05 -20.06
C14 PGW CE . 6.85 11.83 -25.39
O14 PGW CE . 0.61 -8.04 -20.48
C15 PGW CE . 10.24 -1.67 -25.15
C16 PGW CE . 11.45 -1.50 -24.18
C17 PGW CE . 11.28 -0.38 -23.12
C18 PGW CE . 12.06 0.90 -23.40
C19 PGW CE . 2.18 -3.01 -23.54
C20 PGW CE . 3.62 -3.46 -23.42
C21 PGW CE . 4.52 -2.87 -24.49
C22 PGW CE . 4.68 -1.34 -24.40
C23 PGW CE . 6.04 -0.81 -24.90
C24 PGW CE . 6.19 -0.75 -26.42
C25 PGW CE . 7.65 -0.99 -26.91
C26 PGW CE . 8.68 0.02 -26.35
C27 PGW CE . 10.11 -0.55 -26.22
C28 PGW CE . 11.64 2.11 -22.53
C29 PGW CE . 11.87 3.96 -24.32
C30 PGW CE . 12.29 3.44 -22.93
HAD PGW CE . 1.25 -7.49 -15.91
HADA PGW CE . 2.65 -6.79 -15.50
HOAE PGW CE . 0.48 -6.21 -14.05
HOAF PGW CE . -0.54 -5.93 -16.68
H01 PGW CE . 2.09 -2.95 -20.87
H01A PGW CE . 1.08 -1.91 -21.54
H02 PGW CE . 0.27 -3.36 -19.60
H2 PGW CE . -1.60 -0.39 -21.50
H2A PGW CE . -3.02 -1.06 -21.71
H03 PGW CE . -0.53 -5.13 -21.71
H03A PGW CE . -0.68 -5.38 -20.15
H3 PGW CE . -2.89 0.33 -23.50
H3A PGW CE . -2.48 -1.06 -24.14
H04 PGW CE . 2.74 -5.71 -17.77
H04A PGW CE . 1.63 -4.66 -18.21
H4 PGW CE . -0.90 0.42 -24.91
H4A PGW CE . -0.13 -0.38 -23.78
H05 PGW CE . 1.68 -4.66 -15.87
H5 PGW CE . 0.05 1.43 -22.46
H5A PGW CE . -1.38 1.97 -22.86
H06 PGW CE . 6.18 3.89 -24.16
H06A PGW CE . 5.90 4.19 -25.69
H6 PGW CE . 0.08 3.54 -23.70
H6A PGW CE . -0.43 2.73 -24.97
H07 PGW CE . 4.05 5.17 -23.76
H07A PGW CE . 4.32 5.78 -25.19
H7 PGW CE . 1.84 2.93 -25.28
H7A PGW CE . 1.63 1.41 -24.83
H08 PGW CE . 6.33 6.75 -24.47
H08A PGW CE . 6.27 5.97 -23.09
H8 PGW CE . 2.34 1.92 -22.63
H8A PGW CE . 2.47 3.46 -23.02
H09 PGW CE . 5.53 7.98 -22.38
H09A PGW CE . 4.13 7.30 -22.74
H11 PGW CE . 3.99 9.37 -23.72
H11A PGW CE . 4.31 8.41 -24.94
H12 PGW CE . 6.53 9.10 -25.01
H12A PGW CE . 6.40 9.84 -23.62
H13 PGW CE . 4.93 11.46 -24.64
H13A PGW CE . 5.18 10.75 -26.04
H14 PGW CE . 7.49 11.36 -25.97
H14A PGW CE . 7.28 12.00 -24.53
H14B PGW CE . 6.60 12.68 -25.79
H15 PGW CE . 9.42 -1.69 -24.60
H15A PGW CE . 10.31 -2.55 -25.59
H16 PGW CE . 12.25 -1.30 -24.72
H16A PGW CE . 11.63 -2.37 -23.73
H17 PGW CE . 11.54 -0.72 -22.23
H17A PGW CE . 10.31 -0.16 -23.06
H18 PGW CE . 13.02 0.73 -23.27
H18A PGW CE . 11.94 1.15 -24.35
H20 PGW CE . 3.64 -4.45 -23.45
H20A PGW CE . 3.96 -3.20 -22.53
H21 PGW CE . 5.42 -3.28 -24.44
H21A PGW CE . 4.17 -3.11 -25.39
H22 PGW CE . 4.55 -1.08 -23.45
H22A PGW CE . 3.96 -0.90 -24.91
H23 PGW CE . 6.75 -1.40 -24.53
H23A PGW CE . 6.20 0.09 -24.51
H24 PGW CE . 5.89 0.13 -26.75
H24A PGW CE . 5.61 -1.44 -26.82
H25 PGW CE . 7.67 -0.97 -27.90
H25A PGW CE . 7.91 -1.89 -26.64
H26 PGW CE . 8.38 0.33 -25.47
H26A PGW CE . 8.70 0.82 -26.94
H27 PGW CE . 10.40 -0.90 -27.10
H27A PGW CE . 10.73 0.19 -25.98
H28 PGW CE . 10.67 2.20 -22.59
H28A PGW CE . 11.86 1.90 -21.58
H29 PGW CE . 12.24 4.85 -24.48
H29A PGW CE . 12.18 3.35 -25.01
H29B PGW CE . 10.89 4.01 -24.37
H30 PGW CE . 13.28 3.34 -22.91
H30A PGW CE . 12.06 4.13 -22.24
H9 PGW CE . 4.55 1.77 -23.26
H10 PGW CE . 4.34 2.51 -25.70
CAD PGW DE . 5.58 6.24 -7.31
OAE PGW DE . 5.62 5.89 -5.93
OAF PGW DE . 3.29 7.05 -7.19
P PGW DE . 3.99 6.88 -11.47
C01 PGW DE . 2.15 10.74 -11.45
C1 PGW DE . -0.67 10.38 -11.28
O01 PGW DE . 0.12 9.80 -10.35
C02 PGW DE . 1.55 9.62 -10.62
C2 PGW DE . -1.63 11.40 -10.71
O02 PGW DE . -0.66 10.05 -12.44
C03 PGW DE . 1.71 8.25 -11.27
C3 PGW DE . -2.36 12.22 -11.78
O03 PGW DE . 2.06 10.43 -12.86
C04 PGW DE . 4.60 7.80 -9.07
C4 PGW DE . -1.48 13.37 -12.33
O04 PGW DE . 1.45 12.13 -14.14
C05 PGW DE . 4.62 7.39 -7.60
C5 PGW DE . -1.33 14.56 -11.36
C06 PGW DE . 2.84 19.30 -13.55
C6 PGW DE . -1.34 15.94 -12.04
C07 PGW DE . 1.99 20.15 -12.61
C7 PGW DE . -0.07 16.27 -12.83
C08 PGW DE . 2.75 21.32 -11.94
C8 PGW DE . 1.15 16.57 -11.98
C09 PGW DE . 1.98 22.01 -10.81
C9 PGW DE . 2.35 16.98 -12.78
C10 PGW DE . 2.33 17.90 -13.72
C11 PGW DE . 1.06 23.16 -11.28
O11 PGW DE . 3.07 8.15 -11.79
C12 PGW DE . 1.81 24.45 -11.64
O12 PGW DE . 4.01 6.75 -9.88
C13 PGW DE . 0.92 25.68 -11.82
O13 PGW DE . 5.34 7.31 -11.96
C14 PGW DE . 1.72 26.98 -12.07
O14 PGW DE . 3.35 5.65 -12.05
C15 PGW DE . 8.64 15.87 -16.80
C16 PGW DE . 10.00 16.26 -16.17
C17 PGW DE . 9.88 16.99 -14.80
C18 PGW DE . 10.13 18.51 -14.86
C19 PGW DE . 2.31 11.41 -13.72
C20 PGW DE . 3.77 11.49 -14.11
C21 PGW DE . 4.06 12.57 -15.15
C22 PGW DE . 3.80 14.01 -14.63
C23 PGW DE . 4.71 15.08 -15.25
C24 PGW DE . 4.32 15.50 -16.68
C25 PGW DE . 5.52 15.91 -17.57
C26 PGW DE . 6.35 17.09 -17.01
C27 PGW DE . 7.85 17.06 -17.41
C28 PGW DE . 9.71 19.27 -13.60
C29 PGW DE . 8.79 21.41 -14.73
C30 PGW DE . 9.79 20.81 -13.72
HAD PGW DE . 5.31 5.44 -7.85
HADA PGW DE . 6.49 6.50 -7.62
HOAE PGW DE . 4.86 5.94 -5.55
HOAF PGW DE . 3.00 6.37 -7.63
H01 PGW DE . 3.10 10.88 -11.23
H01A PGW DE . 1.69 11.60 -11.27
H02 PGW DE . 2.02 9.60 -9.74
H2 PGW DE . -1.13 12.01 -10.11
H2A PGW DE . -2.30 10.92 -10.16
H03 PGW DE . 1.09 8.14 -12.01
H03A PGW DE . 1.56 7.53 -10.62
H3 PGW DE . -3.18 12.61 -11.40
H3A PGW DE . -2.62 11.63 -12.52
H04 PGW DE . 5.51 7.98 -9.38
H04A PGW DE . 4.07 8.62 -9.18
H4 PGW DE . -1.88 13.71 -13.18
H4A PGW DE . -0.59 13.02 -12.57
H05 PGW DE . 4.91 8.18 -7.06
H5 PGW DE . -0.49 14.46 -10.85
H5A PGW DE . -2.06 14.52 -10.71
H06 PGW DE . 3.76 19.26 -13.19
H06A PGW DE . 2.90 19.74 -14.44
H6 PGW DE . -1.47 16.64 -11.36
H6A PGW DE . -2.12 15.99 -12.65
H07 PGW DE . 1.62 19.58 -11.89
H07A PGW DE . 1.21 20.52 -13.10
H7 PGW DE . -0.24 17.04 -13.43
H7A PGW DE . 0.14 15.50 -13.43
H08 PGW DE . 2.98 21.98 -12.64
H08A PGW DE . 3.60 20.96 -11.59
H8 PGW DE . 1.37 15.77 -11.44
H8A PGW DE . 0.92 17.30 -11.35
H09 PGW DE . 2.62 22.39 -10.15
H09A PGW DE . 1.44 21.34 -10.33
H11 PGW DE . 0.40 23.37 -10.57
H11A PGW DE . 0.55 22.85 -12.06
H12 PGW DE . 2.32 24.31 -12.47
H12A PGW DE . 2.46 24.64 -10.93
H13 PGW DE . 0.35 25.78 -11.01
H13A PGW DE . 0.30 25.52 -12.58
H14 PGW DE . 2.22 26.90 -12.90
H14A PGW DE . 2.34 27.12 -11.32
H14B PGW DE . 1.11 27.75 -12.12
H15 PGW DE . 8.09 15.45 -16.10
H15A PGW DE . 8.80 15.18 -17.50
H16 PGW DE . 10.49 16.85 -16.80
H16A PGW DE . 10.55 15.44 -16.06
H17 PGW DE . 10.52 16.60 -14.15
H17A PGW DE . 8.99 16.84 -14.44
H18 PGW DE . 11.10 18.68 -15.04
H18A PGW DE . 9.64 18.88 -15.63
H20 PGW DE . 4.06 10.61 -14.45
H20A PGW DE . 4.30 11.69 -13.29
H21 PGW DE . 5.00 12.51 -15.44
H21A PGW DE . 3.50 12.42 -15.95
H22 PGW DE . 3.93 14.01 -13.65
H22A PGW DE . 2.86 14.25 -14.79
H23 PGW DE . 5.63 14.73 -15.27
H23A PGW DE . 4.72 15.88 -14.67
H24 PGW DE . 3.68 16.26 -16.64
H24A PGW DE . 3.84 14.75 -17.12
H25 PGW DE . 5.20 16.13 -18.48
H25A PGW DE . 6.11 15.13 -17.66
H26 PGW DE . 6.29 17.08 -16.02
H26A PGW DE . 5.94 17.94 -17.30
H27 PGW DE . 7.90 17.02 -18.39
H27A PGW DE . 8.27 17.90 -17.13
H28 PGW DE . 8.79 19.02 -13.37
H28A PGW DE . 10.29 18.97 -12.85
H29 PGW DE . 8.82 22.38 -14.71
H29A PGW DE . 9.01 21.11 -15.63
H29B PGW DE . 7.89 21.12 -14.52
H30 PGW DE . 10.71 21.06 -13.97
H30A PGW DE . 9.62 21.21 -12.82
H9 PGW DE . 3.19 16.57 -12.60
H10 PGW DE . 1.97 17.64 -14.56
CAD PGW EE . 8.22 17.75 3.16
OAE PGW EE . 8.82 17.16 4.31
OAF PGW EE . 5.98 17.62 4.08
P PGW EE . 5.21 18.60 -0.08
C01 PGW EE . 2.48 21.45 1.58
C1 PGW EE . 0.11 20.05 2.33
O01 PGW EE . 1.29 19.65 2.81
C02 PGW EE . 2.53 20.03 2.15
C2 PGW EE . -0.85 20.53 3.40
O02 PGW EE . -0.18 20.01 1.17
C03 PGW EE . 2.86 18.98 1.09
C3 PGW EE . -2.09 21.24 2.85
O03 PGW EE . 2.01 21.42 0.21
C04 PGW EE . 6.31 19.17 2.26
C4 PGW EE . -1.82 22.71 2.47
O04 PGW EE . 0.55 23.01 -0.30
C05 PGW EE . 6.93 18.51 3.48
C5 PGW EE . -1.69 23.64 3.69
C06 PGW EE . -0.01 29.91 2.09
C6 PGW EE . -2.32 25.04 3.49
C07 PGW EE . -0.71 30.19 3.42
C7 PGW EE . -1.53 25.96 2.54
C08 PGW EE . -0.12 31.38 4.20
C8 PGW EE . -0.24 26.49 3.13
C09 PGW EE . -0.63 31.51 5.66
C9 PGW EE . 0.46 27.47 2.21
C10 PGW EE . -0.13 28.48 1.63
C11 PGW EE . -1.93 32.31 5.79
O11 PGW EE . 3.92 19.48 0.25
C12 PGW EE . -1.75 33.83 5.68
O12 PGW EE . 5.81 18.16 1.35
C13 PGW EE . -2.96 34.67 6.11
O13 PGW EE . 6.13 19.59 -0.73
C14 PGW EE . -2.68 36.18 6.08
O14 PGW EE . 4.79 17.37 -0.82
C15 PGW EE . 5.08 29.55 -3.39
C16 PGW EE . 6.40 30.27 -3.03
C17 PGW EE . 6.55 30.61 -1.52
C18 PGW EE . 6.32 32.09 -1.17
C19 PGW EE . 1.67 22.57 -0.35
C20 PGW EE . 2.83 23.26 -1.03
C21 PGW EE . 2.43 24.55 -1.74
C22 PGW EE . 1.97 25.66 -0.76
C23 PGW EE . 2.28 27.09 -1.24
C24 PGW EE . 1.33 27.63 -2.33
C25 PGW EE . 2.00 28.61 -3.30
C26 PGW EE . 2.60 29.87 -2.64
C27 PGW EE . 3.82 30.46 -3.39
C28 PGW EE . 6.16 32.38 0.33
C29 PGW EE . 4.35 34.23 0.16
C30 PGW EE . 5.75 33.83 0.67
HAD PGW EE . 8.02 17.03 2.49
HADA PGW EE . 8.88 18.36 2.73
HOAE PGW EE . 8.25 16.86 4.87
HOAF PGW EE . 5.76 17.00 3.56
H01 PGW EE . 3.38 21.87 1.59
H01A PGW EE . 1.87 22.03 2.13
H02 PGW EE . 3.25 20.01 2.84
H2 PGW EE . -0.38 21.14 4.02
H2A PGW EE . -1.14 19.74 3.93
H03 PGW EE . 2.07 18.80 0.53
H03A PGW EE . 3.13 18.14 1.51
H3 PGW EE . -2.82 21.22 3.51
H3A PGW EE . -2.42 20.75 2.05
H04 PGW EE . 6.98 19.73 1.80
H04A PGW EE . 5.56 19.75 2.54
H4 PGW EE . -2.55 23.04 1.90
H4A PGW EE . -0.99 22.75 1.93
H05 PGW EE . 7.16 19.21 4.16
H5 PGW EE . -0.73 23.76 3.93
H5A PGW EE . -2.12 23.21 4.47
H06 PGW EE . 0.94 30.13 2.18
H06A PGW EE . -0.38 30.52 1.40
H6 PGW EE . -2.40 25.49 4.37
H6A PGW EE . -3.23 24.92 3.14
H07 PGW EE . -0.63 29.39 4.00
H07A PGW EE . -1.67 30.33 3.28
H7 PGW EE . -2.11 26.72 2.27
H7A PGW EE . -1.33 25.45 1.71
H08 PGW EE . -0.33 32.21 3.71
H08A PGW EE . 0.86 31.30 4.21
H8 PGW EE . 0.37 25.74 3.32
H8A PGW EE . -0.43 26.95 3.98
H09 PGW EE . 0.06 31.95 6.21
H09A PGW EE . -0.76 30.60 6.02
H11 PGW EE . -2.35 32.12 6.68
H11A PGW EE . -2.57 32.01 5.11
H12 PGW EE . -1.52 34.06 4.74
H12A PGW EE . -0.98 34.10 6.22
H13 PGW EE . -3.22 34.40 7.02
H13A PGW EE . -3.72 34.46 5.51
H14 PGW EE . -2.48 36.46 5.16
H14A PGW EE . -1.92 36.38 6.64
H14B PGW EE . -3.46 36.68 6.40
H15 PGW EE . 4.93 28.82 -2.74
H15A PGW EE . 5.17 29.12 -4.27
H16 PGW EE . 6.45 31.10 -3.55
H16A PGW EE . 7.15 29.70 -3.31
H17 PGW EE . 7.44 30.35 -1.20
H17A PGW EE . 5.90 30.07 -1.01
H18 PGW EE . 7.08 32.63 -1.52
H18A PGW EE . 5.51 32.41 -1.64
H20 PGW EE . 3.22 22.63 -1.70
H20A PGW EE . 3.52 23.45 -0.36
H21 PGW EE . 3.20 24.90 -2.26
H21A PGW EE . 1.71 24.37 -2.38
H22 PGW EE . 2.42 25.51 0.11
H22A PGW EE . 1.00 25.58 -0.60
H23 PGW EE . 3.20 27.10 -1.59
H23A PGW EE . 2.26 27.71 -0.46
H24 PGW EE . 0.56 28.08 -1.89
H24A PGW EE . 0.97 26.86 -2.83
H25 PGW EE . 1.34 28.89 -3.99
H25A PGW EE . 2.72 28.13 -3.77
H26 PGW EE . 2.88 29.64 -1.73
H26A PGW EE . 1.90 30.56 -2.55
H27 PGW EE . 3.54 30.66 -4.32
H27A PGW EE . 4.06 31.33 -2.98
H28 PGW EE . 5.47 31.77 0.69
H28A PGW EE . 7.01 32.16 0.78
H29 PGW EE . 4.11 35.12 0.48
H29A PGW EE . 4.32 34.21 -0.81
H29B PGW EE . 3.69 33.58 0.50
H30 PGW EE . 6.42 34.45 0.28
H30A PGW EE . 5.79 33.95 1.66
H9 PGW EE . 1.39 27.35 2.05
H10 PGW EE . -0.67 28.30 0.87
CAD PGW FE . 10.90 27.03 15.63
OAE PGW FE . 12.00 26.47 16.36
OAF PGW FE . 9.24 25.91 16.99
P PGW FE . 6.88 27.38 13.67
C01 PGW FE . 4.18 28.65 16.74
C1 PGW FE . 2.69 26.37 17.59
O01 PGW FE . 4.03 26.32 17.60
C02 PGW FE . 4.82 27.27 16.80
C2 PGW FE . 2.05 26.23 18.96
O02 PGW FE . 2.06 26.46 16.57
C03 PGW FE . 5.04 26.64 15.44
C3 PGW FE . 0.55 26.54 18.97
O03 PGW FE . 3.31 28.72 15.59
C04 PGW FE . 8.49 27.81 15.72
C4 PGW FE . 0.26 28.06 19.01
O04 PGW FE . 1.38 29.75 15.97
C05 PGW FE . 9.65 27.18 16.46
C5 PGW FE . 0.52 28.70 20.38
C06 PGW FE . -0.27 35.35 20.40
C6 PGW FE . -0.50 29.79 20.78
C07 PGW FE . -0.52 35.07 21.89
C7 PGW FE . -0.37 31.10 19.99
C08 PGW FE . -0.07 36.21 22.82
C8 PGW FE . 0.83 31.94 20.36
C09 PGW FE . -0.08 35.84 24.32
C9 PGW FE . 0.88 33.26 19.65
C10 PGW FE . -0.13 34.09 19.58
C11 PGW FE . -1.43 36.07 25.03
O11 PGW FE . 5.58 27.66 14.56
C12 PGW FE . -1.73 37.55 25.33
O12 PGW FE . 8.02 26.90 14.69
C13 PGW FE . -2.91 37.78 26.28
O13 PGW FE . 7.21 28.74 13.13
C14 PGW FE . -3.09 39.27 26.65
O14 PGW FE . 6.59 26.26 12.71
C15 PGW FE . 2.56 37.97 14.00
C16 PGW FE . 3.67 39.02 14.22
C17 PGW FE . 4.22 39.08 15.68
C18 PGW FE . 3.72 40.28 16.50
C19 PGW FE . 2.49 29.76 15.51
C20 PGW FE . 3.10 30.95 14.79
C21 PGW FE . 2.14 32.14 14.64
C22 PGW FE . 1.76 32.77 16.00
C23 PGW FE . 1.47 34.28 15.92
C24 PGW FE . 0.10 34.65 15.32
C25 PGW FE . 0.09 35.99 14.55
C26 PGW FE . 0.50 37.22 15.40
C27 PGW FE . 1.17 38.34 14.59
C28 PGW FE . 3.99 40.17 18.00
C29 PGW FE . 1.79 41.22 18.87
C30 PGW FE . 3.33 41.28 18.86
HAD PGW FE . 10.71 26.44 14.84
HADA PGW FE . 11.18 27.91 15.27
HOAE PGW FE . 11.76 25.88 16.92
HOAF PGW FE . 9.03 25.37 16.37
H01 PGW FE . 4.87 29.35 16.65
H01A PGW FE . 3.66 28.84 17.56
H02 PGW FE . 5.70 27.36 17.26
H2 PGW FE . 2.51 26.83 19.59
H2A PGW FE . 2.20 25.31 19.27
H03 PGW FE . 4.20 26.31 15.07
H03A PGW FE . 5.67 25.87 15.50
H3 PGW FE . 0.13 26.13 19.76
H3A PGW FE . 0.12 26.14 18.17
H04 PGW FE . 8.78 28.65 15.30
H04A PGW FE . 7.75 28.01 16.33
H4 PGW FE . -0.69 28.21 18.76
H4A PGW FE . 0.80 28.51 18.31
H05 PGW FE . 9.88 27.77 17.26
H5 PGW FE . 1.43 29.11 20.39
H5A PGW FE . 0.52 28.00 21.07
H06 PGW FE . 0.57 35.87 20.32
H06A PGW FE . -1.01 35.90 20.04
H6 PGW FE . -0.41 29.99 21.74
H6A PGW FE . -1.41 29.41 20.65
H07 PGW FE . -0.04 34.25 22.15
H07A PGW FE . -1.48 34.88 22.04
H7 PGW FE . -1.20 31.64 20.13
H7A PGW FE . -0.33 30.89 19.03
H08 PGW FE . -0.66 36.99 22.68
H08A PGW FE . 0.84 36.49 22.55
H8 PGW FE . 1.66 31.43 20.17
H8A PGW FE . 0.82 32.11 21.33
H09 PGW FE . 0.61 36.38 24.79
H09A PGW FE . 0.18 34.89 24.41
H11 PGW FE . -1.45 35.57 25.87
H11A PGW FE . -2.15 35.71 24.45
H12 PGW FE . -1.90 38.02 24.48
H12A PGW FE . -0.92 37.95 25.72
H13 PGW FE . -2.76 37.26 27.10
H13A PGW FE . -3.74 37.44 25.86
H14 PGW FE . -3.31 39.78 25.84
H14A PGW FE . -2.27 39.61 27.03
H14B PGW FE . -3.82 39.37 27.29
H15 PGW FE . 2.85 37.12 14.41
H15A PGW FE . 2.47 37.79 13.03
H16 PGW FE . 3.31 39.90 13.98
H16A PGW FE . 4.43 38.84 13.59
H17 PGW FE . 5.20 39.10 15.66
H17A PGW FE . 3.95 38.26 16.14
H18 PGW FE . 4.13 41.11 16.15
H18A PGW FE . 2.74 40.37 16.36
H20 PGW FE . 3.41 30.65 13.90
H20A PGW FE . 3.90 31.25 15.30
H21 PGW FE . 2.57 32.82 14.08
H21A PGW FE . 1.33 31.85 14.17
H22 PGW FE . 2.49 32.61 16.64
H22A PGW FE . 0.95 32.32 16.35
H23 PGW FE . 2.17 34.71 15.37
H23A PGW FE . 1.54 34.69 16.82
H24 PGW FE . -0.58 34.70 16.04
H24A PGW FE . -0.19 33.92 14.71
H25 PGW FE . -0.81 36.14 14.16
H25A PGW FE . 0.71 35.91 13.79
H26 PGW FE . 1.13 36.93 16.10
H26A PGW FE . -0.30 37.58 15.86
H27 PGW FE . 0.57 38.61 13.85
H27A PGW FE . 1.29 39.14 15.17
H28 PGW FE . 3.67 39.30 18.32
H28A PGW FE . 4.97 40.19 18.15
H29 PGW FE . 1.43 41.89 19.49
H29A PGW FE . 1.45 41.41 17.98
H29B PGW FE . 1.49 40.34 19.14
H30 PGW FE . 3.63 42.16 18.53
H30A PGW FE . 3.66 41.19 19.80
H9 PGW FE . 1.70 33.53 19.23
H10 PGW FE . -0.82 33.89 18.96
CAD PGW GE . 14.93 33.89 29.26
OAE PGW GE . 16.32 33.64 29.50
OAF PGW GE . 14.20 32.00 30.60
P PGW GE . 10.54 33.16 28.57
C01 PGW GE . 8.81 32.71 32.46
C1 PGW GE . 8.39 29.93 32.92
O01 PGW GE . 9.62 30.36 32.58
C02 PGW GE . 9.79 31.66 31.95
C2 PGW GE . 8.32 29.29 34.29
O02 PGW GE . 7.46 29.99 32.17
C03 PGW GE . 9.71 31.45 30.44
C3 PGW GE . 6.89 29.03 34.77
O03 PGW GE . 7.61 32.70 31.64
C04 PGW GE . 12.57 33.71 30.19
C4 PGW GE . 6.22 30.30 35.34
O04 PGW GE . 5.72 32.86 32.78
C05 PGW GE . 14.04 33.41 30.40
C5 PGW GE . 6.73 30.70 36.74
C06 PGW GE . 4.17 36.45 38.98
C6 PGW GE . 5.64 31.24 37.69
C07 PGW GE . 4.52 35.80 40.33
C7 PGW GE . 5.12 32.63 37.33
C08 PGW GE . 4.91 36.81 41.42
C8 PGW GE . 6.10 33.76 37.63
C09 PGW GE . 5.52 36.17 42.68
C9 PGW GE . 5.53 35.12 37.37
C10 PGW GE . 4.36 35.53 37.81
C11 PGW GE . 4.48 35.75 43.74
O11 PGW GE . 9.60 32.75 29.80
C12 PGW GE . 3.89 36.92 44.54
O12 PGW GE . 12.06 32.93 29.09
C13 PGW GE . 3.09 36.52 45.78
O13 PGW GE . 10.29 34.63 28.42
C14 PGW GE . 2.63 37.73 46.62
O14 PGW GE . 10.28 32.22 27.42
C15 PGW GE . 3.81 41.16 33.18
C16 PGW GE . 4.59 42.48 33.43
C17 PGW GE . 5.54 42.44 34.65
C18 PGW GE . 5.04 43.17 35.90
C19 PGW GE . 6.55 33.37 32.10
C20 PGW GE . 6.53 34.81 31.65
C21 PGW GE . 5.29 35.57 32.11
C22 PGW GE . 5.22 35.74 33.64
C23 PGW GE . 4.50 37.02 34.11
C24 PGW GE . 2.97 36.99 34.01
C25 PGW GE . 2.33 38.36 33.70
C26 PGW GE . 2.64 39.45 34.76
C27 PGW GE . 2.66 40.89 34.20
C28 PGW GE . 5.82 42.87 37.19
C29 PGW GE . 3.84 42.86 38.85
C30 PGW GE . 5.21 43.47 38.48
HAD PGW GE . 14.66 33.44 28.42
HADA PGW GE . 14.80 34.87 29.13
HOAE PGW GE . 16.46 32.89 29.90
HOAF PGW GE . 13.96 31.55 29.91
H01 PGW GE . 9.20 33.62 32.42
H01A PGW GE . 8.56 32.53 33.40
H02 PGW GE . 10.72 31.98 32.17
H2 PGW GE . 8.78 29.88 34.94
H2A PGW GE . 8.82 28.44 34.27
H03 PGW GE . 8.92 30.92 30.20
H03A PGW GE . 10.51 30.98 30.11
H3 PGW GE . 6.90 28.34 35.48
H3A PGW GE . 6.36 28.68 34.03
H04 PGW GE . 12.45 34.67 29.99
H04A PGW GE . 12.05 33.51 31.00
H4 PGW GE . 5.24 30.14 35.40
H4A PGW GE . 6.35 31.03 34.71
H05 PGW GE . 14.35 33.86 31.25
H5 PGW GE . 7.43 31.39 36.65
H5A PGW GE . 7.16 29.92 37.15
H06 PGW GE . 4.73 37.25 38.85
H06A PGW GE . 3.22 36.76 39.01
H6 PGW GE . 6.00 31.26 38.61
H6A PGW GE . 4.89 30.59 37.69
H07 PGW GE . 5.27 35.18 40.20
H07A PGW GE . 3.75 35.26 40.65
H7 PGW GE . 4.28 32.80 37.83
H7A PGW GE . 4.90 32.65 36.37
H08 PGW GE . 4.12 37.34 41.67
H08A PGW GE . 5.56 37.44 41.03
H8 PGW GE . 6.91 33.63 37.09
H8A PGW GE . 6.36 33.71 38.58
H09 PGW GE . 6.14 36.81 43.11
H09A PGW GE . 6.05 35.38 42.41
H11 PGW GE . 4.88 35.11 44.37
H11A PGW GE . 3.74 35.27 43.29
H12 PGW GE . 3.32 37.47 43.95
H12A PGW GE . 4.63 37.50 44.83
H13 PGW GE . 3.65 35.91 46.35
H13A PGW GE . 2.30 35.98 45.50
H14 PGW GE . 2.02 38.28 46.09
H14A PGW GE . 3.40 38.26 46.88
H14B PGW GE . 2.17 37.43 47.43
H15 PGW GE . 4.45 40.41 33.24
H15A PGW GE . 3.44 41.17 32.26
H16 PGW GE . 3.94 43.20 33.58
H16A PGW GE . 5.10 42.71 32.62
H17 PGW GE . 6.43 42.81 34.41
H17A PGW GE . 5.70 41.49 34.90
H18 PGW GE . 5.05 44.15 35.74
H18A PGW GE . 4.10 42.94 36.05
H20 PGW GE . 6.59 34.84 30.66
H20A PGW GE . 7.34 35.26 32.00
H21 PGW GE . 5.29 36.47 31.69
H21A PGW GE . 4.48 35.11 31.79
H22 PGW GE . 6.14 35.73 34.00
H22A PGW GE . 4.75 34.96 34.04
H23 PGW GE . 4.83 37.77 33.55
H23A PGW GE . 4.77 37.23 35.04
H24 PGW GE . 2.59 36.64 34.85
H24A PGW GE . 2.72 36.34 33.29
H25 PGW GE . 1.35 38.25 33.62
H25A PGW GE . 2.66 38.67 32.83
H26 PGW GE . 3.52 39.27 35.16
H26A PGW GE . 1.98 39.39 35.50
H27 PGW GE . 1.78 41.06 33.76
H27A PGW GE . 2.73 41.53 34.93
H28 PGW GE . 5.89 41.89 37.29
H28A PGW GE . 6.74 43.20 37.08
H29 PGW GE . 3.54 43.21 39.71
H29A PGW GE . 3.18 43.09 38.17
H29B PGW GE . 3.91 41.89 38.90
H30 PGW GE . 5.12 44.44 38.36
H30A PGW GE . 5.85 43.31 39.22
H9 PGW GE . 6.05 35.74 36.87
H10 PGW GE . 3.59 35.22 37.35
CAD PGW HE . 21.20 38.79 42.91
OAE PGW HE . 22.59 39.01 42.70
OAF PGW HE . 21.52 36.54 43.74
P PGW HE . 17.23 36.69 43.13
C01 PGW HE . 17.09 34.85 47.00
C1 PGW HE . 17.66 32.07 46.69
O01 PGW HE . 18.53 32.98 46.20
C02 PGW HE . 18.11 34.36 45.97
C2 PGW HE . 18.23 31.20 47.77
O02 PGW HE . 16.55 31.95 46.24
C03 PGW HE . 17.59 34.46 44.54
C3 PGW HE . 17.19 30.34 48.48
O03 PGW HE . 15.74 34.59 46.54
C04 PGW HE . 19.44 37.59 44.29
C4 PGW HE . 16.41 31.13 49.56
O04 PGW HE . 14.38 33.81 48.11
C05 PGW HE . 20.92 37.80 44.03
C5 PGW HE . 17.23 31.40 50.84
C06 PGW HE . 14.06 35.25 55.30
C6 PGW HE . 16.42 31.30 52.15
C07 PGW HE . 15.01 34.52 56.24
C7 PGW HE . 15.45 32.46 52.38
C08 PGW HE . 15.46 35.35 57.47
C8 PGW HE . 16.11 33.78 52.76
C09 PGW HE . 16.61 34.73 58.28
C9 PGW HE . 15.12 34.86 53.08
C10 PGW HE . 14.10 34.73 53.89
C11 PGW HE . 16.14 33.75 59.38
O11 PGW HE . 16.91 35.73 44.37
C12 PGW HE . 15.56 34.44 60.62
O12 PGW HE . 18.82 36.91 43.17
C13 PGW HE . 15.37 33.53 61.84
O13 PGW HE . 16.53 37.96 43.51
C14 PGW HE . 14.89 34.29 63.09
O14 PGW HE . 16.86 35.97 41.86
C15 PGW HE . 10.47 40.60 51.50
C16 PGW HE . 10.88 42.02 51.93
C17 PGW HE . 12.18 42.08 52.80
C18 PGW HE . 11.93 42.31 54.30
C19 PGW HE . 14.77 34.72 47.44
C20 PGW HE . 14.19 36.11 47.47
C21 PGW HE . 13.01 36.27 48.43
C22 PGW HE . 13.42 36.07 49.90
C23 PGW HE . 12.57 36.89 50.90
C24 PGW HE . 11.17 36.32 51.18
C25 PGW HE . 10.11 37.41 51.49
C26 PGW HE . 10.43 38.30 52.71
C27 PGW HE . 9.85 39.72 52.63
C28 PGW HE . 13.15 42.06 55.20
C29 PGW HE . 11.93 40.99 57.21
C30 PGW HE . 12.87 42.11 56.71
HAD PGW HE . 20.79 38.46 42.07
HADA PGW HE . 20.76 39.67 43.12
HOAE PGW HE . 23.06 38.31 42.80
HOAF PGW HE . 21.20 36.20 43.03
H01 PGW HE . 17.18 35.83 47.15
H01A PGW HE . 17.24 34.42 47.88
H02 PGW HE . 18.92 34.94 46.04
H2 PGW HE . 18.70 31.76 48.43
H2A PGW HE . 18.92 30.61 47.35
H03 PGW HE . 16.94 33.73 44.36
H03A PGW HE . 18.32 34.37 43.90
H3 PGW HE . 17.63 29.57 48.92
H3A PGW HE . 16.55 29.98 47.82
H04 PGW HE . 18.99 38.46 44.43
H04A PGW HE . 19.30 37.05 45.10
H4 PGW HE . 15.60 30.63 49.81
H4A PGW HE . 16.11 31.99 49.18
H05 PGW HE . 21.34 38.16 44.87
H5 PGW HE . 17.64 32.31 50.79
H5A PGW HE . 17.99 30.76 50.88
H06 PGW HE . 14.30 36.20 55.28
H06A PGW HE . 13.14 35.19 55.65
H6 PGW HE . 17.04 31.26 52.92
H6A PGW HE . 15.93 30.45 52.14
H07 PGW HE . 15.83 34.24 55.75
H07A PGW HE . 14.60 33.69 56.57
H7 PGW HE . 14.80 32.20 53.09
H7A PGW HE . 14.91 32.59 51.55
H08 PGW HE . 14.68 35.49 58.05
H08A PGW HE . 15.73 36.25 57.14
H8 PGW HE . 16.70 34.07 52.01
H8A PGW HE . 16.69 33.63 53.55
H09 PGW HE . 17.13 35.45 58.71
H09A PGW HE . 17.21 34.26 57.66
H11 PGW HE . 16.90 33.19 59.66
H11A PGW HE . 15.46 33.14 59.00
H12 PGW HE . 14.69 34.85 60.39
H12A PGW HE . 16.16 35.18 60.88
H13 PGW HE . 16.23 33.08 62.03
H13A PGW HE . 14.71 32.83 61.61
H14 PGW HE . 14.02 34.70 62.93
H14A PGW HE . 15.53 35.01 63.30
H14B PGW HE . 14.83 33.70 63.85
H15 PGW HE . 11.27 40.14 51.16
H15A PGW HE . 9.83 40.66 50.74
H16 PGW HE . 10.15 42.41 52.44
H16A PGW HE . 11.01 42.59 51.13
H17 PGW HE . 12.77 42.79 52.48
H17A PGW HE . 12.66 41.23 52.70
H18 PGW HE . 11.62 43.24 54.45
H18A PGW HE . 11.19 41.72 54.60
H20 PGW HE . 13.91 36.37 46.55
H20A PGW HE . 14.91 36.75 47.73
H21 PGW HE . 12.62 37.17 48.33
H21A PGW HE . 12.31 35.62 48.19
H22 PGW HE . 14.36 36.32 50.01
H22A PGW HE . 13.35 35.12 50.16
H23 PGW HE . 12.47 37.81 50.54
H23A PGW HE . 13.06 36.98 51.76
H24 PGW HE . 11.22 35.70 51.95
H24A PGW HE . 10.88 35.80 50.39
H25 PGW HE . 9.23 36.97 51.62
H25A PGW HE . 10.02 37.99 50.70
H26 PGW HE . 11.41 38.36 52.80
H26A PGW HE . 10.10 37.85 53.54
H27 PGW HE . 8.87 39.67 52.49
H27A PGW HE . 9.99 40.18 53.49
H28 PGW HE . 13.51 41.17 54.97
H28A PGW HE . 13.85 42.72 54.97
H29 PGW HE . 11.85 41.02 58.19
H29A PGW HE . 11.04 41.10 56.83
H29B PGW HE . 12.29 40.12 56.95
H30 PGW HE . 12.47 42.99 56.93
H30A PGW HE . 13.73 42.06 57.20
H9 PGW HE . 15.24 35.72 52.66
H10 PGW HE . 13.34 34.25 53.56
CAD PGW IE . 30.05 42.76 55.37
OAE PGW IE . 31.16 43.51 54.90
OAF PGW IE . 31.24 40.65 55.37
P PGW IE . 27.14 39.36 55.93
C01 PGW IE . 28.84 36.85 58.96
C1 PGW IE . 30.02 34.60 57.67
O01 PGW IE . 30.39 35.83 57.29
C02 PGW IE . 29.53 36.98 57.60
C2 PGW IE . 31.15 33.77 58.26
O02 PGW IE . 28.91 34.17 57.51
C03 PGW IE . 28.56 37.17 56.44
C3 PGW IE . 30.68 32.47 58.92
O03 PGW IE . 27.55 36.21 58.79
C04 PGW IE . 29.26 40.75 56.72
C4 PGW IE . 30.14 32.69 60.34
O04 PGW IE . 27.08 34.69 60.33
C05 PGW IE . 30.45 41.52 56.17
C5 PGW IE . 31.22 32.98 61.40
C06 PGW IE . 28.80 34.42 67.46
C6 PGW IE . 30.97 32.33 62.77
C07 PGW IE . 30.18 33.91 67.87
C7 PGW IE . 29.84 32.98 63.57
C08 PGW IE . 30.74 34.58 69.13
C8 PGW IE . 30.19 34.33 64.16
C09 PGW IE . 32.22 34.26 69.41
C9 PGW IE . 29.10 34.91 65.03
C10 PGW IE . 28.51 34.25 65.99
C11 PGW IE . 32.45 32.98 70.24
O11 PGW IE . 27.54 38.11 56.86
C12 PGW IE . 32.15 33.14 71.73
O12 PGW IE . 28.52 40.13 55.63
C13 PGW IE . 32.65 31.99 72.62
O13 PGW IE . 26.29 40.20 56.83
C14 PGW IE . 32.42 32.26 74.12
O14 PGW IE . 26.59 38.85 54.62
C15 PGW IE . 22.78 38.77 66.49
C16 PGW IE . 22.90 40.13 67.21
C17 PGW IE . 24.34 40.46 67.71
C18 PGW IE . 24.55 40.28 69.23
C19 PGW IE . 26.92 35.80 59.89
C20 PGW IE . 26.03 36.85 60.48
C21 PGW IE . 25.25 36.38 61.71
C22 PGW IE . 26.17 36.04 62.92
C23 PGW IE . 25.51 36.28 64.29
C24 PGW IE . 24.50 35.20 64.72
C25 PGW IE . 23.35 35.73 65.59
C26 PGW IE . 23.80 36.41 66.90
C27 PGW IE . 22.85 37.52 67.41
C28 PGW IE . 26.02 40.31 69.67
C29 PGW IE . 25.90 38.49 71.49
C30 PGW IE . 26.26 39.95 71.14
HAD PGW IE . 29.48 42.48 54.60
HADA PGW IE . 29.48 43.35 55.94
HOAE PGW IE . 31.82 43.01 54.66
HOAF PGW IE . 30.81 40.36 54.69
H01 PGW IE . 28.69 37.74 59.36
H01A PGW IE . 29.39 36.32 59.59
H02 PGW IE . 30.13 37.78 57.63
H2 PGW IE . 31.63 34.33 58.92
H2A PGW IE . 31.79 33.57 57.53
H03 PGW IE . 28.12 36.32 56.22
H03A PGW IE . 29.03 37.49 55.65
H3 PGW IE . 31.44 31.84 58.97
H3A PGW IE . 30.00 32.05 58.36
H04 PGW IE . 28.66 41.34 57.22
H04A PGW IE . 29.56 40.04 57.32
H4 PGW IE . 29.63 31.89 60.62
H4A PGW IE . 29.49 33.45 60.33
H05 PGW IE . 31.01 41.82 56.93
H5 PGW IE . 31.32 33.95 61.52
H5A PGW IE . 32.09 32.65 61.04
H06 PGW IE . 28.74 35.38 67.66
H06A PGW IE . 28.10 33.96 67.99
H6 PGW IE . 31.79 32.35 63.31
H6A PGW IE . 30.75 31.37 62.62
H07 PGW IE . 30.80 34.05 67.13
H07A PGW IE . 30.14 32.93 68.01
H7 PGW IE . 29.57 32.37 64.32
H7A PGW IE . 29.05 33.07 62.99
H08 PGW IE . 30.21 34.30 69.92
H08A PGW IE . 30.63 35.56 69.03
H8 PGW IE . 30.39 34.97 63.42
H8A PGW IE . 31.01 34.25 64.70
H09 PGW IE . 32.64 35.01 69.89
H09A PGW IE . 32.70 34.18 68.54
H11 PGW IE . 33.39 32.69 70.13
H11A PGW IE . 31.89 32.26 69.87
H12 PGW IE . 31.18 33.24 71.85
H12A PGW IE . 32.56 33.98 72.05
H13 PGW IE . 33.61 31.85 72.45
H13A PGW IE . 32.18 31.17 72.36
H14 PGW IE . 31.47 32.34 74.31
H14A PGW IE . 32.87 33.09 74.38
H14B PGW IE . 32.80 31.53 74.66
H15 PGW IE . 23.52 38.71 65.83
H15A PGW IE . 21.94 38.75 65.97
H16 PGW IE . 22.30 40.12 67.99
H16A PGW IE . 22.58 40.85 66.62
H17 PGW IE . 24.57 41.40 67.47
H17A PGW IE . 24.98 39.88 67.25
H18 PGW IE . 24.06 40.99 69.71
H18A PGW IE . 24.15 39.42 69.50
H20 PGW IE . 25.40 37.17 59.79
H20A PGW IE . 26.59 37.63 60.74
H21 PGW IE . 24.61 37.07 61.99
H21A PGW IE . 24.72 35.58 61.47
H22 PGW IE . 26.99 36.59 62.85
H22A PGW IE . 26.46 35.09 62.86
H23 PGW IE . 25.04 37.15 64.26
H23A PGW IE . 26.22 36.36 64.97
H24 PGW IE . 24.98 34.48 65.22
H24A PGW IE . 24.12 34.77 63.91
H25 PGW IE . 22.73 35.00 65.80
H25A PGW IE . 22.85 36.39 65.07
H26 PGW IE . 24.69 36.81 66.76
H26A PGW IE . 23.91 35.72 67.61
H27 PGW IE . 21.94 37.14 67.51
H27A PGW IE . 23.13 37.81 68.31
H28 PGW IE . 26.53 39.68 69.11
H28A PGW IE . 26.39 41.21 69.48
H29 PGW IE . 26.15 38.29 72.41
H29A PGW IE . 24.95 38.34 71.39
H29B PGW IE . 26.38 37.88 70.90
H30 PGW IE . 25.74 40.56 71.71
H30A PGW IE . 27.22 40.11 71.36
H9 PGW IE . 28.83 35.80 64.88
H10 PGW IE . 27.84 33.61 65.74
CAD PGW JE . 41.09 46.96 65.85
OAE PGW JE . 41.73 48.14 65.37
OAF PGW JE . 42.76 45.49 64.92
P PGW JE . 39.62 42.71 66.05
C01 PGW JE . 42.87 40.42 67.65
C1 PGW JE . 44.13 39.06 65.48
O01 PGW JE . 43.98 40.40 65.42
C02 PGW JE . 43.00 41.06 66.27
C2 PGW JE . 45.57 38.60 65.49
O02 PGW JE . 43.20 38.31 65.47
C03 PGW JE . 41.68 41.13 65.51
C3 PGW JE . 45.74 37.11 65.82
O03 PGW JE . 41.83 39.42 67.62
C04 PGW JE . 41.40 44.58 66.67
C4 PGW JE . 45.66 36.82 67.33
O04 PGW JE . 42.34 37.54 68.69
C05 PGW JE . 42.07 45.82 66.11
C5 PGW JE . 46.91 37.25 68.12
C06 PGW JE . 46.35 36.45 74.73
C6 PGW JE . 47.32 36.28 69.24
C07 PGW JE . 47.88 36.39 74.61
C7 PGW JE . 46.39 36.31 70.46
C08 PGW JE . 48.63 36.96 75.84
C8 PGW JE . 46.53 37.55 71.33
C09 PGW JE . 50.14 37.13 75.63
C9 PGW JE . 45.68 37.50 72.57
C10 PGW JE . 45.65 36.49 73.40
C11 PGW JE . 50.98 35.88 75.94
O11 PGW JE . 40.64 41.54 66.42
C12 PGW JE . 51.17 35.61 77.44
O12 PGW JE . 40.55 43.98 65.67
C13 PGW JE . 52.23 34.56 77.78
O13 PGW JE . 38.92 42.99 67.34
C14 PGW JE . 52.46 34.42 79.30
O14 PGW JE . 38.83 42.32 64.84
C15 PGW JE . 39.40 38.44 76.65
C16 PGW JE . 39.38 39.57 77.71
C17 PGW JE . 40.73 40.30 77.92
C18 PGW JE . 41.49 39.90 79.20
C19 PGW JE . 41.75 38.59 68.66
C20 PGW JE . 40.85 39.10 69.75
C21 PGW JE . 40.69 38.13 70.92
C22 PGW JE . 42.02 37.91 71.70
C23 PGW JE . 41.82 37.62 73.20
C24 PGW JE . 41.36 36.18 73.51
C25 PGW JE . 40.47 36.07 74.77
C26 PGW JE . 41.12 36.58 76.08
C27 PGW JE . 40.13 37.15 77.10
C28 PGW JE . 42.95 40.36 79.25
C29 PGW JE . 43.97 38.28 80.41
C30 PGW JE . 43.77 39.82 80.44
HAD PGW JE . 40.40 46.66 65.19
HADA PGW JE . 40.61 47.19 66.70
HOAE PGW JE . 42.38 47.98 64.84
HOAF PGW JE . 42.24 45.20 64.31
H01 PGW JE . 42.62 41.10 68.33
H01A PGW JE . 43.73 40.01 67.93
H02 PGW JE . 43.33 42.01 66.40
H2 PGW JE . 46.07 39.14 66.16
H2A PGW JE . 45.96 38.79 64.60
H03 PGW JE . 41.46 40.24 65.15
H03A PGW JE . 41.75 41.76 64.75
H3 PGW JE . 46.61 36.80 65.49
H3A PGW JE . 45.04 36.59 65.34
H04 PGW JE . 40.87 44.81 67.47
H04A PGW JE . 42.08 43.92 66.94
H4 PGW JE . 45.52 35.86 67.47
H4A PGW JE . 44.86 37.27 67.70
H05 PGW JE . 42.75 46.15 66.77
H5 PGW JE . 46.77 38.15 68.51
H5A PGW JE . 47.67 37.34 67.48
H06 PGW JE . 46.10 37.26 75.23
H06A PGW JE . 46.03 35.68 75.25
H6 PGW JE . 48.24 36.50 69.55
H6A PGW JE . 47.34 35.37 68.87
H07 PGW JE . 48.16 36.90 73.82
H07A PGW JE . 48.17 35.46 74.45
H7 PGW JE . 46.57 35.51 71.03
H7A PGW JE . 45.46 36.23 70.16
H08 PGW JE . 48.48 36.34 76.60
H08A PGW JE . 48.21 37.82 76.08
H8 PGW JE . 46.28 38.35 70.79
H8A PGW JE . 47.48 37.66 71.60
H09 PGW JE . 50.46 37.88 76.20
H09A PGW JE . 50.30 37.41 74.69
H11 PGW JE . 51.87 35.97 75.53
H11A PGW JE . 50.55 35.09 75.53
H12 PGW JE . 50.30 35.33 77.82
H12A PGW JE . 51.41 36.47 77.88
H13 PGW JE . 53.08 34.82 77.34
H13A PGW JE . 51.95 33.70 77.41
H14 PGW JE . 51.64 34.11 79.73
H14A PGW JE . 52.70 35.29 79.68
H14B PGW JE . 53.18 33.79 79.48
H15 PGW JE . 39.87 38.79 75.86
H15A PGW JE . 38.47 38.23 76.38
H16 PGW JE . 39.09 39.19 78.57
H16A PGW JE . 38.68 40.24 77.46
H17 PGW JE . 40.61 41.28 77.93
H17A PGW JE . 41.32 40.10 77.15
H18 PGW JE . 41.01 40.26 79.98
H18A PGW JE . 41.47 38.92 79.29
H20 PGW JE . 39.95 39.30 69.36
H20A PGW JE . 41.22 39.96 70.08
H21 PGW JE . 40.01 38.48 71.55
H21A PGW JE . 40.36 37.27 70.59
H22 PGW JE . 42.57 38.72 71.60
H22A PGW JE . 42.52 37.17 71.29
H23 PGW JE . 41.15 38.24 73.55
H23A PGW JE . 42.66 37.80 73.68
H24 PGW JE . 42.15 35.59 73.63
H24A PGW JE . 40.87 35.82 72.74
H25 PGW JE . 40.17 35.13 74.89
H25A PGW JE . 39.65 36.60 74.61
H26 PGW JE . 41.76 37.29 75.84
H26A PGW JE . 41.64 35.84 76.48
H27 PGW JE . 39.45 36.44 77.31
H27A PGW JE . 40.60 37.32 77.95
H28 PGW JE . 43.39 40.08 78.41
H28A PGW JE . 42.97 41.35 79.26
H29 PGW JE . 44.56 38.00 81.13
H29A PGW JE . 43.11 37.83 80.50
H29B PGW JE . 44.36 38.02 79.55
H30 PGW JE . 43.31 40.06 81.28
H30A PGW JE . 44.65 40.26 80.44
H9 PGW JE . 45.13 38.26 72.78
H10 PGW JE . 45.14 35.73 73.13
#